data_4HRC
#
_entry.id   4HRC
#
_cell.length_a   135.350
_cell.length_b   300.880
_cell.length_c   144.250
_cell.angle_alpha   90.000
_cell.angle_beta   112.740
_cell.angle_gamma   90.000
#
_symmetry.space_group_name_H-M   'P 1 21 1'
#
loop_
_entity.id
_entity.type
_entity.pdbx_description
1 polymer 'Proteasome component Y7'
2 polymer 'Proteasome component Y13'
3 polymer 'Proteasome component PRE6'
4 polymer 'Proteasome component PUP2'
5 polymer 'Proteasome component PRE5'
6 polymer 'Proteasome component C1'
7 polymer 'Proteasome component C7-alpha'
8 polymer 'Proteasome component PUP1'
9 polymer 'Proteasome component PUP3'
10 polymer 'Proteasome component C11'
11 polymer 'Proteasome component PRE2'
12 polymer 'Proteasome component C5'
13 polymer 'Proteasome component PRE4'
14 polymer 'Proteasome component PRE3'
15 non-polymer N-hexanoyl-L-valyl-N~1~-[(2R,3S,4S)-1,3-dihydroxy-2,6-dimethylheptan-4-yl]-N~5~,N~5~-dimethyl-L-glutamamide
16 water water
#
loop_
_entity_poly.entity_id
_entity_poly.type
_entity_poly.pdbx_seq_one_letter_code
_entity_poly.pdbx_strand_id
1 'polypeptide(L)'
;TDRYSFSLTTFSPSGKLGQIDYALTAVKQGVTSLGIKATNGVVIATEKKSSSPLAMSETLSKVSLLTPDIGAVYSGMGPD
YRVLVDKSRKVAHTSYKRIYGEYPPTKLLVSEVAKIMQEATQSGGVRPFGVSLLIAGHDEFNGFSLYQVDPSGSYFPWKA
TAIGKGSVAAKTFLEKRWNDELELEDAIHIALLTLKESVEGEFNGDTIELAIIGDENPDLLGYTGIPTDKGPRFRKLTSQ
EINDRLEAL
;
A,O
2 'polypeptide(L)'
;GSRRYDSRTTIFSPEGRLYQVEYALESISHAGTAIGIMASDGIVLAAERKVTSTLLEQDTSTEKLYKLNDKIAVAVAGLT
ADAEILINTARIHAQNYLKTYNEDIPVEILVRRLSDIKQGYTQHGGLRPFGVSFIYAGYDDRYGYQLYTSNPSGNYTGWK
AISVGANTSAAQTLLQMDYKDDMKVDDAIELALKTLSKTTDSSALTYDRLEFATIRKGANDGEVYQKIFKPQEIKDILVK
TGIT
;
B,P
3 'polypeptide(L)'
;GYDRALSIFSPDGHIFQVEYALEAVKRGTCAVGVKGKNCVVLGCERRSTLKLQDTRITPSKVSKIDSHVVLSFSGLNADS
RILIEKARVEAQSHRLTLEDPVTVEYLTRYVAGVQQRYTQSGGVRPFGVSTLIAGFDPRDDEPKLYQTEPSGIYSSWSAQ
TIGRNSKTVREFLEKNYDRKEPPATVEECVKLTVRSLLEVVQTGAKNIEITVVKPDSDIVALSSEEINQYVTQIEQEKQE
Q
;
C,Q
4 'polypeptide(L)'
;DRGVSTFSPEGRLFQVEYSLEAIKLGSTAIGIATKEGVVLGVEKRATSPLLESDSIEKIVEIDRHIGCAMSGLTADARSM
IEHARTAAVTHNLYYDEDINVESLTQSVCDLALRFGEGASGEERLMSRPFGVALLIAGHDADDGYQLFHAEPSGTFYRYN
AKAIGSGSEGAQAELLNEWHSSLTLKEAELLVLKILKQVMEEKLDENNAQLSCITKQDGFKIYDNEKTAELIKELKEKEA
AE
;
D,R
5 'polypeptide(L)'
;FRNNYDGDTVTFSPTGRLFQVEYALEAIKQGSVTVGLRSNTHAVLVALKRNADELSSYQKKIIKCDEHMGLSLAGLAPDA
RVLSNYLRQQCNYSSLVFNRKLAVERAGHLLCDKAQKNTQSYGGRPYGVGLLIIGYDKSGAHLLEFQPSGNVTELYGTAI
GARSQGAKTYLERTLDTFIKIDGNPDELIKAGVEAISQSLRDESLTVDNLSIAIVGKDTPFTIYDGEAVAKYI
;
E,S
6 'polypeptide(L)'
;GTGYDLSNSVFSPDGRNFQVEYAVKAVENGTTSIGIKCNDGVVFAVEKLITSKLLVPQKNVKIQVVDRHIGCVYSGLIPD
GRHLVNRGREEAASFKKLYKTPIPIPAFADRLGQYVQAHTLYNSVRPFGVSTIFGGVDKNGAHLYMLEPSGSYWGYKGAA
TGKGRQSAKAELEKLVDHHPEGLSAREAVKQAAKIIYLAHEDNKEKDFELEISWCSLSETNGLHKFVKGDLLQEAIDFAQ
KEIN
;
F,T
7 'polypeptide(L)'
;AGYDRHITIFSPEGRLYQVEYAFKATNQTNINSLAVRGKDCTVVISQKKVPDKLLDPTTVSYIFCISRTIGMVVNGPIPD
ARNAALRAKAEAAEFRYKYGYDMPCDVLAKRMANLSQIYTQRAYMRPLGVILTFVSVDEELGPSIYKTDPAGYYVGYKAT
ATGPKQQEITTNLENHFKKSKIDHINEESWEKVVEFAITHMIDALGTEFSKNDLEVGVATKDKFFTLSAENIEERLVAIA
EQD
;
G,U
8 'polypeptide(L)'
;TTIVGVKFNNGVVIAADTRSTQGPIVADKNCAKLHRISPKIWCAGAGTAADTEAVTQLIGSNIELHSLYTSREPRVVSAL
QMLKQHLFKYQGHIGAYLIVAGVDPTGSHLFSIHAHGSTDVGYYLSLGSGSLAAMAVLESHWKQDLTKEEAIKLASDAIQ
AGIWNDLGSGSNVDVCVMEIGKDAEYLRNYLTPNVREEKQKSYKFPRGTTAVLKESIVNICD
;
H,V
9 'polypeptide(L)'
;SDPSSINGGIVVAMTGKDCVAIACDLRLGSQSLGVSNKFEKIFHYGHVFLGITGLATDVTTLNEMFRYKTNLYKLKEERA
IEPETFTQLVSSSLYERRFGPYFVGPVVAGINSKSGKPFIAGFDLIGCIDEAKDFIVSGTASDQLFGMCESLYEPNLEPE
DLFETISQALLNAADRDALSGWGAVVYIIKKDEVVKRYLKMRQD
;
I,W
10 'polypeptide(L)'
;MDIILGIRVQDSVILASSKAVTRGISVLKDSDDKTRQLSPHTLMSFAGEAGDTVQFAEYIQANIQLYSIREDYELSPQAV
SSFVRQELAKSIRSRRPYQVNVLIGGYDKKKNKPELYQIDYLGTKVELPYGAHGYSGFYTFSLLDHHYRPDMTTEEGLDL
LKLCVQELEKRMPMDFKGVIVKIVDKDGIRQVDDFQAQ
;
J,X
11 'polypeptide(L)'
;TTTLAFRFQGGIIVAVDSRATAGNWVASQTVKKVIEINPFLLGTMAGGAADCQFWETWLGSQCRLHELREKERISVAAAS
KILSNLVYQYKGAGLSMGTMICGYTRKEGPTIYYVDSDGTRLKGDIFCVGSGQTFAYGVLDSNYKWDLSVEDALYLGKRS
ILAAAHRDAYSGGSVNLYHVTEDGWIYHGNHDVGELFWKVKEEEGSFNNVIG
;
K,Y
12 'polypeptide(L)'
;QFNPYGDNGGTILGIAGEDFAVLAGDTRNITDYSINSRYEPKVFDCGDNIVMSANGFAADGDALVKRFKNSVKWYHFDHN
DKKLSINSAARNIQHLLYGKRFFPYYVHTIIAGLDEDGKGAVYSFDPVGSYEREQCRAGGAAASLIMPFLDNQVNFKNQY
EPGTNGKVKKPLKYLSVEEVIKLVRDSFTSATERHIQVGDGLEILIVTKDGVRKEFYELKRD
;
L,Z
13 'polypeptide(L)'
;TQQPIVTGTSVISMKYDNGVIIAADNLGSYGSLLRFNGVERLIPVGDNTVVGISGDISDMQHIERLLKDLVTENAYDNPL
ADAEEALEPSYIFEYLATVMYQRRSKMNPLWNAIIVAGVQSNGDQFLRYVNLLGVTYSSPTLATGFGAHMANPLLRKVVD
RESDIPKTTVQVAEEAIVNAMRVLYYRDARSSRNFSLAIIDKNTGLTFKKNLQVENMKWDFAKDIKGYGTQKI
;
M,a
14 'polypeptide(L)'
;TSIMAVTFKDGVILGADSRTTTGAYIANRVTDKLTRVHDKIWCCRSGSAADTQAIADIVQYHLELYTSQYGTPSTETAAS
VFKELCYENKDNLTAGIIVAGYDDKNKGEVYTIPLGGSVHKLPYAIAGSGSTFIYGYCDKNFRENMSKEETVDFIKHSLS
QAIKWDGSSGGVIRMVVLTAAGVERLIFYPDEYEQL
;
N,b
#
# COMPACT_ATOMS: atom_id res chain seq x y z
N THR A 1 -4.32 39.19 -38.55
CA THR A 1 -3.11 38.95 -37.69
C THR A 1 -1.90 39.80 -38.10
N ASP A 2 -1.08 40.13 -37.10
CA ASP A 2 0.15 40.90 -37.28
C ASP A 2 1.02 40.31 -38.40
N ARG A 3 0.98 40.97 -39.56
CA ARG A 3 1.80 40.59 -40.70
C ARG A 3 3.07 41.44 -40.74
N TYR A 4 3.21 42.34 -39.76
CA TYR A 4 4.38 43.20 -39.66
C TYR A 4 5.44 42.56 -38.76
N SER A 5 6.18 41.64 -39.35
CA SER A 5 7.26 40.94 -38.66
C SER A 5 8.62 41.46 -39.14
N PHE A 6 8.60 42.49 -39.97
CA PHE A 6 9.80 43.09 -40.56
C PHE A 6 10.08 44.49 -40.01
N SER A 7 11.34 44.91 -40.06
CA SER A 7 11.76 46.24 -39.59
C SER A 7 11.04 47.37 -40.31
N LEU A 8 10.72 48.43 -39.56
CA LEU A 8 10.12 49.63 -40.12
C LEU A 8 11.11 50.80 -40.14
N THR A 9 12.20 50.63 -39.40
CA THR A 9 13.36 51.49 -39.49
C THR A 9 14.42 50.70 -40.22
N THR A 10 14.82 51.19 -41.40
CA THR A 10 15.88 50.56 -42.19
C THR A 10 16.92 51.61 -42.59
N PHE A 11 18.04 51.17 -43.15
CA PHE A 11 19.10 52.07 -43.58
C PHE A 11 18.83 52.62 -44.98
N SER A 12 19.01 53.92 -45.15
CA SER A 12 18.90 54.54 -46.47
C SER A 12 20.30 54.60 -47.07
N PRO A 13 20.40 54.71 -48.42
CA PRO A 13 21.69 54.71 -49.09
C PRO A 13 22.80 55.53 -48.41
N SER A 14 22.44 56.66 -47.81
CA SER A 14 23.43 57.56 -47.20
C SER A 14 23.96 57.09 -45.83
N GLY A 15 23.26 56.13 -45.21
CA GLY A 15 23.64 55.63 -43.89
C GLY A 15 22.78 56.18 -42.77
N LYS A 16 21.74 56.91 -43.13
CA LYS A 16 20.80 57.45 -42.17
C LYS A 16 19.76 56.40 -41.81
N LEU A 17 19.37 56.38 -40.55
CA LEU A 17 18.22 55.59 -40.11
C LEU A 17 17.02 56.52 -40.05
N GLY A 18 16.29 56.60 -41.15
CA GLY A 18 15.22 57.57 -41.37
C GLY A 18 14.28 57.82 -40.21
N GLN A 19 13.70 56.74 -39.69
CA GLN A 19 12.70 56.84 -38.63
C GLN A 19 13.20 57.46 -37.34
N ILE A 20 14.48 57.23 -37.04
CA ILE A 20 15.12 57.82 -35.85
C ILE A 20 15.35 59.31 -36.05
N ASP A 21 15.93 59.68 -37.20
CA ASP A 21 16.09 61.08 -37.59
C ASP A 21 14.79 61.86 -37.41
N TYR A 22 13.68 61.26 -37.86
CA TYR A 22 12.36 61.89 -37.79
C TYR A 22 11.83 61.96 -36.36
N ALA A 23 11.95 60.87 -35.62
CA ALA A 23 11.62 60.87 -34.19
C ALA A 23 12.30 62.03 -33.46
N LEU A 24 13.58 62.28 -33.78
CA LEU A 24 14.34 63.37 -33.18
C LEU A 24 13.78 64.75 -33.57
N THR A 25 13.24 64.84 -34.78
CA THR A 25 12.59 66.07 -35.23
C THR A 25 11.39 66.38 -34.34
N ALA A 26 10.64 65.33 -33.97
CA ALA A 26 9.48 65.48 -33.09
C ALA A 26 9.87 65.96 -31.71
N VAL A 27 11.06 65.57 -31.26
CA VAL A 27 11.60 66.00 -29.98
C VAL A 27 11.96 67.50 -29.96
N LYS A 28 12.37 68.04 -31.10
CA LYS A 28 12.67 69.48 -31.21
C LYS A 28 11.39 70.31 -31.18
N GLN A 29 10.30 69.73 -31.68
CA GLN A 29 8.99 70.40 -31.71
C GLN A 29 8.35 70.47 -30.31
N GLY A 30 8.74 69.55 -29.43
CA GLY A 30 8.20 69.48 -28.07
C GLY A 30 8.71 70.56 -27.13
N VAL A 31 7.95 70.80 -26.06
CA VAL A 31 8.27 71.81 -25.05
C VAL A 31 9.62 71.58 -24.40
N THR A 32 10.34 72.66 -24.12
CA THR A 32 11.67 72.61 -23.49
C THR A 32 11.66 71.95 -22.11
N SER A 33 12.63 71.08 -21.87
CA SER A 33 12.94 70.60 -20.52
C SER A 33 14.44 70.57 -20.31
N LEU A 34 14.87 70.69 -19.06
CA LEU A 34 16.29 70.79 -18.74
C LEU A 34 16.65 70.00 -17.48
N GLY A 35 17.94 69.98 -17.15
CA GLY A 35 18.43 69.31 -15.96
C GLY A 35 19.79 69.83 -15.56
N ILE A 36 20.00 70.07 -14.27
CA ILE A 36 21.27 70.58 -13.77
C ILE A 36 21.72 69.76 -12.56
N LYS A 37 23.02 69.55 -12.45
CA LYS A 37 23.61 68.72 -11.39
C LYS A 37 24.54 69.53 -10.50
N ALA A 38 24.15 69.70 -9.23
CA ALA A 38 24.99 70.34 -8.24
C ALA A 38 25.80 69.29 -7.48
N THR A 39 26.68 69.74 -6.58
CA THR A 39 27.53 68.83 -5.80
C THR A 39 26.73 67.95 -4.83
N ASN A 40 25.61 68.49 -4.33
CA ASN A 40 24.77 67.79 -3.37
C ASN A 40 23.32 67.64 -3.82
N GLY A 41 23.10 67.50 -5.12
CA GLY A 41 21.76 67.30 -5.67
C GLY A 41 21.63 67.49 -7.16
N VAL A 42 20.48 67.06 -7.70
CA VAL A 42 20.16 67.23 -9.11
C VAL A 42 18.76 67.83 -9.22
N VAL A 43 18.56 68.69 -10.23
CA VAL A 43 17.26 69.29 -10.48
C VAL A 43 16.81 69.08 -11.92
N ILE A 44 15.58 68.63 -12.10
CA ILE A 44 14.94 68.55 -13.41
C ILE A 44 13.73 69.46 -13.46
N ALA A 45 13.55 70.14 -14.59
CA ALA A 45 12.48 71.12 -14.77
C ALA A 45 11.93 71.14 -16.19
N THR A 46 10.63 71.45 -16.32
CA THR A 46 9.99 71.61 -17.62
C THR A 46 8.83 72.60 -17.53
N GLU A 47 8.22 72.90 -18.68
CA GLU A 47 7.07 73.80 -18.74
C GLU A 47 5.79 73.02 -18.99
N LYS A 48 4.76 73.30 -18.20
CA LYS A 48 3.45 72.71 -18.43
C LYS A 48 2.67 73.51 -19.48
N LYS A 49 2.74 73.04 -20.73
CA LYS A 49 1.97 73.62 -21.82
C LYS A 49 0.55 73.06 -21.77
N SER A 50 -0.42 73.94 -21.52
CA SER A 50 -1.82 73.54 -21.31
C SER A 50 -2.61 73.45 -22.62
N SER A 51 -3.30 72.32 -22.82
CA SER A 51 -4.13 72.08 -24.01
C SER A 51 -5.36 72.97 -24.11
N SER A 52 -5.90 73.34 -22.95
CA SER A 52 -7.07 74.21 -22.85
C SER A 52 -7.09 74.90 -21.48
N PRO A 53 -7.53 76.17 -21.42
CA PRO A 53 -7.71 76.85 -20.14
C PRO A 53 -8.66 76.11 -19.19
N LEU A 54 -9.38 75.11 -19.72
CA LEU A 54 -10.32 74.30 -18.93
C LEU A 54 -9.67 73.06 -18.33
N ALA A 55 -8.56 72.62 -18.92
CA ALA A 55 -7.84 71.46 -18.42
C ALA A 55 -7.15 71.76 -17.08
N MET A 56 -7.09 70.76 -16.21
CA MET A 56 -6.44 70.89 -14.91
C MET A 56 -5.01 70.36 -15.00
N SER A 57 -4.05 71.26 -14.80
CA SER A 57 -2.62 70.99 -15.03
C SER A 57 -2.01 70.02 -14.03
N GLU A 58 -2.69 69.83 -12.89
CA GLU A 58 -2.24 68.94 -11.85
C GLU A 58 -2.37 67.48 -12.28
N THR A 59 -3.44 67.17 -13.01
CA THR A 59 -3.75 65.81 -13.47
C THR A 59 -2.79 65.28 -14.55
N LEU A 60 -1.90 66.16 -15.02
CA LEU A 60 -0.90 65.78 -16.01
C LEU A 60 0.49 66.07 -15.46
N SER A 61 1.23 65.00 -15.16
CA SER A 61 2.58 65.14 -14.62
C SER A 61 3.67 64.82 -15.63
N LYS A 62 4.34 65.86 -16.10
CA LYS A 62 5.47 65.72 -17.01
C LYS A 62 6.73 65.25 -16.29
N VAL A 63 6.80 65.50 -14.99
CA VAL A 63 7.88 64.96 -14.17
C VAL A 63 7.35 63.78 -13.36
N SER A 64 8.07 62.66 -13.43
CA SER A 64 7.63 61.41 -12.82
C SER A 64 8.71 60.75 -11.99
N LEU A 65 8.28 60.06 -10.92
CA LEU A 65 9.18 59.24 -10.10
C LEU A 65 9.25 57.83 -10.67
N LEU A 66 10.46 57.30 -10.79
CA LEU A 66 10.68 55.93 -11.27
C LEU A 66 11.03 55.01 -10.10
N THR A 67 12.00 55.45 -9.29
CA THR A 67 12.32 54.82 -8.02
C THR A 67 12.39 55.94 -6.98
N PRO A 68 12.37 55.60 -5.67
CA PRO A 68 12.53 56.62 -4.62
C PRO A 68 13.73 57.55 -4.80
N ASP A 69 14.74 57.11 -5.55
CA ASP A 69 15.96 57.88 -5.75
C ASP A 69 16.16 58.31 -7.22
N ILE A 70 15.19 58.04 -8.09
CA ILE A 70 15.30 58.32 -9.53
C ILE A 70 14.06 58.97 -10.15
N GLY A 71 14.27 60.09 -10.84
CA GLY A 71 13.19 60.83 -11.51
C GLY A 71 13.43 61.04 -13.00
N ALA A 72 12.33 61.21 -13.74
CA ALA A 72 12.37 61.36 -15.20
C ALA A 72 11.55 62.54 -15.73
N VAL A 73 12.11 63.23 -16.72
CA VAL A 73 11.41 64.29 -17.45
C VAL A 73 11.71 64.14 -18.94
N TYR A 74 10.94 64.82 -19.79
CA TYR A 74 11.04 64.61 -21.22
C TYR A 74 10.77 65.85 -22.08
N SER A 75 11.07 65.70 -23.37
CA SER A 75 10.56 66.58 -24.42
C SER A 75 10.11 65.70 -25.58
N GLY A 76 8.94 66.00 -26.13
CA GLY A 76 8.45 65.27 -27.29
C GLY A 76 6.99 64.90 -27.20
N MET A 77 6.71 63.63 -27.47
CA MET A 77 5.35 63.13 -27.45
C MET A 77 5.01 62.60 -26.07
N GLY A 78 4.00 63.21 -25.45
CA GLY A 78 3.54 62.84 -24.11
C GLY A 78 3.10 61.40 -23.91
N PRO A 79 2.20 60.90 -24.78
CA PRO A 79 1.74 59.51 -24.62
C PRO A 79 2.87 58.48 -24.65
N ASP A 80 3.86 58.68 -25.51
CA ASP A 80 5.02 57.78 -25.59
C ASP A 80 5.83 57.82 -24.29
N TYR A 81 5.96 59.00 -23.71
CA TYR A 81 6.62 59.16 -22.42
C TYR A 81 5.89 58.37 -21.34
N ARG A 82 4.58 58.55 -21.28
CA ARG A 82 3.76 57.91 -20.25
C ARG A 82 3.98 56.40 -20.21
N VAL A 83 3.80 55.73 -21.35
CA VAL A 83 3.96 54.27 -21.42
C VAL A 83 5.39 53.84 -21.17
N LEU A 84 6.35 54.71 -21.48
CA LEU A 84 7.74 54.45 -21.16
C LEU A 84 7.95 54.44 -19.65
N VAL A 85 7.32 55.39 -18.97
CA VAL A 85 7.42 55.49 -17.50
C VAL A 85 6.86 54.24 -16.82
N ASP A 86 5.72 53.76 -17.31
CA ASP A 86 5.12 52.52 -16.81
C ASP A 86 6.10 51.34 -16.93
N LYS A 87 6.74 51.23 -18.09
CA LYS A 87 7.66 50.14 -18.38
C LYS A 87 8.96 50.30 -17.61
N SER A 88 9.39 51.55 -17.43
CA SER A 88 10.61 51.87 -16.70
C SER A 88 10.48 51.51 -15.22
N ARG A 89 9.29 51.73 -14.67
CA ARG A 89 9.02 51.38 -13.28
C ARG A 89 9.03 49.87 -13.11
N LYS A 90 8.25 49.19 -13.95
CA LYS A 90 8.19 47.74 -13.93
C LYS A 90 9.57 47.08 -14.06
N VAL A 91 10.33 47.48 -15.07
CA VAL A 91 11.65 46.90 -15.34
C VAL A 91 12.62 47.05 -14.15
N ALA A 92 12.41 48.09 -13.34
CA ALA A 92 13.28 48.36 -12.20
C ALA A 92 13.06 47.34 -11.09
N HIS A 93 11.86 46.76 -11.08
CA HIS A 93 11.52 45.69 -10.15
C HIS A 93 11.93 44.33 -10.71
N THR A 94 11.37 43.97 -11.86
CA THR A 94 11.56 42.64 -12.45
C THR A 94 13.03 42.29 -12.70
N SER A 95 13.80 43.26 -13.19
CA SER A 95 15.18 43.03 -13.58
C SER A 95 16.19 43.39 -12.50
N TYR A 96 15.72 43.92 -11.38
CA TYR A 96 16.63 44.35 -10.31
C TYR A 96 16.15 44.12 -8.88
N LYS A 97 15.06 44.79 -8.49
CA LYS A 97 14.61 44.77 -7.10
C LYS A 97 14.16 43.39 -6.65
N ARG A 98 13.54 42.64 -7.55
CA ARG A 98 13.11 41.28 -7.27
C ARG A 98 14.29 40.28 -7.25
N ILE A 99 15.47 40.77 -7.61
CA ILE A 99 16.68 39.96 -7.59
C ILE A 99 17.54 40.34 -6.38
N TYR A 100 17.79 41.64 -6.19
CA TYR A 100 18.75 42.13 -5.19
C TYR A 100 18.14 42.77 -3.94
N GLY A 101 16.83 42.99 -3.95
CA GLY A 101 16.13 43.58 -2.80
C GLY A 101 16.47 45.05 -2.57
N GLU A 102 17.08 45.68 -3.57
CA GLU A 102 17.38 47.09 -3.56
C GLU A 102 17.06 47.66 -4.94
N TYR A 103 17.03 48.99 -5.06
CA TYR A 103 16.72 49.64 -6.33
C TYR A 103 17.94 49.76 -7.25
N PRO A 104 17.69 49.72 -8.57
CA PRO A 104 18.79 49.80 -9.53
C PRO A 104 19.51 51.16 -9.47
N PRO A 105 20.84 51.15 -9.68
CA PRO A 105 21.60 52.40 -9.77
C PRO A 105 21.16 53.17 -11.01
N THR A 106 21.27 54.50 -10.95
CA THR A 106 20.81 55.40 -12.01
C THR A 106 21.25 54.92 -13.39
N LYS A 107 22.54 54.64 -13.55
CA LYS A 107 23.12 54.20 -14.83
C LYS A 107 22.53 52.91 -15.38
N LEU A 108 22.05 52.04 -14.49
CA LEU A 108 21.50 50.75 -14.92
C LEU A 108 20.03 50.82 -15.30
N LEU A 109 19.26 51.68 -14.64
CA LEU A 109 17.86 51.89 -15.01
C LEU A 109 17.78 52.65 -16.32
N VAL A 110 18.71 53.58 -16.52
CA VAL A 110 18.85 54.27 -17.81
C VAL A 110 19.07 53.20 -18.87
N SER A 111 20.08 52.37 -18.62
CA SER A 111 20.47 51.31 -19.54
C SER A 111 19.29 50.43 -19.96
N GLU A 112 18.41 50.13 -19.01
CA GLU A 112 17.21 49.34 -19.26
C GLU A 112 16.24 50.09 -20.14
N VAL A 113 16.07 51.38 -19.88
CA VAL A 113 15.16 52.24 -20.66
C VAL A 113 15.66 52.39 -22.10
N ALA A 114 16.95 52.69 -22.24
CA ALA A 114 17.62 52.73 -23.53
C ALA A 114 17.31 51.50 -24.37
N LYS A 115 17.44 50.32 -23.76
CA LYS A 115 17.19 49.04 -24.42
C LYS A 115 15.74 48.95 -24.94
N ILE A 116 14.77 49.33 -24.10
CA ILE A 116 13.36 49.34 -24.47
C ILE A 116 13.15 50.22 -25.70
N MET A 117 13.86 51.34 -25.76
CA MET A 117 13.77 52.26 -26.89
C MET A 117 14.49 51.71 -28.13
N GLN A 118 15.62 51.04 -27.91
CA GLN A 118 16.38 50.43 -29.00
C GLN A 118 15.57 49.36 -29.75
N GLU A 119 14.84 48.56 -28.99
CA GLU A 119 14.01 47.52 -29.58
C GLU A 119 12.93 48.11 -30.50
N ALA A 120 12.47 49.32 -30.17
CA ALA A 120 11.50 50.05 -30.99
C ALA A 120 12.12 50.54 -32.31
N THR A 121 13.43 50.38 -32.41
CA THR A 121 14.23 50.76 -33.56
C THR A 121 14.38 49.58 -34.54
N GLN A 122 14.18 48.37 -34.05
CA GLN A 122 14.59 47.17 -34.78
C GLN A 122 13.52 46.07 -34.90
N SER A 123 12.70 45.92 -33.87
CA SER A 123 11.61 44.91 -33.90
C SER A 123 10.68 45.06 -35.09
N GLY A 124 9.96 43.99 -35.40
CA GLY A 124 8.97 44.01 -36.47
C GLY A 124 7.82 44.94 -36.16
N GLY A 125 7.47 45.78 -37.12
CA GLY A 125 6.22 46.54 -37.11
C GLY A 125 6.01 47.61 -36.06
N VAL A 126 7.09 48.28 -35.66
CA VAL A 126 6.99 49.42 -34.73
C VAL A 126 7.82 50.62 -35.18
N ARG A 127 7.32 51.82 -34.88
CA ARG A 127 8.10 53.03 -35.05
C ARG A 127 8.87 53.27 -33.77
N PRO A 128 10.00 53.99 -33.85
CA PRO A 128 10.73 54.33 -32.63
C PRO A 128 9.87 55.19 -31.71
N PHE A 129 10.30 55.35 -30.46
CA PHE A 129 9.64 56.28 -29.56
C PHE A 129 10.00 57.69 -29.98
N GLY A 130 9.03 58.60 -29.91
CA GLY A 130 9.26 59.99 -30.28
C GLY A 130 9.58 60.89 -29.09
N VAL A 131 10.51 60.45 -28.25
CA VAL A 131 10.87 61.20 -27.04
C VAL A 131 12.36 61.17 -26.71
N SER A 132 12.85 62.27 -26.15
CA SER A 132 14.13 62.27 -25.45
C SER A 132 13.83 62.43 -23.97
N LEU A 133 14.51 61.65 -23.14
CA LEU A 133 14.28 61.69 -21.71
C LEU A 133 15.47 62.29 -20.98
N LEU A 134 15.19 62.86 -19.81
CA LEU A 134 16.24 63.24 -18.88
C LEU A 134 15.97 62.50 -17.56
N ILE A 135 16.94 61.68 -17.17
CA ILE A 135 16.84 60.91 -15.94
C ILE A 135 17.83 61.43 -14.91
N ALA A 136 17.31 61.74 -13.73
CA ALA A 136 18.11 62.27 -12.62
C ALA A 136 17.97 61.35 -11.42
N GLY A 137 19.11 60.95 -10.85
CA GLY A 137 19.09 59.99 -9.75
C GLY A 137 20.29 59.96 -8.84
N HIS A 138 20.16 59.16 -7.78
CA HIS A 138 21.22 58.95 -6.81
C HIS A 138 21.34 57.46 -6.48
N ASP A 139 22.57 57.01 -6.29
CA ASP A 139 22.81 55.71 -5.66
C ASP A 139 24.07 55.77 -4.80
N GLU A 140 24.05 54.97 -3.73
CA GLU A 140 25.08 54.96 -2.70
C GLU A 140 26.51 55.01 -3.24
N PHE A 141 26.74 54.32 -4.36
CA PHE A 141 28.10 54.12 -4.87
C PHE A 141 28.52 55.08 -6.01
N ASN A 142 27.55 55.72 -6.65
CA ASN A 142 27.84 56.65 -7.75
C ASN A 142 27.65 58.13 -7.42
N GLY A 143 26.90 58.41 -6.37
CA GLY A 143 26.51 59.77 -6.04
C GLY A 143 25.33 60.21 -6.88
N PHE A 144 25.31 61.49 -7.24
CA PHE A 144 24.23 62.05 -8.05
C PHE A 144 24.60 62.02 -9.52
N SER A 145 23.64 61.68 -10.38
CA SER A 145 23.87 61.62 -11.82
C SER A 145 22.68 62.07 -12.69
N LEU A 146 23.01 62.55 -13.88
CA LEU A 146 22.04 63.04 -14.86
C LEU A 146 22.36 62.47 -16.24
N TYR A 147 21.36 61.87 -16.87
CA TYR A 147 21.52 61.20 -18.15
C TYR A 147 20.50 61.68 -19.17
N GLN A 148 20.87 61.61 -20.44
CA GLN A 148 19.98 61.92 -21.55
C GLN A 148 19.79 60.67 -22.39
N VAL A 149 18.54 60.36 -22.75
CA VAL A 149 18.24 59.15 -23.52
C VAL A 149 17.48 59.48 -24.80
N ASP A 150 18.10 59.22 -25.94
CA ASP A 150 17.54 59.55 -27.27
C ASP A 150 16.71 58.43 -27.90
N PRO A 151 15.83 58.77 -28.87
CA PRO A 151 14.97 57.79 -29.53
C PRO A 151 15.72 56.60 -30.14
N SER A 152 16.98 56.80 -30.51
CA SER A 152 17.83 55.74 -31.04
C SER A 152 18.06 54.68 -29.99
N GLY A 153 18.17 55.13 -28.73
CA GLY A 153 18.50 54.28 -27.59
C GLY A 153 19.81 54.69 -26.91
N SER A 154 20.48 55.70 -27.47
CA SER A 154 21.76 56.16 -26.97
C SER A 154 21.61 56.96 -25.67
N TYR A 155 22.64 56.93 -24.84
CA TYR A 155 22.61 57.72 -23.60
C TYR A 155 23.95 58.35 -23.22
N PHE A 156 23.87 59.60 -22.77
CA PHE A 156 25.03 60.41 -22.44
C PHE A 156 24.87 60.98 -21.03
N PRO A 157 25.96 60.97 -20.24
CA PRO A 157 25.92 61.63 -18.93
C PRO A 157 26.16 63.13 -19.05
N TRP A 158 25.41 63.91 -18.26
CA TRP A 158 25.48 65.38 -18.32
C TRP A 158 25.72 66.04 -16.97
N LYS A 159 26.56 67.07 -16.96
CA LYS A 159 26.64 67.99 -15.85
C LYS A 159 25.40 68.87 -15.88
N ALA A 160 25.03 69.30 -17.09
CA ALA A 160 23.80 70.04 -17.33
C ALA A 160 23.44 69.96 -18.81
N THR A 161 22.14 70.02 -19.11
CA THR A 161 21.67 70.12 -20.50
C THR A 161 20.19 70.44 -20.57
N ALA A 162 19.72 70.76 -21.77
CA ALA A 162 18.30 70.90 -22.05
C ALA A 162 17.93 70.12 -23.31
N ILE A 163 16.64 69.90 -23.52
CA ILE A 163 16.13 69.22 -24.71
C ILE A 163 14.85 69.89 -25.20
N GLY A 164 14.53 69.73 -26.47
CA GLY A 164 13.32 70.32 -27.03
C GLY A 164 13.56 71.60 -27.82
N LYS A 165 12.60 72.52 -27.71
CA LYS A 165 12.56 73.75 -28.49
C LYS A 165 13.80 74.65 -28.33
N GLY A 166 13.89 75.34 -27.21
CA GLY A 166 14.94 76.32 -26.99
C GLY A 166 16.20 75.73 -26.40
N SER A 167 16.40 74.44 -26.66
CA SER A 167 17.52 73.69 -26.11
C SER A 167 18.87 74.26 -26.51
N VAL A 168 18.95 74.79 -27.73
CA VAL A 168 20.18 75.37 -28.26
C VAL A 168 20.59 76.60 -27.44
N ALA A 169 19.65 77.54 -27.31
CA ALA A 169 19.86 78.77 -26.54
C ALA A 169 19.99 78.50 -25.03
N ALA A 170 19.30 77.46 -24.56
CA ALA A 170 19.36 77.07 -23.15
C ALA A 170 20.68 76.42 -22.77
N LYS A 171 21.23 75.58 -23.65
CA LYS A 171 22.55 74.99 -23.45
C LYS A 171 23.65 76.05 -23.39
N THR A 172 23.49 77.10 -24.20
CA THR A 172 24.41 78.24 -24.19
C THR A 172 24.30 78.99 -22.86
N PHE A 173 23.07 79.12 -22.36
CA PHE A 173 22.83 79.80 -21.07
C PHE A 173 23.43 79.02 -19.90
N LEU A 174 23.34 77.69 -19.97
CA LEU A 174 23.88 76.82 -18.92
C LEU A 174 25.41 76.81 -18.89
N GLU A 175 26.03 76.84 -20.07
CA GLU A 175 27.50 76.86 -20.18
C GLU A 175 28.12 78.07 -19.48
N LYS A 176 27.43 79.21 -19.55
CA LYS A 176 27.82 80.42 -18.83
C LYS A 176 27.80 80.20 -17.32
N ARG A 177 26.74 79.56 -16.82
CA ARG A 177 26.39 79.61 -15.40
C ARG A 177 26.84 78.40 -14.54
N TRP A 178 27.15 77.27 -15.17
CA TRP A 178 27.49 76.05 -14.45
C TRP A 178 28.94 76.02 -13.97
N ASN A 179 29.14 75.59 -12.72
CA ASN A 179 30.47 75.24 -12.22
C ASN A 179 30.42 73.97 -11.35
N ASP A 180 31.60 73.52 -10.91
CA ASP A 180 31.74 72.27 -10.15
C ASP A 180 31.59 72.47 -8.62
N GLU A 181 31.26 73.69 -8.20
CA GLU A 181 31.11 74.02 -6.78
C GLU A 181 29.71 74.49 -6.41
N LEU A 182 28.73 74.17 -7.26
CA LEU A 182 27.35 74.58 -7.06
C LEU A 182 26.65 73.81 -5.93
N GLU A 183 25.87 74.55 -5.15
CA GLU A 183 24.96 73.96 -4.17
C GLU A 183 23.62 73.74 -4.88
N LEU A 184 22.76 72.90 -4.31
CA LEU A 184 21.49 72.52 -4.94
C LEU A 184 20.49 73.69 -5.04
N GLU A 185 20.53 74.60 -4.07
CA GLU A 185 19.68 75.80 -4.11
C GLU A 185 20.01 76.70 -5.29
N ASP A 186 21.31 76.79 -5.60
CA ASP A 186 21.80 77.55 -6.74
C ASP A 186 21.35 76.91 -8.06
N ALA A 187 21.50 75.60 -8.15
CA ALA A 187 21.10 74.85 -9.35
C ALA A 187 19.61 75.05 -9.67
N ILE A 188 18.79 75.21 -8.63
CA ILE A 188 17.37 75.51 -8.81
C ILE A 188 17.20 76.93 -9.34
N HIS A 189 17.97 77.86 -8.79
CA HIS A 189 17.97 79.27 -9.21
C HIS A 189 18.28 79.39 -10.70
N ILE A 190 19.35 78.73 -11.15
CA ILE A 190 19.71 78.71 -12.57
C ILE A 190 18.58 78.11 -13.41
N ALA A 191 18.05 76.97 -12.96
CA ALA A 191 16.99 76.25 -13.66
C ALA A 191 15.78 77.12 -13.95
N LEU A 192 15.39 77.95 -12.98
CA LEU A 192 14.24 78.83 -13.14
C LEU A 192 14.52 79.91 -14.17
N LEU A 193 15.74 80.47 -14.11
CA LEU A 193 16.16 81.50 -15.04
C LEU A 193 16.30 80.99 -16.47
N THR A 194 16.79 79.75 -16.61
CA THR A 194 17.00 79.12 -17.92
C THR A 194 15.66 78.81 -18.58
N LEU A 195 14.69 78.45 -17.75
CA LEU A 195 13.35 78.13 -18.23
C LEU A 195 12.56 79.39 -18.57
N LYS A 196 13.00 80.54 -18.07
CA LYS A 196 12.33 81.81 -18.33
C LYS A 196 12.48 82.28 -19.79
N GLU A 197 13.57 81.85 -20.43
CA GLU A 197 13.84 82.19 -21.83
C GLU A 197 12.92 81.41 -22.77
N SER A 198 12.47 80.24 -22.34
CA SER A 198 11.58 79.39 -23.13
C SER A 198 10.13 79.84 -23.03
N VAL A 199 9.72 80.29 -21.85
CA VAL A 199 8.31 80.58 -21.56
C VAL A 199 7.90 82.00 -21.95
N GLU A 200 6.86 82.10 -22.77
CA GLU A 200 6.30 83.36 -23.20
C GLU A 200 5.22 83.79 -22.20
N GLY A 201 4.39 82.83 -21.82
CA GLY A 201 3.19 83.10 -21.03
C GLY A 201 3.43 83.29 -19.55
N GLU A 202 2.51 82.77 -18.74
CA GLU A 202 2.59 82.86 -17.29
C GLU A 202 3.77 82.04 -16.78
N PHE A 203 4.57 82.64 -15.89
CA PHE A 203 5.70 81.95 -15.30
C PHE A 203 5.57 81.85 -13.78
N ASN A 204 4.92 80.78 -13.34
CA ASN A 204 4.69 80.53 -11.91
C ASN A 204 4.66 79.03 -11.62
N GLY A 205 4.43 78.68 -10.36
CA GLY A 205 4.34 77.27 -9.94
C GLY A 205 3.12 76.53 -10.46
N ASP A 206 2.29 77.21 -11.26
CA ASP A 206 1.10 76.61 -11.86
C ASP A 206 1.35 76.11 -13.29
N THR A 207 2.36 76.71 -13.94
CA THR A 207 2.68 76.39 -15.34
C THR A 207 4.11 75.87 -15.51
N ILE A 208 4.80 75.69 -14.39
CA ILE A 208 6.17 75.18 -14.37
C ILE A 208 6.27 73.97 -13.43
N GLU A 209 6.75 72.86 -13.97
CA GLU A 209 6.91 71.64 -13.20
C GLU A 209 8.39 71.44 -12.86
N LEU A 210 8.68 71.16 -11.60
CA LEU A 210 10.05 71.04 -11.14
C LEU A 210 10.18 70.01 -10.03
N ALA A 211 11.21 69.18 -10.11
CA ALA A 211 11.51 68.17 -9.10
C ALA A 211 13.01 68.04 -8.85
N ILE A 212 13.37 67.55 -7.66
CA ILE A 212 14.79 67.38 -7.29
C ILE A 212 15.17 65.97 -6.83
N ILE A 213 16.48 65.71 -6.86
CA ILE A 213 17.08 64.52 -6.29
C ILE A 213 18.09 65.04 -5.26
N GLY A 214 17.65 65.16 -4.01
CA GLY A 214 18.48 65.76 -2.98
C GLY A 214 18.71 64.86 -1.79
N ASP A 215 18.53 65.43 -0.60
CA ASP A 215 18.66 64.68 0.65
C ASP A 215 17.51 63.69 0.81
N GLU A 216 17.71 62.70 1.68
CA GLU A 216 16.66 61.75 2.03
C GLU A 216 15.56 62.47 2.81
N ASN A 217 14.32 62.23 2.40
CA ASN A 217 13.14 62.82 3.06
C ASN A 217 12.45 61.85 4.02
N PRO A 218 12.81 61.92 5.33
CA PRO A 218 12.28 60.94 6.27
C PRO A 218 10.75 61.03 6.43
N ASP A 219 10.21 62.24 6.32
CA ASP A 219 8.78 62.48 6.50
C ASP A 219 7.93 62.13 5.28
N LEU A 220 8.60 61.71 4.19
CA LEU A 220 7.90 61.28 2.99
C LEU A 220 7.87 59.75 2.83
N LEU A 221 8.46 59.05 3.79
CA LEU A 221 8.56 57.59 3.76
C LEU A 221 7.20 56.94 4.03
N GLY A 222 6.50 57.44 5.04
CA GLY A 222 5.17 56.93 5.41
C GLY A 222 5.15 56.05 6.64
N TYR A 223 6.34 55.72 7.14
CA TYR A 223 6.49 54.83 8.31
C TYR A 223 7.82 55.05 9.02
N THR A 224 7.83 54.80 10.33
CA THR A 224 9.06 54.81 11.11
C THR A 224 9.29 53.43 11.69
N GLY A 225 10.57 53.07 11.89
CA GLY A 225 10.91 51.77 12.46
C GLY A 225 12.23 51.24 11.97
N ILE A 226 12.39 51.12 10.66
CA ILE A 226 13.63 50.62 10.08
C ILE A 226 14.64 51.76 9.99
N PRO A 227 15.79 51.62 10.68
CA PRO A 227 16.82 52.66 10.71
C PRO A 227 17.57 52.80 9.39
N THR A 228 17.60 51.73 8.59
CA THR A 228 18.25 51.75 7.27
C THR A 228 17.37 52.33 6.17
N ASP A 229 16.11 52.61 6.48
CA ASP A 229 15.21 53.31 5.55
C ASP A 229 15.05 54.76 6.00
N LYS A 230 15.52 55.69 5.17
CA LYS A 230 15.50 57.12 5.52
C LYS A 230 14.62 57.98 4.59
N GLY A 231 13.94 57.34 3.65
CA GLY A 231 12.99 58.04 2.79
C GLY A 231 13.55 58.42 1.44
N PRO A 232 12.66 58.74 0.48
CA PRO A 232 13.04 58.99 -0.91
C PRO A 232 13.88 60.24 -1.09
N ARG A 233 14.71 60.26 -2.12
CA ARG A 233 15.51 61.43 -2.45
C ARG A 233 14.84 62.25 -3.56
N PHE A 234 13.91 61.61 -4.26
CA PHE A 234 13.07 62.30 -5.24
C PHE A 234 12.03 63.15 -4.52
N ARG A 235 11.99 64.44 -4.84
CA ARG A 235 10.96 65.33 -4.32
C ARG A 235 10.43 66.24 -5.41
N LYS A 236 9.13 66.20 -5.63
CA LYS A 236 8.46 67.11 -6.54
C LYS A 236 8.03 68.35 -5.74
N LEU A 237 8.37 69.53 -6.25
CA LEU A 237 8.02 70.77 -5.57
C LEU A 237 6.56 71.13 -5.85
N THR A 238 5.92 71.75 -4.87
CA THR A 238 4.53 72.17 -5.00
C THR A 238 4.46 73.53 -5.68
N SER A 239 3.27 73.88 -6.16
CA SER A 239 3.00 75.18 -6.76
C SER A 239 3.49 76.32 -5.87
N GLN A 240 3.28 76.17 -4.56
CA GLN A 240 3.68 77.17 -3.56
C GLN A 240 5.20 77.24 -3.34
N GLU A 241 5.86 76.09 -3.34
CA GLU A 241 7.31 76.04 -3.13
C GLU A 241 8.09 76.68 -4.27
N ILE A 242 7.52 76.64 -5.47
CA ILE A 242 8.13 77.28 -6.64
C ILE A 242 8.03 78.80 -6.54
N ASN A 243 6.83 79.29 -6.24
CA ASN A 243 6.57 80.73 -6.10
C ASN A 243 7.45 81.43 -5.05
N ASP A 244 7.90 80.67 -4.06
CA ASP A 244 8.78 81.17 -2.99
C ASP A 244 10.14 81.64 -3.51
N ARG A 245 10.65 80.98 -4.54
CA ARG A 245 11.92 81.34 -5.15
C ARG A 245 11.77 82.32 -6.32
N LEU A 246 10.52 82.53 -6.75
CA LEU A 246 10.22 83.45 -7.84
C LEU A 246 9.98 84.88 -7.35
N GLU A 247 9.65 85.02 -6.07
CA GLU A 247 9.44 86.33 -5.46
C GLU A 247 10.75 87.12 -5.29
N ALA A 248 11.84 86.38 -5.05
CA ALA A 248 13.19 86.93 -5.14
C ALA A 248 13.96 86.10 -6.16
N LEU A 249 13.93 86.55 -7.42
CA LEU A 249 14.49 85.79 -8.54
C LEU A 249 15.43 86.64 -9.38
N GLY B 1 -2.17 43.55 -47.97
CA GLY B 1 -1.60 43.36 -46.60
C GLY B 1 -0.36 44.18 -46.35
N SER B 2 0.53 43.64 -45.52
CA SER B 2 1.77 44.33 -45.13
C SER B 2 2.88 44.26 -46.20
N ARG B 3 2.70 43.38 -47.17
CA ARG B 3 3.63 43.19 -48.30
C ARG B 3 4.15 44.51 -48.89
N ARG B 4 3.26 45.49 -48.96
CA ARG B 4 3.52 46.81 -49.54
C ARG B 4 4.64 47.58 -48.86
N TYR B 5 4.75 47.43 -47.53
CA TYR B 5 5.62 48.28 -46.71
C TYR B 5 6.94 47.59 -46.33
N ASP B 6 7.12 46.37 -46.81
CA ASP B 6 8.32 45.57 -46.52
C ASP B 6 9.51 46.03 -47.37
N SER B 7 10.56 46.48 -46.70
CA SER B 7 11.78 46.93 -47.37
C SER B 7 12.57 45.76 -47.95
N ARG B 8 12.34 44.56 -47.40
CA ARG B 8 13.10 43.36 -47.75
C ARG B 8 14.59 43.58 -47.47
N THR B 9 14.94 43.47 -46.20
CA THR B 9 16.24 43.87 -45.69
C THR B 9 17.34 42.85 -45.98
N THR B 10 16.94 41.62 -46.31
CA THR B 10 17.88 40.52 -46.46
C THR B 10 17.94 40.00 -47.90
N ILE B 11 17.93 40.90 -48.88
CA ILE B 11 18.02 40.46 -50.28
C ILE B 11 19.32 40.89 -50.95
N PHE B 12 19.62 40.27 -52.08
CA PHE B 12 20.79 40.62 -52.88
C PHE B 12 20.44 41.68 -53.91
N SER B 13 21.43 42.49 -54.28
CA SER B 13 21.32 43.40 -55.40
C SER B 13 21.62 42.63 -56.69
N PRO B 14 21.25 43.18 -57.86
CA PRO B 14 21.68 42.53 -59.10
C PRO B 14 23.19 42.30 -59.14
N GLU B 15 23.94 43.12 -58.40
CA GLU B 15 25.40 43.00 -58.31
C GLU B 15 25.83 41.84 -57.43
N GLY B 16 24.98 41.46 -56.47
CA GLY B 16 25.32 40.42 -55.52
C GLY B 16 25.82 41.00 -54.22
N ARG B 17 25.31 42.18 -53.89
CA ARG B 17 25.66 42.87 -52.65
C ARG B 17 24.42 42.97 -51.78
N LEU B 18 24.60 42.91 -50.47
CA LEU B 18 23.49 43.05 -49.54
C LEU B 18 23.24 44.52 -49.27
N TYR B 19 22.18 45.07 -49.86
CA TYR B 19 21.80 46.47 -49.69
C TYR B 19 22.01 46.97 -48.27
N GLN B 20 21.33 46.36 -47.32
CA GLN B 20 21.31 46.83 -45.93
C GLN B 20 22.66 46.76 -45.24
N VAL B 21 23.44 45.72 -45.54
CA VAL B 21 24.80 45.59 -45.01
C VAL B 21 25.67 46.75 -45.50
N GLU B 22 25.53 47.09 -46.78
CA GLU B 22 26.27 48.18 -47.39
C GLU B 22 25.91 49.54 -46.81
N TYR B 23 24.61 49.81 -46.69
CA TYR B 23 24.13 51.08 -46.18
C TYR B 23 24.45 51.26 -44.69
N ALA B 24 24.54 50.15 -43.96
CA ALA B 24 24.94 50.18 -42.56
C ALA B 24 26.44 50.47 -42.42
N LEU B 25 27.23 49.94 -43.35
CA LEU B 25 28.67 50.19 -43.39
C LEU B 25 28.96 51.64 -43.72
N GLU B 26 28.08 52.21 -44.55
CA GLU B 26 28.13 53.63 -44.89
C GLU B 26 27.83 54.48 -43.66
N SER B 27 26.95 54.00 -42.80
CA SER B 27 26.61 54.66 -41.54
C SER B 27 27.79 54.74 -40.59
N ILE B 28 28.55 53.65 -40.52
CA ILE B 28 29.69 53.53 -39.61
C ILE B 28 30.83 54.47 -40.01
N SER B 29 31.04 54.62 -41.32
CA SER B 29 32.08 55.50 -41.86
C SER B 29 31.87 56.97 -41.48
N HIS B 30 30.76 57.25 -40.79
CA HIS B 30 30.48 58.59 -40.28
C HIS B 30 30.74 58.69 -38.77
N ALA B 31 30.67 57.56 -38.07
CA ALA B 31 30.87 57.50 -36.62
C ALA B 31 32.34 57.74 -36.22
N GLY B 32 32.56 58.06 -34.95
CA GLY B 32 33.90 58.31 -34.42
C GLY B 32 34.87 57.17 -34.70
N THR B 33 36.13 57.52 -34.94
CA THR B 33 37.16 56.54 -35.28
C THR B 33 37.63 55.78 -34.04
N ALA B 34 37.83 54.47 -34.22
CA ALA B 34 38.43 53.62 -33.19
C ALA B 34 39.66 52.93 -33.76
N ILE B 35 40.70 52.80 -32.93
CA ILE B 35 41.95 52.18 -33.35
C ILE B 35 42.39 51.09 -32.38
N GLY B 36 42.83 49.97 -32.94
CA GLY B 36 43.43 48.89 -32.17
C GLY B 36 44.81 48.56 -32.71
N ILE B 37 45.83 48.61 -31.85
CA ILE B 37 47.17 48.16 -32.20
C ILE B 37 47.65 47.10 -31.22
N MET B 38 48.16 45.99 -31.74
CA MET B 38 48.69 44.92 -30.92
C MET B 38 50.23 44.87 -30.96
N ALA B 39 50.83 44.91 -29.77
CA ALA B 39 52.28 44.85 -29.62
C ALA B 39 52.73 43.48 -29.11
N SER B 40 54.04 43.33 -28.90
CA SER B 40 54.60 42.07 -28.39
C SER B 40 54.22 41.81 -26.93
N ASP B 41 54.13 42.88 -26.14
CA ASP B 41 53.87 42.78 -24.70
C ASP B 41 52.51 43.33 -24.25
N GLY B 42 51.55 43.42 -25.18
CA GLY B 42 50.20 43.93 -24.88
C GLY B 42 49.49 44.51 -26.08
N ILE B 43 48.23 44.94 -25.88
CA ILE B 43 47.38 45.51 -26.93
C ILE B 43 46.85 46.88 -26.51
N VAL B 44 46.72 47.80 -27.47
CA VAL B 44 46.17 49.13 -27.22
C VAL B 44 44.83 49.33 -27.93
N LEU B 45 43.87 49.93 -27.22
CA LEU B 45 42.60 50.38 -27.79
C LEU B 45 42.38 51.87 -27.55
N ALA B 46 42.08 52.62 -28.59
CA ALA B 46 41.77 54.01 -28.42
C ALA B 46 40.61 54.42 -29.28
N ALA B 47 39.89 55.45 -28.86
CA ALA B 47 38.77 55.94 -29.62
C ALA B 47 38.51 57.42 -29.47
N GLU B 48 37.84 58.01 -30.44
CA GLU B 48 37.49 59.42 -30.39
C GLU B 48 36.00 59.59 -30.42
N ARG B 49 35.45 60.31 -29.46
CA ARG B 49 34.03 60.60 -29.47
C ARG B 49 33.78 61.73 -30.43
N LYS B 50 32.65 61.71 -31.12
CA LYS B 50 32.24 62.83 -31.92
C LYS B 50 31.76 63.94 -31.02
N VAL B 51 31.82 65.17 -31.49
CA VAL B 51 32.45 66.31 -30.87
C VAL B 51 31.95 66.71 -29.51
N THR B 52 30.65 66.70 -29.31
CA THR B 52 30.16 66.86 -27.96
C THR B 52 30.17 68.28 -27.45
N SER B 53 30.07 68.40 -26.12
CA SER B 53 30.00 69.66 -25.42
C SER B 53 30.87 69.68 -24.19
N THR B 54 31.13 70.87 -23.69
CA THR B 54 31.84 71.02 -22.44
C THR B 54 31.06 70.46 -21.29
N LEU B 55 29.76 70.68 -21.34
CA LEU B 55 28.86 70.25 -20.30
C LEU B 55 28.89 68.76 -20.09
N LEU B 56 29.26 68.03 -21.13
CA LEU B 56 29.18 66.60 -21.10
C LEU B 56 30.05 66.06 -20.01
N GLU B 57 29.57 65.02 -19.36
CA GLU B 57 30.33 64.40 -18.26
C GLU B 57 31.32 63.38 -18.80
N GLN B 58 32.57 63.49 -18.35
CA GLN B 58 33.66 62.64 -18.84
C GLN B 58 34.09 61.55 -17.85
N ASP B 59 33.79 61.75 -16.58
CA ASP B 59 34.17 60.80 -15.53
C ASP B 59 33.34 59.53 -15.58
N THR B 60 32.02 59.68 -15.60
CA THR B 60 31.09 58.53 -15.63
C THR B 60 31.03 57.89 -17.01
N SER B 61 31.39 58.65 -18.05
CA SER B 61 31.27 58.20 -19.43
C SER B 61 32.27 57.11 -19.81
N THR B 62 31.74 56.04 -20.42
CA THR B 62 32.55 55.04 -21.12
C THR B 62 31.66 54.46 -22.22
N GLU B 63 31.69 55.13 -23.37
CA GLU B 63 30.70 54.92 -24.45
C GLU B 63 31.19 54.12 -25.65
N LYS B 64 32.50 54.12 -25.89
CA LYS B 64 33.07 53.41 -27.05
C LYS B 64 33.98 52.25 -26.65
N LEU B 65 34.35 52.20 -25.36
CA LEU B 65 35.18 51.13 -24.81
C LEU B 65 34.39 50.31 -23.79
N TYR B 66 34.45 49.00 -23.93
CA TYR B 66 33.68 48.11 -23.08
C TYR B 66 34.47 46.88 -22.67
N LYS B 67 34.21 46.44 -21.43
CA LYS B 67 34.80 45.21 -20.94
C LYS B 67 33.80 44.07 -21.17
N LEU B 68 34.19 43.13 -22.03
CA LEU B 68 33.40 41.95 -22.32
C LEU B 68 33.66 40.84 -21.32
N ASN B 69 34.81 40.90 -20.70
CA ASN B 69 35.39 39.77 -20.00
C ASN B 69 36.60 40.20 -19.19
N ASP B 70 37.04 39.29 -18.32
CA ASP B 70 38.24 39.41 -17.55
C ASP B 70 39.47 39.71 -18.42
N LYS B 71 39.45 39.20 -19.65
CA LYS B 71 40.60 39.29 -20.56
C LYS B 71 40.26 39.79 -21.97
N ILE B 72 38.96 39.94 -22.26
CA ILE B 72 38.52 40.48 -23.56
C ILE B 72 37.84 41.84 -23.38
N ALA B 73 38.12 42.75 -24.31
CA ALA B 73 37.55 44.10 -24.33
C ALA B 73 37.23 44.52 -25.77
N VAL B 74 36.36 45.52 -25.93
CA VAL B 74 35.98 45.98 -27.26
C VAL B 74 35.93 47.51 -27.42
N ALA B 75 36.28 47.94 -28.63
CA ALA B 75 36.04 49.32 -29.08
C ALA B 75 34.87 49.33 -30.08
N VAL B 76 33.99 50.31 -29.93
CA VAL B 76 32.75 50.40 -30.72
C VAL B 76 32.80 51.52 -31.75
N ALA B 77 32.26 51.25 -32.94
CA ALA B 77 32.02 52.28 -33.94
C ALA B 77 30.63 52.07 -34.55
N GLY B 78 29.74 53.03 -34.30
CA GLY B 78 28.36 52.97 -34.78
C GLY B 78 27.36 53.34 -33.71
N LEU B 79 26.13 52.82 -33.82
CA LEU B 79 25.08 53.06 -32.83
C LEU B 79 25.43 52.38 -31.52
N THR B 80 25.49 53.14 -30.43
CA THR B 80 25.74 52.57 -29.11
C THR B 80 24.57 51.71 -28.67
N ALA B 81 23.35 52.17 -28.99
CA ALA B 81 22.13 51.41 -28.74
C ALA B 81 22.20 49.97 -29.26
N ASP B 82 22.60 49.81 -30.52
CA ASP B 82 22.79 48.50 -31.13
C ASP B 82 23.95 47.73 -30.48
N ALA B 83 25.02 48.45 -30.15
CA ALA B 83 26.25 47.86 -29.64
C ALA B 83 26.08 47.21 -28.28
N GLU B 84 25.23 47.79 -27.45
CA GLU B 84 25.02 47.29 -26.10
C GLU B 84 24.24 45.97 -26.09
N ILE B 85 23.27 45.85 -27.01
CA ILE B 85 22.50 44.61 -27.19
C ILE B 85 23.43 43.43 -27.46
N LEU B 86 24.40 43.64 -28.36
CA LEU B 86 25.40 42.64 -28.71
C LEU B 86 26.42 42.41 -27.58
N ILE B 87 26.89 43.50 -26.97
CA ILE B 87 27.84 43.42 -25.84
C ILE B 87 27.25 42.59 -24.69
N ASN B 88 25.93 42.65 -24.54
CA ASN B 88 25.29 41.89 -23.47
C ASN B 88 25.21 40.40 -23.75
N THR B 89 25.06 40.01 -25.01
CA THR B 89 25.09 38.58 -25.33
C THR B 89 26.54 38.08 -25.20
N ALA B 90 27.47 38.83 -25.79
CA ALA B 90 28.89 38.54 -25.68
C ALA B 90 29.34 38.25 -24.24
N ARG B 91 28.82 39.02 -23.30
CA ARG B 91 29.14 38.82 -21.89
C ARG B 91 28.54 37.53 -21.33
N ILE B 92 27.24 37.32 -21.63
CA ILE B 92 26.51 36.08 -21.31
C ILE B 92 27.20 34.87 -21.91
N HIS B 93 27.59 34.98 -23.19
CA HIS B 93 28.24 33.85 -23.90
C HIS B 93 29.53 33.39 -23.22
N ALA B 94 30.41 34.35 -22.89
CA ALA B 94 31.64 34.04 -22.18
C ALA B 94 31.34 33.34 -20.87
N GLN B 95 30.42 33.89 -20.09
CA GLN B 95 30.06 33.25 -18.83
C GLN B 95 29.56 31.80 -19.02
N ASN B 96 28.62 31.58 -19.96
CA ASN B 96 28.20 30.23 -20.36
C ASN B 96 29.38 29.31 -20.58
N TYR B 97 30.30 29.74 -21.43
CA TYR B 97 31.55 29.01 -21.68
C TYR B 97 32.29 28.68 -20.38
N LEU B 98 32.50 29.69 -19.52
CA LEU B 98 33.18 29.47 -18.23
C LEU B 98 32.44 28.46 -17.36
N LYS B 99 31.11 28.57 -17.31
CA LYS B 99 30.28 27.65 -16.53
C LYS B 99 30.43 26.20 -17.03
N THR B 100 30.67 26.04 -18.33
CA THR B 100 30.78 24.72 -18.94
C THR B 100 32.18 24.10 -18.81
N TYR B 101 33.18 24.81 -19.32
CA TYR B 101 34.53 24.24 -19.45
C TYR B 101 35.48 24.58 -18.30
N ASN B 102 35.00 25.37 -17.35
CA ASN B 102 35.83 25.90 -16.25
C ASN B 102 37.13 26.54 -16.72
N GLU B 103 37.07 27.17 -17.88
CA GLU B 103 38.18 27.92 -18.48
C GLU B 103 37.61 29.15 -19.18
N ASP B 104 38.35 30.25 -19.15
CA ASP B 104 37.95 31.48 -19.81
C ASP B 104 37.86 31.27 -21.32
N ILE B 105 36.87 31.87 -21.95
CA ILE B 105 36.63 31.66 -23.39
C ILE B 105 37.81 32.17 -24.23
N PRO B 106 38.30 31.32 -25.16
CA PRO B 106 39.24 31.75 -26.19
C PRO B 106 38.64 32.89 -27.02
N VAL B 107 39.48 33.87 -27.33
CA VAL B 107 39.07 35.13 -27.94
C VAL B 107 38.31 34.94 -29.25
N GLU B 108 38.77 34.03 -30.11
CA GLU B 108 38.12 33.82 -31.42
C GLU B 108 36.72 33.22 -31.31
N ILE B 109 36.53 32.27 -30.40
CA ILE B 109 35.22 31.64 -30.20
C ILE B 109 34.17 32.67 -29.82
N LEU B 110 34.56 33.63 -28.98
CA LEU B 110 33.69 34.74 -28.63
C LEU B 110 33.37 35.57 -29.87
N VAL B 111 34.41 36.06 -30.53
CA VAL B 111 34.29 36.84 -31.77
C VAL B 111 33.39 36.14 -32.82
N ARG B 112 33.62 34.85 -33.03
CA ARG B 112 32.87 34.09 -34.02
C ARG B 112 31.38 34.10 -33.75
N ARG B 113 31.00 33.88 -32.49
CA ARG B 113 29.61 33.82 -32.07
C ARG B 113 28.85 35.13 -32.31
N LEU B 114 29.44 36.25 -31.91
CA LEU B 114 28.86 37.57 -32.21
C LEU B 114 28.70 37.76 -33.70
N SER B 115 29.76 37.46 -34.45
CA SER B 115 29.75 37.59 -35.89
C SER B 115 28.71 36.69 -36.54
N ASP B 116 28.33 35.63 -35.84
CA ASP B 116 27.30 34.71 -36.31
C ASP B 116 25.92 35.25 -36.03
N ILE B 117 25.78 35.97 -34.91
CA ILE B 117 24.53 36.66 -34.58
C ILE B 117 24.27 37.74 -35.62
N LYS B 118 25.32 38.48 -35.98
CA LYS B 118 25.26 39.52 -37.01
C LYS B 118 24.88 38.95 -38.37
N GLN B 119 25.57 37.90 -38.78
CA GLN B 119 25.25 37.18 -40.01
C GLN B 119 23.76 36.79 -40.09
N GLY B 120 23.17 36.49 -38.94
CA GLY B 120 21.76 36.09 -38.86
C GLY B 120 20.81 37.11 -39.46
N TYR B 121 20.93 38.35 -38.99
CA TYR B 121 20.09 39.47 -39.43
C TYR B 121 20.33 39.83 -40.89
N THR B 122 21.33 39.18 -41.48
CA THR B 122 21.73 39.33 -42.86
C THR B 122 20.98 38.35 -43.78
N GLN B 123 20.55 37.22 -43.23
CA GLN B 123 20.02 36.12 -44.03
C GLN B 123 18.54 35.77 -43.82
N HIS B 124 18.03 36.00 -42.61
CA HIS B 124 16.63 35.71 -42.31
C HIS B 124 16.00 36.68 -41.30
N GLY B 125 14.68 36.68 -41.21
CA GLY B 125 13.97 37.43 -40.18
C GLY B 125 13.40 38.77 -40.61
N GLY B 126 13.88 39.28 -41.74
CA GLY B 126 13.44 40.55 -42.30
C GLY B 126 13.67 41.77 -41.42
N LEU B 127 14.64 41.69 -40.51
CA LEU B 127 14.97 42.83 -39.66
C LEU B 127 16.20 43.55 -40.16
N ARG B 128 16.43 44.77 -39.68
CA ARG B 128 17.61 45.55 -40.07
C ARG B 128 18.88 45.02 -39.38
N PRO B 129 20.05 45.20 -40.03
CA PRO B 129 21.29 44.77 -39.40
C PRO B 129 21.71 45.71 -38.27
N PHE B 130 22.62 45.26 -37.41
CA PHE B 130 23.16 46.11 -36.37
C PHE B 130 24.18 47.06 -36.98
N GLY B 131 23.94 48.36 -36.83
CA GLY B 131 24.85 49.37 -37.38
C GLY B 131 26.10 49.53 -36.54
N VAL B 132 26.85 48.45 -36.40
CA VAL B 132 27.98 48.41 -35.48
C VAL B 132 29.19 47.68 -36.07
N SER B 133 30.36 48.29 -35.90
CA SER B 133 31.63 47.61 -36.12
C SER B 133 32.39 47.52 -34.81
N PHE B 134 32.99 46.35 -34.57
CA PHE B 134 33.74 46.10 -33.35
C PHE B 134 35.20 45.87 -33.64
N ILE B 135 36.06 46.40 -32.76
CA ILE B 135 37.42 45.91 -32.62
C ILE B 135 37.45 45.11 -31.32
N TYR B 136 38.07 43.93 -31.36
CA TYR B 136 38.20 43.08 -30.17
C TYR B 136 39.65 42.98 -29.76
N ALA B 137 39.91 43.12 -28.47
CA ALA B 137 41.27 43.03 -27.94
C ALA B 137 41.32 42.13 -26.70
N GLY B 138 41.94 40.96 -26.84
CA GLY B 138 41.94 39.97 -25.78
C GLY B 138 43.13 39.04 -25.71
N TYR B 139 43.13 38.18 -24.70
CA TYR B 139 44.23 37.26 -24.45
C TYR B 139 43.71 35.87 -24.07
N ASP B 140 44.38 34.84 -24.57
CA ASP B 140 44.15 33.46 -24.13
C ASP B 140 45.44 32.63 -24.20
N ASP B 141 45.46 31.54 -23.45
CA ASP B 141 46.64 30.66 -23.32
C ASP B 141 47.06 29.94 -24.61
N ARG B 142 46.36 30.22 -25.70
CA ARG B 142 46.62 29.53 -26.98
C ARG B 142 47.31 30.41 -27.99
N TYR B 143 46.72 31.58 -28.28
CA TYR B 143 47.28 32.50 -29.26
C TYR B 143 47.89 33.75 -28.64
N GLY B 144 47.72 33.89 -27.32
CA GLY B 144 48.22 35.07 -26.62
C GLY B 144 47.40 36.28 -26.98
N TYR B 145 48.07 37.37 -27.31
CA TYR B 145 47.41 38.62 -27.68
C TYR B 145 46.75 38.51 -29.05
N GLN B 146 45.49 38.92 -29.10
CA GLN B 146 44.69 38.83 -30.32
C GLN B 146 43.94 40.13 -30.57
N LEU B 147 43.80 40.47 -31.85
CA LEU B 147 43.08 41.66 -32.25
C LEU B 147 42.21 41.30 -33.44
N TYR B 148 40.90 41.50 -33.28
CA TYR B 148 39.95 41.15 -34.32
C TYR B 148 39.06 42.33 -34.68
N THR B 149 38.44 42.26 -35.86
CA THR B 149 37.43 43.21 -36.25
C THR B 149 36.22 42.49 -36.82
N SER B 150 35.03 43.02 -36.58
CA SER B 150 33.80 42.46 -37.15
C SER B 150 32.86 43.59 -37.54
N ASN B 151 32.23 43.46 -38.70
CA ASN B 151 31.30 44.49 -39.19
C ASN B 151 29.89 43.92 -39.42
N PRO B 152 28.92 44.78 -39.80
CA PRO B 152 27.52 44.33 -39.93
C PRO B 152 27.29 43.09 -40.78
N SER B 153 28.22 42.77 -41.69
CA SER B 153 28.05 41.64 -42.61
C SER B 153 28.15 40.29 -41.90
N GLY B 154 28.82 40.29 -40.75
CA GLY B 154 29.07 39.05 -40.01
C GLY B 154 30.46 38.53 -40.30
N ASN B 155 31.21 39.27 -41.09
CA ASN B 155 32.57 38.91 -41.43
C ASN B 155 33.52 39.39 -40.35
N TYR B 156 34.46 38.53 -39.96
CA TYR B 156 35.50 38.92 -39.00
C TYR B 156 36.90 38.56 -39.50
N THR B 157 37.90 39.34 -39.10
CA THR B 157 39.30 39.10 -39.48
C THR B 157 40.27 39.45 -38.35
N GLY B 158 41.47 38.87 -38.41
CA GLY B 158 42.51 39.13 -37.43
C GLY B 158 43.53 40.15 -37.91
N TRP B 159 44.01 41.00 -37.01
CA TRP B 159 44.87 42.12 -37.38
C TRP B 159 46.01 42.35 -36.41
N LYS B 160 47.10 42.93 -36.93
CA LYS B 160 48.21 43.41 -36.10
C LYS B 160 47.94 44.85 -35.67
N ALA B 161 47.27 45.60 -36.55
CA ALA B 161 46.78 46.94 -36.24
C ALA B 161 45.60 47.25 -37.17
N ILE B 162 44.57 47.90 -36.63
CA ILE B 162 43.33 48.12 -37.39
C ILE B 162 42.54 49.35 -36.91
N SER B 163 41.66 49.85 -37.78
CA SER B 163 40.76 50.95 -37.47
C SER B 163 39.35 50.70 -38.01
N VAL B 164 38.36 51.18 -37.28
CA VAL B 164 36.97 51.21 -37.77
C VAL B 164 36.41 52.61 -37.62
N GLY B 165 35.29 52.88 -38.28
CA GLY B 165 34.63 54.19 -38.17
C GLY B 165 34.97 55.12 -39.32
N ALA B 166 35.14 56.40 -38.98
CA ALA B 166 35.44 57.41 -40.00
C ALA B 166 36.91 57.39 -40.40
N ASN B 167 37.16 57.71 -41.66
CA ASN B 167 38.52 57.88 -42.19
C ASN B 167 39.44 56.67 -41.97
N THR B 168 38.92 55.47 -42.16
CA THR B 168 39.69 54.25 -41.92
C THR B 168 40.74 54.02 -43.01
N SER B 169 40.43 54.45 -44.22
CA SER B 169 41.34 54.35 -45.36
C SER B 169 42.59 55.18 -45.09
N ALA B 170 42.39 56.41 -44.62
CA ALA B 170 43.49 57.30 -44.27
C ALA B 170 44.28 56.78 -43.06
N ALA B 171 43.56 56.21 -42.10
CA ALA B 171 44.17 55.71 -40.86
C ALA B 171 44.92 54.41 -41.07
N GLN B 172 44.46 53.59 -42.00
CA GLN B 172 45.08 52.29 -42.29
C GLN B 172 46.44 52.46 -42.96
N THR B 173 46.53 53.43 -43.87
CA THR B 173 47.77 53.71 -44.60
C THR B 173 48.86 54.26 -43.66
N LEU B 174 48.45 55.05 -42.68
CA LEU B 174 49.36 55.65 -41.70
C LEU B 174 49.94 54.62 -40.73
N LEU B 175 49.12 53.64 -40.35
CA LEU B 175 49.55 52.51 -39.54
C LEU B 175 50.47 51.61 -40.35
N GLN B 176 50.05 51.30 -41.58
CA GLN B 176 50.80 50.48 -42.54
C GLN B 176 52.18 51.05 -42.83
N MET B 177 52.41 52.29 -42.39
CA MET B 177 53.64 53.01 -42.67
C MET B 177 54.57 53.06 -41.46
N ASP B 178 54.00 52.98 -40.26
CA ASP B 178 54.78 53.17 -39.04
C ASP B 178 54.82 51.97 -38.08
N TYR B 179 53.98 50.96 -38.35
CA TYR B 179 53.93 49.77 -37.51
C TYR B 179 55.08 48.80 -37.79
N LYS B 180 55.63 48.23 -36.72
CA LYS B 180 56.61 47.13 -36.83
C LYS B 180 56.34 46.06 -35.76
N ASP B 181 56.85 44.86 -35.99
CA ASP B 181 56.49 43.70 -35.17
C ASP B 181 57.06 43.72 -33.76
N ASP B 182 58.33 44.08 -33.64
CA ASP B 182 59.02 44.10 -32.34
C ASP B 182 58.66 45.33 -31.50
N MET B 183 57.44 45.82 -31.67
CA MET B 183 56.98 47.01 -30.96
C MET B 183 56.70 46.74 -29.49
N LYS B 184 57.06 47.71 -28.67
CA LYS B 184 56.71 47.72 -27.25
C LYS B 184 55.31 48.33 -27.14
N VAL B 185 54.62 48.07 -26.03
CA VAL B 185 53.28 48.62 -25.80
C VAL B 185 53.28 50.14 -25.87
N ASP B 186 54.24 50.77 -25.19
CA ASP B 186 54.30 52.23 -25.08
C ASP B 186 54.71 52.91 -26.37
N ASP B 187 55.21 52.13 -27.32
CA ASP B 187 55.45 52.60 -28.68
C ASP B 187 54.14 52.60 -29.45
N ALA B 188 53.33 51.58 -29.21
CA ALA B 188 52.03 51.43 -29.85
C ALA B 188 51.01 52.43 -29.29
N ILE B 189 51.24 52.87 -28.06
CA ILE B 189 50.41 53.90 -27.44
C ILE B 189 50.57 55.20 -28.22
N GLU B 190 51.81 55.56 -28.50
CA GLU B 190 52.14 56.76 -29.25
C GLU B 190 51.57 56.74 -30.67
N LEU B 191 51.66 55.58 -31.33
CA LEU B 191 51.20 55.44 -32.72
C LEU B 191 49.69 55.72 -32.83
N ALA B 192 48.92 55.13 -31.93
CA ALA B 192 47.45 55.27 -31.93
C ALA B 192 47.00 56.72 -31.74
N LEU B 193 47.73 57.46 -30.90
CA LEU B 193 47.45 58.88 -30.69
C LEU B 193 47.78 59.70 -31.92
N LYS B 194 48.97 59.47 -32.49
CA LYS B 194 49.43 60.18 -33.69
C LYS B 194 48.46 59.96 -34.84
N THR B 195 48.02 58.71 -35.01
CA THR B 195 47.13 58.34 -36.11
C THR B 195 45.78 59.06 -35.99
N LEU B 196 45.20 59.05 -34.80
CA LEU B 196 43.93 59.75 -34.56
C LEU B 196 44.11 61.24 -34.76
N SER B 197 45.27 61.76 -34.31
CA SER B 197 45.61 63.17 -34.42
C SER B 197 45.73 63.68 -35.87
N LYS B 198 45.93 62.74 -36.81
CA LYS B 198 46.10 63.07 -38.21
C LYS B 198 44.84 62.86 -39.05
N THR B 199 43.85 62.19 -38.49
CA THR B 199 42.58 61.95 -39.19
C THR B 199 41.43 62.70 -38.55
N THR B 200 41.72 63.40 -37.45
CA THR B 200 40.73 64.18 -36.71
C THR B 200 40.11 65.27 -37.58
N ASP B 201 38.79 65.29 -37.61
CA ASP B 201 38.04 66.32 -38.34
C ASP B 201 37.83 67.57 -37.49
N SER B 202 38.19 67.48 -36.21
CA SER B 202 38.13 68.61 -35.29
C SER B 202 39.43 69.39 -35.30
N SER B 203 39.42 70.58 -34.68
CA SER B 203 40.58 71.45 -34.62
C SER B 203 41.76 70.80 -33.89
N ALA B 204 41.50 70.32 -32.68
CA ALA B 204 42.55 69.73 -31.85
C ALA B 204 42.07 68.42 -31.21
N LEU B 205 43.03 67.57 -30.86
CA LEU B 205 42.73 66.28 -30.23
C LEU B 205 42.98 66.35 -28.72
N THR B 206 41.91 66.61 -27.97
CA THR B 206 42.01 66.79 -26.52
C THR B 206 41.55 65.55 -25.74
N TYR B 207 41.85 65.53 -24.44
CA TYR B 207 41.58 64.39 -23.56
C TYR B 207 40.08 64.10 -23.43
N ASP B 208 39.27 65.15 -23.35
CA ASP B 208 37.83 65.04 -23.16
C ASP B 208 37.13 64.43 -24.37
N ARG B 209 37.88 64.23 -25.45
CA ARG B 209 37.35 63.66 -26.68
C ARG B 209 37.87 62.24 -26.92
N LEU B 210 38.73 61.77 -26.01
CA LEU B 210 39.42 60.48 -26.16
C LEU B 210 39.06 59.44 -25.11
N GLU B 211 39.14 58.17 -25.52
CA GLU B 211 39.04 57.02 -24.63
C GLU B 211 40.20 56.07 -24.90
N PHE B 212 40.74 55.48 -23.84
CA PHE B 212 41.99 54.72 -23.95
C PHE B 212 42.01 53.48 -23.04
N ALA B 213 42.57 52.39 -23.55
CA ALA B 213 42.66 51.12 -22.82
C ALA B 213 43.85 50.26 -23.20
N THR B 214 44.32 49.44 -22.26
CA THR B 214 45.41 48.49 -22.50
C THR B 214 45.08 47.12 -21.91
N ILE B 215 45.41 46.06 -22.64
CA ILE B 215 45.23 44.69 -22.14
C ILE B 215 46.62 44.07 -22.03
N ARG B 216 47.40 44.59 -21.08
CA ARG B 216 48.82 44.28 -20.90
C ARG B 216 49.03 43.29 -19.76
N LYS B 217 49.79 42.22 -20.05
CA LYS B 217 50.18 41.24 -19.03
C LYS B 217 51.32 41.82 -18.19
N GLY B 218 51.10 41.88 -16.86
CA GLY B 218 52.00 42.57 -15.93
C GLY B 218 53.42 42.05 -15.91
N ALA B 219 54.37 42.96 -16.15
CA ALA B 219 55.80 42.64 -16.14
C ALA B 219 56.34 42.36 -14.72
N ASN B 220 55.43 42.05 -13.80
CA ASN B 220 55.77 41.68 -12.43
C ASN B 220 54.71 40.75 -11.82
N ASP B 221 53.44 41.04 -12.10
CA ASP B 221 52.33 40.19 -11.69
C ASP B 221 52.32 38.88 -12.49
N GLY B 222 52.85 38.92 -13.70
CA GLY B 222 52.93 37.76 -14.60
C GLY B 222 51.58 37.18 -14.99
N GLU B 223 50.57 38.04 -15.06
CA GLU B 223 49.23 37.67 -15.51
C GLU B 223 48.51 38.87 -16.13
N VAL B 224 47.46 38.61 -16.89
CA VAL B 224 46.83 39.59 -17.78
C VAL B 224 46.04 40.66 -17.02
N TYR B 225 46.28 41.91 -17.38
CA TYR B 225 45.63 43.04 -16.74
C TYR B 225 44.97 43.98 -17.75
N GLN B 226 43.74 44.36 -17.47
CA GLN B 226 43.02 45.36 -18.25
C GLN B 226 43.03 46.71 -17.57
N LYS B 227 43.16 47.77 -18.35
CA LYS B 227 43.21 49.12 -17.81
C LYS B 227 42.47 50.09 -18.72
N ILE B 228 41.36 50.62 -18.23
CA ILE B 228 40.62 51.68 -18.92
C ILE B 228 41.10 53.01 -18.36
N PHE B 229 41.77 53.79 -19.21
CA PHE B 229 42.34 55.07 -18.83
C PHE B 229 41.25 56.05 -18.40
N LYS B 230 41.43 56.62 -17.22
CA LYS B 230 40.55 57.63 -16.68
C LYS B 230 41.02 59.01 -17.15
N PRO B 231 40.07 59.94 -17.40
CA PRO B 231 40.37 61.26 -17.96
C PRO B 231 41.74 61.83 -17.58
N GLN B 232 42.06 61.85 -16.29
CA GLN B 232 43.34 62.39 -15.80
C GLN B 232 44.56 61.69 -16.40
N GLU B 233 44.47 60.36 -16.54
CA GLU B 233 45.54 59.56 -17.11
C GLU B 233 45.79 59.88 -18.58
N ILE B 234 44.70 60.02 -19.35
CA ILE B 234 44.78 60.42 -20.76
C ILE B 234 45.36 61.82 -20.90
N LYS B 235 44.94 62.73 -20.01
CA LYS B 235 45.45 64.09 -19.95
C LYS B 235 46.98 64.10 -19.78
N ASP B 236 47.50 63.17 -18.99
CA ASP B 236 48.94 63.04 -18.72
C ASP B 236 49.70 62.48 -19.92
N ILE B 237 49.17 61.42 -20.53
CA ILE B 237 49.82 60.74 -21.65
C ILE B 237 49.84 61.59 -22.94
N LEU B 238 48.93 62.57 -23.01
CA LEU B 238 48.80 63.43 -24.18
C LEU B 238 49.86 64.52 -24.20
N VAL B 239 50.37 64.89 -23.02
CA VAL B 239 51.46 65.86 -22.89
C VAL B 239 52.81 65.18 -23.19
N LYS B 240 52.89 63.89 -22.88
CA LYS B 240 54.09 63.09 -23.10
C LYS B 240 54.47 63.03 -24.58
N THR B 241 53.51 62.65 -25.42
CA THR B 241 53.72 62.50 -26.86
C THR B 241 53.95 63.83 -27.57
N GLY B 242 53.43 64.92 -26.99
CA GLY B 242 53.67 66.27 -27.52
C GLY B 242 52.47 66.91 -28.21
N ILE B 243 51.29 66.72 -27.64
CA ILE B 243 50.04 67.29 -28.16
C ILE B 243 49.40 68.30 -27.17
N THR B 244 49.93 68.34 -25.95
CA THR B 244 49.41 69.20 -24.86
C THR B 244 47.89 69.09 -24.67
N GLY C 1 7.93 33.84 -37.67
CA GLY C 1 7.10 35.06 -37.87
C GLY C 1 7.18 35.59 -39.29
N TYR C 2 8.41 35.84 -39.75
CA TYR C 2 8.66 36.44 -41.07
C TYR C 2 8.87 35.38 -42.15
N ASP C 3 7.89 35.23 -43.03
CA ASP C 3 7.89 34.15 -44.04
C ASP C 3 7.81 34.63 -45.50
N ARG C 4 8.10 35.91 -45.73
CA ARG C 4 7.98 36.51 -47.06
C ARG C 4 8.80 35.74 -48.08
N ALA C 5 8.19 35.42 -49.22
CA ALA C 5 8.86 34.69 -50.29
C ALA C 5 9.86 35.61 -50.99
N LEU C 6 11.14 35.32 -50.78
CA LEU C 6 12.21 36.14 -51.34
C LEU C 6 12.74 35.56 -52.65
N SER C 7 12.95 34.25 -52.70
CA SER C 7 13.33 33.58 -53.92
C SER C 7 12.09 33.09 -54.67
N ILE C 8 11.73 33.80 -55.73
CA ILE C 8 10.56 33.47 -56.57
C ILE C 8 10.90 33.49 -58.06
N PHE C 9 9.99 32.98 -58.88
CA PHE C 9 10.19 32.93 -60.33
C PHE C 9 9.91 34.29 -60.96
N SER C 10 10.49 34.53 -62.12
CA SER C 10 10.28 35.77 -62.87
C SER C 10 9.69 35.45 -64.24
N PRO C 11 9.02 36.43 -64.88
CA PRO C 11 8.29 36.20 -66.14
C PRO C 11 8.95 35.27 -67.16
N ASP C 12 10.28 35.34 -67.28
CA ASP C 12 11.02 34.53 -68.26
C ASP C 12 11.41 33.14 -67.74
N GLY C 13 11.52 32.99 -66.41
CA GLY C 13 11.72 31.68 -65.80
C GLY C 13 12.90 31.53 -64.86
N HIS C 14 13.42 32.66 -64.36
CA HIS C 14 14.59 32.64 -63.48
C HIS C 14 14.24 32.94 -62.02
N ILE C 15 15.02 32.38 -61.10
CA ILE C 15 14.92 32.78 -59.69
C ILE C 15 16.00 33.84 -59.46
N PHE C 16 15.62 35.11 -59.61
CA PHE C 16 16.57 36.21 -59.56
C PHE C 16 17.49 36.22 -58.33
N GLN C 17 16.94 35.88 -57.16
CA GLN C 17 17.71 35.86 -55.93
C GLN C 17 18.85 34.84 -55.92
N VAL C 18 18.70 33.76 -56.68
CA VAL C 18 19.75 32.74 -56.81
C VAL C 18 20.82 33.23 -57.78
N GLU C 19 20.38 33.83 -58.89
CA GLU C 19 21.29 34.44 -59.86
C GLU C 19 22.14 35.52 -59.23
N TYR C 20 21.53 36.31 -58.34
CA TYR C 20 22.24 37.36 -57.64
C TYR C 20 23.17 36.80 -56.59
N ALA C 21 22.81 35.63 -56.05
CA ALA C 21 23.66 34.93 -55.09
C ALA C 21 24.91 34.40 -55.78
N LEU C 22 24.74 33.94 -57.03
CA LEU C 22 25.88 33.57 -57.88
C LEU C 22 26.82 34.73 -58.12
N GLU C 23 26.27 35.93 -58.34
CA GLU C 23 27.07 37.13 -58.55
C GLU C 23 27.94 37.46 -57.34
N ALA C 24 27.47 37.09 -56.15
CA ALA C 24 28.25 37.25 -54.93
C ALA C 24 29.46 36.31 -54.94
N VAL C 25 29.26 35.10 -55.46
CA VAL C 25 30.33 34.12 -55.64
C VAL C 25 31.38 34.65 -56.61
N LYS C 26 30.92 35.16 -57.74
CA LYS C 26 31.80 35.75 -58.77
C LYS C 26 32.69 36.88 -58.24
N ARG C 27 32.26 37.53 -57.16
CA ARG C 27 33.04 38.58 -56.53
C ARG C 27 34.04 38.05 -55.50
N GLY C 28 33.72 36.88 -54.94
CA GLY C 28 34.58 36.23 -53.95
C GLY C 28 35.94 35.89 -54.50
N THR C 29 36.91 35.67 -53.62
CA THR C 29 38.26 35.31 -54.05
C THR C 29 38.27 33.95 -54.75
N CYS C 30 39.22 33.76 -55.67
CA CYS C 30 39.34 32.54 -56.46
C CYS C 30 39.73 31.33 -55.64
N ALA C 31 39.03 30.22 -55.87
CA ALA C 31 39.35 28.93 -55.26
C ALA C 31 39.46 27.87 -56.33
N VAL C 32 40.50 27.05 -56.26
CA VAL C 32 40.69 25.98 -57.23
C VAL C 32 40.90 24.64 -56.52
N GLY C 33 40.58 23.55 -57.23
CA GLY C 33 40.79 22.20 -56.75
C GLY C 33 41.08 21.26 -57.91
N VAL C 34 42.19 20.53 -57.81
CA VAL C 34 42.56 19.50 -58.81
C VAL C 34 42.93 18.18 -58.12
N LYS C 35 42.51 17.08 -58.71
CA LYS C 35 42.82 15.76 -58.15
C LYS C 35 43.92 15.03 -58.91
N GLY C 36 44.85 14.44 -58.16
CA GLY C 36 45.91 13.63 -58.73
C GLY C 36 45.56 12.15 -58.71
N LYS C 37 46.56 11.29 -58.82
CA LYS C 37 46.34 9.86 -58.82
C LYS C 37 46.04 9.38 -57.40
N ASN C 38 46.72 10.01 -56.43
CA ASN C 38 46.64 9.59 -55.04
C ASN C 38 46.44 10.74 -54.07
N CYS C 39 45.85 11.84 -54.54
CA CYS C 39 45.57 13.01 -53.69
C CYS C 39 44.64 14.01 -54.36
N VAL C 40 44.11 14.93 -53.55
CA VAL C 40 43.42 16.12 -54.03
C VAL C 40 44.13 17.35 -53.45
N VAL C 41 44.34 18.36 -54.29
CA VAL C 41 44.97 19.62 -53.86
C VAL C 41 43.97 20.78 -53.95
N LEU C 42 43.96 21.61 -52.91
CA LEU C 42 43.09 22.80 -52.89
C LEU C 42 43.90 24.10 -52.86
N GLY C 43 43.58 24.99 -53.80
CA GLY C 43 44.24 26.30 -53.88
C GLY C 43 43.25 27.45 -53.69
N CYS C 44 43.70 28.49 -53.00
CA CYS C 44 42.87 29.67 -52.74
C CYS C 44 43.71 30.93 -52.86
N GLU C 45 43.06 32.06 -53.14
CA GLU C 45 43.76 33.34 -53.16
C GLU C 45 43.42 34.24 -51.96
N ARG C 46 44.43 35.00 -51.51
CA ARG C 46 44.24 35.97 -50.43
C ARG C 46 44.39 37.38 -50.97
N ARG C 47 43.41 38.23 -50.63
CA ARG C 47 43.38 39.63 -51.06
C ARG C 47 44.64 40.41 -50.65
N SER C 48 44.92 41.46 -51.41
CA SER C 48 46.05 42.36 -51.13
C SER C 48 45.57 43.72 -50.64
N THR C 49 44.28 44.01 -50.87
CA THR C 49 43.65 45.29 -50.53
C THR C 49 44.14 45.89 -49.20
N LEU C 50 43.95 45.14 -48.11
CA LEU C 50 44.44 45.51 -46.79
C LEU C 50 45.57 44.56 -46.38
N LYS C 51 46.71 45.12 -46.02
CA LYS C 51 47.90 44.31 -45.72
C LYS C 51 48.54 44.70 -44.39
N LEU C 52 47.80 44.44 -43.32
CA LEU C 52 48.31 44.57 -41.96
C LEU C 52 47.66 43.49 -41.12
N GLN C 53 47.42 42.36 -41.77
CA GLN C 53 46.66 41.25 -41.22
C GLN C 53 47.44 40.41 -40.22
N ASP C 54 46.76 39.40 -39.69
CA ASP C 54 47.33 38.44 -38.75
C ASP C 54 46.84 37.06 -39.19
N THR C 55 47.67 36.38 -39.97
CA THR C 55 47.31 35.09 -40.57
C THR C 55 47.21 33.95 -39.56
N ARG C 56 47.88 34.11 -38.40
CA ARG C 56 47.75 33.18 -37.29
C ARG C 56 46.28 32.93 -36.92
N ILE C 57 45.51 34.01 -36.83
CA ILE C 57 44.17 33.98 -36.25
C ILE C 57 43.04 34.23 -37.25
N THR C 58 43.33 34.97 -38.32
CA THR C 58 42.37 35.16 -39.40
C THR C 58 42.01 33.78 -39.93
N PRO C 59 40.70 33.49 -40.01
CA PRO C 59 40.26 32.20 -40.54
C PRO C 59 40.96 31.87 -41.87
N SER C 60 41.40 30.63 -42.01
CA SER C 60 41.92 30.15 -43.29
C SER C 60 40.75 29.82 -44.21
N LYS C 61 41.01 29.84 -45.52
CA LYS C 61 39.96 29.65 -46.52
C LYS C 61 39.59 28.17 -46.66
N VAL C 62 40.53 27.30 -46.29
CA VAL C 62 40.32 25.85 -46.31
C VAL C 62 39.98 25.37 -44.90
N SER C 63 38.82 24.72 -44.77
CA SER C 63 38.38 24.22 -43.46
C SER C 63 38.17 22.71 -43.46
N LYS C 64 38.47 22.06 -42.34
CA LYS C 64 38.22 20.64 -42.16
C LYS C 64 36.77 20.39 -41.74
N ILE C 65 36.04 19.60 -42.53
CA ILE C 65 34.71 19.16 -42.13
C ILE C 65 34.83 17.95 -41.21
N ASP C 66 35.72 17.01 -41.58
CA ASP C 66 36.10 15.92 -40.70
C ASP C 66 37.63 15.74 -40.80
N SER C 67 38.16 14.64 -40.27
CA SER C 67 39.61 14.43 -40.32
C SER C 67 40.08 14.04 -41.71
N HIS C 68 39.13 13.70 -42.59
CA HIS C 68 39.44 13.18 -43.90
C HIS C 68 38.86 14.00 -45.06
N VAL C 69 38.02 14.98 -44.74
CA VAL C 69 37.28 15.76 -45.76
C VAL C 69 37.33 17.26 -45.51
N VAL C 70 37.77 18.01 -46.52
CA VAL C 70 37.89 19.47 -46.41
C VAL C 70 36.95 20.23 -47.34
N LEU C 71 36.67 21.47 -46.95
CA LEU C 71 35.79 22.35 -47.70
C LEU C 71 36.41 23.73 -47.91
N SER C 72 36.53 24.14 -49.16
CA SER C 72 36.87 25.52 -49.49
C SER C 72 35.69 26.18 -50.19
N PHE C 73 35.67 27.51 -50.21
CA PHE C 73 34.52 28.24 -50.71
C PHE C 73 34.92 29.52 -51.47
N SER C 74 33.97 30.03 -52.26
CA SER C 74 34.06 31.37 -52.84
C SER C 74 32.75 32.10 -52.60
N GLY C 75 32.85 33.33 -52.12
CA GLY C 75 31.68 34.17 -51.87
C GLY C 75 31.74 34.90 -50.55
N LEU C 76 30.58 35.02 -49.91
CA LEU C 76 30.46 35.72 -48.64
C LEU C 76 31.01 34.86 -47.51
N ASN C 77 32.08 35.34 -46.88
CA ASN C 77 32.74 34.64 -45.79
C ASN C 77 31.80 34.30 -44.65
N ALA C 78 31.01 35.28 -44.22
CA ALA C 78 30.08 35.11 -43.10
C ALA C 78 29.08 33.98 -43.34
N ASP C 79 28.59 33.87 -44.58
CA ASP C 79 27.65 32.82 -44.97
C ASP C 79 28.31 31.44 -44.91
N SER C 80 29.61 31.38 -45.22
CA SER C 80 30.33 30.11 -45.30
C SER C 80 30.37 29.41 -43.93
N ARG C 81 30.48 30.20 -42.87
CA ARG C 81 30.60 29.69 -41.51
C ARG C 81 29.38 28.89 -41.10
N ILE C 82 28.22 29.29 -41.61
CA ILE C 82 26.97 28.57 -41.39
C ILE C 82 27.02 27.20 -42.08
N LEU C 83 27.42 27.19 -43.35
CA LEU C 83 27.47 25.96 -44.14
C LEU C 83 28.45 24.95 -43.58
N ILE C 84 29.67 25.43 -43.29
CA ILE C 84 30.72 24.65 -42.66
C ILE C 84 30.20 23.99 -41.38
N GLU C 85 29.61 24.81 -40.50
CA GLU C 85 29.13 24.31 -39.20
C GLU C 85 28.12 23.17 -39.33
N LYS C 86 27.06 23.39 -40.11
CA LYS C 86 26.04 22.37 -40.32
C LYS C 86 26.69 21.08 -40.80
N ALA C 87 27.58 21.21 -41.79
CA ALA C 87 28.34 20.10 -42.36
C ALA C 87 29.17 19.32 -41.32
N ARG C 88 29.81 20.04 -40.41
CA ARG C 88 30.58 19.43 -39.33
C ARG C 88 29.67 18.69 -38.34
N VAL C 89 28.53 19.27 -38.03
CA VAL C 89 27.54 18.62 -37.17
C VAL C 89 27.02 17.32 -37.80
N GLU C 90 26.74 17.35 -39.10
CA GLU C 90 26.26 16.15 -39.80
C GLU C 90 27.34 15.07 -39.92
N ALA C 91 28.60 15.49 -39.99
CA ALA C 91 29.73 14.56 -39.98
C ALA C 91 29.75 13.76 -38.69
N GLN C 92 29.50 14.42 -37.57
CA GLN C 92 29.46 13.77 -36.27
C GLN C 92 28.25 12.87 -36.08
N SER C 93 27.08 13.38 -36.46
CA SER C 93 25.85 12.61 -36.45
C SER C 93 26.01 11.32 -37.26
N HIS C 94 26.59 11.45 -38.45
CA HIS C 94 26.80 10.30 -39.34
C HIS C 94 27.67 9.20 -38.72
N ARG C 95 28.79 9.59 -38.12
CA ARG C 95 29.66 8.66 -37.39
C ARG C 95 28.92 7.97 -36.25
N LEU C 96 27.92 8.64 -35.70
CA LEU C 96 27.21 8.18 -34.52
C LEU C 96 26.04 7.21 -34.82
N THR C 97 25.32 7.44 -35.92
CA THR C 97 24.23 6.53 -36.31
C THR C 97 24.63 5.40 -37.28
N LEU C 98 25.75 5.56 -37.98
CA LEU C 98 26.20 4.60 -38.98
C LEU C 98 27.52 3.95 -38.61
N GLU C 99 28.17 4.48 -37.57
CA GLU C 99 29.48 4.01 -37.09
C GLU C 99 30.52 3.98 -38.20
N ASP C 100 30.59 5.08 -38.94
CA ASP C 100 31.46 5.23 -40.11
C ASP C 100 31.48 6.70 -40.54
N PRO C 101 32.69 7.26 -40.79
CA PRO C 101 32.80 8.62 -41.32
C PRO C 101 32.07 8.80 -42.66
N VAL C 102 31.73 10.06 -42.98
CA VAL C 102 30.98 10.38 -44.20
C VAL C 102 31.77 10.12 -45.48
N THR C 103 31.06 9.69 -46.53
CA THR C 103 31.61 9.68 -47.88
C THR C 103 31.53 11.11 -48.42
N VAL C 104 32.48 11.48 -49.27
CA VAL C 104 32.54 12.85 -49.81
C VAL C 104 31.26 13.21 -50.58
N GLU C 105 30.73 12.24 -51.32
CA GLU C 105 29.47 12.42 -52.05
C GLU C 105 28.32 12.77 -51.10
N TYR C 106 28.14 11.95 -50.06
CA TYR C 106 27.10 12.18 -49.05
C TYR C 106 27.19 13.57 -48.43
N LEU C 107 28.34 13.89 -47.83
CA LEU C 107 28.58 15.19 -47.18
C LEU C 107 28.29 16.34 -48.13
N THR C 108 28.75 16.20 -49.37
CA THR C 108 28.50 17.17 -50.43
C THR C 108 27.00 17.31 -50.65
N ARG C 109 26.32 16.17 -50.79
CA ARG C 109 24.88 16.14 -51.02
C ARG C 109 24.10 16.84 -49.89
N TYR C 110 24.63 16.78 -48.67
CA TYR C 110 23.99 17.44 -47.53
C TYR C 110 24.25 18.94 -47.48
N VAL C 111 25.41 19.37 -47.97
CA VAL C 111 25.70 20.79 -48.04
C VAL C 111 24.87 21.37 -49.17
N ALA C 112 24.80 20.62 -50.26
CA ALA C 112 23.95 20.94 -51.41
C ALA C 112 22.47 21.03 -51.05
N GLY C 113 22.03 20.17 -50.13
CA GLY C 113 20.62 20.12 -49.71
C GLY C 113 20.18 21.31 -48.88
N VAL C 114 21.07 21.73 -47.99
CA VAL C 114 20.87 22.95 -47.21
C VAL C 114 20.69 24.12 -48.16
N GLN C 115 21.67 24.28 -49.07
CA GLN C 115 21.68 25.39 -50.01
C GLN C 115 20.39 25.48 -50.79
N GLN C 116 19.95 24.35 -51.33
CA GLN C 116 18.69 24.25 -52.05
C GLN C 116 17.55 24.75 -51.18
N ARG C 117 17.50 24.24 -49.95
CA ARG C 117 16.40 24.51 -49.01
C ARG C 117 16.20 26.01 -48.74
N TYR C 118 17.27 26.78 -48.82
CA TYR C 118 17.20 28.22 -48.65
C TYR C 118 16.69 28.95 -49.89
N THR C 119 16.53 28.22 -50.99
CA THR C 119 16.03 28.82 -52.22
C THR C 119 14.52 28.60 -52.40
N GLN C 120 13.91 27.80 -51.52
CA GLN C 120 12.45 27.69 -51.51
C GLN C 120 11.79 27.69 -50.13
N SER C 121 12.49 28.24 -49.14
CA SER C 121 11.89 28.56 -47.85
C SER C 121 11.59 30.05 -47.78
N GLY C 122 10.44 30.39 -47.17
CA GLY C 122 10.05 31.78 -46.95
C GLY C 122 10.91 32.46 -45.89
N GLY C 123 11.15 33.76 -46.08
CA GLY C 123 11.84 34.57 -45.09
C GLY C 123 13.36 34.47 -45.08
N VAL C 124 13.91 33.64 -45.97
CA VAL C 124 15.37 33.49 -46.10
C VAL C 124 15.87 33.81 -47.51
N ARG C 125 17.12 34.24 -47.60
CA ARG C 125 17.79 34.39 -48.89
C ARG C 125 18.75 33.21 -49.13
N PRO C 126 19.06 32.90 -50.41
CA PRO C 126 20.04 31.88 -50.74
C PRO C 126 21.42 32.19 -50.16
N PHE C 127 22.27 31.17 -50.10
CA PHE C 127 23.66 31.34 -49.65
C PHE C 127 24.51 31.97 -50.75
N GLY C 128 25.15 33.08 -50.45
CA GLY C 128 26.08 33.71 -51.39
C GLY C 128 27.40 32.96 -51.41
N VAL C 129 27.33 31.65 -51.63
CA VAL C 129 28.49 30.75 -51.54
C VAL C 129 28.40 29.58 -52.50
N SER C 130 29.51 29.33 -53.19
CA SER C 130 29.77 28.06 -53.88
C SER C 130 30.91 27.37 -53.15
N THR C 131 30.84 26.06 -53.04
CA THR C 131 31.88 25.32 -52.31
C THR C 131 32.62 24.32 -53.18
N LEU C 132 33.87 24.07 -52.79
CA LEU C 132 34.62 22.92 -53.28
C LEU C 132 34.85 21.97 -52.10
N ILE C 133 34.32 20.76 -52.22
CA ILE C 133 34.48 19.72 -51.19
C ILE C 133 35.38 18.61 -51.70
N ALA C 134 36.42 18.31 -50.93
CA ALA C 134 37.46 17.38 -51.34
C ALA C 134 37.87 16.42 -50.22
N GLY C 135 38.36 15.24 -50.59
CA GLY C 135 38.84 14.25 -49.63
C GLY C 135 38.77 12.80 -50.09
N PHE C 136 38.92 11.90 -49.12
CA PHE C 136 38.93 10.46 -49.39
C PHE C 136 37.89 9.73 -48.55
N ASP C 137 37.14 8.84 -49.19
CA ASP C 137 36.16 8.01 -48.48
C ASP C 137 36.87 7.05 -47.52
N PRO C 138 36.20 6.64 -46.42
CA PRO C 138 36.87 5.78 -45.44
C PRO C 138 37.39 4.49 -46.06
N ARG C 139 38.67 4.18 -45.77
CA ARG C 139 39.36 2.98 -46.27
C ARG C 139 39.52 2.96 -47.80
N ASP C 140 39.20 4.07 -48.46
CA ASP C 140 39.29 4.19 -49.90
C ASP C 140 40.43 5.13 -50.27
N ASP C 141 41.21 4.74 -51.28
CA ASP C 141 42.37 5.51 -51.72
C ASP C 141 42.13 6.19 -53.08
N GLU C 142 40.86 6.29 -53.47
CA GLU C 142 40.47 7.01 -54.67
C GLU C 142 40.05 8.44 -54.29
N PRO C 143 40.70 9.45 -54.92
CA PRO C 143 40.46 10.85 -54.59
C PRO C 143 39.11 11.37 -55.07
N LYS C 144 38.53 12.30 -54.31
CA LYS C 144 37.19 12.84 -54.59
C LYS C 144 37.21 14.37 -54.61
N LEU C 145 36.54 14.97 -55.59
CA LEU C 145 36.38 16.42 -55.65
C LEU C 145 35.00 16.81 -56.15
N TYR C 146 34.31 17.63 -55.35
CA TYR C 146 32.92 18.00 -55.60
C TYR C 146 32.70 19.51 -55.48
N GLN C 147 31.80 20.03 -56.30
CA GLN C 147 31.45 21.45 -56.28
C GLN C 147 29.95 21.64 -56.04
N THR C 148 29.62 22.58 -55.16
CA THR C 148 28.24 22.95 -54.89
C THR C 148 28.03 24.42 -55.22
N GLU C 149 26.77 24.83 -55.38
CA GLU C 149 26.45 26.22 -55.70
C GLU C 149 25.10 26.66 -55.12
N PRO C 150 24.86 27.99 -55.00
CA PRO C 150 23.66 28.52 -54.34
C PRO C 150 22.34 27.85 -54.69
N SER C 151 22.20 27.31 -55.90
CA SER C 151 20.97 26.64 -56.31
C SER C 151 20.78 25.27 -55.64
N GLY C 152 21.86 24.75 -55.07
CA GLY C 152 21.88 23.45 -54.44
C GLY C 152 22.36 22.33 -55.36
N ILE C 153 22.76 22.69 -56.57
CA ILE C 153 23.30 21.73 -57.54
C ILE C 153 24.72 21.33 -57.16
N TYR C 154 25.00 20.03 -57.29
CA TYR C 154 26.32 19.50 -56.99
C TYR C 154 26.74 18.48 -58.05
N SER C 155 28.06 18.35 -58.24
CA SER C 155 28.63 17.38 -59.17
C SER C 155 30.13 17.25 -58.93
N SER C 156 30.72 16.18 -59.47
CA SER C 156 32.16 15.91 -59.26
C SER C 156 33.02 16.34 -60.45
N TRP C 157 34.20 16.85 -60.13
CA TRP C 157 35.10 17.42 -61.11
C TRP C 157 36.49 16.82 -60.99
N SER C 158 37.12 16.54 -62.12
CA SER C 158 38.53 16.19 -62.17
C SER C 158 39.33 17.39 -61.70
N ALA C 159 38.90 18.57 -62.16
CA ALA C 159 39.47 19.85 -61.76
C ALA C 159 38.40 20.92 -61.88
N GLN C 160 38.41 21.85 -60.93
CA GLN C 160 37.45 22.95 -60.95
C GLN C 160 37.94 24.15 -60.16
N THR C 161 37.43 25.32 -60.55
CA THR C 161 37.72 26.58 -59.88
C THR C 161 36.45 27.42 -59.79
N ILE C 162 36.37 28.26 -58.76
CA ILE C 162 35.25 29.16 -58.55
C ILE C 162 35.74 30.51 -58.02
N GLY C 163 34.88 31.53 -58.11
CA GLY C 163 35.23 32.87 -57.66
C GLY C 163 35.64 33.78 -58.81
N ARG C 164 36.25 34.92 -58.48
CA ARG C 164 36.62 35.91 -59.48
C ARG C 164 37.71 35.37 -60.40
N ASN C 165 37.56 35.67 -61.70
CA ASN C 165 38.50 35.25 -62.74
C ASN C 165 38.63 33.72 -62.85
N SER C 166 37.57 33.00 -62.47
CA SER C 166 37.57 31.55 -62.56
C SER C 166 37.49 31.09 -64.03
N LYS C 167 37.03 32.00 -64.89
CA LYS C 167 37.00 31.76 -66.33
C LYS C 167 38.43 31.60 -66.85
N THR C 168 39.31 32.49 -66.39
CA THR C 168 40.73 32.49 -66.76
C THR C 168 41.46 31.22 -66.32
N VAL C 169 41.22 30.81 -65.08
CA VAL C 169 41.85 29.60 -64.53
C VAL C 169 41.20 28.31 -65.06
N ARG C 170 39.89 28.33 -65.30
CA ARG C 170 39.21 27.16 -65.88
C ARG C 170 39.73 26.86 -67.28
N GLU C 171 39.92 27.91 -68.09
CA GLU C 171 40.51 27.77 -69.42
C GLU C 171 41.91 27.17 -69.37
N PHE C 172 42.66 27.54 -68.33
CA PHE C 172 44.01 27.01 -68.11
C PHE C 172 43.99 25.51 -67.82
N LEU C 173 43.06 25.09 -66.95
CA LEU C 173 42.96 23.68 -66.56
C LEU C 173 42.41 22.81 -67.69
N GLU C 174 41.52 23.38 -68.49
CA GLU C 174 40.90 22.64 -69.60
C GLU C 174 41.89 22.21 -70.67
N LYS C 175 43.01 22.93 -70.77
CA LYS C 175 44.05 22.58 -71.73
C LYS C 175 45.28 21.91 -71.09
N ASN C 176 45.44 22.08 -69.78
CA ASN C 176 46.61 21.54 -69.07
C ASN C 176 46.38 20.23 -68.31
N TYR C 177 45.15 20.01 -67.86
CA TYR C 177 44.82 18.78 -67.14
C TYR C 177 44.45 17.66 -68.12
N ASP C 178 45.19 16.56 -68.02
CA ASP C 178 44.92 15.38 -68.82
C ASP C 178 44.19 14.34 -67.98
N ARG C 179 43.01 13.93 -68.43
CA ARG C 179 42.22 12.92 -67.74
C ARG C 179 42.81 11.52 -67.89
N LYS C 180 43.40 11.26 -69.05
CA LYS C 180 44.07 9.98 -69.33
C LYS C 180 45.14 9.74 -68.26
N GLU C 181 46.12 10.65 -68.18
CA GLU C 181 47.12 10.61 -67.11
C GLU C 181 47.01 11.83 -66.19
N PRO C 182 46.41 11.62 -65.00
CA PRO C 182 46.36 12.65 -63.96
C PRO C 182 47.75 12.87 -63.38
N PRO C 183 47.96 14.00 -62.66
CA PRO C 183 49.22 14.18 -61.93
C PRO C 183 49.56 12.97 -61.06
N ALA C 184 50.66 12.29 -61.39
CA ALA C 184 51.04 11.04 -60.73
C ALA C 184 51.57 11.23 -59.31
N THR C 185 52.32 12.31 -59.11
CA THR C 185 52.92 12.62 -57.81
C THR C 185 52.07 13.62 -57.03
N VAL C 186 52.29 13.69 -55.73
CA VAL C 186 51.72 14.73 -54.88
C VAL C 186 52.34 16.07 -55.29
N GLU C 187 53.66 16.07 -55.44
CA GLU C 187 54.45 17.25 -55.85
C GLU C 187 54.03 17.77 -57.22
N GLU C 188 53.87 16.85 -58.17
CA GLU C 188 53.43 17.17 -59.53
C GLU C 188 52.04 17.82 -59.55
N CYS C 189 51.19 17.40 -58.63
CA CYS C 189 49.81 17.88 -58.55
C CYS C 189 49.71 19.28 -57.92
N VAL C 190 50.64 19.59 -57.03
CA VAL C 190 50.70 20.91 -56.40
C VAL C 190 51.13 21.96 -57.42
N LYS C 191 52.10 21.59 -58.27
CA LYS C 191 52.61 22.48 -59.31
C LYS C 191 51.51 22.96 -60.25
N LEU C 192 50.68 22.02 -60.72
CA LEU C 192 49.58 22.35 -61.62
C LEU C 192 48.57 23.29 -60.98
N THR C 193 48.41 23.18 -59.66
CA THR C 193 47.50 24.05 -58.90
C THR C 193 48.05 25.48 -58.82
N VAL C 194 49.32 25.62 -58.43
CA VAL C 194 49.95 26.94 -58.30
C VAL C 194 50.00 27.66 -59.64
N ARG C 195 50.38 26.92 -60.68
CA ARG C 195 50.45 27.46 -62.05
C ARG C 195 49.14 28.13 -62.48
N SER C 196 48.02 27.50 -62.13
CA SER C 196 46.70 27.99 -62.52
C SER C 196 46.30 29.26 -61.79
N LEU C 197 46.65 29.35 -60.51
CA LEU C 197 46.38 30.56 -59.73
C LEU C 197 47.32 31.70 -60.12
N LEU C 198 48.51 31.35 -60.61
CA LEU C 198 49.48 32.34 -61.07
C LEU C 198 49.03 33.07 -62.34
N GLU C 199 47.97 32.57 -62.97
CA GLU C 199 47.31 33.26 -64.07
C GLU C 199 46.54 34.46 -63.55
N VAL C 200 45.92 34.29 -62.38
CA VAL C 200 45.01 35.27 -61.82
C VAL C 200 45.68 36.19 -60.80
N VAL C 201 46.33 35.61 -59.79
CA VAL C 201 46.93 36.41 -58.72
C VAL C 201 48.36 36.82 -59.04
N GLN C 202 48.72 38.05 -58.67
CA GLN C 202 50.02 38.63 -59.01
C GLN C 202 51.15 38.22 -58.06
N THR C 203 52.05 37.36 -58.54
CA THR C 203 53.19 36.81 -57.79
C THR C 203 52.93 36.66 -56.29
N GLY C 204 52.21 35.60 -55.92
CA GLY C 204 51.70 35.47 -54.56
C GLY C 204 52.45 34.54 -53.61
N ALA C 205 53.33 35.14 -52.81
CA ALA C 205 53.90 34.45 -51.66
C ALA C 205 52.80 34.27 -50.60
N LYS C 206 52.20 35.39 -50.20
CA LYS C 206 51.09 35.42 -49.25
C LYS C 206 49.78 35.12 -49.99
N ASN C 207 49.73 35.46 -51.28
CA ASN C 207 48.50 35.44 -52.06
C ASN C 207 47.93 34.05 -52.38
N ILE C 208 48.78 33.03 -52.36
CA ILE C 208 48.35 31.66 -52.62
C ILE C 208 48.51 30.81 -51.36
N GLU C 209 47.45 30.10 -50.99
CA GLU C 209 47.52 29.11 -49.92
C GLU C 209 47.10 27.73 -50.43
N ILE C 210 47.97 26.75 -50.17
CA ILE C 210 47.76 25.38 -50.66
C ILE C 210 47.55 24.38 -49.51
N THR C 211 46.52 23.55 -49.64
CA THR C 211 46.28 22.45 -48.71
C THR C 211 46.19 21.11 -49.46
N VAL C 212 46.89 20.11 -48.93
CA VAL C 212 46.96 18.79 -49.57
C VAL C 212 46.27 17.74 -48.70
N VAL C 213 45.23 17.12 -49.25
CA VAL C 213 44.55 15.99 -48.61
C VAL C 213 44.94 14.66 -49.27
N LYS C 214 45.36 13.71 -48.44
CA LYS C 214 45.80 12.38 -48.88
C LYS C 214 44.86 11.32 -48.30
N PRO C 215 44.97 10.05 -48.76
CA PRO C 215 44.14 8.98 -48.21
C PRO C 215 44.37 8.75 -46.71
N ASP C 216 43.34 8.22 -46.05
CA ASP C 216 43.36 7.94 -44.61
C ASP C 216 43.65 9.17 -43.74
N SER C 217 42.82 10.20 -43.93
CA SER C 217 42.83 11.41 -43.08
C SER C 217 44.22 12.06 -42.90
N ASP C 218 44.96 12.21 -43.99
CA ASP C 218 46.27 12.84 -43.96
C ASP C 218 46.22 14.22 -44.62
N ILE C 219 45.73 15.21 -43.88
CA ILE C 219 45.56 16.57 -44.40
C ILE C 219 46.61 17.51 -43.80
N VAL C 220 47.34 18.19 -44.67
CA VAL C 220 48.47 19.05 -44.25
C VAL C 220 48.58 20.32 -45.10
N ALA C 221 48.39 21.46 -44.46
CA ALA C 221 48.50 22.76 -45.14
C ALA C 221 49.96 23.18 -45.35
N LEU C 222 50.21 23.83 -46.47
CA LEU C 222 51.55 24.23 -46.87
C LEU C 222 51.92 25.62 -46.38
N SER C 223 53.15 25.79 -45.90
CA SER C 223 53.63 27.08 -45.42
C SER C 223 53.98 28.02 -46.58
N SER C 224 54.25 29.29 -46.24
CA SER C 224 54.67 30.30 -47.23
C SER C 224 56.04 29.97 -47.84
N GLU C 225 56.84 29.20 -47.12
CA GLU C 225 58.18 28.82 -47.54
C GLU C 225 58.12 27.78 -48.67
N GLU C 226 57.29 26.77 -48.48
CA GLU C 226 57.14 25.67 -49.45
C GLU C 226 56.53 26.14 -50.77
N ILE C 227 55.37 26.82 -50.68
CA ILE C 227 54.70 27.40 -51.84
C ILE C 227 55.64 28.33 -52.62
N ASN C 228 56.39 29.13 -51.87
CA ASN C 228 57.37 30.04 -52.47
C ASN C 228 58.33 29.32 -53.41
N GLN C 229 58.74 28.11 -53.04
CA GLN C 229 59.68 27.31 -53.83
C GLN C 229 59.10 26.88 -55.18
N TYR C 230 57.80 26.53 -55.16
CA TYR C 230 57.08 26.17 -56.38
C TYR C 230 57.08 27.35 -57.36
N VAL C 231 56.61 28.50 -56.88
CA VAL C 231 56.56 29.73 -57.68
C VAL C 231 57.96 30.11 -58.21
N THR C 232 58.98 29.95 -57.38
CA THR C 232 60.38 30.22 -57.78
C THR C 232 60.80 29.35 -58.97
N GLN C 233 60.37 28.10 -58.96
CA GLN C 233 60.66 27.17 -60.05
C GLN C 233 59.79 27.43 -61.27
N ILE C 234 58.50 27.66 -61.04
CA ILE C 234 57.51 27.86 -62.10
C ILE C 234 57.84 29.02 -63.04
N GLU C 235 58.29 30.14 -62.47
CA GLU C 235 58.64 31.32 -63.27
C GLU C 235 59.98 31.19 -64.00
N GLN C 236 60.78 30.21 -63.58
CA GLN C 236 62.03 29.91 -64.27
C GLN C 236 61.80 29.00 -65.48
N GLU C 237 60.66 28.32 -65.50
CA GLU C 237 60.26 27.47 -66.62
C GLU C 237 60.09 28.27 -67.91
N LYS C 238 59.46 29.44 -67.79
CA LYS C 238 59.20 30.33 -68.93
C LYS C 238 60.50 30.82 -69.59
N GLN C 239 61.42 31.30 -68.77
CA GLN C 239 62.62 32.00 -69.23
C GLN C 239 63.60 31.14 -70.04
N GLU C 240 63.51 29.83 -69.88
CA GLU C 240 64.39 28.90 -70.62
C GLU C 240 64.09 28.91 -72.13
N GLN C 241 62.83 29.18 -72.46
CA GLN C 241 62.35 29.18 -73.84
C GLN C 241 62.85 30.39 -74.62
N ASP D 1 4.67 44.64 -53.60
CA ASP D 1 4.78 43.78 -54.81
C ASP D 1 3.43 43.17 -55.20
N ARG D 2 3.29 41.86 -55.07
CA ARG D 2 2.09 41.13 -55.49
C ARG D 2 2.10 39.74 -54.85
N GLY D 3 0.91 39.21 -54.55
CA GLY D 3 0.78 37.86 -53.97
C GLY D 3 1.46 36.80 -54.81
N VAL D 4 2.05 35.80 -54.15
CA VAL D 4 2.77 34.73 -54.84
C VAL D 4 1.84 33.76 -55.58
N SER D 5 0.77 33.35 -54.90
CA SER D 5 -0.29 32.59 -55.56
C SER D 5 -1.40 33.56 -55.96
N THR D 6 -1.20 34.22 -57.09
CA THR D 6 -2.12 35.21 -57.63
C THR D 6 -2.53 34.81 -59.05
N PHE D 7 -3.82 34.91 -59.33
CA PHE D 7 -4.34 34.62 -60.66
C PHE D 7 -4.10 35.77 -61.63
N SER D 8 -3.75 35.42 -62.87
CA SER D 8 -3.66 36.40 -63.95
C SER D 8 -5.08 36.69 -64.45
N PRO D 9 -5.28 37.83 -65.14
CA PRO D 9 -6.60 38.12 -65.71
C PRO D 9 -7.07 37.03 -66.67
N GLU D 10 -6.13 36.26 -67.21
CA GLU D 10 -6.43 35.16 -68.12
C GLU D 10 -6.96 33.93 -67.39
N GLY D 11 -6.60 33.79 -66.11
CA GLY D 11 -7.08 32.70 -65.27
C GLY D 11 -6.03 31.67 -64.89
N ARG D 12 -4.77 32.07 -64.91
CA ARG D 12 -3.66 31.17 -64.57
C ARG D 12 -2.82 31.69 -63.42
N LEU D 13 -2.06 30.81 -62.79
CA LEU D 13 -1.21 31.18 -61.67
C LEU D 13 0.17 31.63 -62.14
N PHE D 14 0.50 32.89 -61.85
CA PHE D 14 1.75 33.52 -62.27
C PHE D 14 2.98 32.68 -61.95
N GLN D 15 3.09 32.22 -60.70
CA GLN D 15 4.26 31.46 -60.25
C GLN D 15 4.42 30.11 -60.93
N VAL D 16 3.30 29.45 -61.23
CA VAL D 16 3.29 28.16 -61.92
C VAL D 16 3.75 28.31 -63.36
N GLU D 17 3.24 29.34 -64.04
CA GLU D 17 3.53 29.60 -65.45
C GLU D 17 4.99 29.93 -65.67
N TYR D 18 5.55 30.77 -64.79
CA TYR D 18 6.97 31.15 -64.86
C TYR D 18 7.86 29.95 -64.58
N SER D 19 7.40 29.10 -63.64
CA SER D 19 8.04 27.83 -63.34
C SER D 19 8.13 26.93 -64.57
N LEU D 20 7.04 26.88 -65.35
CA LEU D 20 6.98 26.15 -66.61
C LEU D 20 8.03 26.63 -67.63
N GLU D 21 8.36 27.91 -67.57
CA GLU D 21 9.40 28.49 -68.43
C GLU D 21 10.82 28.12 -67.98
N ALA D 22 10.97 27.85 -66.68
CA ALA D 22 12.25 27.38 -66.13
C ALA D 22 12.57 25.96 -66.57
N ILE D 23 11.51 25.19 -66.85
CA ILE D 23 11.62 23.80 -67.25
C ILE D 23 12.03 23.67 -68.72
N LYS D 24 11.64 24.65 -69.53
CA LYS D 24 12.03 24.70 -70.93
C LYS D 24 13.52 24.99 -71.11
N LEU D 25 14.17 25.48 -70.06
CA LEU D 25 15.61 25.72 -70.07
C LEU D 25 16.42 24.48 -69.72
N GLY D 26 15.77 23.50 -69.08
CA GLY D 26 16.42 22.28 -68.63
C GLY D 26 16.80 21.30 -69.74
N SER D 27 17.51 20.25 -69.34
CA SER D 27 17.96 19.19 -70.25
C SER D 27 16.79 18.32 -70.70
N THR D 28 16.90 17.79 -71.92
CA THR D 28 15.86 16.94 -72.51
C THR D 28 15.74 15.60 -71.78
N ALA D 29 14.50 15.13 -71.65
CA ALA D 29 14.22 13.82 -71.08
C ALA D 29 13.09 13.17 -71.86
N ILE D 30 13.25 11.89 -72.17
CA ILE D 30 12.28 11.17 -73.01
C ILE D 30 11.82 9.87 -72.36
N GLY D 31 10.51 9.64 -72.38
CA GLY D 31 9.92 8.40 -71.90
C GLY D 31 9.08 7.74 -72.98
N ILE D 32 9.23 6.43 -73.15
CA ILE D 32 8.42 5.65 -74.08
C ILE D 32 7.90 4.39 -73.40
N ALA D 33 6.59 4.19 -73.48
CA ALA D 33 5.93 3.05 -72.83
C ALA D 33 5.56 1.96 -73.83
N THR D 34 6.02 0.73 -73.56
CA THR D 34 5.68 -0.44 -74.38
C THR D 34 5.16 -1.57 -73.50
N LYS D 35 4.58 -2.58 -74.13
CA LYS D 35 4.06 -3.75 -73.42
C LYS D 35 5.18 -4.69 -72.95
N GLU D 36 6.41 -4.41 -73.37
CA GLU D 36 7.59 -5.12 -72.88
C GLU D 36 8.32 -4.34 -71.80
N GLY D 37 7.95 -3.08 -71.62
CA GLY D 37 8.57 -2.21 -70.62
C GLY D 37 8.48 -0.72 -70.93
N VAL D 38 8.90 0.10 -69.98
CA VAL D 38 8.94 1.55 -70.18
C VAL D 38 10.41 1.97 -70.21
N VAL D 39 10.76 2.87 -71.12
CA VAL D 39 12.15 3.34 -71.29
C VAL D 39 12.28 4.83 -70.97
N LEU D 40 13.28 5.16 -70.17
CA LEU D 40 13.60 6.55 -69.81
C LEU D 40 15.01 6.94 -70.26
N GLY D 41 15.10 8.02 -71.04
CA GLY D 41 16.38 8.56 -71.47
C GLY D 41 16.52 10.04 -71.15
N VAL D 42 17.74 10.47 -70.84
CA VAL D 42 18.04 11.88 -70.58
C VAL D 42 19.32 12.35 -71.26
N GLU D 43 19.41 13.66 -71.48
CA GLU D 43 20.64 14.33 -71.87
C GLU D 43 21.37 14.73 -70.60
N LYS D 44 22.64 14.35 -70.49
CA LYS D 44 23.46 14.75 -69.34
C LYS D 44 23.78 16.24 -69.36
N ARG D 45 24.23 16.73 -70.51
CA ARG D 45 24.60 18.14 -70.70
C ARG D 45 25.61 18.67 -69.66
N ALA D 46 26.86 18.25 -69.78
CA ALA D 46 27.93 18.77 -68.94
C ALA D 46 28.36 20.15 -69.44
N THR D 47 28.51 21.09 -68.53
CA THR D 47 28.86 22.48 -68.88
C THR D 47 30.33 22.68 -69.19
N SER D 48 31.18 21.78 -68.71
CA SER D 48 32.61 21.81 -68.99
C SER D 48 33.13 20.38 -69.21
N PRO D 49 34.20 20.22 -70.01
CA PRO D 49 34.77 18.88 -70.21
C PRO D 49 35.43 18.28 -68.96
N LEU D 50 35.72 19.12 -67.96
CA LEU D 50 36.33 18.66 -66.70
C LEU D 50 35.32 18.01 -65.75
N LEU D 51 34.04 18.28 -66.00
CA LEU D 51 32.94 17.72 -65.23
C LEU D 51 32.86 16.20 -65.44
N GLU D 52 32.84 15.44 -64.35
CA GLU D 52 32.75 13.98 -64.44
C GLU D 52 31.30 13.56 -64.70
N SER D 53 31.03 13.20 -65.95
CA SER D 53 29.68 13.06 -66.48
C SER D 53 28.78 12.05 -65.77
N ASP D 54 29.37 10.97 -65.27
CA ASP D 54 28.57 9.94 -64.58
C ASP D 54 28.14 10.33 -63.15
N SER D 55 28.50 11.54 -62.74
CA SER D 55 27.99 12.10 -61.50
C SER D 55 26.77 12.99 -61.76
N ILE D 56 26.24 12.95 -62.98
CA ILE D 56 25.00 13.64 -63.32
C ILE D 56 23.83 12.66 -63.17
N GLU D 57 23.19 12.73 -62.01
CA GLU D 57 22.13 11.82 -61.63
C GLU D 57 20.78 12.44 -61.98
N LYS D 58 20.35 12.23 -63.23
CA LYS D 58 19.06 12.72 -63.69
C LYS D 58 18.07 11.57 -63.88
N ILE D 59 18.54 10.36 -63.55
CA ILE D 59 17.67 9.18 -63.47
C ILE D 59 17.83 8.62 -62.06
N VAL D 60 16.69 8.44 -61.37
CA VAL D 60 16.71 7.91 -60.00
C VAL D 60 15.67 6.82 -59.78
N GLU D 61 16.05 5.83 -58.97
CA GLU D 61 15.13 4.77 -58.56
C GLU D 61 14.22 5.26 -57.42
N ILE D 62 12.92 5.10 -57.61
CA ILE D 62 11.95 5.42 -56.56
C ILE D 62 11.57 4.17 -55.77
N ASP D 63 11.27 3.09 -56.49
CA ASP D 63 11.17 1.75 -55.90
C ASP D 63 11.57 0.75 -56.98
N ARG D 64 11.63 -0.54 -56.62
CA ARG D 64 12.07 -1.58 -57.55
C ARG D 64 11.22 -1.62 -58.82
N HIS D 65 10.00 -1.10 -58.73
CA HIS D 65 9.07 -1.12 -59.85
C HIS D 65 8.72 0.27 -60.38
N ILE D 66 9.35 1.31 -59.83
CA ILE D 66 9.08 2.70 -60.22
C ILE D 66 10.36 3.53 -60.35
N GLY D 67 10.56 4.10 -61.54
CA GLY D 67 11.71 4.95 -61.81
C GLY D 67 11.34 6.37 -62.19
N CYS D 68 12.32 7.26 -62.17
CA CYS D 68 12.08 8.69 -62.34
C CYS D 68 13.12 9.40 -63.21
N ALA D 69 12.65 10.19 -64.16
CA ALA D 69 13.51 11.05 -64.96
C ALA D 69 13.06 12.48 -64.80
N MET D 70 14.02 13.39 -64.61
CA MET D 70 13.75 14.79 -64.30
C MET D 70 14.20 15.75 -65.40
N SER D 71 13.68 16.98 -65.36
CA SER D 71 14.09 18.04 -66.27
C SER D 71 13.78 19.42 -65.68
N GLY D 72 14.78 20.28 -65.63
CA GLY D 72 14.60 21.64 -65.16
C GLY D 72 15.62 21.98 -64.09
N LEU D 73 15.16 22.66 -63.04
CA LEU D 73 15.99 22.91 -61.87
C LEU D 73 16.05 21.62 -61.05
N THR D 74 17.17 20.91 -61.18
CA THR D 74 17.29 19.53 -60.69
C THR D 74 17.49 19.38 -59.19
N ALA D 75 18.08 20.39 -58.56
CA ALA D 75 18.23 20.36 -57.11
C ALA D 75 16.86 20.41 -56.43
N ASP D 76 15.89 21.04 -57.10
CA ASP D 76 14.50 21.08 -56.64
C ASP D 76 13.87 19.69 -56.55
N ALA D 77 14.47 18.71 -57.20
CA ALA D 77 13.89 17.37 -57.26
C ALA D 77 14.27 16.45 -56.09
N ARG D 78 15.35 16.76 -55.39
CA ARG D 78 15.81 15.91 -54.27
C ARG D 78 14.67 15.57 -53.31
N SER D 79 13.95 16.60 -52.87
CA SER D 79 12.89 16.44 -51.86
C SER D 79 11.61 15.84 -52.43
N MET D 80 11.43 15.94 -53.75
CA MET D 80 10.29 15.30 -54.41
C MET D 80 10.52 13.80 -54.54
N ILE D 81 11.80 13.43 -54.71
CA ILE D 81 12.22 12.04 -54.80
C ILE D 81 12.18 11.39 -53.43
N GLU D 82 12.73 12.09 -52.45
CA GLU D 82 12.70 11.66 -51.06
C GLU D 82 11.27 11.37 -50.62
N HIS D 83 10.36 12.30 -50.89
CA HIS D 83 8.94 12.10 -50.59
C HIS D 83 8.44 10.84 -51.28
N ALA D 84 8.72 10.73 -52.57
CA ALA D 84 8.28 9.61 -53.39
C ALA D 84 8.67 8.23 -52.84
N ARG D 85 9.95 8.08 -52.48
CA ARG D 85 10.47 6.82 -51.94
C ARG D 85 9.81 6.49 -50.61
N THR D 86 9.64 7.51 -49.77
CA THR D 86 9.05 7.36 -48.45
C THR D 86 7.58 6.97 -48.58
N ALA D 87 6.90 7.53 -49.58
CA ALA D 87 5.53 7.16 -49.89
C ALA D 87 5.45 5.69 -50.28
N ALA D 88 6.36 5.28 -51.17
CA ALA D 88 6.44 3.91 -51.69
C ALA D 88 6.72 2.89 -50.60
N VAL D 89 7.78 3.12 -49.85
CA VAL D 89 8.21 2.23 -48.77
C VAL D 89 7.19 2.23 -47.62
N THR D 90 6.63 3.40 -47.34
CA THR D 90 5.57 3.55 -46.33
C THR D 90 4.29 2.81 -46.71
N HIS D 91 3.94 2.83 -47.99
CA HIS D 91 2.77 2.09 -48.47
C HIS D 91 2.97 0.60 -48.28
N ASN D 92 4.21 0.15 -48.52
CA ASN D 92 4.55 -1.26 -48.38
C ASN D 92 4.48 -1.73 -46.93
N LEU D 93 4.81 -0.83 -46.01
CA LEU D 93 4.77 -1.12 -44.58
C LEU D 93 3.36 -1.31 -44.05
N TYR D 94 2.43 -0.46 -44.48
CA TYR D 94 1.03 -0.56 -44.05
C TYR D 94 0.26 -1.68 -44.74
N TYR D 95 0.61 -1.97 -45.99
CA TYR D 95 -0.23 -2.81 -46.83
C TYR D 95 0.42 -4.09 -47.39
N ASP D 96 1.72 -4.27 -47.12
CA ASP D 96 2.44 -5.47 -47.56
C ASP D 96 2.32 -5.72 -49.08
N GLU D 97 2.24 -4.65 -49.85
CA GLU D 97 2.09 -4.73 -51.30
C GLU D 97 2.84 -3.59 -51.97
N ASP D 98 2.92 -3.63 -53.29
CA ASP D 98 3.56 -2.56 -54.06
C ASP D 98 2.61 -1.40 -54.34
N ILE D 99 3.05 -0.19 -54.04
CA ILE D 99 2.30 1.03 -54.35
C ILE D 99 2.04 1.15 -55.85
N ASN D 100 0.82 1.52 -56.21
CA ASN D 100 0.45 1.75 -57.59
C ASN D 100 1.11 3.00 -58.17
N VAL D 101 1.72 2.85 -59.34
CA VAL D 101 2.36 3.95 -60.08
C VAL D 101 1.45 5.19 -60.11
N GLU D 102 0.17 4.97 -60.41
CA GLU D 102 -0.84 6.02 -60.46
C GLU D 102 -0.94 6.81 -59.14
N SER D 103 -0.98 6.09 -58.02
CA SER D 103 -1.12 6.68 -56.67
C SER D 103 0.18 7.27 -56.14
N LEU D 104 1.30 6.71 -56.57
CA LEU D 104 2.61 7.26 -56.25
C LEU D 104 2.76 8.63 -56.91
N THR D 105 2.31 8.72 -58.16
CA THR D 105 2.36 9.97 -58.93
C THR D 105 1.48 11.01 -58.24
N GLN D 106 0.25 10.61 -57.93
CA GLN D 106 -0.72 11.47 -57.26
C GLN D 106 -0.17 12.05 -55.95
N SER D 107 0.59 11.24 -55.22
CA SER D 107 1.24 11.67 -53.98
C SER D 107 2.25 12.79 -54.19
N VAL D 108 3.07 12.66 -55.23
CA VAL D 108 4.08 13.65 -55.59
C VAL D 108 3.43 14.98 -55.98
N CYS D 109 2.40 14.89 -56.83
CA CYS D 109 1.66 16.07 -57.28
C CYS D 109 0.93 16.81 -56.16
N ASP D 110 0.62 16.12 -55.08
CA ASP D 110 -0.04 16.72 -53.90
C ASP D 110 0.88 17.71 -53.18
N LEU D 111 2.19 17.44 -53.22
CA LEU D 111 3.20 18.38 -52.73
C LEU D 111 3.23 19.69 -53.53
N ALA D 112 3.02 19.56 -54.83
CA ALA D 112 3.34 20.62 -55.80
C ALA D 112 2.70 21.99 -55.58
N LEU D 113 1.49 22.03 -55.02
CA LEU D 113 0.83 23.32 -54.76
C LEU D 113 0.91 23.78 -53.30
N ARG D 114 1.81 23.17 -52.53
CA ARG D 114 1.99 23.56 -51.13
C ARG D 114 2.90 24.77 -50.97
N PHE D 115 2.76 25.74 -51.87
CA PHE D 115 3.49 26.99 -51.76
C PHE D 115 2.57 28.15 -51.40
N GLY D 116 3.13 29.21 -50.81
CA GLY D 116 2.37 30.38 -50.40
C GLY D 116 3.05 31.21 -49.31
N GLU D 117 2.27 32.07 -48.66
CA GLU D 117 2.78 32.93 -47.57
C GLU D 117 1.87 32.93 -46.33
N GLY D 118 1.69 31.74 -45.74
CA GLY D 118 0.84 31.57 -44.55
C GLY D 118 -0.65 31.60 -44.90
N ALA D 119 -1.04 30.78 -45.88
CA ALA D 119 -2.38 30.81 -46.49
C ALA D 119 -3.46 30.01 -45.74
N SER D 120 -4.71 30.18 -46.18
CA SER D 120 -5.86 29.44 -45.61
C SER D 120 -5.88 27.98 -46.06
N GLY D 121 -6.52 27.13 -45.26
CA GLY D 121 -6.65 25.70 -45.56
C GLY D 121 -5.80 24.80 -44.68
N GLU D 122 -4.65 24.40 -45.20
CA GLU D 122 -3.75 23.45 -44.52
C GLU D 122 -2.25 23.79 -44.70
N GLU D 123 -1.61 24.16 -43.58
CA GLU D 123 -0.16 24.42 -43.46
C GLU D 123 0.74 24.18 -44.68
N ARG D 124 0.82 25.16 -45.58
CA ARG D 124 1.65 25.05 -46.79
C ARG D 124 2.90 25.94 -46.72
N LEU D 125 3.97 25.37 -46.16
CA LEU D 125 5.24 26.08 -45.99
C LEU D 125 6.23 25.78 -47.13
N MET D 126 6.26 26.68 -48.12
CA MET D 126 7.14 26.61 -49.29
C MET D 126 6.99 27.94 -50.03
N SER D 127 8.11 28.57 -50.38
CA SER D 127 8.08 29.94 -50.88
C SER D 127 7.82 30.08 -52.38
N ARG D 128 7.86 28.95 -53.10
CA ARG D 128 7.70 28.91 -54.55
C ARG D 128 7.46 27.48 -55.04
N PRO D 129 6.83 27.31 -56.22
CA PRO D 129 6.66 25.96 -56.77
C PRO D 129 8.01 25.34 -57.14
N PHE D 130 8.01 24.06 -57.51
CA PHE D 130 9.22 23.41 -57.99
C PHE D 130 9.52 23.88 -59.41
N GLY D 131 10.80 24.04 -59.72
CA GLY D 131 11.22 24.42 -61.06
C GLY D 131 11.65 23.21 -61.85
N VAL D 132 10.94 22.10 -61.67
CA VAL D 132 11.29 20.85 -62.32
C VAL D 132 10.05 20.04 -62.74
N ALA D 133 10.15 19.36 -63.86
CA ALA D 133 9.12 18.42 -64.29
C ALA D 133 9.67 17.00 -64.16
N LEU D 134 8.77 16.03 -64.01
CA LEU D 134 9.17 14.64 -63.82
C LEU D 134 8.50 13.71 -64.82
N LEU D 135 9.23 12.69 -65.22
CA LEU D 135 8.64 11.55 -65.89
C LEU D 135 8.74 10.38 -64.92
N ILE D 136 7.59 9.84 -64.56
CA ILE D 136 7.54 8.70 -63.64
C ILE D 136 7.09 7.48 -64.43
N ALA D 137 7.94 6.46 -64.45
CA ALA D 137 7.63 5.24 -65.18
C ALA D 137 7.63 4.04 -64.25
N GLY D 138 6.80 3.04 -64.56
CA GLY D 138 6.74 1.83 -63.77
C GLY D 138 5.71 0.81 -64.18
N HIS D 139 5.49 -0.15 -63.28
CA HIS D 139 4.57 -1.25 -63.49
C HIS D 139 3.87 -1.65 -62.19
N ASP D 140 2.56 -1.83 -62.27
CA ASP D 140 1.79 -2.44 -61.19
C ASP D 140 0.87 -3.53 -61.73
N ALA D 141 0.38 -4.37 -60.81
CA ALA D 141 -0.46 -5.52 -61.18
C ALA D 141 -1.72 -5.14 -61.96
N ASP D 142 -2.30 -3.99 -61.63
CA ASP D 142 -3.62 -3.60 -62.11
C ASP D 142 -3.62 -2.93 -63.50
N ASP D 143 -2.70 -1.98 -63.70
CA ASP D 143 -2.71 -1.19 -64.93
C ASP D 143 -1.46 -1.34 -65.81
N GLY D 144 -0.61 -2.29 -65.45
CA GLY D 144 0.59 -2.61 -66.25
C GLY D 144 1.61 -1.49 -66.38
N TYR D 145 2.21 -1.40 -67.57
CA TYR D 145 3.26 -0.42 -67.86
C TYR D 145 2.68 0.98 -68.06
N GLN D 146 3.19 1.93 -67.29
CA GLN D 146 2.65 3.29 -67.28
C GLN D 146 3.75 4.36 -67.35
N LEU D 147 3.45 5.45 -68.04
CA LEU D 147 4.32 6.63 -68.06
C LEU D 147 3.52 7.88 -67.69
N PHE D 148 3.95 8.57 -66.65
CA PHE D 148 3.28 9.79 -66.19
C PHE D 148 4.20 11.02 -66.27
N HIS D 149 3.61 12.15 -66.69
CA HIS D 149 4.32 13.43 -66.67
C HIS D 149 3.78 14.28 -65.52
N ALA D 150 4.66 14.65 -64.60
CA ALA D 150 4.25 15.37 -63.40
C ALA D 150 4.70 16.84 -63.41
N GLU D 151 3.76 17.73 -63.74
CA GLU D 151 4.01 19.16 -63.76
C GLU D 151 3.93 19.79 -62.36
N PRO D 152 4.66 20.90 -62.15
CA PRO D 152 4.57 21.66 -60.89
C PRO D 152 3.22 22.33 -60.67
N SER D 153 2.32 22.23 -61.66
CA SER D 153 0.97 22.75 -61.55
C SER D 153 0.11 21.87 -60.64
N GLY D 154 0.54 20.63 -60.46
CA GLY D 154 -0.21 19.67 -59.65
C GLY D 154 -0.91 18.62 -60.49
N THR D 155 -1.04 18.88 -61.79
CA THR D 155 -1.69 17.92 -62.70
C THR D 155 -0.68 16.91 -63.25
N PHE D 156 -1.18 15.75 -63.67
CA PHE D 156 -0.34 14.69 -64.21
C PHE D 156 -1.10 13.92 -65.28
N TYR D 157 -0.51 13.88 -66.47
CA TYR D 157 -1.09 13.14 -67.58
C TYR D 157 -0.36 11.81 -67.72
N ARG D 158 -1.06 10.82 -68.25
CA ARG D 158 -0.42 9.58 -68.65
C ARG D 158 -0.07 9.66 -70.13
N TYR D 159 1.14 9.24 -70.47
CA TYR D 159 1.59 9.29 -71.85
C TYR D 159 2.04 7.92 -72.34
N ASN D 160 1.86 7.69 -73.64
CA ASN D 160 2.50 6.57 -74.32
C ASN D 160 3.96 6.91 -74.60
N ALA D 161 4.20 8.20 -74.86
CA ALA D 161 5.54 8.75 -75.01
C ALA D 161 5.50 10.23 -74.64
N LYS D 162 6.59 10.73 -74.04
CA LYS D 162 6.63 12.12 -73.62
C LYS D 162 8.06 12.66 -73.54
N ALA D 163 8.23 13.87 -74.06
CA ALA D 163 9.50 14.58 -73.98
C ALA D 163 9.35 15.86 -73.16
N ILE D 164 10.35 16.14 -72.31
CA ILE D 164 10.34 17.33 -71.45
C ILE D 164 11.70 18.03 -71.47
N GLY D 165 11.68 19.36 -71.52
CA GLY D 165 12.90 20.15 -71.52
C GLY D 165 13.05 21.07 -72.71
N SER D 166 14.30 21.38 -73.04
CA SER D 166 14.62 22.35 -74.08
C SER D 166 14.08 21.99 -75.47
N GLY D 167 14.31 20.76 -75.90
CA GLY D 167 13.91 20.35 -77.24
C GLY D 167 12.63 19.54 -77.28
N SER D 168 11.73 19.81 -76.33
CA SER D 168 10.55 18.97 -76.11
C SER D 168 9.47 19.04 -77.19
N GLU D 169 9.18 20.23 -77.70
CA GLU D 169 8.13 20.43 -78.71
C GLU D 169 8.48 19.77 -80.05
N GLY D 170 9.76 19.84 -80.42
CA GLY D 170 10.26 19.19 -81.64
C GLY D 170 10.28 17.68 -81.49
N ALA D 171 10.75 17.22 -80.33
CA ALA D 171 10.77 15.80 -80.00
C ALA D 171 9.37 15.18 -79.90
N GLN D 172 8.39 15.99 -79.53
CA GLN D 172 7.01 15.51 -79.32
C GLN D 172 6.30 15.25 -80.64
N ALA D 173 6.53 16.11 -81.63
CA ALA D 173 5.99 15.90 -82.97
C ALA D 173 6.66 14.69 -83.63
N GLU D 174 7.88 14.41 -83.19
CA GLU D 174 8.63 13.25 -83.66
C GLU D 174 8.07 11.96 -83.07
N LEU D 175 7.88 11.95 -81.74
CA LEU D 175 7.32 10.79 -81.05
C LEU D 175 5.87 10.52 -81.46
N LEU D 176 5.16 11.56 -81.88
CA LEU D 176 3.80 11.44 -82.38
C LEU D 176 3.76 10.48 -83.58
N ASN D 177 4.66 10.71 -84.54
CA ASN D 177 4.73 9.94 -85.78
C ASN D 177 5.34 8.54 -85.61
N GLU D 178 6.20 8.37 -84.60
CA GLU D 178 6.98 7.14 -84.44
C GLU D 178 6.31 6.06 -83.57
N TRP D 179 5.59 6.46 -82.53
CA TRP D 179 5.01 5.52 -81.57
C TRP D 179 3.81 4.73 -82.13
N HIS D 180 3.85 3.42 -81.92
CA HIS D 180 2.70 2.54 -82.17
C HIS D 180 2.50 1.59 -80.99
N SER D 181 1.35 0.92 -80.96
CA SER D 181 0.97 0.09 -79.82
C SER D 181 1.74 -1.23 -79.71
N SER D 182 2.42 -1.60 -80.79
CA SER D 182 3.10 -2.90 -80.87
C SER D 182 4.63 -2.81 -80.88
N LEU D 183 5.18 -1.75 -80.30
CA LEU D 183 6.63 -1.55 -80.22
C LEU D 183 7.30 -2.53 -79.25
N THR D 184 8.44 -3.06 -79.65
CA THR D 184 9.26 -3.87 -78.76
C THR D 184 10.18 -2.97 -77.93
N LEU D 185 10.75 -3.52 -76.86
CA LEU D 185 11.62 -2.76 -75.95
C LEU D 185 12.88 -2.25 -76.65
N LYS D 186 13.49 -3.12 -77.47
CA LYS D 186 14.71 -2.75 -78.22
C LYS D 186 14.46 -1.62 -79.21
N GLU D 187 13.30 -1.66 -79.87
CA GLU D 187 12.88 -0.58 -80.78
C GLU D 187 12.70 0.73 -80.01
N ALA D 188 12.20 0.64 -78.78
CA ALA D 188 11.98 1.80 -77.92
C ALA D 188 13.29 2.41 -77.42
N GLU D 189 14.24 1.56 -77.05
CA GLU D 189 15.57 1.98 -76.62
C GLU D 189 16.28 2.78 -77.72
N LEU D 190 16.26 2.23 -78.93
CA LEU D 190 16.84 2.89 -80.10
C LEU D 190 16.10 4.15 -80.51
N LEU D 191 14.79 4.18 -80.21
CA LEU D 191 13.95 5.33 -80.52
C LEU D 191 14.27 6.51 -79.60
N VAL D 192 14.54 6.23 -78.33
CA VAL D 192 14.95 7.26 -77.39
C VAL D 192 16.29 7.86 -77.83
N LEU D 193 17.24 6.98 -78.14
CA LEU D 193 18.56 7.39 -78.59
C LEU D 193 18.52 8.26 -79.85
N LYS D 194 17.62 7.93 -80.77
CA LYS D 194 17.49 8.68 -82.03
C LYS D 194 17.00 10.12 -81.79
N ILE D 195 15.96 10.27 -80.98
CA ILE D 195 15.37 11.59 -80.73
C ILE D 195 16.29 12.50 -79.91
N LEU D 196 16.97 11.95 -78.90
CA LEU D 196 17.95 12.71 -78.11
C LEU D 196 19.08 13.25 -78.97
N LYS D 197 19.59 12.39 -79.86
CA LYS D 197 20.63 12.74 -80.82
C LYS D 197 20.22 13.95 -81.68
N GLN D 198 18.95 13.99 -82.08
CA GLN D 198 18.39 15.05 -82.92
C GLN D 198 18.30 16.43 -82.24
N VAL D 199 17.91 16.45 -80.97
CA VAL D 199 17.65 17.72 -80.26
C VAL D 199 18.85 18.25 -79.47
N MET D 200 19.83 17.39 -79.19
CA MET D 200 21.05 17.79 -78.47
C MET D 200 21.92 18.78 -79.24
N GLU D 201 22.77 19.51 -78.51
CA GLU D 201 23.75 20.40 -79.12
C GLU D 201 25.06 19.66 -79.36
N GLU D 202 25.38 18.75 -78.44
CA GLU D 202 26.59 17.93 -78.56
C GLU D 202 26.30 16.67 -79.39
N LYS D 203 27.37 16.07 -79.92
CA LYS D 203 27.26 14.77 -80.54
C LYS D 203 27.03 13.74 -79.45
N LEU D 204 25.95 12.99 -79.58
CA LEU D 204 25.51 12.03 -78.57
C LEU D 204 26.43 10.81 -78.46
N ASP D 205 26.86 10.51 -77.24
CA ASP D 205 27.65 9.32 -76.95
C ASP D 205 27.30 8.78 -75.56
N GLU D 206 27.94 7.68 -75.17
CA GLU D 206 27.65 6.99 -73.90
C GLU D 206 28.02 7.81 -72.66
N ASN D 207 28.64 8.97 -72.86
CA ASN D 207 29.04 9.83 -71.75
C ASN D 207 28.07 10.96 -71.46
N ASN D 208 27.53 11.59 -72.50
CA ASN D 208 26.62 12.73 -72.31
C ASN D 208 25.13 12.37 -72.42
N ALA D 209 24.83 11.08 -72.50
CA ALA D 209 23.45 10.59 -72.50
C ALA D 209 23.34 9.30 -71.71
N GLN D 210 22.19 9.13 -71.05
CA GLN D 210 21.99 8.01 -70.12
C GLN D 210 20.66 7.30 -70.35
N LEU D 211 20.70 5.98 -70.36
CA LEU D 211 19.51 5.16 -70.56
C LEU D 211 19.08 4.39 -69.31
N SER D 212 17.79 4.08 -69.26
CA SER D 212 17.22 3.24 -68.23
C SER D 212 15.89 2.67 -68.69
N CYS D 213 15.44 1.62 -68.03
CA CYS D 213 14.12 1.05 -68.28
C CYS D 213 13.56 0.40 -67.03
N ILE D 214 12.30 0.01 -67.11
CA ILE D 214 11.67 -0.74 -66.04
C ILE D 214 10.80 -1.83 -66.65
N THR D 215 11.14 -3.07 -66.30
CA THR D 215 10.40 -4.25 -66.74
C THR D 215 9.86 -4.99 -65.51
N LYS D 216 8.86 -5.83 -65.73
CA LYS D 216 8.23 -6.60 -64.66
C LYS D 216 9.21 -7.56 -63.98
N GLN D 217 10.07 -8.18 -64.76
CA GLN D 217 11.01 -9.19 -64.29
C GLN D 217 12.17 -8.60 -63.47
N ASP D 218 13.03 -7.82 -64.13
CA ASP D 218 14.24 -7.29 -63.50
C ASP D 218 14.01 -5.95 -62.78
N GLY D 219 12.81 -5.42 -62.91
CA GLY D 219 12.45 -4.16 -62.26
C GLY D 219 13.04 -2.96 -62.96
N PHE D 220 13.50 -1.98 -62.18
CA PHE D 220 14.06 -0.75 -62.71
C PHE D 220 15.59 -0.76 -62.69
N LYS D 221 16.18 -0.66 -63.89
CA LYS D 221 17.64 -0.64 -64.05
C LYS D 221 18.10 0.62 -64.75
N ILE D 222 19.24 1.15 -64.31
CA ILE D 222 19.94 2.21 -65.03
C ILE D 222 21.06 1.54 -65.81
N TYR D 223 21.06 1.73 -67.13
CA TYR D 223 22.05 1.13 -68.01
C TYR D 223 23.45 1.69 -67.73
N ASP D 224 24.42 0.79 -67.66
CA ASP D 224 25.83 1.19 -67.57
C ASP D 224 26.28 1.78 -68.90
N ASN D 225 27.36 2.56 -68.87
CA ASN D 225 27.84 3.25 -70.07
C ASN D 225 28.25 2.31 -71.20
N GLU D 226 28.84 1.17 -70.86
CA GLU D 226 29.32 0.18 -71.84
C GLU D 226 28.17 -0.48 -72.61
N LYS D 227 27.01 -0.55 -71.98
CA LYS D 227 25.81 -1.13 -72.59
C LYS D 227 25.20 -0.17 -73.60
N THR D 228 25.00 1.09 -73.19
CA THR D 228 24.40 2.11 -74.04
C THR D 228 25.29 2.41 -75.26
N ALA D 229 26.60 2.40 -75.04
CA ALA D 229 27.57 2.57 -76.13
C ALA D 229 27.29 1.61 -77.29
N GLU D 230 26.94 0.37 -76.96
CA GLU D 230 26.67 -0.66 -77.95
C GLU D 230 25.34 -0.49 -78.66
N LEU D 231 24.41 0.22 -78.03
CA LEU D 231 23.13 0.54 -78.63
C LEU D 231 23.24 1.77 -79.53
N ILE D 232 24.13 2.68 -79.17
CA ILE D 232 24.46 3.85 -80.00
C ILE D 232 25.16 3.39 -81.27
N LYS D 233 26.06 2.43 -81.12
CA LYS D 233 26.73 1.79 -82.25
C LYS D 233 25.71 1.11 -83.17
N GLU D 234 24.74 0.43 -82.56
CA GLU D 234 23.71 -0.30 -83.30
C GLU D 234 22.74 0.63 -84.05
N LEU D 235 22.47 1.80 -83.50
CA LEU D 235 21.58 2.80 -84.11
C LEU D 235 22.20 3.36 -85.38
N LYS D 236 23.44 3.81 -85.27
CA LYS D 236 24.18 4.40 -86.38
C LYS D 236 24.26 3.45 -87.58
N GLU D 237 24.38 2.17 -87.30
CA GLU D 237 24.40 1.12 -88.34
C GLU D 237 23.06 1.01 -89.07
N LYS D 238 21.97 1.30 -88.37
CA LYS D 238 20.63 1.13 -88.91
C LYS D 238 20.13 2.33 -89.70
N GLU D 239 20.47 3.53 -89.24
CA GLU D 239 20.16 4.76 -89.97
C GLU D 239 20.92 4.82 -91.30
N ALA D 240 22.16 4.35 -91.27
CA ALA D 240 23.00 4.25 -92.47
C ALA D 240 22.44 3.20 -93.44
N ALA D 241 21.78 2.18 -92.92
CA ALA D 241 21.16 1.14 -93.73
C ALA D 241 20.01 1.68 -94.56
N GLU D 242 19.13 2.45 -93.93
CA GLU D 242 18.08 3.17 -94.65
C GLU D 242 17.83 4.56 -94.06
N PHE E 1 -7.02 51.69 -64.05
CA PHE E 1 -8.16 51.22 -63.22
C PHE E 1 -7.83 49.88 -62.54
N ARG E 2 -8.12 48.78 -63.25
CA ARG E 2 -8.09 47.42 -62.71
C ARG E 2 -6.73 47.01 -62.16
N ASN E 3 -5.69 47.65 -62.68
CA ASN E 3 -4.31 47.41 -62.31
C ASN E 3 -4.04 47.33 -60.80
N ASN E 4 -4.66 48.24 -60.06
CA ASN E 4 -4.36 48.43 -58.63
C ASN E 4 -5.22 47.60 -57.68
N TYR E 5 -6.26 46.95 -58.20
CA TYR E 5 -7.24 46.28 -57.35
C TYR E 5 -7.31 44.76 -57.56
N ASP E 6 -6.24 44.18 -58.10
CA ASP E 6 -6.21 42.74 -58.36
C ASP E 6 -5.00 42.01 -57.76
N GLY E 7 -4.28 42.68 -56.87
CA GLY E 7 -3.09 42.10 -56.23
C GLY E 7 -3.37 40.95 -55.27
N ASP E 8 -4.53 41.00 -54.62
CA ASP E 8 -4.98 39.96 -53.68
C ASP E 8 -6.49 40.02 -53.49
N THR E 9 -7.06 39.00 -52.87
CA THR E 9 -8.50 38.90 -52.67
C THR E 9 -9.01 39.75 -51.51
N VAL E 10 -8.07 40.31 -50.75
CA VAL E 10 -8.38 41.15 -49.60
C VAL E 10 -8.89 42.55 -50.01
N THR E 11 -8.67 42.92 -51.27
CA THR E 11 -8.94 44.28 -51.76
C THR E 11 -10.22 44.37 -52.59
N PHE E 12 -11.02 45.40 -52.33
CA PHE E 12 -12.22 45.71 -53.11
C PHE E 12 -11.91 46.74 -54.19
N SER E 13 -12.55 46.60 -55.34
CA SER E 13 -12.49 47.62 -56.39
C SER E 13 -13.49 48.74 -56.06
N PRO E 14 -13.30 49.93 -56.66
CA PRO E 14 -14.21 51.05 -56.39
C PRO E 14 -15.66 50.75 -56.75
N THR E 15 -15.85 49.90 -57.77
CA THR E 15 -17.18 49.46 -58.20
C THR E 15 -17.80 48.46 -57.23
N GLY E 16 -16.95 47.80 -56.44
CA GLY E 16 -17.39 46.82 -55.44
C GLY E 16 -17.09 45.38 -55.82
N ARG E 17 -16.17 45.20 -56.77
CA ARG E 17 -15.86 43.88 -57.31
C ARG E 17 -14.59 43.30 -56.69
N LEU E 18 -14.53 41.98 -56.66
CA LEU E 18 -13.34 41.27 -56.21
C LEU E 18 -12.70 40.58 -57.39
N PHE E 19 -11.67 41.22 -57.95
CA PHE E 19 -11.07 40.78 -59.21
C PHE E 19 -10.39 39.42 -59.15
N GLN E 20 -9.73 39.12 -58.04
CA GLN E 20 -9.08 37.82 -57.87
C GLN E 20 -10.08 36.67 -57.95
N VAL E 21 -11.26 36.89 -57.36
CA VAL E 21 -12.36 35.92 -57.46
C VAL E 21 -12.82 35.81 -58.92
N GLU E 22 -12.92 36.96 -59.59
CA GLU E 22 -13.41 37.02 -60.97
C GLU E 22 -12.45 36.40 -61.99
N TYR E 23 -11.14 36.48 -61.72
CA TYR E 23 -10.15 35.81 -62.56
C TYR E 23 -10.20 34.29 -62.35
N ALA E 24 -10.49 33.88 -61.13
CA ALA E 24 -10.67 32.47 -60.81
C ALA E 24 -11.84 31.89 -61.60
N LEU E 25 -12.89 32.70 -61.76
CA LEU E 25 -14.04 32.34 -62.58
C LEU E 25 -13.66 32.11 -64.03
N GLU E 26 -12.66 32.87 -64.50
CA GLU E 26 -12.20 32.77 -65.88
C GLU E 26 -11.54 31.43 -66.17
N ALA E 27 -10.88 30.86 -65.16
CA ALA E 27 -10.25 29.54 -65.27
C ALA E 27 -11.27 28.43 -65.55
N ILE E 28 -12.50 28.65 -65.10
CA ILE E 28 -13.61 27.72 -65.35
C ILE E 28 -14.04 27.78 -66.82
N LYS E 29 -14.22 28.99 -67.34
CA LYS E 29 -14.56 29.21 -68.75
C LYS E 29 -13.54 28.63 -69.74
N GLN E 30 -12.29 28.52 -69.32
CA GLN E 30 -11.24 27.89 -70.12
C GLN E 30 -11.30 26.37 -70.02
N GLY E 31 -11.88 25.87 -68.93
CA GLY E 31 -12.00 24.44 -68.68
C GLY E 31 -12.90 23.72 -69.66
N SER E 32 -12.81 22.40 -69.69
CA SER E 32 -13.62 21.57 -70.59
C SER E 32 -15.07 21.50 -70.10
N VAL E 33 -16.01 21.46 -71.05
CA VAL E 33 -17.42 21.53 -70.73
C VAL E 33 -17.95 20.26 -70.02
N THR E 34 -18.77 20.49 -69.00
CA THR E 34 -19.46 19.40 -68.30
C THR E 34 -20.90 19.81 -67.98
N VAL E 35 -21.79 18.82 -67.89
CA VAL E 35 -23.23 19.06 -67.76
C VAL E 35 -23.88 18.20 -66.66
N GLY E 36 -24.88 18.78 -65.99
CA GLY E 36 -25.72 18.03 -65.05
C GLY E 36 -27.20 18.11 -65.43
N LEU E 37 -27.99 17.16 -64.95
CA LEU E 37 -29.44 17.09 -65.23
C LEU E 37 -30.13 16.02 -64.38
N ARG E 38 -31.31 16.33 -63.85
CA ARG E 38 -32.04 15.38 -63.01
C ARG E 38 -33.53 15.19 -63.34
N SER E 39 -34.06 14.08 -62.85
CA SER E 39 -35.50 13.85 -62.73
C SER E 39 -35.77 13.64 -61.24
N ASN E 40 -36.92 13.04 -60.91
CA ASN E 40 -37.23 12.72 -59.51
C ASN E 40 -36.55 11.45 -59.03
N THR E 41 -36.29 10.53 -59.95
CA THR E 41 -35.64 9.25 -59.62
C THR E 41 -34.11 9.34 -59.65
N HIS E 42 -33.56 9.94 -60.70
CA HIS E 42 -32.11 9.92 -60.95
C HIS E 42 -31.51 11.30 -61.23
N ALA E 43 -30.24 11.47 -60.84
CA ALA E 43 -29.45 12.63 -61.20
C ALA E 43 -28.23 12.18 -62.01
N VAL E 44 -27.87 12.95 -63.02
CA VAL E 44 -26.87 12.52 -64.02
C VAL E 44 -25.80 13.57 -64.28
N LEU E 45 -24.57 13.10 -64.47
CA LEU E 45 -23.46 13.95 -64.91
C LEU E 45 -22.86 13.43 -66.21
N VAL E 46 -22.67 14.34 -67.16
CA VAL E 46 -21.97 14.05 -68.42
C VAL E 46 -20.83 15.06 -68.58
N ALA E 47 -19.62 14.56 -68.83
CA ALA E 47 -18.44 15.42 -68.95
C ALA E 47 -17.59 15.10 -70.18
N LEU E 48 -17.09 16.15 -70.82
CA LEU E 48 -16.14 16.03 -71.93
C LEU E 48 -14.72 16.11 -71.37
N LYS E 49 -13.92 15.10 -71.67
CA LYS E 49 -12.54 15.04 -71.17
C LYS E 49 -11.55 15.67 -72.15
N ARG E 50 -10.54 16.35 -71.61
CA ARG E 50 -9.55 17.05 -72.42
C ARG E 50 -8.17 16.40 -72.31
N ASN E 51 -7.58 16.12 -73.47
CA ASN E 51 -6.23 15.57 -73.55
C ASN E 51 -5.21 16.64 -73.93
N ALA E 52 -3.93 16.34 -73.71
CA ALA E 52 -2.86 17.24 -74.13
C ALA E 52 -2.42 16.92 -75.57
N ASP E 53 -2.05 15.66 -75.80
CA ASP E 53 -1.68 15.17 -77.13
C ASP E 53 -2.58 14.01 -77.51
N GLU E 54 -2.25 13.36 -78.62
CA GLU E 54 -2.87 12.08 -78.99
C GLU E 54 -2.03 10.93 -78.42
N LEU E 55 -1.02 11.30 -77.65
CA LEU E 55 -0.18 10.37 -76.91
C LEU E 55 -0.49 10.40 -75.41
N SER E 56 -1.15 11.48 -74.98
CA SER E 56 -1.55 11.64 -73.58
C SER E 56 -2.92 11.04 -73.33
N SER E 57 -3.26 10.86 -72.05
CA SER E 57 -4.56 10.38 -71.63
C SER E 57 -5.53 11.54 -71.42
N TYR E 58 -6.83 11.23 -71.47
CA TYR E 58 -7.86 12.23 -71.25
C TYR E 58 -8.14 12.35 -69.75
N GLN E 59 -7.75 13.48 -69.16
CA GLN E 59 -7.80 13.66 -67.71
C GLN E 59 -9.23 13.66 -67.18
N LYS E 60 -9.43 12.92 -66.08
CA LYS E 60 -10.77 12.61 -65.57
C LYS E 60 -11.45 13.80 -64.89
N LYS E 61 -12.76 13.89 -65.09
CA LYS E 61 -13.54 15.06 -64.68
C LYS E 61 -14.56 14.75 -63.60
N ILE E 62 -14.72 13.47 -63.28
CA ILE E 62 -15.73 13.03 -62.30
C ILE E 62 -15.10 12.35 -61.09
N ILE E 63 -15.62 12.68 -59.91
CA ILE E 63 -15.12 12.16 -58.65
C ILE E 63 -16.26 11.67 -57.76
N LYS E 64 -16.05 10.50 -57.14
CA LYS E 64 -16.96 9.98 -56.13
C LYS E 64 -16.66 10.61 -54.76
N CYS E 65 -17.71 10.98 -54.03
CA CYS E 65 -17.55 11.51 -52.67
C CYS E 65 -18.05 10.52 -51.63
N ASP E 66 -19.16 9.85 -51.96
CA ASP E 66 -19.74 8.80 -51.14
C ASP E 66 -20.74 7.98 -52.01
N GLU E 67 -21.37 6.99 -51.40
CA GLU E 67 -22.16 5.99 -52.14
C GLU E 67 -23.46 6.54 -52.70
N HIS E 68 -23.69 7.84 -52.50
CA HIS E 68 -24.93 8.50 -52.89
C HIS E 68 -24.64 9.91 -53.45
N MET E 69 -23.37 10.32 -53.39
CA MET E 69 -22.97 11.67 -53.76
C MET E 69 -21.58 11.75 -54.41
N GLY E 70 -21.50 12.57 -55.46
CA GLY E 70 -20.24 12.84 -56.17
C GLY E 70 -20.37 14.10 -57.01
N LEU E 71 -19.34 14.40 -57.81
CA LEU E 71 -19.31 15.66 -58.55
C LEU E 71 -18.46 15.63 -59.82
N SER E 72 -18.67 16.62 -60.68
CA SER E 72 -17.83 16.83 -61.86
C SER E 72 -17.13 18.19 -61.80
N LEU E 73 -15.95 18.26 -62.41
CA LEU E 73 -15.07 19.44 -62.28
C LEU E 73 -14.84 20.18 -63.60
N ALA E 74 -14.53 21.48 -63.49
CA ALA E 74 -14.15 22.31 -64.63
C ALA E 74 -13.24 23.44 -64.16
N GLY E 75 -11.97 23.37 -64.53
CA GLY E 75 -10.97 24.36 -64.10
C GLY E 75 -9.71 23.69 -63.62
N LEU E 76 -9.18 24.17 -62.49
CA LEU E 76 -8.00 23.56 -61.89
C LEU E 76 -8.32 22.19 -61.28
N ALA E 77 -7.62 21.17 -61.75
CA ALA E 77 -7.78 19.80 -61.24
C ALA E 77 -7.31 19.62 -59.79
N PRO E 78 -6.14 20.21 -59.41
CA PRO E 78 -5.71 20.07 -58.01
C PRO E 78 -6.72 20.63 -57.01
N ASP E 79 -7.33 21.77 -57.35
CA ASP E 79 -8.34 22.39 -56.48
C ASP E 79 -9.61 21.54 -56.37
N ALA E 80 -9.90 20.73 -57.39
CA ALA E 80 -11.02 19.81 -57.32
C ALA E 80 -10.67 18.64 -56.40
N ARG E 81 -9.41 18.24 -56.43
CA ARG E 81 -8.92 17.18 -55.55
C ARG E 81 -9.05 17.59 -54.09
N VAL E 82 -8.69 18.84 -53.79
CA VAL E 82 -8.80 19.38 -52.44
C VAL E 82 -10.27 19.45 -52.00
N LEU E 83 -11.09 20.06 -52.84
CA LEU E 83 -12.51 20.25 -52.52
C LEU E 83 -13.34 18.97 -52.47
N SER E 84 -13.06 18.01 -53.35
CA SER E 84 -13.82 16.74 -53.34
C SER E 84 -13.46 15.92 -52.11
N ASN E 85 -12.19 15.94 -51.74
CA ASN E 85 -11.67 15.30 -50.55
C ASN E 85 -12.38 15.77 -49.29
N TYR E 86 -12.56 17.09 -49.18
CA TYR E 86 -13.24 17.72 -48.06
C TYR E 86 -14.64 17.18 -47.89
N LEU E 87 -15.41 17.21 -48.99
CA LEU E 87 -16.77 16.71 -49.01
C LEU E 87 -16.78 15.22 -48.69
N ARG E 88 -15.76 14.48 -49.11
CA ARG E 88 -15.56 13.08 -48.70
C ARG E 88 -15.40 12.90 -47.19
N GLN E 89 -14.74 13.85 -46.52
CA GLN E 89 -14.62 13.80 -45.06
C GLN E 89 -15.91 14.22 -44.40
N GLN E 90 -16.51 15.29 -44.90
CA GLN E 90 -17.79 15.77 -44.39
C GLN E 90 -18.92 14.75 -44.56
N CYS E 91 -18.83 13.96 -45.63
CA CYS E 91 -19.72 12.81 -45.82
C CYS E 91 -19.37 11.67 -44.88
N ASN E 92 -18.07 11.53 -44.61
CA ASN E 92 -17.58 10.46 -43.76
C ASN E 92 -17.95 10.71 -42.30
N TYR E 93 -17.78 11.96 -41.87
CA TYR E 93 -18.08 12.39 -40.50
C TYR E 93 -19.56 12.21 -40.19
N SER E 94 -20.42 12.62 -41.12
CA SER E 94 -21.87 12.47 -40.96
C SER E 94 -22.26 11.01 -40.74
N SER E 95 -21.56 10.11 -41.43
CA SER E 95 -21.81 8.68 -41.30
C SER E 95 -21.36 8.09 -39.98
N LEU E 96 -20.11 8.37 -39.60
CA LEU E 96 -19.54 7.76 -38.41
C LEU E 96 -20.17 8.27 -37.12
N VAL E 97 -20.42 9.57 -37.03
CA VAL E 97 -20.92 10.18 -35.80
C VAL E 97 -22.45 10.14 -35.68
N PHE E 98 -23.15 10.32 -36.79
CA PHE E 98 -24.61 10.38 -36.75
C PHE E 98 -25.30 9.23 -37.47
N ASN E 99 -24.52 8.28 -37.99
CA ASN E 99 -25.04 7.24 -38.88
C ASN E 99 -25.96 7.85 -39.92
N ARG E 100 -25.47 8.90 -40.58
CA ARG E 100 -26.29 9.70 -41.47
C ARG E 100 -25.62 9.92 -42.81
N LYS E 101 -26.42 9.81 -43.88
CA LYS E 101 -25.95 10.14 -45.21
C LYS E 101 -26.11 11.64 -45.42
N LEU E 102 -25.00 12.38 -45.32
CA LEU E 102 -24.99 13.84 -45.38
C LEU E 102 -25.69 14.34 -46.63
N ALA E 103 -26.77 15.12 -46.41
CA ALA E 103 -27.65 15.59 -47.49
C ALA E 103 -26.96 16.58 -48.43
N VAL E 104 -27.31 16.52 -49.72
CA VAL E 104 -26.61 17.29 -50.75
C VAL E 104 -26.79 18.80 -50.61
N GLU E 105 -27.84 19.22 -49.92
CA GLU E 105 -28.09 20.65 -49.71
C GLU E 105 -27.07 21.22 -48.71
N ARG E 106 -26.71 20.41 -47.71
CA ARG E 106 -25.73 20.81 -46.71
C ARG E 106 -24.32 20.59 -47.25
N ALA E 107 -24.21 19.72 -48.26
CA ALA E 107 -22.97 19.51 -48.98
C ALA E 107 -22.51 20.84 -49.56
N GLY E 108 -23.45 21.51 -50.22
CA GLY E 108 -23.22 22.79 -50.86
C GLY E 108 -22.92 23.90 -49.88
N HIS E 109 -23.63 23.93 -48.76
CA HIS E 109 -23.40 24.94 -47.72
C HIS E 109 -21.99 24.84 -47.14
N LEU E 110 -21.47 23.61 -47.04
CA LEU E 110 -20.12 23.37 -46.57
C LEU E 110 -19.06 23.79 -47.58
N LEU E 111 -19.36 23.60 -48.87
CA LEU E 111 -18.46 24.02 -49.95
C LEU E 111 -18.47 25.54 -50.11
N CYS E 112 -19.65 26.12 -49.97
CA CYS E 112 -19.83 27.57 -49.99
C CYS E 112 -19.05 28.25 -48.89
N ASP E 113 -19.09 27.67 -47.69
CA ASP E 113 -18.44 28.24 -46.53
C ASP E 113 -16.93 28.08 -46.54
N LYS E 114 -16.45 27.01 -47.16
CA LYS E 114 -15.02 26.75 -47.26
C LYS E 114 -14.37 27.65 -48.31
N ALA E 115 -15.10 27.87 -49.40
CA ALA E 115 -14.63 28.71 -50.50
C ALA E 115 -14.57 30.17 -50.10
N GLN E 116 -15.52 30.58 -49.27
CA GLN E 116 -15.66 31.97 -48.83
C GLN E 116 -14.48 32.45 -47.97
N LYS E 117 -13.91 31.54 -47.19
CA LYS E 117 -12.83 31.87 -46.27
C LYS E 117 -11.53 32.19 -47.01
N ASN E 118 -11.46 31.75 -48.27
CA ASN E 118 -10.31 32.05 -49.13
C ASN E 118 -10.41 33.43 -49.78
N THR E 119 -11.61 34.01 -49.79
CA THR E 119 -11.86 35.28 -50.48
C THR E 119 -11.75 36.52 -49.56
N GLN E 120 -11.50 36.31 -48.28
CA GLN E 120 -11.50 37.40 -47.32
C GLN E 120 -10.17 37.58 -46.58
N SER E 121 -9.36 36.52 -46.56
CA SER E 121 -8.09 36.54 -45.84
C SER E 121 -6.90 36.76 -46.76
N TYR E 122 -5.95 37.56 -46.28
CA TYR E 122 -4.69 37.82 -46.96
C TYR E 122 -3.92 36.53 -47.20
N GLY E 123 -3.24 36.46 -48.33
CA GLY E 123 -2.39 35.32 -48.66
C GLY E 123 -3.12 34.23 -49.41
N GLY E 124 -4.28 33.84 -48.90
CA GLY E 124 -5.08 32.79 -49.53
C GLY E 124 -5.73 33.22 -50.84
N ARG E 125 -5.38 32.54 -51.92
CA ARG E 125 -6.03 32.75 -53.21
C ARG E 125 -7.39 32.06 -53.22
N PRO E 126 -8.31 32.52 -54.07
CA PRO E 126 -9.55 31.77 -54.25
C PRO E 126 -9.25 30.41 -54.86
N TYR E 127 -10.24 29.52 -54.82
CA TYR E 127 -10.13 28.27 -55.54
C TYR E 127 -10.37 28.56 -57.01
N GLY E 128 -9.82 27.74 -57.90
CA GLY E 128 -9.93 27.98 -59.33
C GLY E 128 -10.67 26.88 -60.07
N VAL E 129 -11.81 26.47 -59.52
CA VAL E 129 -12.58 25.37 -60.12
C VAL E 129 -14.08 25.49 -59.84
N GLY E 130 -14.88 25.07 -60.81
CA GLY E 130 -16.33 24.98 -60.65
C GLY E 130 -16.76 23.54 -60.51
N LEU E 131 -17.84 23.31 -59.77
CA LEU E 131 -18.28 21.94 -59.48
C LEU E 131 -19.76 21.71 -59.73
N LEU E 132 -20.07 20.57 -60.34
CA LEU E 132 -21.45 20.12 -60.54
C LEU E 132 -21.70 18.86 -59.73
N ILE E 133 -22.35 19.03 -58.58
CA ILE E 133 -22.52 17.97 -57.57
C ILE E 133 -23.91 17.35 -57.66
N ILE E 134 -23.96 16.05 -57.90
CA ILE E 134 -25.24 15.31 -57.92
C ILE E 134 -25.37 14.34 -56.75
N GLY E 135 -26.56 14.32 -56.16
CA GLY E 135 -26.83 13.46 -55.02
C GLY E 135 -28.22 12.87 -54.98
N TYR E 136 -28.38 11.91 -54.09
CA TYR E 136 -29.67 11.34 -53.77
C TYR E 136 -29.73 11.09 -52.27
N ASP E 137 -30.25 12.06 -51.54
CA ASP E 137 -30.47 11.96 -50.10
C ASP E 137 -31.92 11.60 -49.76
N LYS E 138 -32.31 11.90 -48.52
CA LYS E 138 -33.65 11.60 -48.01
C LYS E 138 -34.80 12.43 -48.62
N SER E 139 -34.49 13.28 -49.60
CA SER E 139 -35.51 14.13 -50.23
C SER E 139 -35.48 14.11 -51.77
N GLY E 140 -35.14 12.96 -52.33
CA GLY E 140 -35.10 12.76 -53.77
C GLY E 140 -33.76 13.05 -54.43
N ALA E 141 -33.81 13.39 -55.70
CA ALA E 141 -32.60 13.65 -56.48
C ALA E 141 -32.30 15.14 -56.54
N HIS E 142 -31.01 15.46 -56.43
CA HIS E 142 -30.53 16.84 -56.43
C HIS E 142 -29.32 17.05 -57.34
N LEU E 143 -29.19 18.27 -57.84
CA LEU E 143 -28.01 18.72 -58.60
C LEU E 143 -27.66 20.15 -58.21
N LEU E 144 -26.39 20.36 -57.91
CA LEU E 144 -25.89 21.66 -57.43
C LEU E 144 -24.82 22.22 -58.34
N GLU E 145 -24.72 23.56 -58.35
CA GLU E 145 -23.68 24.25 -59.10
C GLU E 145 -22.80 25.05 -58.12
N PHE E 146 -21.49 24.94 -58.26
CA PHE E 146 -20.56 25.59 -57.35
C PHE E 146 -19.62 26.56 -58.06
N GLN E 147 -19.65 27.82 -57.64
CA GLN E 147 -18.72 28.83 -58.13
C GLN E 147 -17.76 29.20 -57.00
N PRO E 148 -16.46 29.38 -57.32
CA PRO E 148 -15.43 29.58 -56.29
C PRO E 148 -15.57 30.90 -55.51
N SER E 149 -16.59 31.69 -55.86
CA SER E 149 -16.97 32.85 -55.07
C SER E 149 -17.63 32.38 -53.77
N GLY E 150 -18.37 31.28 -53.89
CA GLY E 150 -19.13 30.72 -52.78
C GLY E 150 -20.55 30.35 -53.19
N ASN E 151 -21.05 30.99 -54.24
CA ASN E 151 -22.45 30.83 -54.66
C ASN E 151 -22.80 29.43 -55.15
N VAL E 152 -23.57 28.72 -54.33
CA VAL E 152 -24.06 27.38 -54.66
C VAL E 152 -25.56 27.42 -54.95
N THR E 153 -25.97 26.79 -56.05
CA THR E 153 -27.34 26.89 -56.52
C THR E 153 -27.96 25.54 -56.88
N GLU E 154 -29.08 25.22 -56.23
CA GLU E 154 -29.82 24.00 -56.54
C GLU E 154 -30.62 24.17 -57.82
N LEU E 155 -30.35 23.30 -58.78
CA LEU E 155 -30.92 23.40 -60.12
C LEU E 155 -31.43 22.04 -60.59
N TYR E 156 -32.30 22.06 -61.61
CA TYR E 156 -32.71 20.83 -62.29
C TYR E 156 -31.61 20.40 -63.26
N GLY E 157 -30.96 21.37 -63.88
CA GLY E 157 -29.94 21.11 -64.90
C GLY E 157 -29.13 22.34 -65.25
N THR E 158 -27.84 22.13 -65.56
CA THR E 158 -26.91 23.22 -65.83
C THR E 158 -25.57 22.73 -66.41
N ALA E 159 -24.83 23.65 -67.02
CA ALA E 159 -23.51 23.35 -67.56
C ALA E 159 -22.47 24.41 -67.19
N ILE E 160 -21.23 23.97 -67.04
CA ILE E 160 -20.09 24.86 -66.84
C ILE E 160 -18.95 24.43 -67.76
N GLY E 161 -18.10 25.38 -68.13
CA GLY E 161 -16.95 25.12 -68.98
C GLY E 161 -16.98 25.93 -70.27
N ALA E 162 -16.11 25.56 -71.21
CA ALA E 162 -16.03 26.23 -72.50
C ALA E 162 -17.28 25.97 -73.33
N ARG E 163 -17.83 27.03 -73.92
CA ARG E 163 -19.01 26.97 -74.78
C ARG E 163 -20.25 26.40 -74.09
N SER E 164 -20.22 26.37 -72.75
CA SER E 164 -21.28 25.74 -71.95
C SER E 164 -22.64 26.47 -72.03
N GLN E 165 -22.66 27.61 -72.71
CA GLN E 165 -23.89 28.38 -72.90
C GLN E 165 -24.84 27.67 -73.88
N GLY E 166 -24.27 26.88 -74.80
CA GLY E 166 -25.05 26.11 -75.75
C GLY E 166 -25.86 25.00 -75.08
N ALA E 167 -25.21 24.28 -74.17
CA ALA E 167 -25.86 23.21 -73.40
C ALA E 167 -26.94 23.74 -72.45
N LYS E 168 -26.69 24.93 -71.91
CA LYS E 168 -27.58 25.55 -70.92
C LYS E 168 -28.89 26.05 -71.53
N THR E 169 -28.86 26.43 -72.81
CA THR E 169 -30.06 26.85 -73.54
C THR E 169 -30.89 25.62 -73.95
N TYR E 170 -30.19 24.50 -74.18
CA TYR E 170 -30.84 23.24 -74.54
C TYR E 170 -31.66 22.70 -73.38
N LEU E 171 -31.04 22.59 -72.21
CA LEU E 171 -31.70 22.13 -70.99
C LEU E 171 -32.84 23.06 -70.59
N GLU E 172 -32.67 24.34 -70.90
CA GLU E 172 -33.68 25.37 -70.66
C GLU E 172 -34.89 25.15 -71.58
N ARG E 173 -34.63 24.64 -72.78
CA ARG E 173 -35.67 24.40 -73.78
C ARG E 173 -36.43 23.11 -73.51
N THR E 174 -35.72 22.06 -73.10
CA THR E 174 -36.30 20.74 -72.90
C THR E 174 -36.49 20.36 -71.43
N LEU E 175 -36.93 21.34 -70.62
CA LEU E 175 -37.21 21.11 -69.21
C LEU E 175 -38.30 20.05 -69.01
N ASP E 176 -39.47 20.32 -69.58
CA ASP E 176 -40.65 19.46 -69.40
C ASP E 176 -40.44 18.00 -69.81
N THR E 177 -39.42 17.75 -70.63
CA THR E 177 -39.08 16.39 -71.06
C THR E 177 -38.24 15.64 -70.03
N PHE E 178 -37.03 16.13 -69.76
CA PHE E 178 -36.05 15.36 -68.97
C PHE E 178 -36.40 15.18 -67.49
N ILE E 179 -37.11 16.16 -66.91
CA ILE E 179 -37.56 16.08 -65.51
C ILE E 179 -38.54 14.91 -65.27
N LYS E 180 -39.29 14.53 -66.30
CA LYS E 180 -40.24 13.42 -66.21
C LYS E 180 -39.64 12.05 -66.54
N ILE E 181 -38.34 12.01 -66.85
CA ILE E 181 -37.64 10.75 -67.08
C ILE E 181 -37.39 10.03 -65.75
N ASP E 182 -38.45 9.40 -65.25
CA ASP E 182 -38.43 8.70 -63.97
C ASP E 182 -38.53 7.19 -64.16
N GLY E 183 -37.56 6.46 -63.62
CA GLY E 183 -37.56 5.01 -63.69
C GLY E 183 -36.74 4.42 -64.82
N ASN E 184 -36.29 5.28 -65.74
CA ASN E 184 -35.45 4.83 -66.86
C ASN E 184 -34.14 5.62 -66.97
N PRO E 185 -33.08 5.17 -66.26
CA PRO E 185 -31.74 5.75 -66.33
C PRO E 185 -31.23 6.06 -67.75
N ASP E 186 -31.39 5.11 -68.67
CA ASP E 186 -30.87 5.24 -70.04
C ASP E 186 -31.34 6.52 -70.74
N GLU E 187 -32.64 6.79 -70.67
CA GLU E 187 -33.23 7.94 -71.36
C GLU E 187 -33.04 9.25 -70.60
N LEU E 188 -32.14 9.24 -69.62
CA LEU E 188 -31.73 10.43 -68.90
C LEU E 188 -30.27 10.71 -69.24
N ILE E 189 -29.49 9.63 -69.34
CA ILE E 189 -28.10 9.66 -69.81
C ILE E 189 -28.08 10.12 -71.28
N LYS E 190 -28.99 9.58 -72.08
CA LYS E 190 -29.11 9.91 -73.50
C LYS E 190 -29.60 11.36 -73.68
N ALA E 191 -30.27 11.88 -72.64
CA ALA E 191 -30.72 13.27 -72.61
C ALA E 191 -29.56 14.21 -72.25
N GLY E 192 -28.58 13.68 -71.51
CA GLY E 192 -27.39 14.42 -71.11
C GLY E 192 -26.29 14.43 -72.16
N VAL E 193 -26.30 13.41 -73.03
CA VAL E 193 -25.40 13.35 -74.18
C VAL E 193 -25.80 14.39 -75.22
N GLU E 194 -27.10 14.48 -75.48
CA GLU E 194 -27.64 15.46 -76.43
C GLU E 194 -27.49 16.90 -75.91
N ALA E 195 -27.17 17.04 -74.63
CA ALA E 195 -26.92 18.35 -74.02
C ALA E 195 -25.49 18.81 -74.28
N ILE E 196 -24.52 17.92 -74.06
CA ILE E 196 -23.11 18.27 -74.12
C ILE E 196 -22.60 18.56 -75.55
N SER E 197 -23.22 17.90 -76.53
CA SER E 197 -22.84 18.08 -77.93
C SER E 197 -23.33 19.42 -78.49
N GLN E 198 -24.19 20.09 -77.74
CA GLN E 198 -24.62 21.46 -78.02
C GLN E 198 -23.49 22.44 -77.71
N SER E 199 -22.50 21.96 -76.95
CA SER E 199 -21.34 22.76 -76.56
C SER E 199 -20.07 22.33 -77.29
N LEU E 200 -20.17 21.28 -78.11
CA LEU E 200 -19.08 20.88 -78.99
C LEU E 200 -18.92 21.89 -80.11
N ARG E 201 -17.78 21.85 -80.80
CA ARG E 201 -17.52 22.71 -81.94
C ARG E 201 -16.54 22.06 -82.90
N ASP E 202 -15.40 21.62 -82.37
CA ASP E 202 -14.30 21.11 -83.19
C ASP E 202 -14.28 19.59 -83.30
N GLU E 203 -14.36 18.90 -82.17
CA GLU E 203 -14.21 17.44 -82.14
C GLU E 203 -15.53 16.69 -81.93
N SER E 204 -15.56 15.45 -82.41
CA SER E 204 -16.67 14.54 -82.20
C SER E 204 -16.34 13.63 -81.02
N LEU E 205 -17.23 13.58 -80.04
CA LEU E 205 -17.00 12.86 -78.78
C LEU E 205 -16.82 11.35 -78.94
N THR E 206 -15.66 10.85 -78.52
CA THR E 206 -15.28 9.45 -78.75
C THR E 206 -15.33 8.59 -77.48
N VAL E 207 -14.96 7.31 -77.65
CA VAL E 207 -15.11 6.27 -76.63
C VAL E 207 -14.21 6.45 -75.40
N ASP E 208 -13.06 7.11 -75.57
CA ASP E 208 -12.17 7.43 -74.45
C ASP E 208 -12.21 8.92 -74.12
N ASN E 209 -13.18 9.60 -74.73
CA ASN E 209 -13.37 11.03 -74.57
C ASN E 209 -14.53 11.33 -73.61
N LEU E 210 -15.54 10.48 -73.62
CA LEU E 210 -16.76 10.68 -72.85
C LEU E 210 -16.70 10.05 -71.46
N SER E 211 -17.28 10.75 -70.49
CA SER E 211 -17.33 10.29 -69.11
C SER E 211 -18.73 10.58 -68.55
N ILE E 212 -19.37 9.53 -68.03
CA ILE E 212 -20.75 9.63 -67.53
C ILE E 212 -20.85 9.08 -66.11
N ALA E 213 -21.59 9.77 -65.26
CA ALA E 213 -21.85 9.31 -63.89
C ALA E 213 -23.35 9.35 -63.57
N ILE E 214 -23.81 8.37 -62.79
CA ILE E 214 -25.22 8.34 -62.37
C ILE E 214 -25.42 7.95 -60.90
N VAL E 215 -26.31 8.69 -60.24
CA VAL E 215 -26.84 8.31 -58.93
C VAL E 215 -28.38 8.38 -58.97
N GLY E 216 -29.04 7.70 -58.04
CA GLY E 216 -30.49 7.72 -57.95
C GLY E 216 -31.07 6.85 -56.86
N LYS E 217 -32.30 6.40 -57.08
CA LYS E 217 -33.06 5.63 -56.09
C LYS E 217 -32.49 4.22 -55.91
N ASP E 218 -32.49 3.44 -56.99
CA ASP E 218 -32.05 2.06 -56.93
C ASP E 218 -30.64 1.89 -57.49
N THR E 219 -30.02 3.01 -57.82
CA THR E 219 -28.64 3.04 -58.32
C THR E 219 -27.76 3.92 -57.44
N PRO E 220 -26.58 3.40 -57.04
CA PRO E 220 -25.56 4.19 -56.33
C PRO E 220 -24.60 4.89 -57.30
N PHE E 221 -23.84 5.87 -56.77
CA PHE E 221 -22.91 6.67 -57.58
C PHE E 221 -21.80 5.82 -58.21
N THR E 222 -21.75 5.84 -59.53
CA THR E 222 -20.83 5.01 -60.32
C THR E 222 -20.23 5.79 -61.49
N ILE E 223 -19.07 5.36 -61.96
CA ILE E 223 -18.34 6.04 -63.06
C ILE E 223 -18.31 5.16 -64.32
N TYR E 224 -18.70 5.75 -65.45
CA TYR E 224 -18.65 5.05 -66.74
C TYR E 224 -17.64 5.63 -67.73
N ASP E 225 -16.67 4.80 -68.12
CA ASP E 225 -15.64 5.16 -69.09
C ASP E 225 -15.42 4.04 -70.11
N GLY E 226 -14.64 4.34 -71.14
CA GLY E 226 -14.25 3.35 -72.14
C GLY E 226 -15.41 2.75 -72.91
N GLU E 227 -15.27 1.48 -73.28
CA GLU E 227 -16.27 0.78 -74.12
C GLU E 227 -17.62 0.63 -73.39
N ALA E 228 -17.66 1.07 -72.15
CA ALA E 228 -18.87 1.05 -71.33
C ALA E 228 -19.80 2.23 -71.62
N VAL E 229 -19.29 3.23 -72.33
CA VAL E 229 -20.11 4.37 -72.76
C VAL E 229 -20.40 4.34 -74.27
N ALA E 230 -19.91 3.30 -74.94
CA ALA E 230 -19.98 3.18 -76.40
C ALA E 230 -21.40 3.28 -76.97
N LYS E 231 -22.39 2.89 -76.17
CA LYS E 231 -23.79 2.90 -76.60
C LYS E 231 -24.39 4.30 -76.76
N TYR E 232 -23.81 5.28 -76.08
CA TYR E 232 -24.34 6.66 -76.07
C TYR E 232 -23.70 7.57 -77.12
N ILE E 233 -22.79 7.02 -77.92
CA ILE E 233 -22.23 7.74 -79.07
C ILE E 233 -23.15 7.55 -80.28
N GLY F 1 0.37 62.56 -53.98
CA GLY F 1 -0.01 61.13 -54.13
C GLY F 1 -1.16 60.72 -53.23
N THR F 2 -1.85 59.65 -53.61
CA THR F 2 -2.94 59.10 -52.80
C THR F 2 -2.78 57.59 -52.59
N GLY F 3 -3.66 56.80 -53.22
CA GLY F 3 -3.67 55.35 -53.04
C GLY F 3 -4.22 54.96 -51.69
N TYR F 4 -5.05 55.84 -51.12
CA TYR F 4 -5.66 55.63 -49.80
C TYR F 4 -6.73 54.54 -49.81
N ASP F 5 -7.15 54.11 -51.00
CA ASP F 5 -8.22 53.13 -51.14
C ASP F 5 -7.71 51.71 -51.41
N LEU F 6 -6.41 51.49 -51.20
CA LEU F 6 -5.77 50.21 -51.55
C LEU F 6 -5.60 49.24 -50.38
N SER F 7 -5.66 49.77 -49.16
CA SER F 7 -5.45 48.97 -47.95
C SER F 7 -6.56 49.25 -46.94
N ASN F 8 -7.09 48.18 -46.34
CA ASN F 8 -8.29 48.29 -45.50
C ASN F 8 -8.19 49.24 -44.31
N SER F 9 -7.37 48.90 -43.31
CA SER F 9 -7.35 49.66 -42.05
C SER F 9 -7.05 51.16 -42.15
N VAL F 10 -6.59 51.62 -43.33
CA VAL F 10 -6.09 52.99 -43.52
C VAL F 10 -7.21 54.05 -43.51
N PHE F 11 -6.90 55.21 -42.94
CA PHE F 11 -7.77 56.39 -42.99
C PHE F 11 -7.37 57.29 -44.15
N SER F 12 -8.36 57.84 -44.85
CA SER F 12 -8.11 58.86 -45.86
C SER F 12 -7.85 60.21 -45.16
N PRO F 13 -7.39 61.23 -45.90
CA PRO F 13 -7.13 62.53 -45.28
C PRO F 13 -8.39 63.20 -44.71
N ASP F 14 -9.55 62.77 -45.17
CA ASP F 14 -10.83 63.28 -44.65
C ASP F 14 -11.42 62.37 -43.58
N GLY F 15 -10.67 61.34 -43.20
CA GLY F 15 -11.02 60.45 -42.10
C GLY F 15 -11.99 59.33 -42.46
N ARG F 16 -11.83 58.76 -43.65
CA ARG F 16 -12.71 57.70 -44.13
C ARG F 16 -11.95 56.41 -44.42
N ASN F 17 -12.68 55.30 -44.31
CA ASN F 17 -12.16 54.00 -44.69
C ASN F 17 -12.72 53.62 -46.05
N PHE F 18 -11.98 53.97 -47.11
CA PHE F 18 -12.45 53.82 -48.49
C PHE F 18 -12.82 52.39 -48.85
N GLN F 19 -12.11 51.42 -48.27
CA GLN F 19 -12.40 50.01 -48.51
C GLN F 19 -13.78 49.59 -48.04
N VAL F 20 -14.27 50.18 -46.95
CA VAL F 20 -15.61 49.93 -46.44
C VAL F 20 -16.65 50.50 -47.39
N GLU F 21 -16.42 51.74 -47.85
CA GLU F 21 -17.31 52.42 -48.78
C GLU F 21 -17.40 51.67 -50.11
N TYR F 22 -16.31 50.97 -50.46
CA TYR F 22 -16.25 50.14 -51.66
C TYR F 22 -17.04 48.84 -51.46
N ALA F 23 -17.09 48.37 -50.21
CA ALA F 23 -17.89 47.20 -49.87
C ALA F 23 -19.38 47.53 -49.91
N VAL F 24 -19.73 48.75 -49.50
CA VAL F 24 -21.11 49.24 -49.56
C VAL F 24 -21.64 49.14 -50.98
N LYS F 25 -20.78 49.42 -51.95
CA LYS F 25 -21.12 49.33 -53.37
C LYS F 25 -21.52 47.91 -53.77
N ALA F 26 -20.85 46.91 -53.20
CA ALA F 26 -21.18 45.51 -53.43
C ALA F 26 -22.56 45.19 -52.90
N VAL F 27 -22.91 45.79 -51.76
CA VAL F 27 -24.23 45.62 -51.16
C VAL F 27 -25.31 46.26 -52.03
N GLU F 28 -25.06 47.49 -52.48
CA GLU F 28 -25.99 48.24 -53.33
C GLU F 28 -26.30 47.52 -54.64
N ASN F 29 -25.33 46.71 -55.09
CA ASN F 29 -25.47 45.90 -56.28
C ASN F 29 -26.29 44.65 -56.02
N GLY F 30 -26.40 44.26 -54.75
CA GLY F 30 -27.10 43.05 -54.34
C GLY F 30 -28.62 43.13 -54.46
N THR F 31 -29.27 41.99 -54.28
CA THR F 31 -30.74 41.91 -54.34
C THR F 31 -31.39 42.55 -53.11
N THR F 32 -32.55 43.16 -53.31
CA THR F 32 -33.22 43.91 -52.24
C THR F 32 -33.88 43.03 -51.16
N SER F 33 -33.92 43.55 -49.94
CA SER F 33 -34.54 42.87 -48.80
C SER F 33 -34.94 43.88 -47.72
N ILE F 34 -35.95 43.51 -46.92
CA ILE F 34 -36.46 44.41 -45.88
C ILE F 34 -36.74 43.69 -44.55
N GLY F 35 -37.18 44.47 -43.57
CA GLY F 35 -37.72 43.97 -42.31
C GLY F 35 -38.79 44.92 -41.80
N ILE F 36 -39.94 44.37 -41.41
CA ILE F 36 -41.00 45.15 -40.78
C ILE F 36 -41.25 44.68 -39.34
N LYS F 37 -40.99 45.58 -38.39
CA LYS F 37 -41.29 45.36 -36.98
C LYS F 37 -42.78 45.65 -36.75
N CYS F 38 -43.44 44.79 -35.98
CA CYS F 38 -44.84 45.01 -35.63
C CYS F 38 -45.08 44.98 -34.12
N ASN F 39 -46.35 45.00 -33.71
CA ASN F 39 -46.73 45.20 -32.31
C ASN F 39 -46.50 44.03 -31.36
N ASP F 40 -45.95 42.93 -31.88
CA ASP F 40 -45.59 41.76 -31.06
C ASP F 40 -44.51 40.88 -31.70
N GLY F 41 -44.01 41.29 -32.86
CA GLY F 41 -43.05 40.48 -33.61
C GLY F 41 -42.37 41.19 -34.78
N VAL F 42 -41.66 40.43 -35.61
CA VAL F 42 -40.94 40.95 -36.77
C VAL F 42 -41.15 40.08 -38.01
N VAL F 43 -41.24 40.73 -39.17
CA VAL F 43 -41.47 40.05 -40.45
C VAL F 43 -40.33 40.35 -41.42
N PHE F 44 -39.69 39.31 -41.93
CA PHE F 44 -38.61 39.44 -42.91
C PHE F 44 -39.09 38.98 -44.29
N ALA F 45 -38.61 39.64 -45.34
CA ALA F 45 -38.87 39.22 -46.72
C ALA F 45 -37.69 39.56 -47.63
N VAL F 46 -37.66 38.95 -48.82
CA VAL F 46 -36.54 39.10 -49.75
C VAL F 46 -36.86 38.67 -51.20
N GLU F 47 -36.20 39.33 -52.14
CA GLU F 47 -36.29 39.06 -53.57
C GLU F 47 -35.33 37.93 -53.96
N LYS F 48 -35.80 37.02 -54.82
CA LYS F 48 -34.98 35.91 -55.33
C LYS F 48 -34.98 35.92 -56.85
N LEU F 49 -33.94 36.51 -57.44
CA LEU F 49 -33.88 36.65 -58.90
C LEU F 49 -33.84 35.30 -59.63
N ILE F 50 -34.92 35.01 -60.36
CA ILE F 50 -35.00 33.80 -61.17
C ILE F 50 -34.28 34.05 -62.49
N THR F 51 -33.05 33.53 -62.59
CA THR F 51 -32.25 33.67 -63.80
C THR F 51 -32.80 32.75 -64.89
N SER F 52 -32.92 31.48 -64.56
CA SER F 52 -33.36 30.47 -65.52
C SER F 52 -34.56 29.69 -64.99
N LYS F 53 -35.29 29.04 -65.89
CA LYS F 53 -36.38 28.13 -65.54
C LYS F 53 -35.81 26.90 -64.83
N LEU F 54 -34.48 26.83 -64.79
CA LEU F 54 -33.74 25.69 -64.25
C LEU F 54 -33.48 25.79 -62.75
N LEU F 55 -33.67 26.97 -62.17
CA LEU F 55 -33.61 27.14 -60.72
C LEU F 55 -34.87 26.57 -60.07
N VAL F 56 -34.69 25.59 -59.18
CA VAL F 56 -35.80 24.95 -58.48
C VAL F 56 -36.50 25.95 -57.55
N PRO F 57 -37.85 26.01 -57.61
CA PRO F 57 -38.59 26.86 -56.69
C PRO F 57 -38.47 26.39 -55.23
N GLN F 58 -38.67 27.33 -54.29
CA GLN F 58 -38.68 27.06 -52.83
C GLN F 58 -37.39 26.44 -52.29
N LYS F 59 -36.37 26.30 -53.14
CA LYS F 59 -35.21 25.48 -52.84
C LYS F 59 -33.94 26.23 -52.46
N ASN F 60 -33.74 27.40 -53.06
CA ASN F 60 -32.59 28.23 -52.74
C ASN F 60 -32.90 29.27 -51.66
N VAL F 61 -32.95 28.79 -50.43
CA VAL F 61 -33.32 29.57 -49.26
C VAL F 61 -32.24 30.61 -48.92
N LYS F 62 -32.68 31.82 -48.56
CA LYS F 62 -31.77 32.93 -48.25
C LYS F 62 -31.90 33.40 -46.81
N ILE F 63 -33.13 33.47 -46.30
CA ILE F 63 -33.32 33.83 -44.90
C ILE F 63 -32.77 32.72 -44.02
N GLN F 64 -31.84 33.09 -43.14
CA GLN F 64 -31.27 32.15 -42.20
C GLN F 64 -31.83 32.39 -40.80
N VAL F 65 -31.74 31.37 -39.95
CA VAL F 65 -32.16 31.47 -38.55
C VAL F 65 -30.95 31.25 -37.62
N VAL F 66 -30.74 32.18 -36.69
CA VAL F 66 -29.80 31.99 -35.58
C VAL F 66 -30.58 31.63 -34.31
N ASP F 67 -30.24 30.49 -33.72
CA ASP F 67 -30.92 29.96 -32.53
C ASP F 67 -32.31 29.43 -32.90
N ARG F 68 -33.33 29.91 -32.22
CA ARG F 68 -34.69 29.47 -32.47
C ARG F 68 -35.62 30.67 -32.62
N HIS F 69 -35.14 31.82 -32.14
CA HIS F 69 -35.95 33.04 -32.05
C HIS F 69 -35.47 34.20 -32.93
N ILE F 70 -34.24 34.10 -33.43
CA ILE F 70 -33.66 35.12 -34.30
C ILE F 70 -33.68 34.68 -35.76
N GLY F 71 -33.77 35.65 -36.66
CA GLY F 71 -33.66 35.39 -38.10
C GLY F 71 -32.93 36.50 -38.84
N CYS F 72 -32.21 36.12 -39.89
CA CYS F 72 -31.38 37.07 -40.63
C CYS F 72 -31.55 36.93 -42.13
N VAL F 73 -31.59 38.09 -42.77
CA VAL F 73 -31.61 38.18 -44.22
C VAL F 73 -30.64 39.30 -44.61
N TYR F 74 -30.01 39.16 -45.77
CA TYR F 74 -28.95 40.09 -46.17
C TYR F 74 -28.91 40.38 -47.67
N SER F 75 -28.44 41.58 -47.99
CA SER F 75 -28.17 42.00 -49.36
C SER F 75 -26.67 42.13 -49.57
N GLY F 76 -26.23 41.83 -50.78
CA GLY F 76 -24.80 41.89 -51.12
C GLY F 76 -24.23 40.54 -51.49
N LEU F 77 -23.02 40.26 -51.00
CA LEU F 77 -22.34 39.00 -51.27
C LEU F 77 -22.82 37.89 -50.33
N ILE F 78 -23.59 36.96 -50.88
CA ILE F 78 -24.18 35.85 -50.10
C ILE F 78 -23.16 35.11 -49.19
N PRO F 79 -22.04 34.62 -49.78
CA PRO F 79 -21.10 33.85 -48.96
C PRO F 79 -20.63 34.59 -47.70
N ASP F 80 -20.51 35.92 -47.79
CA ASP F 80 -20.19 36.76 -46.63
C ASP F 80 -21.32 36.78 -45.60
N GLY F 81 -22.56 36.76 -46.08
CA GLY F 81 -23.73 36.75 -45.23
C GLY F 81 -23.89 35.42 -44.53
N ARG F 82 -23.55 34.34 -45.24
CA ARG F 82 -23.50 33.00 -44.65
C ARG F 82 -22.48 32.96 -43.52
N HIS F 83 -21.26 33.41 -43.81
CA HIS F 83 -20.18 33.50 -42.83
C HIS F 83 -20.58 34.29 -41.60
N LEU F 84 -21.38 35.34 -41.80
CA LEU F 84 -21.79 36.21 -40.69
C LEU F 84 -22.78 35.50 -39.78
N VAL F 85 -23.54 34.58 -40.35
CA VAL F 85 -24.52 33.79 -39.62
C VAL F 85 -23.86 32.63 -38.86
N ASN F 86 -22.88 31.97 -39.49
CA ASN F 86 -22.06 30.99 -38.79
C ASN F 86 -21.48 31.56 -37.51
N ARG F 87 -20.99 32.79 -37.58
CA ARG F 87 -20.49 33.49 -36.41
C ARG F 87 -21.64 33.85 -35.45
N GLY F 88 -22.76 34.28 -36.03
CA GLY F 88 -23.98 34.55 -35.26
C GLY F 88 -24.47 33.31 -34.52
N ARG F 89 -24.40 32.16 -35.18
CA ARG F 89 -24.88 30.91 -34.62
C ARG F 89 -24.02 30.41 -33.47
N GLU F 90 -22.71 30.58 -33.62
CA GLU F 90 -21.75 30.25 -32.59
C GLU F 90 -21.92 31.19 -31.41
N GLU F 91 -22.05 32.48 -31.72
CA GLU F 91 -22.14 33.51 -30.70
C GLU F 91 -23.36 33.33 -29.78
N ALA F 92 -24.50 32.99 -30.37
CA ALA F 92 -25.74 32.75 -29.62
C ALA F 92 -25.69 31.46 -28.80
N ALA F 93 -25.13 30.39 -29.38
CA ALA F 93 -24.96 29.12 -28.67
C ALA F 93 -24.02 29.26 -27.47
N SER F 94 -22.95 30.02 -27.63
CA SER F 94 -22.01 30.31 -26.54
C SER F 94 -22.68 31.09 -25.40
N PHE F 95 -23.66 31.92 -25.75
CA PHE F 95 -24.38 32.75 -24.78
C PHE F 95 -25.39 31.89 -24.03
N LYS F 96 -26.05 30.97 -24.74
CA LYS F 96 -26.99 30.04 -24.13
C LYS F 96 -26.27 29.05 -23.22
N LYS F 97 -25.04 28.70 -23.58
CA LYS F 97 -24.22 27.77 -22.78
C LYS F 97 -23.91 28.33 -21.40
N LEU F 98 -23.50 29.59 -21.34
CA LEU F 98 -23.04 30.20 -20.10
C LEU F 98 -24.18 30.79 -19.27
N TYR F 99 -25.17 31.37 -19.93
CA TYR F 99 -26.22 32.14 -19.25
C TYR F 99 -27.59 31.49 -19.23
N LYS F 100 -27.69 30.28 -19.78
CA LYS F 100 -28.94 29.49 -19.85
C LYS F 100 -29.98 30.10 -20.78
N THR F 101 -30.31 31.37 -20.56
CA THR F 101 -31.30 32.08 -21.36
C THR F 101 -30.83 32.29 -22.81
N PRO F 102 -31.74 32.14 -23.79
CA PRO F 102 -31.42 32.47 -25.18
C PRO F 102 -31.00 33.94 -25.31
N ILE F 103 -30.14 34.24 -26.28
CA ILE F 103 -29.56 35.58 -26.42
C ILE F 103 -30.61 36.64 -26.81
N PRO F 104 -30.69 37.73 -26.00
CA PRO F 104 -31.49 38.90 -26.37
C PRO F 104 -31.01 39.53 -27.67
N ILE F 105 -31.95 40.08 -28.45
CA ILE F 105 -31.65 40.63 -29.77
C ILE F 105 -30.62 41.77 -29.73
N PRO F 106 -30.79 42.75 -28.82
CA PRO F 106 -29.78 43.80 -28.63
C PRO F 106 -28.39 43.25 -28.32
N ALA F 107 -28.33 42.19 -27.53
CA ALA F 107 -27.07 41.53 -27.19
C ALA F 107 -26.44 40.87 -28.41
N PHE F 108 -27.30 40.25 -29.22
CA PHE F 108 -26.88 39.56 -30.44
C PHE F 108 -26.41 40.54 -31.51
N ALA F 109 -27.07 41.69 -31.56
CA ALA F 109 -26.72 42.76 -32.49
C ALA F 109 -25.28 43.19 -32.25
N ASP F 110 -24.98 43.58 -31.01
CA ASP F 110 -23.65 44.02 -30.66
C ASP F 110 -22.59 42.97 -30.97
N ARG F 111 -22.97 41.69 -30.89
CA ARG F 111 -22.06 40.59 -31.18
C ARG F 111 -21.65 40.56 -32.66
N LEU F 112 -22.63 40.61 -33.55
CA LEU F 112 -22.36 40.77 -34.98
C LEU F 112 -21.67 42.10 -35.26
N GLY F 113 -22.07 43.13 -34.52
CA GLY F 113 -21.51 44.48 -34.66
C GLY F 113 -20.03 44.58 -34.35
N GLN F 114 -19.61 43.94 -33.26
CA GLN F 114 -18.20 43.97 -32.84
C GLN F 114 -17.35 43.08 -33.76
N TYR F 115 -18.01 42.17 -34.45
CA TYR F 115 -17.34 41.23 -35.34
C TYR F 115 -17.08 41.90 -36.69
N VAL F 116 -18.06 42.68 -37.16
CA VAL F 116 -17.94 43.40 -38.43
C VAL F 116 -16.98 44.57 -38.30
N GLN F 117 -17.00 45.27 -37.16
CA GLN F 117 -16.07 46.36 -36.88
C GLN F 117 -14.64 45.84 -36.88
N ALA F 118 -14.47 44.60 -36.46
CA ALA F 118 -13.15 43.97 -36.38
C ALA F 118 -12.50 43.84 -37.75
N HIS F 119 -13.31 43.68 -38.79
CA HIS F 119 -12.82 43.53 -40.15
C HIS F 119 -12.64 44.87 -40.88
N THR F 120 -12.58 45.96 -40.12
CA THR F 120 -12.24 47.28 -40.65
C THR F 120 -11.04 47.82 -39.89
N LEU F 121 -10.33 46.93 -39.21
CA LEU F 121 -9.28 47.32 -38.27
C LEU F 121 -7.87 46.92 -38.72
N TYR F 122 -7.80 45.93 -39.62
CA TYR F 122 -6.52 45.35 -40.05
C TYR F 122 -6.41 45.30 -41.57
N ASN F 123 -5.22 45.53 -42.10
CA ASN F 123 -5.00 45.44 -43.56
C ASN F 123 -5.08 44.02 -44.11
N SER F 124 -4.88 43.03 -43.25
CA SER F 124 -4.87 41.61 -43.65
C SER F 124 -6.26 40.99 -43.75
N VAL F 125 -7.30 41.80 -43.53
CA VAL F 125 -8.68 41.37 -43.74
C VAL F 125 -9.48 42.32 -44.63
N ARG F 126 -10.44 41.74 -45.35
CA ARG F 126 -11.37 42.48 -46.20
C ARG F 126 -12.68 42.73 -45.44
N PRO F 127 -13.22 43.97 -45.53
CA PRO F 127 -14.54 44.26 -44.95
C PRO F 127 -15.65 43.40 -45.55
N PHE F 128 -16.67 43.10 -44.76
CA PHE F 128 -17.80 42.30 -45.23
C PHE F 128 -18.59 43.05 -46.30
N GLY F 129 -18.99 42.31 -47.34
CA GLY F 129 -19.77 42.87 -48.43
C GLY F 129 -21.25 42.58 -48.30
N VAL F 130 -21.79 42.86 -47.11
CA VAL F 130 -23.22 42.65 -46.83
C VAL F 130 -23.80 43.71 -45.88
N SER F 131 -25.06 44.06 -46.13
CA SER F 131 -25.90 44.69 -45.11
C SER F 131 -26.83 43.60 -44.62
N THR F 132 -27.06 43.53 -43.32
CA THR F 132 -27.87 42.46 -42.75
C THR F 132 -29.05 42.99 -41.95
N ILE F 133 -30.23 42.48 -42.24
CA ILE F 133 -31.44 42.80 -41.49
C ILE F 133 -31.84 41.58 -40.66
N PHE F 134 -31.91 41.79 -39.34
CA PHE F 134 -32.11 40.71 -38.38
C PHE F 134 -32.86 41.17 -37.14
N GLY F 135 -33.37 40.22 -36.37
CA GLY F 135 -34.15 40.52 -35.17
C GLY F 135 -35.03 39.37 -34.70
N GLY F 136 -35.89 39.65 -33.72
CA GLY F 136 -36.75 38.63 -33.14
C GLY F 136 -37.40 39.07 -31.84
N VAL F 137 -37.95 38.09 -31.12
CA VAL F 137 -38.70 38.35 -29.90
C VAL F 137 -37.96 37.79 -28.70
N ASP F 138 -37.67 38.67 -27.74
CA ASP F 138 -36.97 38.27 -26.53
C ASP F 138 -37.79 38.58 -25.28
N LYS F 139 -37.09 38.69 -24.14
CA LYS F 139 -37.70 38.90 -22.83
C LYS F 139 -38.58 40.14 -22.75
N ASN F 140 -38.19 41.19 -23.47
CA ASN F 140 -39.03 42.39 -23.55
C ASN F 140 -39.33 42.85 -24.97
N GLY F 141 -40.36 42.25 -25.56
CA GLY F 141 -40.93 42.68 -26.85
C GLY F 141 -40.09 42.35 -28.06
N ALA F 142 -40.51 42.89 -29.20
CA ALA F 142 -39.82 42.69 -30.48
C ALA F 142 -38.66 43.66 -30.72
N HIS F 143 -37.71 43.24 -31.56
CA HIS F 143 -36.58 44.08 -31.97
C HIS F 143 -36.26 43.85 -33.44
N LEU F 144 -35.98 44.93 -34.16
CA LEU F 144 -35.50 44.85 -35.55
C LEU F 144 -34.24 45.68 -35.76
N TYR F 145 -33.24 45.07 -36.41
CA TYR F 145 -31.93 45.68 -36.60
C TYR F 145 -31.45 45.71 -38.06
N MET F 146 -30.53 46.62 -38.35
CA MET F 146 -29.82 46.63 -39.62
C MET F 146 -28.32 46.88 -39.41
N LEU F 147 -27.51 45.98 -39.95
CA LEU F 147 -26.06 46.03 -39.79
C LEU F 147 -25.34 46.36 -41.10
N GLU F 148 -24.49 47.38 -41.04
CA GLU F 148 -23.73 47.84 -42.21
C GLU F 148 -22.32 47.25 -42.21
N PRO F 149 -21.64 47.23 -43.38
CA PRO F 149 -20.26 46.75 -43.51
C PRO F 149 -19.26 47.47 -42.59
N SER F 150 -19.58 48.69 -42.19
CA SER F 150 -18.72 49.46 -41.28
C SER F 150 -18.79 48.95 -39.85
N GLY F 151 -19.88 48.27 -39.52
CA GLY F 151 -20.13 47.81 -38.16
C GLY F 151 -21.28 48.57 -37.50
N SER F 152 -21.71 49.66 -38.16
CA SER F 152 -22.86 50.43 -37.72
C SER F 152 -24.14 49.59 -37.70
N TYR F 153 -24.90 49.71 -36.61
CA TYR F 153 -26.21 49.10 -36.49
C TYR F 153 -27.12 49.94 -35.57
N TRP F 154 -28.39 50.03 -35.94
CA TRP F 154 -29.39 50.69 -35.11
C TRP F 154 -30.66 49.84 -35.08
N GLY F 155 -31.56 50.16 -34.17
CA GLY F 155 -32.90 49.60 -34.16
C GLY F 155 -33.79 50.34 -35.16
N TYR F 156 -34.65 49.59 -35.85
CA TYR F 156 -35.50 50.19 -36.86
C TYR F 156 -36.97 49.82 -36.68
N LYS F 157 -37.85 50.74 -37.04
CA LYS F 157 -39.28 50.43 -37.21
C LYS F 157 -39.42 49.63 -38.49
N GLY F 158 -38.70 50.09 -39.51
CA GLY F 158 -38.60 49.39 -40.80
C GLY F 158 -37.19 49.54 -41.35
N ALA F 159 -36.67 48.45 -41.91
CA ALA F 159 -35.33 48.44 -42.49
C ALA F 159 -35.37 47.93 -43.93
N ALA F 160 -34.49 48.47 -44.77
CA ALA F 160 -34.39 48.09 -46.17
C ALA F 160 -32.98 48.30 -46.69
N THR F 161 -32.50 47.39 -47.52
CA THR F 161 -31.19 47.50 -48.14
C THR F 161 -31.10 46.74 -49.46
N GLY F 162 -30.15 47.12 -50.30
CA GLY F 162 -29.91 46.44 -51.57
C GLY F 162 -30.26 47.28 -52.78
N LYS F 163 -30.55 46.58 -53.87
CA LYS F 163 -30.87 47.20 -55.16
C LYS F 163 -32.04 48.17 -55.06
N GLY F 164 -33.11 47.73 -54.41
CA GLY F 164 -34.35 48.49 -54.36
C GLY F 164 -34.61 49.18 -53.04
N ARG F 165 -33.53 49.59 -52.37
CA ARG F 165 -33.63 50.22 -51.05
C ARG F 165 -34.42 51.54 -51.08
N GLN F 166 -34.35 52.25 -52.21
CA GLN F 166 -35.05 53.51 -52.39
C GLN F 166 -36.57 53.35 -52.31
N SER F 167 -37.11 52.50 -53.19
CA SER F 167 -38.55 52.25 -53.28
C SER F 167 -39.10 51.71 -51.95
N ALA F 168 -38.32 50.86 -51.30
CA ALA F 168 -38.72 50.23 -50.05
C ALA F 168 -38.91 51.25 -48.93
N LYS F 169 -37.85 51.99 -48.61
CA LYS F 169 -37.90 53.02 -47.56
C LYS F 169 -39.03 54.05 -47.76
N ALA F 170 -39.23 54.48 -49.01
CA ALA F 170 -40.30 55.41 -49.34
C ALA F 170 -41.67 54.82 -49.02
N GLU F 171 -41.78 53.50 -49.13
CA GLU F 171 -43.01 52.79 -48.85
C GLU F 171 -43.11 52.42 -47.37
N LEU F 172 -41.96 52.18 -46.74
CA LEU F 172 -41.88 51.92 -45.30
C LEU F 172 -42.29 53.13 -44.47
N GLU F 173 -41.91 54.33 -44.93
CA GLU F 173 -42.18 55.56 -44.19
C GLU F 173 -43.65 55.96 -44.20
N LYS F 174 -44.38 55.53 -45.23
CA LYS F 174 -45.82 55.76 -45.30
C LYS F 174 -46.56 54.87 -44.29
N LEU F 175 -45.98 53.71 -43.99
CA LEU F 175 -46.53 52.77 -43.02
C LEU F 175 -46.42 53.27 -41.59
N VAL F 176 -45.24 53.75 -41.22
CA VAL F 176 -44.98 54.32 -39.89
C VAL F 176 -45.92 55.50 -39.58
N ASP F 177 -46.35 56.20 -40.63
CA ASP F 177 -47.27 57.33 -40.51
C ASP F 177 -48.74 56.92 -40.53
N HIS F 178 -49.10 55.97 -41.40
CA HIS F 178 -50.48 55.50 -41.51
C HIS F 178 -50.86 54.47 -40.44
N HIS F 179 -49.86 53.95 -39.73
CA HIS F 179 -50.07 53.03 -38.62
C HIS F 179 -49.19 53.38 -37.42
N PRO F 180 -49.53 54.48 -36.71
CA PRO F 180 -48.71 54.94 -35.58
C PRO F 180 -48.88 54.08 -34.33
N GLU F 181 -50.08 53.51 -34.18
CA GLU F 181 -50.44 52.67 -33.02
C GLU F 181 -50.03 51.20 -33.18
N GLY F 182 -48.95 50.96 -33.92
CA GLY F 182 -48.45 49.61 -34.16
C GLY F 182 -49.20 48.88 -35.27
N LEU F 183 -48.49 48.03 -35.99
CA LEU F 183 -49.07 47.17 -37.01
C LEU F 183 -49.19 45.75 -36.44
N SER F 184 -50.12 44.96 -36.96
CA SER F 184 -50.25 43.57 -36.51
C SER F 184 -49.23 42.68 -37.23
N ALA F 185 -48.98 41.50 -36.66
CA ALA F 185 -48.07 40.51 -37.24
C ALA F 185 -48.59 39.98 -38.58
N ARG F 186 -49.90 39.71 -38.65
CA ARG F 186 -50.53 39.18 -39.85
C ARG F 186 -50.45 40.19 -41.00
N GLU F 187 -50.81 41.45 -40.70
CA GLU F 187 -50.82 42.53 -41.69
C GLU F 187 -49.44 42.76 -42.30
N ALA F 188 -48.41 42.76 -41.45
CA ALA F 188 -47.05 43.03 -41.87
C ALA F 188 -46.52 42.04 -42.92
N VAL F 189 -46.89 40.77 -42.79
CA VAL F 189 -46.53 39.72 -43.76
C VAL F 189 -47.03 40.07 -45.16
N LYS F 190 -48.33 40.37 -45.27
CA LYS F 190 -48.95 40.82 -46.52
C LYS F 190 -48.24 42.06 -47.06
N GLN F 191 -48.04 43.03 -46.16
CA GLN F 191 -47.41 44.30 -46.50
C GLN F 191 -45.92 44.15 -46.86
N ALA F 192 -45.29 43.06 -46.42
CA ALA F 192 -43.91 42.76 -46.80
C ALA F 192 -43.83 42.27 -48.25
N ALA F 193 -44.86 41.55 -48.68
CA ALA F 193 -44.94 41.06 -50.05
C ALA F 193 -45.08 42.22 -51.04
N LYS F 194 -45.90 43.21 -50.68
CA LYS F 194 -46.09 44.40 -51.49
C LYS F 194 -44.78 45.16 -51.68
N ILE F 195 -44.07 45.39 -50.58
CA ILE F 195 -42.83 46.19 -50.61
C ILE F 195 -41.79 45.57 -51.54
N ILE F 196 -41.67 44.25 -51.51
CA ILE F 196 -40.74 43.52 -52.37
C ILE F 196 -41.13 43.62 -53.85
N TYR F 197 -42.42 43.46 -54.14
CA TYR F 197 -42.95 43.56 -55.49
C TYR F 197 -42.79 44.96 -56.11
N LEU F 198 -42.92 45.99 -55.28
CA LEU F 198 -42.80 47.38 -55.73
C LEU F 198 -41.35 47.86 -55.83
N ALA F 199 -40.45 47.18 -55.14
CA ALA F 199 -39.02 47.44 -55.25
C ALA F 199 -38.38 46.53 -56.30
N HIS F 200 -39.23 45.90 -57.10
CA HIS F 200 -38.77 45.05 -58.21
C HIS F 200 -38.83 45.80 -59.55
N GLU F 201 -39.35 47.03 -59.52
CA GLU F 201 -39.28 47.97 -60.64
C GLU F 201 -37.80 48.25 -60.99
N ASP F 202 -36.96 48.21 -59.97
CA ASP F 202 -35.50 48.42 -60.09
C ASP F 202 -34.76 47.32 -60.85
N ASN F 203 -35.49 46.28 -61.27
CA ASN F 203 -34.91 45.11 -61.94
C ASN F 203 -35.95 44.30 -62.71
N LYS F 204 -36.96 44.99 -63.23
CA LYS F 204 -38.14 44.34 -63.84
C LYS F 204 -37.90 43.63 -65.18
N GLU F 205 -36.64 43.28 -65.44
CA GLU F 205 -36.28 42.53 -66.64
C GLU F 205 -36.30 41.02 -66.41
N LYS F 206 -35.95 40.61 -65.20
CA LYS F 206 -35.88 39.20 -64.81
C LYS F 206 -36.97 38.85 -63.79
N ASP F 207 -37.62 37.70 -63.99
CA ASP F 207 -38.64 37.22 -63.07
C ASP F 207 -38.02 36.87 -61.73
N PHE F 208 -38.84 36.84 -60.68
CA PHE F 208 -38.31 36.65 -59.32
C PHE F 208 -39.20 35.76 -58.44
N GLU F 209 -38.60 35.22 -57.39
CA GLU F 209 -39.29 34.41 -56.39
C GLU F 209 -39.40 35.19 -55.09
N LEU F 210 -40.43 34.90 -54.31
CA LEU F 210 -40.66 35.61 -53.04
C LEU F 210 -40.43 34.71 -51.84
N GLU F 211 -39.67 35.21 -50.87
CA GLU F 211 -39.35 34.45 -49.66
C GLU F 211 -39.57 35.30 -48.40
N ILE F 212 -40.47 34.81 -47.54
CA ILE F 212 -40.91 35.54 -46.34
C ILE F 212 -40.77 34.64 -45.10
N SER F 213 -40.49 35.29 -43.96
CA SER F 213 -40.44 34.61 -42.68
C SER F 213 -40.90 35.58 -41.60
N TRP F 214 -41.38 35.03 -40.48
CA TRP F 214 -41.83 35.85 -39.35
C TRP F 214 -41.55 35.25 -37.97
N CYS F 215 -41.28 36.13 -37.02
CA CYS F 215 -41.14 35.78 -35.62
C CYS F 215 -42.12 36.64 -34.82
N SER F 216 -43.09 36.01 -34.17
CA SER F 216 -44.18 36.75 -33.51
C SER F 216 -44.77 36.06 -32.29
N LEU F 217 -44.63 36.73 -31.14
CA LEU F 217 -45.13 36.24 -29.85
C LEU F 217 -46.48 35.52 -29.90
N SER F 218 -47.46 36.11 -30.57
CA SER F 218 -48.81 35.54 -30.58
C SER F 218 -49.12 34.64 -31.80
N GLU F 219 -48.36 34.78 -32.87
CA GLU F 219 -48.62 34.03 -34.10
C GLU F 219 -47.72 32.80 -34.27
N THR F 220 -46.42 32.96 -33.97
CA THR F 220 -45.46 31.87 -34.11
C THR F 220 -44.91 31.41 -32.75
N ASN F 221 -45.52 31.93 -31.69
CA ASN F 221 -45.13 31.62 -30.30
C ASN F 221 -43.72 32.10 -29.92
N GLY F 222 -43.23 33.11 -30.63
CA GLY F 222 -41.93 33.71 -30.33
C GLY F 222 -40.73 33.05 -30.99
N LEU F 223 -41.01 32.07 -31.84
CA LEU F 223 -39.97 31.34 -32.57
C LEU F 223 -39.95 31.75 -34.03
N HIS F 224 -38.74 31.84 -34.59
CA HIS F 224 -38.55 32.14 -36.01
C HIS F 224 -39.11 31.02 -36.88
N LYS F 225 -39.93 31.38 -37.86
CA LYS F 225 -40.64 30.40 -38.69
C LYS F 225 -40.92 30.95 -40.07
N PHE F 226 -40.64 30.15 -41.10
CA PHE F 226 -40.87 30.55 -42.49
C PHE F 226 -42.34 30.56 -42.84
N VAL F 227 -42.70 31.33 -43.87
CA VAL F 227 -44.07 31.40 -44.37
C VAL F 227 -44.22 30.41 -45.52
N LYS F 228 -45.17 29.48 -45.37
CA LYS F 228 -45.37 28.39 -46.32
C LYS F 228 -46.77 28.38 -46.91
N GLY F 229 -46.90 27.74 -48.08
CA GLY F 229 -48.19 27.40 -48.69
C GLY F 229 -49.29 28.44 -48.73
N ASP F 230 -50.29 28.28 -47.86
CA ASP F 230 -51.51 29.08 -47.89
C ASP F 230 -51.34 30.53 -47.47
N LEU F 231 -50.48 30.77 -46.48
CA LEU F 231 -50.22 32.13 -46.04
C LEU F 231 -49.35 32.85 -47.08
N LEU F 232 -48.39 32.11 -47.64
CA LEU F 232 -47.53 32.63 -48.70
C LEU F 232 -48.33 33.03 -49.96
N GLN F 233 -49.18 32.13 -50.43
CA GLN F 233 -50.05 32.43 -51.59
C GLN F 233 -50.97 33.62 -51.33
N GLU F 234 -51.44 33.74 -50.09
CA GLU F 234 -52.27 34.87 -49.65
C GLU F 234 -51.54 36.22 -49.77
N ALA F 235 -50.25 36.21 -49.45
CA ALA F 235 -49.41 37.41 -49.53
C ALA F 235 -49.07 37.80 -50.96
N ILE F 236 -48.84 36.81 -51.82
CA ILE F 236 -48.64 37.02 -53.26
C ILE F 236 -49.86 37.70 -53.88
N ASP F 237 -51.04 37.13 -53.60
CA ASP F 237 -52.32 37.63 -54.13
C ASP F 237 -52.67 39.04 -53.67
N PHE F 238 -52.07 39.47 -52.56
CA PHE F 238 -52.27 40.83 -52.05
C PHE F 238 -51.37 41.81 -52.80
N ALA F 239 -50.14 41.38 -53.09
CA ALA F 239 -49.20 42.18 -53.86
C ALA F 239 -49.70 42.40 -55.29
N GLN F 240 -50.23 41.34 -55.90
CA GLN F 240 -50.81 41.39 -57.24
C GLN F 240 -52.03 42.32 -57.31
N LYS F 241 -52.82 42.32 -56.23
CA LYS F 241 -54.02 43.15 -56.15
C LYS F 241 -53.71 44.60 -55.78
N GLU F 242 -52.48 44.84 -55.32
CA GLU F 242 -52.02 46.19 -55.00
C GLU F 242 -51.22 46.81 -56.15
N ILE F 243 -50.41 46.00 -56.82
CA ILE F 243 -49.68 46.42 -58.03
C ILE F 243 -50.63 46.81 -59.19
N ASN F 244 -51.87 46.30 -59.16
CA ASN F 244 -52.89 46.64 -60.14
C ASN F 244 -53.93 47.62 -59.59
N ALA G 1 8.49 58.73 -49.79
CA ALA G 1 7.72 59.79 -50.49
C ALA G 1 6.26 59.38 -50.79
N GLY G 2 5.68 58.57 -49.90
CA GLY G 2 4.31 58.09 -50.08
C GLY G 2 3.67 57.39 -48.89
N TYR G 3 4.26 56.27 -48.48
CA TYR G 3 3.63 55.39 -47.48
C TYR G 3 3.71 55.85 -46.02
N ASP G 4 4.45 56.94 -45.76
CA ASP G 4 4.50 57.52 -44.40
C ASP G 4 3.18 58.18 -43.99
N ARG G 5 2.17 58.02 -44.85
CA ARG G 5 0.83 58.56 -44.60
C ARG G 5 -0.23 57.47 -44.46
N HIS G 6 0.17 56.22 -44.66
CA HIS G 6 -0.75 55.08 -44.66
C HIS G 6 -0.69 54.23 -43.39
N ILE G 7 0.49 54.11 -42.78
CA ILE G 7 0.66 53.41 -41.50
C ILE G 7 1.23 54.34 -40.43
N THR G 8 1.29 53.86 -39.19
CA THR G 8 1.69 54.70 -38.07
C THR G 8 3.21 54.78 -37.86
N ILE G 9 3.89 55.37 -38.83
CA ILE G 9 5.31 55.70 -38.75
C ILE G 9 5.55 57.18 -39.07
N PHE G 10 6.65 57.72 -38.57
CA PHE G 10 6.91 59.16 -38.66
C PHE G 10 7.02 59.66 -40.09
N SER G 11 6.52 60.87 -40.32
CA SER G 11 6.77 61.62 -41.54
C SER G 11 8.11 62.33 -41.40
N PRO G 12 8.70 62.83 -42.51
CA PRO G 12 9.95 63.57 -42.37
C PRO G 12 9.89 64.69 -41.31
N GLU G 13 8.72 65.29 -41.16
CA GLU G 13 8.50 66.40 -40.24
C GLU G 13 8.32 65.95 -38.79
N GLY G 14 8.18 64.64 -38.60
CA GLY G 14 8.00 64.06 -37.26
C GLY G 14 6.55 63.86 -36.89
N ARG G 15 5.68 63.84 -37.90
CA ARG G 15 4.23 63.73 -37.67
C ARG G 15 3.69 62.35 -38.02
N LEU G 16 2.62 61.96 -37.33
CA LEU G 16 1.93 60.71 -37.64
C LEU G 16 0.60 61.02 -38.29
N TYR G 17 0.56 60.96 -39.61
CA TYR G 17 -0.61 61.38 -40.39
C TYR G 17 -1.85 60.54 -40.16
N GLN G 18 -1.66 59.26 -39.86
CA GLN G 18 -2.77 58.38 -39.56
C GLN G 18 -3.47 58.73 -38.26
N VAL G 19 -2.73 59.33 -37.33
CA VAL G 19 -3.30 59.83 -36.08
C VAL G 19 -4.08 61.12 -36.35
N GLU G 20 -3.50 61.99 -37.18
CA GLU G 20 -4.11 63.27 -37.53
C GLU G 20 -5.40 63.08 -38.32
N TYR G 21 -5.44 62.04 -39.16
CA TYR G 21 -6.62 61.75 -39.97
C TYR G 21 -7.71 61.08 -39.14
N ALA G 22 -7.31 60.50 -38.01
CA ALA G 22 -8.25 59.87 -37.09
C ALA G 22 -9.06 60.91 -36.33
N PHE G 23 -8.41 61.98 -35.91
CA PHE G 23 -9.07 63.13 -35.30
C PHE G 23 -10.16 63.67 -36.21
N LYS G 24 -9.85 63.75 -37.49
CA LYS G 24 -10.80 64.20 -38.50
C LYS G 24 -12.05 63.30 -38.52
N ALA G 25 -11.85 62.01 -38.29
CA ALA G 25 -12.94 61.04 -38.29
C ALA G 25 -13.96 61.26 -37.16
N THR G 26 -13.48 61.76 -36.02
CA THR G 26 -14.32 61.98 -34.84
C THR G 26 -15.46 62.98 -35.06
N ASN G 27 -15.34 63.80 -36.10
CA ASN G 27 -16.35 64.81 -36.41
C ASN G 27 -17.32 64.38 -37.52
N GLN G 28 -17.28 63.10 -37.88
CA GLN G 28 -18.12 62.60 -38.97
C GLN G 28 -19.61 62.64 -38.61
N THR G 29 -19.92 62.40 -37.35
CA THR G 29 -21.32 62.31 -36.89
C THR G 29 -22.01 63.67 -36.75
N ASN G 30 -21.21 64.74 -36.77
CA ASN G 30 -21.71 66.12 -36.65
C ASN G 30 -22.55 66.30 -35.38
N ILE G 31 -21.99 65.90 -34.26
CA ILE G 31 -22.68 65.92 -32.98
C ILE G 31 -21.76 66.48 -31.89
N ASN G 32 -22.23 67.52 -31.21
CA ASN G 32 -21.46 68.17 -30.15
C ASN G 32 -21.83 67.64 -28.75
N SER G 33 -20.86 67.64 -27.85
CA SER G 33 -21.08 67.21 -26.48
C SER G 33 -20.31 68.08 -25.49
N LEU G 34 -20.79 68.14 -24.26
CA LEU G 34 -20.13 68.89 -23.19
C LEU G 34 -20.26 68.19 -21.85
N ALA G 35 -19.40 68.55 -20.91
CA ALA G 35 -19.41 67.96 -19.59
C ALA G 35 -19.02 68.98 -18.52
N VAL G 36 -19.80 69.02 -17.44
CA VAL G 36 -19.57 69.95 -16.33
C VAL G 36 -19.62 69.25 -14.97
N ARG G 37 -18.96 69.85 -13.99
CA ARG G 37 -18.95 69.33 -12.62
C ARG G 37 -19.80 70.21 -11.69
N GLY G 38 -20.62 69.56 -10.86
CA GLY G 38 -21.38 70.24 -9.83
C GLY G 38 -20.68 70.16 -8.48
N LYS G 39 -21.45 70.37 -7.41
CA LYS G 39 -20.93 70.28 -6.05
C LYS G 39 -20.53 68.84 -5.73
N ASP G 40 -21.44 67.90 -5.99
CA ASP G 40 -21.18 66.48 -5.80
C ASP G 40 -21.80 65.64 -6.92
N CYS G 41 -21.66 66.10 -8.16
CA CYS G 41 -22.13 65.36 -9.33
C CYS G 41 -21.34 65.72 -10.59
N THR G 42 -21.68 65.08 -11.70
CA THR G 42 -21.06 65.34 -12.99
C THR G 42 -22.09 65.03 -14.09
N VAL G 43 -22.24 65.96 -15.03
CA VAL G 43 -23.26 65.86 -16.08
C VAL G 43 -22.67 65.84 -17.49
N VAL G 44 -23.03 64.84 -18.28
CA VAL G 44 -22.71 64.82 -19.71
C VAL G 44 -23.94 65.10 -20.55
N ILE G 45 -23.77 66.05 -21.46
CA ILE G 45 -24.79 66.42 -22.43
C ILE G 45 -24.23 66.17 -23.83
N SER G 46 -24.98 65.43 -24.64
CA SER G 46 -24.62 65.21 -26.03
C SER G 46 -25.85 65.42 -26.89
N GLN G 47 -25.61 65.89 -28.12
CA GLN G 47 -26.68 66.09 -29.07
C GLN G 47 -27.20 64.78 -29.62
N LYS G 48 -28.50 64.72 -29.81
CA LYS G 48 -29.18 63.53 -30.30
C LYS G 48 -29.82 63.87 -31.62
N LYS G 49 -29.17 63.46 -32.71
CA LYS G 49 -29.72 63.68 -34.04
C LYS G 49 -30.13 62.36 -34.66
N VAL G 50 -31.43 62.23 -34.91
CA VAL G 50 -32.01 61.05 -35.55
C VAL G 50 -32.62 61.55 -36.87
N PRO G 51 -31.83 61.53 -37.95
CA PRO G 51 -32.28 62.11 -39.23
C PRO G 51 -33.25 61.22 -40.01
N ASP G 52 -33.25 59.92 -39.71
CA ASP G 52 -34.10 58.98 -40.41
C ASP G 52 -35.39 58.69 -39.62
N LYS G 53 -36.53 58.78 -40.30
CA LYS G 53 -37.82 58.49 -39.68
C LYS G 53 -38.09 57.00 -39.45
N LEU G 54 -37.19 56.15 -39.93
CA LEU G 54 -37.34 54.70 -39.76
C LEU G 54 -36.56 54.13 -38.57
N LEU G 55 -35.73 54.95 -37.94
CA LEU G 55 -34.92 54.53 -36.81
C LEU G 55 -35.72 54.44 -35.52
N ASP G 56 -35.19 53.71 -34.55
CA ASP G 56 -35.71 53.69 -33.19
C ASP G 56 -34.85 54.65 -32.36
N PRO G 57 -35.40 55.83 -32.01
CA PRO G 57 -34.69 56.90 -31.29
C PRO G 57 -33.96 56.42 -30.04
N THR G 58 -34.52 55.43 -29.35
CA THR G 58 -33.98 54.95 -28.09
C THR G 58 -32.73 54.08 -28.26
N THR G 59 -32.51 53.58 -29.47
CA THR G 59 -31.30 52.80 -29.77
C THR G 59 -30.13 53.66 -30.25
N VAL G 60 -30.43 54.90 -30.67
CA VAL G 60 -29.42 55.84 -31.16
C VAL G 60 -28.77 56.59 -30.00
N SER G 61 -27.60 56.12 -29.57
CA SER G 61 -26.95 56.68 -28.40
C SER G 61 -25.42 56.68 -28.52
N TYR G 62 -24.81 57.76 -28.03
CA TYR G 62 -23.34 57.85 -27.94
C TYR G 62 -22.90 58.03 -26.48
N ILE G 63 -23.82 57.76 -25.56
CA ILE G 63 -23.54 57.71 -24.13
C ILE G 63 -23.62 56.26 -23.65
N PHE G 64 -22.61 55.83 -22.89
CA PHE G 64 -22.53 54.45 -22.40
C PHE G 64 -22.31 54.37 -20.89
N CYS G 65 -22.95 53.38 -20.27
CA CYS G 65 -22.72 53.06 -18.87
C CYS G 65 -21.61 52.02 -18.76
N ILE G 66 -20.40 52.49 -18.48
CA ILE G 66 -19.22 51.63 -18.41
C ILE G 66 -19.27 50.76 -17.17
N SER G 67 -19.57 51.37 -16.03
CA SER G 67 -19.81 50.63 -14.79
C SER G 67 -20.89 51.31 -13.97
N ARG G 68 -21.14 50.77 -12.79
CA ARG G 68 -22.12 51.34 -11.85
C ARG G 68 -21.79 52.80 -11.55
N THR G 69 -20.51 53.17 -11.57
CA THR G 69 -20.09 54.55 -11.27
C THR G 69 -19.63 55.37 -12.47
N ILE G 70 -18.99 54.72 -13.45
CA ILE G 70 -18.43 55.45 -14.59
C ILE G 70 -19.35 55.45 -15.81
N GLY G 71 -19.47 56.62 -16.44
CA GLY G 71 -20.15 56.76 -17.72
C GLY G 71 -19.22 57.36 -18.77
N MET G 72 -19.50 57.06 -20.03
CA MET G 72 -18.66 57.51 -21.14
C MET G 72 -19.46 58.07 -22.31
N VAL G 73 -19.03 59.21 -22.82
CA VAL G 73 -19.61 59.79 -24.04
C VAL G 73 -18.55 59.81 -25.15
N VAL G 74 -18.99 59.51 -26.37
CA VAL G 74 -18.08 59.36 -27.50
C VAL G 74 -18.40 60.33 -28.64
N ASN G 75 -17.40 61.07 -29.11
CA ASN G 75 -17.49 61.77 -30.40
C ASN G 75 -16.76 60.96 -31.47
N GLY G 76 -17.53 60.30 -32.34
CA GLY G 76 -16.98 59.48 -33.41
C GLY G 76 -18.01 58.55 -34.02
N PRO G 77 -17.64 57.79 -35.07
CA PRO G 77 -18.56 56.84 -35.71
C PRO G 77 -18.93 55.72 -34.74
N ILE G 78 -20.14 55.20 -34.86
CA ILE G 78 -20.68 54.28 -33.87
C ILE G 78 -19.97 52.93 -33.74
N PRO G 79 -19.49 52.33 -34.86
CA PRO G 79 -18.84 51.04 -34.65
C PRO G 79 -17.53 51.17 -33.84
N ASP G 80 -16.73 52.20 -34.14
CA ASP G 80 -15.55 52.50 -33.33
C ASP G 80 -15.94 52.84 -31.91
N ALA G 81 -17.04 53.58 -31.76
CA ALA G 81 -17.56 53.99 -30.45
C ALA G 81 -17.91 52.77 -29.59
N ARG G 82 -18.64 51.82 -30.18
CA ARG G 82 -19.08 50.62 -29.48
C ARG G 82 -17.94 49.67 -29.19
N ASN G 83 -16.95 49.63 -30.08
CA ASN G 83 -15.69 48.94 -29.83
C ASN G 83 -15.11 49.44 -28.52
N ALA G 84 -14.81 50.73 -28.46
CA ALA G 84 -14.18 51.37 -27.30
C ALA G 84 -14.95 51.12 -25.99
N ALA G 85 -16.27 51.17 -26.08
CA ALA G 85 -17.16 50.91 -24.94
C ALA G 85 -16.96 49.49 -24.41
N LEU G 86 -17.09 48.50 -25.28
CA LEU G 86 -16.99 47.09 -24.89
C LEU G 86 -15.71 46.84 -24.13
N ARG G 87 -14.60 47.35 -24.66
CA ARG G 87 -13.32 47.22 -24.00
C ARG G 87 -13.36 47.89 -22.63
N ALA G 88 -13.88 49.12 -22.56
CA ALA G 88 -13.95 49.86 -21.30
C ALA G 88 -14.72 49.12 -20.23
N LYS G 89 -15.81 48.46 -20.64
CA LYS G 89 -16.63 47.66 -19.73
C LYS G 89 -15.86 46.44 -19.24
N ALA G 90 -15.18 45.73 -20.15
CA ALA G 90 -14.35 44.57 -19.83
C ALA G 90 -13.19 44.97 -18.92
N GLU G 91 -12.53 46.07 -19.27
CA GLU G 91 -11.41 46.59 -18.48
C GLU G 91 -11.83 46.99 -17.07
N ALA G 92 -13.07 47.47 -16.94
CA ALA G 92 -13.63 47.90 -15.66
C ALA G 92 -13.95 46.72 -14.76
N ALA G 93 -14.65 45.73 -15.33
CA ALA G 93 -15.00 44.51 -14.61
C ALA G 93 -13.76 43.80 -14.09
N GLU G 94 -12.76 43.68 -14.97
CA GLU G 94 -11.50 43.01 -14.62
C GLU G 94 -10.74 43.71 -13.51
N PHE G 95 -10.72 45.04 -13.53
CA PHE G 95 -10.03 45.82 -12.49
C PHE G 95 -10.61 45.52 -11.11
N ARG G 96 -11.93 45.50 -11.04
CA ARG G 96 -12.66 45.28 -9.79
C ARG G 96 -12.36 43.89 -9.23
N TYR G 97 -12.45 42.88 -10.10
CA TYR G 97 -12.16 41.51 -9.72
C TYR G 97 -10.71 41.33 -9.22
N LYS G 98 -9.76 41.95 -9.90
CA LYS G 98 -8.35 41.80 -9.58
C LYS G 98 -7.91 42.58 -8.34
N TYR G 99 -8.45 43.79 -8.19
CA TYR G 99 -7.96 44.73 -7.18
C TYR G 99 -8.89 45.03 -6.01
N GLY G 100 -10.12 44.54 -6.07
CA GLY G 100 -11.04 44.60 -4.94
C GLY G 100 -11.67 45.95 -4.66
N TYR G 101 -11.61 46.86 -5.63
CA TYR G 101 -12.30 48.15 -5.54
C TYR G 101 -12.59 48.69 -6.93
N ASP G 102 -13.70 49.41 -7.05
CA ASP G 102 -14.16 49.94 -8.32
C ASP G 102 -13.11 50.80 -9.02
N MET G 103 -13.02 50.68 -10.35
CA MET G 103 -12.01 51.40 -11.11
C MET G 103 -12.33 52.89 -11.15
N PRO G 104 -11.36 53.73 -10.73
CA PRO G 104 -11.52 55.18 -10.80
C PRO G 104 -11.58 55.69 -12.24
N CYS G 105 -12.13 56.89 -12.40
CA CYS G 105 -12.31 57.54 -13.69
C CYS G 105 -10.97 57.83 -14.37
N ASP G 106 -10.04 58.41 -13.62
CA ASP G 106 -8.73 58.81 -14.13
C ASP G 106 -7.85 57.61 -14.48
N VAL G 107 -8.08 56.50 -13.79
CA VAL G 107 -7.35 55.25 -14.03
C VAL G 107 -7.88 54.57 -15.28
N LEU G 108 -9.20 54.40 -15.39
CA LEU G 108 -9.79 53.86 -16.62
C LEU G 108 -9.34 54.67 -17.83
N ALA G 109 -9.39 56.00 -17.71
CA ALA G 109 -8.96 56.88 -18.78
C ALA G 109 -7.52 56.57 -19.19
N LYS G 110 -6.59 56.63 -18.21
CA LYS G 110 -5.18 56.33 -18.47
C LYS G 110 -5.04 55.03 -19.26
N ARG G 111 -5.67 53.97 -18.76
CA ARG G 111 -5.68 52.67 -19.43
C ARG G 111 -6.09 52.78 -20.90
N MET G 112 -7.28 53.31 -21.16
CA MET G 112 -7.81 53.42 -22.52
C MET G 112 -6.93 54.31 -23.40
N ALA G 113 -6.21 55.23 -22.76
CA ALA G 113 -5.30 56.13 -23.45
C ALA G 113 -3.94 55.48 -23.69
N ASN G 114 -3.61 54.49 -22.87
CA ASN G 114 -2.40 53.69 -23.07
C ASN G 114 -2.58 52.73 -24.22
N LEU G 115 -3.79 52.19 -24.33
CA LEU G 115 -4.18 51.32 -25.43
C LEU G 115 -4.15 52.09 -26.74
N SER G 116 -4.70 53.30 -26.72
CA SER G 116 -4.74 54.15 -27.91
C SER G 116 -3.35 54.47 -28.42
N GLN G 117 -2.43 54.72 -27.49
CA GLN G 117 -1.03 54.95 -27.81
C GLN G 117 -0.44 53.75 -28.56
N ILE G 118 -0.75 52.53 -28.12
CA ILE G 118 -0.25 51.32 -28.79
C ILE G 118 -0.57 51.30 -30.29
N TYR G 119 -1.81 51.62 -30.67
CA TYR G 119 -2.23 51.66 -32.08
C TYR G 119 -1.45 52.74 -32.87
N THR G 120 -0.85 53.65 -32.10
CA THR G 120 -0.04 54.77 -32.61
C THR G 120 1.41 54.34 -32.90
N GLN G 121 1.82 53.20 -32.32
CA GLN G 121 3.20 52.72 -32.45
C GLN G 121 3.31 51.43 -33.26
N ARG G 122 2.39 50.49 -33.04
CA ARG G 122 2.32 49.25 -33.83
C ARG G 122 1.61 49.53 -35.14
N ALA G 123 2.01 48.81 -36.19
CA ALA G 123 1.60 49.14 -37.55
C ALA G 123 0.33 48.42 -38.02
N TYR G 124 0.06 47.24 -37.49
CA TYR G 124 -1.08 46.45 -37.95
C TYR G 124 -2.41 46.93 -37.38
N MET G 125 -2.34 47.68 -36.29
CA MET G 125 -3.52 48.31 -35.69
C MET G 125 -3.67 49.74 -36.21
N ARG G 126 -4.89 50.07 -36.62
CA ARG G 126 -5.27 51.46 -36.87
C ARG G 126 -5.74 52.10 -35.57
N PRO G 127 -5.59 53.44 -35.44
CA PRO G 127 -6.19 54.08 -34.29
C PRO G 127 -7.71 54.08 -34.43
N LEU G 128 -8.41 54.27 -33.32
CA LEU G 128 -9.87 54.40 -33.37
C LEU G 128 -10.23 55.87 -33.56
N GLY G 129 -11.17 56.14 -34.46
CA GLY G 129 -11.59 57.51 -34.75
C GLY G 129 -12.59 58.03 -33.75
N VAL G 130 -12.20 58.10 -32.48
CA VAL G 130 -13.12 58.48 -31.42
C VAL G 130 -12.42 59.29 -30.32
N ILE G 131 -13.17 60.23 -29.74
CA ILE G 131 -12.72 60.95 -28.55
C ILE G 131 -13.62 60.53 -27.39
N LEU G 132 -13.00 59.94 -26.37
CA LEU G 132 -13.75 59.35 -25.26
C LEU G 132 -13.75 60.27 -24.05
N THR G 133 -14.93 60.57 -23.54
CA THR G 133 -15.07 61.41 -22.36
C THR G 133 -15.69 60.60 -21.21
N PHE G 134 -14.92 60.40 -20.15
CA PHE G 134 -15.35 59.62 -19.01
C PHE G 134 -15.77 60.51 -17.87
N VAL G 135 -16.81 60.10 -17.14
CA VAL G 135 -17.33 60.87 -16.02
C VAL G 135 -17.74 60.01 -14.83
N SER G 136 -17.49 60.54 -13.63
CA SER G 136 -17.86 59.88 -12.38
C SER G 136 -17.83 60.86 -11.22
N VAL G 137 -18.28 60.39 -10.07
CA VAL G 137 -17.98 61.04 -8.80
C VAL G 137 -17.07 60.06 -8.06
N ASP G 138 -15.77 60.25 -8.27
CA ASP G 138 -14.74 59.38 -7.72
C ASP G 138 -14.73 59.47 -6.20
N GLU G 139 -14.61 58.32 -5.54
CA GLU G 139 -14.65 58.27 -4.07
C GLU G 139 -13.43 58.93 -3.40
N GLU G 140 -12.54 59.50 -4.20
CA GLU G 140 -11.35 60.17 -3.69
C GLU G 140 -11.17 61.59 -4.23
N LEU G 141 -11.52 61.80 -5.49
CA LEU G 141 -11.27 63.09 -6.13
C LEU G 141 -12.55 63.87 -6.40
N GLY G 142 -13.68 63.29 -5.99
CA GLY G 142 -14.98 63.91 -6.20
C GLY G 142 -15.39 63.84 -7.68
N PRO G 143 -16.21 64.80 -8.12
CA PRO G 143 -16.67 64.88 -9.51
C PRO G 143 -15.48 64.92 -10.48
N SER G 144 -15.54 64.13 -11.55
CA SER G 144 -14.40 63.97 -12.46
C SER G 144 -14.77 63.91 -13.94
N ILE G 145 -13.98 64.59 -14.76
CA ILE G 145 -14.09 64.48 -16.21
C ILE G 145 -12.70 64.27 -16.80
N TYR G 146 -12.54 63.17 -17.51
CA TYR G 146 -11.27 62.81 -18.15
C TYR G 146 -11.51 62.43 -19.61
N LYS G 147 -10.68 62.96 -20.51
CA LYS G 147 -10.91 62.81 -21.94
C LYS G 147 -9.69 62.27 -22.70
N THR G 148 -9.93 61.28 -23.54
CA THR G 148 -8.88 60.62 -24.34
C THR G 148 -9.11 60.78 -25.84
N ASP G 149 -8.03 60.81 -26.60
CA ASP G 149 -8.09 60.99 -28.06
C ASP G 149 -7.31 59.90 -28.82
N PRO G 150 -7.37 59.90 -30.17
CA PRO G 150 -6.60 58.92 -30.93
C PRO G 150 -5.08 59.02 -30.78
N ALA G 151 -4.58 60.17 -30.34
CA ALA G 151 -3.15 60.36 -30.08
C ALA G 151 -2.65 59.60 -28.85
N GLY G 152 -3.57 59.23 -27.96
CA GLY G 152 -3.25 58.53 -26.72
C GLY G 152 -3.13 59.48 -25.55
N TYR G 153 -3.49 60.74 -25.80
CA TYR G 153 -3.42 61.81 -24.82
C TYR G 153 -4.65 61.76 -23.91
N TYR G 154 -4.46 62.15 -22.65
CA TYR G 154 -5.57 62.29 -21.71
C TYR G 154 -5.26 63.32 -20.63
N VAL G 155 -6.28 64.04 -20.18
CA VAL G 155 -6.14 65.04 -19.12
C VAL G 155 -7.46 65.23 -18.36
N GLY G 156 -7.36 65.70 -17.12
CA GLY G 156 -8.53 66.04 -16.31
C GLY G 156 -9.05 67.43 -16.59
N TYR G 157 -10.37 67.58 -16.56
CA TYR G 157 -11.02 68.85 -16.88
C TYR G 157 -11.83 69.42 -15.72
N LYS G 158 -11.92 70.76 -15.68
CA LYS G 158 -12.91 71.46 -14.86
C LYS G 158 -14.26 71.32 -15.55
N ALA G 159 -14.22 71.42 -16.88
CA ALA G 159 -15.34 71.17 -17.77
C ALA G 159 -14.76 70.97 -19.15
N THR G 160 -15.53 70.39 -20.06
CA THR G 160 -15.06 70.18 -21.43
C THR G 160 -16.19 70.10 -22.45
N ALA G 161 -15.83 70.24 -23.72
CA ALA G 161 -16.74 70.08 -24.83
C ALA G 161 -15.99 69.49 -26.01
N THR G 162 -16.72 68.74 -26.85
CA THR G 162 -16.10 68.05 -27.97
C THR G 162 -17.06 68.04 -29.16
N GLY G 163 -16.49 68.10 -30.37
CA GLY G 163 -17.26 68.05 -31.61
C GLY G 163 -16.94 69.18 -32.58
N PRO G 164 -17.68 69.25 -33.70
CA PRO G 164 -17.47 70.25 -34.74
C PRO G 164 -17.48 71.69 -34.24
N LYS G 165 -18.41 72.00 -33.34
CA LYS G 165 -18.58 73.37 -32.85
C LYS G 165 -18.08 73.49 -31.41
N GLN G 166 -16.97 72.80 -31.14
CA GLN G 166 -16.37 72.70 -29.82
C GLN G 166 -15.96 74.05 -29.23
N GLN G 167 -15.27 74.86 -30.02
CA GLN G 167 -14.70 76.13 -29.55
C GLN G 167 -15.76 77.14 -29.04
N GLU G 168 -16.94 77.11 -29.64
CA GLU G 168 -18.07 77.96 -29.22
C GLU G 168 -18.46 77.66 -27.79
N ILE G 169 -18.57 76.37 -27.49
CA ILE G 169 -18.94 75.90 -26.15
C ILE G 169 -17.80 76.14 -25.17
N THR G 170 -16.57 75.94 -25.65
CA THR G 170 -15.36 76.07 -24.84
C THR G 170 -15.17 77.50 -24.33
N THR G 171 -15.13 78.47 -25.26
CA THR G 171 -14.97 79.89 -24.89
C THR G 171 -16.10 80.37 -23.96
N ASN G 172 -17.31 79.91 -24.24
CA ASN G 172 -18.48 80.22 -23.40
C ASN G 172 -18.24 79.82 -21.94
N LEU G 173 -17.78 78.59 -21.74
CA LEU G 173 -17.49 78.04 -20.42
C LEU G 173 -16.29 78.73 -19.74
N GLU G 174 -15.22 78.96 -20.51
CA GLU G 174 -14.04 79.67 -20.02
C GLU G 174 -14.40 81.02 -19.42
N ASN G 175 -15.33 81.71 -20.06
CA ASN G 175 -15.80 83.01 -19.59
C ASN G 175 -16.63 82.93 -18.32
N HIS G 176 -17.31 81.80 -18.13
CA HIS G 176 -18.09 81.58 -16.91
C HIS G 176 -17.21 81.35 -15.69
N PHE G 177 -16.14 80.58 -15.86
CA PHE G 177 -15.23 80.26 -14.76
C PHE G 177 -14.30 81.42 -14.38
N LYS G 178 -14.10 82.37 -15.29
CA LYS G 178 -13.39 83.61 -14.99
C LYS G 178 -14.30 84.56 -14.21
N LYS G 179 -15.60 84.42 -14.45
CA LYS G 179 -16.63 85.22 -13.78
C LYS G 179 -16.95 84.68 -12.38
N SER G 180 -17.15 83.37 -12.27
CA SER G 180 -17.56 82.72 -11.03
C SER G 180 -16.40 82.47 -10.06
N LYS G 181 -15.17 82.47 -10.57
CA LYS G 181 -13.93 82.27 -9.81
C LYS G 181 -13.64 80.82 -9.39
N ILE G 182 -14.68 80.09 -8.98
CA ILE G 182 -14.54 78.67 -8.63
C ILE G 182 -14.38 77.78 -9.87
N ASP G 183 -14.12 76.50 -9.66
CA ASP G 183 -13.89 75.55 -10.77
C ASP G 183 -14.93 74.43 -10.85
N HIS G 184 -16.19 74.77 -10.59
CA HIS G 184 -17.32 73.85 -10.69
C HIS G 184 -18.63 74.64 -10.70
N ILE G 185 -19.77 73.94 -10.81
CA ILE G 185 -21.07 74.60 -10.73
C ILE G 185 -21.59 74.54 -9.29
N ASN G 186 -21.70 75.71 -8.66
CA ASN G 186 -22.14 75.79 -7.27
C ASN G 186 -23.64 75.55 -7.14
N GLU G 187 -24.02 74.28 -7.07
CA GLU G 187 -25.42 73.88 -6.93
C GLU G 187 -25.52 72.56 -6.15
N GLU G 188 -26.53 72.46 -5.29
CA GLU G 188 -26.71 71.27 -4.43
C GLU G 188 -27.18 70.04 -5.21
N SER G 189 -28.23 70.20 -6.00
CA SER G 189 -28.85 69.09 -6.71
C SER G 189 -28.35 68.96 -8.14
N TRP G 190 -28.28 67.73 -8.62
CA TRP G 190 -27.89 67.45 -10.01
C TRP G 190 -28.91 67.98 -11.02
N GLU G 191 -30.17 68.08 -10.60
CA GLU G 191 -31.25 68.56 -11.47
C GLU G 191 -30.98 69.98 -11.99
N LYS G 192 -30.42 70.82 -11.11
CA LYS G 192 -30.10 72.20 -11.46
C LYS G 192 -28.73 72.33 -12.15
N VAL G 193 -27.98 71.24 -12.20
CA VAL G 193 -26.71 71.20 -12.92
C VAL G 193 -26.92 70.75 -14.37
N VAL G 194 -27.90 69.85 -14.57
CA VAL G 194 -28.32 69.45 -15.91
C VAL G 194 -28.93 70.65 -16.64
N GLU G 195 -29.70 71.45 -15.90
CA GLU G 195 -30.29 72.68 -16.43
C GLU G 195 -29.21 73.67 -16.88
N PHE G 196 -28.18 73.83 -16.06
CA PHE G 196 -27.05 74.71 -16.37
C PHE G 196 -26.38 74.30 -17.68
N ALA G 197 -26.12 73.01 -17.83
CA ALA G 197 -25.43 72.47 -19.00
C ALA G 197 -26.22 72.67 -20.30
N ILE G 198 -27.53 72.46 -20.24
CA ILE G 198 -28.40 72.65 -21.40
C ILE G 198 -28.48 74.14 -21.76
N THR G 199 -28.61 74.98 -20.74
CA THR G 199 -28.65 76.44 -20.91
C THR G 199 -27.40 76.94 -21.65
N HIS G 200 -26.23 76.50 -21.20
CA HIS G 200 -24.96 76.93 -21.82
C HIS G 200 -24.70 76.28 -23.18
N MET G 201 -25.35 75.14 -23.44
CA MET G 201 -25.33 74.52 -24.76
C MET G 201 -26.14 75.37 -25.74
N ILE G 202 -27.32 75.83 -25.31
CA ILE G 202 -28.18 76.67 -26.15
C ILE G 202 -27.58 78.05 -26.40
N ASP G 203 -27.04 78.67 -25.34
CA ASP G 203 -26.45 80.01 -25.41
C ASP G 203 -25.14 80.05 -26.21
N ALA G 204 -24.46 78.92 -26.29
CA ALA G 204 -23.21 78.80 -27.05
C ALA G 204 -23.42 78.35 -28.49
N LEU G 205 -24.30 77.37 -28.71
CA LEU G 205 -24.62 76.91 -30.06
C LEU G 205 -25.52 77.88 -30.78
N GLY G 206 -26.50 78.43 -30.07
CA GLY G 206 -27.46 79.36 -30.64
C GLY G 206 -28.73 78.68 -31.14
N THR G 207 -28.98 77.46 -30.67
CA THR G 207 -30.14 76.69 -31.11
C THR G 207 -30.93 76.13 -29.93
N GLU G 208 -32.26 76.24 -30.03
CA GLU G 208 -33.20 75.68 -29.05
C GLU G 208 -33.24 74.16 -29.17
N PHE G 209 -33.66 73.48 -28.11
CA PHE G 209 -33.73 72.00 -28.10
C PHE G 209 -35.06 71.47 -27.59
N SER G 210 -35.53 70.38 -28.19
CA SER G 210 -36.71 69.65 -27.70
C SER G 210 -36.25 68.43 -26.89
N LYS G 211 -37.21 67.60 -26.46
CA LYS G 211 -36.88 66.42 -25.65
C LYS G 211 -36.10 65.34 -26.41
N ASN G 212 -36.17 65.38 -27.75
CA ASN G 212 -35.53 64.38 -28.60
C ASN G 212 -34.18 64.81 -29.18
N ASP G 213 -33.85 66.08 -29.03
CA ASP G 213 -32.60 66.64 -29.55
C ASP G 213 -31.45 66.41 -28.58
N LEU G 214 -31.78 66.05 -27.35
CA LEU G 214 -30.78 65.90 -26.30
C LEU G 214 -30.65 64.48 -25.76
N GLU G 215 -29.48 64.21 -25.17
CA GLU G 215 -29.17 62.95 -24.54
C GLU G 215 -28.33 63.30 -23.33
N VAL G 216 -28.79 62.88 -22.15
CA VAL G 216 -28.16 63.29 -20.89
C VAL G 216 -27.66 62.10 -20.08
N GLY G 217 -26.50 62.28 -19.46
CA GLY G 217 -25.98 61.32 -18.49
C GLY G 217 -25.59 62.04 -17.21
N VAL G 218 -25.88 61.43 -16.08
CA VAL G 218 -25.58 62.00 -14.76
C VAL G 218 -24.82 61.00 -13.90
N ALA G 219 -23.75 61.48 -13.27
CA ALA G 219 -22.98 60.70 -12.32
C ALA G 219 -23.14 61.26 -10.92
N THR G 220 -23.62 60.44 -10.00
CA THR G 220 -23.74 60.81 -8.59
C THR G 220 -22.96 59.83 -7.73
N LYS G 221 -22.92 60.08 -6.43
CA LYS G 221 -22.31 59.16 -5.47
C LYS G 221 -22.79 57.73 -5.73
N ASP G 222 -21.87 56.91 -6.23
CA ASP G 222 -22.10 55.47 -6.44
C ASP G 222 -23.08 55.11 -7.57
N LYS G 223 -23.40 56.08 -8.42
CA LYS G 223 -24.36 55.82 -9.50
C LYS G 223 -24.18 56.72 -10.72
N PHE G 224 -24.08 56.10 -11.89
CA PHE G 224 -24.21 56.80 -13.16
C PHE G 224 -25.47 56.32 -13.88
N PHE G 225 -26.22 57.27 -14.45
CA PHE G 225 -27.46 56.95 -15.15
C PHE G 225 -27.72 57.91 -16.32
N THR G 226 -28.54 57.47 -17.26
CA THR G 226 -29.00 58.34 -18.35
C THR G 226 -30.47 58.72 -18.18
N LEU G 227 -30.79 59.98 -18.48
CA LEU G 227 -32.15 60.48 -18.36
C LEU G 227 -32.98 60.09 -19.58
N SER G 228 -34.23 59.74 -19.33
CA SER G 228 -35.19 59.45 -20.40
C SER G 228 -35.62 60.77 -21.04
N ALA G 229 -36.27 60.67 -22.20
CA ALA G 229 -36.82 61.83 -22.89
C ALA G 229 -37.70 62.64 -21.95
N GLU G 230 -38.34 61.95 -21.01
CA GLU G 230 -39.29 62.57 -20.08
C GLU G 230 -38.60 63.38 -18.98
N ASN G 231 -37.50 62.84 -18.44
CA ASN G 231 -36.71 63.55 -17.43
C ASN G 231 -36.08 64.81 -18.01
N ILE G 232 -35.66 64.72 -19.29
CA ILE G 232 -35.15 65.86 -20.03
C ILE G 232 -36.27 66.87 -20.26
N GLU G 233 -37.45 66.38 -20.64
CA GLU G 233 -38.62 67.23 -20.83
C GLU G 233 -38.95 68.05 -19.58
N GLU G 234 -38.91 67.38 -18.42
CA GLU G 234 -39.09 68.04 -17.12
C GLU G 234 -38.00 69.10 -16.90
N ARG G 235 -36.80 68.80 -17.37
CA ARG G 235 -35.66 69.69 -17.24
C ARG G 235 -35.74 70.89 -18.20
N LEU G 236 -36.48 70.72 -19.29
CA LEU G 236 -36.67 71.76 -20.31
C LEU G 236 -37.82 72.72 -20.00
N VAL G 237 -38.77 72.24 -19.20
CA VAL G 237 -39.85 73.06 -18.68
C VAL G 237 -39.29 74.02 -17.62
N ALA G 238 -38.30 73.54 -16.88
CA ALA G 238 -37.66 74.33 -15.82
C ALA G 238 -36.80 75.48 -16.34
N ILE G 239 -36.11 75.28 -17.46
CA ILE G 239 -35.28 76.34 -18.06
C ILE G 239 -36.13 77.43 -18.73
N ALA G 240 -37.32 77.05 -19.19
CA ALA G 240 -38.23 77.98 -19.87
C ALA G 240 -39.21 78.62 -18.88
N GLU G 241 -38.70 79.01 -17.71
CA GLU G 241 -39.47 79.72 -16.70
C GLU G 241 -38.66 80.86 -16.09
N GLN G 242 -37.34 80.66 -16.05
CA GLN G 242 -36.39 81.68 -15.58
C GLN G 242 -36.22 82.81 -16.61
N ASP G 243 -36.03 82.42 -17.88
CA ASP G 243 -35.82 83.36 -18.99
C ASP G 243 -37.03 84.27 -19.23
N THR H 1 5.26 29.72 14.90
CA THR H 1 4.87 31.12 15.04
C THR H 1 3.67 31.39 15.92
N THR H 2 3.65 32.59 16.48
CA THR H 2 2.45 33.22 16.96
C THR H 2 2.29 34.57 16.31
N ILE H 3 1.11 34.84 15.75
CA ILE H 3 0.82 36.15 15.22
C ILE H 3 -0.60 36.61 15.49
N VAL H 4 -0.77 37.88 15.82
CA VAL H 4 -2.06 38.45 16.19
C VAL H 4 -2.27 39.78 15.54
N GLY H 5 -3.52 40.22 15.51
CA GLY H 5 -3.92 41.52 14.98
C GLY H 5 -5.16 42.03 15.69
N VAL H 6 -5.09 43.26 16.20
CA VAL H 6 -6.19 43.84 16.98
C VAL H 6 -6.60 45.22 16.46
N LYS H 7 -7.89 45.38 16.20
CA LYS H 7 -8.47 46.66 15.81
C LYS H 7 -8.73 47.51 17.04
N PHE H 8 -8.41 48.80 16.94
CA PHE H 8 -8.84 49.77 17.94
C PHE H 8 -9.62 50.91 17.27
N ASN H 9 -10.03 51.90 18.07
CA ASN H 9 -10.93 52.95 17.57
C ASN H 9 -10.41 53.74 16.37
N ASN H 10 -9.09 54.00 16.34
CA ASN H 10 -8.50 54.85 15.30
C ASN H 10 -7.49 54.13 14.38
N GLY H 11 -7.55 52.80 14.36
CA GLY H 11 -6.67 52.03 13.50
C GLY H 11 -6.57 50.55 13.84
N VAL H 12 -5.41 49.97 13.56
CA VAL H 12 -5.17 48.55 13.75
C VAL H 12 -3.73 48.27 14.15
N VAL H 13 -3.54 47.29 15.04
CA VAL H 13 -2.21 46.86 15.46
C VAL H 13 -2.01 45.38 15.14
N ILE H 14 -0.81 45.04 14.68
CA ILE H 14 -0.44 43.64 14.47
C ILE H 14 0.85 43.32 15.22
N ALA H 15 0.98 42.07 15.67
CA ALA H 15 2.15 41.65 16.44
C ALA H 15 2.54 40.21 16.15
N ALA H 16 3.79 39.89 16.42
CA ALA H 16 4.32 38.56 16.18
C ALA H 16 5.46 38.27 17.14
N ASP H 17 5.77 36.99 17.31
CA ASP H 17 6.96 36.57 18.04
C ASP H 17 8.15 36.61 17.09
N THR H 18 9.30 36.13 17.55
CA THR H 18 10.50 36.15 16.71
C THR H 18 11.25 34.80 16.68
N ARG H 19 10.52 33.71 16.94
CA ARG H 19 11.12 32.38 16.86
C ARG H 19 10.94 31.75 15.50
N SER H 20 12.04 31.21 14.97
CA SER H 20 12.06 30.52 13.70
C SER H 20 12.63 29.12 13.96
N THR H 21 11.95 28.08 13.49
CA THR H 21 12.40 26.72 13.78
C THR H 21 12.61 25.85 12.54
N GLN H 22 13.43 24.81 12.73
CA GLN H 22 13.68 23.77 11.76
C GLN H 22 13.58 22.45 12.49
N GLY H 23 12.38 21.87 12.49
CA GLY H 23 12.09 20.71 13.32
C GLY H 23 11.97 21.10 14.78
N PRO H 24 12.68 20.38 15.68
CA PRO H 24 12.67 20.79 17.08
C PRO H 24 13.77 21.79 17.42
N ILE H 25 14.55 22.20 16.41
CA ILE H 25 15.67 23.11 16.65
C ILE H 25 15.38 24.54 16.18
N VAL H 26 15.70 25.50 17.04
CA VAL H 26 15.46 26.92 16.75
C VAL H 26 16.49 27.44 15.74
N ALA H 27 16.01 27.70 14.52
CA ALA H 27 16.83 28.29 13.45
C ALA H 27 17.26 29.72 13.80
N ASP H 28 16.31 30.65 13.86
CA ASP H 28 16.60 32.03 14.25
C ASP H 28 15.86 32.42 15.52
N LYS H 29 16.60 33.03 16.44
CA LYS H 29 16.05 33.44 17.73
C LYS H 29 15.45 34.83 17.67
N ASN H 30 15.59 35.50 16.52
CA ASN H 30 15.15 36.88 16.37
C ASN H 30 14.90 37.27 14.91
N CYS H 31 13.90 36.66 14.28
CA CYS H 31 13.56 37.05 12.91
C CYS H 31 12.28 37.89 12.86
N ALA H 32 12.15 38.71 11.84
CA ALA H 32 10.99 39.59 11.70
C ALA H 32 9.87 38.96 10.87
N LYS H 33 8.74 38.70 11.52
CA LYS H 33 7.59 38.12 10.84
C LYS H 33 6.59 39.17 10.37
N LEU H 34 6.94 40.44 10.56
CA LEU H 34 6.14 41.58 10.13
C LEU H 34 6.71 42.12 8.82
N HIS H 35 5.84 42.35 7.85
CA HIS H 35 6.28 42.68 6.50
C HIS H 35 5.59 43.92 5.97
N ARG H 36 6.39 44.86 5.48
CA ARG H 36 5.85 46.03 4.79
C ARG H 36 5.38 45.62 3.40
N ILE H 37 4.10 45.88 3.11
CA ILE H 37 3.57 45.74 1.76
C ILE H 37 3.74 47.11 1.08
N SER H 38 3.10 48.11 1.67
CA SER H 38 3.31 49.51 1.32
C SER H 38 3.58 50.25 2.64
N PRO H 39 3.82 51.58 2.61
CA PRO H 39 4.10 52.29 3.86
C PRO H 39 3.04 52.11 4.95
N LYS H 40 1.77 52.04 4.56
CA LYS H 40 0.67 51.98 5.53
C LYS H 40 -0.12 50.67 5.49
N ILE H 41 0.45 49.66 4.84
CA ILE H 41 -0.11 48.30 4.87
C ILE H 41 0.99 47.34 5.29
N TRP H 42 0.86 46.78 6.49
CA TRP H 42 1.82 45.81 6.99
C TRP H 42 1.19 44.43 7.11
N CYS H 43 2.02 43.41 7.26
CA CYS H 43 1.57 42.03 7.15
C CYS H 43 2.33 41.09 8.09
N ALA H 44 1.56 40.27 8.83
CA ALA H 44 2.13 39.24 9.69
C ALA H 44 2.10 37.89 9.00
N GLY H 45 3.21 37.16 9.06
CA GLY H 45 3.34 35.88 8.35
C GLY H 45 3.65 34.70 9.23
N ALA H 46 2.95 33.60 8.99
CA ALA H 46 3.18 32.32 9.67
C ALA H 46 3.11 31.18 8.66
N GLY H 47 3.79 30.08 8.96
CA GLY H 47 3.86 28.93 8.04
C GLY H 47 5.26 28.72 7.53
N THR H 48 5.39 28.43 6.23
CA THR H 48 6.69 28.24 5.60
C THR H 48 7.36 29.61 5.45
N ALA H 49 8.49 29.77 6.11
CA ALA H 49 9.14 31.09 6.26
C ALA H 49 9.43 31.75 4.92
N ALA H 50 10.07 31.02 4.01
CA ALA H 50 10.37 31.56 2.68
C ALA H 50 9.10 31.80 1.86
N ASP H 51 8.05 31.02 2.13
CA ASP H 51 6.77 31.24 1.45
C ASP H 51 6.11 32.56 1.85
N THR H 52 6.16 32.91 3.13
CA THR H 52 5.56 34.15 3.62
C THR H 52 6.37 35.37 3.17
N GLU H 53 7.70 35.25 3.22
CA GLU H 53 8.61 36.32 2.83
C GLU H 53 8.55 36.63 1.33
N ALA H 54 8.26 35.62 0.52
CA ALA H 54 8.25 35.78 -0.93
C ALA H 54 6.93 36.29 -1.47
N VAL H 55 5.82 35.79 -0.94
CA VAL H 55 4.50 36.23 -1.37
C VAL H 55 4.22 37.66 -0.89
N THR H 56 4.86 38.03 0.21
CA THR H 56 4.81 39.38 0.76
C THR H 56 5.50 40.37 -0.18
N GLN H 57 6.66 39.94 -0.70
CA GLN H 57 7.46 40.80 -1.56
C GLN H 57 6.86 40.95 -2.95
N LEU H 58 6.41 39.83 -3.52
CA LEU H 58 5.78 39.83 -4.84
C LEU H 58 4.63 40.81 -4.88
N ILE H 59 3.71 40.67 -3.92
CA ILE H 59 2.55 41.55 -3.84
C ILE H 59 2.93 42.99 -3.50
N GLY H 60 3.84 43.18 -2.53
CA GLY H 60 4.37 44.49 -2.18
C GLY H 60 4.94 45.23 -3.38
N SER H 61 5.67 44.48 -4.22
CA SER H 61 6.22 45.00 -5.47
C SER H 61 5.11 45.38 -6.46
N ASN H 62 4.08 44.52 -6.57
CA ASN H 62 2.93 44.80 -7.43
C ASN H 62 2.12 45.98 -6.95
N ILE H 63 1.88 46.04 -5.65
CA ILE H 63 1.14 47.12 -5.00
C ILE H 63 1.83 48.47 -5.18
N GLU H 64 3.16 48.48 -5.15
CA GLU H 64 3.94 49.69 -5.40
C GLU H 64 3.76 50.21 -6.83
N LEU H 65 3.78 49.29 -7.79
CA LEU H 65 3.61 49.63 -9.21
C LEU H 65 2.17 50.04 -9.51
N HIS H 66 1.21 49.47 -8.79
CA HIS H 66 -0.18 49.85 -8.93
C HIS H 66 -0.39 51.28 -8.45
N SER H 67 0.16 51.57 -7.28
CA SER H 67 0.04 52.87 -6.62
C SER H 67 0.62 54.00 -7.47
N LEU H 68 1.68 53.68 -8.21
CA LEU H 68 2.30 54.60 -9.16
C LEU H 68 1.43 54.77 -10.40
N TYR H 69 0.92 53.66 -10.92
CA TYR H 69 0.06 53.67 -12.11
C TYR H 69 -1.21 54.49 -11.89
N THR H 70 -1.76 54.40 -10.68
CA THR H 70 -3.05 55.01 -10.33
C THR H 70 -2.94 56.36 -9.61
N SER H 71 -1.73 56.67 -9.14
CA SER H 71 -1.46 57.89 -8.37
C SER H 71 -2.29 57.94 -7.08
N ARG H 72 -2.58 56.76 -6.53
CA ARG H 72 -3.41 56.63 -5.35
C ARG H 72 -2.71 55.81 -4.26
N GLU H 73 -3.01 56.11 -3.01
CA GLU H 73 -2.61 55.30 -1.87
C GLU H 73 -3.17 53.88 -2.03
N PRO H 74 -2.35 52.86 -1.73
CA PRO H 74 -2.79 51.47 -1.83
C PRO H 74 -3.87 51.15 -0.79
N ARG H 75 -4.81 50.29 -1.15
CA ARG H 75 -5.88 49.85 -0.25
C ARG H 75 -5.60 48.45 0.29
N VAL H 76 -6.05 48.19 1.51
CA VAL H 76 -5.81 46.89 2.17
C VAL H 76 -6.53 45.77 1.42
N VAL H 77 -7.68 46.09 0.82
CA VAL H 77 -8.46 45.13 0.04
C VAL H 77 -7.76 44.69 -1.25
N SER H 78 -6.94 45.57 -1.82
CA SER H 78 -6.16 45.24 -3.02
C SER H 78 -5.11 44.18 -2.69
N ALA H 79 -4.24 44.49 -1.74
CA ALA H 79 -3.24 43.54 -1.25
C ALA H 79 -3.90 42.23 -0.83
N LEU H 80 -5.11 42.31 -0.28
CA LEU H 80 -5.88 41.14 0.13
C LEU H 80 -6.31 40.28 -1.05
N GLN H 81 -6.75 40.93 -2.12
CA GLN H 81 -7.27 40.24 -3.30
C GLN H 81 -6.14 39.57 -4.08
N MET H 82 -4.99 40.24 -4.13
CA MET H 82 -3.85 39.73 -4.88
C MET H 82 -3.24 38.52 -4.20
N LEU H 83 -3.10 38.59 -2.87
CA LEU H 83 -2.57 37.50 -2.07
C LEU H 83 -3.46 36.27 -2.19
N LYS H 84 -4.76 36.45 -1.98
CA LYS H 84 -5.65 35.30 -1.95
C LYS H 84 -5.75 34.58 -3.31
N GLN H 85 -5.72 35.35 -4.40
CA GLN H 85 -5.83 34.77 -5.74
C GLN H 85 -4.55 34.02 -6.14
N HIS H 86 -3.40 34.53 -5.70
CA HIS H 86 -2.12 33.88 -5.88
C HIS H 86 -2.03 32.59 -5.07
N LEU H 87 -2.33 32.67 -3.78
CA LEU H 87 -2.29 31.52 -2.89
C LEU H 87 -3.24 30.45 -3.37
N PHE H 88 -4.48 30.85 -3.66
CA PHE H 88 -5.48 29.93 -4.18
C PHE H 88 -4.95 29.20 -5.41
N LYS H 89 -4.34 29.92 -6.34
CA LYS H 89 -3.83 29.34 -7.57
C LYS H 89 -2.94 28.12 -7.29
N TYR H 90 -2.14 28.21 -6.23
CA TYR H 90 -1.19 27.16 -5.86
C TYR H 90 -1.77 26.09 -4.92
N GLN H 91 -3.09 26.13 -4.74
CA GLN H 91 -3.83 25.11 -3.98
C GLN H 91 -3.24 24.81 -2.61
N GLY H 92 -2.54 25.78 -2.03
CA GLY H 92 -1.98 25.62 -0.69
C GLY H 92 -0.56 25.12 -0.65
N HIS H 93 0.06 24.92 -1.81
CA HIS H 93 1.46 24.48 -1.87
C HIS H 93 2.42 25.57 -1.43
N ILE H 94 1.99 26.82 -1.55
CA ILE H 94 2.65 27.95 -0.91
C ILE H 94 2.01 28.11 0.46
N GLY H 95 2.66 27.54 1.47
CA GLY H 95 2.14 27.52 2.84
C GLY H 95 2.43 28.80 3.59
N ALA H 96 1.74 29.87 3.20
CA ALA H 96 1.81 31.14 3.90
C ALA H 96 0.46 31.43 4.57
N TYR H 97 0.51 31.70 5.87
CA TYR H 97 -0.67 32.09 6.63
C TYR H 97 -0.48 33.54 7.08
N LEU H 98 -1.35 34.42 6.60
CA LEU H 98 -1.13 35.85 6.73
C LEU H 98 -2.22 36.62 7.46
N ILE H 99 -1.79 37.51 8.35
CA ILE H 99 -2.68 38.52 8.90
C ILE H 99 -2.28 39.84 8.24
N VAL H 100 -3.18 40.39 7.43
CA VAL H 100 -2.90 41.62 6.71
C VAL H 100 -3.78 42.76 7.21
N ALA H 101 -3.15 43.87 7.57
CA ALA H 101 -3.83 45.02 8.15
C ALA H 101 -3.21 46.35 7.70
N GLY H 102 -3.92 47.45 7.92
CA GLY H 102 -3.42 48.78 7.58
C GLY H 102 -4.50 49.82 7.44
N VAL H 103 -4.07 51.03 7.08
CA VAL H 103 -4.97 52.16 6.86
C VAL H 103 -4.83 52.71 5.44
N ASP H 104 -5.95 53.19 4.90
CA ASP H 104 -6.00 53.76 3.56
C ASP H 104 -7.12 54.80 3.49
N PRO H 105 -7.28 55.48 2.34
CA PRO H 105 -8.33 56.51 2.23
C PRO H 105 -9.76 56.05 2.50
N THR H 106 -9.97 54.75 2.75
CA THR H 106 -11.32 54.23 3.03
C THR H 106 -11.48 53.75 4.48
N GLY H 107 -10.44 53.95 5.31
CA GLY H 107 -10.49 53.57 6.73
C GLY H 107 -9.45 52.54 7.15
N SER H 108 -9.70 51.90 8.30
CA SER H 108 -8.80 50.87 8.81
C SER H 108 -9.39 49.48 8.62
N HIS H 109 -8.51 48.52 8.32
CA HIS H 109 -8.92 47.17 7.97
C HIS H 109 -8.04 46.11 8.63
N LEU H 110 -8.63 44.96 8.90
CA LEU H 110 -7.92 43.80 9.45
C LEU H 110 -8.47 42.52 8.82
N PHE H 111 -7.57 41.73 8.23
CA PHE H 111 -7.95 40.49 7.56
C PHE H 111 -7.00 39.35 7.90
N SER H 112 -7.38 38.14 7.48
CA SER H 112 -6.50 36.99 7.56
C SER H 112 -6.63 36.17 6.29
N ILE H 113 -5.53 35.54 5.89
CA ILE H 113 -5.52 34.66 4.73
C ILE H 113 -4.88 33.33 5.09
N HIS H 114 -5.49 32.25 4.63
CA HIS H 114 -4.95 30.91 4.79
C HIS H 114 -4.18 30.51 3.53
N ALA H 115 -3.41 29.43 3.62
CA ALA H 115 -2.57 28.97 2.52
C ALA H 115 -3.38 28.59 1.29
N HIS H 116 -4.57 28.04 1.50
CA HIS H 116 -5.42 27.63 0.39
C HIS H 116 -6.18 28.80 -0.25
N GLY H 117 -6.13 29.95 0.41
CA GLY H 117 -6.57 31.21 -0.20
C GLY H 117 -7.86 31.82 0.30
N SER H 118 -8.40 31.28 1.39
CA SER H 118 -9.62 31.82 2.00
C SER H 118 -9.30 32.99 2.91
N THR H 119 -10.24 33.92 3.01
CA THR H 119 -10.05 35.12 3.83
C THR H 119 -11.16 35.32 4.85
N ASP H 120 -10.74 35.66 6.06
CA ASP H 120 -11.66 35.99 7.14
C ASP H 120 -11.47 37.47 7.51
N VAL H 121 -12.53 38.10 8.01
CA VAL H 121 -12.45 39.48 8.53
C VAL H 121 -12.85 39.49 10.01
N GLY H 122 -12.28 40.42 10.78
CA GLY H 122 -12.56 40.50 12.21
C GLY H 122 -11.89 41.65 12.92
N TYR H 123 -12.25 41.83 14.19
CA TYR H 123 -11.67 42.86 15.05
C TYR H 123 -10.45 42.33 15.79
N TYR H 124 -10.38 41.01 15.94
CA TYR H 124 -9.23 40.35 16.54
C TYR H 124 -8.99 39.00 15.87
N LEU H 125 -7.74 38.75 15.51
CA LEU H 125 -7.34 37.57 14.75
C LEU H 125 -5.97 37.07 15.17
N SER H 126 -5.75 35.77 15.06
CA SER H 126 -4.45 35.16 15.32
C SER H 126 -4.27 33.91 14.48
N LEU H 127 -3.02 33.64 14.09
CA LEU H 127 -2.70 32.42 13.34
C LEU H 127 -1.36 31.86 13.82
N GLY H 128 -1.03 30.64 13.36
CA GLY H 128 0.22 29.99 13.72
C GLY H 128 -0.01 28.90 14.75
N SER H 129 1.06 28.19 15.11
CA SER H 129 0.96 27.12 16.11
C SER H 129 0.58 27.67 17.48
N GLY H 130 0.88 28.94 17.71
CA GLY H 130 0.50 29.62 18.96
C GLY H 130 -0.85 30.31 18.89
N SER H 131 -1.59 30.04 17.81
CA SER H 131 -2.90 30.63 17.55
C SER H 131 -3.87 30.44 18.73
N LEU H 132 -3.92 29.23 19.27
CA LEU H 132 -4.88 28.86 20.30
C LEU H 132 -4.56 29.52 21.64
N ALA H 133 -3.28 29.55 22.01
CA ALA H 133 -2.86 30.19 23.26
C ALA H 133 -3.21 31.67 23.24
N ALA H 134 -2.94 32.33 22.10
CA ALA H 134 -3.21 33.74 21.92
C ALA H 134 -4.72 34.05 21.84
N MET H 135 -5.46 33.25 21.07
CA MET H 135 -6.91 33.47 20.90
C MET H 135 -7.64 33.36 22.22
N ALA H 136 -7.18 32.47 23.10
CA ALA H 136 -7.73 32.35 24.44
C ALA H 136 -7.61 33.67 25.20
N VAL H 137 -6.47 34.34 25.06
CA VAL H 137 -6.26 35.65 25.67
C VAL H 137 -7.16 36.70 25.04
N LEU H 138 -7.29 36.66 23.72
CA LEU H 138 -8.13 37.61 22.98
C LEU H 138 -9.61 37.47 23.33
N GLU H 139 -10.09 36.23 23.47
CA GLU H 139 -11.48 35.99 23.81
C GLU H 139 -11.82 36.40 25.25
N SER H 140 -10.78 36.52 26.08
CA SER H 140 -10.93 36.85 27.49
C SER H 140 -10.85 38.34 27.81
N HIS H 141 -10.11 39.09 27.00
CA HIS H 141 -9.79 40.48 27.31
C HIS H 141 -10.20 41.49 26.24
N TRP H 142 -10.71 41.01 25.11
CA TRP H 142 -11.17 41.91 24.06
C TRP H 142 -12.48 42.58 24.43
N LYS H 143 -12.54 43.89 24.24
CA LYS H 143 -13.76 44.65 24.34
C LYS H 143 -13.83 45.62 23.16
N GLN H 144 -15.02 46.17 22.90
CA GLN H 144 -15.19 47.11 21.81
C GLN H 144 -14.76 48.51 22.24
N ASP H 145 -14.29 49.31 21.28
CA ASP H 145 -13.76 50.66 21.50
C ASP H 145 -12.50 50.64 22.36
N LEU H 146 -11.45 50.02 21.85
CA LEU H 146 -10.16 49.99 22.52
C LEU H 146 -9.37 51.24 22.17
N THR H 147 -8.63 51.77 23.14
CA THR H 147 -7.65 52.82 22.88
C THR H 147 -6.44 52.20 22.18
N LYS H 148 -5.55 53.04 21.67
CA LYS H 148 -4.33 52.57 21.03
C LYS H 148 -3.49 51.78 22.03
N GLU H 149 -3.34 52.31 23.24
CA GLU H 149 -2.52 51.69 24.28
C GLU H 149 -3.09 50.38 24.79
N GLU H 150 -4.42 50.30 24.86
CA GLU H 150 -5.11 49.07 25.22
C GLU H 150 -4.95 48.00 24.14
N ALA H 151 -4.95 48.43 22.88
CA ALA H 151 -4.76 47.52 21.75
C ALA H 151 -3.36 46.92 21.73
N ILE H 152 -2.35 47.76 21.91
CA ILE H 152 -0.95 47.31 22.06
C ILE H 152 -0.86 46.27 23.17
N LYS H 153 -1.37 46.63 24.34
CA LYS H 153 -1.31 45.77 25.51
C LYS H 153 -1.90 44.40 25.19
N LEU H 154 -3.13 44.38 24.68
CA LEU H 154 -3.83 43.14 24.36
C LEU H 154 -3.07 42.29 23.34
N ALA H 155 -2.65 42.89 22.24
CA ALA H 155 -1.89 42.19 21.20
C ALA H 155 -0.57 41.66 21.75
N SER H 156 0.12 42.48 22.55
CA SER H 156 1.37 42.09 23.19
C SER H 156 1.17 40.91 24.15
N ASP H 157 0.11 41.00 24.96
CA ASP H 157 -0.27 39.92 25.89
C ASP H 157 -0.59 38.62 25.16
N ALA H 158 -1.22 38.73 24.00
CA ALA H 158 -1.62 37.56 23.21
C ALA H 158 -0.41 36.84 22.65
N ILE H 159 0.60 37.60 22.21
CA ILE H 159 1.85 37.02 21.71
C ILE H 159 2.62 36.35 22.85
N GLN H 160 2.58 36.94 24.04
CA GLN H 160 3.22 36.33 25.22
C GLN H 160 2.61 34.98 25.57
N ALA H 161 1.29 34.87 25.42
CA ALA H 161 0.61 33.59 25.64
C ALA H 161 1.24 32.50 24.80
N GLY H 162 1.55 32.85 23.55
CA GLY H 162 2.20 31.91 22.63
C GLY H 162 3.65 31.62 23.01
N ILE H 163 4.38 32.66 23.38
CA ILE H 163 5.80 32.55 23.69
C ILE H 163 6.04 31.57 24.85
N TRP H 164 5.30 31.75 25.94
CA TRP H 164 5.41 30.89 27.13
C TRP H 164 4.81 29.51 26.94
N ASN H 165 3.63 29.45 26.31
CA ASN H 165 2.83 28.23 26.27
C ASN H 165 2.98 27.35 25.02
N ASP H 166 3.51 27.90 23.94
CA ASP H 166 3.68 27.15 22.70
C ASP H 166 5.16 26.98 22.36
N LEU H 167 5.54 25.75 22.09
CA LEU H 167 6.92 25.40 21.76
C LEU H 167 7.37 25.93 20.39
N GLY H 168 6.41 26.15 19.50
CA GLY H 168 6.68 26.71 18.17
C GLY H 168 6.71 28.24 18.17
N SER H 169 6.91 28.82 19.36
CA SER H 169 6.91 30.26 19.55
C SER H 169 7.85 30.62 20.69
N GLY H 170 8.45 31.80 20.60
CA GLY H 170 9.35 32.26 21.65
C GLY H 170 10.06 33.56 21.37
N SER H 171 11.13 33.79 22.14
CA SER H 171 11.94 35.00 22.09
C SER H 171 11.14 36.29 22.27
N ASN H 172 11.24 37.20 21.30
CA ASN H 172 10.77 38.57 21.46
C ASN H 172 9.38 38.85 20.88
N VAL H 173 8.90 40.07 21.07
CA VAL H 173 7.62 40.51 20.53
C VAL H 173 7.84 41.70 19.60
N ASP H 174 7.43 41.54 18.34
CA ASP H 174 7.47 42.63 17.37
C ASP H 174 6.06 43.15 17.16
N VAL H 175 5.93 44.47 17.20
CA VAL H 175 4.64 45.14 17.09
C VAL H 175 4.70 46.15 15.95
N CYS H 176 3.57 46.36 15.29
CA CYS H 176 3.43 47.48 14.37
C CYS H 176 2.06 48.14 14.51
N VAL H 177 2.08 49.47 14.60
CA VAL H 177 0.87 50.26 14.83
C VAL H 177 0.54 51.10 13.60
N MET H 178 -0.68 50.90 13.10
CA MET H 178 -1.18 51.65 11.96
C MET H 178 -2.39 52.47 12.38
N GLU H 179 -2.21 53.79 12.46
CA GLU H 179 -3.25 54.71 12.89
C GLU H 179 -3.74 55.56 11.70
N ILE H 180 -5.02 55.96 11.73
CA ILE H 180 -5.69 56.62 10.60
C ILE H 180 -4.96 57.87 10.07
N GLY H 181 -4.69 58.84 10.94
CA GLY H 181 -4.11 60.09 10.48
C GLY H 181 -2.60 60.19 10.56
N LYS H 182 -1.95 59.10 10.96
CA LYS H 182 -0.50 59.14 11.22
C LYS H 182 0.30 58.15 10.36
N ASP H 183 1.63 58.32 10.39
CA ASP H 183 2.53 57.38 9.73
C ASP H 183 2.74 56.15 10.61
N ALA H 184 2.50 54.97 10.02
CA ALA H 184 2.57 53.69 10.73
C ALA H 184 3.91 53.48 11.44
N GLU H 185 3.87 53.12 12.72
CA GLU H 185 5.11 52.89 13.46
C GLU H 185 5.44 51.43 13.71
N TYR H 186 6.67 51.05 13.34
CA TYR H 186 7.16 49.69 13.47
C TYR H 186 8.02 49.56 14.72
N LEU H 187 7.56 48.72 15.64
CA LEU H 187 8.22 48.52 16.92
C LEU H 187 8.93 47.17 16.99
N ARG H 188 10.06 47.09 16.29
CA ARG H 188 10.90 45.89 16.28
C ARG H 188 11.53 45.66 17.65
N ASN H 189 11.32 44.46 18.20
CA ASN H 189 11.71 44.14 19.57
C ASN H 189 11.05 45.07 20.60
N TYR H 190 9.73 45.14 20.54
CA TYR H 190 8.94 45.90 21.48
C TYR H 190 9.14 45.37 22.89
N LEU H 191 9.10 44.05 23.03
CA LEU H 191 9.45 43.37 24.28
C LEU H 191 10.52 42.33 24.08
N THR H 192 11.44 42.27 25.05
CA THR H 192 12.53 41.30 25.05
C THR H 192 12.56 40.57 26.39
N PRO H 193 11.59 39.66 26.63
CA PRO H 193 11.47 39.01 27.93
C PRO H 193 12.28 37.73 28.07
N ASN H 194 13.11 37.43 27.07
CA ASN H 194 13.88 36.20 27.03
C ASN H 194 15.39 36.39 26.85
N VAL H 195 15.93 37.41 27.50
CA VAL H 195 17.37 37.68 27.47
C VAL H 195 18.13 36.54 28.13
N ARG H 196 19.10 35.96 27.41
CA ARG H 196 19.90 34.85 27.91
C ARG H 196 20.76 35.30 29.07
N GLU H 197 20.70 34.54 30.17
CA GLU H 197 21.48 34.84 31.37
C GLU H 197 22.98 34.66 31.10
N GLU H 198 23.76 35.58 31.67
CA GLU H 198 25.21 35.60 31.56
C GLU H 198 25.80 34.21 31.86
N LYS H 199 26.72 33.77 30.99
CA LYS H 199 27.34 32.46 31.12
C LYS H 199 28.15 32.32 32.42
N GLN H 200 28.21 31.08 32.91
CA GLN H 200 28.88 30.77 34.16
C GLN H 200 30.41 30.86 34.03
N LYS H 201 30.89 30.57 32.82
CA LYS H 201 32.32 30.43 32.55
C LYS H 201 32.64 31.10 31.23
N SER H 202 33.94 31.28 30.96
CA SER H 202 34.40 31.71 29.64
C SER H 202 35.14 30.56 28.98
N TYR H 203 34.98 30.43 27.67
CA TYR H 203 35.54 29.31 26.93
C TYR H 203 36.51 29.77 25.86
N LYS H 204 37.06 30.96 26.08
CA LYS H 204 38.14 31.50 25.27
C LYS H 204 39.38 30.61 25.47
N PHE H 205 39.75 29.90 24.40
CA PHE H 205 40.90 28.98 24.43
C PHE H 205 42.24 29.72 24.45
N PRO H 206 43.22 29.18 25.22
CA PRO H 206 44.58 29.70 25.18
C PRO H 206 45.21 29.51 23.80
N ARG H 207 45.54 30.62 23.13
CA ARG H 207 46.01 30.64 21.74
C ARG H 207 47.07 29.57 21.43
N GLY H 208 46.80 28.78 20.40
CA GLY H 208 47.67 27.66 20.03
C GLY H 208 47.09 26.32 20.44
N THR H 209 45.86 26.34 20.94
CA THR H 209 45.13 25.12 21.31
C THR H 209 44.89 24.23 20.10
N THR H 210 44.60 24.84 18.96
CA THR H 210 44.28 24.09 17.75
C THR H 210 45.53 23.79 16.91
N ALA H 211 45.67 22.54 16.51
CA ALA H 211 46.79 22.08 15.69
C ALA H 211 46.58 22.44 14.21
N VAL H 212 47.56 23.15 13.66
CA VAL H 212 47.52 23.66 12.28
C VAL H 212 48.43 22.84 11.37
N LEU H 213 47.92 22.46 10.20
CA LEU H 213 48.70 21.68 9.24
C LEU H 213 49.38 22.52 8.16
N LYS H 214 48.63 23.47 7.60
CA LYS H 214 49.11 24.26 6.47
C LYS H 214 48.56 25.68 6.58
N GLU H 215 49.40 26.66 6.27
CA GLU H 215 48.98 28.06 6.30
C GLU H 215 49.31 28.79 5.00
N SER H 216 48.41 29.67 4.59
CA SER H 216 48.58 30.47 3.36
C SER H 216 47.82 31.79 3.43
N ILE H 217 48.09 32.67 2.47
CA ILE H 217 47.37 33.95 2.32
C ILE H 217 46.43 33.84 1.11
N VAL H 218 45.21 34.35 1.25
CA VAL H 218 44.23 34.36 0.15
C VAL H 218 44.36 35.66 -0.63
N ASN H 219 43.96 35.64 -1.89
CA ASN H 219 44.05 36.79 -2.79
C ASN H 219 42.68 37.24 -3.33
N ILE H 220 42.41 38.53 -3.24
CA ILE H 220 41.15 39.12 -3.73
C ILE H 220 41.39 40.06 -4.91
N CYS H 221 42.56 40.70 -4.94
CA CYS H 221 42.95 41.72 -5.93
C CYS H 221 42.76 41.32 -7.40
N ASP H 222 42.76 42.33 -8.28
CA ASP H 222 42.72 42.13 -9.73
C ASP H 222 43.09 43.41 -10.48
N SER I 1 18.71 8.39 -0.11
CA SER I 1 17.27 8.74 0.03
C SER I 1 17.05 10.20 0.39
N ASP I 2 17.68 10.65 1.48
CA ASP I 2 17.70 12.06 1.83
C ASP I 2 18.91 12.67 1.13
N PRO I 3 18.68 13.57 0.14
CA PRO I 3 19.78 14.17 -0.62
C PRO I 3 20.71 14.99 0.25
N SER I 4 20.16 15.59 1.31
CA SER I 4 20.97 16.37 2.26
C SER I 4 21.90 15.47 3.06
N SER I 5 21.69 14.15 2.95
CA SER I 5 22.37 13.20 3.81
C SER I 5 23.23 12.18 3.07
N ILE I 6 23.45 12.38 1.78
CA ILE I 6 24.21 11.41 0.99
C ILE I 6 25.71 11.67 1.05
N ASN I 7 26.09 12.93 0.87
CA ASN I 7 27.50 13.31 0.73
C ASN I 7 28.15 13.77 2.04
N GLY I 8 27.36 14.36 2.93
CA GLY I 8 27.85 14.81 4.22
C GLY I 8 28.37 16.23 4.17
N GLY I 9 29.25 16.56 5.12
CA GLY I 9 29.89 17.88 5.16
C GLY I 9 29.19 18.91 6.02
N ILE I 10 29.99 19.78 6.64
CA ILE I 10 29.50 20.86 7.51
C ILE I 10 30.18 22.19 7.24
N VAL I 11 29.50 23.28 7.61
CA VAL I 11 30.00 24.64 7.47
C VAL I 11 29.55 25.48 8.67
N VAL I 12 30.45 26.34 9.16
CA VAL I 12 30.13 27.26 10.26
C VAL I 12 30.76 28.64 10.07
N ALA I 13 30.00 29.68 10.35
CA ALA I 13 30.48 31.06 10.25
C ALA I 13 30.29 31.78 11.59
N MET I 14 31.19 32.72 11.88
CA MET I 14 31.26 33.35 13.19
C MET I 14 31.88 34.75 13.11
N THR I 15 31.29 35.71 13.81
CA THR I 15 31.77 37.10 13.78
C THR I 15 32.57 37.47 15.02
N GLY I 16 33.40 38.51 14.89
CA GLY I 16 34.19 39.04 16.01
C GLY I 16 34.47 40.52 15.85
N LYS I 17 35.36 41.06 16.68
CA LYS I 17 35.73 42.47 16.63
C LYS I 17 36.45 42.80 15.32
N ASP I 18 35.71 43.38 14.38
CA ASP I 18 36.22 43.79 13.07
C ASP I 18 36.64 42.62 12.19
N CYS I 19 36.02 41.45 12.42
CA CYS I 19 36.38 40.24 11.68
C CYS I 19 35.24 39.23 11.57
N VAL I 20 35.25 38.46 10.48
CA VAL I 20 34.41 37.26 10.38
C VAL I 20 35.26 36.03 10.10
N ALA I 21 34.73 34.86 10.41
CA ALA I 21 35.39 33.60 10.15
C ALA I 21 34.40 32.61 9.55
N ILE I 22 34.83 31.91 8.50
CA ILE I 22 34.02 30.86 7.90
C ILE I 22 34.85 29.59 7.78
N ALA I 23 34.21 28.43 8.02
CA ALA I 23 34.92 27.16 8.18
C ALA I 23 34.13 26.00 7.61
N CYS I 24 34.85 25.01 7.08
CA CYS I 24 34.23 23.77 6.59
C CYS I 24 35.14 22.54 6.74
N ASP I 25 34.54 21.36 6.60
CA ASP I 25 35.27 20.11 6.56
C ASP I 25 35.48 19.69 5.09
N LEU I 26 36.42 18.76 4.88
CA LEU I 26 36.80 18.38 3.53
C LEU I 26 36.13 17.12 2.97
N ARG I 27 35.17 16.54 3.70
CA ARG I 27 34.66 15.22 3.33
C ARG I 27 33.69 15.22 2.16
N LEU I 28 33.94 14.32 1.22
CA LEU I 28 32.97 13.96 0.21
C LEU I 28 32.85 12.45 0.25
N GLY I 29 31.68 11.97 0.64
CA GLY I 29 31.44 10.54 0.69
C GLY I 29 30.18 10.16 -0.05
N SER I 30 29.88 8.87 -0.07
CA SER I 30 28.59 8.34 -0.49
C SER I 30 28.19 7.31 0.57
N GLN I 31 27.20 7.65 1.38
CA GLN I 31 26.87 6.90 2.60
C GLN I 31 28.15 6.67 3.41
N SER I 32 28.47 5.40 3.65
CA SER I 32 29.61 5.02 4.49
C SER I 32 30.97 5.23 3.81
N LEU I 33 30.98 5.21 2.47
CA LEU I 33 32.23 5.27 1.70
C LEU I 33 32.84 6.67 1.63
N GLY I 34 33.96 6.87 2.31
CA GLY I 34 34.74 8.10 2.17
C GLY I 34 35.47 8.12 0.83
N VAL I 35 35.21 9.15 0.03
CA VAL I 35 35.64 9.17 -1.38
C VAL I 35 36.71 10.23 -1.66
N SER I 36 36.49 11.45 -1.19
CA SER I 36 37.46 12.53 -1.35
C SER I 36 37.73 13.26 -0.04
N ASN I 37 39.00 13.40 0.31
CA ASN I 37 39.40 14.18 1.48
C ASN I 37 39.87 15.59 1.12
N LYS I 38 39.38 16.10 0.00
CA LYS I 38 39.85 17.37 -0.54
C LYS I 38 38.71 18.34 -0.84
N PHE I 39 37.50 17.81 -0.95
CA PHE I 39 36.31 18.56 -1.35
C PHE I 39 36.01 19.75 -0.45
N GLU I 40 36.43 20.93 -0.88
CA GLU I 40 36.23 22.16 -0.12
C GLU I 40 34.83 22.72 -0.34
N LYS I 41 34.32 23.41 0.68
CA LYS I 41 32.94 23.86 0.69
C LYS I 41 32.80 25.38 0.80
N ILE I 42 33.94 26.07 0.84
CA ILE I 42 33.94 27.52 0.85
C ILE I 42 34.34 28.03 -0.53
N PHE I 43 33.74 29.13 -0.96
CA PHE I 43 34.12 29.80 -2.19
C PHE I 43 34.06 31.28 -1.93
N HIS I 44 34.73 32.07 -2.78
CA HIS I 44 34.61 33.50 -2.66
C HIS I 44 34.43 34.17 -4.02
N TYR I 45 33.71 35.28 -3.99
CA TYR I 45 33.49 36.08 -5.17
C TYR I 45 33.86 37.49 -4.73
N GLY I 46 35.05 37.93 -5.14
CA GLY I 46 35.67 39.12 -4.57
C GLY I 46 35.91 38.89 -3.08
N HIS I 47 35.35 39.79 -2.27
CA HIS I 47 35.49 39.73 -0.82
C HIS I 47 34.33 38.99 -0.14
N VAL I 48 33.35 38.58 -0.94
CA VAL I 48 32.18 37.86 -0.41
C VAL I 48 32.41 36.35 -0.45
N PHE I 49 32.45 35.74 0.75
CA PHE I 49 32.64 34.30 0.89
C PHE I 49 31.32 33.58 1.11
N LEU I 50 31.14 32.50 0.37
CA LEU I 50 29.98 31.64 0.49
C LEU I 50 30.45 30.23 0.85
N GLY I 51 29.73 29.57 1.75
CA GLY I 51 29.90 28.14 2.00
C GLY I 51 28.62 27.37 1.69
N ILE I 52 28.74 26.19 1.10
CA ILE I 52 27.56 25.35 0.82
C ILE I 52 27.73 23.91 1.31
N THR I 53 26.73 23.43 2.05
CA THR I 53 26.61 22.02 2.42
C THR I 53 25.41 21.42 1.68
N GLY I 54 25.29 20.10 1.72
CA GLY I 54 24.19 19.40 1.07
C GLY I 54 24.70 18.49 -0.01
N LEU I 55 23.82 18.17 -0.97
CA LEU I 55 24.13 17.32 -2.11
C LEU I 55 25.16 18.00 -2.99
N ALA I 56 26.30 17.34 -3.17
CA ALA I 56 27.54 17.94 -3.70
C ALA I 56 27.44 18.43 -5.15
N THR I 57 26.66 17.73 -5.97
CA THR I 57 26.40 18.19 -7.34
C THR I 57 25.73 19.56 -7.36
N ASP I 58 24.85 19.79 -6.38
CA ASP I 58 24.18 21.06 -6.22
C ASP I 58 25.13 22.11 -5.67
N VAL I 59 25.98 21.70 -4.74
CA VAL I 59 27.06 22.56 -4.26
C VAL I 59 27.87 23.02 -5.45
N THR I 60 28.33 22.08 -6.27
CA THR I 60 29.18 22.41 -7.43
C THR I 60 28.44 23.33 -8.42
N THR I 61 27.21 22.99 -8.78
CA THR I 61 26.37 23.85 -9.63
C THR I 61 26.25 25.27 -9.08
N LEU I 62 25.73 25.40 -7.86
CA LEU I 62 25.49 26.71 -7.25
C LEU I 62 26.74 27.56 -7.15
N ASN I 63 27.90 26.93 -7.00
CA ASN I 63 29.13 27.65 -7.14
C ASN I 63 29.21 28.28 -8.52
N GLU I 64 29.43 27.45 -9.53
CA GLU I 64 29.46 27.90 -10.91
C GLU I 64 28.43 28.98 -11.22
N MET I 65 27.19 28.77 -10.76
CA MET I 65 26.10 29.75 -10.93
C MET I 65 26.41 31.13 -10.31
N PHE I 66 26.76 31.16 -9.04
CA PHE I 66 27.05 32.43 -8.39
C PHE I 66 28.33 33.12 -8.89
N ARG I 67 29.22 32.36 -9.51
CA ARG I 67 30.38 32.95 -10.18
C ARG I 67 29.91 33.63 -11.47
N TYR I 68 29.08 32.92 -12.22
CA TYR I 68 28.40 33.42 -13.42
C TYR I 68 27.63 34.71 -13.12
N LYS I 69 26.91 34.73 -12.00
CA LYS I 69 26.04 35.87 -11.67
C LYS I 69 26.80 37.06 -11.10
N THR I 70 27.81 36.81 -10.28
CA THR I 70 28.66 37.88 -9.75
C THR I 70 29.55 38.50 -10.81
N ASN I 71 30.05 37.69 -11.74
CA ASN I 71 30.87 38.19 -12.84
C ASN I 71 30.10 39.22 -13.67
N LEU I 72 28.87 38.87 -14.04
CA LEU I 72 27.99 39.74 -14.80
C LEU I 72 27.58 40.99 -14.03
N TYR I 73 27.35 40.82 -12.73
CA TYR I 73 27.07 41.94 -11.82
C TYR I 73 28.21 42.97 -11.83
N LYS I 74 29.43 42.50 -11.55
CA LYS I 74 30.62 43.34 -11.49
C LYS I 74 30.90 44.10 -12.80
N LEU I 75 30.50 43.50 -13.92
CA LEU I 75 30.71 44.12 -15.23
C LEU I 75 29.71 45.22 -15.52
N LYS I 76 28.49 45.04 -15.03
CA LYS I 76 27.42 46.03 -15.22
C LYS I 76 27.53 47.17 -14.20
N GLU I 77 27.83 46.81 -12.95
CA GLU I 77 27.87 47.77 -11.85
C GLU I 77 29.24 48.44 -11.72
N GLU I 78 30.27 47.79 -12.27
CA GLU I 78 31.66 48.25 -12.21
C GLU I 78 32.20 48.28 -10.77
N ARG I 79 31.64 47.41 -9.94
CA ARG I 79 32.05 47.27 -8.54
C ARG I 79 31.76 45.86 -8.06
N ALA I 80 32.50 45.42 -7.03
CA ALA I 80 32.34 44.08 -6.47
C ALA I 80 31.00 43.94 -5.75
N ILE I 81 30.48 42.72 -5.76
CA ILE I 81 29.26 42.38 -5.02
C ILE I 81 29.52 42.54 -3.52
N GLU I 82 28.55 43.06 -2.79
CA GLU I 82 28.64 43.24 -1.34
C GLU I 82 27.86 42.15 -0.59
N PRO I 83 28.29 41.80 0.65
CA PRO I 83 27.70 40.67 1.38
C PRO I 83 26.18 40.78 1.52
N GLU I 84 25.69 41.94 1.95
CA GLU I 84 24.25 42.21 2.07
C GLU I 84 23.50 41.94 0.76
N THR I 85 24.05 42.46 -0.34
CA THR I 85 23.45 42.33 -1.66
C THR I 85 23.53 40.89 -2.16
N PHE I 86 24.67 40.25 -1.93
CA PHE I 86 24.87 38.87 -2.37
C PHE I 86 23.86 37.93 -1.72
N THR I 87 23.75 38.05 -0.40
CA THR I 87 22.73 37.36 0.39
C THR I 87 21.36 37.37 -0.29
N GLN I 88 20.97 38.53 -0.82
CA GLN I 88 19.69 38.70 -1.51
C GLN I 88 19.64 37.97 -2.85
N LEU I 89 20.77 37.95 -3.57
CA LEU I 89 20.88 37.22 -4.82
C LEU I 89 20.81 35.72 -4.61
N VAL I 90 21.27 35.27 -3.44
CA VAL I 90 21.24 33.85 -3.10
C VAL I 90 19.80 33.41 -2.79
N SER I 91 19.07 34.23 -2.06
CA SER I 91 17.68 33.95 -1.69
C SER I 91 16.76 33.81 -2.91
N SER I 92 16.74 34.85 -3.75
CA SER I 92 15.91 34.86 -4.94
C SER I 92 16.28 33.75 -5.93
N SER I 93 17.57 33.38 -5.93
CA SER I 93 18.06 32.31 -6.79
C SER I 93 17.54 30.95 -6.35
N LEU I 94 17.58 30.69 -5.04
CA LEU I 94 17.05 29.44 -4.48
C LEU I 94 15.52 29.35 -4.63
N TYR I 95 14.82 30.42 -4.27
CA TYR I 95 13.36 30.42 -4.30
C TYR I 95 12.83 30.31 -5.72
N GLU I 96 13.69 30.56 -6.69
CA GLU I 96 13.31 30.41 -8.10
C GLU I 96 12.98 28.96 -8.39
N ARG I 97 13.65 28.07 -7.66
CA ARG I 97 13.38 26.63 -7.74
C ARG I 97 12.57 26.13 -6.54
N ARG I 98 11.59 26.91 -6.12
CA ARG I 98 10.76 26.59 -4.97
C ARG I 98 10.24 25.14 -4.94
N PHE I 99 9.64 24.68 -6.04
CA PHE I 99 9.00 23.36 -6.06
C PHE I 99 9.85 22.30 -6.76
N GLY I 100 11.16 22.48 -6.70
CA GLY I 100 12.13 21.52 -7.22
C GLY I 100 13.50 22.03 -6.80
N PRO I 101 13.74 22.10 -5.48
CA PRO I 101 14.84 22.89 -4.95
C PRO I 101 16.21 22.24 -5.11
N TYR I 102 17.24 23.05 -4.90
CA TYR I 102 18.59 22.57 -4.74
C TYR I 102 18.71 22.10 -3.31
N PHE I 103 19.27 20.91 -3.11
CA PHE I 103 19.35 20.33 -1.77
C PHE I 103 20.61 20.78 -1.05
N VAL I 104 20.59 22.05 -0.67
CA VAL I 104 21.76 22.74 -0.16
C VAL I 104 21.45 23.52 1.12
N GLY I 105 22.50 23.89 1.85
CA GLY I 105 22.39 24.77 2.98
C GLY I 105 23.48 25.83 2.91
N PRO I 106 23.25 26.90 2.13
CA PRO I 106 24.23 27.96 1.92
C PRO I 106 24.48 28.81 3.17
N VAL I 107 25.68 29.37 3.26
CA VAL I 107 26.08 30.25 4.34
C VAL I 107 26.92 31.38 3.73
N VAL I 108 26.62 32.63 4.09
CA VAL I 108 27.33 33.80 3.56
C VAL I 108 28.14 34.54 4.62
N ALA I 109 29.39 34.87 4.32
CA ALA I 109 30.27 35.60 5.25
C ALA I 109 31.19 36.59 4.55
N GLY I 110 31.39 37.74 5.18
CA GLY I 110 32.26 38.77 4.62
C GLY I 110 32.16 40.10 5.33
N ILE I 111 32.84 41.10 4.79
CA ILE I 111 32.88 42.41 5.41
C ILE I 111 32.56 43.49 4.38
N ASN I 112 31.51 44.26 4.66
CA ASN I 112 31.07 45.34 3.79
C ASN I 112 32.24 46.30 3.55
N SER I 113 32.70 46.36 2.29
CA SER I 113 33.88 47.14 1.94
C SER I 113 33.68 48.64 2.18
N LYS I 114 32.43 49.08 2.14
CA LYS I 114 32.10 50.49 2.36
C LYS I 114 32.00 50.87 3.85
N SER I 115 31.14 50.14 4.58
CA SER I 115 30.88 50.46 5.98
C SER I 115 31.86 49.79 6.96
N GLY I 116 32.52 48.72 6.51
CA GLY I 116 33.46 47.99 7.35
C GLY I 116 32.78 47.05 8.34
N LYS I 117 31.48 46.86 8.17
CA LYS I 117 30.67 46.04 9.06
C LYS I 117 30.85 44.55 8.75
N PRO I 118 31.13 43.73 9.79
CA PRO I 118 31.15 42.28 9.65
C PRO I 118 29.75 41.74 9.41
N PHE I 119 29.64 40.74 8.55
CA PHE I 119 28.34 40.22 8.12
C PHE I 119 28.37 38.71 7.89
N ILE I 120 27.39 38.01 8.48
CA ILE I 120 27.14 36.61 8.18
C ILE I 120 25.64 36.36 7.98
N ALA I 121 25.31 35.32 7.20
CA ALA I 121 23.90 34.94 6.95
C ALA I 121 23.75 33.44 6.64
N GLY I 122 22.59 32.89 6.98
CA GLY I 122 22.26 31.50 6.66
C GLY I 122 20.97 31.34 5.86
N PHE I 123 20.86 30.24 5.13
CA PHE I 123 19.72 29.99 4.25
C PHE I 123 19.20 28.56 4.43
N ASP I 124 17.92 28.35 4.16
CA ASP I 124 17.44 27.00 3.94
C ASP I 124 17.43 26.70 2.44
N LEU I 125 17.04 25.47 2.06
CA LEU I 125 17.11 25.03 0.67
C LEU I 125 16.24 25.84 -0.31
N ILE I 126 15.27 26.59 0.23
CA ILE I 126 14.41 27.44 -0.62
C ILE I 126 14.59 28.95 -0.42
N GLY I 127 15.68 29.34 0.23
CA GLY I 127 16.11 30.73 0.26
C GLY I 127 15.53 31.63 1.34
N CYS I 128 15.16 31.04 2.47
CA CYS I 128 14.78 31.81 3.64
C CYS I 128 16.03 32.38 4.32
N ILE I 129 16.14 33.70 4.35
CA ILE I 129 17.32 34.38 4.90
C ILE I 129 17.32 34.39 6.43
N ASP I 130 18.31 33.74 7.01
CA ASP I 130 18.51 33.70 8.46
C ASP I 130 19.74 34.55 8.81
N GLU I 131 19.49 35.79 9.20
CA GLU I 131 20.56 36.73 9.51
C GLU I 131 20.85 36.73 11.00
N ALA I 132 22.13 36.60 11.36
CA ALA I 132 22.54 36.52 12.76
C ALA I 132 23.76 37.40 13.04
N LYS I 133 23.85 37.89 14.27
CA LYS I 133 25.00 38.68 14.69
C LYS I 133 26.18 37.81 15.14
N ASP I 134 25.89 36.65 15.70
CA ASP I 134 26.92 35.77 16.28
C ASP I 134 27.45 34.68 15.35
N PHE I 135 26.66 33.63 15.11
CA PHE I 135 27.10 32.47 14.33
C PHE I 135 26.00 31.84 13.48
N ILE I 136 26.42 31.17 12.41
CA ILE I 136 25.53 30.41 11.53
C ILE I 136 26.12 29.03 11.34
N VAL I 137 25.27 28.01 11.29
CA VAL I 137 25.72 26.62 11.09
C VAL I 137 24.94 25.91 9.99
N SER I 138 25.58 24.92 9.37
CA SER I 138 24.99 24.19 8.25
C SER I 138 25.53 22.77 8.14
N GLY I 139 24.74 21.89 7.54
CA GLY I 139 25.20 20.54 7.20
C GLY I 139 24.65 19.41 8.04
N THR I 140 25.26 18.24 7.89
CA THR I 140 24.77 17.00 8.52
C THR I 140 24.95 16.95 10.04
N ALA I 141 25.87 17.78 10.55
CA ALA I 141 26.09 17.91 11.99
C ALA I 141 25.80 19.32 12.46
N SER I 142 24.69 19.89 12.00
CA SER I 142 24.29 21.23 12.40
C SER I 142 23.90 21.25 13.88
N ASP I 143 23.25 20.18 14.33
CA ASP I 143 22.87 20.00 15.74
C ASP I 143 24.08 20.08 16.65
N GLN I 144 25.13 19.34 16.30
CA GLN I 144 26.37 19.35 17.08
C GLN I 144 27.03 20.71 17.07
N LEU I 145 26.95 21.40 15.93
CA LEU I 145 27.49 22.75 15.79
C LEU I 145 26.70 23.79 16.59
N PHE I 146 25.37 23.69 16.54
CA PHE I 146 24.50 24.58 17.30
C PHE I 146 24.83 24.57 18.78
N GLY I 147 25.05 23.37 19.32
CA GLY I 147 25.41 23.20 20.72
C GLY I 147 26.82 23.69 21.03
N MET I 148 27.75 23.45 20.10
CA MET I 148 29.13 23.89 20.25
C MET I 148 29.25 25.41 20.30
N CYS I 149 28.63 26.08 19.32
CA CYS I 149 28.70 27.53 19.21
C CYS I 149 28.00 28.21 20.39
N GLU I 150 26.74 27.85 20.61
CA GLU I 150 25.93 28.43 21.68
C GLU I 150 26.64 28.42 23.04
N SER I 151 27.58 27.50 23.21
CA SER I 151 28.35 27.37 24.43
C SER I 151 29.70 28.08 24.38
N LEU I 152 30.46 27.83 23.32
CA LEU I 152 31.82 28.35 23.18
C LEU I 152 31.88 29.84 22.83
N TYR I 153 30.87 30.30 22.08
CA TYR I 153 30.87 31.66 21.56
C TYR I 153 30.76 32.73 22.65
N GLU I 154 31.58 33.77 22.49
CA GLU I 154 31.39 35.05 23.18
C GLU I 154 31.67 36.17 22.16
N PRO I 155 30.96 37.31 22.28
CA PRO I 155 31.09 38.35 21.26
C PRO I 155 32.40 39.14 21.35
N ASN I 156 32.71 39.89 20.30
CA ASN I 156 33.89 40.77 20.23
C ASN I 156 35.22 40.05 20.41
N LEU I 157 35.38 38.94 19.70
CA LEU I 157 36.62 38.18 19.75
C LEU I 157 37.63 38.77 18.77
N GLU I 158 38.91 38.69 19.13
CA GLU I 158 39.99 39.13 18.27
C GLU I 158 40.33 38.04 17.26
N PRO I 159 40.79 38.43 16.05
CA PRO I 159 41.11 37.51 14.95
C PRO I 159 41.77 36.20 15.38
N GLU I 160 42.85 36.28 16.16
CA GLU I 160 43.56 35.09 16.68
C GLU I 160 42.65 34.23 17.54
N ASP I 161 41.96 34.88 18.50
CA ASP I 161 41.02 34.23 19.40
C ASP I 161 39.89 33.53 18.67
N LEU I 162 39.24 34.25 17.75
CA LEU I 162 38.12 33.72 16.98
C LEU I 162 38.49 32.42 16.27
N PHE I 163 39.70 32.38 15.71
CA PHE I 163 40.22 31.17 15.06
C PHE I 163 40.16 29.96 15.99
N GLU I 164 40.63 30.12 17.22
CA GLU I 164 40.62 29.03 18.20
C GLU I 164 39.18 28.57 18.45
N THR I 165 38.28 29.53 18.65
CA THR I 165 36.88 29.25 18.99
C THR I 165 36.12 28.52 17.87
N ILE I 166 36.23 29.02 16.65
CA ILE I 166 35.52 28.42 15.53
C ILE I 166 36.07 27.02 15.17
N SER I 167 37.39 26.84 15.31
CA SER I 167 38.02 25.56 15.00
C SER I 167 37.61 24.48 16.00
N GLN I 168 37.58 24.85 17.27
CA GLN I 168 37.16 23.94 18.34
C GLN I 168 35.66 23.65 18.29
N ALA I 169 34.90 24.57 17.71
CA ALA I 169 33.49 24.34 17.49
C ALA I 169 33.32 23.27 16.43
N LEU I 170 33.94 23.48 15.27
CA LEU I 170 33.83 22.58 14.12
C LEU I 170 34.37 21.17 14.43
N LEU I 171 35.55 21.11 15.03
CA LEU I 171 36.23 19.83 15.26
C LEU I 171 35.43 18.86 16.12
N ASN I 172 34.96 19.34 17.26
CA ASN I 172 34.23 18.51 18.21
C ASN I 172 32.84 18.11 17.69
N ALA I 173 32.31 18.94 16.79
CA ALA I 173 31.02 18.65 16.17
C ALA I 173 31.18 17.59 15.07
N ALA I 174 32.31 17.63 14.37
CA ALA I 174 32.59 16.70 13.27
C ALA I 174 32.92 15.31 13.77
N ASP I 175 33.36 15.23 15.02
CA ASP I 175 33.75 13.97 15.63
C ASP I 175 32.58 13.22 16.24
N ARG I 176 31.41 13.87 16.25
CA ARG I 176 30.18 13.20 16.66
C ARG I 176 29.30 12.93 15.44
N ASP I 177 29.80 13.27 14.26
CA ASP I 177 29.12 13.00 13.00
C ASP I 177 29.92 12.03 12.15
N ALA I 178 29.23 10.98 11.69
CA ALA I 178 29.84 9.94 10.88
C ALA I 178 30.13 10.40 9.46
N LEU I 179 29.45 11.46 9.02
CA LEU I 179 29.55 11.91 7.63
C LEU I 179 30.29 13.24 7.48
N SER I 180 30.79 13.79 8.58
CA SER I 180 31.63 14.99 8.53
C SER I 180 33.05 14.72 9.03
N GLY I 181 34.00 15.50 8.53
CA GLY I 181 35.38 15.45 8.99
C GLY I 181 36.39 15.22 7.87
N TRP I 182 37.36 14.34 8.13
CA TRP I 182 38.35 13.93 7.13
C TRP I 182 39.35 15.03 6.76
N GLY I 183 39.49 16.02 7.63
CA GLY I 183 40.21 17.24 7.32
C GLY I 183 39.33 18.43 7.64
N ALA I 184 39.81 19.65 7.39
CA ALA I 184 39.05 20.86 7.71
C ALA I 184 39.83 22.11 7.33
N VAL I 185 39.11 23.19 7.10
CA VAL I 185 39.72 24.46 6.72
C VAL I 185 38.93 25.64 7.30
N VAL I 186 39.66 26.66 7.72
CA VAL I 186 39.09 27.82 8.39
C VAL I 186 39.62 29.12 7.78
N TYR I 187 38.71 29.91 7.22
CA TYR I 187 39.03 31.23 6.70
C TYR I 187 38.84 32.28 7.79
N ILE I 188 39.89 33.07 8.05
CA ILE I 188 39.81 34.23 8.93
C ILE I 188 39.83 35.49 8.07
N ILE I 189 38.80 36.31 8.21
CA ILE I 189 38.61 37.48 7.35
C ILE I 189 38.78 38.79 8.10
N LYS I 190 39.64 39.65 7.58
CA LYS I 190 39.72 41.04 8.02
C LYS I 190 39.33 41.95 6.85
N LYS I 191 39.10 43.23 7.16
CA LYS I 191 38.74 44.23 6.14
C LYS I 191 39.77 44.27 4.99
N ASP I 192 41.05 44.17 5.36
CA ASP I 192 42.14 44.23 4.39
C ASP I 192 42.62 42.86 3.87
N GLU I 193 42.85 41.90 4.78
CA GLU I 193 43.41 40.59 4.42
C GLU I 193 42.58 39.37 4.85
N VAL I 194 42.80 38.25 4.16
CA VAL I 194 42.11 37.00 4.45
C VAL I 194 43.13 35.87 4.64
N VAL I 195 43.00 35.14 5.73
CA VAL I 195 43.97 34.09 6.11
C VAL I 195 43.31 32.72 6.14
N LYS I 196 43.87 31.77 5.40
CA LYS I 196 43.28 30.43 5.26
C LYS I 196 44.15 29.35 5.89
N ARG I 197 43.60 28.66 6.90
CA ARG I 197 44.33 27.60 7.61
C ARG I 197 43.64 26.23 7.53
N TYR I 198 44.43 25.20 7.22
CA TYR I 198 43.99 23.80 7.29
C TYR I 198 44.24 23.25 8.68
N LEU I 199 43.25 22.54 9.21
CA LEU I 199 43.34 22.00 10.58
C LEU I 199 43.73 20.53 10.59
N LYS I 200 44.30 20.09 11.71
CA LYS I 200 44.68 18.70 11.93
C LYS I 200 43.63 18.03 12.79
N MET I 201 42.88 17.10 12.20
CA MET I 201 41.82 16.42 12.93
C MET I 201 41.86 14.90 12.73
N ARG I 202 41.02 14.19 13.48
CA ARG I 202 40.83 12.75 13.30
C ARG I 202 40.52 12.41 11.85
N GLN I 203 41.02 11.27 11.38
CA GLN I 203 40.79 10.85 10.00
C GLN I 203 39.93 9.59 9.88
N ASP I 204 38.98 9.42 10.80
CA ASP I 204 38.14 8.22 10.81
C ASP I 204 36.64 8.44 10.49
N MET J 1 27.27 -4.44 -9.78
CA MET J 1 27.55 -3.58 -10.97
C MET J 1 28.78 -4.12 -11.75
N ASP J 2 29.26 -3.33 -12.71
CA ASP J 2 30.51 -3.59 -13.43
C ASP J 2 31.69 -2.96 -12.68
N ILE J 3 32.90 -3.49 -12.90
CA ILE J 3 34.13 -2.96 -12.27
C ILE J 3 34.73 -1.86 -13.13
N ILE J 4 34.94 -0.70 -12.51
CA ILE J 4 35.53 0.46 -13.17
C ILE J 4 36.55 1.09 -12.24
N LEU J 5 37.83 0.86 -12.53
CA LEU J 5 38.92 1.40 -11.73
C LEU J 5 39.78 2.33 -12.54
N GLY J 6 40.39 3.29 -11.86
CA GLY J 6 41.39 4.17 -12.45
C GLY J 6 42.46 4.55 -11.44
N ILE J 7 43.71 4.69 -11.91
CA ILE J 7 44.79 5.16 -11.06
C ILE J 7 45.74 6.10 -11.83
N ARG J 8 45.99 7.28 -11.26
CA ARG J 8 46.98 8.21 -11.76
C ARG J 8 48.31 8.03 -11.03
N VAL J 9 49.40 7.96 -11.80
CA VAL J 9 50.75 7.92 -11.24
C VAL J 9 51.57 9.15 -11.65
N GLN J 10 52.88 9.00 -11.76
CA GLN J 10 53.79 10.11 -12.08
C GLN J 10 53.52 10.72 -13.45
N ASP J 11 53.48 9.90 -14.49
CA ASP J 11 53.40 10.40 -15.86
C ASP J 11 52.25 9.85 -16.71
N SER J 12 51.31 9.17 -16.07
CA SER J 12 50.22 8.53 -16.80
C SER J 12 49.04 8.20 -15.90
N VAL J 13 47.89 8.01 -16.52
CA VAL J 13 46.67 7.53 -15.85
C VAL J 13 46.41 6.13 -16.38
N ILE J 14 46.04 5.22 -15.49
CA ILE J 14 45.70 3.87 -15.92
C ILE J 14 44.21 3.59 -15.64
N LEU J 15 43.52 3.03 -16.63
CA LEU J 15 42.12 2.65 -16.47
C LEU J 15 41.91 1.16 -16.67
N ALA J 16 41.16 0.54 -15.74
CA ALA J 16 40.83 -0.88 -15.80
C ALA J 16 39.31 -1.09 -15.79
N SER J 17 38.82 -1.88 -16.73
CA SER J 17 37.37 -2.07 -16.94
C SER J 17 36.97 -3.53 -17.03
N SER J 18 35.97 -3.89 -16.22
CA SER J 18 35.33 -5.21 -16.24
C SER J 18 34.92 -5.60 -17.66
N LYS J 19 35.14 -6.85 -18.02
CA LYS J 19 34.88 -7.35 -19.38
C LYS J 19 33.50 -7.96 -19.56
N ALA J 20 32.80 -8.25 -18.46
CA ALA J 20 31.53 -8.99 -18.53
C ALA J 20 30.31 -8.13 -18.77
N VAL J 21 29.41 -8.62 -19.62
CA VAL J 21 28.06 -8.07 -19.77
C VAL J 21 27.06 -9.16 -19.39
N THR J 22 26.35 -8.94 -18.28
CA THR J 22 25.44 -9.93 -17.72
C THR J 22 24.02 -9.41 -17.71
N ARG J 23 23.10 -10.15 -18.32
CA ARG J 23 21.67 -9.87 -18.21
C ARG J 23 20.99 -11.08 -17.63
N GLY J 24 20.32 -10.90 -16.49
CA GLY J 24 19.61 -11.98 -15.82
C GLY J 24 20.53 -13.05 -15.28
N ILE J 25 20.30 -14.28 -15.74
CA ILE J 25 21.03 -15.45 -15.25
C ILE J 25 22.16 -15.89 -16.20
N SER J 26 22.38 -15.12 -17.27
CA SER J 26 23.37 -15.46 -18.29
C SER J 26 24.43 -14.38 -18.49
N VAL J 27 25.68 -14.79 -18.64
CA VAL J 27 26.76 -13.88 -19.05
C VAL J 27 26.77 -13.84 -20.57
N LEU J 28 26.36 -12.71 -21.13
CA LEU J 28 26.15 -12.59 -22.57
C LEU J 28 27.43 -12.35 -23.36
N LYS J 29 28.44 -11.78 -22.70
CA LYS J 29 29.71 -11.47 -23.33
C LYS J 29 30.82 -11.39 -22.29
N ASP J 30 32.01 -11.87 -22.66
CA ASP J 30 33.17 -11.84 -21.77
C ASP J 30 34.34 -11.01 -22.30
N SER J 31 34.06 -10.08 -23.21
CA SER J 31 35.09 -9.26 -23.84
C SER J 31 34.58 -7.88 -24.26
N ASP J 32 33.95 -7.17 -23.33
CA ASP J 32 33.35 -5.88 -23.60
C ASP J 32 34.28 -4.74 -23.22
N ASP J 33 34.52 -3.83 -24.16
CA ASP J 33 35.31 -2.65 -23.89
C ASP J 33 34.40 -1.54 -23.37
N LYS J 34 34.46 -1.31 -22.06
CA LYS J 34 33.61 -0.32 -21.40
C LYS J 34 34.23 1.08 -21.44
N THR J 35 34.76 1.44 -22.60
CA THR J 35 35.48 2.70 -22.75
C THR J 35 35.20 3.39 -24.09
N ARG J 36 35.33 4.71 -24.11
CA ARG J 36 35.32 5.50 -25.34
C ARG J 36 36.51 6.44 -25.34
N GLN J 37 37.15 6.60 -26.49
CA GLN J 37 38.17 7.62 -26.64
C GLN J 37 37.52 8.96 -27.00
N LEU J 38 37.73 9.94 -26.14
CA LEU J 38 37.14 11.27 -26.35
C LEU J 38 38.05 12.15 -27.20
N SER J 39 39.35 12.11 -26.91
CA SER J 39 40.34 12.82 -27.72
C SER J 39 41.68 12.05 -27.66
N PRO J 40 42.61 12.33 -28.59
CA PRO J 40 43.91 11.67 -28.59
C PRO J 40 44.54 11.41 -27.19
N HIS J 41 44.22 12.26 -26.21
CA HIS J 41 44.81 12.15 -24.87
C HIS J 41 43.78 12.16 -23.74
N THR J 42 42.52 11.85 -24.06
CA THR J 42 41.47 11.76 -23.05
C THR J 42 40.57 10.53 -23.28
N LEU J 43 40.45 9.72 -22.23
CA LEU J 43 39.73 8.47 -22.28
C LEU J 43 38.69 8.42 -21.16
N MET J 44 37.50 7.91 -21.48
CA MET J 44 36.43 7.81 -20.51
C MET J 44 35.87 6.39 -20.42
N SER J 45 35.80 5.87 -19.20
CA SER J 45 35.17 4.59 -18.90
C SER J 45 33.80 4.81 -18.30
N PHE J 46 32.93 3.79 -18.31
CA PHE J 46 31.52 3.97 -17.92
C PHE J 46 30.84 2.70 -17.42
N ALA J 47 30.05 2.86 -16.36
CA ALA J 47 29.28 1.77 -15.77
C ALA J 47 27.97 2.31 -15.20
N GLY J 48 26.90 1.53 -15.35
CA GLY J 48 25.58 1.92 -14.87
C GLY J 48 24.47 1.15 -15.56
N GLU J 49 23.33 1.83 -15.73
CA GLU J 49 22.12 1.24 -16.32
C GLU J 49 22.36 0.67 -17.72
N ALA J 50 21.67 -0.44 -18.01
CA ALA J 50 21.79 -1.18 -19.27
C ALA J 50 21.93 -0.37 -20.57
N GLY J 51 21.05 0.60 -20.79
CA GLY J 51 21.06 1.32 -22.06
C GLY J 51 21.83 2.62 -22.03
N ASP J 52 21.57 3.41 -20.99
CA ASP J 52 22.14 4.74 -20.79
C ASP J 52 23.66 4.77 -20.89
N THR J 53 24.27 3.64 -20.54
CA THR J 53 25.72 3.52 -20.44
C THR J 53 26.49 3.87 -21.73
N VAL J 54 26.13 3.24 -22.85
CA VAL J 54 26.83 3.45 -24.11
C VAL J 54 26.32 4.71 -24.80
N GLN J 55 25.01 4.96 -24.67
CA GLN J 55 24.36 6.09 -25.32
C GLN J 55 24.89 7.42 -24.83
N PHE J 56 25.15 7.51 -23.52
CA PHE J 56 25.78 8.70 -22.95
C PHE J 56 27.21 8.86 -23.44
N ALA J 57 27.99 7.77 -23.37
CA ALA J 57 29.41 7.79 -23.74
C ALA J 57 29.64 8.22 -25.19
N GLU J 58 28.86 7.65 -26.09
CA GLU J 58 28.94 7.95 -27.51
C GLU J 58 28.46 9.37 -27.82
N TYR J 59 27.57 9.89 -26.98
CA TYR J 59 27.07 11.25 -27.11
C TYR J 59 28.14 12.26 -26.69
N ILE J 60 28.82 11.98 -25.57
CA ILE J 60 29.93 12.81 -25.13
C ILE J 60 31.04 12.79 -26.16
N GLN J 61 31.24 11.62 -26.78
CA GLN J 61 32.28 11.43 -27.79
C GLN J 61 32.05 12.31 -29.01
N ALA J 62 30.81 12.37 -29.48
CA ALA J 62 30.46 13.20 -30.63
C ALA J 62 30.72 14.69 -30.38
N ASN J 63 30.36 15.17 -29.20
CA ASN J 63 30.54 16.58 -28.83
C ASN J 63 31.99 17.01 -28.72
N ILE J 64 32.84 16.17 -28.12
CA ILE J 64 34.25 16.50 -28.00
C ILE J 64 34.92 16.45 -29.38
N GLN J 65 34.48 15.51 -30.21
CA GLN J 65 35.03 15.37 -31.56
C GLN J 65 34.60 16.54 -32.43
N LEU J 66 33.35 16.98 -32.29
CA LEU J 66 32.85 18.16 -32.98
C LEU J 66 33.60 19.40 -32.55
N TYR J 67 33.95 19.46 -31.27
CA TYR J 67 34.73 20.58 -30.73
C TYR J 67 36.12 20.64 -31.33
N SER J 68 36.79 19.48 -31.39
CA SER J 68 38.16 19.39 -31.88
C SER J 68 38.27 19.80 -33.35
N ILE J 69 37.28 19.41 -34.15
CA ILE J 69 37.22 19.80 -35.55
C ILE J 69 37.01 21.31 -35.70
N ARG J 70 36.09 21.86 -34.92
CA ARG J 70 35.72 23.28 -35.02
C ARG J 70 36.85 24.21 -34.60
N GLU J 71 37.64 23.81 -33.60
CA GLU J 71 38.71 24.66 -33.07
C GLU J 71 40.11 24.23 -33.50
N ASP J 72 40.22 23.09 -34.16
CA ASP J 72 41.52 22.46 -34.48
C ASP J 72 42.45 22.43 -33.27
N TYR J 73 41.90 21.98 -32.14
CA TYR J 73 42.55 22.05 -30.84
C TYR J 73 41.93 21.01 -29.92
N GLU J 74 42.72 20.52 -28.97
CA GLU J 74 42.25 19.52 -28.00
C GLU J 74 42.05 20.16 -26.63
N LEU J 75 40.84 20.00 -26.09
CA LEU J 75 40.50 20.50 -24.76
C LEU J 75 41.32 19.79 -23.69
N SER J 76 41.68 20.53 -22.64
CA SER J 76 42.38 19.96 -21.49
C SER J 76 41.46 18.97 -20.77
N PRO J 77 42.05 17.97 -20.10
CA PRO J 77 41.29 17.02 -19.29
C PRO J 77 40.31 17.72 -18.33
N GLN J 78 40.78 18.79 -17.68
CA GLN J 78 39.95 19.58 -16.78
C GLN J 78 38.72 20.14 -17.48
N ALA J 79 38.88 20.53 -18.76
CA ALA J 79 37.78 21.12 -19.50
C ALA J 79 36.75 20.09 -19.94
N VAL J 80 37.23 18.93 -20.38
CA VAL J 80 36.35 17.83 -20.80
C VAL J 80 35.53 17.28 -19.63
N SER J 81 36.18 17.09 -18.48
CA SER J 81 35.53 16.57 -17.29
C SER J 81 34.40 17.48 -16.82
N SER J 82 34.64 18.80 -16.91
CA SER J 82 33.65 19.81 -16.55
C SER J 82 32.44 19.73 -17.47
N PHE J 83 32.70 19.58 -18.77
CA PHE J 83 31.63 19.41 -19.75
C PHE J 83 30.75 18.22 -19.41
N VAL J 84 31.38 17.08 -19.12
CA VAL J 84 30.65 15.88 -18.74
C VAL J 84 29.81 16.10 -17.48
N ARG J 85 30.45 16.61 -16.42
CA ARG J 85 29.73 16.86 -15.17
C ARG J 85 28.43 17.63 -15.37
N GLN J 86 28.49 18.67 -16.20
CA GLN J 86 27.34 19.53 -16.43
C GLN J 86 26.23 18.81 -17.19
N GLU J 87 26.62 17.91 -18.10
CA GLU J 87 25.65 17.12 -18.86
C GLU J 87 24.86 16.20 -17.95
N LEU J 88 25.53 15.68 -16.92
CA LEU J 88 24.89 14.81 -15.96
C LEU J 88 24.11 15.62 -14.95
N ALA J 89 24.64 16.80 -14.61
CA ALA J 89 23.95 17.68 -13.68
C ALA J 89 22.64 18.20 -14.28
N LYS J 90 22.64 18.46 -15.58
CA LYS J 90 21.43 18.73 -16.36
C LYS J 90 20.45 17.57 -16.33
N SER J 91 20.99 16.34 -16.33
CA SER J 91 20.19 15.12 -16.54
C SER J 91 19.34 14.77 -15.34
N ILE J 92 19.96 14.88 -14.16
CA ILE J 92 19.36 14.43 -12.91
C ILE J 92 17.95 14.96 -12.63
N ARG J 93 17.71 16.21 -13.00
CA ARG J 93 16.42 16.84 -12.73
C ARG J 93 15.46 16.81 -13.93
N SER J 94 15.74 15.94 -14.90
CA SER J 94 14.91 15.79 -16.09
C SER J 94 13.97 14.58 -15.96
N ARG J 95 13.13 14.39 -16.98
CA ARG J 95 12.09 13.34 -16.99
C ARG J 95 12.67 11.94 -16.79
N ARG J 96 13.59 11.54 -17.66
CA ARG J 96 14.28 10.26 -17.50
C ARG J 96 15.81 10.46 -17.50
N PRO J 97 16.41 10.59 -16.30
CA PRO J 97 17.84 10.96 -16.11
C PRO J 97 18.87 9.86 -16.37
N TYR J 98 19.85 10.16 -17.22
CA TYR J 98 21.06 9.32 -17.39
C TYR J 98 21.56 8.68 -16.10
N GLN J 99 21.76 7.36 -16.14
CA GLN J 99 22.27 6.62 -14.99
C GLN J 99 23.66 6.02 -15.25
N VAL J 100 24.68 6.87 -15.26
CA VAL J 100 26.01 6.47 -15.67
C VAL J 100 27.12 7.03 -14.75
N ASN J 101 27.98 6.16 -14.24
CA ASN J 101 29.15 6.62 -13.49
C ASN J 101 30.40 6.54 -14.35
N VAL J 102 31.08 7.67 -14.50
CA VAL J 102 32.24 7.73 -15.40
C VAL J 102 33.58 8.03 -14.73
N LEU J 103 34.66 7.58 -15.37
CA LEU J 103 36.02 8.03 -15.03
C LEU J 103 36.66 8.67 -16.26
N ILE J 104 37.28 9.83 -16.05
CA ILE J 104 37.98 10.52 -17.13
C ILE J 104 39.50 10.39 -16.90
N GLY J 105 40.17 9.71 -17.82
CA GLY J 105 41.61 9.59 -17.76
C GLY J 105 42.22 10.44 -18.84
N GLY J 106 42.96 11.47 -18.43
CA GLY J 106 43.56 12.39 -19.38
C GLY J 106 44.99 12.78 -19.07
N TYR J 107 45.73 13.09 -20.12
CA TYR J 107 47.05 13.70 -19.99
C TYR J 107 47.00 15.10 -20.60
N ASP J 108 47.11 16.11 -19.73
CA ASP J 108 47.17 17.50 -20.16
C ASP J 108 48.53 17.78 -20.83
N LYS J 109 48.49 17.93 -22.15
CA LYS J 109 49.71 18.16 -22.96
C LYS J 109 50.33 19.54 -22.68
N LYS J 110 49.47 20.49 -22.32
CA LYS J 110 49.89 21.84 -21.95
C LYS J 110 50.62 21.84 -20.60
N LYS J 111 50.06 21.14 -19.61
CA LYS J 111 50.61 21.09 -18.25
C LYS J 111 51.65 19.98 -18.00
N ASN J 112 51.74 19.03 -18.92
CA ASN J 112 52.60 17.85 -18.80
C ASN J 112 52.37 17.01 -17.53
N LYS J 113 51.10 16.88 -17.15
CA LYS J 113 50.70 16.10 -15.99
C LYS J 113 49.47 15.24 -16.27
N PRO J 114 49.46 13.99 -15.74
CA PRO J 114 48.28 13.14 -15.85
C PRO J 114 47.15 13.61 -14.93
N GLU J 115 45.92 13.31 -15.30
CA GLU J 115 44.76 13.69 -14.51
C GLU J 115 43.66 12.63 -14.57
N LEU J 116 43.01 12.39 -13.44
CA LEU J 116 41.95 11.40 -13.32
C LEU J 116 40.72 12.01 -12.65
N TYR J 117 39.55 11.75 -13.23
CA TYR J 117 38.30 12.35 -12.76
C TYR J 117 37.21 11.33 -12.53
N GLN J 118 36.64 11.34 -11.33
CA GLN J 118 35.53 10.49 -10.98
C GLN J 118 34.27 11.34 -10.98
N ILE J 119 33.25 10.90 -11.71
CA ILE J 119 31.96 11.59 -11.78
C ILE J 119 30.81 10.57 -11.78
N ASP J 120 29.93 10.66 -10.79
CA ASP J 120 28.80 9.74 -10.70
C ASP J 120 27.58 10.29 -11.47
N TYR J 121 26.52 9.48 -11.56
CA TYR J 121 25.34 9.86 -12.34
C TYR J 121 24.67 11.16 -11.87
N LEU J 122 25.10 11.66 -10.70
CA LEU J 122 24.59 12.92 -10.14
C LEU J 122 25.34 14.13 -10.70
N GLY J 123 26.46 13.85 -11.34
CA GLY J 123 27.41 14.91 -11.68
C GLY J 123 28.18 15.38 -10.45
N THR J 124 28.68 14.42 -9.66
CA THR J 124 29.54 14.75 -8.53
C THR J 124 31.00 14.56 -8.97
N LYS J 125 31.64 15.64 -9.40
CA LYS J 125 33.00 15.55 -9.93
C LYS J 125 34.05 15.75 -8.85
N VAL J 126 35.06 14.87 -8.84
CA VAL J 126 36.22 15.05 -7.98
C VAL J 126 37.48 14.50 -8.66
N GLU J 127 38.59 15.25 -8.53
CA GLU J 127 39.88 14.84 -9.06
C GLU J 127 40.56 13.99 -8.01
N LEU J 128 41.24 12.92 -8.44
CA LEU J 128 41.75 11.89 -7.52
C LEU J 128 43.05 11.25 -8.02
N PRO J 129 43.86 10.70 -7.08
CA PRO J 129 44.98 9.87 -7.51
C PRO J 129 44.47 8.51 -8.00
N TYR J 130 43.59 7.90 -7.22
CA TYR J 130 42.94 6.66 -7.62
C TYR J 130 41.43 6.75 -7.40
N GLY J 131 40.68 6.06 -8.25
CA GLY J 131 39.21 6.13 -8.21
C GLY J 131 38.48 4.87 -8.61
N ALA J 132 37.28 4.70 -8.08
CA ALA J 132 36.47 3.52 -8.36
C ALA J 132 34.99 3.84 -8.28
N HIS J 133 34.19 3.22 -9.14
CA HIS J 133 32.74 3.36 -9.05
C HIS J 133 32.08 2.10 -8.54
N GLY J 134 30.93 2.28 -7.91
CA GLY J 134 30.11 1.18 -7.42
C GLY J 134 30.73 0.46 -6.25
N TYR J 135 30.41 -0.82 -6.11
CA TYR J 135 30.86 -1.66 -5.00
C TYR J 135 32.37 -1.89 -4.98
N SER J 136 32.98 -1.85 -6.16
CA SER J 136 34.42 -2.04 -6.33
C SER J 136 35.25 -1.20 -5.36
N GLY J 137 34.78 0.02 -5.11
CA GLY J 137 35.45 0.97 -4.22
C GLY J 137 35.69 0.44 -2.81
N PHE J 138 34.71 -0.28 -2.28
CA PHE J 138 34.78 -0.86 -0.93
C PHE J 138 35.99 -1.75 -0.70
N TYR J 139 36.63 -2.23 -1.76
CA TYR J 139 37.83 -3.06 -1.63
C TYR J 139 39.11 -2.34 -2.02
N THR J 140 39.05 -1.55 -3.10
CA THR J 140 40.25 -0.94 -3.69
C THR J 140 40.74 0.29 -2.95
N PHE J 141 39.81 1.17 -2.56
CA PHE J 141 40.15 2.41 -1.87
C PHE J 141 41.07 2.22 -0.66
N SER J 142 40.95 1.10 0.03
CA SER J 142 41.75 0.82 1.21
C SER J 142 43.08 0.16 0.84
N LEU J 143 43.06 -0.61 -0.25
CA LEU J 143 44.26 -1.25 -0.78
C LEU J 143 45.21 -0.18 -1.30
N LEU J 144 44.64 0.77 -2.03
CA LEU J 144 45.41 1.86 -2.64
C LEU J 144 45.87 2.90 -1.62
N ASP J 145 45.02 3.19 -0.63
CA ASP J 145 45.43 3.98 0.53
C ASP J 145 46.77 3.50 1.08
N HIS J 146 46.93 2.18 1.15
CA HIS J 146 48.10 1.54 1.73
C HIS J 146 49.30 1.55 0.79
N HIS J 147 49.09 1.10 -0.45
CA HIS J 147 50.20 0.80 -1.36
C HIS J 147 50.62 1.91 -2.34
N TYR J 148 49.90 3.02 -2.35
CA TYR J 148 50.13 4.04 -3.38
C TYR J 148 51.15 5.12 -3.01
N ARG J 149 52.05 5.38 -3.96
CA ARG J 149 52.98 6.51 -3.89
C ARG J 149 52.85 7.32 -5.19
N PRO J 150 52.78 8.66 -5.10
CA PRO J 150 52.54 9.53 -6.26
C PRO J 150 53.65 9.57 -7.32
N ASP J 151 54.85 9.11 -6.97
CA ASP J 151 56.00 9.11 -7.88
C ASP J 151 56.17 7.77 -8.62
N MET J 152 55.15 6.93 -8.61
CA MET J 152 55.20 5.59 -9.21
C MET J 152 55.28 5.64 -10.73
N THR J 153 56.00 4.68 -11.31
CA THR J 153 56.10 4.55 -12.76
C THR J 153 54.87 3.84 -13.30
N THR J 154 54.63 3.96 -14.60
CA THR J 154 53.52 3.27 -15.26
C THR J 154 53.62 1.76 -14.99
N GLU J 155 54.85 1.26 -14.90
CA GLU J 155 55.10 -0.13 -14.57
C GLU J 155 54.62 -0.47 -13.16
N GLU J 156 55.03 0.34 -12.18
CA GLU J 156 54.62 0.19 -10.79
C GLU J 156 53.11 0.36 -10.62
N GLY J 157 52.52 1.20 -11.46
CA GLY J 157 51.08 1.42 -11.47
C GLY J 157 50.30 0.18 -11.90
N LEU J 158 50.85 -0.55 -12.87
CA LEU J 158 50.20 -1.76 -13.38
C LEU J 158 50.25 -2.91 -12.37
N ASP J 159 51.38 -3.07 -11.68
CA ASP J 159 51.52 -4.04 -10.60
C ASP J 159 50.46 -3.77 -9.51
N LEU J 160 50.27 -2.50 -9.20
CA LEU J 160 49.34 -2.05 -8.18
C LEU J 160 47.90 -2.32 -8.58
N LEU J 161 47.63 -2.28 -9.89
CA LEU J 161 46.31 -2.62 -10.43
C LEU J 161 46.02 -4.10 -10.39
N LYS J 162 47.00 -4.91 -10.76
CA LYS J 162 46.83 -6.35 -10.73
C LYS J 162 46.46 -6.78 -9.31
N LEU J 163 47.06 -6.12 -8.33
CA LEU J 163 46.82 -6.41 -6.93
C LEU J 163 45.41 -6.02 -6.49
N CYS J 164 44.84 -5.00 -7.12
CA CYS J 164 43.45 -4.63 -6.91
C CYS J 164 42.53 -5.67 -7.53
N VAL J 165 42.87 -6.09 -8.75
CA VAL J 165 42.09 -7.06 -9.52
C VAL J 165 42.06 -8.43 -8.85
N GLN J 166 43.19 -8.84 -8.29
CA GLN J 166 43.29 -10.12 -7.57
C GLN J 166 42.38 -10.14 -6.35
N GLU J 167 42.29 -8.99 -5.68
CA GLU J 167 41.47 -8.83 -4.48
C GLU J 167 39.98 -8.89 -4.80
N LEU J 168 39.59 -8.33 -5.95
CA LEU J 168 38.20 -8.34 -6.38
C LEU J 168 37.76 -9.73 -6.82
N GLU J 169 38.63 -10.43 -7.54
CA GLU J 169 38.37 -11.82 -7.96
C GLU J 169 38.22 -12.76 -6.77
N LYS J 170 38.92 -12.44 -5.68
CA LYS J 170 38.90 -13.27 -4.48
C LYS J 170 37.66 -13.04 -3.62
N ARG J 171 37.24 -11.77 -3.50
CA ARG J 171 36.23 -11.40 -2.51
C ARG J 171 34.85 -11.02 -3.05
N MET J 172 34.80 -10.42 -4.22
CA MET J 172 33.53 -10.01 -4.81
C MET J 172 32.78 -11.19 -5.40
N PRO J 173 31.44 -11.24 -5.21
CA PRO J 173 30.63 -12.41 -5.54
C PRO J 173 30.45 -12.61 -7.03
N MET J 174 30.71 -11.56 -7.80
CA MET J 174 30.53 -11.56 -9.24
C MET J 174 31.76 -12.07 -9.99
N ASP J 175 31.52 -12.83 -11.04
CA ASP J 175 32.56 -13.14 -12.02
C ASP J 175 32.46 -12.09 -13.12
N PHE J 176 33.40 -11.14 -13.11
CA PHE J 176 33.38 -10.04 -14.06
C PHE J 176 34.29 -10.28 -15.27
N LYS J 177 34.84 -11.50 -15.35
CA LYS J 177 35.64 -11.95 -16.49
C LYS J 177 36.89 -11.11 -16.78
N GLY J 178 37.57 -10.66 -15.72
CA GLY J 178 38.81 -9.91 -15.87
C GLY J 178 38.63 -8.47 -16.31
N VAL J 179 39.72 -7.82 -16.70
CA VAL J 179 39.69 -6.41 -17.10
C VAL J 179 40.46 -6.13 -18.40
N ILE J 180 40.00 -5.13 -19.14
CA ILE J 180 40.75 -4.54 -20.25
C ILE J 180 41.42 -3.29 -19.70
N VAL J 181 42.74 -3.21 -19.83
CA VAL J 181 43.53 -2.14 -19.21
C VAL J 181 44.10 -1.17 -20.24
N LYS J 182 43.96 0.13 -19.99
CA LYS J 182 44.49 1.15 -20.90
C LYS J 182 45.38 2.19 -20.22
N ILE J 183 46.43 2.59 -20.93
CA ILE J 183 47.33 3.66 -20.48
C ILE J 183 47.07 4.94 -21.26
N VAL J 184 46.88 6.04 -20.52
CA VAL J 184 46.81 7.37 -21.09
C VAL J 184 48.06 8.14 -20.64
N ASP J 185 48.91 8.51 -21.60
CA ASP J 185 50.10 9.32 -21.30
C ASP J 185 50.40 10.35 -22.40
N LYS J 186 51.65 10.84 -22.44
CA LYS J 186 52.05 11.88 -23.38
C LYS J 186 52.00 11.44 -24.86
N ASP J 187 51.98 10.13 -25.09
CA ASP J 187 51.97 9.59 -26.44
C ASP J 187 50.60 9.12 -26.91
N GLY J 188 49.58 9.35 -26.10
CA GLY J 188 48.21 8.99 -26.44
C GLY J 188 47.63 7.87 -25.60
N ILE J 189 46.80 7.04 -26.25
CA ILE J 189 46.13 5.94 -25.57
C ILE J 189 46.55 4.60 -26.18
N ARG J 190 47.05 3.71 -25.34
CA ARG J 190 47.42 2.36 -25.77
C ARG J 190 46.81 1.31 -24.85
N GLN J 191 46.62 0.10 -25.36
CA GLN J 191 45.98 -0.97 -24.62
C GLN J 191 46.96 -2.07 -24.23
N VAL J 192 46.99 -2.40 -22.95
CA VAL J 192 47.83 -3.48 -22.45
C VAL J 192 47.14 -4.81 -22.72
N ASP J 193 47.42 -5.39 -23.90
CA ASP J 193 46.71 -6.58 -24.37
C ASP J 193 46.93 -7.83 -23.52
N ASP J 194 48.14 -7.99 -22.98
CA ASP J 194 48.51 -9.21 -22.26
C ASP J 194 48.37 -9.10 -20.73
N PHE J 195 47.23 -8.58 -20.27
CA PHE J 195 46.95 -8.48 -18.84
C PHE J 195 46.37 -9.77 -18.25
N GLN J 196 45.84 -10.63 -19.14
CA GLN J 196 45.20 -11.91 -18.79
C GLN J 196 46.04 -12.76 -17.83
N ALA J 197 47.20 -13.21 -18.30
CA ALA J 197 48.15 -13.94 -17.46
C ALA J 197 49.51 -13.20 -17.45
N GLN J 198 49.48 -11.96 -16.96
CA GLN J 198 50.66 -11.08 -16.94
C GLN J 198 51.68 -11.52 -15.87
N THR K 1 9.97 -18.19 -26.00
CA THR K 1 10.94 -18.27 -27.09
C THR K 1 12.27 -18.89 -26.71
N THR K 2 12.88 -19.60 -27.65
CA THR K 2 14.29 -19.84 -27.69
C THR K 2 14.83 -19.47 -29.07
N THR K 3 15.89 -18.68 -29.13
CA THR K 3 16.55 -18.40 -30.38
C THR K 3 18.05 -18.28 -30.25
N LEU K 4 18.77 -18.69 -31.28
CA LEU K 4 20.20 -18.60 -31.29
C LEU K 4 20.77 -18.27 -32.63
N ALA K 5 21.94 -17.66 -32.62
CA ALA K 5 22.77 -17.47 -33.80
C ALA K 5 24.25 -17.48 -33.39
N PHE K 6 25.06 -18.16 -34.19
CA PHE K 6 26.50 -18.20 -33.95
C PHE K 6 27.31 -18.12 -35.24
N ARG K 7 28.58 -17.77 -35.09
CA ARG K 7 29.48 -17.52 -36.19
C ARG K 7 30.57 -18.58 -36.21
N PHE K 8 30.92 -19.08 -37.40
CA PHE K 8 31.92 -20.15 -37.54
C PHE K 8 32.74 -20.04 -38.83
N GLN K 9 33.51 -21.09 -39.12
CA GLN K 9 34.33 -21.20 -40.33
C GLN K 9 33.62 -20.76 -41.62
N GLY K 10 32.38 -21.20 -41.80
CA GLY K 10 31.66 -21.00 -43.06
C GLY K 10 30.42 -20.13 -42.97
N GLY K 11 30.44 -19.15 -42.07
CA GLY K 11 29.38 -18.14 -42.00
C GLY K 11 28.65 -18.08 -40.68
N ILE K 12 27.33 -17.90 -40.76
CA ILE K 12 26.47 -17.78 -39.58
C ILE K 12 25.33 -18.80 -39.66
N ILE K 13 25.10 -19.51 -38.56
CA ILE K 13 23.93 -20.37 -38.42
C ILE K 13 22.89 -19.62 -37.58
N VAL K 14 21.64 -19.67 -38.02
CA VAL K 14 20.55 -19.05 -37.28
C VAL K 14 19.42 -20.06 -37.08
N ALA K 15 19.05 -20.28 -35.81
CA ALA K 15 17.99 -21.23 -35.47
C ALA K 15 17.05 -20.66 -34.40
N VAL K 16 15.75 -20.88 -34.60
CA VAL K 16 14.71 -20.40 -33.66
C VAL K 16 13.64 -21.46 -33.46
N ASP K 17 12.91 -21.38 -32.34
CA ASP K 17 11.72 -22.21 -32.16
C ASP K 17 10.53 -21.50 -32.81
N SER K 18 9.32 -22.04 -32.65
CA SER K 18 8.15 -21.42 -33.27
C SER K 18 6.92 -21.34 -32.36
N ARG K 19 7.15 -21.14 -31.07
CA ARG K 19 6.05 -21.15 -30.09
C ARG K 19 5.75 -19.77 -29.52
N ALA K 20 4.46 -19.44 -29.42
CA ALA K 20 4.03 -18.22 -28.74
C ALA K 20 3.05 -18.56 -27.62
N THR K 21 3.20 -17.88 -26.48
CA THR K 21 2.39 -18.18 -25.30
C THR K 21 1.73 -16.94 -24.68
N ALA K 22 0.54 -17.14 -24.14
CA ALA K 22 -0.10 -16.15 -23.29
C ALA K 22 -0.24 -16.73 -21.88
N GLY K 23 0.80 -16.55 -21.06
CA GLY K 23 0.89 -17.21 -19.76
C GLY K 23 1.26 -18.67 -19.95
N ASN K 24 0.38 -19.56 -19.51
CA ASN K 24 0.58 -21.00 -19.70
C ASN K 24 -0.18 -21.54 -20.89
N TRP K 25 -0.93 -20.67 -21.55
CA TRP K 25 -1.69 -21.03 -22.75
C TRP K 25 -0.75 -20.97 -23.94
N VAL K 26 -0.63 -22.07 -24.67
CA VAL K 26 0.13 -22.10 -25.91
C VAL K 26 -0.73 -21.47 -27.00
N ALA K 27 -0.40 -20.23 -27.34
CA ALA K 27 -1.18 -19.45 -28.29
C ALA K 27 -0.97 -19.92 -29.73
N SER K 28 0.26 -20.30 -30.05
CA SER K 28 0.63 -20.73 -31.40
C SER K 28 1.87 -21.63 -31.39
N GLN K 29 1.90 -22.56 -32.34
CA GLN K 29 3.05 -23.46 -32.52
C GLN K 29 3.69 -23.24 -33.90
N THR K 30 3.22 -22.23 -34.64
CA THR K 30 3.69 -21.99 -36.01
C THR K 30 4.02 -20.52 -36.28
N VAL K 31 4.69 -19.86 -35.33
CA VAL K 31 5.13 -18.47 -35.50
C VAL K 31 6.50 -18.43 -36.22
N LYS K 32 6.63 -17.49 -37.16
CA LYS K 32 7.91 -17.21 -37.81
C LYS K 32 8.71 -16.18 -37.00
N LYS K 33 9.73 -16.63 -36.29
CA LYS K 33 10.53 -15.74 -35.45
C LYS K 33 11.76 -15.19 -36.15
N VAL K 34 11.84 -15.39 -37.48
CA VAL K 34 12.91 -14.79 -38.28
C VAL K 34 12.33 -13.85 -39.34
N ILE K 35 12.76 -12.60 -39.34
CA ILE K 35 12.41 -11.65 -40.40
C ILE K 35 13.52 -11.61 -41.41
N GLU K 36 13.16 -11.69 -42.69
CA GLU K 36 14.12 -11.61 -43.77
C GLU K 36 14.15 -10.17 -44.28
N ILE K 37 15.09 -9.38 -43.75
CA ILE K 37 15.22 -7.94 -44.06
C ILE K 37 15.52 -7.73 -45.55
N ASN K 38 16.49 -8.49 -46.05
CA ASN K 38 16.86 -8.54 -47.47
C ASN K 38 17.70 -9.79 -47.73
N PRO K 39 18.05 -10.08 -49.00
CA PRO K 39 18.85 -11.27 -49.31
C PRO K 39 20.10 -11.52 -48.44
N PHE K 40 20.60 -10.48 -47.77
CA PHE K 40 21.80 -10.58 -46.95
C PHE K 40 21.57 -10.30 -45.47
N LEU K 41 20.36 -9.89 -45.09
CA LEU K 41 20.07 -9.53 -43.69
C LEU K 41 18.90 -10.27 -43.05
N LEU K 42 19.17 -10.77 -41.83
CA LEU K 42 18.18 -11.48 -41.02
C LEU K 42 18.04 -10.86 -39.65
N GLY K 43 16.81 -10.92 -39.11
CA GLY K 43 16.55 -10.53 -37.73
C GLY K 43 15.80 -11.62 -36.99
N THR K 44 16.15 -11.84 -35.73
CA THR K 44 15.43 -12.81 -34.88
C THR K 44 14.54 -12.08 -33.89
N MET K 45 13.54 -12.78 -33.36
CA MET K 45 12.54 -12.18 -32.48
C MET K 45 12.33 -12.97 -31.19
N ALA K 46 12.31 -12.25 -30.07
CA ALA K 46 12.05 -12.83 -28.75
C ALA K 46 11.50 -11.75 -27.83
N GLY K 47 10.60 -12.13 -26.91
CA GLY K 47 9.91 -11.18 -26.06
C GLY K 47 8.50 -10.93 -26.57
N GLY K 48 8.03 -9.70 -26.46
CA GLY K 48 6.69 -9.34 -26.93
C GLY K 48 6.52 -9.56 -28.43
N ALA K 49 5.55 -10.37 -28.80
CA ALA K 49 5.32 -10.73 -30.21
C ALA K 49 5.10 -9.53 -31.12
N ALA K 50 4.10 -8.72 -30.79
CA ALA K 50 3.81 -7.48 -31.51
C ALA K 50 5.02 -6.53 -31.59
N ASP K 51 5.64 -6.23 -30.43
CA ASP K 51 6.84 -5.37 -30.39
C ASP K 51 7.92 -5.80 -31.37
N CYS K 52 8.20 -7.09 -31.42
CA CYS K 52 9.20 -7.63 -32.33
C CYS K 52 8.74 -7.50 -33.78
N GLN K 53 7.63 -8.17 -34.08
CA GLN K 53 7.04 -8.20 -35.42
C GLN K 53 6.95 -6.79 -36.02
N PHE K 54 6.31 -5.89 -35.29
CA PHE K 54 6.08 -4.51 -35.76
C PHE K 54 7.37 -3.75 -36.06
N TRP K 55 8.24 -3.63 -35.07
CA TRP K 55 9.45 -2.82 -35.22
C TRP K 55 10.49 -3.41 -36.16
N GLU K 56 10.57 -4.73 -36.20
CA GLU K 56 11.48 -5.38 -37.12
C GLU K 56 11.00 -5.30 -38.56
N THR K 57 9.69 -5.25 -38.77
CA THR K 57 9.15 -4.94 -40.09
C THR K 57 9.46 -3.46 -40.43
N TRP K 58 9.27 -2.58 -39.44
CA TRP K 58 9.68 -1.18 -39.57
C TRP K 58 11.17 -1.08 -39.90
N LEU K 59 11.97 -1.95 -39.29
CA LEU K 59 13.40 -2.00 -39.59
C LEU K 59 13.65 -2.31 -41.07
N GLY K 60 12.91 -3.30 -41.59
CA GLY K 60 12.98 -3.68 -43.00
C GLY K 60 12.78 -2.49 -43.91
N SER K 61 11.76 -1.70 -43.63
CA SER K 61 11.48 -0.45 -44.35
C SER K 61 12.64 0.53 -44.27
N GLN K 62 13.19 0.73 -43.07
CA GLN K 62 14.30 1.67 -42.88
C GLN K 62 15.53 1.31 -43.68
N CYS K 63 15.77 0.00 -43.83
CA CYS K 63 16.89 -0.52 -44.61
C CYS K 63 16.71 -0.32 -46.11
N ARG K 64 15.50 -0.59 -46.63
CA ARG K 64 15.19 -0.35 -48.04
C ARG K 64 15.41 1.11 -48.40
N LEU K 65 14.97 2.01 -47.51
CA LEU K 65 15.19 3.44 -47.66
C LEU K 65 16.67 3.80 -47.75
N HIS K 66 17.50 3.11 -46.97
CA HIS K 66 18.94 3.33 -47.01
C HIS K 66 19.51 2.94 -48.38
N GLU K 67 19.05 1.82 -48.92
CA GLU K 67 19.46 1.34 -50.24
C GLU K 67 19.14 2.35 -51.33
N LEU K 68 17.89 2.82 -51.36
CA LEU K 68 17.45 3.80 -52.34
C LEU K 68 18.23 5.10 -52.22
N ARG K 69 18.53 5.49 -50.99
CA ARG K 69 19.19 6.76 -50.70
C ARG K 69 20.67 6.71 -51.02
N GLU K 70 21.35 5.68 -50.54
CA GLU K 70 22.81 5.62 -50.60
C GLU K 70 23.38 4.74 -51.72
N LYS K 71 22.48 4.14 -52.52
CA LYS K 71 22.85 3.27 -53.65
C LYS K 71 23.78 2.15 -53.21
N GLU K 72 23.47 1.54 -52.07
CA GLU K 72 24.30 0.54 -51.41
C GLU K 72 23.52 -0.11 -50.27
N ARG K 73 23.76 -1.39 -50.04
CA ARG K 73 23.09 -2.12 -48.95
C ARG K 73 23.64 -1.75 -47.57
N ILE K 74 22.72 -1.60 -46.63
CA ILE K 74 23.02 -1.16 -45.28
C ILE K 74 23.93 -2.15 -44.53
N SER K 75 24.90 -1.63 -43.79
CA SER K 75 25.81 -2.46 -43.00
C SER K 75 25.09 -3.04 -41.78
N VAL K 76 25.61 -4.14 -41.26
CA VAL K 76 24.97 -4.84 -40.13
C VAL K 76 25.05 -3.98 -38.86
N ALA K 77 26.18 -3.31 -38.68
CA ALA K 77 26.34 -2.39 -37.55
C ALA K 77 25.26 -1.32 -37.59
N ALA K 78 25.09 -0.70 -38.76
CA ALA K 78 24.11 0.36 -38.96
C ALA K 78 22.67 -0.10 -38.75
N ALA K 79 22.30 -1.20 -39.42
CA ALA K 79 20.93 -1.71 -39.35
C ALA K 79 20.53 -2.04 -37.92
N SER K 80 21.46 -2.64 -37.17
CA SER K 80 21.25 -2.96 -35.77
C SER K 80 20.99 -1.69 -34.96
N LYS K 81 21.63 -0.59 -35.36
CA LYS K 81 21.56 0.67 -34.61
C LYS K 81 20.28 1.46 -34.91
N ILE K 82 19.72 1.29 -36.11
CA ILE K 82 18.41 1.88 -36.40
C ILE K 82 17.38 1.35 -35.37
N LEU K 83 17.45 0.05 -35.10
CA LEU K 83 16.54 -0.60 -34.14
C LEU K 83 16.93 -0.25 -32.72
N SER K 84 18.21 -0.35 -32.42
CA SER K 84 18.76 -0.03 -31.11
C SER K 84 18.40 1.40 -30.68
N ASN K 85 18.50 2.35 -31.60
CA ASN K 85 18.18 3.74 -31.28
C ASN K 85 16.68 4.00 -31.12
N LEU K 86 15.85 3.37 -31.96
CA LEU K 86 14.38 3.44 -31.84
C LEU K 86 13.96 2.94 -30.46
N VAL K 87 14.41 1.74 -30.15
CA VAL K 87 14.18 1.08 -28.88
C VAL K 87 14.60 1.92 -27.66
N TYR K 88 15.66 2.72 -27.79
CA TYR K 88 16.11 3.58 -26.70
C TYR K 88 15.22 4.81 -26.52
N GLN K 89 14.66 5.32 -27.61
CA GLN K 89 13.65 6.37 -27.51
C GLN K 89 12.51 5.93 -26.59
N TYR K 90 12.10 4.66 -26.71
CA TYR K 90 11.00 4.10 -25.93
C TYR K 90 11.40 3.55 -24.55
N LYS K 91 12.70 3.59 -24.22
CA LYS K 91 13.20 3.01 -22.98
C LYS K 91 12.38 3.52 -21.79
N GLY K 92 11.63 2.61 -21.18
CA GLY K 92 10.82 2.91 -20.01
C GLY K 92 9.32 2.80 -20.26
N ALA K 93 8.92 2.76 -21.53
CA ALA K 93 7.50 2.62 -21.89
C ALA K 93 7.02 1.17 -21.78
N GLY K 94 7.97 0.25 -21.60
CA GLY K 94 7.65 -1.15 -21.41
C GLY K 94 7.67 -1.99 -22.67
N LEU K 95 8.46 -1.59 -23.67
CA LEU K 95 8.72 -2.46 -24.81
C LEU K 95 9.48 -3.69 -24.30
N SER K 96 9.23 -4.84 -24.92
CA SER K 96 9.86 -6.08 -24.49
C SER K 96 10.29 -6.85 -25.72
N MET K 97 11.60 -6.83 -25.99
CA MET K 97 12.15 -7.51 -27.15
C MET K 97 13.67 -7.75 -27.04
N GLY K 98 14.06 -9.01 -27.21
CA GLY K 98 15.46 -9.41 -27.31
C GLY K 98 15.67 -9.90 -28.72
N THR K 99 16.53 -9.23 -29.46
CA THR K 99 16.64 -9.43 -30.89
C THR K 99 18.08 -9.75 -31.30
N MET K 100 18.24 -10.41 -32.45
CA MET K 100 19.57 -10.55 -33.08
C MET K 100 19.50 -10.19 -34.55
N ILE K 101 20.46 -9.40 -35.00
CA ILE K 101 20.52 -8.99 -36.40
C ILE K 101 21.79 -9.52 -37.04
N CYS K 102 21.62 -10.49 -37.92
CA CYS K 102 22.73 -11.23 -38.51
C CYS K 102 22.77 -11.00 -40.01
N GLY K 103 23.96 -10.84 -40.55
CA GLY K 103 24.10 -10.63 -41.99
C GLY K 103 25.51 -10.63 -42.51
N TYR K 104 25.63 -10.46 -43.82
CA TYR K 104 26.93 -10.35 -44.47
C TYR K 104 27.03 -9.08 -45.31
N THR K 105 28.13 -8.35 -45.12
CA THR K 105 28.54 -7.29 -46.03
C THR K 105 30.04 -7.43 -46.29
N ARG K 106 30.49 -6.92 -47.43
CA ARG K 106 31.90 -6.96 -47.78
C ARG K 106 32.77 -6.26 -46.73
N LYS K 107 32.29 -5.12 -46.23
CA LYS K 107 33.02 -4.31 -45.23
C LYS K 107 33.24 -5.07 -43.91
N GLU K 108 32.25 -5.86 -43.51
CA GLU K 108 32.23 -6.46 -42.17
C GLU K 108 32.47 -7.96 -42.13
N GLY K 109 32.18 -8.64 -43.24
CA GLY K 109 32.17 -10.09 -43.27
C GLY K 109 30.94 -10.61 -42.53
N PRO K 110 31.03 -11.81 -41.94
CA PRO K 110 29.93 -12.32 -41.13
C PRO K 110 29.83 -11.54 -39.82
N THR K 111 28.63 -11.13 -39.45
CA THR K 111 28.43 -10.24 -38.30
C THR K 111 27.10 -10.51 -37.60
N ILE K 112 27.16 -10.59 -36.27
CA ILE K 112 25.96 -10.75 -35.43
C ILE K 112 25.89 -9.63 -34.38
N TYR K 113 24.72 -9.00 -34.28
CA TYR K 113 24.45 -8.00 -33.24
C TYR K 113 23.28 -8.40 -32.38
N TYR K 114 23.47 -8.30 -31.06
CA TYR K 114 22.39 -8.50 -30.09
C TYR K 114 21.82 -7.13 -29.72
N VAL K 115 20.49 -6.99 -29.80
CA VAL K 115 19.80 -5.76 -29.40
C VAL K 115 18.58 -6.09 -28.52
N ASP K 116 18.51 -5.52 -27.33
CA ASP K 116 17.35 -5.72 -26.45
C ASP K 116 16.65 -4.39 -26.11
N SER K 117 15.44 -4.47 -25.57
CA SER K 117 14.63 -3.29 -25.30
C SER K 117 15.18 -2.42 -24.16
N ASP K 118 16.11 -2.98 -23.38
CA ASP K 118 16.89 -2.19 -22.43
C ASP K 118 17.74 -1.18 -23.18
N GLY K 119 17.84 -1.37 -24.50
CA GLY K 119 18.70 -0.56 -25.36
C GLY K 119 20.14 -1.01 -25.32
N THR K 120 20.36 -2.32 -25.26
CA THR K 120 21.70 -2.91 -25.25
C THR K 120 22.04 -3.44 -26.64
N ARG K 121 23.18 -3.00 -27.18
CA ARG K 121 23.65 -3.45 -28.49
C ARG K 121 25.07 -3.99 -28.36
N LEU K 122 25.23 -5.27 -28.68
CA LEU K 122 26.51 -5.97 -28.53
C LEU K 122 26.89 -6.77 -29.78
N LYS K 123 28.16 -6.66 -30.18
CA LYS K 123 28.71 -7.49 -31.24
C LYS K 123 29.36 -8.73 -30.63
N GLY K 124 29.14 -9.88 -31.25
CA GLY K 124 29.72 -11.13 -30.76
C GLY K 124 29.58 -12.28 -31.74
N ASP K 125 30.18 -13.41 -31.39
CA ASP K 125 30.18 -14.59 -32.24
C ASP K 125 29.05 -15.56 -31.92
N ILE K 126 28.66 -15.63 -30.64
CA ILE K 126 27.64 -16.56 -30.19
C ILE K 126 26.62 -15.84 -29.32
N PHE K 127 25.33 -16.03 -29.61
CA PHE K 127 24.25 -15.50 -28.78
C PHE K 127 23.05 -16.43 -28.74
N CYS K 128 22.49 -16.59 -27.53
CA CYS K 128 21.20 -17.25 -27.34
C CYS K 128 20.28 -16.30 -26.59
N VAL K 129 19.04 -16.19 -27.06
CA VAL K 129 18.11 -15.20 -26.53
C VAL K 129 16.72 -15.80 -26.25
N GLY K 130 16.17 -15.44 -25.09
CA GLY K 130 14.79 -15.79 -24.76
C GLY K 130 14.64 -16.64 -23.52
N SER K 131 13.40 -16.99 -23.20
CA SER K 131 13.06 -17.82 -22.05
C SER K 131 13.96 -19.06 -21.90
N GLY K 132 14.27 -19.70 -23.03
CA GLY K 132 15.08 -20.93 -23.01
C GLY K 132 16.48 -20.76 -23.55
N GLN K 133 17.10 -19.60 -23.31
CA GLN K 133 18.43 -19.32 -23.79
C GLN K 133 19.51 -20.16 -23.11
N THR K 134 19.32 -20.42 -21.82
CA THR K 134 20.31 -21.13 -21.02
C THR K 134 20.42 -22.60 -21.42
N PHE K 135 19.30 -23.19 -21.80
CA PHE K 135 19.23 -24.58 -22.26
C PHE K 135 19.91 -24.74 -23.60
N ALA K 136 19.80 -23.72 -24.44
CA ALA K 136 20.49 -23.71 -25.73
C ALA K 136 21.98 -23.50 -25.53
N TYR K 137 22.34 -22.58 -24.64
CA TYR K 137 23.75 -22.29 -24.31
C TYR K 137 24.51 -23.53 -23.85
N GLY K 138 23.85 -24.36 -23.04
CA GLY K 138 24.46 -25.59 -22.52
C GLY K 138 24.96 -26.52 -23.61
N VAL K 139 24.09 -26.82 -24.57
CA VAL K 139 24.42 -27.68 -25.70
C VAL K 139 25.33 -26.98 -26.71
N LEU K 140 25.07 -25.70 -26.96
CA LEU K 140 25.83 -24.93 -27.93
C LEU K 140 27.29 -24.75 -27.51
N ASP K 141 27.50 -24.23 -26.30
CA ASP K 141 28.86 -23.99 -25.79
C ASP K 141 29.71 -25.25 -25.78
N SER K 142 29.12 -26.35 -25.32
CA SER K 142 29.85 -27.60 -25.10
C SER K 142 30.21 -28.35 -26.39
N ASN K 143 29.69 -27.91 -27.52
CA ASN K 143 30.00 -28.54 -28.81
C ASN K 143 30.53 -27.58 -29.87
N TYR K 144 30.76 -26.33 -29.51
CA TYR K 144 31.21 -25.33 -30.47
C TYR K 144 32.71 -25.40 -30.72
N LYS K 145 33.07 -25.49 -31.98
CA LYS K 145 34.43 -25.23 -32.46
C LYS K 145 34.27 -24.28 -33.63
N TRP K 146 35.25 -23.41 -33.85
CA TRP K 146 35.20 -22.53 -35.02
C TRP K 146 35.13 -23.35 -36.31
N ASP K 147 35.98 -24.38 -36.39
CA ASP K 147 36.12 -25.19 -37.60
C ASP K 147 35.11 -26.33 -37.69
N LEU K 148 33.83 -25.98 -37.61
CA LEU K 148 32.74 -26.92 -37.89
C LEU K 148 32.39 -26.84 -39.36
N SER K 149 32.02 -27.96 -39.95
CA SER K 149 31.52 -27.99 -41.32
C SER K 149 30.12 -27.37 -41.33
N VAL K 150 29.68 -26.94 -42.51
CA VAL K 150 28.34 -26.35 -42.68
C VAL K 150 27.26 -27.34 -42.25
N GLU K 151 27.45 -28.61 -42.60
CA GLU K 151 26.52 -29.70 -42.24
C GLU K 151 26.45 -29.90 -40.72
N ASP K 152 27.61 -29.95 -40.08
CA ASP K 152 27.69 -30.10 -38.63
C ASP K 152 27.22 -28.86 -37.87
N ALA K 153 27.53 -27.68 -38.42
CA ALA K 153 27.13 -26.41 -37.81
C ALA K 153 25.62 -26.25 -37.82
N LEU K 154 25.01 -26.57 -38.96
CA LEU K 154 23.56 -26.57 -39.09
C LEU K 154 22.91 -27.52 -38.07
N TYR K 155 23.47 -28.72 -37.93
CA TYR K 155 22.94 -29.70 -36.99
C TYR K 155 22.99 -29.22 -35.54
N LEU K 156 24.14 -28.71 -35.13
CA LEU K 156 24.31 -28.21 -33.76
C LEU K 156 23.28 -27.13 -33.44
N GLY K 157 23.07 -26.21 -34.37
CA GLY K 157 22.04 -25.18 -34.23
C GLY K 157 20.68 -25.80 -34.01
N LYS K 158 20.33 -26.75 -34.87
CA LYS K 158 19.07 -27.48 -34.79
C LYS K 158 18.94 -28.19 -33.43
N ARG K 159 20.01 -28.88 -33.04
CA ARG K 159 20.06 -29.62 -31.78
C ARG K 159 19.91 -28.72 -30.55
N SER K 160 20.55 -27.54 -30.58
CA SER K 160 20.51 -26.61 -29.46
C SER K 160 19.10 -26.09 -29.16
N ILE K 161 18.33 -25.81 -30.21
CA ILE K 161 16.92 -25.46 -30.06
C ILE K 161 16.14 -26.62 -29.46
N LEU K 162 16.32 -27.82 -30.03
CA LEU K 162 15.63 -29.02 -29.56
C LEU K 162 15.82 -29.25 -28.06
N ALA K 163 17.04 -29.08 -27.58
CA ALA K 163 17.35 -29.20 -26.16
C ALA K 163 16.47 -28.28 -25.33
N ALA K 164 16.37 -27.03 -25.78
CA ALA K 164 15.56 -26.00 -25.12
C ALA K 164 14.07 -26.22 -25.27
N ALA K 165 13.64 -26.63 -26.47
CA ALA K 165 12.25 -26.95 -26.75
C ALA K 165 11.74 -27.98 -25.75
N HIS K 166 12.57 -28.99 -25.50
CA HIS K 166 12.31 -30.04 -24.53
C HIS K 166 12.15 -29.53 -23.09
N ARG K 167 13.19 -28.88 -22.57
CA ARG K 167 13.21 -28.48 -21.16
C ARG K 167 12.36 -27.24 -20.85
N ASP K 168 12.54 -26.18 -21.62
CA ASP K 168 11.75 -24.96 -21.47
C ASP K 168 10.31 -25.23 -21.86
N ALA K 169 9.39 -24.87 -20.97
CA ALA K 169 7.97 -25.07 -21.20
C ALA K 169 7.43 -24.04 -22.20
N TYR K 170 8.13 -22.90 -22.28
CA TYR K 170 7.72 -21.79 -23.14
C TYR K 170 8.47 -21.78 -24.46
N SER K 171 9.00 -22.95 -24.84
CA SER K 171 9.63 -23.14 -26.14
C SER K 171 9.13 -24.42 -26.78
N GLY K 172 9.22 -24.47 -28.10
CA GLY K 172 8.85 -25.67 -28.85
C GLY K 172 8.15 -25.36 -30.15
N GLY K 173 7.30 -26.28 -30.58
CA GLY K 173 6.61 -26.17 -31.85
C GLY K 173 7.44 -26.79 -32.95
N SER K 174 8.38 -26.01 -33.47
CA SER K 174 9.25 -26.46 -34.55
C SER K 174 10.48 -25.57 -34.68
N VAL K 175 11.54 -26.13 -35.26
CA VAL K 175 12.80 -25.42 -35.45
C VAL K 175 12.87 -24.84 -36.86
N ASN K 176 13.27 -23.58 -36.95
CA ASN K 176 13.52 -22.95 -38.25
C ASN K 176 15.00 -22.60 -38.41
N LEU K 177 15.59 -23.11 -39.49
CA LEU K 177 17.04 -23.00 -39.73
C LEU K 177 17.42 -22.07 -40.88
N TYR K 178 18.53 -21.36 -40.70
CA TYR K 178 19.09 -20.47 -41.71
C TYR K 178 20.62 -20.55 -41.71
N HIS K 179 21.21 -20.27 -42.87
CA HIS K 179 22.66 -20.22 -43.03
C HIS K 179 23.02 -18.97 -43.83
N VAL K 180 23.89 -18.13 -43.26
CA VAL K 180 24.28 -16.88 -43.90
C VAL K 180 25.70 -16.98 -44.47
N THR K 181 25.82 -16.83 -45.79
CA THR K 181 27.09 -16.91 -46.51
C THR K 181 27.44 -15.60 -47.21
N GLU K 182 28.53 -15.63 -47.99
CA GLU K 182 28.94 -14.52 -48.86
C GLU K 182 27.81 -14.11 -49.79
N ASP K 183 27.02 -15.11 -50.21
CA ASP K 183 25.95 -14.93 -51.19
C ASP K 183 24.59 -14.64 -50.54
N GLY K 184 24.60 -14.51 -49.21
CA GLY K 184 23.39 -14.18 -48.47
C GLY K 184 22.86 -15.36 -47.69
N TRP K 185 21.59 -15.28 -47.29
CA TRP K 185 20.99 -16.35 -46.48
C TRP K 185 20.41 -17.50 -47.31
N ILE K 186 20.47 -18.70 -46.72
CA ILE K 186 19.85 -19.89 -47.29
C ILE K 186 18.94 -20.48 -46.22
N TYR K 187 17.67 -20.64 -46.56
CA TYR K 187 16.69 -21.26 -45.67
C TYR K 187 16.90 -22.76 -45.67
N HIS K 188 16.99 -23.35 -44.48
CA HIS K 188 17.29 -24.78 -44.35
C HIS K 188 16.20 -25.59 -43.68
N GLY K 189 14.95 -25.13 -43.79
CA GLY K 189 13.80 -25.95 -43.43
C GLY K 189 13.12 -25.68 -42.10
N ASN K 190 11.93 -26.25 -41.97
CA ASN K 190 11.08 -26.14 -40.78
C ASN K 190 10.89 -27.52 -40.17
N HIS K 191 11.52 -27.76 -39.02
CA HIS K 191 11.55 -29.10 -38.45
C HIS K 191 10.67 -29.24 -37.21
N ASP K 192 9.57 -29.98 -37.35
CA ASP K 192 8.62 -30.22 -36.26
C ASP K 192 9.27 -31.02 -35.14
N VAL K 193 9.25 -30.46 -33.94
CA VAL K 193 9.81 -31.10 -32.73
C VAL K 193 9.14 -32.45 -32.44
N GLY K 194 7.86 -32.55 -32.77
CA GLY K 194 7.08 -33.78 -32.64
C GLY K 194 7.70 -34.98 -33.32
N GLU K 195 8.35 -34.76 -34.46
CA GLU K 195 9.00 -35.85 -35.21
C GLU K 195 10.51 -35.84 -35.04
N LEU K 196 11.06 -34.65 -34.78
CA LEU K 196 12.51 -34.47 -34.65
C LEU K 196 13.07 -35.11 -33.38
N PHE K 197 12.37 -34.93 -32.26
CA PHE K 197 12.83 -35.47 -30.97
C PHE K 197 13.12 -36.97 -31.06
N TRP K 198 12.16 -37.73 -31.58
CA TRP K 198 12.25 -39.19 -31.66
C TRP K 198 13.24 -39.65 -32.74
N LYS K 199 13.43 -38.81 -33.75
CA LYS K 199 14.46 -39.04 -34.78
C LYS K 199 15.85 -38.86 -34.17
N VAL K 200 16.04 -37.75 -33.45
CA VAL K 200 17.32 -37.42 -32.82
C VAL K 200 17.68 -38.42 -31.72
N LYS K 201 16.73 -38.70 -30.82
CA LYS K 201 16.94 -39.66 -29.74
C LYS K 201 17.43 -41.01 -30.27
N GLU K 202 16.76 -41.50 -31.31
CA GLU K 202 17.09 -42.79 -31.93
C GLU K 202 18.48 -42.74 -32.56
N GLU K 203 18.69 -41.78 -33.44
CA GLU K 203 19.93 -41.68 -34.23
C GLU K 203 21.16 -41.31 -33.39
N GLU K 204 20.96 -40.59 -32.29
CA GLU K 204 22.06 -40.07 -31.50
C GLU K 204 22.28 -40.81 -30.17
N GLY K 205 21.21 -41.40 -29.64
CA GLY K 205 21.29 -42.12 -28.36
C GLY K 205 21.03 -41.23 -27.16
N SER K 206 20.91 -39.93 -27.42
CA SER K 206 20.67 -38.92 -26.39
C SER K 206 19.23 -38.98 -25.87
N PHE K 207 18.93 -38.13 -24.89
CA PHE K 207 17.60 -38.06 -24.26
C PHE K 207 17.20 -39.37 -23.60
N ASN K 208 18.14 -39.97 -22.87
CA ASN K 208 17.92 -41.23 -22.20
C ASN K 208 17.02 -41.08 -20.97
N ASN K 209 16.81 -39.85 -20.54
CA ASN K 209 15.90 -39.52 -19.43
C ASN K 209 14.42 -39.78 -19.76
N VAL K 210 14.11 -39.90 -21.05
CA VAL K 210 12.73 -40.04 -21.54
C VAL K 210 12.36 -41.50 -21.78
N ILE K 211 11.14 -41.87 -21.39
CA ILE K 211 10.59 -43.21 -21.65
C ILE K 211 10.21 -43.34 -23.12
N GLY K 212 10.62 -44.44 -23.76
CA GLY K 212 10.23 -44.74 -25.14
C GLY K 212 11.35 -45.31 -25.99
N GLN L 1 -11.67 3.71 -8.49
CA GLN L 1 -10.96 4.43 -9.58
C GLN L 1 -11.40 3.84 -10.91
N PHE L 2 -11.88 4.70 -11.81
CA PHE L 2 -12.52 4.28 -13.08
C PHE L 2 -11.68 3.33 -13.94
N ASN L 3 -12.33 2.24 -14.38
CA ASN L 3 -11.71 1.21 -15.20
C ASN L 3 -12.22 1.33 -16.63
N PRO L 4 -11.33 1.70 -17.57
CA PRO L 4 -11.70 1.93 -18.97
C PRO L 4 -12.14 0.66 -19.68
N TYR L 5 -11.73 -0.49 -19.16
CA TYR L 5 -12.03 -1.77 -19.80
C TYR L 5 -13.17 -2.56 -19.15
N GLY L 6 -13.73 -3.47 -19.92
CA GLY L 6 -14.79 -4.38 -19.48
C GLY L 6 -14.71 -5.66 -20.28
N ASP L 7 -15.41 -6.69 -19.84
CA ASP L 7 -15.46 -7.95 -20.59
C ASP L 7 -16.90 -8.30 -20.98
N ASN L 8 -17.17 -8.30 -22.29
CA ASN L 8 -18.50 -8.65 -22.82
C ASN L 8 -18.67 -10.11 -23.21
N GLY L 9 -17.65 -10.92 -22.94
CA GLY L 9 -17.73 -12.35 -23.11
C GLY L 9 -17.68 -12.73 -24.57
N GLY L 10 -18.64 -13.57 -24.99
CA GLY L 10 -18.69 -14.10 -26.36
C GLY L 10 -17.54 -15.02 -26.74
N THR L 11 -17.66 -15.65 -27.92
CA THR L 11 -16.60 -16.48 -28.49
C THR L 11 -16.73 -16.55 -30.02
N ILE L 12 -15.59 -16.57 -30.72
CA ILE L 12 -15.56 -16.58 -32.19
C ILE L 12 -14.67 -17.68 -32.76
N LEU L 13 -15.05 -18.16 -33.94
CA LEU L 13 -14.32 -19.25 -34.61
C LEU L 13 -14.07 -18.95 -36.10
N GLY L 14 -12.94 -19.42 -36.62
CA GLY L 14 -12.59 -19.22 -38.02
C GLY L 14 -11.84 -20.39 -38.62
N ILE L 15 -12.35 -20.90 -39.73
CA ILE L 15 -11.73 -22.02 -40.45
C ILE L 15 -11.68 -21.72 -41.94
N ALA L 16 -10.61 -22.15 -42.59
CA ALA L 16 -10.42 -21.92 -44.03
C ALA L 16 -10.31 -23.23 -44.81
N GLY L 17 -11.18 -23.40 -45.80
CA GLY L 17 -11.12 -24.55 -46.72
C GLY L 17 -10.30 -24.23 -47.96
N GLU L 18 -10.51 -24.99 -49.03
CA GLU L 18 -9.72 -24.79 -50.26
C GLU L 18 -10.21 -23.60 -51.09
N ASP L 19 -11.53 -23.50 -51.29
CA ASP L 19 -12.09 -22.39 -52.06
C ASP L 19 -13.05 -21.53 -51.24
N PHE L 20 -12.95 -21.65 -49.92
CA PHE L 20 -13.81 -20.91 -49.01
C PHE L 20 -13.17 -20.65 -47.65
N ALA L 21 -13.79 -19.77 -46.87
CA ALA L 21 -13.44 -19.57 -45.47
C ALA L 21 -14.71 -19.20 -44.71
N VAL L 22 -14.78 -19.60 -43.44
CA VAL L 22 -15.93 -19.28 -42.61
C VAL L 22 -15.49 -18.58 -41.35
N LEU L 23 -16.37 -17.70 -40.85
CA LEU L 23 -16.14 -17.02 -39.58
C LEU L 23 -17.44 -17.00 -38.79
N ALA L 24 -17.43 -17.70 -37.66
CA ALA L 24 -18.58 -17.78 -36.75
C ALA L 24 -18.30 -17.10 -35.42
N GLY L 25 -19.36 -16.89 -34.65
CA GLY L 25 -19.28 -16.34 -33.30
C GLY L 25 -20.67 -16.28 -32.69
N ASP L 26 -20.76 -16.56 -31.39
CA ASP L 26 -22.05 -16.52 -30.67
C ASP L 26 -22.71 -15.15 -30.77
N THR L 27 -23.98 -15.05 -30.39
CA THR L 27 -24.70 -13.78 -30.50
C THR L 27 -24.98 -13.17 -29.14
N ARG L 28 -24.78 -13.96 -28.10
CA ARG L 28 -24.88 -13.50 -26.73
C ARG L 28 -23.83 -12.43 -26.39
N ASN L 29 -24.30 -11.33 -25.80
CA ASN L 29 -23.44 -10.32 -25.22
C ASN L 29 -23.80 -10.18 -23.75
N ILE L 30 -22.78 -10.09 -22.88
CA ILE L 30 -22.99 -10.13 -21.42
C ILE L 30 -22.15 -9.13 -20.64
N THR L 31 -22.60 -8.82 -19.43
CA THR L 31 -21.84 -8.04 -18.45
C THR L 31 -21.94 -8.75 -17.10
N ASP L 32 -20.79 -9.07 -16.52
CA ASP L 32 -20.70 -9.93 -15.33
C ASP L 32 -21.56 -11.19 -15.46
N TYR L 33 -22.66 -11.25 -14.69
CA TYR L 33 -23.54 -12.40 -14.66
C TYR L 33 -24.90 -12.13 -15.32
N SER L 34 -25.06 -10.92 -15.85
CA SER L 34 -26.27 -10.53 -16.55
C SER L 34 -26.09 -10.70 -18.04
N ILE L 35 -27.20 -11.00 -18.72
CA ILE L 35 -27.23 -11.00 -20.18
C ILE L 35 -27.78 -9.67 -20.68
N ASN L 36 -27.03 -9.04 -21.59
CA ASN L 36 -27.41 -7.77 -22.19
C ASN L 36 -28.32 -7.99 -23.38
N SER L 37 -27.90 -8.88 -24.28
CA SER L 37 -28.65 -9.18 -25.49
C SER L 37 -28.43 -10.62 -25.94
N ARG L 38 -29.50 -11.29 -26.36
CA ARG L 38 -29.42 -12.64 -26.89
C ARG L 38 -28.98 -12.64 -28.35
N TYR L 39 -29.21 -11.53 -29.04
CA TYR L 39 -28.83 -11.40 -30.43
C TYR L 39 -28.17 -10.05 -30.70
N GLU L 40 -26.84 -10.06 -30.68
CA GLU L 40 -26.03 -8.87 -30.98
C GLU L 40 -24.92 -9.34 -31.92
N PRO L 41 -25.17 -9.24 -33.25
CA PRO L 41 -24.25 -9.82 -34.23
C PRO L 41 -22.87 -9.22 -34.07
N LYS L 42 -21.88 -10.11 -34.03
CA LYS L 42 -20.51 -9.78 -33.62
C LYS L 42 -19.51 -9.99 -34.78
N VAL L 43 -19.95 -10.67 -35.83
CA VAL L 43 -19.15 -10.88 -37.03
C VAL L 43 -19.72 -10.07 -38.20
N PHE L 44 -18.89 -9.24 -38.83
CA PHE L 44 -19.34 -8.31 -39.86
C PHE L 44 -18.68 -8.52 -41.20
N ASP L 45 -19.46 -8.35 -42.27
CA ASP L 45 -18.96 -8.29 -43.65
C ASP L 45 -18.45 -6.87 -43.91
N CYS L 46 -17.17 -6.74 -44.24
CA CYS L 46 -16.53 -5.43 -44.39
C CYS L 46 -16.35 -4.95 -45.82
N GLY L 47 -16.83 -5.74 -46.79
CA GLY L 47 -16.62 -5.44 -48.20
C GLY L 47 -15.33 -6.05 -48.69
N ASP L 48 -15.18 -6.14 -50.01
CA ASP L 48 -14.04 -6.80 -50.66
C ASP L 48 -13.93 -8.29 -50.31
N ASN L 49 -15.07 -8.88 -49.91
CA ASN L 49 -15.14 -10.26 -49.44
C ASN L 49 -14.23 -10.58 -48.25
N ILE L 50 -14.19 -9.65 -47.30
CA ILE L 50 -13.53 -9.83 -46.03
C ILE L 50 -14.57 -9.82 -44.94
N VAL L 51 -14.56 -10.86 -44.11
CA VAL L 51 -15.35 -10.88 -42.88
C VAL L 51 -14.44 -10.66 -41.67
N MET L 52 -14.99 -10.05 -40.62
CA MET L 52 -14.19 -9.68 -39.47
C MET L 52 -14.94 -9.76 -38.15
N SER L 53 -14.23 -10.17 -37.11
CA SER L 53 -14.74 -10.09 -35.75
C SER L 53 -13.64 -9.75 -34.76
N ALA L 54 -13.98 -8.86 -33.83
CA ALA L 54 -13.11 -8.50 -32.73
C ALA L 54 -13.86 -8.75 -31.42
N ASN L 55 -13.56 -9.90 -30.82
CA ASN L 55 -14.19 -10.31 -29.56
C ASN L 55 -13.38 -9.91 -28.32
N GLY L 56 -14.09 -9.63 -27.22
CA GLY L 56 -13.45 -9.26 -25.97
C GLY L 56 -14.18 -8.15 -25.24
N PHE L 57 -13.96 -6.92 -25.68
CA PHE L 57 -14.60 -5.77 -25.07
C PHE L 57 -15.36 -5.08 -26.20
N ALA L 58 -16.70 -5.19 -26.16
CA ALA L 58 -17.58 -4.84 -27.29
C ALA L 58 -17.41 -3.42 -27.81
N ALA L 59 -16.97 -2.51 -26.95
CA ALA L 59 -16.78 -1.12 -27.33
C ALA L 59 -15.48 -0.93 -28.11
N ASP L 60 -14.51 -1.79 -27.83
CA ASP L 60 -13.24 -1.79 -28.56
C ASP L 60 -13.33 -2.62 -29.81
N GLY L 61 -14.14 -3.67 -29.75
CA GLY L 61 -14.49 -4.45 -30.92
C GLY L 61 -15.17 -3.55 -31.93
N ASP L 62 -16.23 -2.87 -31.48
CA ASP L 62 -17.03 -2.02 -32.37
C ASP L 62 -16.25 -0.87 -32.99
N ALA L 63 -15.31 -0.32 -32.23
CA ALA L 63 -14.44 0.75 -32.72
C ALA L 63 -13.51 0.22 -33.81
N LEU L 64 -12.91 -0.95 -33.58
CA LEU L 64 -11.92 -1.48 -34.48
C LEU L 64 -12.53 -1.77 -35.83
N VAL L 65 -13.64 -2.51 -35.81
CA VAL L 65 -14.42 -2.78 -37.01
C VAL L 65 -14.77 -1.47 -37.70
N LYS L 66 -15.39 -0.56 -36.96
CA LYS L 66 -15.77 0.74 -37.52
C LYS L 66 -14.60 1.38 -38.27
N ARG L 67 -13.45 1.45 -37.60
CA ARG L 67 -12.22 2.06 -38.11
C ARG L 67 -11.65 1.35 -39.33
N PHE L 68 -11.59 0.02 -39.27
CA PHE L 68 -11.13 -0.79 -40.41
C PHE L 68 -12.08 -0.71 -41.62
N LYS L 69 -13.38 -0.68 -41.36
CA LYS L 69 -14.37 -0.52 -42.43
C LYS L 69 -14.18 0.81 -43.15
N ASN L 70 -13.81 1.83 -42.38
CA ASN L 70 -13.50 3.15 -42.92
C ASN L 70 -12.15 3.16 -43.63
N SER L 71 -11.31 2.18 -43.29
CA SER L 71 -10.01 2.03 -43.92
C SER L 71 -10.17 1.46 -45.34
N VAL L 72 -11.01 0.43 -45.46
CA VAL L 72 -11.36 -0.16 -46.76
C VAL L 72 -11.90 0.92 -47.70
N LYS L 73 -12.78 1.76 -47.18
CA LYS L 73 -13.40 2.85 -47.93
C LYS L 73 -12.36 3.82 -48.49
N TRP L 74 -11.46 4.29 -47.65
CA TRP L 74 -10.45 5.27 -48.06
C TRP L 74 -9.38 4.68 -48.98
N TYR L 75 -9.12 3.39 -48.84
CA TYR L 75 -8.26 2.66 -49.77
C TYR L 75 -8.86 2.63 -51.19
N HIS L 76 -10.18 2.50 -51.29
CA HIS L 76 -10.88 2.58 -52.59
C HIS L 76 -10.77 3.96 -53.21
N PHE L 77 -10.87 5.00 -52.38
CA PHE L 77 -10.72 6.38 -52.84
C PHE L 77 -9.29 6.68 -53.28
N ASP L 78 -8.32 6.28 -52.46
CA ASP L 78 -6.92 6.65 -52.65
C ASP L 78 -6.18 5.80 -53.68
N HIS L 79 -6.74 4.66 -54.06
CA HIS L 79 -6.04 3.74 -54.97
C HIS L 79 -6.89 3.24 -56.15
N ASN L 80 -7.71 4.14 -56.69
CA ASN L 80 -8.52 3.85 -57.87
C ASN L 80 -9.34 2.57 -57.74
N ASP L 81 -10.16 2.51 -56.69
CA ASP L 81 -11.06 1.37 -56.40
C ASP L 81 -10.40 -0.02 -56.42
N LYS L 82 -9.12 -0.08 -56.06
CA LYS L 82 -8.40 -1.35 -56.02
C LYS L 82 -8.93 -2.23 -54.89
N LYS L 83 -9.07 -3.52 -55.18
CA LYS L 83 -9.50 -4.49 -54.19
C LYS L 83 -8.41 -4.69 -53.15
N LEU L 84 -8.80 -4.69 -51.87
CA LEU L 84 -7.87 -4.90 -50.78
C LEU L 84 -7.70 -6.40 -50.57
N SER L 85 -6.53 -6.92 -50.95
CA SER L 85 -6.19 -8.32 -50.75
C SER L 85 -6.15 -8.63 -49.26
N ILE L 86 -6.49 -9.88 -48.90
CA ILE L 86 -6.63 -10.28 -47.51
C ILE L 86 -5.34 -10.09 -46.68
N ASN L 87 -4.19 -10.30 -47.31
CA ASN L 87 -2.90 -10.10 -46.65
C ASN L 87 -2.65 -8.62 -46.35
N SER L 88 -3.10 -7.77 -47.27
CA SER L 88 -2.98 -6.33 -47.12
C SER L 88 -3.93 -5.85 -46.02
N ALA L 89 -5.12 -6.43 -45.98
CA ALA L 89 -6.08 -6.16 -44.92
C ALA L 89 -5.49 -6.48 -43.55
N ALA L 90 -4.81 -7.62 -43.46
CA ALA L 90 -4.18 -8.08 -42.22
C ALA L 90 -3.10 -7.11 -41.76
N ARG L 91 -2.16 -6.79 -42.64
CA ARG L 91 -1.08 -5.87 -42.31
C ARG L 91 -1.60 -4.52 -41.86
N ASN L 92 -2.67 -4.06 -42.50
CA ASN L 92 -3.31 -2.79 -42.14
C ASN L 92 -3.88 -2.84 -40.72
N ILE L 93 -4.49 -3.96 -40.36
CA ILE L 93 -5.04 -4.14 -39.01
C ILE L 93 -3.94 -4.10 -37.94
N GLN L 94 -2.79 -4.70 -38.24
CA GLN L 94 -1.65 -4.65 -37.31
C GLN L 94 -1.31 -3.23 -36.92
N HIS L 95 -1.36 -2.33 -37.90
CA HIS L 95 -1.03 -0.93 -37.66
C HIS L 95 -2.13 -0.19 -36.90
N LEU L 96 -3.37 -0.62 -37.07
CA LEU L 96 -4.47 -0.07 -36.28
C LEU L 96 -4.26 -0.42 -34.83
N LEU L 97 -4.12 -1.72 -34.57
CA LEU L 97 -3.94 -2.27 -33.24
C LEU L 97 -2.71 -1.72 -32.53
N TYR L 98 -1.54 -1.81 -33.16
CA TYR L 98 -0.30 -1.35 -32.55
C TYR L 98 -0.29 0.16 -32.34
N GLY L 99 -1.07 0.87 -33.15
CA GLY L 99 -1.22 2.33 -33.01
C GLY L 99 -1.85 2.71 -31.67
N LYS L 100 -2.17 1.69 -30.89
CA LYS L 100 -2.71 1.83 -29.55
C LYS L 100 -2.05 0.79 -28.64
N ARG L 101 -0.74 0.62 -28.85
CA ARG L 101 0.12 -0.24 -28.04
C ARG L 101 0.15 0.15 -26.56
N PHE L 102 -0.05 1.43 -26.26
CA PHE L 102 -0.04 1.87 -24.87
C PHE L 102 -1.43 2.22 -24.30
N PHE L 103 -2.47 1.82 -25.02
CA PHE L 103 -3.84 1.85 -24.52
C PHE L 103 -4.60 0.83 -25.33
N PRO L 104 -4.23 -0.46 -25.20
CA PRO L 104 -4.64 -1.50 -26.13
C PRO L 104 -6.14 -1.64 -26.31
N TYR L 105 -6.54 -2.15 -27.48
CA TYR L 105 -7.91 -2.63 -27.71
C TYR L 105 -8.02 -4.02 -27.09
N TYR L 106 -8.77 -4.17 -26.01
CA TYR L 106 -8.98 -5.49 -25.40
C TYR L 106 -9.86 -6.39 -26.27
N VAL L 107 -9.35 -6.69 -27.46
CA VAL L 107 -9.97 -7.66 -28.34
C VAL L 107 -8.96 -8.68 -28.87
N HIS L 108 -9.45 -9.92 -29.00
CA HIS L 108 -8.82 -10.92 -29.83
C HIS L 108 -9.60 -10.84 -31.13
N THR L 109 -8.90 -10.57 -32.22
CA THR L 109 -9.53 -10.32 -33.51
C THR L 109 -9.09 -11.29 -34.61
N ILE L 110 -10.06 -11.69 -35.45
CA ILE L 110 -9.83 -12.61 -36.56
C ILE L 110 -10.50 -12.11 -37.83
N ILE L 111 -9.81 -12.22 -38.96
CA ILE L 111 -10.42 -12.01 -40.28
C ILE L 111 -10.32 -13.24 -41.16
N ALA L 112 -11.31 -13.39 -42.04
CA ALA L 112 -11.36 -14.51 -42.97
C ALA L 112 -11.78 -14.06 -44.38
N GLY L 113 -11.40 -14.86 -45.36
CA GLY L 113 -11.72 -14.58 -46.76
C GLY L 113 -10.83 -15.40 -47.69
N LEU L 114 -10.53 -14.84 -48.85
CA LEU L 114 -9.71 -15.53 -49.85
C LEU L 114 -8.45 -14.74 -50.15
N ASP L 115 -7.34 -15.46 -50.27
CA ASP L 115 -6.08 -14.86 -50.72
C ASP L 115 -6.13 -14.62 -52.23
N GLU L 116 -5.02 -14.17 -52.81
CA GLU L 116 -5.00 -13.80 -54.23
C GLU L 116 -4.93 -14.99 -55.19
N ASP L 117 -4.83 -16.21 -54.65
CA ASP L 117 -4.83 -17.41 -55.46
C ASP L 117 -6.17 -18.13 -55.44
N GLY L 118 -7.11 -17.60 -54.65
CA GLY L 118 -8.44 -18.19 -54.53
C GLY L 118 -8.62 -19.09 -53.32
N LYS L 119 -7.51 -19.48 -52.68
CA LYS L 119 -7.57 -20.40 -51.54
C LYS L 119 -8.16 -19.71 -50.32
N GLY L 120 -8.68 -20.50 -49.38
CA GLY L 120 -9.22 -19.97 -48.13
C GLY L 120 -8.13 -19.44 -47.24
N ALA L 121 -8.42 -18.34 -46.55
CA ALA L 121 -7.42 -17.68 -45.69
C ALA L 121 -7.99 -17.19 -44.36
N VAL L 122 -7.25 -17.43 -43.28
CA VAL L 122 -7.60 -16.93 -41.96
C VAL L 122 -6.37 -16.28 -41.32
N TYR L 123 -6.56 -15.04 -40.86
CA TYR L 123 -5.53 -14.28 -40.12
C TYR L 123 -6.05 -13.95 -38.72
N SER L 124 -5.20 -14.08 -37.71
CA SER L 124 -5.62 -13.75 -36.35
C SER L 124 -4.60 -12.90 -35.59
N PHE L 125 -5.12 -12.01 -34.74
CA PHE L 125 -4.31 -10.98 -34.10
C PHE L 125 -4.41 -11.07 -32.59
N ASP L 126 -3.30 -10.78 -31.92
CA ASP L 126 -3.32 -10.59 -30.49
C ASP L 126 -3.80 -9.16 -30.22
N PRO L 127 -4.02 -8.78 -28.94
CA PRO L 127 -4.52 -7.42 -28.67
C PRO L 127 -3.65 -6.28 -29.20
N VAL L 128 -2.35 -6.51 -29.37
CA VAL L 128 -1.46 -5.41 -29.74
C VAL L 128 -0.87 -5.48 -31.17
N GLY L 129 -1.51 -6.27 -32.03
CA GLY L 129 -1.21 -6.25 -33.46
C GLY L 129 -0.33 -7.34 -34.01
N SER L 130 0.01 -8.32 -33.19
CA SER L 130 0.80 -9.45 -33.64
C SER L 130 -0.08 -10.44 -34.42
N TYR L 131 0.33 -10.76 -35.65
CA TYR L 131 -0.51 -11.61 -36.50
C TYR L 131 0.21 -12.71 -37.27
N GLU L 132 -0.53 -13.77 -37.58
CA GLU L 132 -0.10 -14.83 -38.48
C GLU L 132 -1.27 -15.44 -39.25
N ARG L 133 -0.99 -15.98 -40.42
CA ARG L 133 -1.98 -16.74 -41.18
C ARG L 133 -1.97 -18.19 -40.74
N GLU L 134 -3.15 -18.78 -40.66
CA GLU L 134 -3.28 -20.17 -40.22
C GLU L 134 -4.57 -20.80 -40.73
N GLN L 135 -4.66 -22.12 -40.63
CA GLN L 135 -5.77 -22.89 -41.20
C GLN L 135 -7.06 -22.72 -40.40
N CYS L 136 -6.92 -22.60 -39.09
CA CYS L 136 -8.05 -22.37 -38.20
C CYS L 136 -7.60 -21.62 -36.95
N ARG L 137 -8.56 -20.99 -36.28
CA ARG L 137 -8.30 -20.25 -35.05
C ARG L 137 -9.60 -19.84 -34.35
N ALA L 138 -9.70 -20.15 -33.06
CA ALA L 138 -10.76 -19.66 -32.19
C ALA L 138 -10.21 -18.58 -31.24
N GLY L 139 -11.05 -17.58 -30.97
CA GLY L 139 -10.73 -16.48 -30.07
C GLY L 139 -11.90 -16.17 -29.16
N GLY L 140 -11.67 -15.37 -28.13
CA GLY L 140 -12.71 -15.05 -27.16
C GLY L 140 -12.72 -16.01 -25.99
N ALA L 141 -13.81 -16.00 -25.22
CA ALA L 141 -13.85 -16.69 -23.91
C ALA L 141 -13.61 -18.21 -23.97
N ALA L 142 -14.31 -18.90 -24.87
CA ALA L 142 -14.21 -20.34 -25.01
C ALA L 142 -13.04 -20.80 -25.89
N ALA L 143 -12.20 -19.87 -26.32
CA ALA L 143 -11.05 -20.20 -27.16
C ALA L 143 -10.20 -21.35 -26.61
N SER L 144 -9.97 -21.34 -25.29
CA SER L 144 -9.17 -22.36 -24.63
C SER L 144 -9.83 -23.75 -24.66
N LEU L 145 -11.15 -23.77 -24.84
CA LEU L 145 -11.91 -25.03 -24.96
C LEU L 145 -11.93 -25.55 -26.40
N ILE L 146 -12.03 -24.64 -27.37
CA ILE L 146 -12.24 -25.03 -28.76
C ILE L 146 -10.95 -25.27 -29.55
N MET L 147 -9.93 -24.44 -29.34
CA MET L 147 -8.65 -24.60 -30.08
C MET L 147 -8.05 -26.02 -30.08
N PRO L 148 -8.02 -26.72 -28.93
CA PRO L 148 -7.48 -28.08 -28.96
C PRO L 148 -8.26 -29.00 -29.89
N PHE L 149 -9.60 -28.88 -29.89
CA PHE L 149 -10.48 -29.64 -30.78
C PHE L 149 -10.16 -29.40 -32.24
N LEU L 150 -10.00 -28.13 -32.62
CA LEU L 150 -9.63 -27.74 -33.98
C LEU L 150 -8.24 -28.26 -34.37
N ASP L 151 -7.28 -28.18 -33.45
CA ASP L 151 -5.96 -28.76 -33.67
C ASP L 151 -6.06 -30.23 -34.04
N ASN L 152 -7.00 -30.94 -33.43
CA ASN L 152 -7.21 -32.36 -33.68
C ASN L 152 -8.00 -32.64 -34.95
N GLN L 153 -9.07 -31.89 -35.15
CA GLN L 153 -10.07 -32.21 -36.19
C GLN L 153 -9.87 -31.49 -37.53
N VAL L 154 -9.06 -30.43 -37.54
CA VAL L 154 -8.75 -29.69 -38.77
C VAL L 154 -7.33 -29.99 -39.23
N ASN L 155 -6.36 -29.89 -38.33
CA ASN L 155 -4.95 -30.13 -38.66
C ASN L 155 -4.50 -31.54 -38.32
N PHE L 156 -5.46 -32.41 -38.00
CA PHE L 156 -5.24 -33.83 -37.73
C PHE L 156 -4.06 -34.15 -36.79
N LYS L 157 -3.87 -33.30 -35.78
CA LYS L 157 -2.79 -33.49 -34.82
C LYS L 157 -3.00 -34.72 -33.94
N ASN L 158 -1.89 -35.36 -33.53
CA ASN L 158 -1.92 -36.56 -32.68
C ASN L 158 -2.65 -37.77 -33.29
N GLN L 159 -3.10 -37.64 -34.54
CA GLN L 159 -3.75 -38.74 -35.25
C GLN L 159 -2.77 -39.42 -36.19
N TYR L 160 -2.68 -40.74 -36.07
CA TYR L 160 -1.79 -41.55 -36.91
C TYR L 160 -2.57 -42.49 -37.80
N GLU L 161 -1.87 -43.09 -38.77
CA GLU L 161 -2.44 -44.11 -39.64
C GLU L 161 -2.51 -45.44 -38.89
N PRO L 162 -3.71 -46.01 -38.78
CA PRO L 162 -3.88 -47.26 -38.04
C PRO L 162 -3.00 -48.37 -38.61
N GLY L 163 -2.14 -48.93 -37.76
CA GLY L 163 -1.29 -50.06 -38.14
C GLY L 163 0.14 -49.71 -38.50
N THR L 164 0.41 -48.43 -38.73
CA THR L 164 1.75 -47.99 -39.14
C THR L 164 2.74 -47.90 -37.97
N ASN L 165 2.29 -48.32 -36.78
CA ASN L 165 3.09 -48.27 -35.56
C ASN L 165 3.43 -46.84 -35.17
N GLY L 166 2.46 -45.94 -35.36
CA GLY L 166 2.62 -44.51 -35.08
C GLY L 166 3.77 -43.86 -35.82
N LYS L 167 4.10 -44.40 -36.99
CA LYS L 167 5.23 -43.93 -37.79
C LYS L 167 4.79 -43.02 -38.94
N VAL L 168 3.57 -43.24 -39.42
CA VAL L 168 3.02 -42.48 -40.53
C VAL L 168 1.81 -41.69 -40.03
N LYS L 169 1.87 -40.37 -40.19
CA LYS L 169 0.80 -39.47 -39.76
C LYS L 169 -0.38 -39.48 -40.73
N LYS L 170 -1.56 -39.15 -40.21
CA LYS L 170 -2.75 -38.99 -41.04
C LYS L 170 -2.54 -37.85 -42.04
N PRO L 171 -2.73 -38.13 -43.34
CA PRO L 171 -2.54 -37.11 -44.38
C PRO L 171 -3.34 -35.85 -44.10
N LEU L 172 -2.65 -34.71 -44.18
CA LEU L 172 -3.30 -33.41 -44.04
C LEU L 172 -4.16 -33.14 -45.26
N LYS L 173 -5.40 -32.73 -45.03
CA LYS L 173 -6.40 -32.63 -46.09
C LYS L 173 -7.28 -31.38 -45.91
N TYR L 174 -7.77 -30.84 -47.04
CA TYR L 174 -8.79 -29.80 -47.01
C TYR L 174 -10.16 -30.39 -46.63
N LEU L 175 -11.03 -29.56 -46.09
CA LEU L 175 -12.35 -30.01 -45.69
C LEU L 175 -13.42 -29.31 -46.52
N SER L 176 -14.48 -30.05 -46.86
CA SER L 176 -15.62 -29.50 -47.58
C SER L 176 -16.40 -28.54 -46.68
N VAL L 177 -17.11 -27.60 -47.28
CA VAL L 177 -17.87 -26.61 -46.50
C VAL L 177 -18.90 -27.26 -45.58
N GLU L 178 -19.58 -28.30 -46.07
CA GLU L 178 -20.54 -29.08 -45.28
C GLU L 178 -19.88 -29.71 -44.05
N GLU L 179 -18.65 -30.20 -44.21
CA GLU L 179 -17.89 -30.80 -43.12
C GLU L 179 -17.39 -29.73 -42.14
N VAL L 180 -17.01 -28.57 -42.66
CA VAL L 180 -16.52 -27.48 -41.82
C VAL L 180 -17.64 -26.91 -40.94
N ILE L 181 -18.83 -26.78 -41.51
CA ILE L 181 -20.00 -26.32 -40.75
C ILE L 181 -20.24 -27.20 -39.53
N LYS L 182 -20.24 -28.52 -39.72
CA LYS L 182 -20.52 -29.48 -38.65
C LYS L 182 -19.60 -29.28 -37.44
N LEU L 183 -18.30 -29.14 -37.71
CA LEU L 183 -17.31 -28.89 -36.66
C LEU L 183 -17.61 -27.60 -35.89
N VAL L 184 -17.87 -26.52 -36.64
CA VAL L 184 -18.25 -25.23 -36.07
C VAL L 184 -19.43 -25.35 -35.09
N ARG L 185 -20.50 -26.01 -35.52
CA ARG L 185 -21.72 -26.18 -34.71
C ARG L 185 -21.50 -27.02 -33.45
N ASP L 186 -20.74 -28.10 -33.59
CA ASP L 186 -20.41 -28.95 -32.45
C ASP L 186 -19.43 -28.26 -31.51
N SER L 187 -18.53 -27.45 -32.06
CA SER L 187 -17.61 -26.66 -31.24
C SER L 187 -18.39 -25.71 -30.34
N PHE L 188 -19.44 -25.10 -30.89
CA PHE L 188 -20.22 -24.07 -30.19
C PHE L 188 -21.25 -24.64 -29.23
N THR L 189 -21.67 -25.87 -29.45
CA THR L 189 -22.57 -26.52 -28.50
C THR L 189 -21.77 -27.02 -27.31
N SER L 190 -20.54 -27.46 -27.58
CA SER L 190 -19.62 -27.88 -26.53
C SER L 190 -19.19 -26.70 -25.67
N ALA L 191 -18.96 -25.57 -26.31
CA ALA L 191 -18.70 -24.31 -25.63
C ALA L 191 -19.85 -23.89 -24.71
N THR L 192 -21.07 -23.97 -25.22
CA THR L 192 -22.25 -23.58 -24.46
C THR L 192 -22.37 -24.36 -23.14
N GLU L 193 -22.18 -25.68 -23.22
CA GLU L 193 -22.33 -26.58 -22.07
C GLU L 193 -21.45 -26.18 -20.91
N ARG L 194 -20.19 -25.84 -21.22
CA ARG L 194 -19.15 -25.70 -20.22
C ARG L 194 -18.69 -24.26 -19.97
N HIS L 195 -19.15 -23.33 -20.80
CA HIS L 195 -18.84 -21.91 -20.58
C HIS L 195 -20.11 -21.08 -20.44
N ILE L 196 -20.21 -20.37 -19.31
CA ILE L 196 -21.39 -19.56 -18.96
C ILE L 196 -21.63 -18.39 -19.91
N GLN L 197 -20.54 -17.86 -20.48
CA GLN L 197 -20.60 -16.68 -21.34
C GLN L 197 -20.99 -16.98 -22.80
N VAL L 198 -21.15 -18.26 -23.12
CA VAL L 198 -21.47 -18.69 -24.48
C VAL L 198 -22.84 -19.35 -24.57
N GLY L 199 -23.66 -18.90 -25.52
CA GLY L 199 -24.97 -19.50 -25.78
C GLY L 199 -25.87 -18.62 -26.63
N ASP L 200 -27.17 -18.96 -26.64
CA ASP L 200 -28.26 -18.20 -27.27
C ASP L 200 -28.41 -18.37 -28.78
N GLY L 201 -27.34 -18.07 -29.51
CA GLY L 201 -27.40 -18.12 -30.97
C GLY L 201 -26.06 -18.26 -31.64
N LEU L 202 -26.08 -18.94 -32.79
CA LEU L 202 -24.91 -19.07 -33.64
C LEU L 202 -25.12 -18.36 -34.98
N GLU L 203 -24.13 -17.55 -35.37
CA GLU L 203 -24.16 -16.85 -36.65
C GLU L 203 -22.84 -17.07 -37.36
N ILE L 204 -22.90 -17.68 -38.55
CA ILE L 204 -21.72 -17.98 -39.34
C ILE L 204 -21.77 -17.26 -40.68
N LEU L 205 -20.68 -16.61 -41.04
CA LEU L 205 -20.53 -15.99 -42.36
C LEU L 205 -19.60 -16.83 -43.25
N ILE L 206 -20.09 -17.17 -44.44
CA ILE L 206 -19.38 -18.04 -45.38
C ILE L 206 -18.88 -17.22 -46.55
N VAL L 207 -17.59 -17.35 -46.86
CA VAL L 207 -16.97 -16.55 -47.90
C VAL L 207 -16.54 -17.42 -49.08
N THR L 208 -17.15 -17.19 -50.24
CA THR L 208 -16.76 -17.87 -51.46
C THR L 208 -16.34 -16.81 -52.48
N LYS L 209 -16.11 -17.22 -53.72
CA LYS L 209 -15.84 -16.26 -54.78
C LYS L 209 -17.12 -15.60 -55.29
N ASP L 210 -18.24 -16.00 -54.71
CA ASP L 210 -19.55 -15.44 -55.06
C ASP L 210 -20.00 -14.35 -54.09
N GLY L 211 -19.33 -14.27 -52.94
CA GLY L 211 -19.64 -13.24 -51.95
C GLY L 211 -19.69 -13.76 -50.52
N VAL L 212 -20.59 -13.18 -49.74
CA VAL L 212 -20.69 -13.45 -48.31
C VAL L 212 -22.10 -13.92 -47.93
N ARG L 213 -22.20 -15.16 -47.46
CA ARG L 213 -23.47 -15.78 -47.06
C ARG L 213 -23.54 -15.94 -45.54
N LYS L 214 -24.75 -15.88 -44.97
CA LYS L 214 -24.94 -15.99 -43.52
C LYS L 214 -25.83 -17.19 -43.15
N GLU L 215 -25.52 -17.82 -42.03
CA GLU L 215 -26.36 -18.89 -41.48
C GLU L 215 -26.52 -18.71 -39.97
N PHE L 216 -27.74 -18.98 -39.47
CA PHE L 216 -28.05 -18.79 -38.05
C PHE L 216 -28.55 -20.08 -37.40
N TYR L 217 -27.98 -20.39 -36.24
CA TYR L 217 -28.38 -21.57 -35.48
C TYR L 217 -28.65 -21.27 -34.02
N GLU L 218 -29.73 -21.84 -33.50
CA GLU L 218 -30.12 -21.69 -32.10
C GLU L 218 -29.12 -22.40 -31.18
N LEU L 219 -28.87 -21.79 -30.03
CA LEU L 219 -28.05 -22.40 -28.98
C LEU L 219 -28.79 -22.36 -27.65
N LYS L 220 -28.30 -23.12 -26.66
CA LYS L 220 -28.92 -23.17 -25.33
C LYS L 220 -28.84 -21.82 -24.63
N ARG L 221 -29.96 -21.41 -24.05
CA ARG L 221 -30.11 -20.06 -23.54
C ARG L 221 -29.76 -19.87 -22.05
N ASP L 222 -29.35 -20.95 -21.38
CA ASP L 222 -29.07 -20.90 -19.93
C ASP L 222 -27.69 -20.36 -19.55
N THR M 1 -11.43 11.10 -14.85
CA THR M 1 -12.02 10.09 -13.94
C THR M 1 -12.62 10.76 -12.72
N GLN M 2 -13.85 10.37 -12.42
CA GLN M 2 -14.62 10.99 -11.38
C GLN M 2 -15.34 9.93 -10.55
N GLN M 3 -16.34 10.38 -9.80
CA GLN M 3 -17.22 9.53 -9.01
C GLN M 3 -18.60 10.18 -9.01
N PRO M 4 -19.64 9.37 -9.33
CA PRO M 4 -21.02 9.85 -9.43
C PRO M 4 -21.56 10.36 -8.09
N ILE M 5 -22.13 11.56 -8.08
CA ILE M 5 -22.61 12.15 -6.82
C ILE M 5 -24.12 12.05 -6.66
N VAL M 6 -24.86 12.88 -7.40
CA VAL M 6 -26.31 12.76 -7.45
C VAL M 6 -26.65 11.74 -8.52
N THR M 7 -27.35 10.68 -8.11
CA THR M 7 -27.52 9.52 -8.98
C THR M 7 -28.96 9.16 -9.28
N GLY M 8 -29.19 8.70 -10.51
CA GLY M 8 -30.50 8.21 -10.93
C GLY M 8 -30.45 6.70 -11.06
N THR M 9 -31.51 6.03 -10.62
CA THR M 9 -31.53 4.57 -10.58
C THR M 9 -31.99 3.96 -11.92
N SER M 10 -32.60 2.78 -11.88
CA SER M 10 -33.03 2.04 -13.07
C SER M 10 -33.78 2.85 -14.13
N VAL M 11 -33.43 2.58 -15.39
CA VAL M 11 -34.22 2.93 -16.55
C VAL M 11 -34.63 1.62 -17.21
N ILE M 12 -35.91 1.46 -17.51
CA ILE M 12 -36.40 0.23 -18.15
C ILE M 12 -37.21 0.51 -19.41
N SER M 13 -37.16 -0.42 -20.36
CA SER M 13 -37.81 -0.25 -21.66
C SER M 13 -37.97 -1.57 -22.42
N MET M 14 -39.01 -1.63 -23.26
CA MET M 14 -39.25 -2.77 -24.14
C MET M 14 -39.97 -2.34 -25.43
N LYS M 15 -40.11 -3.25 -26.38
CA LYS M 15 -40.89 -2.97 -27.60
C LYS M 15 -42.13 -3.85 -27.78
N TYR M 16 -43.11 -3.30 -28.48
CA TYR M 16 -44.34 -4.02 -28.78
C TYR M 16 -44.64 -3.92 -30.28
N ASP M 17 -45.77 -4.47 -30.70
CA ASP M 17 -46.12 -4.59 -32.12
C ASP M 17 -45.88 -3.34 -32.97
N ASN M 18 -46.31 -2.18 -32.45
CA ASN M 18 -46.26 -0.91 -33.18
C ASN M 18 -45.13 0.03 -32.77
N GLY M 19 -44.80 0.09 -31.48
CA GLY M 19 -43.78 1.02 -31.00
C GLY M 19 -42.92 0.58 -29.83
N VAL M 20 -42.51 1.54 -29.01
CA VAL M 20 -41.67 1.27 -27.84
C VAL M 20 -42.20 1.92 -26.56
N ILE M 21 -41.78 1.40 -25.41
CA ILE M 21 -42.11 1.96 -24.10
C ILE M 21 -40.84 2.12 -23.26
N ILE M 22 -40.81 3.17 -22.43
CA ILE M 22 -39.65 3.50 -21.62
C ILE M 22 -40.11 4.17 -20.30
N ALA M 23 -39.43 3.84 -19.20
CA ALA M 23 -39.79 4.41 -17.89
C ALA M 23 -38.61 4.58 -16.93
N ALA M 24 -38.73 5.55 -16.04
CA ALA M 24 -37.74 5.81 -14.98
C ALA M 24 -38.35 6.65 -13.86
N ASP M 25 -37.98 6.36 -12.62
CA ASP M 25 -38.54 7.08 -11.48
C ASP M 25 -37.98 8.49 -11.33
N ASN M 26 -38.73 9.33 -10.61
CA ASN M 26 -38.43 10.76 -10.50
C ASN M 26 -37.43 11.09 -9.40
N LEU M 27 -36.51 10.17 -9.13
CA LEU M 27 -35.62 10.30 -7.99
C LEU M 27 -34.19 10.68 -8.35
N GLY M 28 -33.62 11.56 -7.54
CA GLY M 28 -32.20 11.88 -7.58
C GLY M 28 -31.61 11.58 -6.22
N SER M 29 -30.99 10.41 -6.09
CA SER M 29 -30.38 9.98 -4.84
C SER M 29 -29.01 10.63 -4.68
N TYR M 30 -28.60 10.83 -3.42
CA TYR M 30 -27.28 11.37 -3.08
C TYR M 30 -26.67 10.41 -2.07
N GLY M 31 -26.03 9.36 -2.57
CA GLY M 31 -25.60 8.27 -1.72
C GLY M 31 -26.84 7.55 -1.22
N SER M 32 -26.98 7.46 0.11
CA SER M 32 -28.13 6.78 0.71
C SER M 32 -29.31 7.73 0.95
N LEU M 33 -29.04 9.03 0.86
CA LEU M 33 -30.06 10.06 1.02
C LEU M 33 -30.87 10.21 -0.27
N LEU M 34 -32.19 10.09 -0.16
CA LEU M 34 -33.09 10.24 -1.30
C LEU M 34 -33.41 11.71 -1.48
N ARG M 35 -32.48 12.44 -2.09
CA ARG M 35 -32.43 13.89 -1.99
C ARG M 35 -33.47 14.67 -2.80
N PHE M 36 -33.64 14.32 -4.08
CA PHE M 36 -34.55 15.06 -4.95
C PHE M 36 -35.63 14.17 -5.55
N ASN M 37 -36.88 14.58 -5.40
CA ASN M 37 -38.01 13.81 -5.91
C ASN M 37 -38.70 14.45 -7.11
N GLY M 38 -38.15 15.57 -7.59
CA GLY M 38 -38.73 16.26 -8.73
C GLY M 38 -37.84 16.16 -9.95
N VAL M 39 -37.26 14.98 -10.17
CA VAL M 39 -36.29 14.78 -11.23
C VAL M 39 -36.85 14.01 -12.42
N GLU M 40 -36.90 14.67 -13.58
CA GLU M 40 -37.32 14.01 -14.81
C GLU M 40 -36.12 13.40 -15.51
N ARG M 41 -36.08 12.07 -15.54
CA ARG M 41 -34.96 11.34 -16.15
C ARG M 41 -35.28 10.83 -17.56
N LEU M 42 -36.41 11.28 -18.11
CA LEU M 42 -36.78 10.96 -19.49
C LEU M 42 -36.74 12.21 -20.38
N ILE M 43 -35.94 12.13 -21.44
CA ILE M 43 -35.66 13.27 -22.29
C ILE M 43 -36.23 13.08 -23.70
N PRO M 44 -37.34 13.78 -24.01
CA PRO M 44 -37.91 13.71 -25.34
C PRO M 44 -37.06 14.51 -26.32
N VAL M 45 -36.80 13.94 -27.49
CA VAL M 45 -36.16 14.67 -28.59
C VAL M 45 -37.04 14.59 -29.84
N GLY M 46 -37.62 15.72 -30.22
CA GLY M 46 -38.61 15.75 -31.29
C GLY M 46 -39.87 15.02 -30.88
N ASP M 47 -40.54 14.38 -31.85
CA ASP M 47 -41.77 13.65 -31.58
C ASP M 47 -41.66 12.16 -31.87
N ASN M 48 -40.43 11.64 -31.80
CA ASN M 48 -40.18 10.24 -32.14
C ASN M 48 -39.11 9.54 -31.30
N THR M 49 -38.46 10.29 -30.41
CA THR M 49 -37.38 9.75 -29.58
C THR M 49 -37.50 10.17 -28.14
N VAL M 50 -37.23 9.23 -27.23
CA VAL M 50 -37.05 9.53 -25.80
C VAL M 50 -35.74 8.91 -25.32
N VAL M 51 -34.97 9.69 -24.58
CA VAL M 51 -33.70 9.23 -24.03
C VAL M 51 -33.85 9.05 -22.52
N GLY M 52 -33.59 7.83 -22.05
CA GLY M 52 -33.58 7.55 -20.61
C GLY M 52 -32.17 7.51 -20.06
N ILE M 53 -31.92 8.29 -19.01
CA ILE M 53 -30.55 8.40 -18.47
C ILE M 53 -30.48 8.04 -16.97
N SER M 54 -29.60 7.10 -16.64
CA SER M 54 -29.31 6.75 -15.26
C SER M 54 -27.87 7.09 -14.89
N GLY M 55 -27.59 7.17 -13.59
CA GLY M 55 -26.26 7.52 -13.13
C GLY M 55 -26.18 8.97 -12.74
N ASP M 56 -24.99 9.55 -12.90
CA ASP M 56 -24.70 10.90 -12.44
C ASP M 56 -25.57 11.96 -13.11
N ILE M 57 -26.37 12.66 -12.29
CA ILE M 57 -27.36 13.61 -12.78
C ILE M 57 -26.72 14.87 -13.37
N SER M 58 -25.61 15.32 -12.78
CA SER M 58 -24.91 16.50 -13.31
C SER M 58 -24.47 16.23 -14.75
N ASP M 59 -24.13 14.97 -15.04
CA ASP M 59 -23.76 14.55 -16.38
C ASP M 59 -24.99 14.39 -17.26
N MET M 60 -26.11 14.03 -16.66
CA MET M 60 -27.39 13.90 -17.39
C MET M 60 -27.87 15.27 -17.87
N GLN M 61 -27.68 16.29 -17.05
CA GLN M 61 -28.09 17.65 -17.36
C GLN M 61 -27.22 18.24 -18.46
N HIS M 62 -26.02 17.68 -18.61
CA HIS M 62 -25.10 18.04 -19.68
C HIS M 62 -25.51 17.37 -20.99
N ILE M 63 -25.95 16.12 -20.89
CA ILE M 63 -26.48 15.42 -22.06
C ILE M 63 -27.78 16.05 -22.52
N GLU M 64 -28.56 16.55 -21.55
CA GLU M 64 -29.77 17.33 -21.86
C GLU M 64 -29.43 18.50 -22.76
N ARG M 65 -28.43 19.27 -22.35
CA ARG M 65 -28.01 20.47 -23.05
C ARG M 65 -27.49 20.15 -24.45
N LEU M 66 -26.85 18.99 -24.60
CA LEU M 66 -26.29 18.57 -25.88
C LEU M 66 -27.37 18.21 -26.87
N LEU M 67 -28.47 17.67 -26.38
CA LEU M 67 -29.60 17.28 -27.22
C LEU M 67 -30.39 18.49 -27.70
N LYS M 68 -30.50 19.52 -26.84
CA LYS M 68 -31.07 20.81 -27.25
C LYS M 68 -30.26 21.45 -28.35
N ASP M 69 -28.94 21.31 -28.27
CA ASP M 69 -28.03 21.77 -29.32
C ASP M 69 -28.23 21.01 -30.62
N LEU M 70 -28.51 19.71 -30.51
CA LEU M 70 -28.70 18.87 -31.68
C LEU M 70 -29.99 19.24 -32.41
N VAL M 71 -31.02 19.59 -31.64
CA VAL M 71 -32.30 20.06 -32.21
C VAL M 71 -32.08 21.38 -32.95
N THR M 72 -31.50 22.36 -32.25
CA THR M 72 -31.18 23.67 -32.80
C THR M 72 -30.32 23.55 -34.05
N GLU M 73 -29.22 22.79 -33.95
CA GLU M 73 -28.24 22.65 -35.03
C GLU M 73 -28.82 21.99 -36.27
N ASN M 74 -29.74 21.06 -36.08
CA ASN M 74 -30.41 20.38 -37.19
C ASN M 74 -31.36 21.31 -37.94
N ALA M 75 -31.95 22.26 -37.21
CA ALA M 75 -32.86 23.24 -37.78
C ALA M 75 -32.18 24.30 -38.65
N TYR M 76 -30.86 24.44 -38.50
CA TYR M 76 -30.06 25.40 -39.26
C TYR M 76 -29.98 25.03 -40.74
N ASP M 77 -30.36 25.98 -41.61
CA ASP M 77 -30.32 25.83 -43.08
C ASP M 77 -30.96 24.53 -43.59
N ASN M 78 -32.12 24.22 -43.02
CA ASN M 78 -32.80 22.95 -43.25
C ASN M 78 -34.31 23.20 -43.32
N PRO M 79 -34.85 23.44 -44.54
CA PRO M 79 -36.29 23.65 -44.69
C PRO M 79 -37.10 22.36 -44.50
N LEU M 80 -36.42 21.26 -44.15
CA LEU M 80 -37.07 19.97 -43.94
C LEU M 80 -36.73 19.39 -42.56
N ALA M 81 -36.61 20.24 -41.56
CA ALA M 81 -36.25 19.81 -40.20
C ALA M 81 -37.44 19.26 -39.42
N ASP M 82 -38.64 19.40 -39.99
CA ASP M 82 -39.87 18.88 -39.38
C ASP M 82 -40.51 17.79 -40.25
N ALA M 83 -39.70 17.17 -41.11
CA ALA M 83 -40.11 16.08 -42.01
C ALA M 83 -38.94 15.68 -42.92
N GLU M 84 -38.63 14.38 -42.96
CA GLU M 84 -37.58 13.81 -43.82
C GLU M 84 -36.16 14.06 -43.31
N GLU M 85 -35.79 15.33 -43.11
CA GLU M 85 -34.48 15.65 -42.55
C GLU M 85 -34.55 15.94 -41.05
N ALA M 86 -35.63 15.49 -40.41
CA ALA M 86 -35.78 15.53 -38.96
C ALA M 86 -34.87 14.49 -38.32
N LEU M 87 -34.55 14.71 -37.03
CA LEU M 87 -33.70 13.79 -36.28
C LEU M 87 -34.38 12.45 -36.06
N GLU M 88 -33.73 11.39 -36.55
CA GLU M 88 -34.17 10.02 -36.29
C GLU M 88 -33.49 9.52 -35.02
N PRO M 89 -34.16 8.62 -34.28
CA PRO M 89 -33.56 7.99 -33.10
C PRO M 89 -32.17 7.42 -33.39
N SER M 90 -32.01 6.79 -34.55
CA SER M 90 -30.73 6.16 -34.90
C SER M 90 -29.58 7.18 -34.91
N TYR M 91 -29.85 8.39 -35.38
CA TYR M 91 -28.85 9.47 -35.41
C TYR M 91 -28.53 9.93 -34.00
N ILE M 92 -29.57 10.07 -33.19
CA ILE M 92 -29.43 10.54 -31.81
C ILE M 92 -28.58 9.55 -30.99
N PHE M 93 -28.89 8.27 -31.09
CA PHE M 93 -28.09 7.26 -30.42
C PHE M 93 -26.65 7.34 -30.89
N GLU M 94 -26.47 7.27 -32.21
CA GLU M 94 -25.14 7.24 -32.82
C GLU M 94 -24.24 8.38 -32.32
N TYR M 95 -24.83 9.55 -32.14
CA TYR M 95 -24.13 10.72 -31.62
C TYR M 95 -23.70 10.48 -30.17
N LEU M 96 -24.66 10.09 -29.34
CA LEU M 96 -24.39 9.79 -27.93
C LEU M 96 -23.37 8.65 -27.79
N ALA M 97 -23.52 7.61 -28.61
CA ALA M 97 -22.60 6.47 -28.61
C ALA M 97 -21.16 6.89 -28.84
N THR M 98 -20.96 7.88 -29.71
CA THR M 98 -19.63 8.37 -30.05
C THR M 98 -19.05 9.22 -28.92
N VAL M 99 -19.89 10.08 -28.34
CA VAL M 99 -19.50 10.93 -27.22
C VAL M 99 -19.13 10.06 -26.03
N MET M 100 -19.95 9.04 -25.76
CA MET M 100 -19.71 8.13 -24.64
C MET M 100 -18.36 7.41 -24.74
N TYR M 101 -18.07 6.85 -25.92
CA TYR M 101 -16.81 6.15 -26.15
C TYR M 101 -15.57 7.07 -26.11
N GLN M 102 -15.74 8.29 -26.63
CA GLN M 102 -14.65 9.28 -26.68
C GLN M 102 -14.24 9.80 -25.31
N ARG M 103 -15.20 9.84 -24.40
CA ARG M 103 -14.95 10.28 -23.02
C ARG M 103 -14.26 9.18 -22.22
N ARG M 104 -14.73 7.93 -22.37
CA ARG M 104 -14.07 6.79 -21.72
C ARG M 104 -12.64 6.66 -22.22
N SER M 105 -12.40 7.04 -23.48
CA SER M 105 -11.09 6.94 -24.11
C SER M 105 -10.15 8.06 -23.68
N LYS M 106 -10.72 9.09 -23.06
CA LYS M 106 -9.96 10.23 -22.56
C LYS M 106 -9.77 10.11 -21.06
N MET M 107 -10.13 8.94 -20.51
CA MET M 107 -10.07 8.68 -19.07
C MET M 107 -10.88 9.67 -18.23
N ASN M 108 -11.95 10.21 -18.81
CA ASN M 108 -12.85 11.13 -18.14
C ASN M 108 -14.28 10.91 -18.64
N PRO M 109 -14.95 9.86 -18.15
CA PRO M 109 -16.21 9.40 -18.71
C PRO M 109 -17.44 10.20 -18.24
N LEU M 110 -18.53 10.07 -18.98
CA LEU M 110 -19.83 10.55 -18.52
C LEU M 110 -20.51 9.40 -17.78
N TRP M 111 -20.79 9.59 -16.50
CA TRP M 111 -21.11 8.48 -15.61
C TRP M 111 -22.57 7.99 -15.74
N ASN M 112 -22.90 7.48 -16.93
CA ASN M 112 -24.28 7.18 -17.26
C ASN M 112 -24.51 5.85 -17.95
N ALA M 113 -25.71 5.33 -17.79
CA ALA M 113 -26.22 4.27 -18.66
C ALA M 113 -27.42 4.87 -19.37
N ILE M 114 -27.49 4.69 -20.68
CA ILE M 114 -28.47 5.38 -21.51
C ILE M 114 -29.21 4.45 -22.50
N ILE M 115 -30.54 4.48 -22.44
CA ILE M 115 -31.38 3.78 -23.42
C ILE M 115 -32.11 4.78 -24.30
N VAL M 116 -31.97 4.61 -25.60
CA VAL M 116 -32.61 5.47 -26.60
C VAL M 116 -33.83 4.74 -27.20
N ALA M 117 -35.02 5.07 -26.74
CA ALA M 117 -36.26 4.48 -27.28
C ALA M 117 -36.85 5.38 -28.34
N GLY M 118 -37.16 4.81 -29.49
CA GLY M 118 -37.80 5.57 -30.55
C GLY M 118 -38.43 4.77 -31.68
N VAL M 119 -38.79 5.50 -32.73
CA VAL M 119 -39.30 4.93 -33.97
C VAL M 119 -38.62 5.65 -35.14
N GLN M 120 -38.02 4.88 -36.05
CA GLN M 120 -37.52 5.43 -37.31
C GLN M 120 -38.70 5.85 -38.22
N SER M 121 -38.41 6.61 -39.27
CA SER M 121 -39.44 7.18 -40.15
C SER M 121 -40.19 6.13 -41.00
N ASN M 122 -39.64 4.92 -41.04
CA ASN M 122 -40.22 3.83 -41.84
C ASN M 122 -41.07 2.85 -41.01
N GLY M 123 -41.45 3.26 -39.81
CA GLY M 123 -42.26 2.43 -38.92
C GLY M 123 -41.49 1.46 -38.04
N ASP M 124 -40.18 1.31 -38.29
CA ASP M 124 -39.33 0.40 -37.53
C ASP M 124 -39.16 0.83 -36.08
N GLN M 125 -39.06 -0.15 -35.19
CA GLN M 125 -38.86 0.08 -33.76
C GLN M 125 -37.38 0.29 -33.47
N PHE M 126 -37.05 1.24 -32.60
CA PHE M 126 -35.65 1.46 -32.18
C PHE M 126 -35.46 1.42 -30.68
N LEU M 127 -34.59 0.50 -30.23
CA LEU M 127 -34.22 0.41 -28.83
C LEU M 127 -32.74 0.02 -28.73
N ARG M 128 -31.93 0.90 -28.18
CA ARG M 128 -30.50 0.60 -27.98
C ARG M 128 -29.95 1.22 -26.70
N TYR M 129 -28.92 0.58 -26.16
CA TYR M 129 -28.28 0.94 -24.90
C TYR M 129 -26.86 1.42 -25.16
N VAL M 130 -26.42 2.40 -24.37
CA VAL M 130 -25.01 2.85 -24.32
C VAL M 130 -24.66 3.32 -22.91
N ASN M 131 -23.43 3.08 -22.47
CA ASN M 131 -23.03 3.47 -21.12
C ASN M 131 -21.66 4.16 -21.02
N LEU M 132 -21.21 4.42 -19.80
CA LEU M 132 -19.97 5.16 -19.53
C LEU M 132 -18.75 4.60 -20.27
N LEU M 133 -18.71 3.29 -20.46
CA LEU M 133 -17.66 2.60 -21.20
C LEU M 133 -17.85 2.69 -22.71
N GLY M 134 -19.04 3.11 -23.12
CA GLY M 134 -19.38 3.18 -24.54
C GLY M 134 -19.75 1.83 -25.14
N VAL M 135 -20.07 0.89 -24.26
CA VAL M 135 -20.59 -0.40 -24.69
C VAL M 135 -22.02 -0.24 -25.23
N THR M 136 -22.24 -0.75 -26.43
CA THR M 136 -23.56 -0.66 -27.07
C THR M 136 -24.16 -2.05 -27.27
N TYR M 137 -25.47 -2.15 -27.04
CA TYR M 137 -26.24 -3.36 -27.38
C TYR M 137 -27.74 -3.09 -27.58
N SER M 138 -28.38 -3.96 -28.36
CA SER M 138 -29.82 -3.91 -28.61
C SER M 138 -30.47 -5.25 -28.26
N SER M 139 -31.58 -5.17 -27.54
CA SER M 139 -32.35 -6.35 -27.18
C SER M 139 -33.81 -5.93 -27.20
N PRO M 140 -34.74 -6.88 -27.52
CA PRO M 140 -36.18 -6.60 -27.46
C PRO M 140 -36.62 -5.93 -26.14
N THR M 141 -35.95 -6.27 -25.04
CA THR M 141 -36.07 -5.59 -23.76
C THR M 141 -34.70 -5.09 -23.32
N LEU M 142 -34.65 -3.90 -22.72
CA LEU M 142 -33.39 -3.34 -22.19
C LEU M 142 -33.61 -2.66 -20.85
N ALA M 143 -32.64 -2.82 -19.94
CA ALA M 143 -32.73 -2.19 -18.62
C ALA M 143 -31.36 -1.85 -18.04
N THR M 144 -31.31 -0.79 -17.24
CA THR M 144 -30.08 -0.30 -16.64
C THR M 144 -30.10 -0.50 -15.12
N GLY M 145 -28.91 -0.66 -14.53
CA GLY M 145 -28.79 -0.75 -13.07
C GLY M 145 -29.48 -1.95 -12.49
N PHE M 146 -30.33 -1.74 -11.48
CA PHE M 146 -31.10 -2.82 -10.89
C PHE M 146 -32.12 -3.40 -11.87
N GLY M 147 -32.57 -2.57 -12.80
CA GLY M 147 -33.48 -3.01 -13.85
C GLY M 147 -32.96 -4.23 -14.57
N ALA M 148 -31.67 -4.24 -14.85
CA ALA M 148 -31.04 -5.35 -15.58
C ALA M 148 -31.21 -6.70 -14.88
N HIS M 149 -31.36 -6.66 -13.56
CA HIS M 149 -31.42 -7.86 -12.74
C HIS M 149 -32.85 -8.30 -12.43
N MET M 150 -33.76 -7.34 -12.29
CA MET M 150 -35.12 -7.64 -11.86
C MET M 150 -36.20 -7.37 -12.91
N ALA M 151 -35.98 -6.35 -13.73
CA ALA M 151 -36.98 -5.94 -14.73
C ALA M 151 -36.91 -6.80 -15.99
N ASN M 152 -35.71 -6.97 -16.54
CA ASN M 152 -35.51 -7.81 -17.71
C ASN M 152 -36.12 -9.21 -17.59
N PRO M 153 -35.82 -9.94 -16.50
CA PRO M 153 -36.43 -11.26 -16.30
C PRO M 153 -37.95 -11.28 -16.46
N LEU M 154 -38.62 -10.24 -15.98
CA LEU M 154 -40.08 -10.16 -16.05
C LEU M 154 -40.56 -9.78 -17.45
N LEU M 155 -39.84 -8.86 -18.09
CA LEU M 155 -40.19 -8.37 -19.41
C LEU M 155 -39.88 -9.39 -20.52
N ARG M 156 -38.88 -10.24 -20.29
CA ARG M 156 -38.50 -11.29 -21.23
C ARG M 156 -39.49 -12.47 -21.21
N LYS M 157 -40.32 -12.52 -20.17
CA LYS M 157 -41.40 -13.51 -20.10
C LYS M 157 -42.52 -13.12 -21.09
N VAL M 158 -42.55 -11.85 -21.48
CA VAL M 158 -43.50 -11.33 -22.45
C VAL M 158 -42.91 -11.44 -23.86
N VAL M 159 -41.84 -10.72 -24.13
CA VAL M 159 -41.13 -10.82 -25.41
C VAL M 159 -39.76 -11.49 -25.25
N ASP M 160 -39.71 -12.79 -25.54
CA ASP M 160 -38.46 -13.56 -25.39
C ASP M 160 -37.53 -13.37 -26.60
N ARG M 161 -38.03 -13.70 -27.78
CA ARG M 161 -37.27 -13.44 -29.00
C ARG M 161 -37.94 -12.41 -29.91
N GLU M 162 -37.36 -12.18 -31.09
CA GLU M 162 -37.87 -11.26 -32.08
C GLU M 162 -39.27 -11.64 -32.60
N SER M 163 -39.53 -12.94 -32.77
CA SER M 163 -40.81 -13.39 -33.32
C SER M 163 -41.98 -13.21 -32.33
N ASP M 164 -41.70 -12.52 -31.22
CA ASP M 164 -42.71 -12.23 -30.22
C ASP M 164 -43.22 -10.79 -30.26
N ILE M 165 -42.51 -9.93 -31.00
CA ILE M 165 -42.81 -8.49 -31.06
C ILE M 165 -44.19 -8.16 -31.67
N PRO M 166 -44.44 -8.56 -32.94
CA PRO M 166 -45.76 -8.27 -33.54
C PRO M 166 -46.95 -8.83 -32.75
N LYS M 167 -46.72 -9.86 -31.94
CA LYS M 167 -47.75 -10.47 -31.10
C LYS M 167 -48.18 -9.62 -29.90
N THR M 168 -47.22 -8.87 -29.35
CA THR M 168 -47.42 -8.14 -28.09
C THR M 168 -48.03 -6.75 -28.29
N THR M 169 -49.20 -6.54 -27.70
CA THR M 169 -49.94 -5.28 -27.81
C THR M 169 -49.48 -4.24 -26.79
N VAL M 170 -49.88 -2.99 -27.02
CA VAL M 170 -49.50 -1.86 -26.16
C VAL M 170 -50.02 -2.08 -24.73
N GLN M 171 -51.29 -2.47 -24.62
CA GLN M 171 -51.95 -2.74 -23.34
C GLN M 171 -51.17 -3.75 -22.51
N VAL M 172 -50.76 -4.85 -23.16
CA VAL M 172 -49.92 -5.88 -22.55
C VAL M 172 -48.54 -5.30 -22.19
N ALA M 173 -47.91 -4.62 -23.15
CA ALA M 173 -46.57 -4.07 -22.96
C ALA M 173 -46.51 -3.07 -21.81
N GLU M 174 -47.52 -2.20 -21.71
CA GLU M 174 -47.58 -1.21 -20.63
C GLU M 174 -47.78 -1.88 -19.27
N GLU M 175 -48.64 -2.89 -19.23
CA GLU M 175 -48.92 -3.66 -18.03
C GLU M 175 -47.64 -4.22 -17.41
N ALA M 176 -46.80 -4.82 -18.25
CA ALA M 176 -45.55 -5.45 -17.81
C ALA M 176 -44.52 -4.43 -17.32
N ILE M 177 -44.51 -3.24 -17.93
CA ILE M 177 -43.60 -2.17 -17.55
C ILE M 177 -43.98 -1.62 -16.17
N VAL M 178 -45.27 -1.34 -15.98
CA VAL M 178 -45.81 -0.82 -14.72
C VAL M 178 -45.55 -1.78 -13.56
N ASN M 179 -45.75 -3.08 -13.79
CA ASN M 179 -45.50 -4.11 -12.79
C ASN M 179 -44.02 -4.18 -12.40
N ALA M 180 -43.15 -4.03 -13.40
CA ALA M 180 -41.72 -4.05 -13.18
C ALA M 180 -41.26 -2.86 -12.34
N MET M 181 -41.96 -1.74 -12.47
CA MET M 181 -41.69 -0.55 -11.66
C MET M 181 -42.00 -0.77 -10.19
N ARG M 182 -43.07 -1.52 -9.93
CA ARG M 182 -43.43 -1.89 -8.56
C ARG M 182 -42.37 -2.79 -7.91
N VAL M 183 -41.92 -3.79 -8.66
CA VAL M 183 -40.93 -4.76 -8.18
C VAL M 183 -39.61 -4.06 -7.81
N LEU M 184 -39.23 -3.06 -8.60
CA LEU M 184 -38.03 -2.29 -8.30
C LEU M 184 -38.22 -1.41 -7.07
N TYR M 185 -39.43 -0.91 -6.88
CA TYR M 185 -39.75 -0.15 -5.68
C TYR M 185 -39.74 -1.04 -4.45
N TYR M 186 -40.09 -2.31 -4.64
CA TYR M 186 -40.02 -3.32 -3.59
C TYR M 186 -38.58 -3.57 -3.15
N ARG M 187 -37.66 -3.72 -4.11
CA ARG M 187 -36.35 -4.31 -3.83
C ARG M 187 -35.10 -3.44 -4.09
N ASP M 188 -35.28 -2.26 -4.66
CA ASP M 188 -34.15 -1.34 -4.90
C ASP M 188 -34.15 -0.24 -3.85
N ALA M 189 -33.11 -0.21 -3.02
CA ALA M 189 -33.01 0.72 -1.89
C ALA M 189 -32.77 2.17 -2.32
N ARG M 190 -32.62 2.41 -3.62
CA ARG M 190 -32.45 3.76 -4.16
C ARG M 190 -33.51 4.08 -5.21
N SER M 191 -34.77 3.71 -4.96
CA SER M 191 -35.85 3.94 -5.92
C SER M 191 -37.04 4.68 -5.32
N SER M 192 -37.75 5.42 -6.18
CA SER M 192 -38.90 6.21 -5.77
C SER M 192 -40.19 5.52 -6.19
N ARG M 193 -41.29 5.89 -5.54
CA ARG M 193 -42.61 5.38 -5.88
C ARG M 193 -43.15 6.10 -7.11
N ASN M 194 -42.73 7.35 -7.28
CA ASN M 194 -43.18 8.20 -8.39
C ASN M 194 -42.26 8.09 -9.59
N PHE M 195 -42.85 7.81 -10.75
CA PHE M 195 -42.08 7.59 -11.98
C PHE M 195 -42.74 8.21 -13.22
N SER M 196 -41.98 8.27 -14.30
CA SER M 196 -42.49 8.76 -15.58
C SER M 196 -42.39 7.67 -16.65
N LEU M 197 -43.37 7.67 -17.55
CA LEU M 197 -43.46 6.66 -18.58
C LEU M 197 -43.76 7.33 -19.92
N ALA M 198 -43.11 6.84 -20.97
CA ALA M 198 -43.34 7.37 -22.31
C ALA M 198 -43.52 6.25 -23.31
N ILE M 199 -44.48 6.45 -24.22
CA ILE M 199 -44.80 5.47 -25.25
C ILE M 199 -44.65 6.13 -26.63
N ILE M 200 -43.60 5.75 -27.35
CA ILE M 200 -43.49 6.17 -28.75
C ILE M 200 -44.02 5.05 -29.64
N ASP M 201 -45.27 5.20 -30.03
CA ASP M 201 -45.95 4.35 -30.98
C ASP M 201 -45.70 4.92 -32.38
N LYS M 202 -45.99 4.13 -33.41
CA LYS M 202 -45.86 4.57 -34.80
C LYS M 202 -47.20 5.04 -35.41
N ASN M 203 -48.21 5.25 -34.57
CA ASN M 203 -49.51 5.73 -35.06
C ASN M 203 -50.03 6.91 -34.26
N THR M 204 -50.10 6.75 -32.94
CA THR M 204 -50.48 7.83 -32.04
C THR M 204 -49.33 8.83 -31.86
N GLY M 205 -48.10 8.37 -32.07
CA GLY M 205 -46.92 9.22 -31.89
C GLY M 205 -46.39 9.12 -30.48
N LEU M 206 -45.94 10.25 -29.93
CA LEU M 206 -45.33 10.29 -28.60
C LEU M 206 -46.35 10.56 -27.50
N THR M 207 -46.44 9.64 -26.54
CA THR M 207 -47.32 9.80 -25.37
C THR M 207 -46.49 9.83 -24.08
N PHE M 208 -46.27 11.03 -23.54
CA PHE M 208 -45.49 11.21 -22.33
C PHE M 208 -46.41 11.27 -21.11
N LYS M 209 -46.07 10.52 -20.07
CA LYS M 209 -46.89 10.44 -18.86
C LYS M 209 -46.09 10.81 -17.61
N LYS M 210 -46.52 11.86 -16.93
CA LYS M 210 -45.84 12.33 -15.73
C LYS M 210 -46.61 11.99 -14.45
N ASN M 211 -45.91 12.03 -13.33
CA ASN M 211 -46.49 11.84 -11.99
C ASN M 211 -47.21 10.52 -11.74
N LEU M 212 -46.78 9.47 -12.43
CA LEU M 212 -47.34 8.14 -12.21
C LEU M 212 -46.85 7.59 -10.86
N GLN M 213 -47.64 6.71 -10.27
CA GLN M 213 -47.30 6.11 -8.99
C GLN M 213 -47.47 4.59 -8.96
N VAL M 214 -46.71 3.95 -8.07
CA VAL M 214 -46.87 2.51 -7.83
C VAL M 214 -48.17 2.28 -7.06
N GLU M 215 -49.00 1.40 -7.59
CA GLU M 215 -50.31 1.09 -7.00
C GLU M 215 -50.49 -0.42 -6.84
N ASN M 216 -51.52 -0.82 -6.11
CA ASN M 216 -51.86 -2.22 -5.88
C ASN M 216 -50.71 -3.06 -5.30
N MET M 217 -50.12 -2.55 -4.22
CA MET M 217 -48.98 -3.21 -3.57
C MET M 217 -49.45 -4.24 -2.55
N LYS M 218 -48.66 -5.31 -2.41
CA LYS M 218 -48.94 -6.36 -1.44
C LYS M 218 -48.04 -6.22 -0.20
N TRP M 219 -48.67 -5.84 0.90
CA TRP M 219 -47.98 -5.67 2.19
C TRP M 219 -48.74 -6.37 3.31
N ASP M 220 -49.96 -6.84 3.02
CA ASP M 220 -50.83 -7.49 4.00
C ASP M 220 -50.13 -8.58 4.82
N PHE M 221 -49.33 -9.41 4.15
CA PHE M 221 -48.66 -10.56 4.78
C PHE M 221 -47.60 -10.19 5.84
N ALA M 222 -47.22 -8.91 5.88
CA ALA M 222 -46.21 -8.42 6.82
C ALA M 222 -46.61 -8.58 8.28
N LYS M 223 -47.91 -8.48 8.55
CA LYS M 223 -48.44 -8.57 9.92
C LYS M 223 -48.35 -9.97 10.52
N ASP M 224 -48.20 -10.98 9.66
CA ASP M 224 -48.12 -12.37 10.10
C ASP M 224 -46.68 -12.80 10.37
N ILE M 225 -45.73 -11.91 10.11
CA ILE M 225 -44.32 -12.20 10.28
C ILE M 225 -43.75 -11.53 11.53
N LYS M 226 -43.49 -12.34 12.55
CA LYS M 226 -42.93 -11.85 13.82
C LYS M 226 -41.69 -12.64 14.21
N GLY M 227 -40.64 -11.91 14.59
CA GLY M 227 -39.36 -12.51 14.96
C GLY M 227 -38.50 -12.86 13.76
N TYR M 228 -37.45 -13.64 14.00
CA TYR M 228 -36.56 -14.11 12.94
C TYR M 228 -36.28 -15.61 13.03
N GLY M 229 -37.04 -16.31 13.88
CA GLY M 229 -36.87 -17.75 14.04
C GLY M 229 -37.81 -18.42 15.04
N THR M 230 -37.53 -18.26 16.32
CA THR M 230 -38.22 -19.01 17.36
C THR M 230 -39.25 -18.19 18.16
N GLN M 231 -39.23 -16.87 17.96
CA GLN M 231 -40.13 -15.94 18.67
C GLN M 231 -41.57 -16.05 18.17
N LYS M 232 -42.49 -16.25 19.10
CA LYS M 232 -43.90 -16.52 18.78
C LYS M 232 -44.79 -15.27 18.77
N ILE M 233 -44.71 -14.45 19.81
CA ILE M 233 -45.51 -13.23 19.91
C ILE M 233 -44.87 -12.03 19.22
N THR N 1 -20.67 23.83 8.44
CA THR N 1 -21.78 24.67 7.97
C THR N 1 -23.17 24.12 8.15
N SER N 2 -24.14 24.98 8.45
CA SER N 2 -25.54 24.73 8.15
C SER N 2 -26.11 25.92 7.40
N ILE N 3 -26.76 25.70 6.25
CA ILE N 3 -27.31 26.79 5.46
C ILE N 3 -28.64 26.49 4.79
N MET N 4 -29.47 27.50 4.55
CA MET N 4 -30.70 27.31 3.81
C MET N 4 -31.19 28.57 3.14
N ALA N 5 -31.99 28.42 2.10
CA ALA N 5 -32.72 29.53 1.54
C ALA N 5 -34.17 29.18 1.24
N VAL N 6 -35.10 30.06 1.57
CA VAL N 6 -36.54 29.77 1.45
C VAL N 6 -37.28 30.88 0.69
N THR N 7 -38.06 30.48 -0.32
CA THR N 7 -38.96 31.41 -1.03
C THR N 7 -40.22 31.64 -0.21
N PHE N 8 -40.81 32.82 -0.37
CA PHE N 8 -42.10 33.12 0.27
C PHE N 8 -42.92 34.13 -0.51
N LYS N 9 -44.13 34.40 -0.03
CA LYS N 9 -45.08 35.28 -0.72
C LYS N 9 -44.44 36.53 -1.33
N ASP N 10 -43.66 37.26 -0.53
CA ASP N 10 -43.11 38.55 -0.94
C ASP N 10 -41.74 38.45 -1.63
N GLY N 11 -41.00 37.39 -1.37
CA GLY N 11 -39.67 37.22 -1.98
C GLY N 11 -38.94 35.95 -1.59
N VAL N 12 -37.75 36.11 -1.02
CA VAL N 12 -36.90 34.99 -0.61
C VAL N 12 -36.03 35.36 0.60
N ILE N 13 -35.70 34.38 1.44
CA ILE N 13 -34.79 34.59 2.56
C ILE N 13 -33.69 33.54 2.61
N LEU N 14 -32.46 34.01 2.83
CA LEU N 14 -31.31 33.13 3.01
C LEU N 14 -30.92 33.09 4.47
N GLY N 15 -30.47 31.94 4.94
CA GLY N 15 -30.00 31.76 6.31
C GLY N 15 -28.75 30.91 6.40
N ALA N 16 -27.92 31.20 7.40
CA ALA N 16 -26.68 30.46 7.62
C ALA N 16 -26.22 30.54 9.08
N ASP N 17 -25.38 29.61 9.50
CA ASP N 17 -24.66 29.74 10.76
C ASP N 17 -23.41 30.60 10.50
N SER N 18 -22.51 30.68 11.47
CA SER N 18 -21.33 31.56 11.32
C SER N 18 -20.02 30.89 11.72
N ARG N 19 -20.00 29.56 11.69
CA ARG N 19 -18.85 28.78 12.12
C ARG N 19 -18.01 28.29 10.94
N THR N 20 -16.71 28.55 11.00
CA THR N 20 -15.76 27.85 10.13
C THR N 20 -14.79 27.07 11.01
N THR N 21 -14.48 25.85 10.58
CA THR N 21 -13.63 24.96 11.36
C THR N 21 -12.44 24.40 10.58
N THR N 22 -11.38 24.08 11.32
CA THR N 22 -10.32 23.21 10.84
C THR N 22 -10.30 22.00 11.76
N GLY N 23 -11.13 21.01 11.43
CA GLY N 23 -11.25 19.81 12.24
C GLY N 23 -12.20 20.04 13.40
N ALA N 24 -11.64 20.25 14.59
CA ALA N 24 -12.44 20.45 15.78
C ALA N 24 -12.20 21.83 16.39
N TYR N 25 -11.28 22.57 15.79
CA TYR N 25 -11.00 23.95 16.20
C TYR N 25 -11.80 24.93 15.37
N ILE N 26 -12.51 25.82 16.03
CA ILE N 26 -13.30 26.85 15.34
C ILE N 26 -12.38 27.99 14.90
N ALA N 27 -12.19 28.09 13.59
CA ALA N 27 -11.30 29.10 13.00
C ALA N 27 -11.94 30.48 13.05
N ASN N 28 -13.25 30.53 12.86
CA ASN N 28 -14.01 31.77 12.90
C ASN N 28 -15.44 31.49 13.35
N ARG N 29 -15.90 32.20 14.39
CA ARG N 29 -17.24 31.99 14.94
C ARG N 29 -18.26 33.03 14.48
N VAL N 30 -17.80 34.01 13.70
CA VAL N 30 -18.67 35.10 13.24
C VAL N 30 -18.63 35.27 11.71
N THR N 31 -18.46 34.15 11.00
CA THR N 31 -18.36 34.15 9.54
C THR N 31 -19.66 34.57 8.86
N ASP N 32 -19.52 35.29 7.75
CA ASP N 32 -20.64 35.60 6.89
C ASP N 32 -20.61 34.67 5.68
N LYS N 33 -21.45 33.65 5.73
CA LYS N 33 -21.55 32.66 4.65
C LYS N 33 -22.56 33.10 3.60
N LEU N 34 -23.19 34.24 3.83
CA LEU N 34 -24.14 34.83 2.90
C LEU N 34 -23.40 35.88 2.06
N THR N 35 -23.34 35.64 0.75
CA THR N 35 -22.50 36.44 -0.12
C THR N 35 -23.25 37.00 -1.33
N ARG N 36 -23.07 38.29 -1.55
CA ARG N 36 -23.67 39.01 -2.67
C ARG N 36 -22.91 38.75 -3.96
N VAL N 37 -23.62 38.31 -4.99
CA VAL N 37 -23.03 38.21 -6.32
C VAL N 37 -23.60 39.29 -7.22
N HIS N 38 -24.77 39.81 -6.84
CA HIS N 38 -25.41 40.95 -7.49
C HIS N 38 -26.33 41.63 -6.48
N ASP N 39 -26.75 42.85 -6.80
CA ASP N 39 -27.65 43.65 -5.96
C ASP N 39 -28.68 42.82 -5.20
N LYS N 40 -29.49 42.08 -5.96
CA LYS N 40 -30.54 41.24 -5.39
C LYS N 40 -30.39 39.76 -5.78
N ILE N 41 -29.16 39.30 -5.96
CA ILE N 41 -28.86 37.87 -6.06
C ILE N 41 -27.73 37.54 -5.10
N TRP N 42 -28.01 36.61 -4.20
CA TRP N 42 -27.06 36.20 -3.17
C TRP N 42 -26.86 34.69 -3.22
N CYS N 43 -25.94 34.18 -2.42
CA CYS N 43 -25.69 32.74 -2.36
C CYS N 43 -25.36 32.27 -0.95
N CYS N 44 -25.55 30.98 -0.72
CA CYS N 44 -25.15 30.33 0.53
C CYS N 44 -23.98 29.42 0.26
N ARG N 45 -22.93 29.59 1.05
CA ARG N 45 -21.67 28.86 0.84
C ARG N 45 -21.46 27.75 1.86
N SER N 46 -21.11 26.57 1.36
CA SER N 46 -20.76 25.41 2.18
C SER N 46 -19.73 24.57 1.44
N GLY N 47 -18.87 23.90 2.20
CA GLY N 47 -17.74 23.18 1.63
C GLY N 47 -16.44 23.87 2.00
N SER N 48 -15.53 23.97 1.04
CA SER N 48 -14.25 24.65 1.25
C SER N 48 -14.43 26.17 1.31
N ALA N 49 -13.82 26.80 2.32
CA ALA N 49 -13.84 28.25 2.44
C ALA N 49 -13.14 28.86 1.24
N ALA N 50 -11.93 28.40 0.95
CA ALA N 50 -11.14 28.87 -0.18
C ALA N 50 -11.86 28.70 -1.52
N ASP N 51 -12.43 27.51 -1.74
CA ASP N 51 -13.11 27.21 -3.00
C ASP N 51 -14.35 28.06 -3.23
N THR N 52 -15.22 28.14 -2.22
CA THR N 52 -16.47 28.90 -2.34
C THR N 52 -16.26 30.40 -2.48
N GLN N 53 -15.23 30.93 -1.83
CA GLN N 53 -14.86 32.34 -1.97
C GLN N 53 -14.41 32.59 -3.40
N ALA N 54 -13.48 31.77 -3.89
CA ALA N 54 -12.91 31.93 -5.22
C ALA N 54 -13.97 31.81 -6.32
N ILE N 55 -14.93 30.90 -6.13
CA ILE N 55 -16.04 30.73 -7.07
C ILE N 55 -16.93 31.97 -7.06
N ALA N 56 -17.33 32.40 -5.87
CA ALA N 56 -18.22 33.56 -5.71
C ALA N 56 -17.63 34.84 -6.28
N ASP N 57 -16.34 35.07 -6.07
CA ASP N 57 -15.65 36.23 -6.61
C ASP N 57 -15.74 36.29 -8.15
N ILE N 58 -15.64 35.12 -8.78
CA ILE N 58 -15.72 35.01 -10.24
C ILE N 58 -17.14 35.26 -10.74
N VAL N 59 -18.13 34.72 -10.02
CA VAL N 59 -19.54 34.91 -10.39
C VAL N 59 -19.92 36.40 -10.31
N GLN N 60 -19.51 37.05 -9.23
CA GLN N 60 -19.74 38.47 -9.04
C GLN N 60 -19.15 39.24 -10.22
N TYR N 61 -17.95 38.84 -10.64
CA TYR N 61 -17.29 39.42 -11.81
C TYR N 61 -18.12 39.22 -13.09
N HIS N 62 -18.59 38.00 -13.32
CA HIS N 62 -19.35 37.68 -14.53
C HIS N 62 -20.66 38.41 -14.61
N LEU N 63 -21.31 38.57 -13.47
CA LEU N 63 -22.61 39.25 -13.40
C LEU N 63 -22.43 40.75 -13.52
N GLU N 64 -21.31 41.27 -13.01
CA GLU N 64 -20.94 42.67 -13.20
C GLU N 64 -20.72 42.99 -14.67
N LEU N 65 -20.06 42.08 -15.38
CA LEU N 65 -19.84 42.23 -16.82
C LEU N 65 -21.15 42.05 -17.59
N TYR N 66 -22.00 41.14 -17.12
CA TYR N 66 -23.32 40.96 -17.70
C TYR N 66 -24.15 42.23 -17.58
N THR N 67 -24.04 42.91 -16.43
CA THR N 67 -24.83 44.11 -16.15
C THR N 67 -24.42 45.30 -17.02
N SER N 68 -23.12 45.46 -17.26
CA SER N 68 -22.60 46.50 -18.16
C SER N 68 -23.21 46.39 -19.54
N GLN N 69 -23.46 45.16 -19.99
CA GLN N 69 -23.84 44.91 -21.36
C GLN N 69 -25.34 44.65 -21.54
N TYR N 70 -25.90 43.76 -20.72
CA TYR N 70 -27.23 43.23 -20.98
C TYR N 70 -28.27 43.61 -19.92
N GLY N 71 -27.81 44.32 -18.89
CA GLY N 71 -28.68 44.77 -17.81
C GLY N 71 -28.69 43.84 -16.62
N THR N 72 -29.82 43.78 -15.93
CA THR N 72 -29.97 42.94 -14.74
C THR N 72 -30.14 41.47 -15.13
N PRO N 73 -29.25 40.59 -14.62
CA PRO N 73 -29.38 39.16 -14.90
C PRO N 73 -30.50 38.51 -14.09
N SER N 74 -31.12 37.48 -14.66
CA SER N 74 -32.09 36.68 -13.92
C SER N 74 -31.36 35.82 -12.88
N THR N 75 -32.10 35.26 -11.93
CA THR N 75 -31.51 34.38 -10.93
C THR N 75 -31.03 33.09 -11.62
N GLU N 76 -31.81 32.61 -12.58
CA GLU N 76 -31.46 31.44 -13.39
C GLU N 76 -30.07 31.57 -14.04
N THR N 77 -29.80 32.75 -14.59
CA THR N 77 -28.50 33.06 -15.17
C THR N 77 -27.39 32.93 -14.13
N ALA N 78 -27.60 33.51 -12.94
CA ALA N 78 -26.63 33.43 -11.86
C ALA N 78 -26.35 31.97 -11.47
N ALA N 79 -27.39 31.15 -11.48
CA ALA N 79 -27.24 29.72 -11.25
C ALA N 79 -26.37 29.08 -12.33
N SER N 80 -26.64 29.42 -13.59
CA SER N 80 -25.90 28.86 -14.73
C SER N 80 -24.40 29.11 -14.66
N VAL N 81 -24.03 30.31 -14.21
CA VAL N 81 -22.61 30.67 -14.07
C VAL N 81 -21.96 29.79 -13.01
N PHE N 82 -22.57 29.73 -11.82
CA PHE N 82 -22.14 28.82 -10.75
C PHE N 82 -22.05 27.38 -11.22
N LYS N 83 -23.13 26.89 -11.84
CA LYS N 83 -23.21 25.54 -12.40
C LYS N 83 -21.99 25.25 -13.27
N GLU N 84 -21.66 26.18 -14.16
CA GLU N 84 -20.58 26.01 -15.11
C GLU N 84 -19.22 25.87 -14.42
N LEU N 85 -18.99 26.69 -13.40
CA LEU N 85 -17.74 26.65 -12.66
C LEU N 85 -17.60 25.38 -11.84
N CYS N 86 -18.71 24.96 -11.25
CA CYS N 86 -18.73 23.79 -10.36
C CYS N 86 -18.68 22.49 -11.14
N TYR N 87 -19.46 22.42 -12.21
CA TYR N 87 -19.53 21.22 -13.02
C TYR N 87 -18.23 20.99 -13.77
N GLU N 88 -17.72 22.04 -14.42
CA GLU N 88 -16.58 21.90 -15.29
C GLU N 88 -15.29 21.68 -14.51
N ASN N 89 -15.30 22.06 -13.23
CA ASN N 89 -14.13 21.88 -12.36
C ASN N 89 -14.46 20.98 -11.17
N LYS N 90 -15.37 20.03 -11.38
CA LYS N 90 -15.85 19.14 -10.33
C LYS N 90 -14.74 18.37 -9.61
N ASP N 91 -13.70 18.00 -10.36
CA ASP N 91 -12.57 17.27 -9.82
C ASP N 91 -11.74 18.07 -8.81
N ASN N 92 -11.74 19.39 -8.93
CA ASN N 92 -10.86 20.23 -8.11
C ASN N 92 -11.54 21.09 -7.05
N LEU N 93 -12.85 20.93 -6.91
CA LEU N 93 -13.63 21.74 -5.97
C LEU N 93 -14.45 20.91 -5.02
N THR N 94 -14.46 21.34 -3.75
CA THR N 94 -15.41 20.84 -2.77
C THR N 94 -16.27 22.05 -2.38
N ALA N 95 -17.37 22.23 -3.10
CA ALA N 95 -18.25 23.38 -2.91
C ALA N 95 -19.71 23.03 -3.18
N GLY N 96 -20.56 23.29 -2.18
CA GLY N 96 -21.99 23.11 -2.32
C GLY N 96 -22.65 24.46 -2.10
N ILE N 97 -23.36 24.94 -3.11
CA ILE N 97 -23.85 26.32 -3.12
C ILE N 97 -25.35 26.42 -3.35
N ILE N 98 -26.01 27.24 -2.53
CA ILE N 98 -27.42 27.58 -2.73
C ILE N 98 -27.51 29.01 -3.27
N VAL N 99 -28.06 29.16 -4.47
CA VAL N 99 -28.24 30.48 -5.09
C VAL N 99 -29.67 30.96 -4.86
N ALA N 100 -29.79 32.18 -4.34
CA ALA N 100 -31.09 32.80 -4.10
C ALA N 100 -31.13 34.23 -4.60
N GLY N 101 -32.23 34.61 -5.22
CA GLY N 101 -32.38 35.97 -5.75
C GLY N 101 -33.82 36.40 -5.96
N TYR N 102 -34.05 37.70 -5.86
CA TYR N 102 -35.38 38.28 -6.10
C TYR N 102 -35.42 39.05 -7.41
N ASP N 103 -36.32 38.62 -8.29
CA ASP N 103 -36.62 39.32 -9.52
C ASP N 103 -37.99 39.92 -9.33
N ASP N 104 -38.25 41.07 -9.98
CA ASP N 104 -39.54 41.74 -9.82
C ASP N 104 -40.64 41.08 -10.69
N LYS N 105 -40.21 40.30 -11.67
CA LYS N 105 -41.11 39.51 -12.51
C LYS N 105 -41.30 38.11 -11.91
N ASN N 106 -40.19 37.47 -11.56
CA ASN N 106 -40.18 36.07 -11.11
C ASN N 106 -40.43 35.88 -9.61
N LYS N 107 -40.58 36.99 -8.89
CA LYS N 107 -40.68 37.00 -7.42
C LYS N 107 -39.46 36.33 -6.77
N GLY N 108 -39.68 35.30 -5.96
CA GLY N 108 -38.58 34.60 -5.28
C GLY N 108 -38.19 33.30 -5.96
N GLU N 109 -36.88 33.05 -6.05
CA GLU N 109 -36.35 31.85 -6.70
C GLU N 109 -35.11 31.30 -5.98
N VAL N 110 -35.08 29.97 -5.79
CA VAL N 110 -33.96 29.29 -5.15
C VAL N 110 -33.43 28.15 -6.01
N TYR N 111 -32.12 28.15 -6.23
CA TYR N 111 -31.43 27.10 -6.97
C TYR N 111 -30.35 26.48 -6.09
N THR N 112 -30.31 25.15 -6.05
CA THR N 112 -29.29 24.44 -5.27
C THR N 112 -28.29 23.74 -6.18
N ILE N 113 -27.01 23.82 -5.79
CA ILE N 113 -25.90 23.29 -6.59
C ILE N 113 -24.97 22.47 -5.70
N PRO N 114 -25.21 21.15 -5.62
CA PRO N 114 -24.41 20.28 -4.77
C PRO N 114 -23.07 19.89 -5.40
N LEU N 115 -22.38 18.93 -4.78
CA LEU N 115 -21.02 18.56 -5.19
C LEU N 115 -20.87 18.21 -6.67
N GLY N 116 -21.86 17.53 -7.23
CA GLY N 116 -21.79 17.11 -8.63
C GLY N 116 -21.60 18.24 -9.64
N GLY N 117 -22.23 19.37 -9.37
CA GLY N 117 -22.33 20.47 -10.33
C GLY N 117 -23.72 20.50 -10.97
N SER N 118 -24.63 19.68 -10.48
CA SER N 118 -26.01 19.69 -10.96
C SER N 118 -26.78 20.89 -10.40
N VAL N 119 -27.84 21.30 -11.09
CA VAL N 119 -28.68 22.39 -10.61
C VAL N 119 -30.11 21.92 -10.38
N HIS N 120 -30.67 22.35 -9.27
CA HIS N 120 -32.03 21.99 -8.92
C HIS N 120 -32.77 23.22 -8.42
N LYS N 121 -33.92 23.48 -9.04
CA LYS N 121 -34.77 24.60 -8.68
C LYS N 121 -35.83 24.11 -7.71
N LEU N 122 -35.88 24.73 -6.53
CA LEU N 122 -36.75 24.27 -5.45
C LEU N 122 -37.48 25.43 -4.78
N PRO N 123 -38.57 25.15 -4.03
CA PRO N 123 -39.26 26.17 -3.25
C PRO N 123 -38.42 26.59 -2.04
N TYR N 124 -37.64 25.65 -1.50
CA TYR N 124 -36.65 25.91 -0.47
C TYR N 124 -35.56 24.86 -0.56
N ALA N 125 -34.36 25.20 -0.08
CA ALA N 125 -33.25 24.27 -0.11
C ALA N 125 -32.42 24.38 1.16
N ILE N 126 -32.00 23.22 1.65
CA ILE N 126 -31.08 23.15 2.79
C ILE N 126 -29.81 22.47 2.34
N ALA N 127 -28.68 22.85 2.95
CA ALA N 127 -27.38 22.24 2.67
C ALA N 127 -26.39 22.48 3.81
N GLY N 128 -25.19 21.92 3.67
CA GLY N 128 -24.19 21.96 4.74
C GLY N 128 -24.28 20.73 5.61
N SER N 129 -23.19 20.40 6.30
CA SER N 129 -23.13 19.23 7.17
C SER N 129 -24.32 19.15 8.13
N GLY N 130 -24.72 20.30 8.68
CA GLY N 130 -25.79 20.34 9.67
C GLY N 130 -27.20 20.15 9.13
N SER N 131 -27.34 20.17 7.81
CA SER N 131 -28.67 20.07 7.19
C SER N 131 -29.31 18.70 7.35
N THR N 132 -28.48 17.66 7.45
CA THR N 132 -28.99 16.29 7.53
C THR N 132 -30.01 16.13 8.66
N PHE N 133 -29.73 16.74 9.81
CA PHE N 133 -30.57 16.61 11.01
C PHE N 133 -31.92 17.32 10.90
N ILE N 134 -32.03 18.25 9.97
CA ILE N 134 -33.24 19.04 9.86
C ILE N 134 -34.08 18.73 8.61
N TYR N 135 -33.79 17.60 7.96
CA TYR N 135 -34.59 17.17 6.82
C TYR N 135 -36.03 16.86 7.22
N GLY N 136 -36.19 16.15 8.33
CA GLY N 136 -37.50 15.82 8.86
C GLY N 136 -38.31 17.03 9.26
N TYR N 137 -37.67 17.93 10.01
CA TYR N 137 -38.32 19.13 10.51
C TYR N 137 -38.84 19.99 9.37
N CYS N 138 -37.95 20.32 8.42
CA CYS N 138 -38.28 21.20 7.31
C CYS N 138 -39.39 20.67 6.41
N ASP N 139 -39.35 19.38 6.11
CA ASP N 139 -40.36 18.76 5.25
C ASP N 139 -41.76 18.83 5.86
N LYS N 140 -41.83 18.70 7.19
CA LYS N 140 -43.10 18.66 7.89
C LYS N 140 -43.62 20.04 8.27
N ASN N 141 -42.77 21.05 8.16
CA ASN N 141 -43.13 22.42 8.55
C ASN N 141 -43.36 23.38 7.38
N PHE N 142 -42.46 23.36 6.39
CA PHE N 142 -42.53 24.26 5.24
C PHE N 142 -43.89 24.27 4.51
N ARG N 143 -44.41 25.47 4.28
CA ARG N 143 -45.58 25.70 3.42
C ARG N 143 -45.25 26.78 2.40
N GLU N 144 -45.96 26.76 1.27
CA GLU N 144 -45.74 27.75 0.23
C GLU N 144 -46.50 29.05 0.53
N ASN N 145 -45.88 30.17 0.17
CA ASN N 145 -46.46 31.51 0.37
C ASN N 145 -46.65 31.89 1.83
N MET N 146 -45.64 31.66 2.65
CA MET N 146 -45.63 32.12 4.03
C MET N 146 -45.37 33.62 4.05
N SER N 147 -45.63 34.25 5.19
CA SER N 147 -45.28 35.65 5.39
C SER N 147 -43.80 35.77 5.75
N LYS N 148 -43.30 37.01 5.80
CA LYS N 148 -41.93 37.30 6.21
C LYS N 148 -41.67 36.87 7.65
N GLU N 149 -42.57 37.25 8.56
CA GLU N 149 -42.48 36.85 9.97
C GLU N 149 -42.39 35.33 10.07
N GLU N 150 -43.31 34.65 9.39
CA GLU N 150 -43.40 33.19 9.39
C GLU N 150 -42.15 32.50 8.87
N THR N 151 -41.58 33.03 7.79
CA THR N 151 -40.38 32.46 7.16
C THR N 151 -39.14 32.67 8.01
N VAL N 152 -39.00 33.86 8.61
CA VAL N 152 -37.89 34.11 9.54
C VAL N 152 -37.94 33.15 10.72
N ASP N 153 -39.13 32.87 11.23
CA ASP N 153 -39.32 31.87 12.28
C ASP N 153 -38.91 30.47 11.82
N PHE N 154 -39.40 30.07 10.65
CA PHE N 154 -39.08 28.76 10.06
C PHE N 154 -37.57 28.53 9.91
N ILE N 155 -36.86 29.54 9.41
CA ILE N 155 -35.40 29.47 9.27
C ILE N 155 -34.71 29.48 10.64
N LYS N 156 -35.23 30.30 11.56
CA LYS N 156 -34.66 30.42 12.90
C LYS N 156 -34.74 29.11 13.67
N HIS N 157 -35.89 28.44 13.58
CA HIS N 157 -36.12 27.17 14.25
C HIS N 157 -35.30 26.03 13.65
N SER N 158 -35.19 26.03 12.32
CA SER N 158 -34.47 24.97 11.62
C SER N 158 -32.96 25.02 11.87
N LEU N 159 -32.36 26.19 11.67
CA LEU N 159 -30.93 26.35 11.86
C LEU N 159 -30.48 26.17 13.32
N SER N 160 -31.40 26.40 14.25
CA SER N 160 -31.13 26.21 15.68
C SER N 160 -31.01 24.73 16.03
N GLN N 161 -31.84 23.91 15.38
CA GLN N 161 -31.74 22.46 15.50
C GLN N 161 -30.44 21.94 14.89
N ALA N 162 -30.12 22.42 13.68
CA ALA N 162 -28.88 22.08 12.99
C ALA N 162 -27.67 22.40 13.86
N ILE N 163 -27.62 23.63 14.36
CA ILE N 163 -26.56 24.06 15.28
C ILE N 163 -26.54 23.21 16.56
N LYS N 164 -27.72 22.85 17.05
CA LYS N 164 -27.86 22.05 18.28
C LYS N 164 -27.20 20.69 18.14
N TRP N 165 -27.41 20.05 16.99
CA TRP N 165 -26.96 18.67 16.78
C TRP N 165 -25.59 18.54 16.12
N ASP N 166 -25.34 19.38 15.10
CA ASP N 166 -24.09 19.33 14.34
C ASP N 166 -22.98 20.15 15.02
N GLY N 167 -21.86 19.49 15.29
CA GLY N 167 -20.72 20.16 15.90
C GLY N 167 -20.02 21.12 14.95
N SER N 168 -20.29 20.97 13.66
CA SER N 168 -19.64 21.78 12.63
C SER N 168 -20.44 23.06 12.33
N SER N 169 -21.47 23.31 13.12
CA SER N 169 -22.32 24.48 12.93
C SER N 169 -22.50 25.20 14.26
N GLY N 170 -22.61 26.53 14.21
CA GLY N 170 -22.76 27.32 15.42
C GLY N 170 -22.56 28.81 15.22
N GLY N 171 -22.31 29.50 16.33
CA GLY N 171 -22.13 30.95 16.33
C GLY N 171 -23.46 31.67 16.34
N VAL N 172 -23.59 32.68 15.48
CA VAL N 172 -24.86 33.39 15.29
C VAL N 172 -25.60 32.85 14.07
N ILE N 173 -26.90 33.15 13.98
CA ILE N 173 -27.65 32.84 12.78
C ILE N 173 -27.78 34.12 11.97
N ARG N 174 -27.22 34.11 10.76
CA ARG N 174 -27.33 35.24 9.86
C ARG N 174 -28.41 34.97 8.84
N MET N 175 -29.20 35.99 8.56
CA MET N 175 -30.19 35.94 7.48
C MET N 175 -30.04 37.13 6.55
N VAL N 176 -30.60 36.97 5.34
CA VAL N 176 -30.64 38.04 4.35
C VAL N 176 -32.00 37.95 3.64
N VAL N 177 -32.76 39.05 3.70
CA VAL N 177 -34.11 39.11 3.14
C VAL N 177 -34.12 39.85 1.80
N LEU N 178 -34.70 39.20 0.79
CA LEU N 178 -34.70 39.71 -0.58
C LEU N 178 -36.11 39.89 -1.10
N THR N 179 -36.56 41.15 -1.16
CA THR N 179 -37.88 41.51 -1.69
C THR N 179 -37.80 42.80 -2.51
N ALA N 180 -38.95 43.23 -3.03
CA ALA N 180 -39.04 44.47 -3.81
C ALA N 180 -38.62 45.67 -2.98
N ALA N 181 -38.84 45.59 -1.67
CA ALA N 181 -38.48 46.65 -0.73
C ALA N 181 -36.97 46.89 -0.64
N GLY N 182 -36.20 45.87 -0.98
CA GLY N 182 -34.74 45.97 -0.94
C GLY N 182 -34.08 44.80 -0.26
N VAL N 183 -32.98 45.08 0.45
CA VAL N 183 -32.18 44.05 1.10
C VAL N 183 -32.15 44.30 2.60
N GLU N 184 -32.44 43.27 3.38
CA GLU N 184 -32.44 43.36 4.84
C GLU N 184 -31.50 42.33 5.46
N ARG N 185 -30.68 42.78 6.40
CA ARG N 185 -29.73 41.93 7.14
C ARG N 185 -30.26 41.63 8.54
N LEU N 186 -30.32 40.35 8.89
CA LEU N 186 -30.80 39.94 10.21
C LEU N 186 -29.78 39.07 10.92
N ILE N 187 -29.65 39.29 12.23
CA ILE N 187 -28.74 38.52 13.07
C ILE N 187 -29.44 38.05 14.35
N PHE N 188 -29.23 36.80 14.72
CA PHE N 188 -29.82 36.24 15.93
C PHE N 188 -28.76 35.52 16.77
N TYR N 189 -28.66 35.92 18.03
CA TYR N 189 -27.59 35.47 18.92
C TYR N 189 -27.97 34.19 19.69
N PRO N 190 -26.96 33.39 20.09
CA PRO N 190 -27.20 32.13 20.81
C PRO N 190 -28.27 32.21 21.89
N ASP N 191 -28.19 33.20 22.76
CA ASP N 191 -29.13 33.34 23.88
C ASP N 191 -30.59 33.39 23.45
N GLU N 192 -30.82 33.69 22.17
CA GLU N 192 -32.18 33.77 21.63
C GLU N 192 -32.64 32.46 21.01
N TYR N 193 -31.81 31.89 20.13
CA TYR N 193 -32.23 30.71 19.35
C TYR N 193 -32.05 29.36 20.07
N GLU N 194 -31.14 29.31 21.04
CA GLU N 194 -30.93 28.08 21.83
C GLU N 194 -32.14 27.77 22.71
N GLN N 195 -32.85 28.83 23.10
CA GLN N 195 -34.00 28.74 24.00
C GLN N 195 -35.25 28.22 23.29
N LEU N 196 -35.27 28.30 21.96
CA LEU N 196 -36.40 27.86 21.14
C LEU N 196 -36.68 26.37 21.32
N THR O 1 -12.42 -31.97 41.97
CA THR O 1 -11.02 -32.28 41.71
C THR O 1 -10.72 -33.77 41.78
N ASP O 2 -10.67 -34.44 40.62
CA ASP O 2 -10.58 -35.89 40.64
C ASP O 2 -9.17 -36.42 40.71
N ARG O 3 -8.88 -37.06 41.83
CA ARG O 3 -7.58 -37.59 42.12
C ARG O 3 -7.55 -39.08 41.89
N TYR O 4 -8.63 -39.62 41.36
CA TYR O 4 -8.71 -41.04 41.10
C TYR O 4 -8.16 -41.39 39.73
N SER O 5 -6.85 -41.48 39.61
CA SER O 5 -6.24 -41.67 38.32
C SER O 5 -5.71 -43.05 38.16
N PHE O 6 -5.88 -43.84 39.19
CA PHE O 6 -5.51 -45.25 39.22
C PHE O 6 -6.69 -46.17 38.89
N SER O 7 -6.40 -47.42 38.54
CA SER O 7 -7.44 -48.38 38.21
C SER O 7 -8.19 -48.85 39.44
N LEU O 8 -9.49 -49.10 39.26
CA LEU O 8 -10.32 -49.68 40.30
C LEU O 8 -10.58 -51.14 40.01
N THR O 9 -10.25 -51.57 38.79
CA THR O 9 -10.28 -52.96 38.38
C THR O 9 -8.84 -53.43 38.19
N THR O 10 -8.41 -54.36 39.02
CA THR O 10 -7.03 -54.88 39.00
C THR O 10 -7.04 -56.40 39.13
N PHE O 11 -5.86 -57.01 38.95
CA PHE O 11 -5.73 -58.47 39.03
C PHE O 11 -5.53 -58.95 40.45
N SER O 12 -6.30 -59.95 40.84
CA SER O 12 -6.13 -60.63 42.13
C SER O 12 -5.10 -61.76 41.97
N PRO O 13 -4.49 -62.22 43.08
CA PRO O 13 -3.49 -63.29 43.01
C PRO O 13 -3.92 -64.52 42.18
N SER O 14 -5.22 -64.82 42.19
CA SER O 14 -5.76 -65.94 41.41
C SER O 14 -5.85 -65.63 39.91
N GLY O 15 -5.69 -64.36 39.55
CA GLY O 15 -5.72 -63.95 38.15
C GLY O 15 -7.09 -63.45 37.71
N LYS O 16 -8.02 -63.40 38.65
CA LYS O 16 -9.36 -62.88 38.36
C LYS O 16 -9.30 -61.36 38.34
N LEU O 17 -10.11 -60.76 37.47
CA LEU O 17 -10.37 -59.33 37.55
C LEU O 17 -11.67 -59.15 38.33
N GLY O 18 -11.53 -58.88 39.62
CA GLY O 18 -12.65 -58.79 40.55
C GLY O 18 -13.87 -58.06 40.04
N GLN O 19 -13.67 -56.80 39.63
CA GLN O 19 -14.77 -55.93 39.24
C GLN O 19 -15.58 -56.42 38.03
N ILE O 20 -14.89 -57.04 37.08
CA ILE O 20 -15.55 -57.63 35.91
C ILE O 20 -16.37 -58.86 36.31
N ASP O 21 -15.82 -59.68 37.20
CA ASP O 21 -16.55 -60.81 37.76
C ASP O 21 -17.84 -60.34 38.44
N TYR O 22 -17.72 -59.28 39.24
CA TYR O 22 -18.86 -58.75 39.98
C TYR O 22 -19.89 -58.10 39.05
N ALA O 23 -19.42 -57.46 38.00
CA ALA O 23 -20.29 -56.90 36.97
C ALA O 23 -21.16 -57.98 36.31
N LEU O 24 -20.56 -59.15 36.10
CA LEU O 24 -21.26 -60.30 35.52
C LEU O 24 -22.31 -60.86 36.46
N THR O 25 -22.06 -60.75 37.77
CA THR O 25 -23.03 -61.17 38.78
C THR O 25 -24.25 -60.26 38.73
N ALA O 26 -24.03 -58.98 38.43
CA ALA O 26 -25.11 -58.01 38.33
C ALA O 26 -26.00 -58.32 37.13
N VAL O 27 -25.36 -58.69 36.02
CA VAL O 27 -26.07 -59.09 34.81
C VAL O 27 -26.93 -60.33 35.06
N LYS O 28 -26.40 -61.26 35.86
CA LYS O 28 -27.10 -62.49 36.25
C LYS O 28 -28.44 -62.23 36.94
N GLN O 29 -28.50 -61.19 37.77
CA GLN O 29 -29.73 -60.80 38.48
C GLN O 29 -30.73 -60.14 37.53
N GLY O 30 -30.21 -59.47 36.50
CA GLY O 30 -31.03 -58.72 35.55
C GLY O 30 -32.04 -59.59 34.82
N VAL O 31 -33.10 -58.97 34.34
CA VAL O 31 -34.18 -59.66 33.64
C VAL O 31 -33.69 -60.33 32.35
N THR O 32 -34.27 -61.50 32.04
CA THR O 32 -33.91 -62.28 30.87
C THR O 32 -34.18 -61.55 29.57
N SER O 33 -33.18 -61.48 28.70
CA SER O 33 -33.33 -61.00 27.33
C SER O 33 -32.63 -61.94 26.36
N LEU O 34 -33.08 -61.97 25.11
CA LEU O 34 -32.61 -62.97 24.14
C LEU O 34 -32.39 -62.45 22.71
N GLY O 35 -31.83 -63.30 21.87
CA GLY O 35 -31.61 -63.02 20.45
C GLY O 35 -31.65 -64.29 19.60
N ILE O 36 -32.35 -64.23 18.46
CA ILE O 36 -32.41 -65.33 17.52
C ILE O 36 -32.20 -64.83 16.09
N LYS O 37 -31.35 -65.53 15.34
CA LYS O 37 -31.01 -65.19 13.97
C LYS O 37 -31.70 -66.14 12.98
N ALA O 38 -32.48 -65.57 12.08
CA ALA O 38 -33.14 -66.32 11.01
C ALA O 38 -32.39 -66.11 9.70
N THR O 39 -32.76 -66.86 8.67
CA THR O 39 -32.15 -66.73 7.35
C THR O 39 -32.43 -65.35 6.75
N ASN O 40 -33.64 -64.84 6.97
CA ASN O 40 -34.04 -63.56 6.41
C ASN O 40 -34.29 -62.45 7.44
N GLY O 41 -33.73 -62.60 8.64
CA GLY O 41 -33.82 -61.56 9.68
C GLY O 41 -33.17 -61.90 11.01
N VAL O 42 -33.35 -61.02 11.99
CA VAL O 42 -32.94 -61.27 13.38
C VAL O 42 -34.03 -60.72 14.30
N VAL O 43 -34.21 -61.37 15.45
CA VAL O 43 -35.20 -60.92 16.43
C VAL O 43 -34.59 -60.79 17.84
N ILE O 44 -34.84 -59.65 18.49
CA ILE O 44 -34.41 -59.43 19.87
C ILE O 44 -35.58 -59.07 20.78
N ALA O 45 -35.66 -59.73 21.93
CA ALA O 45 -36.78 -59.59 22.85
C ALA O 45 -36.37 -59.58 24.32
N THR O 46 -37.21 -58.97 25.14
CA THR O 46 -37.02 -58.92 26.59
C THR O 46 -38.36 -58.67 27.27
N GLU O 47 -38.35 -58.75 28.61
CA GLU O 47 -39.55 -58.52 29.41
C GLU O 47 -39.50 -57.12 30.01
N LYS O 48 -40.60 -56.39 29.87
CA LYS O 48 -40.75 -55.08 30.51
C LYS O 48 -41.15 -55.27 31.97
N LYS O 49 -40.15 -55.46 32.83
CA LYS O 49 -40.37 -55.67 34.26
C LYS O 49 -40.89 -54.38 34.91
N SER O 50 -42.17 -54.39 35.26
CA SER O 50 -42.82 -53.22 35.86
C SER O 50 -42.31 -52.94 37.27
N SER O 51 -41.89 -51.69 37.50
CA SER O 51 -41.39 -51.24 38.81
C SER O 51 -42.52 -50.73 39.71
N SER O 52 -43.69 -50.51 39.10
CA SER O 52 -44.90 -50.11 39.80
C SER O 52 -46.07 -50.24 38.82
N PRO O 53 -47.27 -50.60 39.31
CA PRO O 53 -48.47 -50.61 38.46
C PRO O 53 -48.81 -49.23 37.88
N LEU O 54 -48.43 -48.18 38.59
CA LEU O 54 -48.69 -46.80 38.17
C LEU O 54 -47.78 -46.31 37.05
N ALA O 55 -46.59 -46.89 36.96
CA ALA O 55 -45.60 -46.52 35.93
C ALA O 55 -46.11 -46.84 34.52
N MET O 56 -45.63 -46.06 33.56
CA MET O 56 -45.94 -46.29 32.15
C MET O 56 -44.71 -46.92 31.52
N SER O 57 -44.79 -48.22 31.24
CA SER O 57 -43.65 -48.98 30.73
C SER O 57 -43.37 -48.73 29.24
N GLU O 58 -44.29 -48.05 28.57
CA GLU O 58 -44.10 -47.63 27.18
C GLU O 58 -42.99 -46.58 27.10
N THR O 59 -42.91 -45.73 28.12
CA THR O 59 -41.88 -44.68 28.21
C THR O 59 -40.50 -45.26 28.53
N LEU O 60 -40.47 -46.52 28.97
CA LEU O 60 -39.21 -47.21 29.24
C LEU O 60 -38.91 -48.18 28.11
N SER O 61 -37.96 -47.80 27.25
CA SER O 61 -37.53 -48.66 26.15
C SER O 61 -36.31 -49.49 26.53
N LYS O 62 -36.49 -50.80 26.65
CA LYS O 62 -35.38 -51.71 26.87
C LYS O 62 -34.70 -52.04 25.54
N VAL O 63 -35.47 -51.98 24.46
CA VAL O 63 -34.92 -52.11 23.11
C VAL O 63 -34.67 -50.71 22.51
N SER O 64 -33.56 -50.58 21.78
CA SER O 64 -33.20 -49.31 21.17
C SER O 64 -32.68 -49.49 19.75
N LEU O 65 -32.99 -48.52 18.90
CA LEU O 65 -32.39 -48.43 17.57
C LEU O 65 -31.06 -47.72 17.69
N LEU O 66 -30.01 -48.32 17.15
CA LEU O 66 -28.71 -47.66 17.09
C LEU O 66 -28.53 -46.98 15.74
N THR O 67 -28.36 -47.78 14.68
CA THR O 67 -28.44 -47.30 13.30
C THR O 67 -29.76 -47.82 12.72
N PRO O 68 -30.24 -47.24 11.60
CA PRO O 68 -31.49 -47.73 11.00
C PRO O 68 -31.50 -49.23 10.66
N ASP O 69 -30.33 -49.87 10.71
CA ASP O 69 -30.22 -51.30 10.46
C ASP O 69 -29.70 -52.09 11.66
N ILE O 70 -29.41 -51.40 12.76
CA ILE O 70 -28.83 -52.05 13.95
C ILE O 70 -29.64 -51.74 15.21
N GLY O 71 -30.02 -52.78 15.95
CA GLY O 71 -30.72 -52.64 17.23
C GLY O 71 -29.98 -53.25 18.41
N ALA O 72 -30.37 -52.88 19.62
CA ALA O 72 -29.73 -53.40 20.84
C ALA O 72 -30.71 -53.63 21.99
N VAL O 73 -30.43 -54.67 22.77
CA VAL O 73 -31.18 -54.98 23.99
C VAL O 73 -30.17 -55.45 25.04
N TYR O 74 -30.60 -55.55 26.31
CA TYR O 74 -29.65 -55.77 27.41
C TYR O 74 -30.19 -56.62 28.57
N SER O 75 -29.29 -57.00 29.46
CA SER O 75 -29.62 -57.52 30.79
C SER O 75 -28.66 -56.93 31.81
N GLY O 76 -29.19 -56.52 32.95
CA GLY O 76 -28.39 -55.91 33.99
C GLY O 76 -28.91 -54.53 34.36
N MET O 77 -27.99 -53.58 34.49
CA MET O 77 -28.31 -52.26 35.01
C MET O 77 -28.82 -51.29 33.93
N GLY O 78 -30.12 -51.00 33.97
CA GLY O 78 -30.76 -50.09 33.03
C GLY O 78 -30.06 -48.75 32.77
N PRO O 79 -29.77 -47.99 33.84
CA PRO O 79 -28.98 -46.76 33.71
C PRO O 79 -27.73 -46.91 32.84
N ASP O 80 -26.90 -47.91 33.13
CA ASP O 80 -25.68 -48.17 32.36
C ASP O 80 -25.95 -48.38 30.87
N TYR O 81 -27.02 -49.13 30.57
CA TYR O 81 -27.43 -49.40 29.19
C TYR O 81 -27.79 -48.12 28.46
N ARG O 82 -28.58 -47.27 29.13
CA ARG O 82 -29.09 -46.05 28.53
C ARG O 82 -27.97 -45.14 28.04
N VAL O 83 -26.97 -44.90 28.89
CA VAL O 83 -25.84 -44.05 28.53
C VAL O 83 -24.97 -44.71 27.45
N LEU O 84 -24.94 -46.05 27.43
CA LEU O 84 -24.23 -46.79 26.40
C LEU O 84 -24.89 -46.67 25.03
N VAL O 85 -26.21 -46.68 25.03
CA VAL O 85 -26.99 -46.46 23.81
C VAL O 85 -26.70 -45.07 23.23
N ASP O 86 -26.64 -44.06 24.10
CA ASP O 86 -26.31 -42.70 23.70
C ASP O 86 -24.91 -42.60 23.09
N LYS O 87 -23.92 -43.17 23.77
CA LYS O 87 -22.53 -43.13 23.30
C LYS O 87 -22.37 -43.90 21.99
N SER O 88 -22.99 -45.08 21.91
CA SER O 88 -22.92 -45.94 20.73
C SER O 88 -23.50 -45.25 19.52
N ARG O 89 -24.66 -44.63 19.69
CA ARG O 89 -25.30 -43.89 18.60
C ARG O 89 -24.39 -42.79 18.05
N LYS O 90 -23.75 -42.05 18.96
CA LYS O 90 -22.84 -40.97 18.59
C LYS O 90 -21.57 -41.48 17.91
N VAL O 91 -20.99 -42.54 18.45
CA VAL O 91 -19.76 -43.10 17.89
C VAL O 91 -19.98 -43.66 16.48
N ALA O 92 -21.22 -44.05 16.17
CA ALA O 92 -21.58 -44.52 14.84
C ALA O 92 -21.52 -43.40 13.82
N HIS O 93 -21.71 -42.17 14.29
CA HIS O 93 -21.63 -40.99 13.43
C HIS O 93 -20.19 -40.49 13.35
N THR O 94 -19.58 -40.22 14.50
CA THR O 94 -18.25 -39.60 14.57
C THR O 94 -17.10 -40.46 14.05
N SER O 95 -17.22 -41.78 14.21
CA SER O 95 -16.17 -42.70 13.77
C SER O 95 -16.44 -43.38 12.45
N TYR O 96 -17.66 -43.22 11.92
CA TYR O 96 -18.02 -43.88 10.67
C TYR O 96 -18.81 -43.05 9.66
N LYS O 97 -20.04 -42.66 9.99
CA LYS O 97 -20.90 -41.96 9.01
C LYS O 97 -20.35 -40.62 8.53
N ARG O 98 -19.64 -39.91 9.41
CA ARG O 98 -19.07 -38.62 9.06
C ARG O 98 -17.78 -38.74 8.24
N ILE O 99 -17.17 -39.93 8.25
CA ILE O 99 -15.99 -40.21 7.43
C ILE O 99 -16.35 -40.86 6.11
N TYR O 100 -17.17 -41.91 6.16
CA TYR O 100 -17.45 -42.75 4.98
C TYR O 100 -18.81 -42.48 4.32
N GLY O 101 -19.66 -41.71 4.99
CA GLY O 101 -20.95 -41.31 4.44
C GLY O 101 -22.00 -42.40 4.44
N GLU O 102 -21.76 -43.46 5.20
CA GLU O 102 -22.69 -44.57 5.36
C GLU O 102 -22.62 -45.08 6.81
N TYR O 103 -23.62 -45.86 7.22
CA TYR O 103 -23.67 -46.39 8.58
C TYR O 103 -22.75 -47.59 8.75
N PRO O 104 -22.13 -47.72 9.94
CA PRO O 104 -21.15 -48.78 10.19
C PRO O 104 -21.75 -50.18 10.16
N PRO O 105 -20.99 -51.16 9.64
CA PRO O 105 -21.41 -52.56 9.68
C PRO O 105 -21.49 -53.06 11.13
N THR O 106 -22.37 -54.03 11.36
CA THR O 106 -22.69 -54.51 12.69
C THR O 106 -21.45 -54.88 13.53
N LYS O 107 -20.49 -55.57 12.92
CA LYS O 107 -19.28 -56.00 13.64
C LYS O 107 -18.44 -54.83 14.15
N LEU O 108 -18.39 -53.75 13.39
CA LEU O 108 -17.56 -52.59 13.72
C LEU O 108 -18.18 -51.71 14.79
N LEU O 109 -19.49 -51.52 14.73
CA LEU O 109 -20.21 -50.78 15.78
C LEU O 109 -20.10 -51.55 17.08
N VAL O 110 -20.32 -52.86 17.02
CA VAL O 110 -20.12 -53.75 18.16
C VAL O 110 -18.70 -53.59 18.71
N SER O 111 -17.73 -53.59 17.80
CA SER O 111 -16.32 -53.41 18.14
C SER O 111 -16.10 -52.10 18.89
N GLU O 112 -16.81 -51.05 18.45
CA GLU O 112 -16.72 -49.72 19.07
C GLU O 112 -17.43 -49.65 20.42
N VAL O 113 -18.54 -50.36 20.55
CA VAL O 113 -19.25 -50.46 21.83
C VAL O 113 -18.37 -51.19 22.83
N ALA O 114 -17.88 -52.35 22.43
CA ALA O 114 -16.91 -53.13 23.20
C ALA O 114 -15.75 -52.28 23.68
N LYS O 115 -15.24 -51.43 22.79
CA LYS O 115 -14.12 -50.56 23.09
C LYS O 115 -14.43 -49.62 24.27
N ILE O 116 -15.66 -49.10 24.29
CA ILE O 116 -16.09 -48.19 25.35
C ILE O 116 -16.20 -48.93 26.69
N MET O 117 -16.66 -50.18 26.63
CA MET O 117 -16.79 -51.00 27.83
C MET O 117 -15.43 -51.48 28.36
N GLN O 118 -14.48 -51.69 27.46
CA GLN O 118 -13.11 -52.03 27.85
C GLN O 118 -12.49 -50.93 28.68
N GLU O 119 -12.65 -49.69 28.25
CA GLU O 119 -11.99 -48.55 28.89
C GLU O 119 -12.39 -48.40 30.35
N ALA O 120 -13.66 -48.68 30.64
CA ALA O 120 -14.18 -48.66 32.01
C ALA O 120 -13.60 -49.81 32.84
N THR O 121 -12.96 -50.73 32.14
CA THR O 121 -12.31 -51.88 32.74
C THR O 121 -10.86 -51.55 33.11
N GLN O 122 -10.37 -50.40 32.62
CA GLN O 122 -8.96 -50.04 32.79
C GLN O 122 -8.69 -48.57 33.15
N SER O 123 -9.53 -47.65 32.68
CA SER O 123 -9.35 -46.21 32.94
C SER O 123 -9.37 -45.91 34.43
N GLY O 124 -8.65 -44.85 34.83
CA GLY O 124 -8.63 -44.43 36.21
C GLY O 124 -10.01 -44.03 36.72
N GLY O 125 -10.29 -44.35 37.98
CA GLY O 125 -11.50 -43.90 38.67
C GLY O 125 -12.86 -44.34 38.18
N VAL O 126 -12.95 -45.50 37.53
CA VAL O 126 -14.25 -46.01 37.07
C VAL O 126 -14.49 -47.49 37.34
N ARG O 127 -15.76 -47.85 37.43
CA ARG O 127 -16.20 -49.24 37.51
C ARG O 127 -16.70 -49.70 36.13
N PRO O 128 -16.55 -50.99 35.82
CA PRO O 128 -17.13 -51.53 34.58
C PRO O 128 -18.62 -51.26 34.46
N PHE O 129 -19.16 -51.41 33.26
CA PHE O 129 -20.61 -51.34 33.05
C PHE O 129 -21.22 -52.65 33.51
N GLY O 130 -22.34 -52.55 34.24
CA GLY O 130 -23.04 -53.73 34.74
C GLY O 130 -24.10 -54.22 33.77
N VAL O 131 -23.74 -54.30 32.48
CA VAL O 131 -24.66 -54.80 31.45
C VAL O 131 -23.98 -55.77 30.49
N SER O 132 -24.79 -56.65 29.91
CA SER O 132 -24.43 -57.40 28.72
C SER O 132 -25.41 -56.98 27.65
N LEU O 133 -24.91 -56.78 26.44
CA LEU O 133 -25.74 -56.32 25.34
C LEU O 133 -25.93 -57.43 24.31
N LEU O 134 -27.08 -57.40 23.66
CA LEU O 134 -27.31 -58.21 22.47
C LEU O 134 -27.62 -57.28 21.32
N ILE O 135 -26.77 -57.32 20.30
CA ILE O 135 -26.87 -56.41 19.17
C ILE O 135 -27.16 -57.18 17.88
N ALA O 136 -28.30 -56.88 17.27
CA ALA O 136 -28.72 -57.49 16.02
C ALA O 136 -28.66 -56.43 14.92
N GLY O 137 -28.12 -56.82 13.76
CA GLY O 137 -27.95 -55.88 12.65
C GLY O 137 -27.80 -56.51 11.29
N HIS O 138 -27.77 -55.65 10.28
CA HIS O 138 -27.61 -56.06 8.88
C HIS O 138 -26.76 -55.05 8.13
N ASP O 139 -25.79 -55.55 7.38
CA ASP O 139 -25.03 -54.70 6.47
C ASP O 139 -24.80 -55.43 5.15
N GLU O 140 -24.78 -54.66 4.06
CA GLU O 140 -24.78 -55.19 2.69
C GLU O 140 -23.83 -56.37 2.46
N PHE O 141 -22.61 -56.27 2.99
CA PHE O 141 -21.55 -57.25 2.72
C PHE O 141 -21.38 -58.33 3.80
N ASN O 142 -22.31 -58.38 4.75
CA ASN O 142 -22.29 -59.38 5.83
C ASN O 142 -23.63 -60.06 6.11
N GLY O 143 -24.71 -59.47 5.61
CA GLY O 143 -26.05 -59.99 5.85
C GLY O 143 -26.51 -59.73 7.28
N PHE O 144 -27.33 -60.63 7.82
CA PHE O 144 -27.86 -60.50 9.17
C PHE O 144 -26.91 -61.13 10.19
N SER O 145 -26.68 -60.42 11.29
CA SER O 145 -25.77 -60.90 12.35
C SER O 145 -26.25 -60.55 13.77
N LEU O 146 -25.68 -61.21 14.76
CA LEU O 146 -26.02 -61.02 16.18
C LEU O 146 -24.82 -61.26 17.09
N TYR O 147 -24.50 -60.29 17.94
CA TYR O 147 -23.34 -60.34 18.83
C TYR O 147 -23.73 -60.09 20.29
N GLN O 148 -22.99 -60.72 21.21
CA GLN O 148 -23.14 -60.45 22.64
C GLN O 148 -21.94 -59.62 23.12
N VAL O 149 -22.22 -58.57 23.88
CA VAL O 149 -21.16 -57.72 24.44
C VAL O 149 -21.16 -57.78 25.96
N ASP O 150 -20.01 -58.10 26.55
CA ASP O 150 -19.87 -58.28 28.00
C ASP O 150 -19.12 -57.13 28.71
N PRO O 151 -19.27 -57.03 30.04
CA PRO O 151 -18.61 -55.99 30.85
C PRO O 151 -17.09 -55.88 30.64
N SER O 152 -16.45 -56.99 30.26
CA SER O 152 -15.00 -56.98 30.01
C SER O 152 -14.67 -56.28 28.71
N GLY O 153 -15.63 -56.27 27.80
CA GLY O 153 -15.45 -55.70 26.47
C GLY O 153 -15.32 -56.78 25.40
N SER O 154 -15.54 -58.03 25.80
CA SER O 154 -15.51 -59.14 24.85
C SER O 154 -16.82 -59.24 24.10
N TYR O 155 -16.74 -59.65 22.83
CA TYR O 155 -17.94 -59.90 22.04
C TYR O 155 -17.81 -61.20 21.25
N PHE O 156 -18.90 -61.95 21.19
CA PHE O 156 -18.97 -63.20 20.45
C PHE O 156 -20.17 -63.16 19.53
N PRO O 157 -20.05 -63.75 18.32
CA PRO O 157 -21.22 -63.87 17.47
C PRO O 157 -22.05 -65.10 17.84
N TRP O 158 -23.36 -64.94 17.81
CA TRP O 158 -24.29 -66.01 18.17
C TRP O 158 -25.28 -66.28 17.05
N LYS O 159 -25.70 -67.55 16.92
CA LYS O 159 -26.82 -67.90 16.06
C LYS O 159 -28.10 -67.62 16.84
N ALA O 160 -28.07 -67.94 18.12
CA ALA O 160 -29.12 -67.62 19.08
C ALA O 160 -28.55 -67.69 20.48
N THR O 161 -29.04 -66.84 21.38
CA THR O 161 -28.62 -66.84 22.78
C THR O 161 -29.58 -66.07 23.67
N ALA O 162 -29.38 -66.22 24.98
CA ALA O 162 -30.08 -65.43 25.99
C ALA O 162 -29.12 -65.05 27.11
N ILE O 163 -29.40 -63.94 27.76
CA ILE O 163 -28.60 -63.47 28.90
C ILE O 163 -29.48 -63.13 30.10
N GLY O 164 -28.88 -63.17 31.29
CA GLY O 164 -29.56 -62.76 32.53
C GLY O 164 -30.22 -63.85 33.35
N LYS O 165 -31.25 -63.45 34.08
CA LYS O 165 -31.99 -64.26 35.06
C LYS O 165 -32.16 -65.74 34.71
N GLY O 166 -32.76 -66.01 33.56
CA GLY O 166 -33.05 -67.38 33.14
C GLY O 166 -32.38 -67.78 31.86
N SER O 167 -31.11 -67.39 31.71
CA SER O 167 -30.35 -67.67 30.49
C SER O 167 -30.09 -69.17 30.30
N VAL O 168 -29.66 -69.84 31.37
CA VAL O 168 -29.30 -71.26 31.33
C VAL O 168 -30.44 -72.09 30.74
N ALA O 169 -31.64 -71.95 31.29
CA ALA O 169 -32.84 -72.67 30.84
C ALA O 169 -33.31 -72.22 29.45
N ALA O 170 -33.03 -70.96 29.11
CA ALA O 170 -33.41 -70.41 27.81
C ALA O 170 -32.47 -70.89 26.70
N LYS O 171 -31.17 -70.86 26.96
CA LYS O 171 -30.16 -71.39 26.03
C LYS O 171 -30.46 -72.85 25.67
N THR O 172 -30.89 -73.62 26.67
CA THR O 172 -31.24 -75.03 26.47
C THR O 172 -32.51 -75.17 25.63
N PHE O 173 -33.43 -74.22 25.80
CA PHE O 173 -34.68 -74.22 25.02
C PHE O 173 -34.42 -73.86 23.56
N LEU O 174 -33.44 -73.00 23.32
CA LEU O 174 -33.10 -72.54 21.98
C LEU O 174 -32.34 -73.59 21.17
N GLU O 175 -31.43 -74.32 21.82
CA GLU O 175 -30.64 -75.37 21.17
C GLU O 175 -31.55 -76.44 20.59
N LYS O 176 -32.58 -76.80 21.34
CA LYS O 176 -33.60 -77.76 20.91
C LYS O 176 -34.38 -77.31 19.69
N ARG O 177 -34.52 -76.00 19.51
CA ARG O 177 -35.46 -75.45 18.53
C ARG O 177 -34.82 -74.71 17.35
N TRP O 178 -33.54 -74.38 17.46
CA TRP O 178 -32.85 -73.65 16.39
C TRP O 178 -32.30 -74.56 15.29
N ASN O 179 -32.54 -74.15 14.04
CA ASN O 179 -31.92 -74.75 12.87
C ASN O 179 -31.43 -73.65 11.91
N ASP O 180 -30.60 -74.01 10.94
CA ASP O 180 -30.03 -73.04 10.01
C ASP O 180 -30.95 -72.69 8.83
N GLU O 181 -32.20 -73.15 8.88
CA GLU O 181 -33.17 -72.90 7.80
C GLU O 181 -34.42 -72.15 8.28
N LEU O 182 -34.32 -71.53 9.45
CA LEU O 182 -35.45 -70.82 10.05
C LEU O 182 -35.79 -69.52 9.32
N GLU O 183 -37.08 -69.32 9.09
CA GLU O 183 -37.60 -68.07 8.52
C GLU O 183 -37.79 -67.08 9.68
N LEU O 184 -37.98 -65.79 9.36
CA LEU O 184 -38.15 -64.75 10.39
C LEU O 184 -39.42 -64.96 11.24
N GLU O 185 -40.54 -65.22 10.57
CA GLU O 185 -41.82 -65.46 11.24
C GLU O 185 -41.74 -66.60 12.26
N ASP O 186 -40.93 -67.61 11.94
CA ASP O 186 -40.67 -68.72 12.83
C ASP O 186 -39.78 -68.29 14.01
N ALA O 187 -38.75 -67.49 13.71
CA ALA O 187 -37.84 -67.00 14.74
C ALA O 187 -38.55 -66.16 15.81
N ILE O 188 -39.58 -65.42 15.40
CA ILE O 188 -40.40 -64.63 16.33
C ILE O 188 -41.23 -65.56 17.21
N HIS O 189 -41.83 -66.58 16.60
CA HIS O 189 -42.62 -67.59 17.30
C HIS O 189 -41.80 -68.24 18.42
N ILE O 190 -40.59 -68.70 18.10
CA ILE O 190 -39.70 -69.29 19.10
C ILE O 190 -39.35 -68.29 20.22
N ALA O 191 -39.09 -67.05 19.84
CA ALA O 191 -38.73 -66.01 20.81
C ALA O 191 -39.79 -65.83 21.89
N LEU O 192 -41.05 -65.87 21.49
CA LEU O 192 -42.17 -65.70 22.42
C LEU O 192 -42.32 -66.91 23.33
N LEU O 193 -42.07 -68.10 22.79
CA LEU O 193 -42.16 -69.35 23.54
C LEU O 193 -41.07 -69.44 24.60
N THR O 194 -39.89 -68.95 24.27
CA THR O 194 -38.73 -68.97 25.17
C THR O 194 -38.96 -68.02 26.34
N LEU O 195 -39.58 -66.88 26.05
CA LEU O 195 -39.75 -65.81 27.03
C LEU O 195 -40.87 -66.12 28.02
N LYS O 196 -41.82 -66.95 27.60
CA LYS O 196 -42.95 -67.34 28.43
C LYS O 196 -42.51 -68.17 29.65
N GLU O 197 -41.32 -68.74 29.57
CA GLU O 197 -40.76 -69.51 30.67
C GLU O 197 -40.17 -68.59 31.74
N SER O 198 -39.68 -67.43 31.32
CA SER O 198 -39.07 -66.45 32.23
C SER O 198 -40.08 -65.58 32.97
N VAL O 199 -41.23 -65.33 32.33
CA VAL O 199 -42.24 -64.45 32.90
C VAL O 199 -43.20 -65.25 33.80
N GLU O 200 -43.29 -64.83 35.06
CA GLU O 200 -44.26 -65.42 36.00
C GLU O 200 -45.56 -64.65 35.96
N GLY O 201 -45.44 -63.33 35.81
CA GLY O 201 -46.59 -62.42 35.81
C GLY O 201 -47.34 -62.38 34.49
N GLU O 202 -47.82 -61.20 34.14
CA GLU O 202 -48.61 -61.00 32.93
C GLU O 202 -47.76 -61.20 31.68
N PHE O 203 -48.27 -62.00 30.75
CA PHE O 203 -47.60 -62.23 29.48
C PHE O 203 -48.47 -61.72 28.33
N ASN O 204 -48.22 -60.47 27.91
CA ASN O 204 -48.96 -59.84 26.82
C ASN O 204 -48.13 -58.80 26.05
N GLY O 205 -48.77 -58.13 25.09
CA GLY O 205 -48.10 -57.12 24.27
C GLY O 205 -47.56 -55.93 25.05
N ASP O 206 -48.09 -55.72 26.26
CA ASP O 206 -47.72 -54.59 27.10
C ASP O 206 -46.54 -54.87 28.04
N THR O 207 -46.34 -56.14 28.38
CA THR O 207 -45.25 -56.54 29.29
C THR O 207 -44.05 -57.15 28.56
N ILE O 208 -44.15 -57.20 27.23
CA ILE O 208 -43.08 -57.73 26.37
C ILE O 208 -42.68 -56.69 25.32
N GLU O 209 -41.39 -56.38 25.26
CA GLU O 209 -40.85 -55.51 24.22
C GLU O 209 -40.09 -56.39 23.22
N LEU O 210 -40.41 -56.24 21.93
CA LEU O 210 -39.82 -57.09 20.89
C LEU O 210 -39.60 -56.35 19.58
N ALA O 211 -38.37 -56.44 19.07
CA ALA O 211 -37.96 -55.76 17.84
C ALA O 211 -37.29 -56.72 16.84
N ILE O 212 -37.28 -56.32 15.57
CA ILE O 212 -36.66 -57.13 14.52
C ILE O 212 -35.68 -56.34 13.66
N ILE O 213 -34.78 -57.07 13.00
CA ILE O 213 -33.91 -56.54 11.96
C ILE O 213 -34.18 -57.37 10.71
N GLY O 214 -35.04 -56.86 9.83
CA GLY O 214 -35.47 -57.63 8.67
C GLY O 214 -35.40 -56.89 7.35
N ASP O 215 -36.51 -56.88 6.63
CA ASP O 215 -36.60 -56.20 5.33
C ASP O 215 -36.65 -54.69 5.47
N GLU O 216 -36.37 -54.01 4.37
CA GLU O 216 -36.39 -52.55 4.33
C GLU O 216 -37.83 -52.02 4.36
N ASN O 217 -38.06 -51.06 5.26
CA ASN O 217 -39.37 -50.43 5.40
C ASN O 217 -39.42 -49.08 4.69
N PRO O 218 -40.13 -49.03 3.54
CA PRO O 218 -40.23 -47.77 2.79
C PRO O 218 -41.22 -46.79 3.43
N ASP O 219 -42.24 -47.31 4.10
CA ASP O 219 -43.27 -46.50 4.76
C ASP O 219 -42.77 -45.86 6.05
N LEU O 220 -41.65 -46.35 6.57
CA LEU O 220 -41.06 -45.80 7.80
C LEU O 220 -39.88 -44.88 7.56
N LEU O 221 -39.57 -44.61 6.29
CA LEU O 221 -38.45 -43.75 5.92
C LEU O 221 -38.74 -42.28 6.21
N GLY O 222 -39.97 -41.85 5.91
CA GLY O 222 -40.41 -40.49 6.17
C GLY O 222 -40.46 -39.62 4.92
N TYR O 223 -39.83 -40.10 3.85
CA TYR O 223 -39.74 -39.35 2.59
C TYR O 223 -39.53 -40.24 1.38
N THR O 224 -39.98 -39.77 0.23
CA THR O 224 -39.75 -40.45 -1.05
C THR O 224 -38.97 -39.55 -1.99
N GLY O 225 -38.09 -40.13 -2.79
CA GLY O 225 -37.33 -39.38 -3.77
C GLY O 225 -36.00 -39.96 -4.17
N ILE O 226 -35.33 -40.61 -3.22
CA ILE O 226 -34.05 -41.27 -3.47
C ILE O 226 -34.26 -42.78 -3.62
N PRO O 227 -33.98 -43.33 -4.82
CA PRO O 227 -34.14 -44.77 -5.10
C PRO O 227 -33.19 -45.64 -4.29
N THR O 228 -32.01 -45.10 -3.95
CA THR O 228 -31.00 -45.83 -3.18
C THR O 228 -31.17 -45.69 -1.65
N ASP O 229 -32.28 -45.06 -1.25
CA ASP O 229 -32.71 -45.01 0.15
C ASP O 229 -34.03 -45.75 0.28
N LYS O 230 -34.01 -46.95 0.89
CA LYS O 230 -35.22 -47.76 1.01
C LYS O 230 -35.75 -47.91 2.43
N GLY O 231 -35.04 -47.33 3.40
CA GLY O 231 -35.55 -47.24 4.76
C GLY O 231 -34.94 -48.22 5.75
N PRO O 232 -35.35 -48.11 7.02
CA PRO O 232 -34.73 -48.86 8.11
C PRO O 232 -35.06 -50.35 8.07
N ARG O 233 -34.10 -51.18 8.45
CA ARG O 233 -34.31 -52.61 8.59
C ARG O 233 -34.74 -52.97 10.03
N PHE O 234 -34.62 -52.00 10.92
CA PHE O 234 -35.07 -52.12 12.30
C PHE O 234 -36.54 -51.75 12.43
N ARG O 235 -37.30 -52.60 13.12
CA ARG O 235 -38.68 -52.29 13.45
C ARG O 235 -39.06 -52.85 14.80
N LYS O 236 -39.63 -51.99 15.64
CA LYS O 236 -40.22 -52.39 16.91
C LYS O 236 -41.67 -52.83 16.65
N LEU O 237 -42.06 -53.98 17.17
CA LEU O 237 -43.45 -54.42 17.04
C LEU O 237 -44.32 -53.73 18.09
N THR O 238 -45.49 -53.25 17.64
CA THR O 238 -46.42 -52.56 18.52
C THR O 238 -47.07 -53.54 19.51
N SER O 239 -47.69 -53.00 20.55
CA SER O 239 -48.42 -53.80 21.53
C SER O 239 -49.47 -54.68 20.85
N GLN O 240 -50.14 -54.11 19.85
CA GLN O 240 -51.16 -54.81 19.05
C GLN O 240 -50.59 -55.97 18.23
N GLU O 241 -49.46 -55.74 17.57
CA GLU O 241 -48.81 -56.74 16.71
C GLU O 241 -48.34 -57.98 17.46
N ILE O 242 -47.96 -57.82 18.72
CA ILE O 242 -47.51 -58.93 19.56
C ILE O 242 -48.70 -59.79 19.98
N ASN O 243 -49.77 -59.13 20.43
CA ASN O 243 -51.01 -59.81 20.86
C ASN O 243 -51.64 -60.67 19.77
N ASP O 244 -51.53 -60.22 18.52
CA ASP O 244 -52.00 -60.98 17.37
C ASP O 244 -51.32 -62.35 17.26
N ARG O 245 -50.01 -62.35 17.50
CA ARG O 245 -49.20 -63.57 17.45
C ARG O 245 -49.41 -64.46 18.68
N LEU O 246 -49.76 -63.86 19.80
CA LEU O 246 -50.01 -64.61 21.03
C LEU O 246 -51.34 -65.37 21.02
N GLU O 247 -52.26 -64.93 20.16
CA GLU O 247 -53.56 -65.59 20.01
C GLU O 247 -53.45 -66.91 19.24
N ALA O 248 -52.45 -67.00 18.38
CA ALA O 248 -52.10 -68.25 17.69
C ALA O 248 -50.79 -68.81 18.26
N LEU O 249 -50.85 -69.17 19.55
CA LEU O 249 -49.66 -69.62 20.28
C LEU O 249 -49.90 -71.02 20.88
N GLY P 1 -8.13 -38.47 51.08
CA GLY P 1 -8.56 -38.48 49.65
C GLY P 1 -8.63 -39.88 49.07
N SER P 2 -8.07 -40.04 47.87
CA SER P 2 -8.13 -41.31 47.14
C SER P 2 -7.07 -42.32 47.56
N ARG P 3 -6.07 -41.85 48.29
CA ARG P 3 -4.95 -42.66 48.80
C ARG P 3 -5.39 -44.05 49.31
N ARG P 4 -6.51 -44.06 50.02
CA ARG P 4 -7.07 -45.24 50.69
C ARG P 4 -7.44 -46.39 49.74
N TYR P 5 -7.82 -46.05 48.51
CA TYR P 5 -8.37 -47.03 47.56
C TYR P 5 -7.39 -47.43 46.45
N ASP P 6 -6.19 -46.85 46.48
CA ASP P 6 -5.19 -47.06 45.44
C ASP P 6 -4.52 -48.42 45.55
N SER P 7 -4.70 -49.25 44.53
CA SER P 7 -4.08 -50.58 44.48
C SER P 7 -2.57 -50.52 44.39
N ARG P 8 -2.04 -49.45 43.77
CA ARG P 8 -0.61 -49.26 43.51
C ARG P 8 -0.11 -50.36 42.57
N THR P 9 -0.66 -50.37 41.36
CA THR P 9 -0.41 -51.46 40.42
C THR P 9 1.06 -51.66 40.07
N THR P 10 1.81 -50.56 39.97
CA THR P 10 3.17 -50.59 39.43
C THR P 10 4.29 -50.57 40.49
N ILE P 11 4.17 -51.39 41.52
CA ILE P 11 5.24 -51.46 42.53
C ILE P 11 5.84 -52.87 42.68
N PHE P 12 6.98 -52.95 43.38
CA PHE P 12 7.70 -54.20 43.59
C PHE P 12 7.30 -54.92 44.89
N SER P 13 7.23 -56.24 44.83
CA SER P 13 7.12 -57.06 46.03
C SER P 13 8.49 -57.08 46.72
N PRO P 14 8.53 -57.37 48.04
CA PRO P 14 9.84 -57.43 48.71
C PRO P 14 10.83 -58.36 48.00
N GLU P 15 10.29 -59.27 47.17
CA GLU P 15 11.07 -60.23 46.41
C GLU P 15 11.71 -59.60 45.17
N GLY P 16 11.03 -58.65 44.56
CA GLY P 16 11.54 -57.97 43.37
C GLY P 16 10.69 -58.20 42.13
N ARG P 17 9.58 -58.91 42.30
CA ARG P 17 8.64 -59.15 41.21
C ARG P 17 7.60 -58.02 41.17
N LEU P 18 6.89 -57.94 40.06
CA LEU P 18 5.82 -56.98 39.91
C LEU P 18 4.48 -57.66 40.08
N TYR P 19 3.86 -57.43 41.24
CA TYR P 19 2.58 -58.03 41.61
C TYR P 19 1.63 -58.21 40.42
N GLN P 20 1.20 -57.09 39.86
CA GLN P 20 0.18 -57.08 38.81
C GLN P 20 0.60 -57.88 37.59
N VAL P 21 1.86 -57.74 37.18
CA VAL P 21 2.40 -58.54 36.07
C VAL P 21 2.23 -60.04 36.34
N GLU P 22 2.65 -60.46 37.52
CA GLU P 22 2.59 -61.86 37.93
C GLU P 22 1.16 -62.37 37.92
N TYR P 23 0.23 -61.54 38.37
CA TYR P 23 -1.16 -61.96 38.48
C TYR P 23 -1.85 -61.94 37.12
N ALA P 24 -1.38 -61.06 36.23
CA ALA P 24 -1.87 -61.02 34.85
C ALA P 24 -1.43 -62.26 34.08
N LEU P 25 -0.22 -62.74 34.37
CA LEU P 25 0.29 -63.98 33.79
C LEU P 25 -0.51 -65.19 34.27
N GLU P 26 -0.93 -65.16 35.53
CA GLU P 26 -1.79 -66.19 36.10
C GLU P 26 -3.16 -66.18 35.41
N SER P 27 -3.61 -64.99 35.01
CA SER P 27 -4.86 -64.84 34.27
C SER P 27 -4.79 -65.54 32.92
N ILE P 28 -3.65 -65.37 32.26
CA ILE P 28 -3.43 -65.86 30.90
C ILE P 28 -3.35 -67.38 30.86
N SER P 29 -2.75 -67.96 31.90
CA SER P 29 -2.60 -69.40 32.01
C SER P 29 -3.96 -70.14 32.00
N HIS P 30 -5.04 -69.39 32.20
CA HIS P 30 -6.39 -69.95 32.15
C HIS P 30 -7.09 -69.72 30.82
N ALA P 31 -6.49 -68.91 29.96
CA ALA P 31 -7.05 -68.61 28.65
C ALA P 31 -6.81 -69.74 27.66
N GLY P 32 -7.50 -69.71 26.52
CA GLY P 32 -7.31 -70.71 25.47
C GLY P 32 -5.87 -70.77 24.99
N THR P 33 -5.42 -71.95 24.60
CA THR P 33 -4.04 -72.16 24.18
C THR P 33 -3.82 -71.68 22.75
N ALA P 34 -2.67 -71.05 22.51
CA ALA P 34 -2.24 -70.65 21.18
C ALA P 34 -0.85 -71.21 20.91
N ILE P 35 -0.58 -71.56 19.66
CA ILE P 35 0.68 -72.19 19.26
C ILE P 35 1.24 -71.57 18.00
N GLY P 36 2.55 -71.30 18.01
CA GLY P 36 3.28 -70.87 16.82
C GLY P 36 4.43 -71.81 16.50
N ILE P 37 4.53 -72.23 15.24
CA ILE P 37 5.63 -73.09 14.79
C ILE P 37 6.23 -72.56 13.50
N MET P 38 7.55 -72.39 13.49
CA MET P 38 8.29 -71.91 12.34
C MET P 38 8.90 -73.07 11.55
N ALA P 39 8.53 -73.16 10.28
CA ALA P 39 9.16 -74.10 9.35
C ALA P 39 10.21 -73.36 8.53
N SER P 40 10.95 -74.11 7.70
CA SER P 40 11.95 -73.51 6.82
C SER P 40 11.28 -72.69 5.71
N ASP P 41 10.10 -73.11 5.28
CA ASP P 41 9.38 -72.46 4.18
C ASP P 41 8.07 -71.77 4.59
N GLY P 42 7.97 -71.35 5.85
CA GLY P 42 6.78 -70.66 6.35
C GLY P 42 6.56 -70.75 7.84
N ILE P 43 5.44 -70.19 8.30
CA ILE P 43 5.06 -70.23 9.73
C ILE P 43 3.61 -70.66 9.88
N VAL P 44 3.31 -71.33 11.00
CA VAL P 44 1.96 -71.79 11.32
C VAL P 44 1.48 -71.19 12.63
N LEU P 45 0.24 -70.71 12.64
CA LEU P 45 -0.42 -70.27 13.87
C LEU P 45 -1.71 -71.06 14.07
N ALA P 46 -1.93 -71.52 15.30
CA ALA P 46 -3.10 -72.29 15.65
C ALA P 46 -3.57 -71.93 17.06
N ALA P 47 -4.89 -71.83 17.24
CA ALA P 47 -5.45 -71.44 18.53
C ALA P 47 -6.65 -72.29 18.91
N GLU P 48 -6.79 -72.52 20.22
CA GLU P 48 -7.93 -73.22 20.78
C GLU P 48 -8.86 -72.19 21.41
N ARG P 49 -10.15 -72.28 21.08
CA ARG P 49 -11.14 -71.26 21.46
C ARG P 49 -11.47 -71.18 22.95
N LYS P 50 -11.30 -72.30 23.66
CA LYS P 50 -11.79 -72.47 25.04
C LYS P 50 -13.29 -72.77 24.97
N VAL P 51 -14.00 -72.62 26.09
CA VAL P 51 -15.45 -72.91 26.17
C VAL P 51 -16.23 -72.26 25.01
N THR P 52 -17.04 -73.09 24.35
CA THR P 52 -17.90 -72.65 23.24
C THR P 52 -19.23 -73.41 23.28
N SER P 53 -20.28 -72.79 22.73
CA SER P 53 -21.60 -73.42 22.64
C SER P 53 -21.83 -73.95 21.22
N THR P 54 -22.93 -74.68 21.04
CA THR P 54 -23.34 -75.16 19.72
C THR P 54 -23.87 -73.99 18.92
N LEU P 55 -24.60 -73.11 19.61
CA LEU P 55 -25.25 -71.95 18.99
C LEU P 55 -24.30 -70.79 18.69
N LEU P 56 -23.03 -70.94 19.06
CA LEU P 56 -22.02 -69.96 18.74
C LEU P 56 -21.72 -69.97 17.23
N GLU P 57 -21.61 -68.79 16.64
CA GLU P 57 -21.29 -68.65 15.23
C GLU P 57 -19.77 -68.70 15.02
N GLN P 58 -19.33 -69.42 13.99
CA GLN P 58 -17.91 -69.50 13.66
C GLN P 58 -17.57 -68.88 12.30
N ASP P 59 -18.60 -68.55 11.51
CA ASP P 59 -18.42 -67.90 10.21
C ASP P 59 -17.75 -66.54 10.31
N THR P 60 -18.41 -65.60 10.99
CA THR P 60 -17.88 -64.24 11.13
C THR P 60 -16.74 -64.15 12.16
N SER P 61 -16.71 -65.11 13.07
CA SER P 61 -15.77 -65.08 14.19
C SER P 61 -14.31 -65.34 13.80
N THR P 62 -13.46 -64.39 14.19
CA THR P 62 -12.02 -64.57 14.19
C THR P 62 -11.52 -63.84 15.44
N GLU P 63 -11.68 -64.51 16.57
CA GLU P 63 -11.48 -63.90 17.90
C GLU P 63 -10.06 -64.06 18.47
N LYS P 64 -9.27 -64.95 17.89
CA LYS P 64 -7.93 -65.24 18.43
C LYS P 64 -6.78 -65.01 17.43
N LEU P 65 -7.10 -65.03 16.14
CA LEU P 65 -6.12 -64.77 15.09
C LEU P 65 -6.43 -63.44 14.39
N TYR P 66 -5.48 -62.51 14.47
CA TYR P 66 -5.67 -61.18 13.92
C TYR P 66 -4.56 -60.81 12.96
N LYS P 67 -4.97 -60.18 11.86
CA LYS P 67 -4.03 -59.69 10.85
C LYS P 67 -3.56 -58.29 11.24
N LEU P 68 -2.25 -58.10 11.39
CA LEU P 68 -1.71 -56.78 11.72
C LEU P 68 -1.30 -56.00 10.49
N ASN P 69 -1.07 -56.72 9.40
CA ASN P 69 -0.28 -56.25 8.27
C ASN P 69 -0.48 -57.21 7.11
N ASP P 70 0.03 -56.85 5.94
CA ASP P 70 0.10 -57.79 4.82
C ASP P 70 1.04 -58.96 5.12
N LYS P 71 2.01 -58.71 6.00
CA LYS P 71 3.10 -59.65 6.23
C LYS P 71 3.24 -60.12 7.69
N ILE P 72 2.45 -59.54 8.59
CA ILE P 72 2.50 -59.93 10.01
C ILE P 72 1.10 -60.21 10.59
N ALA P 73 0.99 -61.32 11.31
CA ALA P 73 -0.24 -61.69 12.01
C ALA P 73 0.06 -62.08 13.46
N VAL P 74 -0.97 -62.12 14.30
CA VAL P 74 -0.81 -62.48 15.72
C VAL P 74 -1.80 -63.52 16.24
N ALA P 75 -1.34 -64.31 17.21
CA ALA P 75 -2.21 -65.16 18.02
C ALA P 75 -2.38 -64.54 19.41
N VAL P 76 -3.63 -64.48 19.87
CA VAL P 76 -3.97 -63.83 21.14
C VAL P 76 -4.30 -64.86 22.21
N ALA P 77 -3.69 -64.73 23.38
CA ALA P 77 -4.10 -65.49 24.57
C ALA P 77 -4.33 -64.53 25.75
N GLY P 78 -5.59 -64.43 26.17
CA GLY P 78 -5.96 -63.52 27.26
C GLY P 78 -7.28 -62.82 27.01
N LEU P 79 -7.41 -61.59 27.49
CA LEU P 79 -8.63 -60.81 27.29
C LEU P 79 -8.71 -60.28 25.86
N THR P 80 -9.78 -60.64 25.15
CA THR P 80 -9.96 -60.23 23.77
C THR P 80 -10.04 -58.71 23.64
N ALA P 81 -10.83 -58.09 24.52
CA ALA P 81 -11.01 -56.64 24.55
C ALA P 81 -9.68 -55.90 24.70
N ASP P 82 -8.91 -56.29 25.72
CA ASP P 82 -7.59 -55.72 25.98
C ASP P 82 -6.69 -55.86 24.77
N ALA P 83 -6.80 -57.01 24.10
CA ALA P 83 -5.98 -57.35 22.94
C ALA P 83 -6.28 -56.46 21.74
N GLU P 84 -7.56 -56.18 21.50
CA GLU P 84 -7.96 -55.36 20.35
C GLU P 84 -7.45 -53.93 20.43
N ILE P 85 -7.33 -53.40 21.64
CA ILE P 85 -6.74 -52.09 21.87
C ILE P 85 -5.29 -52.11 21.39
N LEU P 86 -4.55 -53.15 21.77
CA LEU P 86 -3.14 -53.29 21.39
C LEU P 86 -2.93 -53.61 19.90
N ILE P 87 -3.83 -54.43 19.34
CA ILE P 87 -3.78 -54.78 17.93
C ILE P 87 -3.94 -53.51 17.12
N ASN P 88 -4.92 -52.69 17.51
CA ASN P 88 -5.21 -51.47 16.78
C ASN P 88 -4.10 -50.43 16.78
N THR P 89 -3.37 -50.29 17.90
CA THR P 89 -2.23 -49.37 17.92
C THR P 89 -1.07 -49.89 17.08
N ALA P 90 -0.91 -51.21 17.07
CA ALA P 90 0.11 -51.89 16.26
C ALA P 90 -0.20 -51.82 14.76
N ARG P 91 -1.48 -51.96 14.39
CA ARG P 91 -1.89 -51.77 13.01
C ARG P 91 -1.56 -50.35 12.53
N ILE P 92 -1.77 -49.36 13.40
CA ILE P 92 -1.40 -47.97 13.13
C ILE P 92 0.11 -47.79 12.99
N HIS P 93 0.89 -48.34 13.92
CA HIS P 93 2.34 -48.19 13.89
C HIS P 93 2.96 -48.69 12.59
N ALA P 94 2.41 -49.80 12.09
CA ALA P 94 2.86 -50.40 10.83
C ALA P 94 2.63 -49.43 9.68
N GLN P 95 1.48 -48.77 9.68
CA GLN P 95 1.14 -47.84 8.62
C GLN P 95 1.95 -46.55 8.68
N ASN P 96 2.26 -46.11 9.90
CA ASN P 96 3.17 -44.98 10.12
C ASN P 96 4.55 -45.25 9.54
N TYR P 97 5.08 -46.43 9.85
CA TYR P 97 6.38 -46.84 9.32
C TYR P 97 6.37 -46.85 7.79
N LEU P 98 5.28 -47.35 7.19
CA LEU P 98 5.11 -47.40 5.74
C LEU P 98 4.98 -46.01 5.11
N LYS P 99 4.25 -45.12 5.78
CA LYS P 99 4.13 -43.74 5.31
C LYS P 99 5.48 -43.03 5.33
N THR P 100 6.24 -43.23 6.40
CA THR P 100 7.51 -42.54 6.61
C THR P 100 8.61 -43.03 5.66
N TYR P 101 8.78 -44.35 5.58
CA TYR P 101 9.92 -44.93 4.87
C TYR P 101 9.59 -45.57 3.52
N ASN P 102 8.31 -45.59 3.16
CA ASN P 102 7.83 -46.29 1.95
C ASN P 102 8.24 -47.76 1.89
N GLU P 103 8.47 -48.35 3.06
CA GLU P 103 8.83 -49.75 3.19
C GLU P 103 8.04 -50.39 4.32
N ASP P 104 7.62 -51.64 4.14
CA ASP P 104 6.90 -52.38 5.18
C ASP P 104 7.76 -52.55 6.42
N ILE P 105 7.14 -52.38 7.58
CA ILE P 105 7.83 -52.45 8.86
C ILE P 105 8.49 -53.81 9.12
N PRO P 106 9.80 -53.81 9.49
CA PRO P 106 10.47 -55.04 9.92
C PRO P 106 9.77 -55.57 11.16
N VAL P 107 9.75 -56.90 11.31
CA VAL P 107 8.92 -57.55 12.34
C VAL P 107 9.31 -57.18 13.78
N GLU P 108 10.61 -57.22 14.09
CA GLU P 108 11.07 -56.90 15.44
C GLU P 108 10.74 -55.46 15.86
N ILE P 109 10.82 -54.53 14.92
CA ILE P 109 10.50 -53.12 15.21
C ILE P 109 9.06 -52.98 15.70
N LEU P 110 8.13 -53.64 15.02
CA LEU P 110 6.73 -53.62 15.42
C LEU P 110 6.57 -54.30 16.78
N VAL P 111 7.25 -55.43 16.96
CA VAL P 111 7.21 -56.18 18.22
C VAL P 111 7.77 -55.37 19.38
N ARG P 112 8.88 -54.67 19.16
CA ARG P 112 9.50 -53.86 20.22
C ARG P 112 8.56 -52.75 20.68
N ARG P 113 7.94 -52.06 19.71
CA ARG P 113 6.97 -51.01 19.99
C ARG P 113 5.87 -51.51 20.93
N LEU P 114 5.18 -52.58 20.52
CA LEU P 114 4.12 -53.16 21.35
C LEU P 114 4.59 -53.59 22.73
N SER P 115 5.82 -54.08 22.80
CA SER P 115 6.41 -54.48 24.08
C SER P 115 6.75 -53.28 24.97
N ASP P 116 7.00 -52.13 24.35
CA ASP P 116 7.29 -50.89 25.09
C ASP P 116 6.02 -50.26 25.65
N ILE P 117 4.94 -50.35 24.87
CA ILE P 117 3.62 -49.91 25.33
C ILE P 117 3.17 -50.74 26.53
N LYS P 118 3.41 -52.06 26.46
CA LYS P 118 3.11 -52.97 27.56
C LYS P 118 3.99 -52.67 28.77
N GLN P 119 5.26 -52.42 28.53
CA GLN P 119 6.21 -52.07 29.61
C GLN P 119 5.76 -50.79 30.31
N GLY P 120 5.11 -49.90 29.57
CA GLY P 120 4.62 -48.64 30.11
C GLY P 120 3.75 -48.83 31.33
N TYR P 121 2.75 -49.71 31.19
CA TYR P 121 1.78 -49.98 32.25
C TYR P 121 2.39 -50.72 33.42
N THR P 122 3.70 -50.93 33.35
CA THR P 122 4.48 -51.69 34.34
C THR P 122 5.34 -50.80 35.24
N GLN P 123 5.61 -49.58 34.77
CA GLN P 123 6.50 -48.67 35.49
C GLN P 123 5.83 -47.38 35.93
N HIS P 124 4.85 -46.92 35.16
CA HIS P 124 4.13 -45.69 35.52
C HIS P 124 2.67 -45.72 35.12
N GLY P 125 1.90 -44.78 35.65
CA GLY P 125 0.52 -44.56 35.22
C GLY P 125 -0.55 -44.91 36.24
N GLY P 126 -0.27 -45.91 37.08
CA GLY P 126 -1.23 -46.35 38.10
C GLY P 126 -2.35 -47.24 37.57
N LEU P 127 -2.26 -47.62 36.30
CA LEU P 127 -3.26 -48.46 35.65
C LEU P 127 -2.81 -49.92 35.61
N ARG P 128 -3.78 -50.82 35.51
CA ARG P 128 -3.49 -52.25 35.41
C ARG P 128 -2.86 -52.58 34.06
N PRO P 129 -1.97 -53.59 34.02
CA PRO P 129 -1.42 -54.08 32.76
C PRO P 129 -2.47 -54.69 31.84
N PHE P 130 -2.10 -54.99 30.61
CA PHE P 130 -2.97 -55.71 29.68
C PHE P 130 -2.89 -57.21 29.94
N GLY P 131 -4.04 -57.83 30.19
CA GLY P 131 -4.10 -59.27 30.43
C GLY P 131 -4.05 -60.02 29.12
N VAL P 132 -2.92 -59.91 28.43
CA VAL P 132 -2.75 -60.39 27.07
C VAL P 132 -1.32 -60.89 26.81
N SER P 133 -1.22 -62.03 26.15
CA SER P 133 0.06 -62.49 25.58
C SER P 133 -0.09 -62.70 24.08
N PHE P 134 0.96 -62.31 23.34
CA PHE P 134 0.95 -62.40 21.88
C PHE P 134 1.94 -63.41 21.32
N ILE P 135 1.53 -64.09 20.26
CA ILE P 135 2.49 -64.77 19.39
C ILE P 135 2.49 -64.04 18.05
N TYR P 136 3.67 -63.62 17.62
CA TYR P 136 3.84 -62.89 16.36
C TYR P 136 4.43 -63.80 15.29
N ALA P 137 3.79 -63.83 14.13
CA ALA P 137 4.32 -64.53 12.97
C ALA P 137 4.40 -63.56 11.80
N GLY P 138 5.59 -63.43 11.21
CA GLY P 138 5.80 -62.48 10.14
C GLY P 138 7.03 -62.71 9.29
N TYR P 139 7.13 -61.93 8.21
CA TYR P 139 8.25 -62.02 7.27
C TYR P 139 8.76 -60.63 6.90
N ASP P 140 10.08 -60.49 6.88
CA ASP P 140 10.73 -59.31 6.32
C ASP P 140 12.01 -59.71 5.58
N ASP P 141 12.50 -58.83 4.70
CA ASP P 141 13.66 -59.15 3.88
C ASP P 141 15.00 -59.12 4.64
N ARG P 142 14.95 -58.95 5.95
CA ARG P 142 16.17 -58.93 6.76
C ARG P 142 16.45 -60.27 7.45
N TYR P 143 15.44 -60.81 8.13
CA TYR P 143 15.60 -62.07 8.87
C TYR P 143 14.71 -63.20 8.33
N GLY P 144 13.91 -62.89 7.31
CA GLY P 144 12.98 -63.86 6.73
C GLY P 144 11.84 -64.16 7.70
N TYR P 145 11.62 -65.44 7.95
CA TYR P 145 10.55 -65.88 8.85
C TYR P 145 10.95 -65.67 10.31
N GLN P 146 10.12 -64.92 11.01
CA GLN P 146 10.34 -64.61 12.42
C GLN P 146 9.15 -65.02 13.26
N LEU P 147 9.42 -65.52 14.46
CA LEU P 147 8.38 -65.86 15.41
C LEU P 147 8.72 -65.33 16.79
N TYR P 148 7.88 -64.41 17.28
CA TYR P 148 8.09 -63.76 18.57
C TYR P 148 6.95 -64.01 19.54
N THR P 149 7.24 -63.79 20.83
CA THR P 149 6.24 -63.86 21.89
C THR P 149 6.36 -62.59 22.75
N SER P 150 5.22 -62.06 23.21
CA SER P 150 5.25 -60.95 24.18
C SER P 150 4.17 -61.10 25.25
N ASN P 151 4.53 -60.75 26.48
CA ASN P 151 3.64 -60.90 27.64
C ASN P 151 3.37 -59.56 28.35
N PRO P 152 2.53 -59.56 29.40
CA PRO P 152 2.22 -58.32 30.11
C PRO P 152 3.42 -57.56 30.71
N SER P 153 4.54 -58.25 30.94
CA SER P 153 5.71 -57.61 31.55
C SER P 153 6.51 -56.75 30.56
N GLY P 154 6.01 -56.67 29.32
CA GLY P 154 6.68 -55.91 28.27
C GLY P 154 7.91 -56.59 27.70
N ASN P 155 8.02 -57.90 27.95
CA ASN P 155 9.18 -58.67 27.51
C ASN P 155 8.89 -59.49 26.26
N TYR P 156 9.84 -59.49 25.32
CA TYR P 156 9.70 -60.27 24.09
C TYR P 156 10.94 -61.10 23.79
N THR P 157 10.70 -62.28 23.18
CA THR P 157 11.78 -63.17 22.77
C THR P 157 11.39 -63.88 21.46
N GLY P 158 12.40 -64.45 20.78
CA GLY P 158 12.20 -65.14 19.50
C GLY P 158 12.22 -66.65 19.62
N TRP P 159 11.35 -67.30 18.86
CA TRP P 159 11.12 -68.74 19.00
C TRP P 159 11.09 -69.50 17.68
N LYS P 160 11.49 -70.77 17.74
CA LYS P 160 11.34 -71.71 16.63
C LYS P 160 9.94 -72.34 16.70
N ALA P 161 9.51 -72.63 17.92
CA ALA P 161 8.14 -73.03 18.22
C ALA P 161 7.81 -72.63 19.65
N ILE P 162 6.58 -72.17 19.88
CA ILE P 162 6.18 -71.69 21.21
C ILE P 162 4.67 -71.71 21.42
N SER P 163 4.27 -71.76 22.69
CA SER P 163 2.87 -71.73 23.08
C SER P 163 2.62 -70.73 24.20
N VAL P 164 1.41 -70.18 24.22
CA VAL P 164 0.95 -69.30 25.29
C VAL P 164 -0.46 -69.70 25.72
N GLY P 165 -0.85 -69.29 26.93
CA GLY P 165 -2.16 -69.59 27.46
C GLY P 165 -2.13 -70.79 28.40
N ALA P 166 -3.12 -71.66 28.25
CA ALA P 166 -3.28 -72.82 29.13
C ALA P 166 -2.28 -73.93 28.80
N ASN P 167 -1.86 -74.65 29.84
CA ASN P 167 -1.04 -75.86 29.69
C ASN P 167 0.16 -75.69 28.78
N THR P 168 0.90 -74.61 28.97
CA THR P 168 2.08 -74.34 28.15
C THR P 168 3.22 -75.27 28.51
N SER P 169 3.31 -75.59 29.80
CA SER P 169 4.31 -76.54 30.31
C SER P 169 4.19 -77.88 29.58
N ALA P 170 2.96 -78.41 29.52
CA ALA P 170 2.68 -79.66 28.82
C ALA P 170 2.89 -79.54 27.31
N ALA P 171 2.47 -78.41 26.74
CA ALA P 171 2.59 -78.18 25.29
C ALA P 171 4.03 -77.96 24.83
N GLN P 172 4.83 -77.36 25.70
CA GLN P 172 6.23 -77.07 25.40
C GLN P 172 7.07 -78.35 25.36
N THR P 173 6.73 -79.30 26.24
CA THR P 173 7.41 -80.60 26.29
C THR P 173 7.15 -81.41 25.01
N LEU P 174 5.91 -81.35 24.51
CA LEU P 174 5.52 -82.11 23.33
C LEU P 174 6.07 -81.54 22.01
N LEU P 175 6.29 -80.23 21.98
CA LEU P 175 6.89 -79.57 20.81
C LEU P 175 8.39 -79.78 20.77
N GLN P 176 9.01 -79.64 21.94
CA GLN P 176 10.44 -79.86 22.13
C GLN P 176 10.84 -81.31 21.86
N MET P 177 9.85 -82.17 21.71
CA MET P 177 10.05 -83.60 21.47
C MET P 177 10.01 -83.90 19.99
N ASP P 178 9.21 -83.14 19.24
CA ASP P 178 8.90 -83.43 17.84
C ASP P 178 9.35 -82.38 16.83
N TYR P 179 9.91 -81.26 17.30
CA TYR P 179 10.39 -80.22 16.39
C TYR P 179 11.78 -80.52 15.87
N LYS P 180 11.99 -80.28 14.58
CA LYS P 180 13.31 -80.32 13.96
C LYS P 180 13.44 -79.20 12.92
N ASP P 181 14.67 -78.70 12.76
CA ASP P 181 14.91 -77.49 11.95
C ASP P 181 14.49 -77.59 10.48
N ASP P 182 14.65 -78.76 9.88
CA ASP P 182 14.33 -78.96 8.46
C ASP P 182 12.84 -79.24 8.18
N MET P 183 11.96 -78.76 9.07
CA MET P 183 10.52 -78.97 8.90
C MET P 183 9.94 -78.19 7.73
N LYS P 184 8.93 -78.79 7.10
CA LYS P 184 8.15 -78.15 6.06
C LYS P 184 6.82 -77.71 6.68
N VAL P 185 6.21 -76.67 6.11
CA VAL P 185 4.98 -76.06 6.67
C VAL P 185 3.88 -77.10 6.96
N ASP P 186 3.69 -78.03 6.03
CA ASP P 186 2.67 -79.07 6.17
C ASP P 186 2.94 -80.02 7.32
N ASP P 187 4.21 -80.20 7.65
CA ASP P 187 4.61 -80.98 8.82
C ASP P 187 4.38 -80.18 10.10
N ALA P 188 4.57 -78.87 10.01
CA ALA P 188 4.36 -77.98 11.15
C ALA P 188 2.88 -77.84 11.51
N ILE P 189 2.02 -77.83 10.49
CA ILE P 189 0.57 -77.83 10.67
C ILE P 189 0.17 -79.07 11.47
N GLU P 190 0.68 -80.22 11.05
CA GLU P 190 0.43 -81.50 11.70
C GLU P 190 0.86 -81.48 13.16
N LEU P 191 2.07 -80.97 13.43
CA LEU P 191 2.58 -80.83 14.79
C LEU P 191 1.65 -79.96 15.63
N ALA P 192 1.25 -78.82 15.07
CA ALA P 192 0.37 -77.86 15.75
C ALA P 192 -0.94 -78.48 16.21
N LEU P 193 -1.55 -79.30 15.35
CA LEU P 193 -2.77 -80.00 15.69
C LEU P 193 -2.52 -81.09 16.72
N LYS P 194 -1.41 -81.80 16.56
CA LYS P 194 -1.04 -82.90 17.46
C LYS P 194 -0.78 -82.41 18.88
N THR P 195 -0.13 -81.25 19.00
CA THR P 195 0.14 -80.67 20.31
C THR P 195 -1.17 -80.28 20.99
N LEU P 196 -1.96 -79.45 20.32
CA LEU P 196 -3.24 -78.98 20.85
C LEU P 196 -4.13 -80.14 21.28
N SER P 197 -4.07 -81.23 20.50
CA SER P 197 -4.93 -82.40 20.71
C SER P 197 -4.69 -83.10 22.04
N LYS P 198 -3.48 -82.97 22.58
CA LYS P 198 -3.11 -83.67 23.81
C LYS P 198 -3.21 -82.77 25.04
N THR P 199 -3.29 -81.46 24.82
CA THR P 199 -3.37 -80.50 25.92
C THR P 199 -4.72 -79.76 26.01
N THR P 200 -5.68 -80.20 25.19
CA THR P 200 -7.05 -79.70 25.25
C THR P 200 -7.67 -80.07 26.60
N ASP P 201 -8.55 -79.21 27.11
CA ASP P 201 -9.36 -79.54 28.27
C ASP P 201 -10.71 -80.13 27.85
N SER P 202 -10.86 -80.42 26.56
CA SER P 202 -12.10 -80.95 26.01
C SER P 202 -12.02 -82.44 25.72
N SER P 203 -13.19 -83.00 25.39
CA SER P 203 -13.33 -84.43 25.10
C SER P 203 -12.61 -84.81 23.81
N ALA P 204 -12.90 -84.09 22.74
CA ALA P 204 -12.22 -84.26 21.46
C ALA P 204 -11.94 -82.89 20.85
N LEU P 205 -11.13 -82.86 19.80
CA LEU P 205 -10.79 -81.62 19.14
C LEU P 205 -11.59 -81.49 17.83
N THR P 206 -12.46 -80.49 17.78
CA THR P 206 -13.33 -80.27 16.61
C THR P 206 -12.94 -78.99 15.87
N TYR P 207 -13.35 -78.88 14.61
CA TYR P 207 -13.00 -77.73 13.77
C TYR P 207 -13.52 -76.41 14.32
N ASP P 208 -14.73 -76.42 14.89
CA ASP P 208 -15.42 -75.21 15.34
C ASP P 208 -14.78 -74.58 16.57
N ARG P 209 -13.88 -75.31 17.20
CA ARG P 209 -13.15 -74.81 18.36
C ARG P 209 -11.73 -74.40 17.99
N LEU P 210 -11.44 -74.39 16.70
CA LEU P 210 -10.08 -74.14 16.21
C LEU P 210 -9.98 -72.95 15.25
N GLU P 211 -8.83 -72.31 15.28
CA GLU P 211 -8.48 -71.27 14.31
C GLU P 211 -7.07 -71.50 13.81
N PHE P 212 -6.88 -71.37 12.49
CA PHE P 212 -5.60 -71.63 11.85
C PHE P 212 -5.15 -70.54 10.89
N ALA P 213 -3.84 -70.26 10.89
CA ALA P 213 -3.24 -69.30 9.97
C ALA P 213 -1.84 -69.71 9.53
N THR P 214 -1.56 -69.54 8.23
CA THR P 214 -0.24 -69.80 7.68
C THR P 214 0.36 -68.54 7.04
N ILE P 215 1.68 -68.44 7.07
CA ILE P 215 2.39 -67.38 6.37
C ILE P 215 3.43 -68.01 5.45
N ARG P 216 3.02 -68.23 4.20
CA ARG P 216 3.87 -68.89 3.20
C ARG P 216 4.45 -67.89 2.20
N LYS P 217 5.51 -68.31 1.53
CA LYS P 217 5.98 -67.63 0.33
C LYS P 217 5.46 -68.43 -0.86
N GLY P 218 4.65 -67.78 -1.69
CA GLY P 218 4.01 -68.41 -2.85
C GLY P 218 4.96 -69.26 -3.68
N ALA P 219 4.72 -70.58 -3.65
CA ALA P 219 5.55 -71.56 -4.35
C ALA P 219 5.41 -71.46 -5.88
N ASN P 220 4.93 -70.31 -6.34
CA ASN P 220 4.79 -69.98 -7.75
C ASN P 220 4.84 -68.47 -7.96
N ASP P 221 4.21 -67.74 -7.05
CA ASP P 221 4.16 -66.28 -7.05
C ASP P 221 5.55 -65.66 -6.82
N GLY P 222 6.27 -66.19 -5.83
CA GLY P 222 7.58 -65.68 -5.43
C GLY P 222 7.47 -64.53 -4.44
N GLU P 223 6.39 -64.53 -3.66
CA GLU P 223 6.11 -63.47 -2.69
C GLU P 223 5.20 -63.96 -1.54
N VAL P 224 5.16 -63.19 -0.46
CA VAL P 224 4.56 -63.64 0.81
C VAL P 224 3.02 -63.59 0.85
N TYR P 225 2.42 -64.72 1.19
CA TYR P 225 0.96 -64.86 1.27
C TYR P 225 0.48 -65.23 2.69
N GLN P 226 -0.60 -64.59 3.12
CA GLN P 226 -1.25 -64.90 4.39
C GLN P 226 -2.58 -65.59 4.16
N LYS P 227 -2.91 -66.52 5.05
CA LYS P 227 -4.11 -67.33 4.91
C LYS P 227 -4.73 -67.53 6.28
N ILE P 228 -5.92 -66.98 6.46
CA ILE P 228 -6.73 -67.32 7.63
C ILE P 228 -7.70 -68.42 7.20
N PHE P 229 -7.56 -69.59 7.82
CA PHE P 229 -8.29 -70.78 7.43
C PHE P 229 -9.79 -70.67 7.74
N LYS P 230 -10.61 -70.82 6.70
CA LYS P 230 -12.06 -70.80 6.82
C LYS P 230 -12.58 -72.08 7.50
N PRO P 231 -13.71 -72.00 8.24
CA PRO P 231 -14.28 -73.15 8.94
C PRO P 231 -14.11 -74.48 8.21
N GLN P 232 -14.45 -74.53 6.93
CA GLN P 232 -14.36 -75.74 6.10
C GLN P 232 -12.92 -76.20 5.86
N GLU P 233 -12.00 -75.24 5.76
CA GLU P 233 -10.58 -75.53 5.53
C GLU P 233 -9.91 -76.22 6.74
N ILE P 234 -10.36 -75.86 7.94
CA ILE P 234 -9.90 -76.51 9.17
C ILE P 234 -10.51 -77.91 9.27
N LYS P 235 -11.79 -78.01 8.91
CA LYS P 235 -12.52 -79.27 8.88
C LYS P 235 -11.82 -80.29 7.98
N ASP P 236 -11.26 -79.80 6.87
CA ASP P 236 -10.54 -80.65 5.90
C ASP P 236 -9.15 -81.05 6.41
N ILE P 237 -8.40 -80.08 6.91
CA ILE P 237 -7.04 -80.29 7.41
C ILE P 237 -7.02 -81.18 8.65
N LEU P 238 -8.20 -81.42 9.21
CA LEU P 238 -8.38 -82.25 10.41
C LEU P 238 -8.58 -83.71 10.05
N VAL P 239 -9.19 -83.96 8.89
CA VAL P 239 -9.40 -85.33 8.39
C VAL P 239 -8.09 -85.95 7.88
N LYS P 240 -7.24 -85.12 7.28
CA LYS P 240 -5.95 -85.54 6.71
C LYS P 240 -5.06 -86.22 7.74
N THR P 241 -5.01 -85.64 8.94
CA THR P 241 -4.21 -86.17 10.04
C THR P 241 -4.92 -87.29 10.80
N GLY P 242 -6.20 -87.50 10.47
CA GLY P 242 -6.97 -88.63 11.00
C GLY P 242 -7.64 -88.40 12.34
N ILE P 243 -8.11 -87.18 12.59
CA ILE P 243 -8.86 -86.86 13.82
C ILE P 243 -10.37 -86.76 13.57
N THR P 244 -10.76 -86.50 12.31
CA THR P 244 -12.16 -86.32 11.89
C THR P 244 -12.88 -85.25 12.73
N GLY Q 1 -2.28 -36.01 36.18
CA GLY Q 1 -2.41 -37.49 36.06
C GLY Q 1 -2.14 -38.20 37.37
N TYR Q 2 -1.40 -39.29 37.30
CA TYR Q 2 -1.09 -40.11 38.47
C TYR Q 2 0.30 -39.75 39.00
N ASP Q 3 0.34 -39.19 40.20
CA ASP Q 3 1.59 -38.71 40.80
C ASP Q 3 1.83 -39.19 42.23
N ARG Q 4 1.24 -40.33 42.58
CA ARG Q 4 1.42 -40.94 43.89
C ARG Q 4 2.90 -41.22 44.16
N ALA Q 5 3.40 -40.74 45.29
CA ALA Q 5 4.79 -40.97 45.68
C ALA Q 5 4.96 -42.43 46.08
N LEU Q 6 5.60 -43.20 45.18
CA LEU Q 6 5.80 -44.62 45.40
C LEU Q 6 7.15 -44.90 46.07
N SER Q 7 8.14 -44.08 45.76
CA SER Q 7 9.43 -44.15 46.42
C SER Q 7 9.47 -43.19 47.60
N ILE Q 8 9.28 -43.73 48.80
CA ILE Q 8 9.23 -42.93 50.03
C ILE Q 8 10.13 -43.54 51.11
N PHE Q 9 10.52 -42.71 52.08
CA PHE Q 9 11.35 -43.14 53.21
C PHE Q 9 10.56 -43.99 54.19
N SER Q 10 11.27 -44.87 54.88
CA SER Q 10 10.68 -45.70 55.93
C SER Q 10 11.41 -45.41 57.24
N PRO Q 11 10.78 -45.71 58.40
CA PRO Q 11 11.28 -45.35 59.73
C PRO Q 11 12.80 -45.39 59.95
N ASP Q 12 13.49 -46.35 59.33
CA ASP Q 12 14.93 -46.51 59.54
C ASP Q 12 15.81 -45.93 58.42
N GLY Q 13 15.20 -45.09 57.57
CA GLY Q 13 15.93 -44.37 56.54
C GLY Q 13 16.17 -45.12 55.25
N HIS Q 14 15.24 -46.01 54.88
CA HIS Q 14 15.35 -46.79 53.64
C HIS Q 14 14.24 -46.49 52.66
N ILE Q 15 14.60 -46.37 51.39
CA ILE Q 15 13.62 -46.31 50.31
C ILE Q 15 13.38 -47.74 49.85
N PHE Q 16 12.31 -48.35 50.37
CA PHE Q 16 12.03 -49.76 50.11
C PHE Q 16 11.84 -50.12 48.63
N GLN Q 17 11.31 -49.19 47.84
CA GLN Q 17 11.11 -49.44 46.40
C GLN Q 17 12.43 -49.52 45.64
N VAL Q 18 13.40 -48.71 46.05
CA VAL Q 18 14.76 -48.73 45.51
C VAL Q 18 15.45 -50.00 45.96
N GLU Q 19 15.19 -50.38 47.21
CA GLU Q 19 15.75 -51.58 47.80
C GLU Q 19 15.26 -52.81 47.06
N TYR Q 20 13.95 -52.87 46.81
CA TYR Q 20 13.33 -54.00 46.12
C TYR Q 20 13.72 -54.08 44.65
N ALA Q 21 14.10 -52.93 44.07
CA ALA Q 21 14.58 -52.88 42.69
C ALA Q 21 15.89 -53.65 42.53
N LEU Q 22 16.74 -53.59 43.56
CA LEU Q 22 17.98 -54.35 43.60
C LEU Q 22 17.73 -55.85 43.67
N GLU Q 23 16.62 -56.23 44.33
CA GLU Q 23 16.23 -57.64 44.44
C GLU Q 23 15.86 -58.24 43.07
N ALA Q 24 15.40 -57.38 42.16
CA ALA Q 24 15.15 -57.78 40.78
C ALA Q 24 16.46 -57.91 40.01
N VAL Q 25 17.44 -57.08 40.36
CA VAL Q 25 18.78 -57.15 39.77
C VAL Q 25 19.46 -58.44 40.17
N LYS Q 26 19.30 -58.84 41.44
CA LYS Q 26 19.78 -60.13 41.93
C LYS Q 26 19.16 -61.30 41.17
N ARG Q 27 17.88 -61.18 40.84
CA ARG Q 27 17.17 -62.22 40.09
C ARG Q 27 17.67 -62.34 38.65
N GLY Q 28 17.94 -61.21 38.02
CA GLY Q 28 18.41 -61.17 36.63
C GLY Q 28 19.69 -61.95 36.39
N THR Q 29 19.88 -62.39 35.15
CA THR Q 29 21.06 -63.17 34.76
C THR Q 29 22.36 -62.40 35.01
N CYS Q 30 23.45 -63.14 35.20
CA CYS Q 30 24.75 -62.57 35.57
C CYS Q 30 25.40 -61.77 34.45
N ALA Q 31 26.13 -60.73 34.82
CA ALA Q 31 26.90 -59.91 33.89
C ALA Q 31 28.24 -59.51 34.50
N VAL Q 32 29.28 -59.50 33.69
CA VAL Q 32 30.64 -59.21 34.16
C VAL Q 32 31.41 -58.32 33.17
N GLY Q 33 32.42 -57.63 33.67
CA GLY Q 33 33.27 -56.78 32.85
C GLY Q 33 34.65 -56.62 33.45
N VAL Q 34 35.67 -56.91 32.64
CA VAL Q 34 37.07 -56.72 33.05
C VAL Q 34 37.80 -55.85 32.02
N LYS Q 35 38.63 -54.92 32.52
CA LYS Q 35 39.38 -54.03 31.63
C LYS Q 35 40.87 -54.36 31.61
N GLY Q 36 41.39 -54.63 30.41
CA GLY Q 36 42.80 -54.90 30.21
C GLY Q 36 43.59 -53.62 30.09
N LYS Q 37 44.75 -53.70 29.43
CA LYS Q 37 45.59 -52.53 29.23
C LYS Q 37 45.07 -51.71 28.04
N ASN Q 38 44.53 -52.40 27.04
CA ASN Q 38 44.09 -51.77 25.80
C ASN Q 38 42.69 -52.16 25.38
N CYS Q 39 41.94 -52.79 26.29
CA CYS Q 39 40.59 -53.29 25.97
C CYS Q 39 39.67 -53.40 27.19
N VAL Q 40 38.37 -53.51 26.93
CA VAL Q 40 37.38 -53.87 27.94
C VAL Q 40 36.59 -55.05 27.41
N VAL Q 41 36.37 -56.05 28.26
CA VAL Q 41 35.63 -57.25 27.87
C VAL Q 41 34.36 -57.37 28.72
N LEU Q 42 33.22 -57.53 28.05
CA LEU Q 42 31.94 -57.76 28.73
C LEU Q 42 31.44 -59.18 28.49
N GLY Q 43 31.02 -59.82 29.58
CA GLY Q 43 30.50 -61.20 29.54
C GLY Q 43 29.17 -61.32 30.24
N CYS Q 44 28.26 -62.10 29.65
CA CYS Q 44 26.92 -62.29 30.20
C CYS Q 44 26.52 -63.76 30.16
N GLU Q 45 25.54 -64.14 30.98
CA GLU Q 45 25.04 -65.51 30.96
C GLU Q 45 23.66 -65.62 30.32
N ARG Q 46 23.43 -66.74 29.65
CA ARG Q 46 22.12 -67.07 29.10
C ARG Q 46 21.47 -68.16 29.94
N ARG Q 47 20.20 -67.97 30.23
CA ARG Q 47 19.42 -68.95 30.98
C ARG Q 47 19.11 -70.16 30.10
N SER Q 48 18.66 -71.25 30.74
CA SER Q 48 18.25 -72.45 30.00
C SER Q 48 17.05 -73.16 30.62
N THR Q 49 16.06 -72.36 31.08
CA THR Q 49 14.78 -72.88 31.57
C THR Q 49 13.98 -73.48 30.41
N LEU Q 50 14.03 -72.81 29.26
CA LEU Q 50 13.44 -73.27 28.00
C LEU Q 50 14.47 -73.13 26.87
N LYS Q 51 14.71 -74.20 26.12
CA LYS Q 51 15.66 -74.16 25.00
C LYS Q 51 15.07 -74.69 23.68
N LEU Q 52 14.44 -73.78 22.95
CA LEU Q 52 13.86 -74.04 21.64
C LEU Q 52 13.72 -72.67 20.95
N GLN Q 53 14.59 -71.75 21.35
CA GLN Q 53 14.54 -70.36 20.93
C GLN Q 53 15.17 -70.13 19.58
N ASP Q 54 15.08 -68.89 19.10
CA ASP Q 54 15.81 -68.43 17.93
C ASP Q 54 16.76 -67.33 18.41
N THR Q 55 18.06 -67.62 18.39
CA THR Q 55 19.06 -66.70 18.94
C THR Q 55 19.39 -65.49 18.06
N ARG Q 56 19.18 -65.63 16.75
CA ARG Q 56 19.43 -64.54 15.79
C ARG Q 56 18.56 -63.31 16.09
N ILE Q 57 17.27 -63.55 16.32
CA ILE Q 57 16.29 -62.47 16.44
C ILE Q 57 16.06 -61.98 17.87
N THR Q 58 16.28 -62.87 18.85
CA THR Q 58 16.24 -62.50 20.27
C THR Q 58 17.41 -61.57 20.60
N PRO Q 59 17.13 -60.40 21.21
CA PRO Q 59 18.16 -59.39 21.50
C PRO Q 59 19.30 -59.93 22.37
N SER Q 60 20.53 -59.86 21.87
CA SER Q 60 21.71 -60.27 22.67
C SER Q 60 21.98 -59.26 23.78
N LYS Q 61 22.46 -59.75 24.92
CA LYS Q 61 22.45 -59.01 26.19
C LYS Q 61 23.34 -57.75 26.22
N VAL Q 62 24.27 -57.65 25.27
CA VAL Q 62 25.13 -56.46 25.17
C VAL Q 62 24.64 -55.55 24.05
N SER Q 63 24.24 -54.33 24.43
CA SER Q 63 23.72 -53.36 23.47
C SER Q 63 24.75 -52.28 23.11
N LYS Q 64 24.69 -51.82 21.87
CA LYS Q 64 25.49 -50.69 21.42
C LYS Q 64 24.71 -49.39 21.61
N ILE Q 65 25.34 -48.44 22.29
CA ILE Q 65 24.75 -47.11 22.53
C ILE Q 65 25.22 -46.13 21.45
N ASP Q 66 26.52 -46.12 21.20
CA ASP Q 66 27.14 -45.44 20.07
C ASP Q 66 28.23 -46.40 19.56
N SER Q 67 28.90 -46.06 18.47
CA SER Q 67 29.86 -46.97 17.84
C SER Q 67 31.12 -47.24 18.71
N HIS Q 68 31.22 -46.57 19.86
CA HIS Q 68 32.41 -46.67 20.71
C HIS Q 68 32.12 -47.04 22.17
N VAL Q 69 30.84 -47.03 22.57
CA VAL Q 69 30.44 -47.36 23.94
C VAL Q 69 29.32 -48.41 23.95
N VAL Q 70 29.45 -49.41 24.83
CA VAL Q 70 28.44 -50.45 24.97
C VAL Q 70 27.84 -50.52 26.38
N LEU Q 71 26.65 -51.13 26.47
CA LEU Q 71 25.94 -51.26 27.73
C LEU Q 71 25.38 -52.66 27.91
N SER Q 72 25.69 -53.27 29.04
CA SER Q 72 25.11 -54.56 29.44
C SER Q 72 24.34 -54.35 30.75
N PHE Q 73 23.39 -55.25 31.03
CA PHE Q 73 22.51 -55.08 32.19
C PHE Q 73 22.18 -56.38 32.91
N SER Q 74 21.83 -56.24 34.18
CA SER Q 74 21.25 -57.32 34.96
C SER Q 74 19.95 -56.82 35.57
N GLY Q 75 18.86 -57.56 35.33
CA GLY Q 75 17.57 -57.21 35.89
C GLY Q 75 16.42 -57.47 34.95
N LEU Q 76 15.45 -56.56 34.97
CA LEU Q 76 14.24 -56.69 34.14
C LEU Q 76 14.55 -56.24 32.72
N ASN Q 77 14.32 -57.13 31.77
CA ASN Q 77 14.67 -56.88 30.37
C ASN Q 77 13.89 -55.73 29.75
N ALA Q 78 12.61 -55.62 30.11
CA ALA Q 78 11.74 -54.60 29.55
C ALA Q 78 12.12 -53.19 30.02
N ASP Q 79 12.59 -53.10 31.26
CA ASP Q 79 13.06 -51.82 31.79
C ASP Q 79 14.31 -51.36 31.05
N SER Q 80 15.22 -52.29 30.78
CA SER Q 80 16.52 -51.97 30.20
C SER Q 80 16.42 -51.33 28.82
N ARG Q 81 15.42 -51.73 28.04
CA ARG Q 81 15.17 -51.15 26.72
C ARG Q 81 14.90 -49.65 26.80
N ILE Q 82 14.15 -49.23 27.82
CA ILE Q 82 13.80 -47.84 28.04
C ILE Q 82 15.05 -47.03 28.39
N LEU Q 83 15.93 -47.62 29.21
CA LEU Q 83 17.22 -47.00 29.51
C LEU Q 83 18.12 -46.93 28.27
N ILE Q 84 18.19 -48.02 27.51
CA ILE Q 84 19.05 -48.09 26.34
C ILE Q 84 18.68 -47.04 25.28
N GLU Q 85 17.38 -46.98 24.95
CA GLU Q 85 16.86 -46.02 23.98
C GLU Q 85 17.24 -44.59 24.37
N LYS Q 86 16.97 -44.23 25.63
CA LYS Q 86 17.27 -42.89 26.14
C LYS Q 86 18.75 -42.52 26.03
N ALA Q 87 19.61 -43.47 26.37
CA ALA Q 87 21.06 -43.28 26.25
C ALA Q 87 21.52 -43.15 24.79
N ARG Q 88 20.84 -43.87 23.89
CA ARG Q 88 21.13 -43.80 22.46
C ARG Q 88 20.77 -42.45 21.88
N VAL Q 89 19.66 -41.88 22.35
CA VAL Q 89 19.21 -40.56 21.91
C VAL Q 89 20.19 -39.50 22.41
N GLU Q 90 20.46 -39.50 23.71
CA GLU Q 90 21.39 -38.54 24.29
C GLU Q 90 22.75 -38.61 23.59
N ALA Q 91 23.13 -39.80 23.14
CA ALA Q 91 24.38 -39.99 22.41
C ALA Q 91 24.39 -39.17 21.13
N GLN Q 92 23.29 -39.19 20.40
CA GLN Q 92 23.14 -38.44 19.16
C GLN Q 92 23.06 -36.93 19.42
N SER Q 93 22.29 -36.56 20.44
CA SER Q 93 22.12 -35.17 20.86
C SER Q 93 23.44 -34.50 21.27
N HIS Q 94 24.33 -35.29 21.84
CA HIS Q 94 25.64 -34.79 22.26
C HIS Q 94 26.54 -34.51 21.06
N ARG Q 95 26.53 -35.41 20.08
CA ARG Q 95 27.29 -35.23 18.84
C ARG Q 95 26.80 -34.01 18.07
N LEU Q 96 25.52 -33.72 18.22
CA LEU Q 96 24.86 -32.64 17.51
C LEU Q 96 25.27 -31.25 18.02
N THR Q 97 25.38 -31.12 19.35
CA THR Q 97 25.59 -29.82 19.98
C THR Q 97 27.03 -29.56 20.42
N LEU Q 98 27.77 -30.62 20.73
CA LEU Q 98 29.17 -30.50 21.16
C LEU Q 98 30.17 -30.85 20.05
N GLU Q 99 29.65 -31.47 18.98
CA GLU Q 99 30.43 -31.89 17.81
C GLU Q 99 31.53 -32.90 18.16
N ASP Q 100 31.19 -33.84 19.03
CA ASP Q 100 32.11 -34.85 19.54
C ASP Q 100 31.28 -35.93 20.25
N PRO Q 101 31.59 -37.22 20.00
CA PRO Q 101 30.88 -38.29 20.71
C PRO Q 101 31.06 -38.22 22.23
N VAL Q 102 30.13 -38.81 22.96
CA VAL Q 102 30.17 -38.81 24.43
C VAL Q 102 31.38 -39.54 24.98
N THR Q 103 31.87 -39.08 26.13
CA THR Q 103 32.83 -39.86 26.89
C THR Q 103 32.03 -40.96 27.60
N VAL Q 104 32.72 -42.00 28.05
CA VAL Q 104 32.05 -43.09 28.77
C VAL Q 104 31.51 -42.58 30.11
N GLU Q 105 32.31 -41.76 30.79
CA GLU Q 105 31.93 -41.14 32.04
C GLU Q 105 30.62 -40.37 31.90
N TYR Q 106 30.53 -39.54 30.87
CA TYR Q 106 29.34 -38.71 30.63
C TYR Q 106 28.11 -39.54 30.37
N LEU Q 107 28.24 -40.53 29.49
CA LEU Q 107 27.13 -41.37 29.10
C LEU Q 107 26.62 -42.20 30.27
N THR Q 108 27.52 -42.56 31.16
CA THR Q 108 27.15 -43.24 32.41
C THR Q 108 26.42 -42.26 33.32
N ARG Q 109 26.99 -41.08 33.49
CA ARG Q 109 26.41 -40.02 34.33
C ARG Q 109 24.98 -39.68 33.92
N TYR Q 110 24.70 -39.70 32.62
CA TYR Q 110 23.34 -39.48 32.13
C TYR Q 110 22.39 -40.61 32.53
N VAL Q 111 22.78 -41.86 32.26
CA VAL Q 111 21.96 -43.01 32.61
C VAL Q 111 21.66 -43.02 34.11
N ALA Q 112 22.71 -42.83 34.91
CA ALA Q 112 22.59 -42.74 36.37
C ALA Q 112 21.60 -41.66 36.80
N GLY Q 113 21.62 -40.53 36.08
CA GLY Q 113 20.70 -39.42 36.33
C GLY Q 113 19.25 -39.77 36.01
N VAL Q 114 19.04 -40.51 34.94
CA VAL Q 114 17.70 -40.96 34.57
C VAL Q 114 17.14 -41.85 35.69
N GLN Q 115 17.95 -42.82 36.12
CA GLN Q 115 17.55 -43.75 37.18
C GLN Q 115 17.22 -43.02 38.48
N GLN Q 116 18.12 -42.11 38.89
CA GLN Q 116 17.95 -41.29 40.09
C GLN Q 116 16.64 -40.48 40.05
N ARG Q 117 16.31 -39.96 38.87
CA ARG Q 117 15.08 -39.19 38.65
C ARG Q 117 13.85 -40.04 38.96
N TYR Q 118 13.92 -41.33 38.61
CA TYR Q 118 12.81 -42.26 38.81
C TYR Q 118 12.66 -42.73 40.25
N THR Q 119 13.51 -42.22 41.15
CA THR Q 119 13.44 -42.58 42.56
C THR Q 119 12.88 -41.44 43.41
N GLN Q 120 12.69 -40.27 42.80
CA GLN Q 120 11.98 -39.17 43.48
C GLN Q 120 11.00 -38.39 42.58
N SER Q 121 10.36 -39.12 41.66
CA SER Q 121 9.26 -38.61 40.86
C SER Q 121 7.99 -39.38 41.22
N GLY Q 122 6.86 -38.68 41.24
CA GLY Q 122 5.58 -39.28 41.57
C GLY Q 122 5.00 -40.11 40.43
N GLY Q 123 4.43 -41.26 40.78
CA GLY Q 123 3.74 -42.11 39.80
C GLY Q 123 4.62 -43.08 39.05
N VAL Q 124 5.90 -43.16 39.43
CA VAL Q 124 6.85 -44.09 38.79
C VAL Q 124 7.62 -44.92 39.83
N ARG Q 125 7.87 -46.18 39.50
CA ARG Q 125 8.77 -47.02 40.29
C ARG Q 125 10.17 -46.94 39.68
N PRO Q 126 11.21 -47.18 40.49
CA PRO Q 126 12.57 -47.17 39.95
C PRO Q 126 12.80 -48.30 38.96
N PHE Q 127 13.84 -48.17 38.13
CA PHE Q 127 14.22 -49.22 37.18
C PHE Q 127 14.75 -50.44 37.94
N GLY Q 128 14.31 -51.62 37.50
CA GLY Q 128 14.82 -52.86 38.07
C GLY Q 128 16.04 -53.34 37.30
N VAL Q 129 17.02 -52.44 37.16
CA VAL Q 129 18.18 -52.65 36.30
C VAL Q 129 19.43 -52.00 36.90
N SER Q 130 20.53 -52.75 36.85
CA SER Q 130 21.86 -52.18 37.02
C SER Q 130 22.60 -52.37 35.71
N THR Q 131 23.40 -51.39 35.34
CA THR Q 131 24.11 -51.45 34.05
C THR Q 131 25.63 -51.50 34.22
N LEU Q 132 26.27 -52.17 33.27
CA LEU Q 132 27.70 -52.06 33.09
C LEU Q 132 27.91 -51.34 31.76
N ILE Q 133 28.50 -50.15 31.84
CA ILE Q 133 28.78 -49.34 30.66
C ILE Q 133 30.28 -49.34 30.43
N ALA Q 134 30.68 -49.65 29.20
CA ALA Q 134 32.09 -49.82 28.86
C ALA Q 134 32.41 -49.25 27.50
N GLY Q 135 33.63 -48.72 27.36
CA GLY Q 135 34.10 -48.21 26.08
C GLY Q 135 35.36 -47.36 26.16
N PHE Q 136 35.56 -46.54 25.14
CA PHE Q 136 36.71 -45.64 25.06
C PHE Q 136 36.27 -44.23 24.67
N ASP Q 137 36.83 -43.24 25.36
CA ASP Q 137 36.63 -41.83 25.01
C ASP Q 137 37.21 -41.57 23.61
N PRO Q 138 36.64 -40.62 22.85
CA PRO Q 138 37.16 -40.30 21.52
C PRO Q 138 38.64 -39.92 21.56
N ARG Q 139 39.41 -40.42 20.59
CA ARG Q 139 40.86 -40.20 20.49
C ARG Q 139 41.66 -40.68 21.72
N ASP Q 140 41.06 -41.57 22.49
CA ASP Q 140 41.68 -42.07 23.72
C ASP Q 140 41.89 -43.57 23.67
N ASP Q 141 43.02 -44.02 24.21
CA ASP Q 141 43.39 -45.44 24.21
C ASP Q 141 43.39 -46.07 25.62
N GLU Q 142 42.74 -45.40 26.57
CA GLU Q 142 42.63 -45.87 27.94
C GLU Q 142 41.22 -46.43 28.20
N PRO Q 143 41.14 -47.67 28.72
CA PRO Q 143 39.85 -48.37 28.89
C PRO Q 143 38.97 -47.78 29.99
N LYS Q 144 37.67 -47.75 29.74
CA LYS Q 144 36.69 -47.25 30.72
C LYS Q 144 35.63 -48.31 31.04
N LEU Q 145 35.37 -48.52 32.32
CA LEU Q 145 34.31 -49.41 32.78
C LEU Q 145 33.57 -48.78 33.94
N TYR Q 146 32.25 -48.66 33.80
CA TYR Q 146 31.41 -48.00 34.79
C TYR Q 146 30.20 -48.86 35.15
N GLN Q 147 29.71 -48.68 36.37
CA GLN Q 147 28.52 -49.38 36.82
C GLN Q 147 27.50 -48.40 37.39
N THR Q 148 26.24 -48.59 37.00
CA THR Q 148 25.13 -47.86 37.62
C THR Q 148 24.21 -48.83 38.35
N GLU Q 149 23.41 -48.30 39.27
CA GLU Q 149 22.40 -49.07 39.99
C GLU Q 149 21.09 -48.29 40.13
N PRO Q 150 19.97 -48.98 40.49
CA PRO Q 150 18.66 -48.33 40.54
C PRO Q 150 18.58 -47.06 41.39
N SER Q 151 19.43 -46.95 42.40
CA SER Q 151 19.47 -45.76 43.27
C SER Q 151 19.97 -44.52 42.54
N GLY Q 152 20.70 -44.74 41.45
CA GLY Q 152 21.24 -43.64 40.64
C GLY Q 152 22.71 -43.39 40.87
N ILE Q 153 23.31 -44.15 41.79
CA ILE Q 153 24.74 -44.08 42.05
C ILE Q 153 25.56 -44.69 40.91
N TYR Q 154 26.72 -44.11 40.61
CA TYR Q 154 27.61 -44.65 39.59
C TYR Q 154 29.08 -44.57 40.00
N SER Q 155 29.88 -45.53 39.54
CA SER Q 155 31.31 -45.57 39.80
C SER Q 155 32.05 -46.43 38.78
N SER Q 156 33.35 -46.20 38.63
CA SER Q 156 34.18 -46.95 37.69
C SER Q 156 34.95 -48.07 38.35
N TRP Q 157 35.02 -49.22 37.68
CA TRP Q 157 35.64 -50.43 38.22
C TRP Q 157 36.78 -50.93 37.36
N SER Q 158 37.80 -51.48 38.00
CA SER Q 158 38.83 -52.29 37.31
C SER Q 158 38.18 -53.57 36.80
N ALA Q 159 37.29 -54.13 37.61
CA ALA Q 159 36.50 -55.30 37.27
C ALA Q 159 35.22 -55.31 38.09
N GLN Q 160 34.12 -55.72 37.49
CA GLN Q 160 32.82 -55.75 38.19
C GLN Q 160 31.84 -56.74 37.61
N THR Q 161 30.92 -57.18 38.46
CA THR Q 161 29.85 -58.09 38.07
C THR Q 161 28.54 -57.67 38.72
N ILE Q 162 27.43 -58.04 38.11
CA ILE Q 162 26.09 -57.74 38.63
C ILE Q 162 25.13 -58.88 38.28
N GLY Q 163 24.16 -59.10 39.14
CA GLY Q 163 23.14 -60.13 38.90
C GLY Q 163 23.21 -61.30 39.87
N ARG Q 164 22.64 -62.43 39.47
CA ARG Q 164 22.61 -63.63 40.30
C ARG Q 164 23.99 -64.22 40.50
N ASN Q 165 24.28 -64.56 41.76
CA ASN Q 165 25.58 -65.09 42.17
C ASN Q 165 26.75 -64.20 41.76
N SER Q 166 26.50 -62.89 41.72
CA SER Q 166 27.55 -61.90 41.49
C SER Q 166 28.48 -61.83 42.71
N LYS Q 167 27.94 -62.24 43.86
CA LYS Q 167 28.71 -62.32 45.10
C LYS Q 167 29.90 -63.28 44.92
N THR Q 168 29.63 -64.42 44.30
CA THR Q 168 30.61 -65.49 44.09
C THR Q 168 31.66 -65.14 43.03
N VAL Q 169 31.23 -64.46 41.98
CA VAL Q 169 32.14 -64.08 40.88
C VAL Q 169 32.95 -62.82 41.21
N ARG Q 170 32.38 -61.92 42.02
CA ARG Q 170 33.12 -60.78 42.55
C ARG Q 170 34.22 -61.28 43.48
N GLU Q 171 33.91 -62.33 44.22
CA GLU Q 171 34.86 -63.03 45.08
C GLU Q 171 36.07 -63.50 44.26
N PHE Q 172 35.78 -64.12 43.12
CA PHE Q 172 36.81 -64.61 42.19
C PHE Q 172 37.69 -63.46 41.68
N LEU Q 173 37.05 -62.38 41.24
CA LEU Q 173 37.76 -61.24 40.66
C LEU Q 173 38.64 -60.50 41.66
N GLU Q 174 38.24 -60.54 42.93
CA GLU Q 174 38.96 -59.84 44.00
C GLU Q 174 40.31 -60.47 44.33
N LYS Q 175 40.43 -61.78 44.11
CA LYS Q 175 41.70 -62.47 44.35
C LYS Q 175 42.54 -62.66 43.08
N ASN Q 176 41.88 -62.59 41.93
CA ASN Q 176 42.54 -62.86 40.64
C ASN Q 176 43.06 -61.62 39.90
N TYR Q 177 42.24 -60.58 39.81
CA TYR Q 177 42.62 -59.36 39.10
C TYR Q 177 43.70 -58.59 39.83
N ASP Q 178 44.82 -58.36 39.15
CA ASP Q 178 45.94 -57.61 39.71
C ASP Q 178 45.89 -56.16 39.23
N ARG Q 179 45.94 -55.25 40.19
CA ARG Q 179 45.97 -53.81 39.89
C ARG Q 179 47.34 -53.37 39.38
N LYS Q 180 48.39 -53.96 39.93
CA LYS Q 180 49.76 -53.71 39.47
C LYS Q 180 49.85 -53.93 37.96
N GLU Q 181 49.40 -55.11 37.52
CA GLU Q 181 49.36 -55.44 36.10
C GLU Q 181 48.03 -56.08 35.70
N PRO Q 182 47.22 -55.35 34.92
CA PRO Q 182 46.00 -55.90 34.29
C PRO Q 182 46.37 -56.94 33.21
N PRO Q 183 45.36 -57.58 32.59
CA PRO Q 183 45.68 -58.43 31.44
C PRO Q 183 46.21 -57.61 30.26
N ALA Q 184 47.46 -57.83 29.90
CA ALA Q 184 48.14 -57.07 28.85
C ALA Q 184 47.60 -57.37 27.45
N THR Q 185 47.31 -58.64 27.19
CA THR Q 185 46.78 -59.07 25.90
C THR Q 185 45.27 -58.97 25.87
N VAL Q 186 44.72 -58.78 24.67
CA VAL Q 186 43.29 -58.86 24.43
C VAL Q 186 42.83 -60.30 24.66
N GLU Q 187 43.67 -61.24 24.24
CA GLU Q 187 43.40 -62.68 24.35
C GLU Q 187 43.31 -63.15 25.81
N GLU Q 188 44.28 -62.73 26.63
CA GLU Q 188 44.32 -63.16 28.03
C GLU Q 188 43.30 -62.43 28.92
N CYS Q 189 42.75 -61.34 28.40
CA CYS Q 189 41.70 -60.60 29.08
C CYS Q 189 40.37 -61.33 28.97
N VAL Q 190 40.13 -61.96 27.83
CA VAL Q 190 38.91 -62.74 27.60
C VAL Q 190 38.95 -64.02 28.46
N LYS Q 191 40.14 -64.58 28.61
CA LYS Q 191 40.34 -65.79 29.43
C LYS Q 191 39.81 -65.59 30.85
N LEU Q 192 40.19 -64.48 31.48
CA LEU Q 192 39.76 -64.14 32.84
C LEU Q 192 38.24 -63.95 32.95
N THR Q 193 37.63 -63.49 31.87
CA THR Q 193 36.18 -63.24 31.81
C THR Q 193 35.38 -64.54 31.80
N VAL Q 194 35.80 -65.49 30.96
CA VAL Q 194 35.13 -66.78 30.84
C VAL Q 194 35.32 -67.59 32.13
N ARG Q 195 36.55 -67.57 32.66
CA ARG Q 195 36.88 -68.26 33.92
C ARG Q 195 35.94 -67.87 35.06
N SER Q 196 35.72 -66.57 35.22
CA SER Q 196 34.88 -66.04 36.28
C SER Q 196 33.40 -66.39 36.10
N LEU Q 197 32.97 -66.55 34.85
CA LEU Q 197 31.59 -66.94 34.56
C LEU Q 197 31.35 -68.42 34.80
N LEU Q 198 32.33 -69.25 34.46
CA LEU Q 198 32.23 -70.71 34.63
C LEU Q 198 31.97 -71.14 36.08
N GLU Q 199 32.14 -70.22 37.02
CA GLU Q 199 31.84 -70.46 38.42
C GLU Q 199 30.34 -70.64 38.64
N VAL Q 200 29.55 -69.78 37.98
CA VAL Q 200 28.11 -69.70 38.18
C VAL Q 200 27.33 -70.45 37.09
N VAL Q 201 27.87 -70.44 35.88
CA VAL Q 201 27.11 -70.78 34.66
C VAL Q 201 26.81 -72.27 34.41
N GLN Q 202 27.75 -73.15 34.77
CA GLN Q 202 27.75 -74.56 34.34
C GLN Q 202 28.45 -74.67 32.98
N THR Q 203 28.84 -75.89 32.61
CA THR Q 203 29.46 -76.13 31.30
C THR Q 203 28.49 -75.67 30.21
N GLY Q 204 28.80 -74.52 29.61
CA GLY Q 204 27.88 -73.88 28.66
C GLY Q 204 28.42 -73.69 27.27
N ALA Q 205 27.84 -74.46 26.32
CA ALA Q 205 28.09 -74.27 24.88
C ALA Q 205 27.53 -72.90 24.47
N LYS Q 206 26.26 -72.67 24.76
CA LYS Q 206 25.72 -71.31 24.83
C LYS Q 206 26.01 -70.80 26.25
N ASN Q 207 24.99 -70.26 26.93
CA ASN Q 207 25.12 -69.86 28.35
C ASN Q 207 26.14 -68.74 28.63
N ILE Q 208 27.13 -68.60 27.74
CA ILE Q 208 28.16 -67.57 27.86
C ILE Q 208 28.30 -66.83 26.53
N GLU Q 209 28.19 -65.50 26.58
CA GLU Q 209 28.49 -64.66 25.43
C GLU Q 209 29.48 -63.55 25.78
N ILE Q 210 30.45 -63.33 24.88
CA ILE Q 210 31.53 -62.37 25.12
C ILE Q 210 31.58 -61.31 24.02
N THR Q 211 31.72 -60.05 24.42
CA THR Q 211 31.89 -58.93 23.50
C THR Q 211 33.15 -58.15 23.90
N VAL Q 212 33.99 -57.86 22.92
CA VAL Q 212 35.29 -57.20 23.16
C VAL Q 212 35.37 -55.84 22.46
N VAL Q 213 35.55 -54.79 23.26
CA VAL Q 213 35.66 -53.42 22.75
C VAL Q 213 37.08 -52.85 22.91
N LYS Q 214 37.66 -52.45 21.78
CA LYS Q 214 38.99 -51.85 21.71
C LYS Q 214 38.85 -50.36 21.32
N PRO Q 215 39.96 -49.58 21.34
CA PRO Q 215 39.88 -48.15 20.98
C PRO Q 215 39.47 -47.91 19.52
N ASP Q 216 39.03 -46.69 19.23
CA ASP Q 216 38.61 -46.27 17.88
C ASP Q 216 37.47 -47.12 17.32
N SER Q 217 36.40 -47.23 18.10
CA SER Q 217 35.15 -47.85 17.67
C SER Q 217 35.30 -49.30 17.17
N ASP Q 218 36.26 -50.02 17.74
CA ASP Q 218 36.49 -51.42 17.37
C ASP Q 218 35.78 -52.36 18.35
N ILE Q 219 34.53 -52.70 18.03
CA ILE Q 219 33.73 -53.61 18.86
C ILE Q 219 33.37 -54.86 18.07
N VAL Q 220 33.56 -56.02 18.68
CA VAL Q 220 33.29 -57.31 18.02
C VAL Q 220 32.68 -58.33 19.00
N ALA Q 221 31.68 -59.06 18.54
CA ALA Q 221 31.04 -60.12 19.32
C ALA Q 221 31.57 -61.49 18.91
N LEU Q 222 32.02 -62.27 19.89
CA LEU Q 222 32.62 -63.58 19.66
C LEU Q 222 31.58 -64.65 19.32
N SER Q 223 31.97 -65.61 18.48
CA SER Q 223 31.10 -66.70 18.08
C SER Q 223 31.05 -67.81 19.13
N SER Q 224 30.28 -68.85 18.85
CA SER Q 224 30.18 -70.00 19.74
C SER Q 224 31.51 -70.74 19.87
N GLU Q 225 32.16 -70.97 18.73
CA GLU Q 225 33.43 -71.72 18.67
C GLU Q 225 34.59 -71.00 19.35
N GLU Q 226 34.68 -69.69 19.13
CA GLU Q 226 35.74 -68.86 19.73
C GLU Q 226 35.67 -68.91 21.26
N ILE Q 227 34.45 -68.80 21.79
CA ILE Q 227 34.19 -68.97 23.22
C ILE Q 227 34.49 -70.42 23.63
N ASN Q 228 34.03 -71.36 22.81
CA ASN Q 228 34.17 -72.79 23.09
C ASN Q 228 35.63 -73.21 23.24
N GLN Q 229 36.51 -72.59 22.47
CA GLN Q 229 37.96 -72.82 22.55
C GLN Q 229 38.52 -72.46 23.93
N TYR Q 230 38.02 -71.36 24.49
CA TYR Q 230 38.39 -70.96 25.84
C TYR Q 230 37.83 -71.94 26.87
N VAL Q 231 36.57 -72.35 26.67
CA VAL Q 231 35.91 -73.34 27.54
C VAL Q 231 36.65 -74.69 27.52
N THR Q 232 37.10 -75.10 26.33
CA THR Q 232 37.84 -76.36 26.17
C THR Q 232 39.21 -76.29 26.85
N GLN Q 233 39.83 -75.12 26.84
CA GLN Q 233 41.16 -74.94 27.42
C GLN Q 233 41.14 -74.75 28.94
N ILE Q 234 40.24 -73.89 29.42
CA ILE Q 234 40.13 -73.57 30.85
C ILE Q 234 39.93 -74.81 31.73
N GLU Q 235 39.05 -75.71 31.29
CA GLU Q 235 38.75 -76.94 32.04
C GLU Q 235 39.88 -77.99 31.95
N GLN Q 236 40.84 -77.75 31.06
CA GLN Q 236 42.04 -78.58 30.95
C GLN Q 236 43.21 -78.01 31.75
N GLU Q 237 43.03 -76.79 32.28
CA GLU Q 237 44.04 -76.16 33.14
C GLU Q 237 44.04 -76.79 34.53
N LYS Q 238 42.85 -77.15 35.03
CA LYS Q 238 42.67 -77.74 36.35
C LYS Q 238 43.26 -79.15 36.42
N GLN Q 239 43.02 -79.94 35.37
CA GLN Q 239 43.35 -81.37 35.33
C GLN Q 239 44.85 -81.69 35.37
N GLU Q 240 45.67 -80.74 34.90
CA GLU Q 240 47.13 -80.88 34.97
C GLU Q 240 47.63 -80.75 36.40
N GLN Q 241 46.96 -79.88 37.16
CA GLN Q 241 47.30 -79.62 38.56
C GLN Q 241 46.72 -80.70 39.47
N ASP R 1 -2.42 -46.00 53.18
CA ASP R 1 -1.11 -45.56 53.74
C ASP R 1 -1.29 -44.34 54.66
N ARG R 2 -0.87 -43.16 54.19
CA ARG R 2 -0.88 -41.92 54.97
C ARG R 2 0.02 -40.90 54.27
N GLY R 3 -0.43 -39.65 54.20
CA GLY R 3 0.26 -38.57 53.46
C GLY R 3 1.78 -38.46 53.61
N VAL R 4 2.44 -37.92 52.59
CA VAL R 4 3.89 -37.76 52.60
C VAL R 4 4.35 -36.66 53.56
N SER R 5 3.96 -35.42 53.27
CA SER R 5 4.22 -34.31 54.18
C SER R 5 3.15 -34.28 55.26
N THR R 6 3.41 -35.00 56.34
CA THR R 6 2.49 -35.16 57.46
C THR R 6 3.23 -34.87 58.77
N PHE R 7 2.48 -34.40 59.78
CA PHE R 7 3.04 -34.12 61.10
C PHE R 7 2.76 -35.23 62.10
N SER R 8 3.80 -35.60 62.85
CA SER R 8 3.67 -36.53 63.97
C SER R 8 3.02 -35.80 65.14
N PRO R 9 2.39 -36.55 66.07
CA PRO R 9 1.87 -35.93 67.29
C PRO R 9 2.92 -35.12 68.07
N GLU R 10 4.19 -35.36 67.78
CA GLU R 10 5.31 -34.65 68.42
C GLU R 10 5.63 -33.33 67.72
N GLY R 11 4.99 -33.11 66.56
CA GLY R 11 5.15 -31.87 65.82
C GLY R 11 6.37 -31.86 64.92
N ARG R 12 6.58 -32.97 64.21
CA ARG R 12 7.67 -33.08 63.25
C ARG R 12 7.19 -33.77 61.96
N LEU R 13 7.90 -33.49 60.86
CA LEU R 13 7.59 -34.09 59.57
C LEU R 13 8.21 -35.47 59.43
N PHE R 14 7.34 -36.49 59.38
CA PHE R 14 7.77 -37.88 59.25
C PHE R 14 8.89 -38.02 58.22
N GLN R 15 8.55 -37.75 56.96
CA GLN R 15 9.46 -37.94 55.84
C GLN R 15 10.81 -37.26 56.03
N VAL R 16 10.80 -36.09 56.67
CA VAL R 16 12.03 -35.36 56.91
C VAL R 16 12.92 -36.05 57.95
N GLU R 17 12.29 -36.54 59.03
CA GLU R 17 13.00 -37.24 60.10
C GLU R 17 13.56 -38.57 59.63
N TYR R 18 12.78 -39.30 58.84
CA TYR R 18 13.21 -40.57 58.25
C TYR R 18 14.39 -40.34 57.31
N SER R 19 14.36 -39.22 56.59
CA SER R 19 15.44 -38.83 55.71
C SER R 19 16.73 -38.54 56.49
N LEU R 20 16.57 -37.99 57.70
CA LEU R 20 17.70 -37.72 58.59
C LEU R 20 18.41 -39.01 59.05
N GLU R 21 17.63 -40.09 59.15
CA GLU R 21 18.17 -41.40 59.49
C GLU R 21 18.97 -41.99 58.34
N ALA R 22 18.60 -41.63 57.12
CA ALA R 22 19.31 -42.08 55.92
C ALA R 22 20.67 -41.42 55.78
N ILE R 23 20.79 -40.19 56.29
CA ILE R 23 22.05 -39.44 56.26
C ILE R 23 23.05 -40.01 57.25
N LYS R 24 22.54 -40.52 58.36
CA LYS R 24 23.37 -41.18 59.37
C LYS R 24 24.07 -42.42 58.81
N LEU R 25 23.41 -43.08 57.86
CA LEU R 25 23.99 -44.26 57.20
C LEU R 25 25.01 -43.90 56.12
N GLY R 26 25.12 -42.61 55.80
CA GLY R 26 26.08 -42.15 54.80
C GLY R 26 27.50 -42.06 55.32
N SER R 27 28.44 -41.86 54.40
CA SER R 27 29.86 -41.72 54.72
C SER R 27 30.14 -40.37 55.36
N THR R 28 31.11 -40.35 56.26
CA THR R 28 31.47 -39.16 57.03
C THR R 28 31.96 -37.99 56.15
N ALA R 29 31.51 -36.78 56.51
CA ALA R 29 32.04 -35.54 55.96
C ALA R 29 32.32 -34.55 57.09
N ILE R 30 33.46 -33.86 57.02
CA ILE R 30 33.86 -32.92 58.07
C ILE R 30 34.35 -31.59 57.52
N GLY R 31 33.72 -30.51 57.96
CA GLY R 31 34.15 -29.16 57.64
C GLY R 31 34.75 -28.44 58.85
N ILE R 32 35.70 -27.55 58.58
CA ILE R 32 36.26 -26.64 59.57
C ILE R 32 36.55 -25.32 58.88
N ALA R 33 36.15 -24.20 59.50
CA ALA R 33 36.52 -22.86 59.04
C ALA R 33 37.66 -22.24 59.86
N THR R 34 38.55 -21.52 59.19
CA THR R 34 39.56 -20.67 59.85
C THR R 34 39.57 -19.26 59.27
N LYS R 35 40.59 -18.48 59.63
CA LYS R 35 40.78 -17.15 59.05
C LYS R 35 41.77 -17.17 57.89
N GLU R 36 42.24 -18.37 57.56
CA GLU R 36 43.06 -18.60 56.37
C GLU R 36 42.27 -19.39 55.33
N GLY R 37 41.13 -19.96 55.74
CA GLY R 37 40.25 -20.68 54.83
C GLY R 37 39.47 -21.84 55.43
N VAL R 38 38.34 -22.17 54.80
CA VAL R 38 37.52 -23.32 55.18
C VAL R 38 38.08 -24.59 54.55
N VAL R 39 38.01 -25.69 55.29
CA VAL R 39 38.56 -26.98 54.84
C VAL R 39 37.48 -28.05 54.88
N LEU R 40 37.45 -28.87 53.83
CA LEU R 40 36.52 -29.99 53.75
C LEU R 40 37.26 -31.33 53.64
N GLY R 41 36.67 -32.39 54.18
CA GLY R 41 37.23 -33.74 54.08
C GLY R 41 36.13 -34.79 54.08
N VAL R 42 36.29 -35.80 53.23
CA VAL R 42 35.32 -36.91 53.18
C VAL R 42 35.96 -38.30 53.21
N GLU R 43 35.15 -39.28 53.61
CA GLU R 43 35.53 -40.69 53.54
C GLU R 43 35.00 -41.29 52.25
N LYS R 44 35.90 -41.78 51.40
CA LYS R 44 35.50 -42.41 50.13
C LYS R 44 34.59 -43.62 50.34
N ARG R 45 35.00 -44.52 51.24
CA ARG R 45 34.26 -45.74 51.56
C ARG R 45 33.91 -46.59 50.32
N ALA R 46 34.95 -47.16 49.69
CA ALA R 46 34.77 -48.06 48.56
C ALA R 46 34.26 -49.42 49.05
N THR R 47 33.13 -49.87 48.50
CA THR R 47 32.50 -51.12 48.95
C THR R 47 33.23 -52.38 48.48
N SER R 48 34.20 -52.22 47.58
CA SER R 48 35.00 -53.32 47.06
C SER R 48 36.37 -52.79 46.60
N PRO R 49 37.46 -53.53 46.86
CA PRO R 49 38.81 -53.09 46.46
C PRO R 49 38.98 -52.84 44.95
N LEU R 50 38.07 -53.38 44.14
CA LEU R 50 38.08 -53.20 42.69
C LEU R 50 37.54 -51.84 42.25
N LEU R 51 36.82 -51.16 43.16
CA LEU R 51 36.32 -49.81 42.94
C LEU R 51 37.50 -48.86 42.79
N GLU R 52 37.57 -48.19 41.64
CA GLU R 52 38.61 -47.18 41.40
C GLU R 52 38.32 -45.94 42.24
N SER R 53 38.98 -45.86 43.40
CA SER R 53 38.65 -44.94 44.49
C SER R 53 38.49 -43.46 44.11
N ASP R 54 39.19 -43.02 43.06
CA ASP R 54 39.15 -41.61 42.64
C ASP R 54 37.89 -41.23 41.84
N SER R 55 37.11 -42.23 41.41
CA SER R 55 35.82 -41.99 40.78
C SER R 55 34.73 -41.63 41.81
N ILE R 56 34.99 -41.96 43.08
CA ILE R 56 34.13 -41.50 44.17
C ILE R 56 34.33 -39.99 44.35
N GLU R 57 33.48 -39.22 43.67
CA GLU R 57 33.52 -37.77 43.77
C GLU R 57 32.47 -37.33 44.80
N LYS R 58 32.93 -37.06 46.01
CA LYS R 58 32.03 -36.61 47.08
C LYS R 58 32.31 -35.16 47.47
N ILE R 59 33.28 -34.57 46.77
CA ILE R 59 33.59 -33.15 46.90
C ILE R 59 33.42 -32.52 45.54
N VAL R 60 32.61 -31.46 45.48
CA VAL R 60 32.37 -30.79 44.21
C VAL R 60 32.57 -29.28 44.33
N GLU R 61 32.89 -28.65 43.20
CA GLU R 61 32.96 -27.20 43.08
C GLU R 61 31.61 -26.65 42.64
N ILE R 62 31.13 -25.62 43.31
CA ILE R 62 29.94 -24.89 42.88
C ILE R 62 30.34 -23.64 42.09
N ASP R 63 31.32 -22.89 42.63
CA ASP R 63 31.96 -21.77 41.93
C ASP R 63 33.38 -21.65 42.47
N ARG R 64 34.20 -20.79 41.85
CA ARG R 64 35.61 -20.65 42.25
C ARG R 64 35.76 -20.27 43.73
N HIS R 65 34.67 -19.77 44.32
CA HIS R 65 34.70 -19.34 45.72
C HIS R 65 33.78 -20.17 46.63
N ILE R 66 33.06 -21.14 46.06
CA ILE R 66 32.13 -21.99 46.82
C ILE R 66 32.31 -23.49 46.50
N GLY R 67 32.60 -24.27 47.55
CA GLY R 67 32.72 -25.73 47.47
C GLY R 67 31.63 -26.48 48.20
N CYS R 68 31.60 -27.80 48.03
CA CYS R 68 30.52 -28.61 48.59
C CYS R 68 30.90 -30.04 48.90
N ALA R 69 30.52 -30.50 50.09
CA ALA R 69 30.72 -31.89 50.53
C ALA R 69 29.37 -32.52 50.88
N MET R 70 29.24 -33.80 50.55
CA MET R 70 27.97 -34.52 50.68
C MET R 70 28.05 -35.72 51.63
N SER R 71 26.89 -36.27 51.98
CA SER R 71 26.81 -37.41 52.88
C SER R 71 25.39 -38.00 52.89
N GLY R 72 25.30 -39.31 52.65
CA GLY R 72 24.01 -40.00 52.56
C GLY R 72 23.81 -40.59 51.18
N LEU R 73 22.56 -40.55 50.69
CA LEU R 73 22.25 -40.96 49.33
C LEU R 73 22.82 -39.90 48.36
N THR R 74 24.04 -40.15 47.89
CA THR R 74 24.81 -39.16 47.12
C THR R 74 24.20 -38.86 45.74
N ALA R 75 23.49 -39.83 45.19
CA ALA R 75 22.81 -39.68 43.92
C ALA R 75 21.83 -38.50 43.90
N ASP R 76 21.16 -38.28 45.03
CA ASP R 76 20.21 -37.18 45.20
C ASP R 76 20.85 -35.81 45.03
N ALA R 77 22.13 -35.71 45.41
CA ALA R 77 22.85 -34.43 45.42
C ALA R 77 23.19 -33.89 44.03
N ARG R 78 23.07 -34.72 42.99
CA ARG R 78 23.37 -34.32 41.61
C ARG R 78 22.55 -33.14 41.14
N SER R 79 21.24 -33.17 41.38
CA SER R 79 20.40 -32.03 41.01
C SER R 79 20.57 -30.86 41.99
N MET R 80 20.80 -31.16 43.26
CA MET R 80 21.15 -30.13 44.24
C MET R 80 22.40 -29.34 43.85
N ILE R 81 23.45 -30.05 43.42
CA ILE R 81 24.67 -29.40 42.92
C ILE R 81 24.39 -28.62 41.63
N GLU R 82 23.64 -29.23 40.73
CA GLU R 82 23.21 -28.58 39.49
C GLU R 82 22.57 -27.22 39.77
N HIS R 83 21.62 -27.19 40.70
CA HIS R 83 20.93 -25.95 41.05
C HIS R 83 21.82 -24.98 41.82
N ALA R 84 22.79 -25.50 42.58
CA ALA R 84 23.75 -24.65 43.27
C ALA R 84 24.66 -23.93 42.28
N ARG R 85 25.16 -24.68 41.30
CA ARG R 85 26.03 -24.16 40.24
C ARG R 85 25.33 -23.12 39.37
N THR R 86 24.16 -23.48 38.85
CA THR R 86 23.35 -22.59 38.03
C THR R 86 23.09 -21.27 38.75
N ALA R 87 22.56 -21.34 39.96
CA ALA R 87 22.25 -20.15 40.75
C ALA R 87 23.46 -19.24 40.92
N ALA R 88 24.63 -19.83 41.19
CA ALA R 88 25.88 -19.09 41.35
C ALA R 88 26.30 -18.34 40.08
N VAL R 89 26.18 -19.02 38.93
CA VAL R 89 26.52 -18.43 37.62
C VAL R 89 25.46 -17.43 37.16
N THR R 90 24.19 -17.73 37.44
CA THR R 90 23.09 -16.82 37.08
C THR R 90 23.23 -15.52 37.87
N HIS R 91 23.52 -15.62 39.15
CA HIS R 91 23.77 -14.42 39.94
C HIS R 91 24.89 -13.58 39.35
N ASN R 92 25.96 -14.24 38.90
CA ASN R 92 27.07 -13.54 38.26
C ASN R 92 26.66 -12.85 36.95
N LEU R 93 25.87 -13.54 36.15
CA LEU R 93 25.37 -12.97 34.88
C LEU R 93 24.48 -11.75 35.11
N TYR R 94 23.78 -11.76 36.24
CA TYR R 94 22.76 -10.77 36.55
C TYR R 94 23.32 -9.56 37.28
N TYR R 95 24.43 -9.75 38.00
CA TYR R 95 24.96 -8.68 38.84
C TYR R 95 26.46 -8.41 38.71
N ASP R 96 27.14 -9.12 37.82
CA ASP R 96 28.58 -8.92 37.57
C ASP R 96 29.39 -8.97 38.88
N GLU R 97 29.13 -10.00 39.68
CA GLU R 97 29.77 -10.20 40.97
C GLU R 97 29.57 -11.65 41.42
N ASP R 98 30.25 -12.02 42.51
CA ASP R 98 30.11 -13.34 43.11
C ASP R 98 28.91 -13.40 44.03
N ILE R 99 28.17 -14.50 43.92
CA ILE R 99 27.06 -14.80 44.84
C ILE R 99 27.59 -14.98 46.27
N ASN R 100 26.85 -14.44 47.24
CA ASN R 100 27.18 -14.63 48.65
C ASN R 100 27.04 -16.08 49.08
N VAL R 101 28.07 -16.61 49.74
CA VAL R 101 28.07 -17.98 50.28
C VAL R 101 26.76 -18.25 51.01
N GLU R 102 26.22 -17.19 51.65
CA GLU R 102 24.99 -17.25 52.42
C GLU R 102 23.77 -17.42 51.50
N SER R 103 23.68 -16.54 50.50
CA SER R 103 22.57 -16.52 49.55
C SER R 103 22.56 -17.74 48.65
N LEU R 104 23.75 -18.30 48.42
CA LEU R 104 23.87 -19.52 47.64
C LEU R 104 23.19 -20.68 48.37
N THR R 105 23.51 -20.82 49.66
CA THR R 105 22.91 -21.87 50.49
C THR R 105 21.38 -21.74 50.55
N GLN R 106 20.91 -20.58 51.02
CA GLN R 106 19.49 -20.28 51.10
C GLN R 106 18.70 -20.77 49.86
N SER R 107 19.30 -20.65 48.68
CA SER R 107 18.70 -21.06 47.42
C SER R 107 18.58 -22.59 47.28
N VAL R 108 19.63 -23.30 47.68
CA VAL R 108 19.64 -24.77 47.73
C VAL R 108 18.53 -25.28 48.66
N CYS R 109 18.47 -24.70 49.86
CA CYS R 109 17.46 -25.05 50.87
C CYS R 109 16.01 -24.78 50.41
N ASP R 110 15.84 -23.86 49.47
CA ASP R 110 14.53 -23.58 48.91
C ASP R 110 13.98 -24.79 48.14
N LEU R 111 14.88 -25.54 47.51
CA LEU R 111 14.56 -26.83 46.87
C LEU R 111 14.11 -27.88 47.87
N ALA R 112 14.71 -27.85 49.06
CA ALA R 112 14.55 -28.92 50.06
C ALA R 112 13.10 -29.22 50.45
N LEU R 113 12.26 -28.19 50.48
CA LEU R 113 10.85 -28.37 50.86
C LEU R 113 9.91 -28.66 49.69
N ARG R 114 10.48 -28.77 48.49
CA ARG R 114 9.73 -28.82 47.25
C ARG R 114 9.07 -30.16 46.93
N PHE R 115 8.79 -30.95 47.97
CA PHE R 115 8.15 -32.25 47.82
C PHE R 115 6.69 -32.22 48.28
N GLY R 116 5.91 -33.19 47.82
CA GLY R 116 4.49 -33.27 48.15
C GLY R 116 3.69 -34.16 47.21
N GLU R 117 2.38 -34.06 47.28
CA GLU R 117 1.48 -34.92 46.50
C GLU R 117 0.19 -34.17 46.10
N GLY R 118 0.17 -32.86 46.38
CA GLY R 118 -1.00 -32.03 46.12
C GLY R 118 -0.70 -30.55 45.98
N ALA R 119 -1.74 -29.78 45.61
CA ALA R 119 -1.58 -28.37 45.27
C ALA R 119 -2.31 -27.38 46.20
N SER R 120 -1.52 -26.59 46.93
CA SER R 120 -2.00 -25.41 47.66
C SER R 120 -0.87 -24.41 47.87
N GLY R 121 -0.94 -23.28 47.15
CA GLY R 121 0.10 -22.23 47.18
C GLY R 121 0.84 -22.14 45.85
N GLU R 122 2.18 -22.15 45.92
CA GLU R 122 3.03 -22.29 44.73
C GLU R 122 3.31 -23.77 44.46
N GLU R 123 3.23 -24.18 43.20
CA GLU R 123 3.34 -25.60 42.82
C GLU R 123 4.77 -26.15 42.90
N ARG R 124 4.95 -27.22 43.68
CA ARG R 124 6.24 -27.92 43.78
C ARG R 124 6.12 -29.43 43.49
N LEU R 125 6.84 -29.88 42.48
CA LEU R 125 6.79 -31.29 42.05
C LEU R 125 8.05 -32.07 42.39
N MET R 126 7.97 -32.87 43.46
CA MET R 126 9.02 -33.79 43.93
C MET R 126 8.31 -34.79 44.86
N SER R 127 8.72 -36.05 44.84
CA SER R 127 7.95 -37.09 45.53
C SER R 127 8.33 -37.29 46.98
N ARG R 128 9.63 -37.22 47.26
CA ARG R 128 10.19 -37.42 48.60
C ARG R 128 11.23 -36.34 48.86
N PRO R 129 11.58 -36.10 50.14
CA PRO R 129 12.72 -35.22 50.44
C PRO R 129 14.02 -35.82 49.93
N PHE R 130 15.08 -35.02 49.87
CA PHE R 130 16.40 -35.53 49.53
C PHE R 130 16.93 -36.38 50.68
N GLY R 131 17.66 -37.45 50.35
CA GLY R 131 18.29 -38.29 51.36
C GLY R 131 19.77 -37.99 51.56
N VAL R 132 20.09 -36.70 51.64
CA VAL R 132 21.48 -36.27 51.67
C VAL R 132 21.62 -34.90 52.35
N ALA R 133 22.64 -34.78 53.19
CA ALA R 133 22.99 -33.50 53.79
C ALA R 133 24.16 -32.89 53.02
N LEU R 134 24.26 -31.57 53.06
CA LEU R 134 25.39 -30.87 52.44
C LEU R 134 26.13 -29.96 53.40
N LEU R 135 27.46 -29.96 53.26
CA LEU R 135 28.30 -28.92 53.82
C LEU R 135 28.69 -27.98 52.70
N ILE R 136 28.41 -26.69 52.88
CA ILE R 136 28.70 -25.67 51.87
C ILE R 136 29.72 -24.66 52.42
N ALA R 137 30.87 -24.58 51.77
CA ALA R 137 31.97 -23.79 52.29
C ALA R 137 32.58 -22.86 51.25
N GLY R 138 32.79 -21.60 51.64
CA GLY R 138 33.38 -20.61 50.75
C GLY R 138 33.68 -19.26 51.37
N HIS R 139 34.02 -18.31 50.51
CA HIS R 139 34.39 -16.96 50.95
C HIS R 139 33.64 -15.91 50.15
N ASP R 140 33.29 -14.82 50.83
CA ASP R 140 32.86 -13.59 50.17
C ASP R 140 33.44 -12.36 50.88
N ALA R 141 33.41 -11.22 50.20
CA ALA R 141 33.94 -9.97 50.73
C ALA R 141 33.27 -9.55 52.05
N ASP R 142 31.97 -9.84 52.17
CA ASP R 142 31.14 -9.34 53.27
C ASP R 142 31.39 -10.04 54.61
N ASP R 143 31.37 -11.37 54.60
CA ASP R 143 31.38 -12.16 55.83
C ASP R 143 32.52 -13.20 55.90
N GLY R 144 33.51 -13.06 55.02
CA GLY R 144 34.72 -13.89 55.05
C GLY R 144 34.49 -15.37 54.78
N TYR R 145 35.35 -16.20 55.37
CA TYR R 145 35.25 -17.66 55.19
C TYR R 145 34.10 -18.24 56.02
N GLN R 146 33.21 -18.97 55.36
CA GLN R 146 31.98 -19.46 55.97
C GLN R 146 31.71 -20.93 55.68
N LEU R 147 31.16 -21.63 56.68
CA LEU R 147 30.78 -23.03 56.56
C LEU R 147 29.34 -23.24 57.00
N PHE R 148 28.54 -23.82 56.09
CA PHE R 148 27.11 -24.04 56.33
C PHE R 148 26.78 -25.53 56.30
N HIS R 149 25.76 -25.91 57.06
CA HIS R 149 25.19 -27.25 56.96
C HIS R 149 23.76 -27.13 56.47
N ALA R 150 23.45 -27.79 55.36
CA ALA R 150 22.12 -27.72 54.75
C ALA R 150 21.37 -29.06 54.80
N GLU R 151 20.38 -29.12 55.67
CA GLU R 151 19.60 -30.35 55.88
C GLU R 151 18.39 -30.39 54.96
N PRO R 152 17.92 -31.61 54.62
CA PRO R 152 16.73 -31.81 53.76
C PRO R 152 15.44 -31.17 54.28
N SER R 153 15.45 -30.68 55.52
CA SER R 153 14.29 -29.98 56.10
C SER R 153 14.04 -28.64 55.43
N GLY R 154 15.14 -27.94 55.11
CA GLY R 154 15.08 -26.60 54.56
C GLY R 154 15.86 -25.60 55.37
N THR R 155 16.35 -26.02 56.54
CA THR R 155 17.14 -25.16 57.42
C THR R 155 18.63 -25.28 57.16
N PHE R 156 19.36 -24.21 57.48
CA PHE R 156 20.83 -24.21 57.39
C PHE R 156 21.44 -23.46 58.57
N TYR R 157 22.36 -24.11 59.25
CA TYR R 157 23.08 -23.48 60.34
C TYR R 157 24.51 -23.18 59.88
N ARG R 158 25.00 -22.00 60.22
CA ARG R 158 26.41 -21.69 60.02
C ARG R 158 27.22 -22.37 61.13
N TYR R 159 28.31 -23.02 60.74
CA TYR R 159 29.16 -23.73 61.70
C TYR R 159 30.61 -23.26 61.67
N ASN R 160 31.26 -23.25 62.83
CA ASN R 160 32.70 -23.08 62.89
C ASN R 160 33.36 -24.39 62.48
N ALA R 161 32.65 -25.49 62.76
CA ALA R 161 33.05 -26.83 62.38
C ALA R 161 31.83 -27.74 62.50
N LYS R 162 31.71 -28.70 61.61
CA LYS R 162 30.58 -29.64 61.62
C LYS R 162 30.98 -30.96 60.97
N ALA R 163 30.47 -32.05 61.54
CA ALA R 163 30.57 -33.36 60.92
C ALA R 163 29.19 -33.90 60.57
N ILE R 164 29.09 -34.59 59.44
CA ILE R 164 27.84 -35.26 59.05
C ILE R 164 28.12 -36.70 58.62
N GLY R 165 27.08 -37.53 58.70
CA GLY R 165 27.20 -38.93 58.29
C GLY R 165 27.19 -39.93 59.44
N SER R 166 28.07 -40.92 59.34
CA SER R 166 28.05 -42.08 60.23
C SER R 166 28.55 -41.77 61.64
N GLY R 167 29.82 -41.39 61.76
CA GLY R 167 30.42 -41.11 63.06
C GLY R 167 30.44 -39.63 63.37
N SER R 168 29.31 -38.97 63.15
CA SER R 168 29.21 -37.52 63.31
C SER R 168 29.11 -37.02 64.75
N GLU R 169 28.40 -37.77 65.62
CA GLU R 169 28.27 -37.36 67.03
C GLU R 169 29.56 -37.56 67.80
N GLY R 170 30.34 -38.56 67.38
CA GLY R 170 31.68 -38.77 67.92
C GLY R 170 32.65 -37.70 67.43
N ALA R 171 32.53 -37.37 66.15
CA ALA R 171 33.34 -36.34 65.52
C ALA R 171 33.03 -34.94 66.07
N GLN R 172 31.74 -34.66 66.25
CA GLN R 172 31.27 -33.37 66.79
C GLN R 172 31.74 -33.15 68.24
N ALA R 173 31.88 -34.24 69.00
CA ALA R 173 32.42 -34.20 70.35
C ALA R 173 33.89 -33.80 70.34
N GLU R 174 34.61 -34.29 69.34
CA GLU R 174 36.04 -34.02 69.20
C GLU R 174 36.28 -32.62 68.63
N LEU R 175 35.45 -32.22 67.68
CA LEU R 175 35.53 -30.90 67.05
C LEU R 175 35.26 -29.76 68.03
N LEU R 176 34.36 -30.03 68.99
CA LEU R 176 34.02 -29.08 70.05
C LEU R 176 35.26 -28.71 70.85
N ASN R 177 36.01 -29.74 71.27
CA ASN R 177 37.24 -29.56 72.04
C ASN R 177 38.39 -28.95 71.24
N GLU R 178 38.51 -29.36 69.98
CA GLU R 178 39.69 -29.03 69.18
C GLU R 178 39.65 -27.67 68.46
N TRP R 179 38.45 -27.12 68.28
CA TRP R 179 38.30 -25.85 67.57
C TRP R 179 38.53 -24.62 68.46
N HIS R 180 39.33 -23.69 67.96
CA HIS R 180 39.41 -22.34 68.52
C HIS R 180 39.37 -21.29 67.41
N SER R 181 39.22 -20.03 67.79
CA SER R 181 39.06 -18.94 66.84
C SER R 181 40.34 -18.59 66.05
N SER R 182 41.49 -19.03 66.53
CA SER R 182 42.77 -18.67 65.90
C SER R 182 43.59 -19.87 65.38
N LEU R 183 42.90 -20.84 64.79
CA LEU R 183 43.53 -21.97 64.11
C LEU R 183 44.12 -21.55 62.77
N THR R 184 45.30 -22.08 62.44
CA THR R 184 45.87 -21.91 61.11
C THR R 184 45.32 -22.97 60.17
N LEU R 185 45.36 -22.69 58.87
CA LEU R 185 44.77 -23.57 57.85
C LEU R 185 45.38 -24.97 57.86
N LYS R 186 46.67 -25.06 58.15
CA LYS R 186 47.37 -26.34 58.24
C LYS R 186 46.97 -27.13 59.48
N GLU R 187 46.64 -26.42 60.56
CA GLU R 187 46.20 -27.04 61.80
C GLU R 187 44.81 -27.62 61.64
N ALA R 188 44.03 -26.99 60.76
CA ALA R 188 42.68 -27.43 60.42
C ALA R 188 42.74 -28.56 59.39
N GLU R 189 43.87 -28.65 58.68
CA GLU R 189 44.12 -29.71 57.72
C GLU R 189 44.34 -31.05 58.42
N LEU R 190 45.24 -31.03 59.40
CA LEU R 190 45.55 -32.23 60.17
C LEU R 190 44.35 -32.67 61.00
N LEU R 191 43.57 -31.70 61.47
CA LEU R 191 42.41 -31.97 62.31
C LEU R 191 41.40 -32.83 61.57
N VAL R 192 41.07 -32.44 60.34
CA VAL R 192 40.15 -33.20 59.49
C VAL R 192 40.62 -34.64 59.34
N LEU R 193 41.93 -34.80 59.13
CA LEU R 193 42.53 -36.13 59.01
C LEU R 193 42.44 -36.96 60.28
N LYS R 194 42.77 -36.34 61.42
CA LYS R 194 42.71 -37.03 62.71
C LYS R 194 41.30 -37.52 63.01
N ILE R 195 40.33 -36.62 62.93
CA ILE R 195 38.93 -36.95 63.23
C ILE R 195 38.34 -37.98 62.25
N LEU R 196 38.75 -37.90 60.98
CA LEU R 196 38.38 -38.92 59.99
C LEU R 196 38.98 -40.29 60.31
N LYS R 197 40.29 -40.33 60.53
CA LYS R 197 41.00 -41.55 60.92
C LYS R 197 40.27 -42.30 62.04
N GLN R 198 39.81 -41.54 63.04
CA GLN R 198 39.12 -42.10 64.21
C GLN R 198 37.78 -42.75 63.88
N VAL R 199 36.93 -42.05 63.12
CA VAL R 199 35.55 -42.50 62.88
C VAL R 199 35.36 -43.41 61.66
N MET R 200 36.39 -43.53 60.82
CA MET R 200 36.35 -44.43 59.67
C MET R 200 36.48 -45.89 60.11
N GLU R 201 35.82 -46.79 59.38
CA GLU R 201 35.96 -48.23 59.60
C GLU R 201 37.32 -48.74 59.10
N GLU R 202 37.85 -48.10 58.06
CA GLU R 202 39.11 -48.48 57.45
C GLU R 202 40.30 -47.69 57.99
N LYS R 203 41.50 -48.21 57.79
CA LYS R 203 42.71 -47.48 58.12
C LYS R 203 42.92 -46.38 57.10
N LEU R 204 42.79 -45.14 57.55
CA LEU R 204 42.80 -43.96 56.69
C LEU R 204 44.11 -43.78 55.90
N ASP R 205 43.97 -43.59 54.59
CA ASP R 205 45.09 -43.27 53.71
C ASP R 205 44.65 -42.38 52.53
N GLU R 206 45.56 -42.17 51.57
CA GLU R 206 45.32 -41.28 50.43
C GLU R 206 44.25 -41.76 49.45
N ASN R 207 43.82 -43.01 49.58
CA ASN R 207 42.83 -43.58 48.65
C ASN R 207 41.39 -43.52 49.14
N ASN R 208 41.17 -43.80 50.42
CA ASN R 208 39.83 -43.79 50.98
C ASN R 208 39.44 -42.47 51.66
N ALA R 209 40.30 -41.46 51.51
CA ALA R 209 40.04 -40.13 52.04
C ALA R 209 40.51 -39.05 51.06
N GLN R 210 39.72 -37.98 50.98
CA GLN R 210 39.97 -36.88 50.07
C GLN R 210 39.96 -35.58 50.86
N LEU R 211 40.85 -34.66 50.50
CA LEU R 211 40.90 -33.34 51.13
C LEU R 211 40.57 -32.23 50.14
N SER R 212 39.99 -31.15 50.66
CA SER R 212 39.69 -29.95 49.89
C SER R 212 39.66 -28.74 50.80
N CYS R 213 39.94 -27.57 50.22
CA CYS R 213 39.87 -26.32 50.97
C CYS R 213 39.40 -25.17 50.09
N ILE R 214 39.41 -23.97 50.67
CA ILE R 214 39.10 -22.75 49.92
C ILE R 214 39.77 -21.53 50.57
N THR R 215 40.66 -20.92 49.81
CA THR R 215 41.26 -19.66 50.18
C THR R 215 40.69 -18.55 49.30
N LYS R 216 40.75 -17.32 49.81
CA LYS R 216 40.37 -16.14 49.04
C LYS R 216 41.23 -16.04 47.78
N GLN R 217 42.52 -16.30 47.94
CA GLN R 217 43.52 -16.14 46.88
C GLN R 217 43.45 -17.20 45.77
N ASP R 218 43.53 -18.47 46.14
CA ASP R 218 43.62 -19.57 45.17
C ASP R 218 42.26 -20.19 44.81
N GLY R 219 41.21 -19.71 45.47
CA GLY R 219 39.86 -20.23 45.27
C GLY R 219 39.66 -21.58 45.92
N PHE R 220 38.76 -22.37 45.35
CA PHE R 220 38.46 -23.71 45.82
C PHE R 220 39.31 -24.75 45.10
N LYS R 221 39.98 -25.62 45.86
CA LYS R 221 40.89 -26.61 45.30
C LYS R 221 40.74 -27.97 45.97
N ILE R 222 40.62 -29.02 45.15
CA ILE R 222 40.64 -30.40 45.63
C ILE R 222 42.08 -30.91 45.68
N TYR R 223 42.47 -31.47 46.83
CA TYR R 223 43.81 -31.99 47.03
C TYR R 223 44.02 -33.29 46.27
N ASP R 224 45.14 -33.39 45.57
CA ASP R 224 45.49 -34.60 44.82
C ASP R 224 46.02 -35.69 45.77
N ASN R 225 45.94 -36.93 45.32
CA ASN R 225 46.30 -38.08 46.16
C ASN R 225 47.74 -38.10 46.67
N GLU R 226 48.66 -37.48 45.93
CA GLU R 226 50.06 -37.39 46.37
C GLU R 226 50.26 -36.35 47.48
N LYS R 227 49.45 -35.30 47.47
CA LYS R 227 49.57 -34.23 48.46
C LYS R 227 48.97 -34.64 49.80
N THR R 228 47.80 -35.28 49.75
CA THR R 228 47.09 -35.76 50.94
C THR R 228 47.97 -36.73 51.76
N ALA R 229 48.65 -37.64 51.05
CA ALA R 229 49.52 -38.64 51.67
C ALA R 229 50.65 -38.02 52.51
N GLU R 230 51.10 -36.83 52.10
CA GLU R 230 52.14 -36.10 52.83
C GLU R 230 51.65 -35.58 54.18
N LEU R 231 50.39 -35.16 54.23
CA LEU R 231 49.79 -34.66 55.47
C LEU R 231 49.51 -35.78 56.46
N ILE R 232 49.06 -36.93 55.95
CA ILE R 232 48.85 -38.13 56.76
C ILE R 232 50.17 -38.59 57.36
N LYS R 233 51.23 -38.56 56.54
CA LYS R 233 52.59 -38.83 57.00
C LYS R 233 53.02 -37.83 58.07
N GLU R 234 52.65 -36.55 57.87
CA GLU R 234 52.93 -35.48 58.83
C GLU R 234 52.14 -35.69 60.13
N LEU R 235 50.91 -36.17 60.00
CA LEU R 235 50.02 -36.42 61.14
C LEU R 235 50.56 -37.57 62.02
N LYS R 236 50.89 -38.70 61.38
CA LYS R 236 51.38 -39.88 62.08
C LYS R 236 52.61 -39.60 62.93
N GLU R 237 53.47 -38.71 62.44
CA GLU R 237 54.71 -38.33 63.13
C GLU R 237 54.44 -37.39 64.31
N LYS R 238 53.36 -36.61 64.21
CA LYS R 238 52.97 -35.69 65.29
C LYS R 238 52.17 -36.40 66.38
N GLU R 239 51.50 -37.48 66.01
CA GLU R 239 50.84 -38.38 66.98
C GLU R 239 51.87 -39.17 67.76
N ALA R 240 52.97 -39.52 67.09
CA ALA R 240 54.07 -40.28 67.69
C ALA R 240 54.69 -39.59 68.89
N ALA R 241 54.68 -38.26 68.89
CA ALA R 241 55.27 -37.47 69.97
C ALA R 241 54.36 -37.40 71.19
N GLU R 242 53.36 -36.52 71.15
CA GLU R 242 52.42 -36.34 72.26
C GLU R 242 51.00 -36.15 71.73
N PHE S 1 -6.54 -43.68 69.50
CA PHE S 1 -7.62 -42.73 69.32
C PHE S 1 -7.46 -41.94 68.04
N ARG S 2 -6.60 -40.93 68.08
CA ARG S 2 -6.51 -40.01 67.00
C ARG S 2 -6.20 -40.94 65.89
N ASN S 3 -5.54 -42.02 66.20
CA ASN S 3 -5.16 -42.87 65.12
C ASN S 3 -6.46 -43.03 64.40
N ASN S 4 -6.39 -42.91 63.10
CA ASN S 4 -7.54 -43.01 62.22
C ASN S 4 -8.10 -41.66 61.95
N TYR S 5 -7.75 -40.69 62.76
CA TYR S 5 -8.27 -39.37 62.58
C TYR S 5 -7.19 -38.32 62.43
N ASP S 6 -5.96 -38.69 62.72
CA ASP S 6 -4.89 -37.75 62.56
C ASP S 6 -4.32 -37.91 61.20
N GLY S 7 -4.70 -38.97 60.53
CA GLY S 7 -4.56 -39.06 59.10
C GLY S 7 -3.85 -37.94 58.41
N ASP S 8 -4.65 -36.94 58.04
CA ASP S 8 -4.26 -35.85 57.21
C ASP S 8 -5.28 -34.76 57.45
N THR S 9 -4.99 -33.57 56.98
CA THR S 9 -5.73 -32.38 57.34
C THR S 9 -7.18 -32.36 56.97
N VAL S 10 -7.55 -32.97 55.88
CA VAL S 10 -8.92 -32.87 55.42
C VAL S 10 -9.89 -33.75 56.22
N THR S 11 -9.43 -34.29 57.33
CA THR S 11 -10.24 -35.14 58.21
C THR S 11 -10.58 -34.47 59.54
N PHE S 12 -11.88 -34.48 59.88
CA PHE S 12 -12.37 -34.07 61.20
C PHE S 12 -12.38 -35.26 62.16
N SER S 13 -12.20 -34.97 63.45
CA SER S 13 -12.39 -35.99 64.49
C SER S 13 -13.86 -36.03 64.89
N PRO S 14 -14.30 -37.10 65.59
CA PRO S 14 -15.68 -37.15 66.05
C PRO S 14 -16.05 -36.02 67.01
N THR S 15 -15.05 -35.49 67.70
CA THR S 15 -15.23 -34.40 68.66
C THR S 15 -15.28 -33.04 67.96
N GLY S 16 -14.72 -32.96 66.75
CA GLY S 16 -14.73 -31.74 65.95
C GLY S 16 -13.37 -31.08 65.81
N ARG S 17 -12.31 -31.86 66.00
CA ARG S 17 -10.95 -31.33 66.00
C ARG S 17 -10.20 -31.67 64.72
N LEU S 18 -9.21 -30.83 64.40
CA LEU S 18 -8.28 -31.09 63.30
C LEU S 18 -6.91 -31.36 63.89
N PHE S 19 -6.54 -32.63 63.96
CA PHE S 19 -5.33 -33.06 64.65
C PHE S 19 -4.05 -32.63 63.95
N GLN S 20 -4.07 -32.66 62.61
CA GLN S 20 -2.92 -32.18 61.84
C GLN S 20 -2.61 -30.71 62.14
N VAL S 21 -3.66 -29.90 62.30
CA VAL S 21 -3.50 -28.52 62.70
C VAL S 21 -2.95 -28.44 64.13
N GLU S 22 -3.46 -29.31 65.01
CA GLU S 22 -3.00 -29.35 66.39
C GLU S 22 -1.55 -29.79 66.51
N TYR S 23 -1.15 -30.76 65.70
CA TYR S 23 0.23 -31.24 65.70
C TYR S 23 1.18 -30.17 65.18
N ALA S 24 0.68 -29.34 64.27
CA ALA S 24 1.43 -28.19 63.77
C ALA S 24 1.67 -27.17 64.89
N LEU S 25 0.61 -26.87 65.64
CA LEU S 25 0.69 -25.97 66.80
C LEU S 25 1.71 -26.45 67.83
N GLU S 26 1.93 -27.76 67.88
CA GLU S 26 2.88 -28.37 68.80
C GLU S 26 4.34 -28.06 68.41
N ALA S 27 4.59 -27.97 67.11
CA ALA S 27 5.93 -27.61 66.60
C ALA S 27 6.36 -26.21 67.02
N ILE S 28 5.38 -25.31 67.20
CA ILE S 28 5.63 -23.97 67.72
C ILE S 28 6.09 -24.04 69.17
N LYS S 29 5.35 -24.82 69.96
CA LYS S 29 5.56 -24.93 71.41
C LYS S 29 6.96 -25.42 71.75
N GLN S 30 7.59 -26.13 70.81
CA GLN S 30 8.93 -26.66 71.00
C GLN S 30 9.99 -25.81 70.29
N GLY S 31 9.54 -24.75 69.62
CA GLY S 31 10.44 -23.75 69.06
C GLY S 31 10.89 -22.79 70.15
N SER S 32 11.98 -22.07 69.90
CA SER S 32 12.54 -21.13 70.87
C SER S 32 11.58 -19.97 71.15
N VAL S 33 11.70 -19.37 72.33
CA VAL S 33 10.77 -18.33 72.77
C VAL S 33 11.00 -16.98 72.09
N THR S 34 9.91 -16.25 71.87
CA THR S 34 9.95 -14.90 71.31
C THR S 34 8.78 -14.06 71.85
N VAL S 35 9.07 -12.80 72.16
CA VAL S 35 8.10 -11.90 72.80
C VAL S 35 7.82 -10.66 71.97
N GLY S 36 6.58 -10.16 72.06
CA GLY S 36 6.18 -8.90 71.45
C GLY S 36 5.46 -7.99 72.43
N LEU S 37 5.53 -6.69 72.17
CA LEU S 37 4.86 -5.66 72.97
C LEU S 37 4.82 -4.33 72.22
N ARG S 38 4.01 -3.39 72.70
CA ARG S 38 3.89 -2.06 72.09
C ARG S 38 3.34 -1.01 73.05
N SER S 39 3.64 0.25 72.75
CA SER S 39 2.93 1.37 73.37
C SER S 39 2.02 1.98 72.31
N ASN S 40 2.01 3.31 72.21
CA ASN S 40 1.33 3.97 71.11
C ASN S 40 2.33 4.49 70.09
N THR S 41 3.58 4.68 70.51
CA THR S 41 4.61 5.26 69.65
C THR S 41 5.55 4.24 69.03
N HIS S 42 5.78 3.12 69.72
CA HIS S 42 6.70 2.08 69.20
C HIS S 42 6.19 0.65 69.41
N ALA S 43 6.67 -0.25 68.55
CA ALA S 43 6.42 -1.68 68.71
C ALA S 43 7.75 -2.44 68.72
N VAL S 44 7.84 -3.44 69.60
CA VAL S 44 9.10 -4.09 69.90
C VAL S 44 9.01 -5.61 69.78
N LEU S 45 9.95 -6.20 69.03
CA LEU S 45 10.10 -7.64 68.96
C LEU S 45 11.37 -8.08 69.66
N VAL S 46 11.25 -9.09 70.52
CA VAL S 46 12.40 -9.70 71.19
C VAL S 46 12.34 -11.21 71.06
N ALA S 47 13.34 -11.77 70.39
CA ALA S 47 13.42 -13.22 70.19
C ALA S 47 14.67 -13.80 70.82
N LEU S 48 14.50 -14.90 71.55
CA LEU S 48 15.62 -15.73 71.99
C LEU S 48 15.96 -16.70 70.87
N LYS S 49 17.23 -16.72 70.47
CA LYS S 49 17.67 -17.57 69.37
C LYS S 49 18.25 -18.90 69.87
N ARG S 50 18.01 -19.95 69.10
CA ARG S 50 18.43 -21.29 69.49
C ARG S 50 19.53 -21.81 68.58
N ASN S 51 20.63 -22.25 69.19
CA ASN S 51 21.71 -22.92 68.47
C ASN S 51 21.53 -24.44 68.45
N ALA S 52 22.33 -25.13 67.64
CA ALA S 52 22.37 -26.59 67.63
C ALA S 52 23.63 -27.08 68.35
N ASP S 53 24.67 -26.24 68.33
CA ASP S 53 25.93 -26.48 69.03
C ASP S 53 26.49 -25.15 69.52
N GLU S 54 27.58 -25.20 70.28
CA GLU S 54 28.35 -23.99 70.59
C GLU S 54 29.26 -23.65 69.41
N LEU S 55 29.30 -24.56 68.44
CA LEU S 55 30.03 -24.36 67.19
C LEU S 55 29.11 -23.89 66.06
N SER S 56 27.81 -23.81 66.35
CA SER S 56 26.82 -23.40 65.36
C SER S 56 26.43 -21.92 65.48
N SER S 57 25.52 -21.49 64.61
CA SER S 57 24.97 -20.15 64.66
C SER S 57 23.62 -20.16 65.37
N TYR S 58 23.30 -19.05 66.02
CA TYR S 58 22.00 -18.86 66.65
C TYR S 58 21.02 -18.38 65.57
N GLN S 59 20.27 -19.33 65.01
CA GLN S 59 19.49 -19.12 63.78
C GLN S 59 18.42 -18.03 63.91
N LYS S 60 18.41 -17.11 62.95
CA LYS S 60 17.65 -15.86 63.05
C LYS S 60 16.13 -16.05 63.04
N LYS S 61 15.47 -15.30 63.93
CA LYS S 61 14.03 -15.45 64.15
C LYS S 61 13.26 -14.22 63.73
N ILE S 62 13.96 -13.16 63.32
CA ILE S 62 13.33 -11.89 62.95
C ILE S 62 13.57 -11.56 61.47
N ILE S 63 12.48 -11.34 60.76
CA ILE S 63 12.52 -11.08 59.32
C ILE S 63 11.83 -9.75 59.02
N LYS S 64 12.47 -8.93 58.18
CA LYS S 64 11.93 -7.65 57.73
C LYS S 64 10.96 -7.85 56.55
N CYS S 65 9.83 -7.15 56.59
CA CYS S 65 8.79 -7.27 55.53
C CYS S 65 8.68 -6.02 54.63
N ASP S 66 8.45 -4.86 55.24
CA ASP S 66 8.55 -3.58 54.55
C ASP S 66 9.24 -2.60 55.49
N GLU S 67 9.42 -1.35 55.04
CA GLU S 67 10.11 -0.33 55.82
C GLU S 67 9.43 -0.05 57.16
N HIS S 68 8.14 -0.37 57.24
CA HIS S 68 7.32 -0.08 58.40
C HIS S 68 6.84 -1.34 59.13
N MET S 69 7.23 -2.52 58.64
CA MET S 69 6.67 -3.79 59.13
C MET S 69 7.64 -4.96 59.07
N GLY S 70 7.43 -5.92 59.97
CA GLY S 70 8.23 -7.15 60.03
C GLY S 70 7.70 -8.11 61.08
N LEU S 71 8.35 -9.27 61.20
CA LEU S 71 7.84 -10.32 62.08
C LEU S 71 8.93 -11.21 62.71
N SER S 72 8.53 -11.92 63.77
CA SER S 72 9.39 -12.91 64.41
C SER S 72 8.75 -14.31 64.33
N LEU S 73 9.60 -15.34 64.27
CA LEU S 73 9.14 -16.70 64.05
C LEU S 73 9.37 -17.62 65.26
N ALA S 74 8.60 -18.71 65.33
CA ALA S 74 8.82 -19.78 66.30
C ALA S 74 8.26 -21.07 65.74
N GLY S 75 9.15 -22.03 65.49
CA GLY S 75 8.79 -23.29 64.83
C GLY S 75 9.63 -23.54 63.59
N LEU S 76 8.99 -24.03 62.53
CA LEU S 76 9.68 -24.34 61.27
C LEU S 76 10.17 -23.10 60.55
N ALA S 77 11.49 -22.99 60.40
CA ALA S 77 12.12 -21.83 59.75
C ALA S 77 11.82 -21.71 58.24
N PRO S 78 11.85 -22.84 57.50
CA PRO S 78 11.43 -22.80 56.10
C PRO S 78 10.04 -22.21 55.89
N ASP S 79 9.09 -22.62 56.73
CA ASP S 79 7.71 -22.14 56.65
C ASP S 79 7.55 -20.65 56.93
N ALA S 80 8.39 -20.12 57.81
CA ALA S 80 8.40 -18.69 58.10
C ALA S 80 8.87 -17.90 56.89
N ARG S 81 9.82 -18.48 56.15
CA ARG S 81 10.34 -17.88 54.93
C ARG S 81 9.23 -17.76 53.87
N VAL S 82 8.51 -18.86 53.65
CA VAL S 82 7.38 -18.89 52.71
C VAL S 82 6.33 -17.83 53.05
N LEU S 83 6.00 -17.70 54.33
CA LEU S 83 4.96 -16.78 54.79
C LEU S 83 5.39 -15.31 54.80
N SER S 84 6.60 -15.03 55.27
CA SER S 84 7.15 -13.68 55.26
C SER S 84 7.34 -13.18 53.84
N ASN S 85 7.85 -14.07 52.99
CA ASN S 85 8.07 -13.75 51.58
C ASN S 85 6.76 -13.53 50.82
N TYR S 86 5.68 -14.12 51.33
CA TYR S 86 4.35 -13.82 50.80
C TYR S 86 3.90 -12.45 51.28
N LEU S 87 4.18 -12.14 52.54
CA LEU S 87 3.84 -10.84 53.11
C LEU S 87 4.63 -9.72 52.45
N ARG S 88 5.87 -9.99 52.07
CA ARG S 88 6.69 -9.03 51.34
C ARG S 88 6.05 -8.64 50.01
N GLN S 89 5.58 -9.64 49.27
CA GLN S 89 4.89 -9.42 48.00
C GLN S 89 3.61 -8.61 48.14
N GLN S 90 2.80 -8.94 49.14
CA GLN S 90 1.57 -8.18 49.42
C GLN S 90 1.84 -6.75 49.90
N CYS S 91 2.91 -6.57 50.66
CA CYS S 91 3.38 -5.24 51.05
C CYS S 91 3.82 -4.46 49.83
N ASN S 92 4.51 -5.14 48.93
CA ASN S 92 5.05 -4.52 47.72
C ASN S 92 3.96 -4.14 46.72
N TYR S 93 2.99 -5.03 46.53
CA TYR S 93 1.84 -4.79 45.66
C TYR S 93 1.08 -3.54 46.09
N SER S 94 0.89 -3.36 47.40
CA SER S 94 0.21 -2.19 47.94
C SER S 94 1.01 -0.90 47.69
N SER S 95 2.33 -0.99 47.81
CA SER S 95 3.22 0.14 47.54
C SER S 95 3.21 0.54 46.06
N LEU S 96 3.31 -0.45 45.18
CA LEU S 96 3.45 -0.19 43.76
C LEU S 96 2.12 0.26 43.14
N VAL S 97 1.09 -0.57 43.30
CA VAL S 97 -0.21 -0.34 42.67
C VAL S 97 -0.98 0.83 43.28
N PHE S 98 -0.83 1.04 44.59
CA PHE S 98 -1.62 2.06 45.30
C PHE S 98 -0.83 3.17 45.97
N ASN S 99 0.51 3.05 46.01
CA ASN S 99 1.38 4.01 46.71
C ASN S 99 1.02 4.11 48.20
N ARG S 100 0.60 2.98 48.74
CA ARG S 100 0.01 2.89 50.07
C ARG S 100 0.79 1.88 50.90
N LYS S 101 1.29 2.30 52.06
CA LYS S 101 1.87 1.35 53.00
C LYS S 101 0.73 0.43 53.46
N LEU S 102 0.94 -0.88 53.33
CA LEU S 102 -0.07 -1.87 53.68
C LEU S 102 -0.35 -1.86 55.19
N ALA S 103 -1.64 -1.75 55.55
CA ALA S 103 -2.06 -1.74 56.95
C ALA S 103 -1.72 -3.05 57.65
N VAL S 104 -1.31 -2.96 58.91
CA VAL S 104 -0.89 -4.12 59.70
C VAL S 104 -2.04 -5.10 59.91
N GLU S 105 -3.24 -4.56 60.07
CA GLU S 105 -4.45 -5.35 60.27
C GLU S 105 -4.81 -6.15 59.03
N ARG S 106 -4.57 -5.56 57.85
CA ARG S 106 -4.88 -6.20 56.58
C ARG S 106 -3.84 -7.27 56.24
N ALA S 107 -2.61 -7.07 56.74
CA ALA S 107 -1.54 -8.05 56.61
C ALA S 107 -1.89 -9.35 57.34
N GLY S 108 -2.45 -9.20 58.54
CA GLY S 108 -2.92 -10.34 59.32
C GLY S 108 -4.02 -11.12 58.61
N HIS S 109 -4.94 -10.40 57.97
CA HIS S 109 -6.06 -11.01 57.27
C HIS S 109 -5.61 -11.88 56.08
N LEU S 110 -4.50 -11.49 55.45
CA LEU S 110 -3.96 -12.20 54.29
C LEU S 110 -3.26 -13.50 54.68
N LEU S 111 -2.51 -13.45 55.79
CA LEU S 111 -1.86 -14.64 56.34
C LEU S 111 -2.87 -15.66 56.86
N CYS S 112 -3.93 -15.15 57.48
CA CYS S 112 -5.06 -15.96 57.90
C CYS S 112 -5.65 -16.73 56.72
N ASP S 113 -5.98 -16.03 55.66
CA ASP S 113 -6.60 -16.64 54.48
C ASP S 113 -5.65 -17.60 53.75
N LYS S 114 -4.35 -17.34 53.86
CA LYS S 114 -3.35 -18.22 53.26
C LYS S 114 -3.27 -19.54 54.03
N ALA S 115 -3.15 -19.44 55.34
CA ALA S 115 -3.07 -20.62 56.21
C ALA S 115 -4.33 -21.48 56.13
N GLN S 116 -5.49 -20.84 56.09
CA GLN S 116 -6.78 -21.53 56.03
C GLN S 116 -6.85 -22.54 54.88
N LYS S 117 -6.32 -22.16 53.73
CA LYS S 117 -6.39 -22.99 52.52
C LYS S 117 -5.62 -24.31 52.67
N ASN S 118 -4.54 -24.27 53.43
CA ASN S 118 -3.72 -25.45 53.70
C ASN S 118 -4.37 -26.42 54.68
N THR S 119 -5.47 -26.01 55.29
CA THR S 119 -6.18 -26.82 56.28
C THR S 119 -7.51 -27.40 55.77
N GLN S 120 -7.84 -27.14 54.51
CA GLN S 120 -9.11 -27.58 53.94
C GLN S 120 -8.92 -28.49 52.72
N SER S 121 -7.73 -28.48 52.14
CA SER S 121 -7.47 -29.23 50.92
C SER S 121 -6.54 -30.42 51.14
N TYR S 122 -6.90 -31.56 50.54
CA TYR S 122 -6.09 -32.77 50.56
C TYR S 122 -4.74 -32.56 49.89
N GLY S 123 -3.72 -33.22 50.43
CA GLY S 123 -2.38 -33.17 49.87
C GLY S 123 -1.49 -32.19 50.60
N GLY S 124 -2.07 -31.07 51.03
CA GLY S 124 -1.33 -30.02 51.72
C GLY S 124 -1.30 -30.19 53.23
N ARG S 125 -0.20 -29.76 53.83
CA ARG S 125 -0.05 -29.74 55.28
C ARG S 125 -0.19 -28.30 55.80
N PRO S 126 -0.56 -28.15 57.08
CA PRO S 126 -0.58 -26.81 57.68
C PRO S 126 0.83 -26.27 57.86
N TYR S 127 0.95 -24.95 57.95
CA TYR S 127 2.23 -24.34 58.25
C TYR S 127 2.64 -24.68 59.68
N GLY S 128 3.93 -24.89 59.90
CA GLY S 128 4.43 -25.33 61.20
C GLY S 128 5.18 -24.24 61.93
N VAL S 129 4.64 -23.02 61.86
CA VAL S 129 5.29 -21.87 62.48
C VAL S 129 4.28 -20.83 62.94
N GLY S 130 4.52 -20.27 64.13
CA GLY S 130 3.73 -19.17 64.67
C GLY S 130 4.49 -17.88 64.54
N LEU S 131 3.78 -16.78 64.31
CA LEU S 131 4.41 -15.51 63.99
C LEU S 131 3.91 -14.34 64.81
N LEU S 132 4.85 -13.49 65.22
CA LEU S 132 4.54 -12.22 65.87
C LEU S 132 4.88 -11.09 64.91
N ILE S 133 3.88 -10.29 64.54
CA ILE S 133 4.07 -9.21 63.58
C ILE S 133 3.91 -7.85 64.25
N ILE S 134 4.94 -7.03 64.18
CA ILE S 134 4.87 -5.64 64.64
C ILE S 134 4.87 -4.69 63.45
N GLY S 135 4.18 -3.56 63.59
CA GLY S 135 4.09 -2.56 62.53
C GLY S 135 3.55 -1.22 63.00
N TYR S 136 3.92 -0.17 62.27
CA TYR S 136 3.40 1.17 62.49
C TYR S 136 2.85 1.74 61.19
N ASP S 137 1.53 1.93 61.14
CA ASP S 137 0.86 2.42 59.95
C ASP S 137 0.14 3.74 60.21
N LYS S 138 -1.00 3.93 59.53
CA LYS S 138 -1.79 5.16 59.65
C LYS S 138 -2.63 5.22 60.92
N SER S 139 -2.70 4.10 61.64
CA SER S 139 -3.48 4.04 62.89
C SER S 139 -2.60 3.71 64.10
N GLY S 140 -1.33 4.11 64.03
CA GLY S 140 -0.41 3.96 65.15
C GLY S 140 0.31 2.62 65.20
N ALA S 141 0.74 2.24 66.40
CA ALA S 141 1.48 0.99 66.62
C ALA S 141 0.56 -0.22 66.67
N HIS S 142 1.08 -1.36 66.23
CA HIS S 142 0.32 -2.61 66.19
C HIS S 142 1.21 -3.83 66.49
N LEU S 143 0.63 -4.82 67.17
CA LEU S 143 1.25 -6.14 67.31
C LEU S 143 0.21 -7.25 67.13
N LEU S 144 0.52 -8.22 66.28
CA LEU S 144 -0.39 -9.30 65.92
C LEU S 144 0.20 -10.68 66.22
N GLU S 145 -0.64 -11.62 66.63
CA GLU S 145 -0.20 -13.00 66.81
C GLU S 145 -0.85 -13.91 65.78
N PHE S 146 -0.01 -14.65 65.07
CA PHE S 146 -0.44 -15.55 64.01
C PHE S 146 -0.36 -17.01 64.44
N GLN S 147 -1.42 -17.76 64.17
CA GLN S 147 -1.44 -19.20 64.42
C GLN S 147 -1.72 -19.95 63.12
N PRO S 148 -0.99 -21.06 62.88
CA PRO S 148 -1.09 -21.87 61.65
C PRO S 148 -2.50 -22.35 61.33
N SER S 149 -3.37 -22.36 62.34
CA SER S 149 -4.79 -22.66 62.13
C SER S 149 -5.46 -21.59 61.28
N GLY S 150 -4.84 -20.41 61.25
CA GLY S 150 -5.37 -19.25 60.55
C GLY S 150 -5.77 -18.13 61.51
N ASN S 151 -5.85 -18.46 62.80
CA ASN S 151 -6.26 -17.51 63.83
C ASN S 151 -5.26 -16.37 64.04
N VAL S 152 -5.73 -15.15 63.78
CA VAL S 152 -4.95 -13.92 63.96
C VAL S 152 -5.62 -13.06 65.03
N THR S 153 -4.80 -12.46 65.91
CA THR S 153 -5.30 -11.64 67.00
C THR S 153 -4.38 -10.45 67.26
N GLU S 154 -4.95 -9.25 67.33
CA GLU S 154 -4.16 -8.08 67.71
C GLU S 154 -4.10 -7.96 69.23
N LEU S 155 -2.90 -7.65 69.73
CA LEU S 155 -2.63 -7.61 71.16
C LEU S 155 -1.74 -6.43 71.55
N TYR S 156 -1.75 -6.06 72.82
CA TYR S 156 -0.82 -5.07 73.38
C TYR S 156 0.56 -5.68 73.50
N GLY S 157 0.59 -6.94 73.91
CA GLY S 157 1.82 -7.71 74.06
C GLY S 157 1.48 -9.19 74.05
N THR S 158 2.47 -10.04 73.79
CA THR S 158 2.28 -11.49 73.79
C THR S 158 3.59 -12.27 73.66
N ALA S 159 3.49 -13.60 73.78
CA ALA S 159 4.65 -14.50 73.64
C ALA S 159 4.27 -15.85 73.04
N ILE S 160 5.22 -16.43 72.31
CA ILE S 160 5.08 -17.79 71.77
C ILE S 160 6.42 -18.51 71.87
N GLY S 161 6.38 -19.83 71.76
CA GLY S 161 7.59 -20.66 71.86
C GLY S 161 7.65 -21.48 73.14
N ALA S 162 8.85 -21.99 73.44
CA ALA S 162 9.07 -22.80 74.64
C ALA S 162 9.06 -21.94 75.89
N ARG S 163 8.26 -22.36 76.87
CA ARG S 163 8.18 -21.72 78.18
C ARG S 163 7.58 -20.31 78.14
N SER S 164 6.84 -20.03 77.07
CA SER S 164 6.29 -18.69 76.81
C SER S 164 5.26 -18.20 77.82
N GLN S 165 4.82 -19.09 78.71
CA GLN S 165 3.78 -18.78 79.69
C GLN S 165 4.25 -17.79 80.77
N GLY S 166 5.55 -17.82 81.08
CA GLY S 166 6.13 -16.89 82.03
C GLY S 166 6.11 -15.46 81.52
N ALA S 167 6.45 -15.30 80.25
CA ALA S 167 6.45 -14.00 79.59
C ALA S 167 5.05 -13.42 79.45
N LYS S 168 4.08 -14.28 79.16
CA LYS S 168 2.69 -13.87 78.98
C LYS S 168 2.03 -13.52 80.32
N THR S 169 2.46 -14.18 81.40
CA THR S 169 2.01 -13.85 82.75
C THR S 169 2.58 -12.50 83.16
N TYR S 170 3.88 -12.31 82.96
CA TYR S 170 4.57 -11.06 83.28
C TYR S 170 4.01 -9.87 82.51
N LEU S 171 3.76 -10.06 81.21
CA LEU S 171 3.25 -8.98 80.37
C LEU S 171 1.84 -8.55 80.78
N GLU S 172 1.03 -9.51 81.20
CA GLU S 172 -0.35 -9.27 81.62
C GLU S 172 -0.38 -8.42 82.88
N ARG S 173 0.64 -8.59 83.72
CA ARG S 173 0.81 -7.82 84.95
C ARG S 173 1.37 -6.42 84.64
N THR S 174 2.25 -6.34 83.65
CA THR S 174 2.97 -5.11 83.29
C THR S 174 2.17 -4.19 82.36
N LEU S 175 0.97 -4.63 81.97
CA LEU S 175 0.13 -3.93 80.98
C LEU S 175 0.12 -2.40 81.06
N ASP S 176 -0.20 -1.86 82.24
CA ASP S 176 -0.35 -0.42 82.41
C ASP S 176 0.98 0.34 82.45
N THR S 177 2.08 -0.39 82.64
CA THR S 177 3.42 0.20 82.71
C THR S 177 4.05 0.40 81.32
N PHE S 178 3.94 -0.60 80.45
CA PHE S 178 4.61 -0.54 79.15
C PHE S 178 3.82 0.22 78.07
N ILE S 179 2.49 0.07 78.08
CA ILE S 179 1.63 0.70 77.08
C ILE S 179 1.80 2.23 77.03
N LYS S 180 2.40 2.77 78.10
CA LYS S 180 2.61 4.19 78.23
C LYS S 180 4.10 4.59 78.11
N ILE S 181 4.90 3.73 77.50
CA ILE S 181 6.26 4.10 77.13
C ILE S 181 6.23 4.75 75.74
N ASP S 182 5.88 6.04 75.72
CA ASP S 182 5.71 6.79 74.49
C ASP S 182 6.87 7.74 74.25
N GLY S 183 7.51 7.58 73.09
CA GLY S 183 8.63 8.43 72.69
C GLY S 183 9.92 8.10 73.43
N ASN S 184 10.14 6.81 73.66
CA ASN S 184 11.40 6.33 74.24
C ASN S 184 11.63 4.87 73.84
N PRO S 185 12.50 4.65 72.84
CA PRO S 185 12.80 3.31 72.32
C PRO S 185 13.37 2.37 73.38
N ASP S 186 14.48 2.76 73.99
CA ASP S 186 15.18 1.92 74.97
C ASP S 186 14.27 1.34 76.06
N GLU S 187 13.39 2.18 76.62
CA GLU S 187 12.51 1.76 77.72
C GLU S 187 11.34 0.86 77.30
N LEU S 188 11.21 0.62 75.99
CA LEU S 188 10.31 -0.42 75.49
C LEU S 188 11.08 -1.71 75.23
N ILE S 189 12.33 -1.58 74.82
CA ILE S 189 13.23 -2.73 74.68
C ILE S 189 13.54 -3.30 76.07
N LYS S 190 13.84 -2.42 77.03
CA LYS S 190 14.08 -2.80 78.43
C LYS S 190 12.95 -3.62 79.02
N ALA S 191 11.71 -3.25 78.69
CA ALA S 191 10.52 -3.99 79.12
C ALA S 191 10.42 -5.32 78.38
N GLY S 192 10.89 -5.35 77.14
CA GLY S 192 10.92 -6.56 76.32
C GLY S 192 11.90 -7.60 76.82
N VAL S 193 13.09 -7.13 77.22
CA VAL S 193 14.14 -8.02 77.74
C VAL S 193 13.74 -8.61 79.10
N GLU S 194 13.04 -7.83 79.91
CA GLU S 194 12.56 -8.31 81.22
C GLU S 194 11.41 -9.31 81.07
N ALA S 195 10.71 -9.23 79.94
CA ALA S 195 9.65 -10.18 79.60
C ALA S 195 10.21 -11.53 79.17
N ILE S 196 11.27 -11.49 78.37
CA ILE S 196 11.89 -12.70 77.82
C ILE S 196 12.67 -13.53 78.87
N SER S 197 13.01 -12.90 79.99
CA SER S 197 13.73 -13.58 81.08
C SER S 197 12.79 -14.43 81.94
N GLN S 198 11.50 -14.13 81.86
CA GLN S 198 10.46 -14.88 82.56
C GLN S 198 10.23 -16.25 81.91
N SER S 199 10.81 -16.45 80.72
CA SER S 199 10.72 -17.69 79.98
C SER S 199 12.08 -18.36 79.79
N LEU S 200 13.13 -17.77 80.37
CA LEU S 200 14.49 -18.31 80.28
C LEU S 200 14.61 -19.67 80.95
N ARG S 201 14.56 -19.68 82.28
CA ARG S 201 14.56 -20.91 83.10
C ARG S 201 15.90 -21.67 83.12
N ASP S 202 16.51 -21.81 81.95
CA ASP S 202 17.64 -22.70 81.75
C ASP S 202 18.99 -21.98 81.69
N GLU S 203 19.11 -21.06 80.74
CA GLU S 203 20.38 -20.41 80.43
C GLU S 203 20.37 -18.90 80.64
N SER S 204 21.57 -18.32 80.68
CA SER S 204 21.77 -16.88 80.71
C SER S 204 21.81 -16.35 79.26
N LEU S 205 21.03 -15.32 78.97
CA LEU S 205 20.97 -14.74 77.62
C LEU S 205 22.21 -13.89 77.32
N THR S 206 22.78 -14.10 76.13
CA THR S 206 24.09 -13.51 75.81
C THR S 206 24.11 -12.64 74.53
N VAL S 207 25.27 -12.04 74.26
CA VAL S 207 25.43 -11.02 73.22
C VAL S 207 25.17 -11.51 71.79
N ASP S 208 25.53 -12.76 71.52
CA ASP S 208 25.30 -13.36 70.20
C ASP S 208 24.08 -14.30 70.20
N ASN S 209 23.08 -13.96 71.00
CA ASN S 209 21.94 -14.82 71.31
C ASN S 209 20.61 -14.06 71.31
N LEU S 210 20.66 -12.79 71.69
CA LEU S 210 19.48 -11.94 71.75
C LEU S 210 19.20 -11.27 70.41
N SER S 211 17.92 -11.19 70.06
CA SER S 211 17.47 -10.48 68.86
C SER S 211 16.43 -9.43 69.24
N ILE S 212 16.60 -8.22 68.68
CA ILE S 212 15.72 -7.10 68.97
C ILE S 212 15.29 -6.40 67.67
N ALA S 213 14.01 -6.08 67.56
CA ALA S 213 13.49 -5.32 66.44
C ALA S 213 12.56 -4.21 66.91
N ILE S 214 12.64 -3.06 66.25
CA ILE S 214 11.84 -1.89 66.62
C ILE S 214 11.27 -1.17 65.40
N VAL S 215 10.05 -0.68 65.55
CA VAL S 215 9.39 0.16 64.54
C VAL S 215 8.44 1.12 65.25
N GLY S 216 8.20 2.29 64.67
CA GLY S 216 7.31 3.27 65.27
C GLY S 216 7.26 4.61 64.56
N LYS S 217 6.80 5.64 65.27
CA LYS S 217 6.55 6.96 64.69
C LYS S 217 7.67 7.45 63.76
N ASP S 218 8.85 7.68 64.31
CA ASP S 218 9.98 8.16 63.50
C ASP S 218 11.08 7.12 63.30
N THR S 219 10.70 5.84 63.34
CA THR S 219 11.66 4.75 63.32
C THR S 219 11.24 3.64 62.35
N PRO S 220 12.06 3.40 61.30
CA PRO S 220 11.79 2.29 60.39
C PRO S 220 12.20 0.95 61.01
N PHE S 221 11.57 -0.13 60.54
CA PHE S 221 11.83 -1.49 61.04
C PHE S 221 13.31 -1.87 60.89
N THR S 222 13.99 -2.03 62.03
CA THR S 222 15.42 -2.37 62.05
C THR S 222 15.78 -3.41 63.11
N ILE S 223 16.68 -4.33 62.75
CA ILE S 223 17.06 -5.46 63.60
C ILE S 223 18.48 -5.26 64.15
N TYR S 224 18.65 -5.54 65.45
CA TYR S 224 19.95 -5.41 66.10
C TYR S 224 20.55 -6.76 66.48
N ASP S 225 21.82 -6.93 66.15
CA ASP S 225 22.56 -8.17 66.41
C ASP S 225 23.99 -7.88 66.84
N GLY S 226 24.62 -8.87 67.48
CA GLY S 226 26.01 -8.75 67.91
C GLY S 226 26.22 -7.70 68.99
N GLU S 227 27.35 -7.00 68.90
CA GLU S 227 27.76 -6.02 69.92
C GLU S 227 26.76 -4.86 70.08
N ALA S 228 25.80 -4.81 69.18
CA ALA S 228 24.79 -3.74 69.15
C ALA S 228 23.67 -3.93 70.18
N VAL S 229 23.57 -5.14 70.75
CA VAL S 229 22.56 -5.42 71.77
C VAL S 229 23.17 -5.51 73.18
N ALA S 230 24.48 -5.31 73.26
CA ALA S 230 25.26 -5.47 74.49
C ALA S 230 24.71 -4.70 75.69
N LYS S 231 24.11 -3.54 75.43
CA LYS S 231 23.61 -2.67 76.51
C LYS S 231 22.37 -3.21 77.24
N TYR S 232 21.57 -4.00 76.52
CA TYR S 232 20.32 -4.55 77.08
C TYR S 232 20.53 -5.81 77.92
N ILE S 233 21.75 -6.34 77.90
CA ILE S 233 22.16 -7.41 78.80
C ILE S 233 22.64 -6.81 80.13
N GLY T 1 -17.70 -54.71 59.66
CA GLY T 1 -16.89 -53.53 59.28
C GLY T 1 -17.69 -52.25 59.14
N THR T 2 -17.05 -51.13 59.49
CA THR T 2 -17.62 -49.78 59.33
C THR T 2 -16.57 -48.84 58.73
N GLY T 3 -16.32 -47.70 59.39
CA GLY T 3 -15.34 -46.73 58.93
C GLY T 3 -15.91 -45.71 57.95
N TYR T 4 -17.22 -45.51 58.02
CA TYR T 4 -17.93 -44.57 57.15
C TYR T 4 -17.77 -43.10 57.58
N ASP T 5 -16.89 -42.86 58.55
CA ASP T 5 -16.67 -41.53 59.07
C ASP T 5 -15.26 -41.01 58.80
N LEU T 6 -14.49 -41.80 58.04
CA LEU T 6 -13.08 -41.47 57.77
C LEU T 6 -12.85 -40.61 56.52
N SER T 7 -13.85 -40.57 55.63
CA SER T 7 -13.72 -39.85 54.37
C SER T 7 -14.96 -39.00 54.08
N ASN T 8 -14.74 -37.80 53.53
CA ASN T 8 -15.80 -36.80 53.40
C ASN T 8 -17.08 -37.22 52.66
N SER T 9 -16.99 -37.51 51.37
CA SER T 9 -18.22 -37.70 50.58
C SER T 9 -18.93 -39.06 50.73
N VAL T 10 -18.62 -39.79 51.80
CA VAL T 10 -19.14 -41.15 51.98
C VAL T 10 -20.46 -41.18 52.75
N PHE T 11 -21.42 -41.94 52.22
CA PHE T 11 -22.65 -42.23 52.95
C PHE T 11 -22.40 -43.38 53.90
N SER T 12 -22.98 -43.26 55.09
CA SER T 12 -23.06 -44.36 56.04
C SER T 12 -24.36 -45.11 55.74
N PRO T 13 -24.51 -46.35 56.29
CA PRO T 13 -25.70 -47.13 55.97
C PRO T 13 -27.05 -46.47 56.29
N ASP T 14 -27.03 -45.44 57.14
CA ASP T 14 -28.26 -44.72 57.50
C ASP T 14 -28.50 -43.46 56.67
N GLY T 15 -27.68 -43.27 55.63
CA GLY T 15 -27.87 -42.18 54.68
C GLY T 15 -27.20 -40.88 55.05
N ARG T 16 -26.33 -40.91 56.06
CA ARG T 16 -25.70 -39.69 56.57
C ARG T 16 -24.26 -39.51 56.09
N ASN T 17 -23.81 -38.27 56.11
CA ASN T 17 -22.42 -37.93 55.83
C ASN T 17 -21.73 -37.51 57.13
N PHE T 18 -21.11 -38.49 57.80
CA PHE T 18 -20.59 -38.32 59.16
C PHE T 18 -19.56 -37.20 59.33
N GLN T 19 -18.78 -36.92 58.30
CA GLN T 19 -17.80 -35.84 58.37
C GLN T 19 -18.43 -34.46 58.49
N VAL T 20 -19.61 -34.29 57.88
CA VAL T 20 -20.39 -33.05 58.01
C VAL T 20 -20.90 -32.89 59.44
N GLU T 21 -21.33 -33.99 60.04
CA GLU T 21 -21.81 -33.99 61.42
C GLU T 21 -20.70 -33.67 62.40
N TYR T 22 -19.49 -34.09 62.06
CA TYR T 22 -18.31 -33.81 62.86
C TYR T 22 -17.94 -32.34 62.77
N ALA T 23 -18.23 -31.73 61.61
CA ALA T 23 -17.99 -30.31 61.38
C ALA T 23 -18.88 -29.47 62.30
N VAL T 24 -20.13 -29.90 62.45
CA VAL T 24 -21.09 -29.29 63.37
C VAL T 24 -20.53 -29.27 64.78
N LYS T 25 -19.85 -30.34 65.18
CA LYS T 25 -19.23 -30.42 66.49
C LYS T 25 -18.23 -29.29 66.72
N ALA T 26 -17.56 -28.86 65.66
CA ALA T 26 -16.64 -27.72 65.75
C ALA T 26 -17.40 -26.41 65.88
N VAL T 27 -18.61 -26.37 65.32
CA VAL T 27 -19.49 -25.20 65.36
C VAL T 27 -20.07 -25.03 66.78
N GLU T 28 -20.65 -26.10 67.30
CA GLU T 28 -21.18 -26.14 68.66
C GLU T 28 -20.09 -25.78 69.69
N ASN T 29 -18.84 -26.06 69.33
CA ASN T 29 -17.69 -25.79 70.16
C ASN T 29 -17.34 -24.31 70.16
N GLY T 30 -17.90 -23.58 69.21
CA GLY T 30 -17.55 -22.17 69.00
C GLY T 30 -18.32 -21.17 69.84
N THR T 31 -17.90 -19.91 69.71
CA THR T 31 -18.52 -18.78 70.37
C THR T 31 -19.94 -18.51 69.83
N THR T 32 -20.85 -18.15 70.72
CA THR T 32 -22.25 -17.92 70.35
C THR T 32 -22.46 -16.63 69.55
N SER T 33 -23.38 -16.70 68.58
CA SER T 33 -23.71 -15.56 67.71
C SER T 33 -25.16 -15.63 67.19
N ILE T 34 -25.78 -14.48 67.01
CA ILE T 34 -27.22 -14.42 66.70
C ILE T 34 -27.59 -13.47 65.57
N GLY T 35 -28.85 -13.53 65.16
CA GLY T 35 -29.43 -12.60 64.19
C GLY T 35 -30.91 -12.36 64.45
N ILE T 36 -31.31 -11.09 64.48
CA ILE T 36 -32.73 -10.71 64.61
C ILE T 36 -33.19 -9.96 63.38
N LYS T 37 -34.31 -10.39 62.82
CA LYS T 37 -34.98 -9.68 61.72
C LYS T 37 -36.05 -8.76 62.31
N CYS T 38 -36.02 -7.49 61.90
CA CYS T 38 -36.99 -6.51 62.37
C CYS T 38 -37.87 -6.04 61.21
N ASN T 39 -38.75 -5.07 61.48
CA ASN T 39 -39.75 -4.63 60.49
C ASN T 39 -39.19 -3.92 59.24
N ASP T 40 -37.90 -3.62 59.23
CA ASP T 40 -37.27 -2.98 58.07
C ASP T 40 -35.79 -3.35 57.86
N GLY T 41 -35.30 -4.32 58.62
CA GLY T 41 -33.90 -4.73 58.49
C GLY T 41 -33.47 -5.93 59.32
N VAL T 42 -32.15 -6.04 59.53
CA VAL T 42 -31.56 -7.12 60.32
C VAL T 42 -30.48 -6.62 61.27
N VAL T 43 -30.31 -7.33 62.39
CA VAL T 43 -29.31 -7.01 63.39
C VAL T 43 -28.45 -8.24 63.67
N PHE T 44 -27.15 -8.03 63.77
CA PHE T 44 -26.20 -9.12 64.02
C PHE T 44 -25.37 -8.84 65.28
N ALA T 45 -25.07 -9.91 66.02
CA ALA T 45 -24.31 -9.80 67.27
C ALA T 45 -23.47 -11.05 67.55
N VAL T 46 -22.31 -10.84 68.18
CA VAL T 46 -21.42 -11.95 68.51
C VAL T 46 -20.69 -11.79 69.85
N GLU T 47 -20.52 -12.91 70.55
CA GLU T 47 -19.69 -13.00 71.76
C GLU T 47 -18.21 -12.98 71.36
N LYS T 48 -17.37 -12.35 72.17
CA LYS T 48 -15.93 -12.33 71.91
C LYS T 48 -15.18 -12.59 73.21
N LEU T 49 -14.69 -13.82 73.36
CA LEU T 49 -14.03 -14.22 74.61
C LEU T 49 -12.69 -13.49 74.83
N ILE T 50 -12.67 -12.70 75.90
CA ILE T 50 -11.47 -11.97 76.31
C ILE T 50 -10.58 -12.92 77.11
N THR T 51 -9.66 -13.59 76.41
CA THR T 51 -8.76 -14.56 77.03
C THR T 51 -7.71 -13.87 77.90
N SER T 52 -7.31 -12.67 77.49
CA SER T 52 -6.27 -11.91 78.18
C SER T 52 -6.63 -10.43 78.23
N LYS T 53 -6.07 -9.72 79.21
CA LYS T 53 -6.21 -8.26 79.29
C LYS T 53 -5.40 -7.61 78.17
N LEU T 54 -4.65 -8.44 77.43
CA LEU T 54 -3.77 -8.01 76.36
C LEU T 54 -4.46 -7.93 74.99
N LEU T 55 -5.69 -8.43 74.92
CA LEU T 55 -6.52 -8.23 73.73
C LEU T 55 -6.99 -6.79 73.66
N VAL T 56 -6.59 -6.09 72.59
CA VAL T 56 -7.00 -4.71 72.36
C VAL T 56 -8.51 -4.66 72.10
N PRO T 57 -9.24 -3.85 72.89
CA PRO T 57 -10.69 -3.73 72.73
C PRO T 57 -11.10 -3.15 71.38
N GLN T 58 -12.27 -3.59 70.90
CA GLN T 58 -12.91 -3.12 69.66
C GLN T 58 -12.09 -3.40 68.38
N LYS T 59 -11.13 -4.31 68.47
CA LYS T 59 -10.14 -4.50 67.40
C LYS T 59 -10.21 -5.80 66.60
N ASN T 60 -10.48 -6.91 67.29
CA ASN T 60 -10.52 -8.21 66.64
C ASN T 60 -11.92 -8.49 66.07
N VAL T 61 -12.33 -7.67 65.10
CA VAL T 61 -13.69 -7.63 64.60
C VAL T 61 -14.06 -8.93 63.88
N LYS T 62 -15.16 -9.53 64.32
CA LYS T 62 -15.59 -10.82 63.79
C LYS T 62 -16.68 -10.69 62.72
N ILE T 63 -17.53 -9.67 62.85
CA ILE T 63 -18.58 -9.40 61.87
C ILE T 63 -17.98 -8.85 60.56
N GLN T 64 -18.37 -9.44 59.45
CA GLN T 64 -17.86 -9.04 58.15
C GLN T 64 -18.94 -8.48 57.23
N VAL T 65 -18.53 -7.60 56.34
CA VAL T 65 -19.44 -7.02 55.35
C VAL T 65 -19.23 -7.66 53.97
N VAL T 66 -20.34 -7.90 53.28
CA VAL T 66 -20.33 -8.34 51.89
C VAL T 66 -21.02 -7.25 51.07
N ASP T 67 -20.32 -6.78 50.02
CA ASP T 67 -20.80 -5.67 49.20
C ASP T 67 -20.91 -4.40 50.08
N ARG T 68 -22.10 -3.84 50.18
CA ARG T 68 -22.31 -2.67 51.02
C ARG T 68 -23.58 -2.82 51.86
N HIS T 69 -24.32 -3.90 51.62
CA HIS T 69 -25.66 -4.08 52.18
C HIS T 69 -25.88 -5.39 52.96
N ILE T 70 -24.90 -6.28 52.92
CA ILE T 70 -24.99 -7.58 53.58
C ILE T 70 -23.97 -7.69 54.71
N GLY T 71 -24.41 -8.18 55.86
CA GLY T 71 -23.53 -8.45 56.98
C GLY T 71 -23.51 -9.93 57.31
N CYS T 72 -22.34 -10.44 57.67
CA CYS T 72 -22.18 -11.85 58.02
C CYS T 72 -21.46 -12.07 59.33
N VAL T 73 -22.00 -13.00 60.12
CA VAL T 73 -21.40 -13.41 61.37
C VAL T 73 -21.47 -14.93 61.44
N TYR T 74 -20.45 -15.55 62.04
CA TYR T 74 -20.37 -17.01 62.09
C TYR T 74 -19.81 -17.54 63.41
N SER T 75 -20.12 -18.79 63.69
CA SER T 75 -19.64 -19.50 64.88
C SER T 75 -18.79 -20.67 64.44
N GLY T 76 -17.72 -20.95 65.17
CA GLY T 76 -16.89 -22.12 64.92
C GLY T 76 -15.46 -21.78 64.58
N LEU T 77 -14.94 -22.42 63.52
CA LEU T 77 -13.60 -22.15 63.00
C LEU T 77 -13.60 -20.82 62.23
N ILE T 78 -13.01 -19.79 62.83
CA ILE T 78 -12.99 -18.43 62.28
C ILE T 78 -12.38 -18.35 60.86
N PRO T 79 -11.19 -18.93 60.66
CA PRO T 79 -10.61 -18.87 59.32
C PRO T 79 -11.50 -19.43 58.21
N ASP T 80 -12.28 -20.47 58.50
CA ASP T 80 -13.23 -21.01 57.51
C ASP T 80 -14.31 -20.01 57.15
N GLY T 81 -14.75 -19.25 58.15
CA GLY T 81 -15.77 -18.22 57.97
C GLY T 81 -15.27 -17.14 57.02
N ARG T 82 -14.05 -16.69 57.24
CA ARG T 82 -13.41 -15.68 56.39
C ARG T 82 -13.32 -16.14 54.94
N HIS T 83 -12.82 -17.35 54.72
CA HIS T 83 -12.74 -17.95 53.40
C HIS T 83 -14.10 -17.95 52.70
N LEU T 84 -15.16 -18.21 53.47
CA LEU T 84 -16.52 -18.25 52.95
C LEU T 84 -17.05 -16.86 52.60
N VAL T 85 -16.60 -15.85 53.36
CA VAL T 85 -16.98 -14.46 53.07
C VAL T 85 -16.21 -13.95 51.85
N ASN T 86 -14.94 -14.35 51.73
CA ASN T 86 -14.13 -14.03 50.55
C ASN T 86 -14.78 -14.54 49.27
N ARG T 87 -15.31 -15.77 49.34
CA ARG T 87 -16.08 -16.33 48.24
C ARG T 87 -17.35 -15.52 48.02
N GLY T 88 -18.04 -15.19 49.11
CA GLY T 88 -19.25 -14.38 49.05
C GLY T 88 -19.03 -13.04 48.36
N ARG T 89 -17.95 -12.36 48.73
CA ARG T 89 -17.61 -11.06 48.15
C ARG T 89 -17.37 -11.15 46.65
N GLU T 90 -16.66 -12.21 46.22
CA GLU T 90 -16.43 -12.49 44.81
C GLU T 90 -17.74 -12.78 44.09
N GLU T 91 -18.60 -13.53 44.76
CA GLU T 91 -19.88 -13.94 44.20
C GLU T 91 -20.79 -12.74 44.04
N ALA T 92 -20.72 -11.83 45.00
CA ALA T 92 -21.51 -10.59 44.97
C ALA T 92 -21.00 -9.63 43.89
N ALA T 93 -19.68 -9.49 43.79
CA ALA T 93 -19.04 -8.64 42.80
C ALA T 93 -19.35 -9.11 41.38
N SER T 94 -19.38 -10.44 41.22
CA SER T 94 -19.73 -11.08 39.96
C SER T 94 -21.17 -10.76 39.55
N PHE T 95 -22.08 -10.77 40.54
CA PHE T 95 -23.49 -10.43 40.31
C PHE T 95 -23.63 -8.94 39.94
N LYS T 96 -23.07 -8.07 40.77
CA LYS T 96 -23.05 -6.64 40.49
C LYS T 96 -21.97 -6.32 39.46
N LYS T 97 -22.10 -6.87 38.26
CA LYS T 97 -21.17 -6.64 37.17
C LYS T 97 -21.83 -7.12 35.90
N LEU T 98 -22.42 -8.32 35.97
CA LEU T 98 -23.26 -8.80 34.89
C LEU T 98 -24.59 -8.04 34.94
N TYR T 99 -25.22 -8.06 36.12
CA TYR T 99 -26.44 -7.28 36.37
C TYR T 99 -26.05 -6.06 37.18
N LYS T 100 -26.70 -4.93 36.94
CA LYS T 100 -26.28 -3.69 37.57
C LYS T 100 -26.66 -3.66 39.05
N THR T 101 -27.78 -4.32 39.37
CA THR T 101 -28.33 -4.32 40.72
C THR T 101 -27.42 -5.04 41.72
N PRO T 102 -27.28 -4.49 42.94
CA PRO T 102 -26.59 -5.22 44.00
C PRO T 102 -27.34 -6.50 44.35
N ILE T 103 -26.59 -7.56 44.62
CA ILE T 103 -27.12 -8.92 44.81
C ILE T 103 -28.24 -9.05 45.85
N PRO T 104 -29.40 -9.59 45.43
CA PRO T 104 -30.52 -9.89 46.33
C PRO T 104 -30.11 -10.90 47.40
N ILE T 105 -30.79 -10.87 48.54
CA ILE T 105 -30.41 -11.69 49.68
C ILE T 105 -30.70 -13.18 49.47
N PRO T 106 -31.93 -13.54 49.01
CA PRO T 106 -32.15 -14.94 48.68
C PRO T 106 -31.11 -15.46 47.69
N ALA T 107 -30.83 -14.66 46.66
CA ALA T 107 -29.80 -14.95 45.67
C ALA T 107 -28.44 -15.22 46.30
N PHE T 108 -27.99 -14.31 47.18
CA PHE T 108 -26.69 -14.44 47.84
C PHE T 108 -26.62 -15.67 48.72
N ALA T 109 -27.73 -15.96 49.40
CA ALA T 109 -27.85 -17.14 50.25
C ALA T 109 -27.52 -18.41 49.49
N ASP T 110 -28.18 -18.59 48.34
CA ASP T 110 -27.99 -19.79 47.52
C ASP T 110 -26.57 -19.89 47.01
N ARG T 111 -25.95 -18.76 46.73
CA ARG T 111 -24.57 -18.73 46.26
C ARG T 111 -23.63 -19.32 47.30
N LEU T 112 -23.84 -18.98 48.57
CA LEU T 112 -23.10 -19.62 49.65
C LEU T 112 -23.56 -21.06 49.83
N GLY T 113 -24.87 -21.27 49.67
CA GLY T 113 -25.48 -22.60 49.76
C GLY T 113 -24.79 -23.61 48.87
N GLN T 114 -24.62 -23.26 47.59
CA GLN T 114 -24.05 -24.15 46.59
C GLN T 114 -22.56 -24.37 46.80
N TYR T 115 -21.88 -23.34 47.28
CA TYR T 115 -20.45 -23.41 47.55
C TYR T 115 -20.14 -24.34 48.73
N VAL T 116 -20.87 -24.17 49.83
CA VAL T 116 -20.67 -25.03 51.00
C VAL T 116 -21.05 -26.48 50.66
N GLN T 117 -22.16 -26.64 49.94
CA GLN T 117 -22.65 -27.96 49.53
C GLN T 117 -21.61 -28.67 48.68
N ALA T 118 -20.89 -27.90 47.86
CA ALA T 118 -19.83 -28.45 47.01
C ALA T 118 -18.72 -29.11 47.83
N HIS T 119 -18.54 -28.65 49.08
CA HIS T 119 -17.53 -29.22 49.95
C HIS T 119 -18.02 -30.44 50.74
N THR T 120 -19.14 -31.01 50.29
CA THR T 120 -19.66 -32.26 50.85
C THR T 120 -19.73 -33.34 49.76
N LEU T 121 -19.25 -33.00 48.56
CA LEU T 121 -19.39 -33.87 47.39
C LEU T 121 -18.15 -34.70 47.07
N TYR T 122 -17.01 -34.30 47.62
CA TYR T 122 -15.72 -34.92 47.30
C TYR T 122 -14.95 -35.25 48.57
N ASN T 123 -14.11 -36.28 48.51
CA ASN T 123 -13.26 -36.65 49.64
C ASN T 123 -11.95 -35.87 49.72
N SER T 124 -11.66 -35.11 48.66
CA SER T 124 -10.42 -34.33 48.57
C SER T 124 -10.52 -32.95 49.23
N VAL T 125 -11.73 -32.56 49.62
CA VAL T 125 -11.94 -31.35 50.43
C VAL T 125 -12.62 -31.69 51.75
N ARG T 126 -12.55 -30.76 52.69
CA ARG T 126 -13.17 -30.89 54.00
C ARG T 126 -14.41 -29.99 54.03
N PRO T 127 -15.45 -30.37 54.79
CA PRO T 127 -16.58 -29.46 55.00
C PRO T 127 -16.18 -28.22 55.81
N PHE T 128 -17.04 -27.21 55.80
CA PHE T 128 -16.78 -26.00 56.57
C PHE T 128 -17.10 -26.19 58.04
N GLY T 129 -16.25 -25.64 58.90
CA GLY T 129 -16.45 -25.69 60.34
C GLY T 129 -17.11 -24.43 60.87
N VAL T 130 -18.16 -23.98 60.19
CA VAL T 130 -18.90 -22.79 60.58
C VAL T 130 -20.39 -22.86 60.24
N SER T 131 -21.23 -22.42 61.17
CA SER T 131 -22.60 -22.04 60.85
C SER T 131 -22.58 -20.53 60.69
N THR T 132 -23.22 -20.02 59.65
CA THR T 132 -23.15 -18.60 59.31
C THR T 132 -24.52 -17.94 59.37
N ILE T 133 -24.57 -16.78 60.02
CA ILE T 133 -25.78 -15.95 60.02
C ILE T 133 -25.49 -14.69 59.22
N PHE T 134 -26.33 -14.43 58.23
CA PHE T 134 -26.14 -13.30 57.33
C PHE T 134 -27.48 -12.78 56.84
N GLY T 135 -27.47 -11.56 56.28
CA GLY T 135 -28.68 -10.95 55.76
C GLY T 135 -28.54 -9.46 55.50
N GLY T 136 -29.64 -8.84 55.08
CA GLY T 136 -29.66 -7.41 54.74
C GLY T 136 -30.97 -6.99 54.11
N VAL T 137 -30.95 -5.81 53.50
CA VAL T 137 -32.14 -5.22 52.87
C VAL T 137 -31.98 -5.19 51.35
N ASP T 138 -33.04 -5.55 50.64
CA ASP T 138 -33.03 -5.48 49.18
C ASP T 138 -34.35 -4.95 48.61
N LYS T 139 -34.52 -5.15 47.29
CA LYS T 139 -35.65 -4.63 46.52
C LYS T 139 -37.02 -4.86 47.17
N ASN T 140 -37.18 -5.98 47.86
CA ASN T 140 -38.44 -6.27 48.55
C ASN T 140 -38.26 -6.77 49.99
N GLY T 141 -37.94 -5.82 50.87
CA GLY T 141 -37.88 -6.08 52.31
C GLY T 141 -36.53 -6.52 52.86
N ALA T 142 -36.56 -7.02 54.09
CA ALA T 142 -35.37 -7.52 54.77
C ALA T 142 -35.40 -9.05 54.80
N HIS T 143 -34.21 -9.65 54.85
CA HIS T 143 -34.06 -11.11 54.89
C HIS T 143 -32.98 -11.53 55.87
N LEU T 144 -33.25 -12.59 56.62
CA LEU T 144 -32.26 -13.20 57.51
C LEU T 144 -32.09 -14.68 57.20
N TYR T 145 -30.84 -15.13 57.16
CA TYR T 145 -30.50 -16.50 56.78
C TYR T 145 -29.49 -17.14 57.74
N MET T 146 -29.58 -18.45 57.89
CA MET T 146 -28.60 -19.24 58.63
C MET T 146 -28.20 -20.48 57.84
N LEU T 147 -26.90 -20.71 57.72
CA LEU T 147 -26.35 -21.75 56.83
C LEU T 147 -25.45 -22.73 57.57
N GLU T 148 -25.87 -24.00 57.56
CA GLU T 148 -25.15 -25.10 58.23
C GLU T 148 -23.96 -25.60 57.39
N PRO T 149 -23.00 -26.32 58.02
CA PRO T 149 -21.89 -26.94 57.29
C PRO T 149 -22.30 -27.88 56.16
N SER T 150 -23.52 -28.40 56.22
CA SER T 150 -24.07 -29.26 55.17
C SER T 150 -24.43 -28.49 53.90
N GLY T 151 -24.52 -27.17 54.01
CA GLY T 151 -24.97 -26.33 52.92
C GLY T 151 -26.45 -26.02 53.03
N SER T 152 -27.06 -26.51 54.11
CA SER T 152 -28.46 -26.25 54.40
C SER T 152 -28.66 -24.82 54.90
N TYR T 153 -29.67 -24.14 54.39
CA TYR T 153 -30.03 -22.81 54.86
C TYR T 153 -31.53 -22.59 54.75
N TRP T 154 -32.05 -21.73 55.63
CA TRP T 154 -33.45 -21.34 55.59
C TRP T 154 -33.58 -19.85 55.91
N GLY T 155 -34.75 -19.28 55.64
CA GLY T 155 -35.08 -17.93 56.08
C GLY T 155 -35.50 -17.95 57.54
N TYR T 156 -35.15 -16.88 58.27
CA TYR T 156 -35.41 -16.82 59.70
C TYR T 156 -36.03 -15.51 60.15
N LYS T 157 -36.92 -15.61 61.15
CA LYS T 157 -37.37 -14.45 61.92
C LYS T 157 -36.30 -14.10 62.94
N GLY T 158 -35.68 -15.14 63.51
CA GLY T 158 -34.52 -14.99 64.39
C GLY T 158 -33.64 -16.21 64.24
N ALA T 159 -32.33 -16.02 64.38
CA ALA T 159 -31.38 -17.12 64.23
C ALA T 159 -30.27 -17.07 65.28
N ALA T 160 -29.75 -18.24 65.61
CA ALA T 160 -28.73 -18.38 66.65
C ALA T 160 -27.93 -19.66 66.47
N THR T 161 -26.63 -19.57 66.77
CA THR T 161 -25.72 -20.70 66.68
C THR T 161 -24.50 -20.51 67.60
N GLY T 162 -23.85 -21.61 67.96
CA GLY T 162 -22.70 -21.57 68.84
C GLY T 162 -22.93 -22.21 70.21
N LYS T 163 -22.02 -21.93 71.13
CA LYS T 163 -22.02 -22.49 72.49
C LYS T 163 -23.32 -22.24 73.26
N GLY T 164 -23.92 -21.07 73.05
CA GLY T 164 -25.14 -20.70 73.77
C GLY T 164 -26.37 -20.66 72.89
N ARG T 165 -26.45 -21.56 71.92
CA ARG T 165 -27.56 -21.58 70.97
C ARG T 165 -28.90 -21.90 71.64
N GLN T 166 -28.86 -22.75 72.67
CA GLN T 166 -30.05 -23.09 73.47
C GLN T 166 -30.72 -21.85 74.05
N SER T 167 -29.98 -21.15 74.92
CA SER T 167 -30.47 -19.96 75.62
C SER T 167 -31.02 -18.93 74.65
N ALA T 168 -30.28 -18.71 73.55
CA ALA T 168 -30.63 -17.73 72.53
C ALA T 168 -31.94 -18.09 71.83
N LYS T 169 -32.02 -19.30 71.27
CA LYS T 169 -33.22 -19.77 70.58
C LYS T 169 -34.49 -19.65 71.42
N ALA T 170 -34.37 -19.86 72.72
CA ALA T 170 -35.49 -19.72 73.64
C ALA T 170 -35.91 -18.26 73.78
N GLU T 171 -34.92 -17.39 73.95
CA GLU T 171 -35.15 -15.95 74.10
C GLU T 171 -35.83 -15.36 72.85
N LEU T 172 -35.32 -15.73 71.69
CA LEU T 172 -35.85 -15.29 70.40
C LEU T 172 -37.31 -15.71 70.19
N GLU T 173 -37.65 -16.91 70.64
CA GLU T 173 -38.99 -17.47 70.49
C GLU T 173 -40.04 -16.69 71.26
N LYS T 174 -39.63 -16.09 72.38
CA LYS T 174 -40.50 -15.23 73.19
C LYS T 174 -40.78 -13.91 72.47
N LEU T 175 -39.80 -13.45 71.69
CA LEU T 175 -39.92 -12.24 70.89
C LEU T 175 -40.86 -12.42 69.71
N VAL T 176 -40.78 -13.57 69.05
CA VAL T 176 -41.65 -13.89 67.91
C VAL T 176 -43.11 -13.97 68.38
N ASP T 177 -43.32 -14.60 69.53
CA ASP T 177 -44.65 -14.75 70.12
C ASP T 177 -45.23 -13.41 70.56
N HIS T 178 -44.44 -12.67 71.34
CA HIS T 178 -44.90 -11.42 71.95
C HIS T 178 -44.97 -10.21 70.99
N HIS T 179 -44.15 -10.23 69.94
CA HIS T 179 -44.16 -9.15 68.94
C HIS T 179 -44.47 -9.70 67.53
N PRO T 180 -45.77 -9.94 67.24
CA PRO T 180 -46.16 -10.52 65.95
C PRO T 180 -46.11 -9.50 64.80
N GLU T 181 -46.57 -8.28 65.07
CA GLU T 181 -46.54 -7.18 64.10
C GLU T 181 -45.12 -6.82 63.67
N GLY T 182 -44.18 -6.85 64.62
CA GLY T 182 -42.78 -6.64 64.30
C GLY T 182 -42.01 -5.82 65.32
N LEU T 183 -40.73 -6.14 65.45
CA LEU T 183 -39.80 -5.36 66.27
C LEU T 183 -39.19 -4.27 65.41
N SER T 184 -38.85 -3.14 66.02
CA SER T 184 -38.18 -2.05 65.29
C SER T 184 -36.67 -2.18 65.40
N ALA T 185 -35.97 -1.69 64.37
CA ALA T 185 -34.50 -1.75 64.31
C ALA T 185 -33.81 -1.24 65.57
N ARG T 186 -34.29 -0.11 66.09
CA ARG T 186 -33.75 0.52 67.30
C ARG T 186 -33.87 -0.42 68.50
N GLU T 187 -35.02 -1.09 68.59
CA GLU T 187 -35.30 -2.03 69.68
C GLU T 187 -34.52 -3.33 69.55
N ALA T 188 -34.37 -3.80 68.33
CA ALA T 188 -33.66 -5.06 68.04
C ALA T 188 -32.17 -5.01 68.40
N VAL T 189 -31.59 -3.81 68.36
CA VAL T 189 -30.20 -3.59 68.76
C VAL T 189 -30.06 -3.81 70.27
N LYS T 190 -30.92 -3.15 71.05
CA LYS T 190 -30.96 -3.30 72.51
C LYS T 190 -31.20 -4.75 72.89
N GLN T 191 -32.16 -5.37 72.19
CA GLN T 191 -32.59 -6.73 72.48
C GLN T 191 -31.48 -7.75 72.23
N ALA T 192 -30.80 -7.62 71.09
CA ALA T 192 -29.67 -8.49 70.73
C ALA T 192 -28.61 -8.52 71.82
N ALA T 193 -28.36 -7.35 72.42
CA ALA T 193 -27.37 -7.20 73.48
C ALA T 193 -27.74 -8.05 74.70
N LYS T 194 -29.04 -8.14 74.99
CA LYS T 194 -29.53 -8.97 76.08
C LYS T 194 -29.36 -10.45 75.78
N ILE T 195 -29.61 -10.85 74.53
CA ILE T 195 -29.51 -12.25 74.11
C ILE T 195 -28.08 -12.78 74.23
N ILE T 196 -27.11 -11.96 73.87
CA ILE T 196 -25.68 -12.33 73.99
C ILE T 196 -25.27 -12.44 75.46
N TYR T 197 -25.71 -11.50 76.28
CA TYR T 197 -25.43 -11.51 77.72
C TYR T 197 -26.06 -12.70 78.43
N LEU T 198 -27.26 -13.10 77.99
CA LEU T 198 -27.95 -14.27 78.54
C LEU T 198 -27.41 -15.60 78.02
N ALA T 199 -26.89 -15.59 76.80
CA ALA T 199 -26.27 -16.78 76.21
C ALA T 199 -24.85 -16.99 76.72
N HIS T 200 -24.33 -16.01 77.46
CA HIS T 200 -23.00 -16.10 78.03
C HIS T 200 -22.94 -17.05 79.24
N GLU T 201 -24.09 -17.31 79.85
CA GLU T 201 -24.22 -18.25 80.98
C GLU T 201 -23.50 -19.60 80.74
N ASP T 202 -23.53 -20.05 79.49
CA ASP T 202 -22.84 -21.28 79.09
C ASP T 202 -21.31 -21.14 79.11
N ASN T 203 -20.83 -20.01 78.59
CA ASN T 203 -19.40 -19.75 78.47
C ASN T 203 -18.86 -18.82 79.58
N LYS T 204 -19.56 -18.77 80.72
CA LYS T 204 -19.36 -17.71 81.72
C LYS T 204 -18.05 -17.74 82.51
N GLU T 205 -17.10 -18.57 82.08
CA GLU T 205 -15.82 -18.68 82.79
C GLU T 205 -14.88 -17.50 82.51
N LYS T 206 -14.85 -17.06 81.26
CA LYS T 206 -14.04 -15.91 80.87
C LYS T 206 -14.92 -14.74 80.42
N ASP T 207 -14.47 -13.52 80.68
CA ASP T 207 -15.21 -12.31 80.33
C ASP T 207 -15.20 -12.09 78.82
N PHE T 208 -16.14 -11.28 78.34
CA PHE T 208 -16.35 -11.14 76.90
C PHE T 208 -16.51 -9.69 76.43
N GLU T 209 -16.57 -9.52 75.11
CA GLU T 209 -16.81 -8.21 74.49
C GLU T 209 -17.98 -8.30 73.52
N LEU T 210 -18.95 -7.40 73.67
CA LEU T 210 -20.11 -7.38 72.80
C LEU T 210 -19.84 -6.66 71.49
N GLU T 211 -20.38 -7.21 70.40
CA GLU T 211 -20.22 -6.62 69.08
C GLU T 211 -21.53 -6.73 68.30
N ILE T 212 -22.11 -5.57 67.95
CA ILE T 212 -23.38 -5.50 67.23
C ILE T 212 -23.22 -4.73 65.92
N SER T 213 -23.87 -5.22 64.88
CA SER T 213 -23.97 -4.53 63.60
C SER T 213 -25.41 -4.59 63.12
N TRP T 214 -25.80 -3.66 62.26
CA TRP T 214 -27.19 -3.60 61.80
C TRP T 214 -27.33 -3.10 60.37
N CYS T 215 -28.44 -3.49 59.75
CA CYS T 215 -28.77 -3.09 58.39
C CYS T 215 -30.26 -2.73 58.36
N SER T 216 -30.57 -1.45 58.27
CA SER T 216 -31.96 -0.98 58.36
C SER T 216 -32.28 0.07 57.30
N LEU T 217 -33.45 -0.09 56.67
CA LEU T 217 -33.88 0.78 55.55
C LEU T 217 -34.07 2.25 55.95
N SER T 218 -34.56 2.48 57.16
CA SER T 218 -34.86 3.83 57.63
C SER T 218 -33.88 4.34 58.70
N GLU T 219 -32.97 3.48 59.13
CA GLU T 219 -31.99 3.84 60.14
C GLU T 219 -30.57 3.89 59.62
N THR T 220 -30.27 3.12 58.57
CA THR T 220 -28.95 3.13 57.93
C THR T 220 -29.03 3.27 56.41
N ASN T 221 -30.24 3.56 55.91
CA ASN T 221 -30.52 3.68 54.47
C ASN T 221 -30.36 2.38 53.67
N GLY T 222 -30.34 1.25 54.36
CA GLY T 222 -30.23 -0.06 53.73
C GLY T 222 -28.80 -0.56 53.60
N LEU T 223 -27.86 0.16 54.19
CA LEU T 223 -26.45 -0.21 54.14
C LEU T 223 -26.01 -0.80 55.47
N HIS T 224 -25.24 -1.87 55.41
CA HIS T 224 -24.70 -2.49 56.61
C HIS T 224 -23.70 -1.56 57.31
N LYS T 225 -23.98 -1.25 58.57
CA LYS T 225 -23.08 -0.45 59.40
C LYS T 225 -22.94 -1.07 60.79
N PHE T 226 -21.80 -0.82 61.42
CA PHE T 226 -21.56 -1.28 62.78
C PHE T 226 -22.20 -0.34 63.79
N VAL T 227 -22.40 -0.84 65.01
CA VAL T 227 -22.90 -0.03 66.10
C VAL T 227 -21.73 0.40 66.98
N LYS T 228 -21.54 1.70 67.11
CA LYS T 228 -20.43 2.27 67.87
C LYS T 228 -20.93 3.30 68.87
N GLY T 229 -20.01 3.81 69.69
CA GLY T 229 -20.25 4.94 70.59
C GLY T 229 -21.51 4.90 71.44
N ASP T 230 -22.35 5.92 71.28
CA ASP T 230 -23.55 6.13 72.10
C ASP T 230 -24.54 4.95 72.09
N LEU T 231 -24.83 4.43 70.91
CA LEU T 231 -25.83 3.37 70.76
C LEU T 231 -25.31 2.01 71.24
N LEU T 232 -24.01 1.78 71.11
CA LEU T 232 -23.37 0.57 71.61
C LEU T 232 -23.37 0.52 73.14
N GLN T 233 -23.06 1.66 73.76
CA GLN T 233 -23.03 1.77 75.23
C GLN T 233 -24.44 1.68 75.82
N GLU T 234 -25.39 2.32 75.17
CA GLU T 234 -26.80 2.26 75.55
C GLU T 234 -27.35 0.84 75.54
N ALA T 235 -26.90 0.05 74.56
CA ALA T 235 -27.31 -1.36 74.44
C ALA T 235 -26.73 -2.24 75.55
N ILE T 236 -25.46 -2.05 75.89
CA ILE T 236 -24.82 -2.72 77.02
C ILE T 236 -25.53 -2.36 78.33
N ASP T 237 -25.87 -1.08 78.48
CA ASP T 237 -26.61 -0.58 79.63
C ASP T 237 -27.98 -1.25 79.76
N PHE T 238 -28.65 -1.49 78.63
CA PHE T 238 -29.95 -2.16 78.63
C PHE T 238 -29.83 -3.63 79.00
N ALA T 239 -28.78 -4.28 78.49
CA ALA T 239 -28.51 -5.69 78.79
C ALA T 239 -28.12 -5.90 80.25
N GLN T 240 -27.31 -4.99 80.78
CA GLN T 240 -26.88 -5.04 82.18
C GLN T 240 -28.02 -4.76 83.17
N LYS T 241 -29.04 -4.04 82.71
CA LYS T 241 -30.17 -3.66 83.56
C LYS T 241 -31.21 -4.77 83.66
N GLU T 242 -31.20 -5.68 82.69
CA GLU T 242 -32.11 -6.83 82.70
C GLU T 242 -31.39 -8.16 82.99
N ILE T 243 -30.10 -8.09 83.30
CA ILE T 243 -29.33 -9.24 83.78
C ILE T 243 -29.36 -9.32 85.32
N ASN T 244 -29.64 -8.19 85.97
CA ASN T 244 -29.76 -8.14 87.43
C ASN T 244 -31.12 -8.60 87.92
N ALA U 1 -11.83 -56.28 51.21
CA ALA U 1 -12.65 -56.76 52.35
C ALA U 1 -13.17 -55.62 53.24
N GLY U 2 -13.42 -54.46 52.62
CA GLY U 2 -13.93 -53.29 53.36
C GLY U 2 -14.36 -52.10 52.51
N TYR U 3 -13.52 -51.69 51.57
CA TYR U 3 -13.71 -50.42 50.86
C TYR U 3 -14.69 -50.42 49.69
N ASP U 4 -15.31 -51.58 49.43
CA ASP U 4 -16.29 -51.68 48.34
C ASP U 4 -17.65 -51.07 48.71
N ARG U 5 -17.75 -50.57 49.93
CA ARG U 5 -18.98 -49.94 50.43
C ARG U 5 -18.80 -48.44 50.65
N HIS U 6 -17.61 -47.94 50.40
CA HIS U 6 -17.27 -46.55 50.61
C HIS U 6 -17.35 -45.74 49.33
N ILE U 7 -16.97 -46.36 48.21
CA ILE U 7 -17.04 -45.73 46.90
C ILE U 7 -17.98 -46.51 45.98
N THR U 8 -18.33 -45.94 44.83
CA THR U 8 -19.25 -46.58 43.91
C THR U 8 -18.55 -47.61 43.02
N ILE U 9 -18.13 -48.71 43.63
CA ILE U 9 -17.65 -49.89 42.90
C ILE U 9 -18.48 -51.11 43.28
N PHE U 10 -18.43 -52.15 42.44
CA PHE U 10 -19.23 -53.35 42.64
C PHE U 10 -18.79 -54.16 43.85
N SER U 11 -19.77 -54.66 44.59
CA SER U 11 -19.53 -55.61 45.68
C SER U 11 -19.65 -57.03 45.11
N PRO U 12 -19.07 -58.04 45.79
CA PRO U 12 -19.16 -59.42 45.31
C PRO U 12 -20.55 -59.85 44.81
N GLU U 13 -21.61 -59.29 45.38
CA GLU U 13 -22.98 -59.64 44.98
C GLU U 13 -23.45 -58.86 43.75
N GLY U 14 -22.62 -57.91 43.30
CA GLY U 14 -22.96 -57.09 42.15
C GLY U 14 -23.81 -55.89 42.54
N ARG U 15 -23.42 -55.23 43.63
CA ARG U 15 -24.20 -54.13 44.17
C ARG U 15 -23.32 -52.93 44.46
N LEU U 16 -23.95 -51.76 44.42
CA LEU U 16 -23.29 -50.51 44.72
C LEU U 16 -23.89 -49.94 46.00
N TYR U 17 -23.23 -50.18 47.12
CA TYR U 17 -23.75 -49.79 48.44
C TYR U 17 -23.92 -48.28 48.62
N GLN U 18 -23.02 -47.50 48.02
CA GLN U 18 -23.11 -46.04 48.09
C GLN U 18 -24.40 -45.51 47.47
N VAL U 19 -24.85 -46.18 46.41
CA VAL U 19 -26.11 -45.83 45.75
C VAL U 19 -27.29 -46.23 46.63
N GLU U 20 -27.17 -47.39 47.28
CA GLU U 20 -28.23 -47.89 48.15
C GLU U 20 -28.41 -47.00 49.37
N TYR U 21 -27.31 -46.57 49.97
CA TYR U 21 -27.35 -45.69 51.13
C TYR U 21 -27.83 -44.29 50.75
N ALA U 22 -27.69 -43.93 49.48
CA ALA U 22 -28.21 -42.66 48.97
C ALA U 22 -29.74 -42.65 48.92
N PHE U 23 -30.34 -43.81 48.61
CA PHE U 23 -31.80 -43.96 48.67
C PHE U 23 -32.28 -43.74 50.10
N LYS U 24 -31.56 -44.33 51.05
CA LYS U 24 -31.84 -44.17 52.47
C LYS U 24 -31.85 -42.68 52.85
N ALA U 25 -30.97 -41.90 52.24
CA ALA U 25 -30.84 -40.48 52.52
C ALA U 25 -32.06 -39.65 52.08
N THR U 26 -32.78 -40.15 51.08
CA THR U 26 -33.94 -39.44 50.53
C THR U 26 -35.10 -39.36 51.53
N ASN U 27 -35.09 -40.27 52.50
CA ASN U 27 -36.13 -40.34 53.53
C ASN U 27 -35.76 -39.60 54.80
N GLN U 28 -34.67 -38.83 54.76
CA GLN U 28 -34.15 -38.16 55.95
C GLN U 28 -35.02 -36.99 56.41
N THR U 29 -35.64 -36.32 55.45
CA THR U 29 -36.49 -35.15 55.73
C THR U 29 -37.87 -35.54 56.24
N ASN U 30 -38.18 -36.84 56.21
CA ASN U 30 -39.43 -37.41 56.71
C ASN U 30 -40.70 -36.80 56.11
N ILE U 31 -40.67 -36.55 54.81
CA ILE U 31 -41.73 -35.87 54.10
C ILE U 31 -42.25 -36.74 52.96
N ASN U 32 -43.56 -36.81 52.80
CA ASN U 32 -44.17 -37.50 51.67
C ASN U 32 -44.60 -36.55 50.57
N SER U 33 -44.45 -36.99 49.33
CA SER U 33 -44.89 -36.23 48.17
C SER U 33 -45.63 -37.12 47.18
N LEU U 34 -46.57 -36.54 46.44
CA LEU U 34 -47.28 -37.27 45.40
C LEU U 34 -47.53 -36.37 44.18
N ALA U 35 -47.83 -37.02 43.04
CA ALA U 35 -48.16 -36.31 41.82
C ALA U 35 -49.29 -36.98 41.06
N VAL U 36 -50.20 -36.19 40.51
CA VAL U 36 -51.34 -36.69 39.74
C VAL U 36 -51.60 -35.87 38.47
N ARG U 37 -52.12 -36.54 37.44
CA ARG U 37 -52.45 -35.89 36.18
C ARG U 37 -53.96 -35.69 36.05
N GLY U 38 -54.34 -34.48 35.62
CA GLY U 38 -55.73 -34.17 35.32
C GLY U 38 -56.02 -34.31 33.84
N LYS U 39 -57.10 -33.67 33.39
CA LYS U 39 -57.47 -33.71 31.97
C LYS U 39 -56.49 -32.86 31.16
N ASP U 40 -56.09 -31.72 31.71
CA ASP U 40 -55.10 -30.83 31.07
C ASP U 40 -54.20 -30.12 32.10
N CYS U 41 -53.89 -30.80 33.18
CA CYS U 41 -53.02 -30.24 34.23
C CYS U 41 -52.26 -31.33 34.97
N THR U 42 -51.24 -30.93 35.73
CA THR U 42 -50.48 -31.86 36.55
C THR U 42 -50.18 -31.22 37.91
N VAL U 43 -50.48 -31.96 38.96
CA VAL U 43 -50.38 -31.45 40.34
C VAL U 43 -49.35 -32.22 41.15
N VAL U 44 -48.46 -31.49 41.82
CA VAL U 44 -47.59 -32.07 42.84
C VAL U 44 -48.03 -31.62 44.23
N ILE U 45 -48.04 -32.57 45.15
CA ILE U 45 -48.36 -32.31 46.56
C ILE U 45 -47.19 -32.78 47.39
N SER U 46 -46.76 -31.95 48.33
CA SER U 46 -45.68 -32.33 49.23
C SER U 46 -46.02 -31.83 50.63
N GLN U 47 -45.62 -32.59 51.63
CA GLN U 47 -45.82 -32.20 53.01
C GLN U 47 -44.87 -31.06 53.34
N LYS U 48 -45.31 -30.18 54.23
CA LYS U 48 -44.51 -29.07 54.68
C LYS U 48 -44.45 -29.15 56.20
N LYS U 49 -43.26 -29.41 56.71
CA LYS U 49 -43.06 -29.53 58.15
C LYS U 49 -42.07 -28.48 58.64
N VAL U 50 -42.59 -27.52 59.41
CA VAL U 50 -41.78 -26.46 59.98
C VAL U 50 -41.70 -26.68 61.50
N PRO U 51 -40.62 -27.33 61.98
CA PRO U 51 -40.53 -27.68 63.39
C PRO U 51 -40.12 -26.50 64.28
N ASP U 52 -39.49 -25.51 63.67
CA ASP U 52 -38.98 -24.34 64.41
C ASP U 52 -39.93 -23.16 64.25
N LYS U 53 -40.16 -22.46 65.36
CA LYS U 53 -41.00 -21.26 65.37
C LYS U 53 -40.20 -20.03 64.93
N LEU U 54 -38.89 -20.22 64.77
CA LEU U 54 -37.97 -19.16 64.39
C LEU U 54 -37.75 -19.07 62.88
N LEU U 55 -38.23 -20.09 62.16
CA LEU U 55 -38.07 -20.15 60.71
C LEU U 55 -39.10 -19.32 59.98
N ASP U 56 -38.71 -18.76 58.84
CA ASP U 56 -39.64 -18.11 57.94
C ASP U 56 -40.23 -19.20 57.05
N PRO U 57 -41.52 -19.55 57.28
CA PRO U 57 -42.18 -20.65 56.59
C PRO U 57 -42.19 -20.52 55.07
N THR U 58 -42.21 -19.29 54.58
CA THR U 58 -42.27 -19.01 53.13
C THR U 58 -40.98 -19.36 52.37
N THR U 59 -39.91 -19.69 53.10
CA THR U 59 -38.66 -20.10 52.48
C THR U 59 -38.45 -21.60 52.55
N VAL U 60 -39.14 -22.24 53.49
CA VAL U 60 -39.11 -23.71 53.64
C VAL U 60 -39.94 -24.33 52.53
N SER U 61 -39.25 -24.79 51.48
CA SER U 61 -39.90 -25.33 50.29
C SER U 61 -39.03 -26.38 49.60
N TYR U 62 -39.68 -27.46 49.15
CA TYR U 62 -38.99 -28.52 48.40
C TYR U 62 -39.56 -28.65 46.99
N ILE U 63 -40.26 -27.60 46.55
CA ILE U 63 -40.75 -27.51 45.18
C ILE U 63 -40.01 -26.37 44.49
N PHE U 64 -39.60 -26.62 43.24
CA PHE U 64 -38.82 -25.66 42.48
C PHE U 64 -39.43 -25.42 41.11
N CYS U 65 -39.41 -24.18 40.66
CA CYS U 65 -39.80 -23.84 39.30
C CYS U 65 -38.55 -23.85 38.42
N ILE U 66 -38.40 -24.92 37.63
CA ILE U 66 -37.20 -25.12 36.81
C ILE U 66 -37.21 -24.22 35.56
N SER U 67 -38.38 -24.12 34.93
CA SER U 67 -38.59 -23.18 33.83
C SER U 67 -40.04 -22.69 33.85
N ARG U 68 -40.38 -21.79 32.92
CA ARG U 68 -41.76 -21.35 32.74
C ARG U 68 -42.72 -22.54 32.72
N THR U 69 -42.27 -23.66 32.14
CA THR U 69 -43.12 -24.84 31.91
C THR U 69 -42.89 -26.03 32.85
N ILE U 70 -41.66 -26.17 33.34
CA ILE U 70 -41.31 -27.35 34.15
C ILE U 70 -41.23 -27.07 35.65
N GLY U 71 -41.82 -27.97 36.43
CA GLY U 71 -41.76 -27.94 37.89
C GLY U 71 -41.20 -29.22 38.46
N MET U 72 -40.46 -29.09 39.57
CA MET U 72 -39.77 -30.23 40.16
C MET U 72 -39.93 -30.26 41.68
N VAL U 73 -40.33 -31.43 42.21
CA VAL U 73 -40.35 -31.65 43.65
C VAL U 73 -39.27 -32.65 44.06
N VAL U 74 -38.69 -32.45 45.25
CA VAL U 74 -37.53 -33.21 45.69
C VAL U 74 -37.75 -33.83 47.05
N ASN U 75 -37.47 -35.13 47.15
CA ASN U 75 -37.36 -35.80 48.44
C ASN U 75 -35.90 -36.01 48.80
N GLY U 76 -35.49 -35.48 49.94
CA GLY U 76 -34.11 -35.60 50.40
C GLY U 76 -33.57 -34.31 50.96
N PRO U 77 -32.36 -34.35 51.56
CA PRO U 77 -31.76 -33.17 52.21
C PRO U 77 -31.73 -31.97 51.28
N ILE U 78 -31.94 -30.78 51.83
CA ILE U 78 -32.09 -29.58 51.00
C ILE U 78 -30.82 -29.17 50.23
N PRO U 79 -29.62 -29.31 50.84
CA PRO U 79 -28.44 -28.89 50.07
C PRO U 79 -28.33 -29.65 48.76
N ASP U 80 -28.61 -30.95 48.79
CA ASP U 80 -28.62 -31.77 47.58
C ASP U 80 -29.78 -31.36 46.67
N ALA U 81 -30.94 -31.06 47.27
CA ALA U 81 -32.12 -30.65 46.51
C ALA U 81 -31.89 -29.38 45.70
N ARG U 82 -31.19 -28.42 46.30
CA ARG U 82 -30.91 -27.15 45.64
C ARG U 82 -29.75 -27.27 44.64
N ASN U 83 -28.86 -28.22 44.88
CA ASN U 83 -27.84 -28.61 43.92
C ASN U 83 -28.48 -29.10 42.62
N ALA U 84 -29.47 -29.98 42.74
CA ALA U 84 -30.16 -30.55 41.59
C ALA U 84 -31.02 -29.52 40.89
N ALA U 85 -31.63 -28.64 41.68
CA ALA U 85 -32.46 -27.54 41.15
C ALA U 85 -31.66 -26.63 40.21
N LEU U 86 -30.58 -26.05 40.74
CA LEU U 86 -29.74 -25.14 39.98
C LEU U 86 -29.24 -25.78 38.68
N ARG U 87 -28.79 -27.02 38.77
CA ARG U 87 -28.33 -27.76 37.60
C ARG U 87 -29.45 -27.87 36.56
N ALA U 88 -30.64 -28.27 37.02
CA ALA U 88 -31.78 -28.43 36.13
C ALA U 88 -32.22 -27.12 35.49
N LYS U 89 -32.19 -26.04 36.27
CA LYS U 89 -32.51 -24.71 35.78
C LYS U 89 -31.53 -24.27 34.69
N ALA U 90 -30.24 -24.52 34.95
CA ALA U 90 -29.19 -24.23 33.98
C ALA U 90 -29.36 -25.05 32.72
N GLU U 91 -29.61 -26.34 32.89
CA GLU U 91 -29.78 -27.27 31.77
C GLU U 91 -30.97 -26.90 30.89
N ALA U 92 -32.04 -26.41 31.51
CA ALA U 92 -33.26 -26.03 30.78
C ALA U 92 -33.04 -24.79 29.93
N ALA U 93 -32.36 -23.81 30.51
CA ALA U 93 -32.03 -22.56 29.84
C ALA U 93 -31.08 -22.78 28.66
N GLU U 94 -30.09 -23.64 28.88
CA GLU U 94 -29.12 -23.99 27.84
C GLU U 94 -29.79 -24.72 26.67
N PHE U 95 -30.71 -25.63 26.97
CA PHE U 95 -31.47 -26.34 25.95
C PHE U 95 -32.20 -25.37 25.02
N ARG U 96 -32.87 -24.39 25.62
CA ARG U 96 -33.63 -23.40 24.86
C ARG U 96 -32.74 -22.61 23.91
N TYR U 97 -31.58 -22.18 24.39
CA TYR U 97 -30.63 -21.41 23.62
C TYR U 97 -30.12 -22.18 22.39
N LYS U 98 -29.78 -23.45 22.59
CA LYS U 98 -29.19 -24.29 21.55
C LYS U 98 -30.21 -24.86 20.55
N TYR U 99 -31.42 -25.15 21.01
CA TYR U 99 -32.37 -25.89 20.17
C TYR U 99 -33.65 -25.15 19.78
N GLY U 100 -33.86 -23.97 20.36
CA GLY U 100 -34.91 -23.06 19.92
C GLY U 100 -36.34 -23.42 20.32
N TYR U 101 -36.46 -24.35 21.27
CA TYR U 101 -37.74 -24.68 21.88
C TYR U 101 -37.51 -25.12 23.31
N ASP U 102 -38.55 -25.06 24.13
CA ASP U 102 -38.43 -25.35 25.55
C ASP U 102 -38.18 -26.82 25.82
N MET U 103 -37.26 -27.11 26.73
CA MET U 103 -36.94 -28.49 27.08
C MET U 103 -38.17 -29.20 27.59
N PRO U 104 -38.53 -30.33 26.94
CA PRO U 104 -39.64 -31.15 27.40
C PRO U 104 -39.32 -31.77 28.76
N CYS U 105 -40.37 -32.04 29.53
CA CYS U 105 -40.23 -32.65 30.85
C CYS U 105 -39.43 -33.94 30.84
N ASP U 106 -39.76 -34.85 29.93
CA ASP U 106 -39.14 -36.18 29.89
C ASP U 106 -37.67 -36.17 29.48
N VAL U 107 -37.26 -35.10 28.81
CA VAL U 107 -35.87 -34.96 28.35
C VAL U 107 -34.99 -34.46 29.50
N LEU U 108 -35.47 -33.45 30.23
CA LEU U 108 -34.79 -32.96 31.42
C LEU U 108 -34.64 -34.05 32.48
N ALA U 109 -35.64 -34.93 32.56
CA ALA U 109 -35.56 -36.09 33.43
C ALA U 109 -34.43 -37.00 32.99
N LYS U 110 -34.39 -37.32 31.69
CA LYS U 110 -33.32 -38.15 31.13
C LYS U 110 -31.95 -37.55 31.40
N ARG U 111 -31.78 -36.27 31.09
CA ARG U 111 -30.51 -35.57 31.28
C ARG U 111 -30.03 -35.61 32.74
N MET U 112 -30.95 -35.43 33.68
CA MET U 112 -30.63 -35.49 35.11
C MET U 112 -30.33 -36.93 35.53
N ALA U 113 -31.08 -37.87 34.95
CA ALA U 113 -30.89 -39.29 35.22
C ALA U 113 -29.51 -39.74 34.73
N ASN U 114 -29.13 -39.25 33.55
CA ASN U 114 -27.82 -39.52 32.96
C ASN U 114 -26.69 -38.97 33.79
N LEU U 115 -26.90 -37.79 34.36
CA LEU U 115 -25.91 -37.14 35.22
C LEU U 115 -25.70 -37.93 36.49
N SER U 116 -26.78 -38.49 37.04
CA SER U 116 -26.68 -39.35 38.24
C SER U 116 -25.92 -40.64 37.96
N GLN U 117 -26.23 -41.27 36.83
CA GLN U 117 -25.52 -42.47 36.39
C GLN U 117 -24.02 -42.25 36.46
N ILE U 118 -23.57 -41.04 36.17
CA ILE U 118 -22.14 -40.71 36.18
C ILE U 118 -21.53 -40.84 37.57
N TYR U 119 -22.23 -40.34 38.60
CA TYR U 119 -21.72 -40.39 39.99
C TYR U 119 -21.76 -41.83 40.50
N THR U 120 -22.63 -42.61 39.88
CA THR U 120 -22.74 -44.05 40.06
C THR U 120 -21.49 -44.77 39.55
N GLN U 121 -20.90 -44.27 38.47
CA GLN U 121 -19.77 -44.94 37.80
C GLN U 121 -18.40 -44.35 38.11
N ARG U 122 -18.35 -43.05 38.40
CA ARG U 122 -17.09 -42.36 38.71
C ARG U 122 -16.91 -42.23 40.22
N ALA U 123 -15.70 -42.48 40.68
CA ALA U 123 -15.41 -42.63 42.11
C ALA U 123 -15.36 -41.33 42.91
N TYR U 124 -14.91 -40.25 42.29
CA TYR U 124 -14.74 -38.97 43.00
C TYR U 124 -16.04 -38.22 43.25
N MET U 125 -17.03 -38.51 42.42
CA MET U 125 -18.38 -37.95 42.59
C MET U 125 -19.24 -38.89 43.43
N ARG U 126 -19.80 -38.37 44.52
CA ARG U 126 -20.80 -39.11 45.30
C ARG U 126 -22.19 -38.90 44.68
N PRO U 127 -23.07 -39.92 44.80
CA PRO U 127 -24.44 -39.73 44.33
C PRO U 127 -25.15 -38.65 45.16
N LEU U 128 -26.14 -38.01 44.58
CA LEU U 128 -26.98 -37.08 45.33
C LEU U 128 -28.09 -37.87 46.01
N GLY U 129 -28.32 -37.59 47.30
CA GLY U 129 -29.33 -38.31 48.05
C GLY U 129 -30.71 -37.74 47.83
N VAL U 130 -31.18 -37.74 46.59
CA VAL U 130 -32.47 -37.14 46.24
C VAL U 130 -33.25 -37.89 45.17
N ILE U 131 -34.57 -37.78 45.23
CA ILE U 131 -35.46 -38.30 44.20
C ILE U 131 -36.24 -37.13 43.60
N LEU U 132 -36.08 -36.96 42.29
CA LEU U 132 -36.61 -35.80 41.60
C LEU U 132 -37.85 -36.15 40.77
N THR U 133 -38.95 -35.46 41.04
CA THR U 133 -40.20 -35.66 40.33
C THR U 133 -40.47 -34.45 39.46
N PHE U 134 -40.32 -34.63 38.15
CA PHE U 134 -40.58 -33.55 37.20
C PHE U 134 -42.02 -33.61 36.69
N VAL U 135 -42.68 -32.46 36.69
CA VAL U 135 -44.06 -32.36 36.20
C VAL U 135 -44.23 -31.18 35.25
N SER U 136 -45.08 -31.38 34.25
CA SER U 136 -45.44 -30.33 33.30
C SER U 136 -46.65 -30.75 32.48
N VAL U 137 -47.20 -29.79 31.73
CA VAL U 137 -48.11 -30.10 30.63
C VAL U 137 -47.30 -29.91 29.35
N ASP U 138 -46.65 -30.99 28.91
CA ASP U 138 -45.82 -30.98 27.71
C ASP U 138 -46.68 -30.72 26.48
N GLU U 139 -46.11 -30.00 25.51
CA GLU U 139 -46.85 -29.61 24.31
C GLU U 139 -47.06 -30.76 23.32
N GLU U 140 -46.33 -31.85 23.50
CA GLU U 140 -46.49 -33.04 22.65
C GLU U 140 -47.18 -34.21 23.37
N LEU U 141 -46.81 -34.46 24.62
CA LEU U 141 -47.30 -35.63 25.35
C LEU U 141 -48.40 -35.33 26.39
N GLY U 142 -48.86 -34.08 26.43
CA GLY U 142 -49.87 -33.67 27.42
C GLY U 142 -49.31 -33.62 28.82
N PRO U 143 -50.18 -33.77 29.85
CA PRO U 143 -49.77 -33.79 31.26
C PRO U 143 -48.77 -34.92 31.51
N SER U 144 -47.67 -34.60 32.19
CA SER U 144 -46.54 -35.54 32.31
C SER U 144 -45.92 -35.57 33.71
N ILE U 145 -45.59 -36.78 34.16
CA ILE U 145 -44.85 -37.00 35.40
C ILE U 145 -43.65 -37.91 35.14
N TYR U 146 -42.46 -37.44 35.48
CA TYR U 146 -41.22 -38.22 35.30
C TYR U 146 -40.35 -38.10 36.54
N LYS U 147 -39.77 -39.22 36.96
CA LYS U 147 -39.07 -39.29 38.26
C LYS U 147 -37.72 -39.99 38.17
N THR U 148 -36.69 -39.37 38.76
CA THR U 148 -35.33 -39.94 38.77
C THR U 148 -34.83 -40.15 40.20
N ASP U 149 -33.92 -41.12 40.35
CA ASP U 149 -33.35 -41.48 41.64
C ASP U 149 -31.82 -41.55 41.58
N PRO U 150 -31.14 -41.71 42.74
CA PRO U 150 -29.67 -41.78 42.81
C PRO U 150 -29.02 -42.89 41.96
N ALA U 151 -29.81 -43.89 41.55
CA ALA U 151 -29.31 -44.98 40.72
C ALA U 151 -29.08 -44.55 39.28
N GLY U 152 -29.77 -43.48 38.88
CA GLY U 152 -29.74 -43.00 37.51
C GLY U 152 -30.91 -43.55 36.73
N TYR U 153 -31.89 -44.09 37.45
CA TYR U 153 -33.08 -44.65 36.84
C TYR U 153 -34.10 -43.54 36.65
N TYR U 154 -34.97 -43.69 35.65
CA TYR U 154 -36.07 -42.76 35.44
C TYR U 154 -37.17 -43.42 34.61
N VAL U 155 -38.42 -43.02 34.87
CA VAL U 155 -39.57 -43.51 34.10
C VAL U 155 -40.76 -42.57 34.24
N GLY U 156 -41.68 -42.64 33.28
CA GLY U 156 -42.94 -41.90 33.33
C GLY U 156 -43.96 -42.58 34.23
N TYR U 157 -44.92 -41.81 34.72
CA TYR U 157 -45.95 -42.31 35.62
C TYR U 157 -47.35 -41.77 35.29
N LYS U 158 -48.37 -42.60 35.53
CA LYS U 158 -49.76 -42.17 35.48
C LYS U 158 -50.04 -41.30 36.71
N ALA U 159 -49.49 -41.73 37.84
CA ALA U 159 -49.40 -40.96 39.08
C ALA U 159 -48.23 -41.52 39.86
N THR U 160 -47.74 -40.78 40.86
CA THR U 160 -46.62 -41.29 41.65
C THR U 160 -46.62 -40.80 43.10
N ALA U 161 -45.81 -41.44 43.93
CA ALA U 161 -45.62 -41.04 45.32
C ALA U 161 -44.18 -41.33 45.78
N THR U 162 -43.70 -40.55 46.75
CA THR U 162 -42.34 -40.69 47.26
C THR U 162 -42.30 -40.27 48.73
N GLY U 163 -41.49 -40.97 49.51
CA GLY U 163 -41.34 -40.64 50.94
C GLY U 163 -41.33 -41.87 51.82
N PRO U 164 -41.33 -41.67 53.16
CA PRO U 164 -41.33 -42.79 54.10
C PRO U 164 -42.56 -43.68 53.95
N LYS U 165 -43.72 -43.07 53.72
CA LYS U 165 -44.98 -43.80 53.60
C LYS U 165 -45.43 -43.94 52.14
N GLN U 166 -44.44 -43.94 51.25
CA GLN U 166 -44.63 -44.06 49.80
C GLN U 166 -45.58 -45.20 49.40
N GLN U 167 -45.37 -46.38 49.98
CA GLN U 167 -46.15 -47.58 49.63
C GLN U 167 -47.65 -47.43 49.88
N GLU U 168 -48.02 -46.76 50.97
CA GLU U 168 -49.45 -46.53 51.30
C GLU U 168 -50.15 -45.62 50.30
N ILE U 169 -49.42 -44.61 49.79
CA ILE U 169 -49.97 -43.67 48.80
C ILE U 169 -50.17 -44.35 47.46
N THR U 170 -49.18 -45.16 47.07
CA THR U 170 -49.16 -45.85 45.79
C THR U 170 -50.33 -46.83 45.62
N THR U 171 -50.51 -47.73 46.60
CA THR U 171 -51.60 -48.71 46.57
C THR U 171 -52.98 -48.06 46.72
N ASN U 172 -53.00 -46.89 47.36
CA ASN U 172 -54.22 -46.08 47.45
C ASN U 172 -54.59 -45.52 46.08
N LEU U 173 -53.58 -44.98 45.38
CA LEU U 173 -53.76 -44.41 44.05
C LEU U 173 -54.09 -45.44 42.98
N GLU U 174 -53.45 -46.61 43.06
CA GLU U 174 -53.74 -47.74 42.17
C GLU U 174 -55.21 -48.12 42.25
N ASN U 175 -55.71 -48.23 43.48
CA ASN U 175 -57.09 -48.64 43.75
C ASN U 175 -58.13 -47.67 43.20
N HIS U 176 -57.75 -46.41 43.10
CA HIS U 176 -58.62 -45.41 42.47
C HIS U 176 -58.68 -45.60 40.96
N PHE U 177 -57.56 -45.95 40.36
CA PHE U 177 -57.49 -46.09 38.91
C PHE U 177 -58.07 -47.42 38.37
N LYS U 178 -58.18 -48.42 39.24
CA LYS U 178 -58.86 -49.67 38.89
C LYS U 178 -60.36 -49.42 38.79
N LYS U 179 -60.90 -48.70 39.76
CA LYS U 179 -62.33 -48.37 39.82
C LYS U 179 -62.72 -47.41 38.69
N SER U 180 -61.88 -46.39 38.46
CA SER U 180 -62.15 -45.39 37.42
C SER U 180 -61.86 -45.90 35.99
N LYS U 181 -61.05 -46.96 35.90
CA LYS U 181 -60.69 -47.60 34.62
C LYS U 181 -59.97 -46.70 33.60
N ILE U 182 -59.51 -45.53 34.06
CA ILE U 182 -58.69 -44.63 33.25
C ILE U 182 -57.46 -44.15 34.03
N ASP U 183 -56.51 -43.54 33.34
CA ASP U 183 -55.21 -43.24 33.93
C ASP U 183 -55.01 -41.80 34.44
N HIS U 184 -56.04 -40.97 34.31
CA HIS U 184 -55.97 -39.56 34.74
C HIS U 184 -57.11 -39.17 35.69
N ILE U 185 -57.16 -37.89 36.08
CA ILE U 185 -58.26 -37.37 36.89
C ILE U 185 -59.20 -36.58 35.99
N ASN U 186 -60.37 -37.16 35.73
CA ASN U 186 -61.32 -36.57 34.80
C ASN U 186 -62.00 -35.33 35.35
N GLU U 187 -61.34 -34.19 35.20
CA GLU U 187 -61.88 -32.88 35.62
C GLU U 187 -61.27 -31.75 34.79
N GLU U 188 -62.10 -30.76 34.44
CA GLU U 188 -61.65 -29.64 33.60
C GLU U 188 -60.75 -28.67 34.36
N SER U 189 -61.21 -28.21 35.52
CA SER U 189 -60.47 -27.27 36.34
C SER U 189 -59.38 -27.98 37.13
N TRP U 190 -58.25 -27.31 37.30
CA TRP U 190 -57.15 -27.85 38.12
C TRP U 190 -57.48 -27.79 39.61
N GLU U 191 -58.40 -26.90 39.97
CA GLU U 191 -58.81 -26.70 41.37
C GLU U 191 -59.29 -28.01 42.00
N LYS U 192 -60.17 -28.72 41.31
CA LYS U 192 -60.71 -30.00 41.79
C LYS U 192 -59.67 -31.12 41.79
N VAL U 193 -58.72 -31.05 40.86
CA VAL U 193 -57.62 -32.01 40.81
C VAL U 193 -56.71 -31.87 42.03
N VAL U 194 -56.41 -30.62 42.40
CA VAL U 194 -55.69 -30.33 43.64
C VAL U 194 -56.48 -30.84 44.84
N GLU U 195 -57.80 -30.64 44.81
CA GLU U 195 -58.69 -31.12 45.86
C GLU U 195 -58.64 -32.64 45.96
N PHE U 196 -58.57 -33.32 44.82
CA PHE U 196 -58.45 -34.78 44.76
C PHE U 196 -57.16 -35.27 45.39
N ALA U 197 -56.07 -34.60 45.04
CA ALA U 197 -54.73 -34.97 45.51
C ALA U 197 -54.60 -34.90 47.03
N ILE U 198 -55.19 -33.88 47.64
CA ILE U 198 -55.16 -33.71 49.10
C ILE U 198 -56.05 -34.77 49.77
N THR U 199 -57.28 -34.89 49.27
CA THR U 199 -58.24 -35.89 49.75
C THR U 199 -57.61 -37.28 49.79
N HIS U 200 -57.01 -37.72 48.68
CA HIS U 200 -56.41 -39.05 48.60
C HIS U 200 -55.05 -39.16 49.32
N MET U 201 -54.49 -38.01 49.71
CA MET U 201 -53.29 -37.98 50.55
C MET U 201 -53.66 -38.21 52.01
N ILE U 202 -54.65 -37.47 52.51
CA ILE U 202 -55.13 -37.64 53.88
C ILE U 202 -55.57 -39.09 54.11
N ASP U 203 -56.42 -39.60 53.22
CA ASP U 203 -56.96 -40.97 53.29
C ASP U 203 -55.90 -42.06 53.46
N ALA U 204 -54.74 -41.84 52.88
CA ALA U 204 -53.65 -42.82 52.90
C ALA U 204 -52.63 -42.58 54.01
N LEU U 205 -52.71 -41.40 54.63
CA LEU U 205 -51.80 -41.05 55.73
C LEU U 205 -52.50 -41.02 57.08
N GLY U 206 -53.83 -40.86 57.06
CA GLY U 206 -54.62 -40.78 58.29
C GLY U 206 -54.31 -39.59 59.17
N THR U 207 -53.87 -38.49 58.54
CA THR U 207 -53.56 -37.26 59.26
C THR U 207 -54.19 -36.07 58.55
N GLU U 208 -54.88 -35.24 59.32
CA GLU U 208 -55.54 -34.05 58.80
C GLU U 208 -54.52 -32.95 58.49
N PHE U 209 -54.91 -32.01 57.63
CA PHE U 209 -54.00 -30.95 57.20
C PHE U 209 -54.57 -29.54 57.39
N SER U 210 -53.68 -28.61 57.68
CA SER U 210 -53.99 -27.18 57.67
C SER U 210 -53.14 -26.49 56.60
N LYS U 211 -53.33 -25.18 56.44
CA LYS U 211 -52.67 -24.43 55.36
C LYS U 211 -51.13 -24.42 55.41
N ASN U 212 -50.55 -24.66 56.58
CA ASN U 212 -49.10 -24.63 56.76
C ASN U 212 -48.44 -26.01 56.77
N ASP U 213 -49.26 -27.04 56.61
CA ASP U 213 -48.79 -28.43 56.61
C ASP U 213 -48.50 -28.94 55.19
N LEU U 214 -49.03 -28.24 54.20
CA LEU U 214 -48.91 -28.66 52.80
C LEU U 214 -48.15 -27.70 51.91
N GLU U 215 -47.98 -28.11 50.67
CA GLU U 215 -47.26 -27.38 49.65
C GLU U 215 -47.75 -27.92 48.30
N VAL U 216 -48.25 -27.03 47.44
CA VAL U 216 -48.89 -27.47 46.19
C VAL U 216 -48.36 -26.71 44.97
N GLY U 217 -47.87 -27.47 43.99
CA GLY U 217 -47.46 -26.93 42.71
C GLY U 217 -48.37 -27.45 41.62
N VAL U 218 -48.71 -26.60 40.66
CA VAL U 218 -49.61 -26.96 39.56
C VAL U 218 -48.95 -26.63 38.23
N ALA U 219 -49.06 -27.55 37.27
CA ALA U 219 -48.57 -27.33 35.93
C ALA U 219 -49.73 -27.30 34.93
N THR U 220 -49.81 -26.23 34.16
CA THR U 220 -50.82 -26.08 33.11
C THR U 220 -50.16 -25.81 31.76
N LYS U 221 -50.99 -25.60 30.75
CA LYS U 221 -50.53 -25.18 29.43
C LYS U 221 -49.78 -23.85 29.53
N ASP U 222 -48.49 -23.88 29.20
CA ASP U 222 -47.62 -22.70 29.16
C ASP U 222 -47.30 -22.07 30.54
N LYS U 223 -47.57 -22.80 31.63
CA LYS U 223 -47.27 -22.28 32.98
C LYS U 223 -47.17 -23.35 34.05
N PHE U 224 -46.20 -23.19 34.95
CA PHE U 224 -46.13 -23.94 36.20
C PHE U 224 -46.02 -22.97 37.36
N PHE U 225 -46.86 -23.14 38.38
CA PHE U 225 -46.91 -22.25 39.54
C PHE U 225 -47.13 -23.01 40.84
N THR U 226 -46.69 -22.40 41.95
CA THR U 226 -46.92 -22.95 43.29
C THR U 226 -47.95 -22.11 44.05
N LEU U 227 -48.87 -22.79 44.74
CA LEU U 227 -49.95 -22.12 45.47
C LEU U 227 -49.47 -21.46 46.77
N SER U 228 -50.13 -20.36 47.13
CA SER U 228 -49.87 -19.69 48.40
C SER U 228 -50.62 -20.42 49.50
N ALA U 229 -50.23 -20.17 50.76
CA ALA U 229 -50.95 -20.71 51.90
C ALA U 229 -52.45 -20.43 51.80
N GLU U 230 -52.80 -19.31 51.17
CA GLU U 230 -54.19 -18.87 51.06
C GLU U 230 -54.99 -19.63 49.99
N ASN U 231 -54.31 -20.01 48.90
CA ASN U 231 -54.93 -20.80 47.84
C ASN U 231 -55.18 -22.24 48.29
N ILE U 232 -54.30 -22.74 49.15
CA ILE U 232 -54.44 -24.06 49.77
C ILE U 232 -55.58 -24.05 50.78
N GLU U 233 -55.65 -22.97 51.56
CA GLU U 233 -56.71 -22.77 52.53
C GLU U 233 -58.08 -22.78 51.84
N GLU U 234 -58.17 -22.03 50.73
CA GLU U 234 -59.39 -21.99 49.91
C GLU U 234 -59.77 -23.41 49.45
N ARG U 235 -58.75 -24.17 49.06
CA ARG U 235 -58.91 -25.55 48.58
C ARG U 235 -59.31 -26.51 49.70
N LEU U 236 -58.83 -26.23 50.91
CA LEU U 236 -59.15 -27.03 52.10
C LEU U 236 -60.58 -26.82 52.57
N VAL U 237 -61.10 -25.63 52.37
CA VAL U 237 -62.49 -25.30 52.72
C VAL U 237 -63.46 -26.05 51.81
N ALA U 238 -63.05 -26.27 50.57
CA ALA U 238 -63.88 -26.97 49.58
C ALA U 238 -64.05 -28.46 49.90
N ILE U 239 -62.95 -29.12 50.30
CA ILE U 239 -62.99 -30.55 50.63
C ILE U 239 -63.75 -30.84 51.94
N ALA U 240 -63.76 -29.86 52.84
CA ALA U 240 -64.45 -29.99 54.13
C ALA U 240 -65.95 -29.98 53.96
N GLU U 241 -66.44 -29.26 52.95
CA GLU U 241 -67.86 -29.18 52.65
C GLU U 241 -68.35 -30.42 51.87
N GLN U 242 -67.41 -31.14 51.27
CA GLN U 242 -67.69 -32.36 50.53
C GLN U 242 -68.17 -33.52 51.43
N ASP U 243 -67.41 -33.80 52.48
CA ASP U 243 -67.71 -34.89 53.44
C ASP U 243 -68.92 -34.58 54.33
N THR V 1 -25.85 -20.21 -8.43
CA THR V 1 -27.11 -20.76 -7.97
C THR V 1 -28.34 -19.87 -8.16
N THR V 2 -29.49 -20.53 -8.22
CA THR V 2 -30.76 -20.00 -7.79
C THR V 2 -31.41 -21.00 -6.85
N ILE V 3 -32.03 -20.54 -5.77
CA ILE V 3 -32.82 -21.38 -4.90
C ILE V 3 -33.98 -20.63 -4.31
N VAL V 4 -35.05 -21.33 -3.98
CA VAL V 4 -36.23 -20.69 -3.44
C VAL V 4 -37.05 -21.58 -2.55
N GLY V 5 -37.89 -20.96 -1.75
CA GLY V 5 -38.89 -21.66 -0.99
C GLY V 5 -40.18 -20.89 -1.06
N VAL V 6 -41.29 -21.59 -1.14
CA VAL V 6 -42.61 -20.96 -1.07
C VAL V 6 -43.51 -21.75 -0.12
N LYS V 7 -44.30 -21.02 0.68
CA LYS V 7 -45.28 -21.60 1.59
C LYS V 7 -46.62 -21.79 0.89
N PHE V 8 -47.42 -22.72 1.40
CA PHE V 8 -48.79 -22.89 0.93
C PHE V 8 -49.75 -23.27 2.06
N ASN V 9 -51.02 -23.51 1.71
CA ASN V 9 -52.07 -23.79 2.69
C ASN V 9 -51.85 -25.02 3.57
N ASN V 10 -51.03 -25.95 3.11
CA ASN V 10 -50.71 -27.15 3.90
C ASN V 10 -49.21 -27.42 4.10
N GLY V 11 -48.37 -26.41 3.91
CA GLY V 11 -46.95 -26.59 4.18
C GLY V 11 -45.97 -25.73 3.41
N VAL V 12 -44.88 -26.35 2.95
CA VAL V 12 -43.80 -25.64 2.29
C VAL V 12 -43.24 -26.44 1.11
N VAL V 13 -42.76 -25.73 0.10
CA VAL V 13 -42.17 -26.34 -1.10
C VAL V 13 -40.92 -25.55 -1.50
N ILE V 14 -39.82 -26.26 -1.73
CA ILE V 14 -38.58 -25.62 -2.17
C ILE V 14 -38.10 -26.13 -3.54
N ALA V 15 -37.17 -25.37 -4.16
CA ALA V 15 -36.67 -25.67 -5.50
C ALA V 15 -35.25 -25.10 -5.72
N ALA V 16 -34.57 -25.59 -6.74
CA ALA V 16 -33.21 -25.14 -7.08
C ALA V 16 -32.81 -25.43 -8.52
N ASP V 17 -31.82 -24.67 -9.01
CA ASP V 17 -31.13 -24.99 -10.26
C ASP V 17 -30.09 -26.07 -9.96
N THR V 18 -29.35 -26.48 -10.98
CA THR V 18 -28.41 -27.60 -10.84
C THR V 18 -27.00 -27.33 -11.33
N ARG V 19 -26.65 -26.05 -11.56
CA ARG V 19 -25.33 -25.70 -12.10
C ARG V 19 -24.26 -25.44 -11.02
N SER V 20 -23.08 -26.04 -11.24
CA SER V 20 -21.92 -25.84 -10.38
C SER V 20 -20.85 -25.09 -11.19
N THR V 21 -20.15 -24.13 -10.59
CA THR V 21 -19.18 -23.36 -11.37
C THR V 21 -17.80 -23.22 -10.73
N GLN V 22 -16.79 -23.14 -11.60
CA GLN V 22 -15.43 -22.76 -11.20
C GLN V 22 -14.98 -21.56 -12.03
N GLY V 23 -15.32 -20.36 -11.56
CA GLY V 23 -15.19 -19.16 -12.37
C GLY V 23 -16.18 -19.22 -13.52
N PRO V 24 -15.72 -18.97 -14.76
CA PRO V 24 -16.59 -18.94 -15.92
C PRO V 24 -16.98 -20.33 -16.42
N ILE V 25 -16.29 -21.35 -15.90
CA ILE V 25 -16.47 -22.72 -16.37
C ILE V 25 -17.45 -23.51 -15.50
N VAL V 26 -18.41 -24.17 -16.16
CA VAL V 26 -19.36 -25.06 -15.50
C VAL V 26 -18.66 -26.36 -15.08
N ALA V 27 -18.73 -26.69 -13.79
CA ALA V 27 -18.07 -27.88 -13.25
C ALA V 27 -18.97 -29.12 -13.25
N ASP V 28 -20.10 -29.03 -12.54
CA ASP V 28 -21.15 -30.05 -12.61
C ASP V 28 -22.37 -29.44 -13.27
N LYS V 29 -22.86 -30.09 -14.31
CA LYS V 29 -24.04 -29.60 -15.01
C LYS V 29 -25.32 -29.92 -14.26
N ASN V 30 -25.32 -31.04 -13.53
CA ASN V 30 -26.52 -31.52 -12.86
C ASN V 30 -26.22 -32.00 -11.44
N CYS V 31 -26.06 -31.06 -10.52
CA CYS V 31 -25.80 -31.39 -9.12
C CYS V 31 -27.00 -31.01 -8.25
N ALA V 32 -27.22 -31.78 -7.20
CA ALA V 32 -28.34 -31.56 -6.30
C ALA V 32 -27.94 -30.60 -5.19
N LYS V 33 -28.66 -29.48 -5.14
CA LYS V 33 -28.44 -28.45 -4.14
C LYS V 33 -29.52 -28.55 -3.06
N LEU V 34 -30.33 -29.60 -3.14
CA LEU V 34 -31.34 -29.91 -2.14
C LEU V 34 -30.81 -30.94 -1.14
N HIS V 35 -31.08 -30.73 0.14
CA HIS V 35 -30.50 -31.55 1.19
C HIS V 35 -31.50 -31.96 2.25
N ARG V 36 -31.56 -33.26 2.51
CA ARG V 36 -32.26 -33.79 3.66
C ARG V 36 -31.47 -33.50 4.94
N ILE V 37 -32.10 -32.81 5.88
CA ILE V 37 -31.56 -32.66 7.23
C ILE V 37 -32.12 -33.81 8.06
N SER V 38 -33.45 -33.93 8.06
CA SER V 38 -34.15 -35.06 8.62
C SER V 38 -35.23 -35.39 7.60
N PRO V 39 -35.88 -36.57 7.72
CA PRO V 39 -36.88 -36.94 6.72
C PRO V 39 -37.82 -35.80 6.31
N LYS V 40 -38.16 -34.93 7.25
CA LYS V 40 -39.10 -33.84 6.99
C LYS V 40 -38.55 -32.42 7.22
N ILE V 41 -37.23 -32.29 7.37
CA ILE V 41 -36.58 -30.99 7.28
C ILE V 41 -35.57 -31.01 6.14
N TRP V 42 -35.83 -30.21 5.11
CA TRP V 42 -34.97 -30.14 3.94
C TRP V 42 -34.34 -28.75 3.82
N CYS V 43 -33.32 -28.65 2.98
CA CYS V 43 -32.50 -27.44 2.92
C CYS V 43 -31.87 -27.24 1.55
N ALA V 44 -32.04 -26.05 0.99
CA ALA V 44 -31.39 -25.63 -0.26
C ALA V 44 -30.15 -24.77 0.03
N GLY V 45 -29.10 -24.94 -0.78
CA GLY V 45 -27.81 -24.30 -0.48
C GLY V 45 -27.09 -23.59 -1.62
N ALA V 46 -26.43 -22.49 -1.28
CA ALA V 46 -25.71 -21.66 -2.23
C ALA V 46 -24.42 -21.11 -1.61
N GLY V 47 -23.48 -20.71 -2.46
CA GLY V 47 -22.16 -20.27 -2.00
C GLY V 47 -21.15 -21.35 -2.31
N THR V 48 -20.07 -21.42 -1.51
CA THR V 48 -19.08 -22.47 -1.65
C THR V 48 -19.75 -23.84 -1.53
N ALA V 49 -19.48 -24.72 -2.50
CA ALA V 49 -20.18 -26.01 -2.59
C ALA V 49 -19.89 -26.96 -1.44
N ALA V 50 -18.61 -27.11 -1.12
CA ALA V 50 -18.17 -27.96 -0.03
C ALA V 50 -18.73 -27.47 1.31
N ASP V 51 -18.90 -26.16 1.43
CA ASP V 51 -19.38 -25.53 2.66
C ASP V 51 -20.85 -25.81 2.94
N THR V 52 -21.70 -25.62 1.95
CA THR V 52 -23.13 -25.89 2.11
C THR V 52 -23.33 -27.37 2.38
N GLU V 53 -22.48 -28.19 1.78
CA GLU V 53 -22.54 -29.65 1.94
C GLU V 53 -22.17 -30.11 3.34
N ALA V 54 -21.02 -29.64 3.83
CA ALA V 54 -20.50 -30.07 5.13
C ALA V 54 -21.38 -29.61 6.28
N VAL V 55 -21.83 -28.35 6.22
CA VAL V 55 -22.65 -27.78 7.28
C VAL V 55 -24.06 -28.37 7.26
N THR V 56 -24.50 -28.83 6.09
CA THR V 56 -25.74 -29.59 5.95
C THR V 56 -25.63 -30.96 6.63
N GLN V 57 -24.53 -31.67 6.35
CA GLN V 57 -24.30 -32.99 6.89
C GLN V 57 -24.16 -32.96 8.40
N LEU V 58 -23.24 -32.12 8.88
CA LEU V 58 -22.95 -31.99 10.31
C LEU V 58 -24.20 -31.70 11.14
N ILE V 59 -24.96 -30.70 10.73
CA ILE V 59 -26.21 -30.36 11.42
C ILE V 59 -27.25 -31.48 11.30
N GLY V 60 -27.37 -32.08 10.11
CA GLY V 60 -28.24 -33.23 9.92
C GLY V 60 -27.88 -34.43 10.81
N SER V 61 -26.58 -34.62 11.03
CA SER V 61 -26.08 -35.67 11.89
C SER V 61 -26.43 -35.41 13.34
N ASN V 62 -26.28 -34.17 13.77
CA ASN V 62 -26.61 -33.78 15.14
C ASN V 62 -28.11 -33.78 15.41
N ILE V 63 -28.88 -33.43 14.40
CA ILE V 63 -30.34 -33.45 14.49
C ILE V 63 -30.87 -34.89 14.62
N GLU V 64 -30.26 -35.83 13.89
CA GLU V 64 -30.61 -37.24 14.03
C GLU V 64 -30.34 -37.74 15.45
N LEU V 65 -29.15 -37.41 15.98
CA LEU V 65 -28.76 -37.81 17.32
C LEU V 65 -29.67 -37.19 18.38
N HIS V 66 -30.10 -35.96 18.14
CA HIS V 66 -31.01 -35.26 19.02
C HIS V 66 -32.39 -35.91 19.02
N SER V 67 -32.89 -36.20 17.81
CA SER V 67 -34.16 -36.89 17.63
C SER V 67 -34.22 -38.22 18.37
N LEU V 68 -33.11 -38.96 18.36
CA LEU V 68 -33.02 -40.24 19.06
C LEU V 68 -32.93 -40.08 20.57
N TYR V 69 -32.18 -39.08 21.02
CA TYR V 69 -32.05 -38.77 22.44
C TYR V 69 -33.39 -38.34 23.04
N THR V 70 -34.12 -37.51 22.30
CA THR V 70 -35.38 -36.94 22.80
C THR V 70 -36.61 -37.80 22.48
N SER V 71 -36.45 -38.78 21.60
CA SER V 71 -37.55 -39.64 21.16
C SER V 71 -38.69 -38.81 20.55
N ARG V 72 -38.31 -37.85 19.72
CA ARG V 72 -39.23 -36.88 19.13
C ARG V 72 -38.84 -36.54 17.70
N GLU V 73 -39.84 -36.14 16.91
CA GLU V 73 -39.63 -35.55 15.60
C GLU V 73 -38.78 -34.29 15.77
N PRO V 74 -37.83 -34.06 14.84
CA PRO V 74 -37.00 -32.87 14.93
C PRO V 74 -37.77 -31.63 14.52
N ARG V 75 -37.38 -30.48 15.07
CA ARG V 75 -38.02 -29.22 14.70
C ARG V 75 -37.15 -28.39 13.79
N VAL V 76 -37.79 -27.68 12.85
CA VAL V 76 -37.10 -26.82 11.90
C VAL V 76 -36.35 -25.73 12.65
N VAL V 77 -36.97 -25.19 13.71
CA VAL V 77 -36.34 -24.18 14.54
C VAL V 77 -35.02 -24.66 15.16
N SER V 78 -34.90 -25.98 15.33
CA SER V 78 -33.69 -26.60 15.89
C SER V 78 -32.60 -26.70 14.83
N ALA V 79 -32.97 -27.06 13.61
CA ALA V 79 -32.03 -27.04 12.51
C ALA V 79 -31.54 -25.61 12.35
N LEU V 80 -32.51 -24.68 12.29
CA LEU V 80 -32.26 -23.26 12.11
C LEU V 80 -31.29 -22.67 13.14
N GLN V 81 -31.43 -23.08 14.39
CA GLN V 81 -30.64 -22.55 15.48
C GLN V 81 -29.22 -23.09 15.46
N MET V 82 -29.08 -24.38 15.14
CA MET V 82 -27.79 -25.04 15.09
C MET V 82 -26.96 -24.51 13.93
N LEU V 83 -27.62 -24.29 12.80
CA LEU V 83 -26.97 -23.74 11.61
C LEU V 83 -26.46 -22.33 11.85
N LYS V 84 -27.34 -21.43 12.33
CA LYS V 84 -26.96 -20.02 12.51
C LYS V 84 -25.86 -19.82 13.57
N GLN V 85 -25.80 -20.70 14.55
CA GLN V 85 -24.81 -20.59 15.61
C GLN V 85 -23.45 -21.11 15.17
N HIS V 86 -23.46 -22.06 14.23
CA HIS V 86 -22.24 -22.57 13.64
C HIS V 86 -21.66 -21.56 12.67
N LEU V 87 -22.52 -21.03 11.79
CA LEU V 87 -22.11 -20.02 10.84
C LEU V 87 -21.52 -18.76 11.51
N PHE V 88 -22.17 -18.28 12.56
CA PHE V 88 -21.73 -17.07 13.26
C PHE V 88 -20.34 -17.28 13.80
N LYS V 89 -20.17 -18.41 14.50
CA LYS V 89 -18.90 -18.82 15.05
C LYS V 89 -17.77 -18.59 14.06
N TYR V 90 -18.04 -18.85 12.78
CA TYR V 90 -17.03 -18.75 11.72
C TYR V 90 -16.97 -17.41 10.98
N GLN V 91 -17.70 -16.42 11.50
CA GLN V 91 -17.74 -15.06 10.92
C GLN V 91 -17.84 -15.00 9.38
N GLY V 92 -18.73 -15.82 8.80
CA GLY V 92 -18.97 -15.81 7.36
C GLY V 92 -17.96 -16.53 6.47
N HIS V 93 -16.88 -17.05 7.06
CA HIS V 93 -15.86 -17.79 6.30
C HIS V 93 -16.39 -19.09 5.71
N ILE V 94 -17.35 -19.71 6.40
CA ILE V 94 -18.08 -20.83 5.80
C ILE V 94 -19.12 -20.23 4.86
N GLY V 95 -18.83 -20.28 3.57
CA GLY V 95 -19.64 -19.64 2.54
C GLY V 95 -20.94 -20.35 2.22
N ALA V 96 -21.80 -20.50 3.23
CA ALA V 96 -23.09 -21.16 3.07
C ALA V 96 -24.24 -20.17 3.16
N TYR V 97 -25.13 -20.24 2.18
CA TYR V 97 -26.33 -19.42 2.16
C TYR V 97 -27.48 -20.40 1.95
N LEU V 98 -28.29 -20.56 2.98
CA LEU V 98 -29.24 -21.67 3.04
C LEU V 98 -30.69 -21.22 3.16
N ILE V 99 -31.56 -21.90 2.42
CA ILE V 99 -32.99 -21.83 2.65
C ILE V 99 -33.42 -23.15 3.27
N VAL V 100 -33.75 -23.11 4.55
CA VAL V 100 -34.11 -24.30 5.32
C VAL V 100 -35.62 -24.28 5.63
N ALA V 101 -36.28 -25.41 5.39
CA ALA V 101 -37.76 -25.50 5.45
C ALA V 101 -38.26 -26.92 5.66
N GLY V 102 -39.21 -27.09 6.56
CA GLY V 102 -39.82 -28.40 6.79
C GLY V 102 -41.17 -28.40 7.47
N VAL V 103 -41.59 -29.58 7.92
CA VAL V 103 -42.75 -29.74 8.80
C VAL V 103 -42.33 -30.44 10.09
N ASP V 104 -42.97 -30.03 11.19
CA ASP V 104 -42.76 -30.68 12.49
C ASP V 104 -44.07 -30.66 13.31
N PRO V 105 -44.06 -31.24 14.54
CA PRO V 105 -45.27 -31.25 15.37
C PRO V 105 -45.81 -29.86 15.77
N THR V 106 -45.28 -28.80 15.17
CA THR V 106 -45.72 -27.44 15.46
C THR V 106 -46.18 -26.69 14.21
N GLY V 107 -46.05 -27.36 13.05
CA GLY V 107 -46.48 -26.78 11.79
C GLY V 107 -45.45 -26.84 10.66
N SER V 108 -45.53 -25.86 9.76
CA SER V 108 -44.64 -25.79 8.61
C SER V 108 -43.94 -24.46 8.61
N HIS V 109 -42.67 -24.47 8.23
CA HIS V 109 -41.79 -23.33 8.45
C HIS V 109 -40.87 -23.09 7.26
N LEU V 110 -40.44 -21.85 7.10
CA LEU V 110 -39.59 -21.44 5.99
C LEU V 110 -38.64 -20.37 6.49
N PHE V 111 -37.35 -20.65 6.35
CA PHE V 111 -36.32 -19.75 6.85
C PHE V 111 -35.17 -19.60 5.84
N SER V 112 -34.35 -18.58 6.04
CA SER V 112 -33.12 -18.42 5.27
C SER V 112 -31.94 -17.99 6.15
N ILE V 113 -30.79 -18.60 5.93
CA ILE V 113 -29.59 -18.27 6.69
C ILE V 113 -28.47 -17.79 5.78
N HIS V 114 -27.88 -16.66 6.16
CA HIS V 114 -26.77 -16.09 5.43
C HIS V 114 -25.45 -16.55 6.06
N ALA V 115 -24.34 -16.43 5.31
CA ALA V 115 -23.03 -16.92 5.74
C ALA V 115 -22.58 -16.47 7.14
N HIS V 116 -22.86 -15.21 7.49
CA HIS V 116 -22.52 -14.67 8.83
C HIS V 116 -23.54 -15.08 9.89
N GLY V 117 -24.63 -15.70 9.44
CA GLY V 117 -25.60 -16.32 10.34
C GLY V 117 -26.80 -15.51 10.74
N SER V 118 -27.16 -14.50 9.96
CA SER V 118 -28.44 -13.83 10.15
C SER V 118 -29.58 -14.68 9.54
N THR V 119 -30.70 -14.78 10.26
CA THR V 119 -31.85 -15.57 9.79
C THR V 119 -33.11 -14.75 9.47
N ASP V 120 -33.82 -15.17 8.43
CA ASP V 120 -35.04 -14.52 7.95
C ASP V 120 -36.21 -15.49 7.91
N VAL V 121 -37.39 -15.01 8.26
CA VAL V 121 -38.62 -15.79 8.09
C VAL V 121 -39.49 -15.12 7.04
N GLY V 122 -40.16 -15.92 6.21
CA GLY V 122 -41.01 -15.38 5.17
C GLY V 122 -41.93 -16.42 4.57
N TYR V 123 -42.73 -15.99 3.60
CA TYR V 123 -43.62 -16.89 2.89
C TYR V 123 -43.00 -17.33 1.57
N TYR V 124 -42.30 -16.40 0.93
CA TYR V 124 -41.39 -16.70 -0.16
C TYR V 124 -39.98 -16.19 0.17
N LEU V 125 -38.96 -16.91 -0.29
CA LEU V 125 -37.57 -16.47 -0.17
C LEU V 125 -36.75 -16.98 -1.35
N SER V 126 -35.84 -16.14 -1.86
CA SER V 126 -34.81 -16.59 -2.80
C SER V 126 -33.39 -16.24 -2.31
N LEU V 127 -32.41 -17.04 -2.73
CA LEU V 127 -30.99 -16.77 -2.45
C LEU V 127 -30.09 -17.17 -3.62
N GLY V 128 -28.82 -16.75 -3.55
CA GLY V 128 -27.80 -17.10 -4.58
C GLY V 128 -27.64 -16.03 -5.66
N SER V 129 -26.87 -16.31 -6.70
CA SER V 129 -26.62 -15.29 -7.74
C SER V 129 -27.90 -14.87 -8.45
N GLY V 130 -28.72 -15.84 -8.84
CA GLY V 130 -29.96 -15.55 -9.55
C GLY V 130 -31.11 -15.15 -8.64
N SER V 131 -30.76 -14.79 -7.41
CA SER V 131 -31.73 -14.36 -6.39
C SER V 131 -32.71 -13.30 -6.90
N LEU V 132 -32.19 -12.30 -7.62
CA LEU V 132 -32.99 -11.18 -8.07
C LEU V 132 -33.89 -11.53 -9.26
N ALA V 133 -33.50 -12.53 -10.04
CA ALA V 133 -34.32 -12.99 -11.16
C ALA V 133 -35.54 -13.73 -10.62
N ALA V 134 -35.33 -14.47 -9.53
CA ALA V 134 -36.39 -15.25 -8.89
C ALA V 134 -37.35 -14.37 -8.11
N MET V 135 -36.79 -13.58 -7.19
CA MET V 135 -37.57 -12.66 -6.36
C MET V 135 -38.49 -11.75 -7.16
N ALA V 136 -38.05 -11.38 -8.36
CA ALA V 136 -38.87 -10.58 -9.27
C ALA V 136 -40.13 -11.36 -9.71
N VAL V 137 -39.96 -12.65 -9.97
CA VAL V 137 -41.07 -13.52 -10.36
C VAL V 137 -41.98 -13.82 -9.17
N LEU V 138 -41.37 -13.91 -7.98
CA LEU V 138 -42.13 -14.15 -6.76
C LEU V 138 -43.03 -12.97 -6.40
N GLU V 139 -42.47 -11.77 -6.37
CA GLU V 139 -43.24 -10.55 -6.07
C GLU V 139 -44.45 -10.35 -7.00
N SER V 140 -44.30 -10.73 -8.26
CA SER V 140 -45.31 -10.50 -9.27
C SER V 140 -46.42 -11.56 -9.30
N HIS V 141 -46.12 -12.74 -8.77
CA HIS V 141 -47.05 -13.86 -8.89
C HIS V 141 -47.46 -14.51 -7.57
N TRP V 142 -46.86 -14.04 -6.47
CA TRP V 142 -47.23 -14.57 -5.16
C TRP V 142 -48.62 -14.10 -4.75
N LYS V 143 -49.32 -14.98 -4.06
CA LYS V 143 -50.53 -14.63 -3.35
C LYS V 143 -50.57 -15.44 -2.07
N GLN V 144 -51.36 -14.98 -1.11
CA GLN V 144 -51.62 -15.76 0.09
C GLN V 144 -52.69 -16.83 -0.21
N ASP V 145 -52.58 -17.96 0.49
CA ASP V 145 -53.47 -19.13 0.32
C ASP V 145 -53.28 -19.85 -1.02
N LEU V 146 -52.04 -20.33 -1.22
CA LEU V 146 -51.66 -21.08 -2.41
C LEU V 146 -51.95 -22.57 -2.27
N THR V 147 -52.30 -23.22 -3.38
CA THR V 147 -52.36 -24.67 -3.44
C THR V 147 -50.98 -25.25 -3.81
N LYS V 148 -50.71 -26.47 -3.33
CA LYS V 148 -49.47 -27.22 -3.60
C LYS V 148 -49.12 -27.39 -5.09
N GLU V 149 -49.69 -26.55 -5.94
CA GLU V 149 -49.44 -26.61 -7.37
C GLU V 149 -49.00 -25.25 -7.83
N GLU V 150 -49.76 -24.23 -7.41
CA GLU V 150 -49.39 -22.83 -7.57
C GLU V 150 -48.15 -22.59 -6.73
N ALA V 151 -48.07 -23.34 -5.64
CA ALA V 151 -46.92 -23.38 -4.76
C ALA V 151 -45.71 -23.94 -5.48
N ILE V 152 -45.91 -25.02 -6.23
CA ILE V 152 -44.85 -25.65 -7.02
C ILE V 152 -44.51 -24.83 -8.26
N LYS V 153 -45.53 -24.43 -9.00
CA LYS V 153 -45.37 -23.68 -10.24
C LYS V 153 -44.68 -22.34 -10.00
N LEU V 154 -45.09 -21.63 -8.96
CA LEU V 154 -44.44 -20.39 -8.54
C LEU V 154 -42.96 -20.63 -8.28
N ALA V 155 -42.66 -21.71 -7.55
CA ALA V 155 -41.28 -22.08 -7.21
C ALA V 155 -40.46 -22.47 -8.45
N SER V 156 -41.09 -23.23 -9.35
CA SER V 156 -40.51 -23.68 -10.61
C SER V 156 -40.12 -22.52 -11.52
N ASP V 157 -40.93 -21.48 -11.52
CA ASP V 157 -40.79 -20.36 -12.45
C ASP V 157 -39.83 -19.33 -11.94
N ALA V 158 -39.75 -19.24 -10.62
CA ALA V 158 -38.72 -18.45 -9.96
C ALA V 158 -37.36 -19.09 -10.22
N ILE V 159 -37.34 -20.41 -10.38
CA ILE V 159 -36.10 -21.10 -10.72
C ILE V 159 -35.76 -20.91 -12.20
N GLN V 160 -36.75 -21.12 -13.08
CA GLN V 160 -36.58 -20.89 -14.51
C GLN V 160 -36.02 -19.50 -14.76
N ALA V 161 -36.71 -18.48 -14.25
CA ALA V 161 -36.21 -17.10 -14.28
C ALA V 161 -34.72 -17.03 -13.97
N GLY V 162 -34.27 -17.82 -13.02
CA GLY V 162 -32.86 -17.88 -12.66
C GLY V 162 -32.03 -18.54 -13.74
N ILE V 163 -32.42 -19.74 -14.13
CA ILE V 163 -31.74 -20.49 -15.20
C ILE V 163 -31.41 -19.61 -16.42
N TRP V 164 -32.44 -18.95 -16.96
CA TRP V 164 -32.34 -18.20 -18.21
C TRP V 164 -31.57 -16.89 -18.08
N ASN V 165 -31.96 -16.06 -17.11
CA ASN V 165 -31.43 -14.71 -16.98
C ASN V 165 -30.14 -14.59 -16.16
N ASP V 166 -29.74 -15.69 -15.53
CA ASP V 166 -28.51 -15.71 -14.73
C ASP V 166 -27.45 -16.59 -15.35
N LEU V 167 -26.21 -16.10 -15.31
CA LEU V 167 -25.06 -16.83 -15.83
C LEU V 167 -24.57 -17.87 -14.83
N GLY V 168 -24.84 -17.65 -13.56
CA GLY V 168 -24.45 -18.58 -12.51
C GLY V 168 -25.54 -19.58 -12.23
N SER V 169 -26.42 -19.77 -13.20
CA SER V 169 -27.58 -20.63 -13.07
C SER V 169 -27.85 -21.30 -14.38
N GLY V 170 -28.44 -22.50 -14.32
CA GLY V 170 -28.89 -23.19 -15.52
C GLY V 170 -29.14 -24.67 -15.30
N SER V 171 -29.59 -25.33 -16.38
CA SER V 171 -29.78 -26.78 -16.45
C SER V 171 -31.16 -27.30 -16.02
N ASN V 172 -31.25 -27.77 -14.78
CA ASN V 172 -32.44 -28.50 -14.32
C ASN V 172 -33.06 -27.90 -13.06
N VAL V 173 -34.32 -28.27 -12.82
CA VAL V 173 -35.06 -27.80 -11.65
C VAL V 173 -35.31 -28.95 -10.67
N ASP V 174 -34.81 -28.81 -9.45
CA ASP V 174 -35.06 -29.76 -8.37
C ASP V 174 -36.08 -29.19 -7.41
N VAL V 175 -37.17 -29.92 -7.18
CA VAL V 175 -38.22 -29.49 -6.26
C VAL V 175 -38.35 -30.49 -5.10
N CYS V 176 -38.66 -29.98 -3.90
CA CYS V 176 -39.02 -30.82 -2.77
C CYS V 176 -40.23 -30.25 -2.05
N VAL V 177 -41.24 -31.11 -1.82
CA VAL V 177 -42.48 -30.68 -1.20
C VAL V 177 -42.62 -31.30 0.19
N MET V 178 -42.85 -30.44 1.18
CA MET V 178 -43.12 -30.88 2.54
C MET V 178 -44.51 -30.43 2.98
N GLU V 179 -45.41 -31.39 3.15
CA GLU V 179 -46.79 -31.12 3.53
C GLU V 179 -47.01 -31.59 4.97
N ILE V 180 -48.00 -31.02 5.65
CA ILE V 180 -48.25 -31.27 7.07
C ILE V 180 -48.42 -32.77 7.43
N GLY V 181 -49.33 -33.45 6.74
CA GLY V 181 -49.67 -34.82 7.13
C GLY V 181 -49.21 -35.94 6.23
N LYS V 182 -48.15 -35.70 5.46
CA LYS V 182 -47.63 -36.69 4.52
C LYS V 182 -46.11 -36.76 4.52
N ASP V 183 -45.56 -37.74 3.82
CA ASP V 183 -44.12 -37.88 3.64
C ASP V 183 -43.62 -36.81 2.67
N ALA V 184 -42.60 -36.08 3.09
CA ALA V 184 -41.91 -35.12 2.23
C ALA V 184 -41.53 -35.78 0.90
N GLU V 185 -41.92 -35.19 -0.22
CA GLU V 185 -41.53 -35.75 -1.52
C GLU V 185 -40.46 -34.94 -2.23
N TYR V 186 -39.48 -35.65 -2.78
CA TYR V 186 -38.31 -35.05 -3.39
C TYR V 186 -38.23 -35.43 -4.87
N LEU V 187 -38.14 -34.42 -5.71
CA LEU V 187 -38.22 -34.60 -7.15
C LEU V 187 -36.92 -34.16 -7.82
N ARG V 188 -35.96 -35.08 -7.91
CA ARG V 188 -34.73 -34.84 -8.64
C ARG V 188 -35.05 -34.61 -10.10
N ASN V 189 -34.61 -33.46 -10.61
CA ASN V 189 -34.90 -33.05 -11.98
C ASN V 189 -36.38 -33.05 -12.30
N TYR V 190 -37.12 -32.18 -11.62
CA TYR V 190 -38.55 -31.97 -11.88
C TYR V 190 -38.75 -31.40 -13.28
N LEU V 191 -37.81 -30.55 -13.71
CA LEU V 191 -37.77 -30.06 -15.09
C LEU V 191 -36.43 -30.37 -15.76
N THR V 192 -36.50 -30.76 -17.03
CA THR V 192 -35.29 -30.95 -17.84
C THR V 192 -35.35 -30.07 -19.11
N PRO V 193 -35.24 -28.74 -18.95
CA PRO V 193 -35.42 -27.81 -20.07
C PRO V 193 -34.13 -27.44 -20.80
N ASN V 194 -33.04 -28.16 -20.51
CA ASN V 194 -31.74 -27.89 -21.12
C ASN V 194 -31.03 -29.14 -21.63
N VAL V 195 -31.83 -30.05 -22.20
CA VAL V 195 -31.33 -31.22 -22.90
C VAL V 195 -30.40 -30.78 -24.03
N ARG V 196 -29.20 -31.34 -24.07
CA ARG V 196 -28.23 -31.01 -25.13
C ARG V 196 -28.69 -31.65 -26.45
N GLU V 197 -28.58 -30.89 -27.55
CA GLU V 197 -29.03 -31.35 -28.86
C GLU V 197 -28.17 -32.49 -29.42
N GLU V 198 -28.74 -33.26 -30.35
CA GLU V 198 -27.98 -34.30 -31.05
C GLU V 198 -26.73 -33.72 -31.69
N LYS V 199 -25.60 -34.37 -31.46
CA LYS V 199 -24.33 -33.93 -32.04
C LYS V 199 -24.32 -34.10 -33.56
N GLN V 200 -23.81 -33.09 -34.25
CA GLN V 200 -23.79 -33.06 -35.72
C GLN V 200 -22.98 -34.20 -36.35
N LYS V 201 -22.00 -34.70 -35.59
CA LYS V 201 -21.06 -35.72 -36.06
C LYS V 201 -20.81 -36.73 -34.95
N SER V 202 -20.34 -37.92 -35.32
CA SER V 202 -19.79 -38.87 -34.36
C SER V 202 -18.27 -38.85 -34.47
N TYR V 203 -17.58 -38.71 -33.35
CA TYR V 203 -16.13 -38.51 -33.37
C TYR V 203 -15.34 -39.73 -32.96
N LYS V 204 -15.93 -40.90 -33.15
CA LYS V 204 -15.25 -42.15 -32.83
C LYS V 204 -14.09 -42.36 -33.80
N PHE V 205 -12.90 -42.52 -33.24
CA PHE V 205 -11.68 -42.69 -34.03
C PHE V 205 -11.50 -44.13 -34.53
N PRO V 206 -10.98 -44.29 -35.76
CA PRO V 206 -10.51 -45.60 -36.21
C PRO V 206 -9.49 -46.17 -35.23
N ARG V 207 -9.68 -47.42 -34.83
CA ARG V 207 -8.79 -48.06 -33.84
C ARG V 207 -7.36 -48.11 -34.35
N GLY V 208 -6.43 -47.72 -33.47
CA GLY V 208 -5.02 -47.66 -33.83
C GLY V 208 -4.57 -46.27 -34.22
N THR V 209 -5.48 -45.30 -34.12
CA THR V 209 -5.18 -43.89 -34.39
C THR V 209 -4.14 -43.33 -33.41
N THR V 210 -4.19 -43.78 -32.16
CA THR V 210 -3.24 -43.34 -31.13
C THR V 210 -1.99 -44.22 -31.08
N ALA V 211 -0.82 -43.59 -31.15
CA ALA V 211 0.45 -44.28 -31.06
C ALA V 211 0.71 -44.71 -29.63
N VAL V 212 1.12 -45.97 -29.47
CA VAL V 212 1.40 -46.56 -28.16
C VAL V 212 2.87 -46.96 -28.09
N LEU V 213 3.51 -46.72 -26.95
CA LEU V 213 4.93 -47.01 -26.77
C LEU V 213 5.19 -48.27 -25.94
N LYS V 214 4.26 -48.58 -25.04
CA LYS V 214 4.50 -49.58 -24.00
C LYS V 214 3.15 -50.06 -23.48
N GLU V 215 3.07 -51.34 -23.16
CA GLU V 215 1.81 -51.96 -22.73
C GLU V 215 2.04 -53.00 -21.65
N SER V 216 1.17 -52.99 -20.63
CA SER V 216 1.30 -53.88 -19.48
C SER V 216 -0.05 -54.13 -18.80
N ILE V 217 -0.14 -55.27 -18.12
CA ILE V 217 -1.32 -55.61 -17.32
C ILE V 217 -1.07 -55.22 -15.86
N VAL V 218 -2.07 -54.61 -15.24
CA VAL V 218 -1.95 -54.16 -13.85
C VAL V 218 -2.42 -55.25 -12.87
N ASN V 219 -1.66 -55.41 -11.79
CA ASN V 219 -1.98 -56.37 -10.73
C ASN V 219 -2.74 -55.73 -9.57
N ILE V 220 -3.81 -56.38 -9.12
CA ILE V 220 -4.70 -55.83 -8.08
C ILE V 220 -4.80 -56.73 -6.84
N CYS V 221 -4.93 -58.03 -7.07
CA CYS V 221 -5.36 -58.99 -6.05
C CYS V 221 -4.28 -59.38 -5.04
N ASP V 222 -4.31 -60.65 -4.60
CA ASP V 222 -3.32 -61.21 -3.67
C ASP V 222 -3.30 -62.74 -3.73
N SER W 1 3.96 -18.52 -7.49
CA SER W 1 2.70 -17.74 -7.31
C SER W 1 1.52 -18.58 -6.82
N ASP W 2 0.91 -19.33 -7.74
CA ASP W 2 -0.26 -20.15 -7.44
C ASP W 2 0.17 -21.61 -7.34
N PRO W 3 0.01 -22.22 -6.16
CA PRO W 3 0.40 -23.62 -5.93
C PRO W 3 -0.21 -24.59 -6.96
N SER W 4 -1.42 -24.28 -7.42
CA SER W 4 -2.10 -25.08 -8.44
C SER W 4 -1.37 -25.08 -9.78
N SER W 5 -0.49 -24.09 -9.97
CA SER W 5 0.13 -23.85 -11.27
C SER W 5 1.66 -23.92 -11.28
N ILE W 6 2.27 -24.41 -10.21
CA ILE W 6 3.75 -24.47 -10.17
C ILE W 6 4.28 -25.68 -10.94
N ASN W 7 3.77 -26.86 -10.60
CA ASN W 7 4.31 -28.11 -11.12
C ASN W 7 3.74 -28.52 -12.45
N GLY W 8 2.49 -28.14 -12.70
CA GLY W 8 1.78 -28.50 -13.92
C GLY W 8 1.39 -29.95 -13.89
N GLY W 9 0.58 -30.36 -14.86
CA GLY W 9 0.09 -31.74 -14.94
C GLY W 9 -1.40 -31.76 -15.09
N ILE W 10 -1.92 -32.82 -15.71
CA ILE W 10 -3.35 -32.98 -15.96
C ILE W 10 -3.82 -34.42 -15.75
N VAL W 11 -5.09 -34.57 -15.41
CA VAL W 11 -5.75 -35.88 -15.28
C VAL W 11 -7.15 -35.87 -15.94
N VAL W 12 -7.55 -37.01 -16.49
CA VAL W 12 -8.89 -37.14 -17.10
C VAL W 12 -9.45 -38.55 -16.89
N ALA W 13 -10.74 -38.62 -16.55
CA ALA W 13 -11.46 -39.89 -16.45
C ALA W 13 -12.69 -39.86 -17.34
N MET W 14 -13.13 -41.05 -17.75
CA MET W 14 -14.21 -41.20 -18.72
C MET W 14 -14.82 -42.59 -18.55
N THR W 15 -16.14 -42.69 -18.76
CA THR W 15 -16.83 -43.97 -18.66
C THR W 15 -17.23 -44.50 -20.04
N GLY W 16 -17.51 -45.80 -20.11
CA GLY W 16 -17.98 -46.45 -21.33
C GLY W 16 -18.80 -47.68 -20.99
N LYS W 17 -19.08 -48.52 -21.99
CA LYS W 17 -19.88 -49.74 -21.80
C LYS W 17 -19.15 -50.76 -20.94
N ASP W 18 -19.60 -50.89 -19.69
CA ASP W 18 -19.03 -51.81 -18.70
C ASP W 18 -17.54 -51.58 -18.37
N CYS W 19 -17.07 -50.34 -18.52
CA CYS W 19 -15.66 -50.02 -18.30
C CYS W 19 -15.45 -48.53 -18.00
N VAL W 20 -14.40 -48.23 -17.24
CA VAL W 20 -13.98 -46.84 -17.03
C VAL W 20 -12.53 -46.61 -17.47
N ALA W 21 -12.17 -45.37 -17.73
CA ALA W 21 -10.83 -45.03 -18.17
C ALA W 21 -10.29 -43.81 -17.43
N ILE W 22 -9.07 -43.93 -16.93
CA ILE W 22 -8.38 -42.78 -16.34
C ILE W 22 -7.01 -42.60 -16.98
N ALA W 23 -6.60 -41.34 -17.14
CA ALA W 23 -5.36 -41.01 -17.84
C ALA W 23 -4.69 -39.75 -17.30
N CYS W 24 -3.37 -39.66 -17.46
CA CYS W 24 -2.60 -38.50 -16.99
C CYS W 24 -1.32 -38.27 -17.80
N ASP W 25 -0.78 -37.05 -17.73
CA ASP W 25 0.52 -36.75 -18.32
C ASP W 25 1.64 -37.19 -17.36
N LEU W 26 2.89 -36.97 -17.74
CA LEU W 26 4.02 -37.39 -16.93
C LEU W 26 4.89 -36.24 -16.43
N ARG W 27 4.50 -35.01 -16.75
CA ARG W 27 5.36 -33.86 -16.45
C ARG W 27 5.40 -33.47 -14.97
N LEU W 28 6.62 -33.26 -14.46
CA LEU W 28 6.81 -32.57 -13.19
C LEU W 28 7.72 -31.42 -13.48
N GLY W 29 7.18 -30.22 -13.41
CA GLY W 29 7.95 -29.02 -13.67
C GLY W 29 8.11 -28.14 -12.45
N SER W 30 8.89 -27.08 -12.64
CA SER W 30 8.96 -25.98 -11.70
C SER W 30 8.95 -24.71 -12.53
N GLN W 31 7.75 -24.18 -12.78
CA GLN W 31 7.53 -23.09 -13.73
C GLN W 31 7.91 -23.57 -15.13
N SER W 32 8.81 -22.83 -15.78
CA SER W 32 9.25 -23.17 -17.14
C SER W 32 10.10 -24.45 -17.18
N LEU W 33 10.95 -24.63 -16.17
CA LEU W 33 11.87 -25.78 -16.12
C LEU W 33 11.18 -27.13 -15.96
N GLY W 34 11.39 -28.02 -16.93
CA GLY W 34 11.00 -29.42 -16.79
C GLY W 34 12.02 -30.17 -15.95
N VAL W 35 11.53 -30.97 -15.01
CA VAL W 35 12.41 -31.64 -14.04
C VAL W 35 12.35 -33.17 -14.19
N SER W 36 11.13 -33.69 -14.37
CA SER W 36 10.90 -35.13 -14.48
C SER W 36 9.83 -35.48 -15.50
N ASN W 37 10.12 -36.49 -16.31
CA ASN W 37 9.16 -37.06 -17.24
C ASN W 37 8.78 -38.48 -16.85
N LYS W 38 8.71 -38.71 -15.54
CA LYS W 38 8.36 -40.00 -14.97
C LYS W 38 7.40 -39.85 -13.79
N PHE W 39 6.94 -38.62 -13.55
CA PHE W 39 6.06 -38.31 -12.42
C PHE W 39 4.62 -38.71 -12.74
N GLU W 40 4.25 -39.92 -12.35
CA GLU W 40 2.89 -40.43 -12.58
C GLU W 40 1.90 -39.90 -11.55
N LYS W 41 0.66 -39.71 -11.98
CA LYS W 41 -0.37 -39.09 -11.16
C LYS W 41 -1.60 -39.99 -10.96
N ILE W 42 -1.50 -41.26 -11.34
CA ILE W 42 -2.56 -42.24 -11.08
C ILE W 42 -2.09 -43.32 -10.12
N PHE W 43 -2.78 -43.45 -8.98
CA PHE W 43 -2.48 -44.47 -7.98
C PHE W 43 -3.68 -45.38 -7.82
N HIS W 44 -3.45 -46.59 -7.31
CA HIS W 44 -4.56 -47.50 -7.04
C HIS W 44 -4.50 -48.14 -5.66
N TYR W 45 -5.68 -48.32 -5.09
CA TYR W 45 -5.88 -48.98 -3.80
C TYR W 45 -6.94 -50.05 -4.01
N GLY W 46 -6.49 -51.29 -4.21
CA GLY W 46 -7.40 -52.35 -4.62
C GLY W 46 -7.82 -52.09 -6.05
N HIS W 47 -9.11 -52.16 -6.33
CA HIS W 47 -9.63 -51.91 -7.67
C HIS W 47 -10.06 -50.45 -7.86
N VAL W 48 -9.76 -49.61 -6.87
CA VAL W 48 -10.15 -48.21 -6.91
C VAL W 48 -8.95 -47.34 -7.30
N PHE W 49 -9.08 -46.67 -8.44
CA PHE W 49 -8.02 -45.84 -8.99
C PHE W 49 -8.28 -44.38 -8.70
N LEU W 50 -7.22 -43.69 -8.31
CA LEU W 50 -7.28 -42.26 -8.01
C LEU W 50 -6.17 -41.49 -8.72
N GLY W 51 -6.57 -40.48 -9.50
CA GLY W 51 -5.65 -39.53 -10.10
C GLY W 51 -5.68 -38.22 -9.33
N ILE W 52 -4.51 -37.62 -9.11
CA ILE W 52 -4.42 -36.33 -8.41
C ILE W 52 -3.49 -35.31 -9.10
N THR W 53 -4.08 -34.19 -9.52
CA THR W 53 -3.32 -33.05 -10.09
C THR W 53 -3.02 -31.97 -9.06
N GLY W 54 -2.18 -31.00 -9.40
CA GLY W 54 -1.90 -29.90 -8.47
C GLY W 54 -0.48 -29.87 -7.92
N LEU W 55 -0.31 -29.35 -6.72
CA LEU W 55 1.03 -29.21 -6.10
C LEU W 55 1.66 -30.59 -5.87
N ALA W 56 2.85 -30.81 -6.40
CA ALA W 56 3.50 -32.14 -6.40
C ALA W 56 3.73 -32.74 -5.01
N THR W 57 4.09 -31.92 -4.04
CA THR W 57 4.28 -32.42 -2.69
C THR W 57 2.96 -32.96 -2.13
N ASP W 58 1.89 -32.20 -2.33
CA ASP W 58 0.56 -32.63 -1.91
C ASP W 58 0.08 -33.91 -2.61
N VAL W 59 0.40 -34.05 -3.90
CA VAL W 59 0.06 -35.28 -4.62
C VAL W 59 0.64 -36.49 -3.90
N THR W 60 1.96 -36.47 -3.70
CA THR W 60 2.68 -37.53 -2.99
C THR W 60 2.17 -37.75 -1.56
N THR W 61 1.89 -36.67 -0.83
CA THR W 61 1.37 -36.77 0.53
C THR W 61 0.01 -37.46 0.55
N LEU W 62 -0.90 -37.01 -0.31
CA LEU W 62 -2.24 -37.61 -0.41
C LEU W 62 -2.18 -39.08 -0.81
N ASN W 63 -1.27 -39.42 -1.71
CA ASN W 63 -1.13 -40.81 -2.12
C ASN W 63 -0.83 -41.71 -0.94
N GLU W 64 0.18 -41.30 -0.17
CA GLU W 64 0.58 -42.01 1.04
C GLU W 64 -0.55 -42.08 2.06
N MET W 65 -1.25 -40.96 2.27
CA MET W 65 -2.37 -40.91 3.22
C MET W 65 -3.48 -41.90 2.86
N PHE W 66 -3.92 -41.88 1.60
CA PHE W 66 -5.01 -42.75 1.19
C PHE W 66 -4.62 -44.22 1.17
N ARG W 67 -3.33 -44.49 1.01
CA ARG W 67 -2.82 -45.85 1.15
C ARG W 67 -2.99 -46.26 2.60
N TYR W 68 -2.39 -45.46 3.50
CA TYR W 68 -2.54 -45.56 4.96
C TYR W 68 -3.99 -45.87 5.36
N LYS W 69 -4.92 -45.07 4.84
CA LYS W 69 -6.33 -45.19 5.21
C LYS W 69 -7.05 -46.41 4.64
N THR W 70 -6.81 -46.71 3.35
CA THR W 70 -7.43 -47.88 2.72
C THR W 70 -6.86 -49.20 3.26
N ASN W 71 -5.62 -49.16 3.71
CA ASN W 71 -4.97 -50.32 4.32
C ASN W 71 -5.69 -50.73 5.59
N LEU W 72 -5.82 -49.78 6.51
CA LEU W 72 -6.55 -49.99 7.76
C LEU W 72 -8.00 -50.37 7.49
N TYR W 73 -8.61 -49.73 6.51
CA TYR W 73 -9.97 -50.05 6.10
C TYR W 73 -10.13 -51.54 5.84
N LYS W 74 -9.30 -52.07 4.94
CA LYS W 74 -9.34 -53.49 4.57
C LYS W 74 -9.12 -54.42 5.76
N LEU W 75 -8.33 -53.97 6.73
CA LEU W 75 -8.04 -54.75 7.93
C LEU W 75 -9.21 -54.80 8.92
N LYS W 76 -9.98 -53.72 8.97
CA LYS W 76 -11.12 -53.65 9.89
C LYS W 76 -12.40 -54.21 9.25
N GLU W 77 -12.58 -53.93 7.96
CA GLU W 77 -13.80 -54.30 7.25
C GLU W 77 -13.73 -55.70 6.67
N GLU W 78 -12.51 -56.19 6.48
CA GLU W 78 -12.24 -57.50 5.86
C GLU W 78 -12.67 -57.57 4.39
N ARG W 79 -12.77 -56.40 3.76
CA ARG W 79 -13.08 -56.29 2.34
C ARG W 79 -12.40 -55.05 1.77
N ALA W 80 -12.26 -55.00 0.45
CA ALA W 80 -11.60 -53.89 -0.22
C ALA W 80 -12.50 -52.67 -0.33
N ILE W 81 -11.91 -51.49 -0.17
CA ILE W 81 -12.62 -50.22 -0.34
C ILE W 81 -13.30 -50.15 -1.72
N GLU W 82 -14.54 -49.68 -1.75
CA GLU W 82 -15.30 -49.53 -2.99
C GLU W 82 -15.31 -48.06 -3.42
N PRO W 83 -15.48 -47.79 -4.73
CA PRO W 83 -15.27 -46.42 -5.25
C PRO W 83 -16.19 -45.37 -4.61
N GLU W 84 -17.49 -45.67 -4.55
CA GLU W 84 -18.48 -44.78 -3.90
C GLU W 84 -18.07 -44.42 -2.48
N THR W 85 -17.59 -45.41 -1.73
CA THR W 85 -17.13 -45.22 -0.36
C THR W 85 -15.84 -44.40 -0.33
N PHE W 86 -14.90 -44.75 -1.21
CA PHE W 86 -13.61 -44.06 -1.26
C PHE W 86 -13.79 -42.59 -1.66
N THR W 87 -14.77 -42.33 -2.51
CA THR W 87 -15.17 -40.97 -2.87
C THR W 87 -15.46 -40.14 -1.61
N GLN W 88 -16.15 -40.74 -0.64
CA GLN W 88 -16.50 -40.08 0.60
C GLN W 88 -15.32 -39.88 1.56
N LEU W 89 -14.39 -40.85 1.56
CA LEU W 89 -13.19 -40.75 2.38
C LEU W 89 -12.28 -39.65 1.84
N VAL W 90 -12.30 -39.46 0.51
CA VAL W 90 -11.51 -38.41 -0.12
C VAL W 90 -12.12 -37.04 0.21
N SER W 91 -13.44 -36.95 0.13
CA SER W 91 -14.15 -35.69 0.42
C SER W 91 -13.93 -35.18 1.84
N SER W 92 -14.16 -36.04 2.83
CA SER W 92 -14.06 -35.65 4.24
C SER W 92 -12.61 -35.44 4.69
N SER W 93 -11.67 -36.10 4.04
CA SER W 93 -10.25 -35.91 4.33
C SER W 93 -9.78 -34.55 3.83
N LEU W 94 -10.33 -34.12 2.70
CA LEU W 94 -10.02 -32.80 2.14
C LEU W 94 -10.67 -31.68 2.92
N TYR W 95 -11.94 -31.85 3.29
CA TYR W 95 -12.67 -30.83 4.05
C TYR W 95 -12.15 -30.67 5.47
N GLU W 96 -11.45 -31.67 5.96
CA GLU W 96 -10.83 -31.62 7.27
C GLU W 96 -9.76 -30.54 7.30
N ARG W 97 -9.27 -30.17 6.13
CA ARG W 97 -8.27 -29.11 6.00
C ARG W 97 -8.87 -27.90 5.26
N ARG W 98 -10.12 -27.59 5.59
CA ARG W 98 -10.91 -26.56 4.91
C ARG W 98 -10.24 -25.19 4.87
N PHE W 99 -9.57 -24.80 5.95
CA PHE W 99 -8.98 -23.46 6.04
C PHE W 99 -7.46 -23.43 5.92
N GLY W 100 -6.90 -24.47 5.30
CA GLY W 100 -5.47 -24.53 4.97
C GLY W 100 -5.23 -25.76 4.11
N PRO W 101 -5.86 -25.81 2.92
CA PRO W 101 -6.06 -27.04 2.17
C PRO W 101 -4.89 -27.49 1.31
N TYR W 102 -4.90 -28.79 0.97
CA TYR W 102 -4.03 -29.33 -0.05
C TYR W 102 -4.46 -28.75 -1.41
N PHE W 103 -3.49 -28.30 -2.19
CA PHE W 103 -3.78 -27.73 -3.50
C PHE W 103 -3.75 -28.82 -4.57
N VAL W 104 -4.84 -29.57 -4.65
CA VAL W 104 -4.93 -30.70 -5.55
C VAL W 104 -6.27 -30.69 -6.26
N GLY W 105 -6.49 -31.66 -7.13
CA GLY W 105 -7.75 -31.82 -7.83
C GLY W 105 -8.03 -33.29 -8.13
N PRO W 106 -8.42 -34.06 -7.11
CA PRO W 106 -8.49 -35.52 -7.25
C PRO W 106 -9.61 -36.01 -8.17
N VAL W 107 -9.37 -37.17 -8.76
CA VAL W 107 -10.30 -37.82 -9.67
C VAL W 107 -10.36 -39.30 -9.32
N VAL W 108 -11.58 -39.79 -9.04
CA VAL W 108 -11.77 -41.20 -8.71
C VAL W 108 -12.45 -41.94 -9.86
N ALA W 109 -11.99 -43.16 -10.10
CA ALA W 109 -12.52 -44.01 -11.15
C ALA W 109 -12.37 -45.47 -10.74
N GLY W 110 -13.42 -46.25 -10.96
CA GLY W 110 -13.40 -47.68 -10.67
C GLY W 110 -14.69 -48.36 -11.08
N ILE W 111 -14.78 -49.65 -10.81
CA ILE W 111 -16.00 -50.41 -11.05
C ILE W 111 -16.40 -51.13 -9.77
N ASN W 112 -17.56 -50.76 -9.23
CA ASN W 112 -18.08 -51.38 -8.03
C ASN W 112 -18.12 -52.90 -8.20
N SER W 113 -17.37 -53.60 -7.36
CA SER W 113 -17.22 -55.05 -7.48
C SER W 113 -18.52 -55.81 -7.26
N LYS W 114 -19.46 -55.20 -6.54
CA LYS W 114 -20.72 -55.86 -6.24
C LYS W 114 -21.80 -55.62 -7.30
N SER W 115 -21.96 -54.37 -7.73
CA SER W 115 -22.99 -54.03 -8.71
C SER W 115 -22.49 -54.15 -10.15
N GLY W 116 -21.19 -53.99 -10.34
CA GLY W 116 -20.59 -54.01 -11.68
C GLY W 116 -20.70 -52.65 -12.37
N LYS W 117 -21.28 -51.67 -11.68
CA LYS W 117 -21.55 -50.36 -12.23
C LYS W 117 -20.27 -49.51 -12.31
N PRO W 118 -20.00 -48.94 -13.50
CA PRO W 118 -18.87 -48.01 -13.70
C PRO W 118 -19.08 -46.72 -12.90
N PHE W 119 -18.00 -46.17 -12.37
CA PHE W 119 -18.09 -45.02 -11.48
C PHE W 119 -16.87 -44.10 -11.57
N ILE W 120 -17.13 -42.82 -11.82
CA ILE W 120 -16.09 -41.81 -11.84
C ILE W 120 -16.59 -40.55 -11.11
N ALA W 121 -15.68 -39.87 -10.41
CA ALA W 121 -15.98 -38.59 -9.75
C ALA W 121 -14.75 -37.72 -9.53
N GLY W 122 -14.96 -36.40 -9.58
CA GLY W 122 -13.90 -35.43 -9.29
C GLY W 122 -14.22 -34.53 -8.10
N PHE W 123 -13.19 -33.83 -7.62
CA PHE W 123 -13.34 -32.96 -6.46
C PHE W 123 -12.64 -31.63 -6.71
N ASP W 124 -13.13 -30.55 -6.10
CA ASP W 124 -12.32 -29.35 -5.95
C ASP W 124 -11.37 -29.58 -4.76
N LEU W 125 -10.52 -28.60 -4.46
CA LEU W 125 -9.50 -28.77 -3.41
C LEU W 125 -10.08 -29.03 -2.02
N ILE W 126 -11.22 -28.42 -1.67
CA ILE W 126 -11.80 -28.63 -0.33
C ILE W 126 -12.86 -29.73 -0.23
N GLY W 127 -12.88 -30.62 -1.22
CA GLY W 127 -13.61 -31.87 -1.12
C GLY W 127 -15.06 -31.83 -1.57
N CYS W 128 -15.41 -30.85 -2.40
CA CYS W 128 -16.70 -30.86 -3.07
C CYS W 128 -16.74 -32.01 -4.07
N ILE W 129 -17.67 -32.94 -3.88
CA ILE W 129 -17.82 -34.08 -4.78
C ILE W 129 -18.57 -33.68 -6.05
N ASP W 130 -17.94 -33.97 -7.18
CA ASP W 130 -18.54 -33.80 -8.50
C ASP W 130 -18.56 -35.19 -9.14
N GLU W 131 -19.75 -35.80 -9.17
CA GLU W 131 -19.92 -37.12 -9.76
C GLU W 131 -20.59 -36.97 -11.11
N ALA W 132 -19.99 -37.57 -12.14
CA ALA W 132 -20.51 -37.46 -13.49
C ALA W 132 -20.68 -38.82 -14.14
N LYS W 133 -21.70 -38.92 -15.00
CA LYS W 133 -21.91 -40.12 -15.78
C LYS W 133 -20.86 -40.21 -16.90
N ASP W 134 -20.58 -39.08 -17.54
CA ASP W 134 -19.72 -39.03 -18.73
C ASP W 134 -18.21 -38.89 -18.46
N PHE W 135 -17.76 -37.70 -18.04
CA PHE W 135 -16.33 -37.44 -17.93
C PHE W 135 -15.95 -36.49 -16.80
N ILE W 136 -14.71 -36.59 -16.35
CA ILE W 136 -14.18 -35.74 -15.29
C ILE W 136 -12.78 -35.28 -15.66
N VAL W 137 -12.53 -33.98 -15.52
CA VAL W 137 -11.23 -33.40 -15.87
C VAL W 137 -10.56 -32.66 -14.71
N SER W 138 -9.24 -32.57 -14.76
CA SER W 138 -8.47 -31.94 -13.70
C SER W 138 -7.09 -31.55 -14.19
N GLY W 139 -6.57 -30.45 -13.64
CA GLY W 139 -5.22 -30.01 -13.96
C GLY W 139 -5.14 -28.64 -14.62
N THR W 140 -3.90 -28.24 -14.90
CA THR W 140 -3.58 -26.91 -15.45
C THR W 140 -4.21 -26.65 -16.82
N ALA W 141 -4.48 -27.72 -17.56
CA ALA W 141 -5.14 -27.63 -18.86
C ALA W 141 -6.56 -28.18 -18.78
N SER W 142 -7.29 -27.78 -17.73
CA SER W 142 -8.64 -28.29 -17.51
C SER W 142 -9.63 -27.80 -18.57
N ASP W 143 -9.57 -26.49 -18.89
CA ASP W 143 -10.39 -25.89 -19.94
C ASP W 143 -10.23 -26.64 -21.26
N GLN W 144 -8.98 -26.88 -21.64
CA GLN W 144 -8.65 -27.61 -22.86
C GLN W 144 -9.31 -28.99 -22.85
N LEU W 145 -9.16 -29.71 -21.73
CA LEU W 145 -9.75 -31.03 -21.56
C LEU W 145 -11.28 -31.03 -21.63
N PHE W 146 -11.91 -30.07 -20.94
CA PHE W 146 -13.36 -29.87 -20.99
C PHE W 146 -13.85 -29.78 -22.42
N GLY W 147 -13.13 -29.01 -23.24
CA GLY W 147 -13.51 -28.79 -24.63
C GLY W 147 -13.29 -30.02 -25.50
N MET W 148 -12.25 -30.78 -25.18
CA MET W 148 -11.96 -32.04 -25.86
C MET W 148 -13.06 -33.07 -25.58
N CYS W 149 -13.34 -33.28 -24.29
CA CYS W 149 -14.33 -34.25 -23.84
C CYS W 149 -15.73 -33.93 -24.35
N GLU W 150 -16.18 -32.71 -24.08
CA GLU W 150 -17.54 -32.26 -24.42
C GLU W 150 -17.88 -32.44 -25.91
N SER W 151 -16.85 -32.53 -26.74
CA SER W 151 -17.00 -32.73 -28.18
C SER W 151 -16.75 -34.17 -28.58
N LEU W 152 -15.60 -34.71 -28.20
CA LEU W 152 -15.19 -36.06 -28.60
C LEU W 152 -16.11 -37.16 -28.09
N TYR W 153 -16.47 -37.07 -26.80
CA TYR W 153 -17.19 -38.11 -26.07
C TYR W 153 -18.57 -38.49 -26.64
N GLU W 154 -18.88 -39.78 -26.52
CA GLU W 154 -20.23 -40.33 -26.69
C GLU W 154 -20.44 -41.45 -25.66
N PRO W 155 -21.69 -41.74 -25.28
CA PRO W 155 -21.89 -42.72 -24.22
C PRO W 155 -21.87 -44.16 -24.75
N ASN W 156 -21.67 -45.13 -23.86
CA ASN W 156 -21.68 -46.57 -24.19
C ASN W 156 -20.61 -47.01 -25.18
N LEU W 157 -19.38 -46.56 -24.94
CA LEU W 157 -18.26 -46.93 -25.80
C LEU W 157 -17.60 -48.23 -25.36
N GLU W 158 -17.05 -48.95 -26.33
CA GLU W 158 -16.26 -50.15 -26.05
C GLU W 158 -14.89 -49.76 -25.48
N PRO W 159 -14.22 -50.67 -24.75
CA PRO W 159 -12.91 -50.36 -24.17
C PRO W 159 -11.86 -49.92 -25.20
N GLU W 160 -11.85 -50.59 -26.36
CA GLU W 160 -10.90 -50.28 -27.43
C GLU W 160 -11.15 -48.89 -28.04
N ASP W 161 -12.42 -48.51 -28.15
CA ASP W 161 -12.81 -47.20 -28.63
C ASP W 161 -12.59 -46.12 -27.57
N LEU W 162 -12.97 -46.41 -26.32
CA LEU W 162 -12.80 -45.49 -25.21
C LEU W 162 -11.33 -45.08 -25.03
N PHE W 163 -10.42 -46.03 -25.27
CA PHE W 163 -8.99 -45.76 -25.24
C PHE W 163 -8.60 -44.65 -26.21
N GLU W 164 -9.09 -44.74 -27.45
CA GLU W 164 -8.82 -43.72 -28.46
C GLU W 164 -9.40 -42.39 -28.01
N THR W 165 -10.69 -42.40 -27.69
CA THR W 165 -11.43 -41.19 -27.33
C THR W 165 -10.86 -40.46 -26.11
N ILE W 166 -10.33 -41.19 -25.15
CA ILE W 166 -9.68 -40.55 -23.99
C ILE W 166 -8.26 -40.08 -24.30
N SER W 167 -7.51 -40.90 -25.04
CA SER W 167 -6.12 -40.56 -25.41
C SER W 167 -6.05 -39.31 -26.27
N GLN W 168 -6.98 -39.20 -27.22
CA GLN W 168 -7.05 -38.04 -28.10
C GLN W 168 -7.53 -36.80 -27.35
N ALA W 169 -8.42 -36.98 -26.39
CA ALA W 169 -8.81 -35.88 -25.53
C ALA W 169 -7.59 -35.35 -24.78
N LEU W 170 -6.86 -36.24 -24.14
CA LEU W 170 -5.69 -35.90 -23.32
C LEU W 170 -4.58 -35.24 -24.12
N LEU W 171 -4.14 -35.93 -25.17
CA LEU W 171 -3.00 -35.51 -26.00
C LEU W 171 -3.19 -34.12 -26.57
N ASN W 172 -4.28 -33.92 -27.30
CA ASN W 172 -4.58 -32.64 -27.94
C ASN W 172 -4.78 -31.50 -26.94
N ALA W 173 -5.22 -31.84 -25.74
CA ALA W 173 -5.42 -30.87 -24.68
C ALA W 173 -4.09 -30.45 -24.03
N ALA W 174 -3.18 -31.41 -23.85
CA ALA W 174 -1.86 -31.14 -23.24
C ALA W 174 -0.96 -30.32 -24.15
N ASP W 175 -1.18 -30.44 -25.46
CA ASP W 175 -0.38 -29.75 -26.45
C ASP W 175 -0.71 -28.27 -26.54
N ARG W 176 -1.81 -27.87 -25.91
CA ARG W 176 -2.18 -26.47 -25.81
C ARG W 176 -1.89 -25.89 -24.42
N ASP W 177 -1.09 -26.62 -23.63
CA ASP W 177 -0.69 -26.18 -22.28
C ASP W 177 0.81 -26.30 -22.05
N ALA W 178 1.44 -25.17 -21.72
CA ALA W 178 2.88 -25.11 -21.50
C ALA W 178 3.37 -26.03 -20.38
N LEU W 179 2.51 -26.27 -19.39
CA LEU W 179 2.93 -26.97 -18.18
C LEU W 179 2.53 -28.45 -18.13
N SER W 180 1.97 -28.96 -19.22
CA SER W 180 1.56 -30.35 -19.29
C SER W 180 2.09 -31.03 -20.53
N GLY W 181 2.20 -32.36 -20.46
CA GLY W 181 2.69 -33.16 -21.56
C GLY W 181 3.83 -34.04 -21.10
N TRP W 182 4.89 -34.09 -21.91
CA TRP W 182 6.10 -34.84 -21.58
C TRP W 182 5.85 -36.33 -21.37
N GLY W 183 4.96 -36.89 -22.18
CA GLY W 183 4.54 -38.28 -22.02
C GLY W 183 3.20 -38.39 -21.34
N ALA W 184 2.61 -39.58 -21.41
CA ALA W 184 1.28 -39.81 -20.89
C ALA W 184 1.04 -41.29 -20.68
N VAL W 185 0.16 -41.61 -19.73
CA VAL W 185 -0.24 -42.98 -19.45
C VAL W 185 -1.76 -43.08 -19.34
N VAL W 186 -2.34 -44.10 -19.97
CA VAL W 186 -3.78 -44.36 -19.94
C VAL W 186 -4.07 -45.70 -19.28
N TYR W 187 -5.07 -45.73 -18.40
CA TYR W 187 -5.55 -46.96 -17.78
C TYR W 187 -6.96 -47.30 -18.26
N ILE W 188 -7.12 -48.47 -18.88
CA ILE W 188 -8.45 -49.01 -19.20
C ILE W 188 -8.87 -50.02 -18.13
N ILE W 189 -9.98 -49.71 -17.44
CA ILE W 189 -10.50 -50.57 -16.38
C ILE W 189 -11.72 -51.35 -16.87
N LYS W 190 -11.61 -52.67 -16.83
CA LYS W 190 -12.73 -53.56 -17.12
C LYS W 190 -13.11 -54.34 -15.86
N LYS W 191 -14.19 -55.12 -15.96
CA LYS W 191 -14.69 -55.95 -14.86
C LYS W 191 -13.59 -56.76 -14.14
N ASP W 192 -12.84 -57.55 -14.91
CA ASP W 192 -11.77 -58.40 -14.38
C ASP W 192 -10.37 -57.78 -14.55
N GLU W 193 -9.90 -57.66 -15.79
CA GLU W 193 -8.55 -57.16 -16.09
C GLU W 193 -8.45 -55.64 -16.14
N VAL W 194 -7.21 -55.15 -16.02
CA VAL W 194 -6.90 -53.71 -16.17
C VAL W 194 -5.64 -53.51 -17.01
N VAL W 195 -5.78 -52.79 -18.13
CA VAL W 195 -4.67 -52.55 -19.06
C VAL W 195 -4.12 -51.13 -18.89
N LYS W 196 -2.80 -51.01 -18.86
CA LYS W 196 -2.11 -49.73 -18.74
C LYS W 196 -1.25 -49.50 -19.99
N ARG W 197 -1.39 -48.32 -20.58
CA ARG W 197 -0.65 -48.00 -21.80
C ARG W 197 0.12 -46.68 -21.68
N TYR W 198 1.30 -46.64 -22.29
CA TYR W 198 2.10 -45.41 -22.39
C TYR W 198 1.97 -44.82 -23.79
N LEU W 199 1.61 -43.54 -23.87
CA LEU W 199 1.37 -42.88 -25.14
C LEU W 199 2.60 -42.14 -25.68
N LYS W 200 2.71 -42.10 -27.01
CA LYS W 200 3.73 -41.31 -27.69
C LYS W 200 3.17 -39.92 -27.97
N MET W 201 3.81 -38.91 -27.40
CA MET W 201 3.39 -37.52 -27.62
C MET W 201 4.58 -36.59 -27.77
N ARG W 202 4.29 -35.35 -28.15
CA ARG W 202 5.29 -34.29 -28.26
C ARG W 202 6.07 -34.15 -26.96
N GLN W 203 7.39 -33.93 -27.08
CA GLN W 203 8.23 -33.78 -25.89
C GLN W 203 8.78 -32.36 -25.74
N ASP W 204 7.91 -31.36 -25.88
CA ASP W 204 8.32 -29.95 -25.80
C ASP W 204 7.45 -29.09 -24.86
N MET X 1 21.88 -18.57 -6.19
CA MET X 1 22.09 -19.66 -5.20
C MET X 1 23.36 -20.47 -5.51
N ASP X 2 23.77 -21.29 -4.54
CA ASP X 2 24.90 -22.21 -4.66
C ASP X 2 24.60 -23.34 -5.66
N ILE X 3 25.64 -24.01 -6.12
CA ILE X 3 25.49 -25.08 -7.10
C ILE X 3 25.44 -26.44 -6.43
N ILE X 4 24.33 -27.15 -6.63
CA ILE X 4 24.13 -28.51 -6.13
C ILE X 4 23.79 -29.41 -7.32
N LEU X 5 24.73 -30.27 -7.69
CA LEU X 5 24.59 -31.16 -8.85
C LEU X 5 24.73 -32.61 -8.44
N GLY X 6 24.11 -33.48 -9.23
CA GLY X 6 24.19 -34.92 -8.99
C GLY X 6 23.96 -35.72 -10.24
N ILE X 7 24.74 -36.80 -10.40
CA ILE X 7 24.62 -37.68 -11.58
C ILE X 7 24.83 -39.16 -11.24
N ARG X 8 23.86 -39.98 -11.64
CA ARG X 8 23.93 -41.43 -11.42
C ARG X 8 24.45 -42.14 -12.67
N VAL X 9 25.53 -42.90 -12.49
CA VAL X 9 26.11 -43.68 -13.59
C VAL X 9 25.79 -45.18 -13.42
N GLN X 10 26.57 -46.03 -14.09
CA GLN X 10 26.39 -47.48 -14.00
C GLN X 10 26.40 -47.97 -12.56
N ASP X 11 27.49 -47.70 -11.84
CA ASP X 11 27.71 -48.29 -10.53
C ASP X 11 27.96 -47.30 -9.40
N SER X 12 27.69 -46.02 -9.64
CA SER X 12 27.88 -44.99 -8.60
C SER X 12 27.02 -43.75 -8.77
N VAL X 13 27.00 -42.92 -7.71
CA VAL X 13 26.38 -41.61 -7.75
C VAL X 13 27.45 -40.59 -7.41
N ILE X 14 27.56 -39.54 -8.24
CA ILE X 14 28.53 -38.47 -8.01
C ILE X 14 27.80 -37.18 -7.64
N LEU X 15 28.23 -36.56 -6.54
CA LEU X 15 27.66 -35.28 -6.10
C LEU X 15 28.69 -34.15 -6.14
N ALA X 16 28.35 -33.09 -6.86
CA ALA X 16 29.21 -31.92 -6.99
C ALA X 16 28.51 -30.70 -6.39
N SER X 17 29.23 -29.99 -5.52
CA SER X 17 28.67 -28.89 -4.75
C SER X 17 29.61 -27.70 -4.67
N SER X 18 29.07 -26.50 -4.86
CA SER X 18 29.87 -25.27 -4.88
C SER X 18 30.58 -25.03 -3.55
N LYS X 19 31.78 -24.43 -3.61
CA LYS X 19 32.61 -24.21 -2.42
C LYS X 19 32.40 -22.85 -1.77
N ALA X 20 31.62 -21.99 -2.40
CA ALA X 20 31.49 -20.60 -1.96
C ALA X 20 30.34 -20.38 -0.99
N VAL X 21 30.61 -19.56 0.03
CA VAL X 21 29.59 -18.99 0.90
C VAL X 21 29.75 -17.47 0.87
N THR X 22 28.70 -16.80 0.38
CA THR X 22 28.71 -15.36 0.18
C THR X 22 27.58 -14.70 0.98
N ARG X 23 27.92 -13.67 1.75
CA ARG X 23 26.90 -12.88 2.43
C ARG X 23 27.09 -11.43 2.07
N GLY X 24 26.14 -10.88 1.33
CA GLY X 24 26.19 -9.51 0.87
C GLY X 24 27.21 -9.34 -0.23
N ILE X 25 28.18 -8.46 0.00
CA ILE X 25 29.17 -8.10 -1.01
C ILE X 25 30.52 -8.83 -0.83
N SER X 26 30.55 -9.81 0.07
CA SER X 26 31.78 -10.54 0.38
C SER X 26 31.65 -12.05 0.27
N VAL X 27 32.66 -12.68 -0.34
CA VAL X 27 32.81 -14.13 -0.32
C VAL X 27 33.59 -14.50 0.94
N LEU X 28 32.91 -15.17 1.87
CA LEU X 28 33.47 -15.42 3.20
C LEU X 28 34.33 -16.67 3.30
N LYS X 29 34.01 -17.67 2.48
CA LYS X 29 34.73 -18.94 2.48
C LYS X 29 34.71 -19.55 1.09
N ASP X 30 35.80 -20.22 0.71
CA ASP X 30 35.93 -20.83 -0.61
C ASP X 30 36.27 -22.33 -0.54
N SER X 31 36.00 -22.94 0.60
CA SER X 31 36.30 -24.35 0.82
C SER X 31 35.16 -25.05 1.56
N ASP X 32 33.96 -24.50 1.42
CA ASP X 32 32.77 -24.98 2.12
C ASP X 32 32.27 -26.32 1.57
N ASP X 33 32.29 -27.35 2.42
CA ASP X 33 31.77 -28.65 2.07
C ASP X 33 30.27 -28.65 2.34
N LYS X 34 29.46 -28.64 1.27
CA LYS X 34 28.01 -28.51 1.39
C LYS X 34 27.28 -29.85 1.39
N THR X 35 27.82 -30.79 2.17
CA THR X 35 27.29 -32.16 2.20
C THR X 35 27.38 -32.78 3.61
N ARG X 36 26.51 -33.76 3.86
CA ARG X 36 26.57 -34.56 5.09
C ARG X 36 26.47 -36.04 4.76
N GLN X 37 27.22 -36.86 5.50
CA GLN X 37 27.14 -38.31 5.38
C GLN X 37 26.09 -38.88 6.33
N LEU X 38 25.00 -39.38 5.78
CA LEU X 38 23.87 -39.85 6.57
C LEU X 38 24.11 -41.27 7.08
N SER X 39 24.80 -42.06 6.25
CA SER X 39 25.19 -43.42 6.60
C SER X 39 26.44 -43.80 5.80
N PRO X 40 26.96 -45.03 5.98
CA PRO X 40 28.14 -45.39 5.19
C PRO X 40 27.97 -45.32 3.66
N HIS X 41 26.75 -45.55 3.16
CA HIS X 41 26.49 -45.58 1.72
C HIS X 41 25.44 -44.58 1.22
N THR X 42 25.16 -43.55 2.03
CA THR X 42 24.19 -42.52 1.66
C THR X 42 24.71 -41.13 2.01
N LEU X 43 24.75 -40.26 1.00
CA LEU X 43 25.22 -38.88 1.13
C LEU X 43 24.15 -37.87 0.73
N MET X 44 24.14 -36.72 1.39
CA MET X 44 23.19 -35.65 1.10
C MET X 44 23.90 -34.32 0.91
N SER X 45 23.65 -33.68 -0.24
CA SER X 45 24.12 -32.31 -0.47
C SER X 45 22.94 -31.36 -0.31
N PHE X 46 23.21 -30.11 0.07
CA PHE X 46 22.16 -29.15 0.45
C PHE X 46 22.49 -27.69 0.12
N ALA X 47 21.48 -26.95 -0.33
CA ALA X 47 21.61 -25.51 -0.58
C ALA X 47 20.29 -24.80 -0.29
N GLY X 48 20.39 -23.52 0.07
CA GLY X 48 19.22 -22.71 0.39
C GLY X 48 19.51 -21.61 1.40
N GLU X 49 18.50 -21.27 2.20
CA GLU X 49 18.57 -20.17 3.16
C GLU X 49 19.67 -20.36 4.19
N ALA X 50 20.30 -19.25 4.57
CA ALA X 50 21.55 -19.21 5.35
C ALA X 50 21.64 -20.15 6.55
N GLY X 51 20.74 -20.00 7.52
CA GLY X 51 20.82 -20.85 8.72
C GLY X 51 20.24 -22.23 8.51
N ASP X 52 19.07 -22.28 7.86
CA ASP X 52 18.28 -23.50 7.68
C ASP X 52 19.06 -24.63 7.03
N THR X 53 19.93 -24.26 6.10
CA THR X 53 20.71 -25.20 5.30
C THR X 53 21.39 -26.32 6.13
N VAL X 54 22.33 -25.96 7.00
CA VAL X 54 23.09 -26.95 7.79
C VAL X 54 22.24 -27.58 8.91
N GLN X 55 21.47 -26.74 9.61
CA GLN X 55 20.61 -27.20 10.71
C GLN X 55 19.78 -28.42 10.31
N PHE X 56 19.13 -28.33 9.16
CA PHE X 56 18.33 -29.43 8.63
C PHE X 56 19.18 -30.66 8.34
N ALA X 57 20.28 -30.46 7.63
CA ALA X 57 21.19 -31.55 7.30
C ALA X 57 21.63 -32.32 8.55
N GLU X 58 22.07 -31.60 9.57
CA GLU X 58 22.53 -32.23 10.81
C GLU X 58 21.39 -32.88 11.61
N TYR X 59 20.20 -32.29 11.52
CA TYR X 59 19.01 -32.90 12.10
C TYR X 59 18.69 -34.25 11.43
N ILE X 60 18.81 -34.29 10.10
CA ILE X 60 18.63 -35.54 9.35
C ILE X 60 19.75 -36.54 9.66
N GLN X 61 21.00 -36.07 9.62
CA GLN X 61 22.17 -36.90 9.94
C GLN X 61 21.99 -37.65 11.27
N ALA X 62 21.65 -36.90 12.31
CA ALA X 62 21.44 -37.47 13.64
C ALA X 62 20.34 -38.54 13.64
N ASN X 63 19.23 -38.27 12.97
CA ASN X 63 18.10 -39.19 12.91
C ASN X 63 18.38 -40.54 12.23
N ILE X 64 19.16 -40.50 11.15
CA ILE X 64 19.58 -41.70 10.44
C ILE X 64 20.66 -42.44 11.25
N GLN X 65 21.57 -41.69 11.87
CA GLN X 65 22.60 -42.27 12.74
C GLN X 65 21.99 -42.91 13.99
N LEU X 66 20.87 -42.37 14.46
CA LEU X 66 20.13 -42.97 15.57
C LEU X 66 19.45 -44.27 15.14
N TYR X 67 18.93 -44.29 13.92
CA TYR X 67 18.30 -45.50 13.39
C TYR X 67 19.34 -46.60 13.24
N SER X 68 20.51 -46.24 12.73
CA SER X 68 21.60 -47.20 12.48
C SER X 68 21.99 -47.96 13.74
N ILE X 69 22.10 -47.24 14.86
CA ILE X 69 22.45 -47.83 16.14
C ILE X 69 21.31 -48.70 16.69
N ARG X 70 20.09 -48.18 16.61
CA ARG X 70 18.91 -48.89 17.15
C ARG X 70 18.69 -50.26 16.50
N GLU X 71 18.84 -50.32 15.19
CA GLU X 71 18.55 -51.54 14.44
C GLU X 71 19.79 -52.32 13.96
N ASP X 72 20.98 -51.82 14.25
CA ASP X 72 22.23 -52.40 13.75
C ASP X 72 22.12 -52.71 12.24
N TYR X 73 21.71 -51.69 11.47
CA TYR X 73 21.36 -51.87 10.07
C TYR X 73 21.38 -50.53 9.36
N GLU X 74 21.64 -50.56 8.06
CA GLU X 74 21.63 -49.36 7.24
C GLU X 74 20.38 -49.35 6.36
N LEU X 75 19.65 -48.24 6.42
CA LEU X 75 18.44 -48.05 5.62
C LEU X 75 18.78 -47.88 4.16
N SER X 76 17.87 -48.29 3.28
CA SER X 76 18.06 -48.11 1.85
C SER X 76 18.00 -46.63 1.51
N PRO X 77 18.57 -46.22 0.36
CA PRO X 77 18.43 -44.83 -0.07
C PRO X 77 16.97 -44.43 -0.23
N GLN X 78 16.16 -45.33 -0.78
CA GLN X 78 14.73 -45.12 -0.94
C GLN X 78 14.07 -44.77 0.41
N ALA X 79 14.35 -45.58 1.43
CA ALA X 79 13.85 -45.32 2.77
C ALA X 79 14.28 -43.93 3.25
N VAL X 80 15.59 -43.66 3.19
CA VAL X 80 16.14 -42.38 3.67
C VAL X 80 15.51 -41.18 2.96
N SER X 81 15.36 -41.27 1.64
CA SER X 81 14.77 -40.20 0.85
C SER X 81 13.31 -39.97 1.26
N SER X 82 12.58 -41.06 1.50
CA SER X 82 11.19 -40.98 1.93
C SER X 82 11.05 -40.33 3.30
N PHE X 83 12.06 -40.51 4.15
CA PHE X 83 12.11 -39.88 5.47
C PHE X 83 12.32 -38.38 5.32
N VAL X 84 13.31 -38.02 4.52
CA VAL X 84 13.66 -36.62 4.29
C VAL X 84 12.48 -35.87 3.68
N ARG X 85 11.82 -36.48 2.71
CA ARG X 85 10.66 -35.85 2.08
C ARG X 85 9.58 -35.52 3.09
N GLN X 86 9.23 -36.51 3.91
CA GLN X 86 8.17 -36.36 4.90
C GLN X 86 8.49 -35.22 5.86
N GLU X 87 9.75 -35.15 6.29
CA GLU X 87 10.22 -34.09 7.18
C GLU X 87 10.00 -32.70 6.59
N LEU X 88 10.35 -32.54 5.31
CA LEU X 88 10.15 -31.27 4.61
C LEU X 88 8.67 -31.00 4.43
N ALA X 89 7.94 -31.99 3.94
CA ALA X 89 6.48 -31.86 3.69
C ALA X 89 5.67 -31.48 4.94
N LYS X 90 6.20 -31.81 6.12
CA LYS X 90 5.61 -31.39 7.39
C LYS X 90 5.80 -29.91 7.62
N SER X 91 7.05 -29.48 7.56
CA SER X 91 7.46 -28.11 7.88
C SER X 91 6.85 -27.08 6.92
N ILE X 92 6.46 -27.53 5.73
CA ILE X 92 6.00 -26.60 4.71
C ILE X 92 4.73 -25.83 5.11
N ARG X 93 3.94 -26.40 6.01
CA ARG X 93 2.75 -25.72 6.53
C ARG X 93 2.89 -25.28 7.98
N SER X 94 4.13 -25.28 8.48
CA SER X 94 4.41 -24.84 9.85
C SER X 94 4.66 -23.33 9.92
N ARG X 95 4.87 -22.81 11.15
CA ARG X 95 5.09 -21.38 11.38
C ARG X 95 6.27 -20.84 10.59
N ARG X 96 7.37 -21.62 10.53
CA ARG X 96 8.53 -21.22 9.75
C ARG X 96 9.19 -22.40 9.03
N PRO X 97 8.77 -22.65 7.78
CA PRO X 97 9.24 -23.79 7.01
C PRO X 97 10.74 -23.76 6.76
N TYR X 98 11.34 -24.94 6.70
CA TYR X 98 12.71 -25.09 6.24
C TYR X 98 12.79 -24.60 4.80
N GLN X 99 13.87 -23.89 4.48
CA GLN X 99 14.11 -23.45 3.11
C GLN X 99 15.41 -24.07 2.60
N VAL X 100 15.35 -25.39 2.38
CA VAL X 100 16.53 -26.17 1.99
C VAL X 100 16.16 -27.13 0.87
N ASN X 101 16.96 -27.13 -0.19
CA ASN X 101 16.85 -28.11 -1.26
C ASN X 101 17.96 -29.14 -1.11
N VAL X 102 17.64 -30.41 -1.35
CA VAL X 102 18.61 -31.49 -1.14
C VAL X 102 18.73 -32.46 -2.31
N LEU X 103 19.89 -33.10 -2.39
CA LEU X 103 20.09 -34.27 -3.24
C LEU X 103 20.53 -35.44 -2.37
N ILE X 104 19.88 -36.58 -2.56
CA ILE X 104 20.27 -37.79 -1.85
C ILE X 104 20.97 -38.73 -2.82
N GLY X 105 22.22 -39.07 -2.52
CA GLY X 105 22.98 -40.00 -3.34
C GLY X 105 23.41 -41.21 -2.54
N GLY X 106 22.80 -42.35 -2.84
CA GLY X 106 23.09 -43.58 -2.11
C GLY X 106 23.36 -44.76 -3.01
N TYR X 107 23.83 -45.85 -2.40
CA TYR X 107 24.04 -47.11 -3.10
C TYR X 107 23.33 -48.22 -2.33
N ASP X 108 22.29 -48.79 -2.94
CA ASP X 108 21.51 -49.84 -2.28
C ASP X 108 22.29 -51.13 -2.31
N LYS X 109 22.92 -51.47 -1.18
CA LYS X 109 23.73 -52.68 -1.05
C LYS X 109 22.91 -53.95 -1.26
N LYS X 110 21.62 -53.86 -0.98
CA LYS X 110 20.69 -54.99 -1.14
C LYS X 110 20.36 -55.23 -2.63
N LYS X 111 20.24 -54.14 -3.40
CA LYS X 111 19.94 -54.23 -4.82
C LYS X 111 21.19 -54.14 -5.70
N ASN X 112 22.32 -53.77 -5.10
CA ASN X 112 23.56 -53.44 -5.83
C ASN X 112 23.34 -52.44 -6.96
N LYS X 113 22.70 -51.32 -6.62
CA LYS X 113 22.37 -50.28 -7.58
C LYS X 113 22.49 -48.88 -6.97
N PRO X 114 23.08 -47.94 -7.73
CA PRO X 114 23.15 -46.55 -7.31
C PRO X 114 21.80 -45.86 -7.47
N GLU X 115 21.49 -44.94 -6.56
CA GLU X 115 20.24 -44.19 -6.62
C GLU X 115 20.46 -42.72 -6.31
N LEU X 116 19.76 -41.86 -7.06
CA LEU X 116 19.84 -40.41 -6.86
C LEU X 116 18.45 -39.82 -6.72
N TYR X 117 18.23 -39.10 -5.63
CA TYR X 117 16.95 -38.48 -5.36
C TYR X 117 17.07 -36.98 -5.27
N GLN X 118 16.20 -36.28 -5.99
CA GLN X 118 16.09 -34.84 -5.89
C GLN X 118 14.84 -34.48 -5.10
N ILE X 119 15.03 -33.75 -4.01
CA ILE X 119 13.92 -33.28 -3.17
C ILE X 119 14.06 -31.78 -2.91
N ASP X 120 13.01 -31.03 -3.20
CA ASP X 120 13.05 -29.58 -2.97
C ASP X 120 12.42 -29.20 -1.65
N TYR X 121 12.56 -27.93 -1.28
CA TYR X 121 12.12 -27.43 0.03
C TYR X 121 10.65 -27.73 0.37
N LEU X 122 9.79 -27.83 -0.65
CA LEU X 122 8.39 -28.17 -0.44
C LEU X 122 8.16 -29.65 -0.07
N GLY X 123 9.17 -30.48 -0.34
CA GLY X 123 9.02 -31.93 -0.18
C GLY X 123 8.51 -32.59 -1.46
N THR X 124 9.00 -32.10 -2.60
CA THR X 124 8.77 -32.73 -3.88
C THR X 124 9.98 -33.62 -4.15
N LYS X 125 9.80 -34.93 -3.97
CA LYS X 125 10.86 -35.90 -4.23
C LYS X 125 10.65 -36.54 -5.59
N VAL X 126 11.77 -36.81 -6.28
CA VAL X 126 11.75 -37.48 -7.56
C VAL X 126 13.10 -38.15 -7.82
N GLU X 127 13.06 -39.40 -8.30
CA GLU X 127 14.29 -40.11 -8.66
C GLU X 127 14.71 -39.75 -10.08
N LEU X 128 16.00 -39.50 -10.27
CA LEU X 128 16.50 -39.02 -11.55
C LEU X 128 17.85 -39.64 -11.93
N PRO X 129 18.12 -39.77 -13.24
CA PRO X 129 19.44 -40.12 -13.74
C PRO X 129 20.48 -39.05 -13.38
N TYR X 130 20.09 -37.78 -13.46
CA TYR X 130 20.93 -36.66 -13.11
C TYR X 130 20.06 -35.53 -12.57
N GLY X 131 20.57 -34.82 -11.57
CA GLY X 131 19.81 -33.77 -10.90
C GLY X 131 20.58 -32.51 -10.57
N ALA X 132 19.84 -31.41 -10.41
CA ALA X 132 20.41 -30.09 -10.11
C ALA X 132 19.41 -29.21 -9.37
N HIS X 133 19.90 -28.39 -8.45
CA HIS X 133 19.05 -27.44 -7.72
C HIS X 133 19.44 -26.00 -7.99
N GLY X 134 18.43 -25.14 -8.05
CA GLY X 134 18.62 -23.69 -8.23
C GLY X 134 18.64 -23.29 -9.69
N TYR X 135 19.53 -22.37 -10.02
CA TYR X 135 19.68 -21.90 -11.39
C TYR X 135 20.61 -22.80 -12.20
N SER X 136 21.33 -23.66 -11.49
CA SER X 136 22.28 -24.60 -12.11
C SER X 136 21.60 -25.43 -13.17
N GLY X 137 20.42 -25.95 -12.83
CA GLY X 137 19.67 -26.83 -13.70
C GLY X 137 19.34 -26.25 -15.05
N PHE X 138 19.19 -24.92 -15.11
CA PHE X 138 18.86 -24.23 -16.36
C PHE X 138 19.93 -24.38 -17.41
N TYR X 139 21.12 -24.80 -17.00
CA TYR X 139 22.22 -25.05 -17.93
C TYR X 139 22.53 -26.53 -18.06
N THR X 140 22.52 -27.24 -16.94
CA THR X 140 23.00 -28.62 -16.91
C THR X 140 22.02 -29.64 -17.51
N PHE X 141 20.72 -29.48 -17.22
CA PHE X 141 19.72 -30.43 -17.69
C PHE X 141 19.78 -30.71 -19.20
N SER X 142 19.82 -29.65 -20.00
CA SER X 142 19.87 -29.79 -21.45
C SER X 142 21.22 -30.32 -21.93
N LEU X 143 22.27 -30.02 -21.17
CA LEU X 143 23.63 -30.47 -21.47
C LEU X 143 23.73 -31.97 -21.25
N LEU X 144 23.13 -32.44 -20.15
CA LEU X 144 23.14 -33.87 -19.81
C LEU X 144 22.13 -34.64 -20.66
N ASP X 145 20.98 -34.02 -20.93
CA ASP X 145 20.01 -34.56 -21.89
C ASP X 145 20.72 -35.07 -23.15
N HIS X 146 21.85 -34.42 -23.48
CA HIS X 146 22.59 -34.66 -24.72
C HIS X 146 23.75 -35.64 -24.49
N HIS X 147 24.54 -35.39 -23.45
CA HIS X 147 25.77 -36.12 -23.21
C HIS X 147 25.66 -37.33 -22.27
N TYR X 148 24.48 -37.56 -21.70
CA TYR X 148 24.29 -38.64 -20.73
C TYR X 148 23.95 -39.99 -21.35
N ARG X 149 24.63 -41.02 -20.88
CA ARG X 149 24.32 -42.42 -21.18
C ARG X 149 24.20 -43.18 -19.86
N PRO X 150 23.25 -44.14 -19.76
CA PRO X 150 22.98 -44.79 -18.48
C PRO X 150 24.00 -45.86 -18.07
N ASP X 151 24.93 -46.18 -18.97
CA ASP X 151 25.88 -47.27 -18.75
C ASP X 151 27.32 -46.81 -18.50
N MET X 152 27.51 -45.50 -18.32
CA MET X 152 28.83 -44.90 -18.17
C MET X 152 29.58 -45.37 -16.94
N THR X 153 30.89 -45.45 -17.03
CA THR X 153 31.75 -45.75 -15.89
C THR X 153 31.85 -44.52 -14.99
N THR X 154 32.37 -44.70 -13.77
CA THR X 154 32.53 -43.57 -12.84
C THR X 154 33.50 -42.54 -13.41
N GLU X 155 34.52 -43.01 -14.13
CA GLU X 155 35.50 -42.15 -14.79
C GLU X 155 34.86 -41.25 -15.86
N GLU X 156 33.96 -41.82 -16.64
CA GLU X 156 33.21 -41.06 -17.64
C GLU X 156 32.25 -40.06 -17.00
N GLY X 157 31.69 -40.45 -15.86
CA GLY X 157 30.78 -39.60 -15.09
C GLY X 157 31.45 -38.32 -14.61
N LEU X 158 32.71 -38.43 -14.19
CA LEU X 158 33.49 -37.27 -13.76
C LEU X 158 33.81 -36.33 -14.93
N ASP X 159 34.01 -36.89 -16.12
CA ASP X 159 34.18 -36.10 -17.34
C ASP X 159 32.92 -35.30 -17.69
N LEU X 160 31.76 -35.90 -17.41
CA LEU X 160 30.47 -35.30 -17.70
C LEU X 160 30.16 -34.17 -16.72
N LEU X 161 30.60 -34.30 -15.47
CA LEU X 161 30.48 -33.23 -14.49
C LEU X 161 31.36 -32.05 -14.84
N LYS X 162 32.57 -32.35 -15.31
CA LYS X 162 33.54 -31.31 -15.65
C LYS X 162 33.01 -30.42 -16.76
N LEU X 163 32.22 -31.02 -17.65
CA LEU X 163 31.61 -30.31 -18.77
C LEU X 163 30.47 -29.39 -18.29
N CYS X 164 29.85 -29.76 -17.16
CA CYS X 164 28.82 -28.93 -16.53
C CYS X 164 29.45 -27.75 -15.79
N VAL X 165 30.46 -28.05 -14.98
CA VAL X 165 31.17 -27.05 -14.19
C VAL X 165 31.82 -25.99 -15.08
N GLN X 166 32.42 -26.41 -16.19
CA GLN X 166 33.00 -25.48 -17.18
C GLN X 166 31.93 -24.59 -17.80
N GLU X 167 30.77 -25.18 -18.10
CA GLU X 167 29.63 -24.45 -18.64
C GLU X 167 29.14 -23.39 -17.66
N LEU X 168 29.02 -23.79 -16.39
CA LEU X 168 28.54 -22.90 -15.34
C LEU X 168 29.55 -21.80 -15.00
N GLU X 169 30.84 -22.10 -15.14
CA GLU X 169 31.89 -21.11 -14.95
C GLU X 169 31.94 -20.11 -16.10
N LYS X 170 31.37 -20.48 -17.25
CA LYS X 170 31.34 -19.60 -18.41
C LYS X 170 30.10 -18.70 -18.46
N ARG X 171 28.95 -19.25 -18.09
CA ARG X 171 27.68 -18.57 -18.34
C ARG X 171 26.89 -18.09 -17.10
N MET X 172 27.46 -18.26 -15.91
CA MET X 172 26.79 -17.80 -14.69
C MET X 172 27.50 -16.63 -14.02
N PRO X 173 26.73 -15.65 -13.50
CA PRO X 173 27.29 -14.40 -13.00
C PRO X 173 28.06 -14.56 -11.69
N MET X 174 27.69 -15.55 -10.89
CA MET X 174 28.32 -15.79 -9.59
C MET X 174 29.63 -16.55 -9.75
N ASP X 175 30.66 -16.14 -9.00
CA ASP X 175 31.87 -16.94 -8.86
C ASP X 175 31.60 -17.86 -7.67
N PHE X 176 31.37 -19.15 -7.96
CA PHE X 176 31.03 -20.11 -6.92
C PHE X 176 32.26 -20.87 -6.40
N LYS X 177 33.45 -20.41 -6.81
CA LYS X 177 34.72 -20.90 -6.28
C LYS X 177 34.96 -22.41 -6.44
N GLY X 178 34.55 -22.96 -7.57
CA GLY X 178 34.75 -24.37 -7.87
C GLY X 178 33.81 -25.30 -7.15
N VAL X 179 34.07 -26.61 -7.25
CA VAL X 179 33.21 -27.62 -6.62
C VAL X 179 33.99 -28.65 -5.82
N ILE X 180 33.34 -29.22 -4.81
CA ILE X 180 33.80 -30.42 -4.13
C ILE X 180 33.00 -31.61 -4.67
N VAL X 181 33.71 -32.65 -5.08
CA VAL X 181 33.11 -33.79 -5.77
C VAL X 181 33.22 -35.03 -4.89
N LYS X 182 32.12 -35.76 -4.74
CA LYS X 182 32.11 -36.99 -3.94
C LYS X 182 31.43 -38.16 -4.65
N ILE X 183 32.04 -39.35 -4.53
CA ILE X 183 31.51 -40.57 -5.14
C ILE X 183 30.85 -41.47 -4.10
N VAL X 184 29.67 -42.01 -4.46
CA VAL X 184 28.95 -42.98 -3.64
C VAL X 184 28.84 -44.29 -4.42
N ASP X 185 29.65 -45.28 -4.05
CA ASP X 185 29.61 -46.61 -4.70
C ASP X 185 29.44 -47.74 -3.68
N LYS X 186 29.79 -48.96 -4.10
CA LYS X 186 29.69 -50.14 -3.23
C LYS X 186 30.64 -50.10 -2.04
N ASP X 187 31.74 -49.37 -2.19
CA ASP X 187 32.75 -49.26 -1.13
C ASP X 187 32.54 -48.03 -0.26
N GLY X 188 31.38 -47.40 -0.40
CA GLY X 188 31.00 -46.27 0.45
C GLY X 188 31.17 -44.91 -0.19
N ILE X 189 31.69 -43.97 0.58
CA ILE X 189 31.82 -42.57 0.16
C ILE X 189 33.28 -42.11 0.22
N ARG X 190 33.73 -41.43 -0.83
CA ARG X 190 35.07 -40.83 -0.89
C ARG X 190 35.07 -39.52 -1.67
N GLN X 191 36.10 -38.70 -1.44
CA GLN X 191 36.20 -37.37 -2.05
C GLN X 191 37.31 -37.28 -3.11
N VAL X 192 36.97 -36.73 -4.27
CA VAL X 192 37.92 -36.55 -5.36
C VAL X 192 38.70 -35.24 -5.14
N ASP X 193 39.79 -35.35 -4.39
CA ASP X 193 40.53 -34.18 -3.91
C ASP X 193 41.17 -33.30 -4.99
N ASP X 194 41.46 -33.88 -6.15
CA ASP X 194 42.17 -33.15 -7.22
C ASP X 194 41.29 -32.69 -8.40
N PHE X 195 40.06 -32.27 -8.11
CA PHE X 195 39.14 -31.83 -9.17
C PHE X 195 39.45 -30.43 -9.69
N GLN X 196 39.93 -29.56 -8.80
CA GLN X 196 40.26 -28.15 -9.10
C GLN X 196 40.95 -27.95 -10.45
N ALA X 197 42.22 -28.38 -10.55
CA ALA X 197 42.99 -28.29 -11.79
C ALA X 197 43.25 -29.68 -12.38
N GLN X 198 42.16 -30.41 -12.65
CA GLN X 198 42.22 -31.80 -13.12
C GLN X 198 42.76 -31.93 -14.55
N THR Y 1 30.92 -0.88 12.81
CA THR Y 1 31.98 -1.83 13.15
C THR Y 1 32.85 -2.27 11.98
N THR Y 2 34.12 -2.44 12.29
CA THR Y 2 35.00 -3.32 11.57
C THR Y 2 35.62 -4.23 12.61
N THR Y 3 35.64 -5.53 12.37
CA THR Y 3 36.36 -6.41 13.24
C THR Y 3 36.94 -7.52 12.44
N LEU Y 4 38.09 -8.02 12.86
CA LEU Y 4 38.74 -9.10 12.14
C LEU Y 4 39.39 -10.10 13.04
N ALA Y 5 39.71 -11.25 12.50
CA ALA Y 5 40.47 -12.28 13.18
C ALA Y 5 41.12 -13.18 12.13
N PHE Y 6 42.41 -13.42 12.28
CA PHE Y 6 43.09 -14.34 11.38
C PHE Y 6 44.01 -15.33 12.10
N ARG Y 7 44.41 -16.37 11.37
CA ARG Y 7 45.24 -17.44 11.91
C ARG Y 7 46.58 -17.48 11.19
N PHE Y 8 47.67 -17.64 11.95
CA PHE Y 8 49.02 -17.68 11.39
C PHE Y 8 49.94 -18.62 12.16
N GLN Y 9 51.22 -18.64 11.76
CA GLN Y 9 52.26 -19.45 12.39
C GLN Y 9 52.25 -19.41 13.93
N GLY Y 10 52.05 -18.22 14.49
CA GLY Y 10 52.14 -18.01 15.93
C GLY Y 10 50.83 -17.77 16.65
N GLY Y 11 49.76 -18.37 16.13
CA GLY Y 11 48.45 -18.34 16.79
C GLY Y 11 47.38 -17.55 16.07
N ILE Y 12 46.70 -16.69 16.82
CA ILE Y 12 45.59 -15.89 16.30
C ILE Y 12 45.78 -14.40 16.63
N ILE Y 13 45.42 -13.55 15.67
CA ILE Y 13 45.33 -12.11 15.88
C ILE Y 13 43.86 -11.70 15.81
N VAL Y 14 43.41 -10.93 16.80
CA VAL Y 14 42.07 -10.34 16.77
C VAL Y 14 42.16 -8.83 16.95
N ALA Y 15 41.49 -8.10 16.06
CA ALA Y 15 41.46 -6.64 16.09
C ALA Y 15 40.07 -6.09 15.82
N VAL Y 16 39.70 -5.06 16.59
CA VAL Y 16 38.37 -4.45 16.49
C VAL Y 16 38.45 -2.91 16.54
N ASP Y 17 37.47 -2.26 15.92
CA ASP Y 17 37.29 -0.83 16.12
C ASP Y 17 36.51 -0.61 17.42
N SER Y 18 36.10 0.62 17.71
CA SER Y 18 35.36 0.89 18.94
C SER Y 18 34.21 1.88 18.76
N ARG Y 19 33.97 2.27 17.51
CA ARG Y 19 32.85 3.16 17.18
C ARG Y 19 31.49 2.47 17.36
N ALA Y 20 30.54 3.24 17.88
CA ALA Y 20 29.16 2.80 18.04
C ALA Y 20 28.27 3.91 17.48
N THR Y 21 27.40 3.56 16.55
CA THR Y 21 26.59 4.58 15.88
C THR Y 21 25.09 4.32 16.00
N ALA Y 22 24.34 5.40 16.18
CA ALA Y 22 22.90 5.40 16.02
C ALA Y 22 22.60 6.23 14.78
N GLY Y 23 22.62 5.56 13.63
CA GLY Y 23 22.44 6.24 12.35
C GLY Y 23 23.69 6.99 11.94
N ASN Y 24 23.55 8.30 11.74
CA ASN Y 24 24.67 9.18 11.45
C ASN Y 24 25.33 9.70 12.72
N TRP Y 25 24.56 9.65 13.81
CA TRP Y 25 25.04 10.04 15.11
C TRP Y 25 26.05 9.01 15.62
N VAL Y 26 27.24 9.52 15.96
CA VAL Y 26 28.28 8.70 16.58
C VAL Y 26 27.96 8.64 18.06
N ALA Y 27 27.47 7.48 18.50
CA ALA Y 27 27.03 7.32 19.88
C ALA Y 27 28.19 7.14 20.84
N SER Y 28 29.23 6.44 20.39
CA SER Y 28 30.38 6.15 21.24
C SER Y 28 31.64 5.93 20.42
N GLN Y 29 32.78 6.37 20.96
CA GLN Y 29 34.07 6.11 20.32
C GLN Y 29 34.87 5.06 21.09
N THR Y 30 34.43 4.77 22.32
CA THR Y 30 35.14 3.81 23.17
C THR Y 30 34.24 2.66 23.61
N VAL Y 31 34.15 1.63 22.76
CA VAL Y 31 33.35 0.45 23.06
C VAL Y 31 34.22 -0.80 22.99
N LYS Y 32 34.13 -1.62 24.03
CA LYS Y 32 34.80 -2.92 24.03
C LYS Y 32 34.05 -3.88 23.14
N LYS Y 33 34.64 -4.22 22.00
CA LYS Y 33 34.00 -5.13 21.04
C LYS Y 33 34.55 -6.55 21.14
N VAL Y 34 35.49 -6.75 22.06
CA VAL Y 34 35.99 -8.08 22.36
C VAL Y 34 35.60 -8.46 23.79
N ILE Y 35 34.92 -9.60 23.93
CA ILE Y 35 34.60 -10.14 25.25
C ILE Y 35 35.48 -11.35 25.54
N GLU Y 36 36.29 -11.22 26.58
CA GLU Y 36 37.13 -12.30 27.06
C GLU Y 36 36.24 -13.28 27.84
N ILE Y 37 35.98 -14.44 27.24
CA ILE Y 37 35.13 -15.46 27.86
C ILE Y 37 35.88 -16.16 29.00
N ASN Y 38 37.03 -16.73 28.67
CA ASN Y 38 37.98 -17.23 29.66
C ASN Y 38 39.42 -16.89 29.20
N PRO Y 39 40.44 -17.31 29.97
CA PRO Y 39 41.81 -17.02 29.53
C PRO Y 39 42.16 -17.57 28.15
N PHE Y 40 41.26 -18.38 27.58
CA PHE Y 40 41.53 -19.07 26.31
C PHE Y 40 40.51 -18.80 25.19
N LEU Y 41 39.40 -18.16 25.51
CA LEU Y 41 38.33 -17.89 24.54
C LEU Y 41 37.95 -16.42 24.42
N LEU Y 42 37.92 -15.93 23.18
CA LEU Y 42 37.51 -14.56 22.86
C LEU Y 42 36.30 -14.52 21.94
N GLY Y 43 35.48 -13.49 22.09
CA GLY Y 43 34.34 -13.23 21.22
C GLY Y 43 34.31 -11.79 20.75
N THR Y 44 34.20 -11.60 19.44
CA THR Y 44 34.13 -10.27 18.83
C THR Y 44 32.69 -9.91 18.53
N MET Y 45 32.36 -8.62 18.55
CA MET Y 45 30.98 -8.16 18.36
C MET Y 45 30.83 -7.25 17.14
N ALA Y 46 29.74 -7.45 16.40
CA ALA Y 46 29.37 -6.58 15.27
C ALA Y 46 27.88 -6.72 14.99
N GLY Y 47 27.23 -5.60 14.70
CA GLY Y 47 25.80 -5.57 14.46
C GLY Y 47 25.12 -4.73 15.52
N GLY Y 48 24.03 -5.26 16.08
CA GLY Y 48 23.28 -4.58 17.14
C GLY Y 48 24.04 -4.68 18.44
N ALA Y 49 24.36 -3.52 19.01
CA ALA Y 49 25.24 -3.40 20.17
C ALA Y 49 24.73 -4.17 21.37
N ALA Y 50 23.43 -4.08 21.62
CA ALA Y 50 22.79 -4.79 22.71
C ALA Y 50 22.74 -6.28 22.46
N ASP Y 51 22.41 -6.67 21.22
CA ASP Y 51 22.28 -8.09 20.87
C ASP Y 51 23.57 -8.86 21.13
N CYS Y 52 24.68 -8.32 20.64
CA CYS Y 52 25.99 -8.93 20.85
C CYS Y 52 26.34 -8.95 22.33
N GLN Y 53 26.21 -7.80 22.97
CA GLN Y 53 26.65 -7.62 24.34
C GLN Y 53 25.96 -8.56 25.33
N PHE Y 54 24.63 -8.69 25.19
CA PHE Y 54 23.82 -9.53 26.06
C PHE Y 54 24.12 -11.01 25.85
N TRP Y 55 24.05 -11.44 24.59
CA TRP Y 55 24.14 -12.86 24.26
C TRP Y 55 25.55 -13.41 24.36
N GLU Y 56 26.53 -12.57 24.06
CA GLU Y 56 27.92 -12.98 24.25
C GLU Y 56 28.31 -12.98 25.73
N THR Y 57 27.59 -12.23 26.56
CA THR Y 57 27.75 -12.32 28.01
C THR Y 57 27.07 -13.61 28.47
N TRP Y 58 25.90 -13.90 27.91
CA TRP Y 58 25.18 -15.15 28.17
C TRP Y 58 26.03 -16.35 27.79
N LEU Y 59 26.71 -16.25 26.65
CA LEU Y 59 27.65 -17.28 26.21
C LEU Y 59 28.66 -17.59 27.32
N GLY Y 60 29.30 -16.55 27.85
CA GLY Y 60 30.30 -16.69 28.91
C GLY Y 60 29.82 -17.54 30.08
N SER Y 61 28.58 -17.32 30.49
CA SER Y 61 27.96 -18.10 31.54
C SER Y 61 27.89 -19.59 31.19
N GLN Y 62 27.53 -19.89 29.94
CA GLN Y 62 27.44 -21.29 29.50
C GLN Y 62 28.82 -21.95 29.46
N CYS Y 63 29.84 -21.20 29.03
CA CYS Y 63 31.21 -21.70 28.97
C CYS Y 63 31.80 -21.98 30.35
N ARG Y 64 31.37 -21.20 31.34
CA ARG Y 64 31.72 -21.42 32.74
C ARG Y 64 31.00 -22.66 33.29
N LEU Y 65 29.74 -22.81 32.88
CA LEU Y 65 28.88 -23.90 33.34
C LEU Y 65 29.32 -25.24 32.76
N HIS Y 66 29.87 -25.22 31.55
CA HIS Y 66 30.48 -26.41 30.96
C HIS Y 66 31.74 -26.82 31.72
N GLU Y 67 32.49 -25.84 32.22
CA GLU Y 67 33.69 -26.11 33.04
C GLU Y 67 33.37 -26.81 34.35
N LEU Y 68 32.22 -26.46 34.93
CA LEU Y 68 31.78 -27.04 36.19
C LEU Y 68 31.23 -28.45 36.01
N ARG Y 69 30.49 -28.65 34.93
CA ARG Y 69 29.80 -29.91 34.64
C ARG Y 69 30.75 -31.00 34.19
N GLU Y 70 31.64 -30.64 33.27
CA GLU Y 70 32.48 -31.61 32.57
C GLU Y 70 33.92 -31.67 33.09
N LYS Y 71 34.24 -30.76 34.01
CA LYS Y 71 35.57 -30.68 34.61
C LYS Y 71 36.63 -30.52 33.52
N GLU Y 72 36.33 -29.66 32.55
CA GLU Y 72 37.13 -29.52 31.34
C GLU Y 72 36.70 -28.25 30.61
N ARG Y 73 37.66 -27.49 30.11
CA ARG Y 73 37.36 -26.23 29.41
C ARG Y 73 36.66 -26.48 28.08
N ILE Y 74 35.64 -25.68 27.80
CA ILE Y 74 34.82 -25.84 26.59
C ILE Y 74 35.62 -25.62 25.30
N SER Y 75 35.36 -26.47 24.31
CA SER Y 75 36.00 -26.36 23.00
C SER Y 75 35.41 -25.21 22.21
N VAL Y 76 36.24 -24.61 21.34
CA VAL Y 76 35.80 -23.50 20.49
C VAL Y 76 34.59 -23.90 19.64
N ALA Y 77 34.64 -25.11 19.09
CA ALA Y 77 33.56 -25.67 18.28
C ALA Y 77 32.23 -25.63 19.04
N ALA Y 78 32.24 -26.23 20.24
CA ALA Y 78 31.07 -26.27 21.10
C ALA Y 78 30.63 -24.88 21.56
N ALA Y 79 31.62 -24.03 21.90
CA ALA Y 79 31.37 -22.67 22.33
C ALA Y 79 30.64 -21.86 21.26
N SER Y 80 31.10 -22.00 20.02
CA SER Y 80 30.48 -21.31 18.90
C SER Y 80 29.08 -21.85 18.64
N LYS Y 81 28.92 -23.14 18.84
CA LYS Y 81 27.65 -23.79 18.55
C LYS Y 81 26.60 -23.53 19.63
N ILE Y 82 27.02 -23.14 20.83
CA ILE Y 82 26.05 -22.70 21.85
C ILE Y 82 25.37 -21.42 21.34
N LEU Y 83 26.19 -20.42 21.00
CA LEU Y 83 25.69 -19.17 20.44
C LEU Y 83 24.85 -19.42 19.18
N SER Y 84 25.44 -20.10 18.21
CA SER Y 84 24.80 -20.40 16.92
C SER Y 84 23.43 -21.06 17.06
N ASN Y 85 23.29 -22.00 17.98
CA ASN Y 85 22.02 -22.70 18.20
C ASN Y 85 20.97 -21.82 18.85
N LEU Y 86 21.41 -20.96 19.78
CA LEU Y 86 20.55 -19.99 20.42
C LEU Y 86 20.01 -19.02 19.38
N VAL Y 87 20.92 -18.38 18.65
CA VAL Y 87 20.58 -17.37 17.68
C VAL Y 87 19.67 -17.90 16.56
N TYR Y 88 19.73 -19.20 16.30
CA TYR Y 88 18.86 -19.85 15.31
C TYR Y 88 17.41 -19.94 15.79
N GLN Y 89 17.22 -20.16 17.09
CA GLN Y 89 15.88 -20.17 17.70
C GLN Y 89 15.16 -18.86 17.48
N TYR Y 90 15.93 -17.77 17.37
CA TYR Y 90 15.41 -16.42 17.19
C TYR Y 90 15.41 -15.97 15.73
N LYS Y 91 15.74 -16.88 14.81
CA LYS Y 91 15.74 -16.55 13.39
C LYS Y 91 14.34 -16.09 12.98
N GLY Y 92 14.28 -14.91 12.36
CA GLY Y 92 13.01 -14.28 12.01
C GLY Y 92 12.58 -13.19 12.97
N ALA Y 93 13.02 -13.29 14.23
CA ALA Y 93 12.64 -12.34 15.28
C ALA Y 93 13.36 -11.00 15.21
N GLY Y 94 14.33 -10.88 14.31
CA GLY Y 94 14.97 -9.59 14.07
C GLY Y 94 16.28 -9.33 14.81
N LEU Y 95 16.85 -10.37 15.42
CA LEU Y 95 18.16 -10.27 16.03
C LEU Y 95 19.20 -9.93 14.97
N SER Y 96 20.09 -9.02 15.30
CA SER Y 96 21.10 -8.58 14.33
C SER Y 96 22.50 -8.59 14.93
N MET Y 97 23.24 -9.66 14.63
CA MET Y 97 24.62 -9.82 15.08
C MET Y 97 25.48 -10.63 14.10
N GLY Y 98 26.75 -10.25 14.02
CA GLY Y 98 27.76 -10.96 13.27
C GLY Y 98 28.98 -11.00 14.17
N THR Y 99 29.45 -12.21 14.46
CA THR Y 99 30.42 -12.38 15.54
C THR Y 99 31.44 -13.48 15.24
N MET Y 100 32.66 -13.31 15.75
CA MET Y 100 33.67 -14.36 15.67
C MET Y 100 34.00 -14.90 17.05
N ILE Y 101 34.20 -16.20 17.13
CA ILE Y 101 34.59 -16.86 18.37
C ILE Y 101 35.94 -17.54 18.16
N CYS Y 102 36.93 -17.08 18.92
CA CYS Y 102 38.32 -17.49 18.73
C CYS Y 102 38.90 -18.01 20.03
N GLY Y 103 39.75 -19.02 19.94
CA GLY Y 103 40.39 -19.57 21.12
C GLY Y 103 41.32 -20.73 20.87
N TYR Y 104 42.06 -21.11 21.90
CA TYR Y 104 42.97 -22.26 21.86
C TYR Y 104 42.50 -23.35 22.81
N THR Y 105 42.46 -24.58 22.29
CA THR Y 105 42.35 -25.79 23.11
C THR Y 105 43.39 -26.77 22.60
N ARG Y 106 43.78 -27.74 23.43
CA ARG Y 106 44.75 -28.75 23.02
C ARG Y 106 44.19 -29.63 21.89
N LYS Y 107 42.89 -29.90 21.95
CA LYS Y 107 42.17 -30.64 20.92
C LYS Y 107 42.30 -29.99 19.55
N GLU Y 108 41.90 -28.72 19.48
CA GLU Y 108 41.70 -28.02 18.21
C GLU Y 108 42.89 -27.15 17.78
N GLY Y 109 43.64 -26.65 18.75
CA GLY Y 109 44.69 -25.67 18.49
C GLY Y 109 44.08 -24.29 18.33
N PRO Y 110 44.67 -23.44 17.47
CA PRO Y 110 44.07 -22.14 17.17
C PRO Y 110 42.89 -22.31 16.22
N THR Y 111 41.74 -21.75 16.59
CA THR Y 111 40.51 -21.95 15.82
C THR Y 111 39.66 -20.67 15.79
N ILE Y 112 39.13 -20.34 14.61
CA ILE Y 112 38.23 -19.22 14.43
C ILE Y 112 36.88 -19.71 13.91
N TYR Y 113 35.80 -19.22 14.53
CA TYR Y 113 34.45 -19.53 14.09
C TYR Y 113 33.63 -18.27 13.83
N TYR Y 114 33.10 -18.14 12.62
CA TYR Y 114 32.19 -17.05 12.28
C TYR Y 114 30.75 -17.48 12.60
N VAL Y 115 30.05 -16.67 13.37
CA VAL Y 115 28.67 -16.92 13.74
C VAL Y 115 27.83 -15.66 13.53
N ASP Y 116 26.76 -15.77 12.74
CA ASP Y 116 25.86 -14.63 12.52
C ASP Y 116 24.40 -14.96 12.80
N SER Y 117 23.61 -13.92 13.02
CA SER Y 117 22.21 -14.07 13.42
C SER Y 117 21.32 -14.71 12.36
N ASP Y 118 21.86 -14.90 11.16
CA ASP Y 118 21.17 -15.66 10.11
C ASP Y 118 21.16 -17.15 10.42
N GLY Y 119 22.06 -17.58 11.31
CA GLY Y 119 22.19 -18.99 11.67
C GLY Y 119 23.41 -19.66 11.06
N THR Y 120 24.22 -18.86 10.36
CA THR Y 120 25.43 -19.31 9.69
C THR Y 120 26.60 -19.45 10.67
N ARG Y 121 27.19 -20.65 10.70
CA ARG Y 121 28.39 -20.92 11.48
C ARG Y 121 29.47 -21.50 10.58
N LEU Y 122 30.62 -20.84 10.52
CA LEU Y 122 31.71 -21.23 9.62
C LEU Y 122 33.07 -21.28 10.30
N LYS Y 123 33.84 -22.32 9.98
CA LYS Y 123 35.22 -22.43 10.41
C LYS Y 123 36.11 -21.87 9.31
N GLY Y 124 37.13 -21.11 9.70
CA GLY Y 124 38.04 -20.53 8.71
C GLY Y 124 39.28 -19.91 9.34
N ASP Y 125 40.23 -19.53 8.49
CA ASP Y 125 41.48 -18.93 8.93
C ASP Y 125 41.43 -17.40 8.98
N ILE Y 126 40.75 -16.78 8.01
CA ILE Y 126 40.66 -15.32 7.92
C ILE Y 126 39.21 -14.82 7.82
N PHE Y 127 38.78 -14.02 8.80
CA PHE Y 127 37.46 -13.39 8.76
C PHE Y 127 37.51 -11.89 9.06
N CYS Y 128 36.65 -11.13 8.37
CA CYS Y 128 36.40 -9.72 8.67
C CYS Y 128 34.89 -9.52 8.70
N VAL Y 129 34.40 -8.92 9.78
CA VAL Y 129 32.96 -8.82 10.02
C VAL Y 129 32.54 -7.38 10.28
N GLY Y 130 31.33 -7.03 9.82
CA GLY Y 130 30.76 -5.70 10.02
C GLY Y 130 30.79 -4.86 8.76
N SER Y 131 30.35 -3.61 8.87
CA SER Y 131 30.26 -2.70 7.73
C SER Y 131 31.61 -2.32 7.13
N GLY Y 132 32.65 -2.22 7.96
CA GLY Y 132 33.98 -1.87 7.48
C GLY Y 132 34.79 -3.03 6.90
N GLN Y 133 34.28 -4.24 7.03
CA GLN Y 133 34.97 -5.48 6.64
C GLN Y 133 35.66 -5.49 5.28
N THR Y 134 35.03 -4.87 4.28
CA THR Y 134 35.55 -4.91 2.91
C THR Y 134 36.82 -4.08 2.78
N PHE Y 135 36.91 -3.04 3.59
CA PHE Y 135 38.12 -2.23 3.64
C PHE Y 135 39.24 -2.99 4.36
N ALA Y 136 38.84 -3.77 5.37
CA ALA Y 136 39.74 -4.63 6.14
C ALA Y 136 40.35 -5.74 5.28
N TYR Y 137 39.49 -6.45 4.54
CA TYR Y 137 39.91 -7.53 3.64
C TYR Y 137 40.98 -7.09 2.65
N GLY Y 138 40.80 -5.88 2.10
CA GLY Y 138 41.70 -5.35 1.07
C GLY Y 138 43.14 -5.26 1.53
N VAL Y 139 43.35 -4.79 2.76
CA VAL Y 139 44.67 -4.64 3.34
C VAL Y 139 45.17 -5.98 3.84
N LEU Y 140 44.27 -6.78 4.40
CA LEU Y 140 44.63 -8.06 5.01
C LEU Y 140 45.03 -9.10 3.97
N ASP Y 141 44.13 -9.38 3.03
CA ASP Y 141 44.39 -10.36 1.96
C ASP Y 141 45.65 -10.04 1.15
N SER Y 142 45.98 -8.75 1.04
CA SER Y 142 47.10 -8.30 0.22
C SER Y 142 48.45 -8.36 0.93
N ASN Y 143 48.42 -8.54 2.25
CA ASN Y 143 49.64 -8.63 3.05
C ASN Y 143 49.81 -9.94 3.79
N TYR Y 144 48.72 -10.69 3.92
CA TYR Y 144 48.73 -11.93 4.69
C TYR Y 144 49.65 -12.99 4.12
N LYS Y 145 50.62 -13.41 4.93
CA LYS Y 145 51.29 -14.69 4.75
C LYS Y 145 51.04 -15.50 6.00
N TRP Y 146 51.16 -16.82 5.89
CA TRP Y 146 51.09 -17.71 7.06
C TRP Y 146 52.33 -17.53 7.95
N ASP Y 147 53.45 -17.17 7.32
CA ASP Y 147 54.75 -17.14 7.98
C ASP Y 147 55.12 -15.77 8.55
N LEU Y 148 54.10 -14.99 8.92
CA LEU Y 148 54.30 -13.70 9.57
C LEU Y 148 54.77 -13.88 11.00
N SER Y 149 55.70 -13.03 11.43
CA SER Y 149 56.17 -13.03 12.82
C SER Y 149 55.11 -12.42 13.73
N VAL Y 150 55.12 -12.80 15.00
CA VAL Y 150 54.18 -12.30 16.00
C VAL Y 150 54.07 -10.77 15.96
N GLU Y 151 55.22 -10.10 15.96
CA GLU Y 151 55.31 -8.64 15.91
C GLU Y 151 54.68 -8.04 14.65
N ASP Y 152 54.88 -8.69 13.51
CA ASP Y 152 54.35 -8.23 12.22
C ASP Y 152 52.87 -8.56 12.04
N ALA Y 153 52.47 -9.72 12.54
CA ALA Y 153 51.07 -10.14 12.49
C ALA Y 153 50.22 -9.23 13.34
N LEU Y 154 50.78 -8.74 14.45
CA LEU Y 154 50.11 -7.75 15.27
C LEU Y 154 49.93 -6.44 14.50
N TYR Y 155 51.02 -5.94 13.92
CA TYR Y 155 50.97 -4.71 13.14
C TYR Y 155 49.96 -4.79 11.99
N LEU Y 156 50.06 -5.85 11.18
CA LEU Y 156 49.14 -6.05 10.07
C LEU Y 156 47.69 -5.99 10.52
N GLY Y 157 47.35 -6.81 11.50
CA GLY Y 157 46.01 -6.84 12.08
C GLY Y 157 45.51 -5.46 12.46
N LYS Y 158 46.37 -4.70 13.14
CA LYS Y 158 46.09 -3.32 13.51
C LYS Y 158 45.88 -2.44 12.27
N ARG Y 159 46.87 -2.47 11.37
CA ARG Y 159 46.92 -1.61 10.19
C ARG Y 159 45.72 -1.83 9.26
N SER Y 160 45.08 -2.99 9.40
CA SER Y 160 43.90 -3.32 8.62
C SER Y 160 42.63 -2.68 9.20
N ILE Y 161 42.59 -2.51 10.51
CA ILE Y 161 41.47 -1.83 11.17
C ILE Y 161 41.52 -0.34 10.86
N LEU Y 162 42.70 0.26 11.02
CA LEU Y 162 42.94 1.65 10.68
C LEU Y 162 42.51 1.97 9.25
N ALA Y 163 42.78 1.02 8.34
CA ALA Y 163 42.37 1.12 6.94
C ALA Y 163 40.87 1.27 6.80
N ALA Y 164 40.13 0.45 7.54
CA ALA Y 164 38.67 0.47 7.49
C ALA Y 164 38.10 1.66 8.24
N ALA Y 165 38.75 2.03 9.35
CA ALA Y 165 38.34 3.15 10.17
C ALA Y 165 38.33 4.43 9.36
N HIS Y 166 39.38 4.61 8.56
CA HIS Y 166 39.54 5.80 7.73
C HIS Y 166 38.52 5.90 6.60
N ARG Y 167 38.33 4.82 5.84
CA ARG Y 167 37.41 4.85 4.71
C ARG Y 167 35.94 4.65 5.07
N ASP Y 168 35.67 3.78 6.04
CA ASP Y 168 34.30 3.56 6.53
C ASP Y 168 33.89 4.65 7.52
N ALA Y 169 32.70 5.20 7.27
CA ALA Y 169 32.18 6.29 8.08
C ALA Y 169 31.70 5.78 9.43
N TYR Y 170 31.08 4.60 9.41
CA TYR Y 170 30.52 3.99 10.60
C TYR Y 170 31.54 3.21 11.42
N SER Y 171 32.76 3.08 10.89
CA SER Y 171 33.86 2.51 11.65
C SER Y 171 34.75 3.62 12.13
N GLY Y 172 35.37 3.40 13.28
CA GLY Y 172 36.35 4.33 13.84
C GLY Y 172 36.53 4.12 15.32
N GLY Y 173 36.64 5.22 16.06
CA GLY Y 173 37.01 5.18 17.46
C GLY Y 173 38.48 4.81 17.59
N SER Y 174 38.77 3.74 18.30
CA SER Y 174 40.14 3.27 18.50
C SER Y 174 40.31 1.77 18.21
N VAL Y 175 41.54 1.29 18.25
CA VAL Y 175 41.87 -0.11 17.90
C VAL Y 175 42.23 -0.92 19.14
N ASN Y 176 41.58 -2.07 19.33
CA ASN Y 176 41.95 -3.00 20.40
C ASN Y 176 42.56 -4.28 19.82
N LEU Y 177 43.72 -4.65 20.34
CA LEU Y 177 44.51 -5.77 19.81
C LEU Y 177 44.67 -6.91 20.79
N TYR Y 178 44.40 -8.13 20.33
CA TYR Y 178 44.63 -9.33 21.11
C TYR Y 178 45.43 -10.36 20.33
N HIS Y 179 46.28 -11.11 21.04
CA HIS Y 179 47.05 -12.19 20.45
C HIS Y 179 46.78 -13.47 21.25
N VAL Y 180 46.34 -14.51 20.55
CA VAL Y 180 45.99 -15.78 21.18
C VAL Y 180 47.05 -16.85 20.93
N THR Y 181 47.65 -17.35 22.00
CA THR Y 181 48.64 -18.43 21.91
C THR Y 181 48.21 -19.66 22.68
N GLU Y 182 49.06 -20.69 22.68
CA GLU Y 182 48.82 -21.90 23.46
C GLU Y 182 48.70 -21.62 24.96
N ASP Y 183 49.24 -20.48 25.38
CA ASP Y 183 49.17 -20.05 26.78
C ASP Y 183 47.89 -19.28 27.10
N GLY Y 184 47.19 -18.85 26.05
CA GLY Y 184 45.98 -18.05 26.21
C GLY Y 184 46.08 -16.73 25.47
N TRP Y 185 45.08 -15.86 25.66
CA TRP Y 185 45.09 -14.56 25.01
C TRP Y 185 45.98 -13.54 25.75
N ILE Y 186 46.65 -12.70 24.96
CA ILE Y 186 47.41 -11.58 25.48
C ILE Y 186 46.88 -10.31 24.82
N TYR Y 187 46.45 -9.36 25.66
CA TYR Y 187 45.94 -8.08 25.18
C TYR Y 187 47.09 -7.13 24.85
N HIS Y 188 47.04 -6.54 23.65
CA HIS Y 188 48.10 -5.67 23.15
C HIS Y 188 47.64 -4.24 22.88
N GLY Y 189 46.89 -3.68 23.82
CA GLY Y 189 46.64 -2.23 23.86
C GLY Y 189 45.41 -1.69 23.16
N ASN Y 190 45.05 -0.47 23.56
CA ASN Y 190 44.04 0.34 22.90
C ASN Y 190 44.77 1.42 22.11
N HIS Y 191 44.47 1.52 20.82
CA HIS Y 191 45.21 2.41 19.92
C HIS Y 191 44.33 3.48 19.29
N ASP Y 192 44.49 4.72 19.74
CA ASP Y 192 43.71 5.86 19.29
C ASP Y 192 43.95 6.14 17.80
N VAL Y 193 42.88 6.14 17.00
CA VAL Y 193 43.01 6.40 15.56
C VAL Y 193 43.50 7.83 15.26
N GLY Y 194 43.10 8.78 16.11
CA GLY Y 194 43.51 10.18 15.97
C GLY Y 194 44.99 10.43 16.21
N GLU Y 195 45.69 9.43 16.74
CA GLU Y 195 47.13 9.52 16.98
C GLU Y 195 47.88 8.44 16.21
N LEU Y 196 47.15 7.41 15.77
CA LEU Y 196 47.73 6.28 15.05
C LEU Y 196 47.92 6.60 13.58
N PHE Y 197 46.91 7.21 12.98
CA PHE Y 197 46.96 7.65 11.59
C PHE Y 197 48.25 8.41 11.27
N TRP Y 198 48.50 9.49 12.00
CA TRP Y 198 49.66 10.36 11.73
C TRP Y 198 51.00 9.67 12.00
N LYS Y 199 51.03 8.80 13.01
CA LYS Y 199 52.17 7.92 13.28
C LYS Y 199 52.44 7.00 12.08
N VAL Y 200 51.38 6.42 11.53
CA VAL Y 200 51.49 5.46 10.43
C VAL Y 200 51.84 6.15 9.12
N LYS Y 201 51.07 7.19 8.76
CA LYS Y 201 51.32 7.95 7.53
C LYS Y 201 52.77 8.44 7.46
N GLU Y 202 53.30 8.86 8.61
CA GLU Y 202 54.68 9.31 8.73
C GLU Y 202 55.66 8.15 8.56
N GLU Y 203 55.45 7.07 9.30
CA GLU Y 203 56.38 5.94 9.33
C GLU Y 203 56.30 5.02 8.12
N GLU Y 204 55.12 4.95 7.51
CA GLU Y 204 54.89 4.03 6.38
C GLU Y 204 54.95 4.73 5.02
N GLY Y 205 54.67 6.04 5.02
CA GLY Y 205 54.62 6.81 3.78
C GLY Y 205 53.30 6.60 3.06
N SER Y 206 52.47 5.70 3.58
CA SER Y 206 51.15 5.41 3.03
C SER Y 206 50.19 6.55 3.33
N PHE Y 207 48.90 6.29 3.18
CA PHE Y 207 47.85 7.30 3.31
C PHE Y 207 48.24 8.61 2.64
N ASN Y 208 48.73 8.49 1.41
CA ASN Y 208 49.28 9.61 0.67
C ASN Y 208 48.22 10.61 0.21
N ASN Y 209 47.01 10.12 -0.06
CA ASN Y 209 45.87 10.97 -0.42
C ASN Y 209 45.63 12.15 0.53
N VAL Y 210 45.51 11.87 1.83
CA VAL Y 210 45.36 12.88 2.88
C VAL Y 210 46.55 13.87 2.97
N ILE Y 211 46.25 15.14 3.25
CA ILE Y 211 47.26 16.19 3.36
C ILE Y 211 47.75 16.35 4.80
N GLY Y 212 49.07 16.42 4.98
CA GLY Y 212 49.65 16.61 6.31
C GLY Y 212 51.15 16.35 6.42
N GLN Z 1 -4.42 3.34 13.36
CA GLN Z 1 -4.07 2.28 14.36
C GLN Z 1 -3.40 2.92 15.58
N PHE Z 2 -3.64 2.33 16.76
CA PHE Z 2 -3.08 2.82 18.03
C PHE Z 2 -1.55 2.71 18.11
N ASN Z 3 -0.90 3.81 18.49
CA ASN Z 3 0.55 3.86 18.63
C ASN Z 3 0.93 3.97 20.10
N PRO Z 4 1.59 2.94 20.65
CA PRO Z 4 1.88 2.89 22.08
C PRO Z 4 2.98 3.84 22.59
N TYR Z 5 3.68 4.53 21.69
CA TYR Z 5 4.77 5.40 22.13
C TYR Z 5 4.46 6.90 22.00
N GLY Z 6 5.26 7.70 22.71
CA GLY Z 6 5.21 9.15 22.64
C GLY Z 6 6.58 9.72 22.99
N ASP Z 7 6.76 11.02 22.77
CA ASP Z 7 8.01 11.67 23.17
C ASP Z 7 7.70 12.80 24.16
N ASN Z 8 8.23 12.69 25.36
CA ASN Z 8 7.99 13.69 26.40
C ASN Z 8 9.13 14.69 26.57
N GLY Z 9 9.96 14.79 25.53
CA GLY Z 9 11.02 15.78 25.47
C GLY Z 9 12.08 15.57 26.53
N GLY Z 10 12.60 16.68 27.04
CA GLY Z 10 13.60 16.64 28.08
C GLY Z 10 14.99 16.29 27.61
N THR Z 11 15.97 16.53 28.47
CA THR Z 11 17.36 16.18 28.24
C THR Z 11 18.03 15.91 29.59
N ILE Z 12 18.82 14.85 29.65
CA ILE Z 12 19.59 14.49 30.84
C ILE Z 12 21.11 14.56 30.59
N LEU Z 13 21.89 14.71 31.65
CA LEU Z 13 23.35 14.87 31.52
C LEU Z 13 24.11 14.39 32.76
N GLY Z 14 25.08 13.49 32.55
CA GLY Z 14 25.87 12.95 33.65
C GLY Z 14 27.37 13.16 33.52
N ILE Z 15 28.00 13.64 34.59
CA ILE Z 15 29.45 13.83 34.63
C ILE Z 15 30.02 13.27 35.94
N ALA Z 16 31.09 12.50 35.81
CA ALA Z 16 31.77 11.92 36.96
C ALA Z 16 33.03 12.72 37.29
N GLY Z 17 33.27 12.91 38.59
CA GLY Z 17 34.50 13.53 39.07
C GLY Z 17 35.36 12.50 39.79
N GLU Z 18 36.37 12.96 40.52
CA GLU Z 18 37.28 12.04 41.22
C GLU Z 18 36.56 11.24 42.31
N ASP Z 19 35.76 11.94 43.12
CA ASP Z 19 35.12 11.35 44.29
C ASP Z 19 33.61 11.63 44.31
N PHE Z 20 33.12 12.20 43.21
CA PHE Z 20 31.70 12.54 43.08
C PHE Z 20 31.18 12.20 41.68
N ALA Z 21 29.87 12.33 41.49
CA ALA Z 21 29.24 12.18 40.17
C ALA Z 21 27.92 12.93 40.16
N VAL Z 22 27.66 13.67 39.07
CA VAL Z 22 26.44 14.45 38.95
C VAL Z 22 25.52 13.88 37.88
N LEU Z 23 24.22 13.99 38.12
CA LEU Z 23 23.21 13.60 37.13
C LEU Z 23 22.17 14.70 37.09
N ALA Z 24 22.09 15.37 35.94
CA ALA Z 24 21.21 16.52 35.76
C ALA Z 24 20.09 16.23 34.76
N GLY Z 25 19.08 17.09 34.77
CA GLY Z 25 17.99 16.99 33.81
C GLY Z 25 16.99 18.13 33.96
N ASP Z 26 16.59 18.70 32.83
CA ASP Z 26 15.57 19.74 32.84
C ASP Z 26 14.26 19.19 33.40
N THR Z 27 13.53 20.06 34.09
CA THR Z 27 12.29 19.66 34.76
C THR Z 27 11.06 19.75 33.85
N ARG Z 28 11.27 20.04 32.57
CA ARG Z 28 10.18 20.24 31.62
C ARG Z 28 9.65 18.93 31.01
N ASN Z 29 8.33 18.82 30.91
CA ASN Z 29 7.66 17.66 30.32
C ASN Z 29 6.68 18.13 29.22
N ILE Z 30 6.86 17.62 28.00
CA ILE Z 30 6.06 18.08 26.84
C ILE Z 30 5.33 16.98 26.05
N THR Z 31 4.31 17.38 25.30
CA THR Z 31 3.64 16.53 24.31
C THR Z 31 3.40 17.34 23.07
N ASP Z 32 3.96 16.91 21.94
CA ASP Z 32 3.91 17.66 20.70
C ASP Z 32 4.42 19.07 20.94
N TYR Z 33 3.53 20.05 20.81
CA TYR Z 33 3.88 21.46 20.95
C TYR Z 33 3.37 22.10 22.25
N SER Z 34 2.73 21.28 23.10
CA SER Z 34 2.22 21.72 24.39
C SER Z 34 3.16 21.38 25.52
N ILE Z 35 3.19 22.24 26.54
CA ILE Z 35 3.88 21.95 27.78
C ILE Z 35 2.91 21.28 28.77
N ASN Z 36 3.31 20.14 29.29
CA ASN Z 36 2.54 19.41 30.28
C ASN Z 36 2.84 19.88 31.69
N SER Z 37 4.13 20.05 31.97
CA SER Z 37 4.60 20.52 33.27
C SER Z 37 5.94 21.22 33.15
N ARG Z 38 6.07 22.33 33.87
CA ARG Z 38 7.33 23.06 33.95
C ARG Z 38 8.21 22.46 35.03
N TYR Z 39 7.58 21.81 36.01
CA TYR Z 39 8.31 21.07 37.04
C TYR Z 39 7.80 19.63 37.21
N GLU Z 40 8.47 18.70 36.52
CA GLU Z 40 8.23 17.27 36.66
C GLU Z 40 9.57 16.56 36.78
N PRO Z 41 10.00 16.27 38.03
CA PRO Z 41 11.30 15.67 38.30
C PRO Z 41 11.54 14.38 37.51
N LYS Z 42 12.77 14.23 37.03
CA LYS Z 42 13.14 13.21 36.06
C LYS Z 42 14.33 12.38 36.54
N VAL Z 43 15.12 12.94 37.46
CA VAL Z 43 16.25 12.22 38.06
C VAL Z 43 15.93 11.85 39.50
N PHE Z 44 16.04 10.56 39.82
CA PHE Z 44 15.58 10.02 41.10
C PHE Z 44 16.70 9.38 41.93
N ASP Z 45 16.63 9.57 43.25
CA ASP Z 45 17.44 8.81 44.19
C ASP Z 45 16.81 7.42 44.34
N CYS Z 46 17.60 6.39 44.06
CA CYS Z 46 17.13 5.01 44.10
C CYS Z 46 17.66 4.25 45.32
N GLY Z 47 18.32 4.97 46.21
CA GLY Z 47 18.96 4.36 47.38
C GLY Z 47 20.27 3.71 46.99
N ASP Z 48 20.99 3.24 48.01
CA ASP Z 48 22.34 2.70 47.85
C ASP Z 48 23.28 3.66 47.12
N ASN Z 49 23.05 4.96 47.35
CA ASN Z 49 23.88 6.02 46.79
C ASN Z 49 23.92 6.01 45.26
N ILE Z 50 22.81 5.59 44.66
CA ILE Z 50 22.65 5.52 43.21
C ILE Z 50 21.59 6.53 42.77
N VAL Z 51 21.90 7.28 41.70
CA VAL Z 51 20.92 8.13 41.04
C VAL Z 51 20.73 7.69 39.59
N MET Z 52 19.50 7.79 39.11
CA MET Z 52 19.10 7.22 37.82
C MET Z 52 18.15 8.16 37.11
N SER Z 53 18.23 8.18 35.78
CA SER Z 53 17.25 8.90 34.97
C SER Z 53 17.00 8.15 33.66
N ALA Z 54 15.75 8.17 33.20
CA ALA Z 54 15.36 7.45 31.97
C ALA Z 54 14.59 8.36 31.00
N ASN Z 55 15.33 9.03 30.11
CA ASN Z 55 14.75 10.06 29.26
C ASN Z 55 14.25 9.57 27.90
N GLY Z 56 13.07 10.06 27.52
CA GLY Z 56 12.43 9.68 26.26
C GLY Z 56 10.92 9.70 26.41
N PHE Z 57 10.35 8.50 26.43
CA PHE Z 57 8.91 8.32 26.65
C PHE Z 57 8.71 8.12 28.15
N ALA Z 58 8.19 9.15 28.81
CA ALA Z 58 8.11 9.19 30.28
C ALA Z 58 7.39 7.99 30.89
N ALA Z 59 6.37 7.49 30.21
CA ALA Z 59 5.63 6.31 30.69
C ALA Z 59 6.54 5.07 30.77
N ASP Z 60 7.40 4.89 29.78
CA ASP Z 60 8.36 3.80 29.81
C ASP Z 60 9.47 4.12 30.81
N GLY Z 61 9.79 5.39 30.97
CA GLY Z 61 10.83 5.83 31.90
C GLY Z 61 10.45 5.66 33.36
N ASP Z 62 9.18 5.88 33.67
CA ASP Z 62 8.69 5.75 35.04
C ASP Z 62 8.53 4.30 35.43
N ALA Z 63 8.15 3.48 34.45
CA ALA Z 63 8.02 2.05 34.66
C ALA Z 63 9.37 1.44 34.98
N LEU Z 64 10.40 1.89 34.27
CA LEU Z 64 11.75 1.36 34.44
C LEU Z 64 12.36 1.78 35.78
N VAL Z 65 12.24 3.06 36.12
CA VAL Z 65 12.75 3.57 37.40
C VAL Z 65 12.03 2.90 38.57
N LYS Z 66 10.72 2.67 38.40
CA LYS Z 66 9.91 1.97 39.39
C LYS Z 66 10.36 0.52 39.54
N ARG Z 67 10.80 -0.05 38.43
CA ARG Z 67 11.17 -1.47 38.40
C ARG Z 67 12.58 -1.69 38.94
N PHE Z 68 13.45 -0.70 38.71
CA PHE Z 68 14.79 -0.73 39.28
C PHE Z 68 14.80 -0.45 40.78
N LYS Z 69 13.99 0.52 41.22
CA LYS Z 69 13.85 0.80 42.65
C LYS Z 69 13.42 -0.44 43.40
N ASN Z 70 12.45 -1.14 42.83
CA ASN Z 70 11.94 -2.38 43.38
C ASN Z 70 12.95 -3.52 43.34
N SER Z 71 13.83 -3.48 42.34
CA SER Z 71 14.91 -4.46 42.22
C SER Z 71 15.93 -4.27 43.34
N VAL Z 72 16.24 -3.03 43.65
CA VAL Z 72 17.17 -2.68 44.73
C VAL Z 72 16.64 -3.18 46.07
N LYS Z 73 15.34 -2.97 46.30
CA LYS Z 73 14.65 -3.41 47.50
C LYS Z 73 14.77 -4.92 47.72
N TRP Z 74 14.58 -5.69 46.65
CA TRP Z 74 14.64 -7.15 46.72
C TRP Z 74 16.08 -7.68 46.79
N TYR Z 75 17.02 -6.92 46.24
CA TYR Z 75 18.43 -7.25 46.38
C TYR Z 75 18.86 -7.19 47.84
N HIS Z 76 18.27 -6.28 48.61
CA HIS Z 76 18.55 -6.18 50.04
C HIS Z 76 17.92 -7.34 50.83
N PHE Z 77 16.70 -7.71 50.45
CA PHE Z 77 15.99 -8.84 51.06
C PHE Z 77 16.71 -10.16 50.81
N ASP Z 78 17.07 -10.40 49.55
CA ASP Z 78 17.59 -11.70 49.15
C ASP Z 78 19.07 -11.92 49.47
N HIS Z 79 19.80 -10.85 49.77
CA HIS Z 79 21.24 -10.93 49.99
C HIS Z 79 21.70 -10.22 51.26
N ASN Z 80 20.93 -10.39 52.33
CA ASN Z 80 21.27 -9.86 53.66
C ASN Z 80 21.79 -8.42 53.63
N ASP Z 81 20.90 -7.50 53.24
CA ASP Z 81 21.15 -6.05 53.25
C ASP Z 81 22.47 -5.59 52.59
N LYS Z 82 23.01 -6.40 51.68
CA LYS Z 82 24.23 -6.03 50.97
C LYS Z 82 23.99 -4.84 50.05
N LYS Z 83 25.00 -3.97 49.92
CA LYS Z 83 24.90 -2.81 49.06
C LYS Z 83 25.03 -3.19 47.59
N LEU Z 84 24.19 -2.60 46.76
CA LEU Z 84 24.24 -2.83 45.32
C LEU Z 84 25.30 -1.91 44.70
N SER Z 85 26.43 -2.50 44.36
CA SER Z 85 27.52 -1.78 43.69
C SER Z 85 27.05 -1.26 42.35
N ILE Z 86 27.52 -0.07 41.99
CA ILE Z 86 27.08 0.60 40.76
C ILE Z 86 27.31 -0.26 39.50
N ASN Z 87 28.34 -1.10 39.52
CA ASN Z 87 28.64 -2.00 38.41
C ASN Z 87 27.58 -3.11 38.29
N SER Z 88 27.04 -3.51 39.44
CA SER Z 88 26.00 -4.53 39.53
C SER Z 88 24.64 -3.95 39.12
N ALA Z 89 24.43 -2.68 39.45
CA ALA Z 89 23.21 -1.99 39.05
C ALA Z 89 23.13 -1.91 37.53
N ALA Z 90 24.23 -1.47 36.91
CA ALA Z 90 24.30 -1.37 35.45
C ALA Z 90 23.91 -2.68 34.81
N ARG Z 91 24.54 -3.77 35.24
CA ARG Z 91 24.25 -5.09 34.70
C ARG Z 91 22.78 -5.47 34.91
N ASN Z 92 22.26 -5.15 36.09
CA ASN Z 92 20.86 -5.39 36.43
C ASN Z 92 19.89 -4.63 35.53
N ILE Z 93 20.24 -3.36 35.23
CA ILE Z 93 19.44 -2.52 34.33
C ILE Z 93 19.50 -3.03 32.89
N GLN Z 94 20.67 -3.54 32.46
CA GLN Z 94 20.78 -4.18 31.14
C GLN Z 94 19.74 -5.28 30.97
N HIS Z 95 19.64 -6.15 31.97
CA HIS Z 95 18.67 -7.24 31.96
C HIS Z 95 17.21 -6.77 31.99
N LEU Z 96 16.96 -5.69 32.73
CA LEU Z 96 15.64 -5.06 32.79
C LEU Z 96 15.19 -4.60 31.41
N LEU Z 97 16.09 -3.91 30.72
CA LEU Z 97 15.84 -3.39 29.38
C LEU Z 97 15.74 -4.48 28.31
N TYR Z 98 16.69 -5.43 28.32
CA TYR Z 98 16.72 -6.46 27.29
C TYR Z 98 15.53 -7.41 27.41
N GLY Z 99 14.90 -7.44 28.58
CA GLY Z 99 13.69 -8.22 28.79
C GLY Z 99 12.59 -7.81 27.82
N LYS Z 100 12.61 -6.52 27.46
CA LYS Z 100 11.65 -5.97 26.50
C LYS Z 100 12.30 -5.65 25.15
N ARG Z 101 13.19 -6.53 24.69
CA ARG Z 101 13.89 -6.34 23.42
C ARG Z 101 12.94 -6.24 22.23
N PHE Z 102 11.85 -7.01 22.27
CA PHE Z 102 10.92 -7.06 21.15
C PHE Z 102 9.70 -6.18 21.34
N PHE Z 103 9.72 -5.37 22.38
CA PHE Z 103 8.72 -4.31 22.61
C PHE Z 103 9.33 -3.31 23.59
N PRO Z 104 10.32 -2.54 23.13
CA PRO Z 104 11.29 -1.87 24.00
C PRO Z 104 10.77 -0.69 24.81
N TYR Z 105 11.48 -0.41 25.90
CA TYR Z 105 11.37 0.87 26.59
C TYR Z 105 12.02 1.93 25.70
N TYR Z 106 11.26 2.95 25.31
CA TYR Z 106 11.83 4.04 24.50
C TYR Z 106 12.50 5.08 25.40
N VAL Z 107 13.55 4.65 26.08
CA VAL Z 107 14.32 5.55 26.93
C VAL Z 107 15.81 5.44 26.66
N HIS Z 108 16.50 6.57 26.71
CA HIS Z 108 17.94 6.57 26.86
C HIS Z 108 18.16 6.80 28.34
N THR Z 109 18.85 5.85 28.99
CA THR Z 109 18.99 5.83 30.45
C THR Z 109 20.43 6.00 30.96
N ILE Z 110 20.59 6.81 32.01
CA ILE Z 110 21.88 7.05 32.65
C ILE Z 110 21.80 6.80 34.16
N ILE Z 111 22.85 6.21 34.71
CA ILE Z 111 23.03 6.13 36.16
C ILE Z 111 24.39 6.68 36.60
N ALA Z 112 24.43 7.26 37.79
CA ALA Z 112 25.65 7.86 38.34
C ALA Z 112 25.80 7.50 39.80
N GLY Z 113 27.04 7.45 40.27
CA GLY Z 113 27.33 7.20 41.66
C GLY Z 113 28.82 6.98 41.90
N LEU Z 114 29.14 6.00 42.74
CA LEU Z 114 30.53 5.67 43.05
C LEU Z 114 30.80 4.18 42.86
N ASP Z 115 32.00 3.88 42.36
CA ASP Z 115 32.48 2.50 42.27
C ASP Z 115 33.05 2.04 43.62
N GLU Z 116 33.54 0.81 43.66
CA GLU Z 116 33.98 0.19 44.91
C GLU Z 116 35.35 0.69 45.39
N ASP Z 117 35.84 1.77 44.79
CA ASP Z 117 37.12 2.37 45.14
C ASP Z 117 36.96 3.80 45.64
N GLY Z 118 35.74 4.33 45.51
CA GLY Z 118 35.42 5.69 45.94
C GLY Z 118 35.37 6.69 44.80
N LYS Z 119 35.91 6.28 43.65
CA LYS Z 119 35.91 7.10 42.44
C LYS Z 119 34.49 7.22 41.86
N GLY Z 120 34.17 8.40 41.33
CA GLY Z 120 32.89 8.65 40.68
C GLY Z 120 32.79 7.89 39.38
N ALA Z 121 31.56 7.57 38.97
CA ALA Z 121 31.32 6.72 37.79
C ALA Z 121 29.96 6.97 37.14
N VAL Z 122 29.93 6.91 35.80
CA VAL Z 122 28.70 7.08 35.03
C VAL Z 122 28.46 5.94 34.02
N TYR Z 123 27.41 5.16 34.22
CA TYR Z 123 27.02 4.15 33.22
C TYR Z 123 25.83 4.66 32.42
N SER Z 124 25.90 4.50 31.10
CA SER Z 124 24.82 4.95 30.22
C SER Z 124 24.35 3.86 29.24
N PHE Z 125 23.04 3.84 28.99
CA PHE Z 125 22.36 2.71 28.37
C PHE Z 125 21.65 3.03 27.07
N ASP Z 126 21.76 2.10 26.13
CA ASP Z 126 20.88 1.96 24.98
C ASP Z 126 19.43 1.88 25.43
N PRO Z 127 18.48 2.08 24.49
CA PRO Z 127 17.09 1.70 24.75
C PRO Z 127 16.92 0.21 25.01
N VAL Z 128 17.73 -0.64 24.38
CA VAL Z 128 17.61 -2.08 24.58
C VAL Z 128 18.74 -2.72 25.41
N GLY Z 129 19.37 -1.91 26.26
CA GLY Z 129 20.25 -2.44 27.30
C GLY Z 129 21.73 -2.54 27.00
N SER Z 130 22.19 -1.89 25.94
CA SER Z 130 23.60 -1.84 25.63
C SER Z 130 24.23 -0.81 26.56
N TYR Z 131 25.28 -1.19 27.28
CA TYR Z 131 25.82 -0.30 28.30
C TYR Z 131 27.34 -0.25 28.37
N GLU Z 132 27.84 0.89 28.82
CA GLU Z 132 29.27 1.16 28.90
C GLU Z 132 29.48 2.24 29.95
N ARG Z 133 30.55 2.10 30.73
CA ARG Z 133 30.95 3.14 31.67
C ARG Z 133 31.78 4.20 30.97
N GLU Z 134 31.46 5.46 31.23
CA GLU Z 134 32.26 6.59 30.74
C GLU Z 134 32.31 7.74 31.75
N GLN Z 135 33.24 8.67 31.54
CA GLN Z 135 33.46 9.78 32.47
C GLN Z 135 32.35 10.83 32.38
N CYS Z 136 31.65 10.86 31.24
CA CYS Z 136 30.51 11.76 31.02
C CYS Z 136 29.63 11.31 29.85
N ARG Z 137 28.35 11.71 29.88
CA ARG Z 137 27.37 11.34 28.86
C ARG Z 137 26.14 12.24 28.92
N ALA Z 138 25.59 12.56 27.76
CA ALA Z 138 24.34 13.32 27.65
C ALA Z 138 23.27 12.50 26.94
N GLY Z 139 22.03 12.61 27.41
CA GLY Z 139 20.92 11.83 26.87
C GLY Z 139 19.65 12.62 26.61
N GLY Z 140 18.87 12.17 25.63
CA GLY Z 140 17.58 12.76 25.33
C GLY Z 140 17.55 13.64 24.09
N ALA Z 141 16.60 14.59 24.08
CA ALA Z 141 16.34 15.45 22.93
C ALA Z 141 17.57 16.22 22.46
N ALA Z 142 18.22 16.93 23.38
CA ALA Z 142 19.32 17.80 23.04
C ALA Z 142 20.68 17.19 23.36
N ALA Z 143 20.75 15.85 23.32
CA ALA Z 143 21.98 15.10 23.57
C ALA Z 143 23.05 15.38 22.53
N SER Z 144 22.62 15.58 21.28
CA SER Z 144 23.53 15.85 20.17
C SER Z 144 24.14 17.25 20.25
N LEU Z 145 23.46 18.16 20.91
CA LEU Z 145 23.98 19.51 21.13
C LEU Z 145 25.05 19.54 22.21
N ILE Z 146 24.79 18.83 23.32
CA ILE Z 146 25.65 18.89 24.49
C ILE Z 146 26.88 17.97 24.40
N MET Z 147 26.72 16.78 23.82
CA MET Z 147 27.80 15.79 23.78
C MET Z 147 29.17 16.27 23.28
N PRO Z 148 29.20 17.08 22.20
CA PRO Z 148 30.50 17.57 21.73
C PRO Z 148 31.14 18.54 22.74
N PHE Z 149 30.30 19.37 23.37
CA PHE Z 149 30.75 20.30 24.41
C PHE Z 149 31.43 19.54 25.54
N LEU Z 150 30.88 18.37 25.89
CA LEU Z 150 31.42 17.52 26.94
C LEU Z 150 32.71 16.83 26.53
N ASP Z 151 32.76 16.36 25.28
CA ASP Z 151 34.00 15.81 24.72
C ASP Z 151 35.13 16.85 24.79
N ASN Z 152 34.80 18.09 24.42
CA ASN Z 152 35.76 19.18 24.43
C ASN Z 152 36.16 19.68 25.82
N GLN Z 153 35.20 19.71 26.75
CA GLN Z 153 35.42 20.36 28.04
C GLN Z 153 35.72 19.42 29.21
N VAL Z 154 35.18 18.20 29.14
CA VAL Z 154 35.41 17.18 30.16
C VAL Z 154 36.63 16.33 29.78
N ASN Z 155 36.68 15.88 28.53
CA ASN Z 155 37.76 15.01 28.05
C ASN Z 155 38.82 15.69 27.18
N PHE Z 156 38.72 17.02 27.06
CA PHE Z 156 39.72 17.86 26.37
C PHE Z 156 40.03 17.43 24.92
N LYS Z 157 39.00 17.03 24.18
CA LYS Z 157 39.17 16.58 22.81
C LYS Z 157 39.54 17.70 21.85
N ASN Z 158 40.33 17.34 20.82
CA ASN Z 158 40.97 18.30 19.90
C ASN Z 158 41.87 19.38 20.59
N GLN Z 159 41.99 19.32 21.91
CA GLN Z 159 42.75 20.33 22.66
C GLN Z 159 44.24 19.99 22.86
N TYR Z 160 45.10 20.77 22.22
CA TYR Z 160 46.54 20.55 22.25
C TYR Z 160 47.32 21.56 23.11
N GLU Z 161 48.57 21.22 23.44
CA GLU Z 161 49.42 22.12 24.22
C GLU Z 161 50.06 23.21 23.36
N PRO Z 162 49.82 24.49 23.72
CA PRO Z 162 50.34 25.61 22.93
C PRO Z 162 51.87 25.54 22.83
N GLY Z 163 52.38 25.73 21.62
CA GLY Z 163 53.82 25.66 21.35
C GLY Z 163 54.27 24.32 20.80
N THR Z 164 53.69 23.24 21.33
CA THR Z 164 54.13 21.88 21.00
C THR Z 164 53.60 21.32 19.65
N ASN Z 165 53.41 22.21 18.69
CA ASN Z 165 53.27 21.83 17.27
C ASN Z 165 52.02 21.03 16.88
N GLY Z 166 51.24 20.61 17.88
CA GLY Z 166 50.13 19.68 17.67
C GLY Z 166 50.57 18.25 17.93
N LYS Z 167 51.74 18.11 18.57
CA LYS Z 167 52.33 16.81 18.90
C LYS Z 167 51.92 16.32 20.29
N VAL Z 168 51.64 17.25 21.19
CA VAL Z 168 51.35 16.94 22.60
C VAL Z 168 49.95 17.40 22.96
N LYS Z 169 49.17 16.48 23.54
CA LYS Z 169 47.82 16.78 23.99
C LYS Z 169 47.79 17.40 25.38
N LYS Z 170 46.78 18.22 25.63
CA LYS Z 170 46.47 18.71 26.96
C LYS Z 170 46.17 17.50 27.84
N PRO Z 171 46.77 17.44 29.05
CA PRO Z 171 46.58 16.29 29.95
C PRO Z 171 45.13 16.12 30.40
N LEU Z 172 44.75 14.88 30.71
CA LEU Z 172 43.46 14.58 31.30
C LEU Z 172 43.52 14.87 32.79
N LYS Z 173 42.49 15.59 33.29
CA LYS Z 173 42.36 15.82 34.73
C LYS Z 173 40.94 15.58 35.23
N TYR Z 174 40.83 15.37 36.54
CA TYR Z 174 39.52 15.34 37.20
C TYR Z 174 39.10 16.77 37.50
N LEU Z 175 37.90 17.13 37.04
CA LEU Z 175 37.35 18.46 37.29
C LEU Z 175 36.75 18.54 38.70
N SER Z 176 37.05 19.63 39.41
CA SER Z 176 36.49 19.87 40.74
C SER Z 176 34.96 19.96 40.65
N VAL Z 177 34.30 19.77 41.79
CA VAL Z 177 32.83 19.71 41.83
C VAL Z 177 32.14 20.99 41.35
N GLU Z 178 32.69 22.14 41.76
CA GLU Z 178 32.21 23.46 41.33
C GLU Z 178 32.36 23.68 39.83
N GLU Z 179 33.43 23.12 39.28
CA GLU Z 179 33.77 23.26 37.87
C GLU Z 179 32.81 22.45 36.98
N VAL Z 180 32.30 21.35 37.54
CA VAL Z 180 31.35 20.50 36.83
C VAL Z 180 29.95 21.14 36.79
N ILE Z 181 29.59 21.85 37.85
CA ILE Z 181 28.29 22.54 37.92
C ILE Z 181 28.22 23.66 36.88
N LYS Z 182 29.32 24.38 36.72
CA LYS Z 182 29.43 25.41 35.69
C LYS Z 182 29.20 24.83 34.29
N LEU Z 183 29.77 23.65 34.05
CA LEU Z 183 29.65 22.96 32.76
C LEU Z 183 28.24 22.45 32.48
N VAL Z 184 27.55 22.02 33.52
CA VAL Z 184 26.17 21.54 33.45
C VAL Z 184 25.22 22.70 33.16
N ARG Z 185 25.40 23.80 33.88
CA ARG Z 185 24.54 24.97 33.75
C ARG Z 185 24.69 25.67 32.40
N ASP Z 186 25.93 25.71 31.90
CA ASP Z 186 26.19 26.25 30.56
C ASP Z 186 25.64 25.32 29.49
N SER Z 187 25.64 24.02 29.77
CA SER Z 187 25.09 23.03 28.84
C SER Z 187 23.58 23.15 28.68
N PHE Z 188 22.88 23.42 29.78
CA PHE Z 188 21.42 23.47 29.75
C PHE Z 188 20.89 24.82 29.30
N THR Z 189 21.58 25.91 29.65
CA THR Z 189 21.24 27.23 29.12
C THR Z 189 21.37 27.25 27.60
N SER Z 190 22.39 26.57 27.08
CA SER Z 190 22.63 26.48 25.64
C SER Z 190 21.62 25.57 24.95
N ALA Z 191 21.32 24.45 25.59
CA ALA Z 191 20.32 23.52 25.07
C ALA Z 191 18.94 24.18 25.01
N THR Z 192 18.65 25.04 25.99
CA THR Z 192 17.36 25.74 26.07
C THR Z 192 17.19 26.76 24.95
N GLU Z 193 18.27 27.46 24.61
CA GLU Z 193 18.28 28.44 23.53
C GLU Z 193 17.92 27.83 22.18
N ARG Z 194 18.37 26.60 21.93
CA ARG Z 194 18.26 25.98 20.60
C ARG Z 194 17.26 24.82 20.46
N HIS Z 195 17.04 24.07 21.54
CA HIS Z 195 16.05 23.02 21.49
C HIS Z 195 14.76 23.46 22.15
N ILE Z 196 13.64 23.25 21.45
CA ILE Z 196 12.34 23.74 21.93
C ILE Z 196 11.76 22.88 23.04
N GLN Z 197 12.33 21.68 23.24
CA GLN Z 197 11.83 20.75 24.25
C GLN Z 197 12.64 20.79 25.54
N VAL Z 198 13.51 21.79 25.65
CA VAL Z 198 14.37 21.95 26.83
C VAL Z 198 14.17 23.36 27.42
N GLY Z 199 13.95 23.42 28.73
CA GLY Z 199 13.80 24.70 29.44
C GLY Z 199 13.13 24.59 30.79
N ASP Z 200 12.50 25.69 31.20
CA ASP Z 200 11.75 25.81 32.48
C ASP Z 200 12.60 25.74 33.75
N GLY Z 201 13.25 24.62 33.99
CA GLY Z 201 14.09 24.45 35.18
C GLY Z 201 15.15 23.37 35.05
N LEU Z 202 16.20 23.48 35.88
CA LEU Z 202 17.27 22.49 35.92
C LEU Z 202 17.43 21.92 37.33
N GLU Z 203 17.40 20.59 37.42
CA GLU Z 203 17.58 19.89 38.69
C GLU Z 203 18.81 18.99 38.63
N ILE Z 204 19.76 19.25 39.52
CA ILE Z 204 21.01 18.51 39.59
C ILE Z 204 21.12 17.70 40.87
N LEU Z 205 21.47 16.42 40.74
CA LEU Z 205 21.73 15.56 41.89
C LEU Z 205 23.22 15.22 41.95
N ILE Z 206 23.82 15.40 43.12
CA ILE Z 206 25.26 15.21 43.30
C ILE Z 206 25.49 14.06 44.28
N VAL Z 207 26.34 13.11 43.88
CA VAL Z 207 26.57 11.92 44.69
C VAL Z 207 28.03 11.81 45.14
N THR Z 208 28.26 12.15 46.41
CA THR Z 208 29.54 11.97 47.07
C THR Z 208 29.42 10.82 48.09
N LYS Z 209 30.52 10.46 48.74
CA LYS Z 209 30.46 9.38 49.75
C LYS Z 209 29.59 9.74 50.96
N ASP Z 210 29.18 11.01 51.06
CA ASP Z 210 28.36 11.49 52.16
C ASP Z 210 26.86 11.47 51.86
N GLY Z 211 26.47 11.05 50.67
CA GLY Z 211 25.06 10.93 50.29
C GLY Z 211 24.67 11.58 48.99
N VAL Z 212 23.38 11.93 48.88
CA VAL Z 212 22.84 12.57 47.69
C VAL Z 212 22.25 13.94 48.02
N ARG Z 213 22.83 14.98 47.44
CA ARG Z 213 22.40 16.37 47.63
C ARG Z 213 21.72 16.88 46.35
N LYS Z 214 20.94 17.95 46.47
CA LYS Z 214 20.21 18.50 45.30
C LYS Z 214 20.38 20.01 45.11
N GLU Z 215 20.43 20.44 43.86
CA GLU Z 215 20.49 21.85 43.49
C GLU Z 215 19.50 22.14 42.37
N PHE Z 216 18.78 23.27 42.48
CA PHE Z 216 17.80 23.66 41.47
C PHE Z 216 18.06 25.05 40.91
N TYR Z 217 18.05 25.16 39.58
CA TYR Z 217 18.26 26.43 38.90
C TYR Z 217 17.18 26.70 37.86
N GLU Z 218 16.77 27.96 37.77
CA GLU Z 218 15.78 28.39 36.79
C GLU Z 218 16.37 28.34 35.38
N LEU Z 219 15.57 27.87 34.43
CA LEU Z 219 15.92 27.94 33.00
C LEU Z 219 14.85 28.75 32.26
N LYS Z 220 15.18 29.23 31.06
CA LYS Z 220 14.24 30.01 30.26
C LYS Z 220 12.97 29.22 29.96
N ARG Z 221 11.83 29.91 29.92
CA ARG Z 221 10.52 29.27 29.93
C ARG Z 221 9.72 29.36 28.62
N ASP Z 222 10.37 29.71 27.52
CA ASP Z 222 9.69 29.89 26.24
C ASP Z 222 9.60 28.61 25.38
N THR AA 1 -6.38 -2.94 20.27
CA THR AA 1 -6.49 -1.73 19.39
C THR AA 1 -7.96 -1.43 19.14
N GLN AA 2 -8.27 -0.14 19.09
CA GLN AA 2 -9.64 0.32 19.02
C GLN AA 2 -9.68 1.76 18.55
N GLN AA 3 -10.87 2.33 18.56
CA GLN AA 3 -11.08 3.71 18.17
C GLN AA 3 -12.22 4.26 19.01
N PRO AA 4 -12.04 5.47 19.59
CA PRO AA 4 -13.06 6.07 20.42
C PRO AA 4 -14.32 6.30 19.59
N ILE AA 5 -15.47 5.93 20.16
CA ILE AA 5 -16.75 6.17 19.48
C ILE AA 5 -17.48 7.35 20.11
N VAL AA 6 -18.04 7.17 21.30
CA VAL AA 6 -18.73 8.27 21.98
C VAL AA 6 -17.74 8.96 22.91
N THR AA 7 -17.52 10.27 22.68
CA THR AA 7 -16.40 10.96 23.29
C THR AA 7 -16.76 12.20 24.10
N GLY AA 8 -15.99 12.42 25.17
CA GLY AA 8 -16.09 13.63 25.98
C GLY AA 8 -14.83 14.47 25.78
N THR AA 9 -15.02 15.78 25.68
CA THR AA 9 -13.92 16.70 25.35
C THR AA 9 -13.07 17.10 26.58
N SER AA 10 -12.66 18.37 26.66
CA SER AA 10 -11.70 18.83 27.66
C SER AA 10 -12.14 18.64 29.13
N VAL AA 11 -11.16 18.39 29.98
CA VAL AA 11 -11.30 18.50 31.42
C VAL AA 11 -10.23 19.47 31.89
N ILE AA 12 -10.63 20.58 32.51
CA ILE AA 12 -9.66 21.54 33.02
C ILE AA 12 -9.69 21.61 34.54
N SER AA 13 -8.55 21.95 35.14
CA SER AA 13 -8.40 21.99 36.59
C SER AA 13 -7.23 22.85 37.03
N MET AA 14 -7.28 23.32 38.27
CA MET AA 14 -6.19 24.10 38.88
C MET AA 14 -6.25 24.00 40.40
N LYS AA 15 -5.10 24.23 41.04
CA LYS AA 15 -5.04 24.24 42.49
C LYS AA 15 -4.78 25.64 43.04
N TYR AA 16 -5.52 25.99 44.09
CA TYR AA 16 -5.44 27.29 44.73
C TYR AA 16 -4.98 27.14 46.20
N ASP AA 17 -5.02 28.22 46.98
CA ASP AA 17 -4.40 28.26 48.31
C ASP AA 17 -4.75 27.09 49.24
N ASN AA 18 -6.02 26.69 49.29
CA ASN AA 18 -6.49 25.66 50.19
C ASN AA 18 -6.72 24.29 49.56
N GLY AA 19 -7.25 24.28 48.34
CA GLY AA 19 -7.60 23.04 47.66
C GLY AA 19 -7.44 23.05 46.16
N VAL AA 20 -8.37 22.38 45.48
CA VAL AA 20 -8.35 22.21 44.03
C VAL AA 20 -9.72 22.44 43.40
N ILE AA 21 -9.73 22.79 42.12
CA ILE AA 21 -10.97 22.97 41.34
C ILE AA 21 -10.86 22.14 40.08
N ILE AA 22 -11.96 21.50 39.68
CA ILE AA 22 -11.99 20.71 38.44
C ILE AA 22 -13.35 20.86 37.75
N ALA AA 23 -13.32 20.96 36.42
CA ALA AA 23 -14.55 21.12 35.64
C ALA AA 23 -14.54 20.38 34.30
N ALA AA 24 -15.73 20.02 33.82
CA ALA AA 24 -15.90 19.33 32.55
C ALA AA 24 -17.34 19.50 32.05
N ASP AA 25 -17.50 19.65 30.73
CA ASP AA 25 -18.84 19.82 30.17
C ASP AA 25 -19.63 18.53 30.10
N ASN AA 26 -20.94 18.67 29.89
CA ASN AA 26 -21.86 17.55 29.99
C ASN AA 26 -22.16 16.88 28.65
N LEU AA 27 -21.22 16.95 27.72
CA LEU AA 27 -21.42 16.43 26.36
C LEU AA 27 -20.78 15.06 26.11
N GLY AA 28 -21.53 14.22 25.41
CA GLY AA 28 -21.02 12.97 24.85
C GLY AA 28 -21.20 13.03 23.34
N SER AA 29 -20.14 13.39 22.64
CA SER AA 29 -20.17 13.54 21.19
C SER AA 29 -20.03 12.19 20.53
N TYR AA 30 -20.56 12.09 19.31
CA TYR AA 30 -20.49 10.88 18.51
C TYR AA 30 -20.03 11.31 17.12
N GLY AA 31 -18.71 11.32 16.91
CA GLY AA 31 -18.17 11.92 15.71
C GLY AA 31 -18.42 13.40 15.80
N SER AA 32 -19.13 13.94 14.81
CA SER AA 32 -19.49 15.35 14.81
C SER AA 32 -20.92 15.61 15.32
N LEU AA 33 -21.66 14.55 15.61
CA LEU AA 33 -22.99 14.67 16.22
C LEU AA 33 -22.88 14.90 17.73
N LEU AA 34 -23.59 15.89 18.24
CA LEU AA 34 -23.56 16.21 19.67
C LEU AA 34 -24.66 15.41 20.39
N ARG AA 35 -24.49 14.09 20.43
CA ARG AA 35 -25.57 13.15 20.70
C ARG AA 35 -26.16 13.20 22.11
N PHE AA 36 -25.31 13.30 23.12
CA PHE AA 36 -25.76 13.23 24.51
C PHE AA 36 -25.36 14.48 25.32
N ASN AA 37 -26.34 15.07 26.00
CA ASN AA 37 -26.11 16.28 26.79
C ASN AA 37 -26.18 16.08 28.31
N GLY AA 38 -26.68 14.93 28.75
CA GLY AA 38 -26.82 14.67 30.18
C GLY AA 38 -25.73 13.74 30.71
N VAL AA 39 -24.50 13.95 30.23
CA VAL AA 39 -23.36 13.09 30.62
C VAL AA 39 -22.49 13.75 31.68
N GLU AA 40 -22.31 13.06 32.79
CA GLU AA 40 -21.48 13.57 33.87
C GLU AA 40 -20.10 12.96 33.79
N ARG AA 41 -19.10 13.79 33.52
CA ARG AA 41 -17.72 13.33 33.36
C ARG AA 41 -16.85 13.61 34.58
N LEU AA 42 -17.48 14.04 35.67
CA LEU AA 42 -16.79 14.23 36.96
C LEU AA 42 -17.28 13.18 37.96
N ILE AA 43 -16.34 12.35 38.44
CA ILE AA 43 -16.69 11.23 39.32
C ILE AA 43 -16.11 11.43 40.72
N PRO AA 44 -16.97 11.75 41.69
CA PRO AA 44 -16.51 11.90 43.07
C PRO AA 44 -16.26 10.53 43.71
N VAL AA 45 -15.10 10.38 44.35
CA VAL AA 45 -14.77 9.16 45.10
C VAL AA 45 -14.52 9.52 46.56
N GLY AA 46 -15.46 9.12 47.43
CA GLY AA 46 -15.44 9.56 48.82
C GLY AA 46 -15.72 11.05 48.88
N ASP AA 47 -15.28 11.70 49.95
CA ASP AA 47 -15.53 13.13 50.16
C ASP AA 47 -14.28 13.99 49.95
N ASN AA 48 -13.27 13.45 49.26
CA ASN AA 48 -11.97 14.13 49.17
C ASN AA 48 -11.28 14.06 47.80
N THR AA 49 -11.90 13.34 46.86
CA THR AA 49 -11.31 13.15 45.53
C THR AA 49 -12.38 13.19 44.45
N VAL AA 50 -12.06 13.87 43.35
CA VAL AA 50 -12.90 13.87 42.15
C VAL AA 50 -12.03 13.47 40.96
N VAL AA 51 -12.53 12.53 40.17
CA VAL AA 51 -11.83 12.06 38.98
C VAL AA 51 -12.60 12.53 37.76
N GLY AA 52 -11.96 13.39 36.96
CA GLY AA 52 -12.54 13.90 35.73
C GLY AA 52 -11.96 13.19 34.53
N ILE AA 53 -12.84 12.73 33.63
CA ILE AA 53 -12.43 11.89 32.51
C ILE AA 53 -12.84 12.46 31.15
N SER AA 54 -11.88 12.46 30.21
CA SER AA 54 -12.15 12.80 28.82
C SER AA 54 -11.81 11.62 27.92
N GLY AA 55 -12.39 11.58 26.73
CA GLY AA 55 -12.13 10.49 25.79
C GLY AA 55 -13.33 9.60 25.60
N ASP AA 56 -13.09 8.30 25.51
CA ASP AA 56 -14.15 7.33 25.20
C ASP AA 56 -15.07 7.09 26.40
N ILE AA 57 -16.37 7.24 26.16
CA ILE AA 57 -17.38 7.20 27.21
C ILE AA 57 -17.62 5.79 27.72
N SER AA 58 -17.63 4.79 26.82
CA SER AA 58 -17.79 3.40 27.26
C SER AA 58 -16.62 2.97 28.17
N ASP AA 59 -15.42 3.40 27.81
CA ASP AA 59 -14.25 3.24 28.69
C ASP AA 59 -14.40 4.02 30.01
N MET AA 60 -14.93 5.24 29.93
CA MET AA 60 -15.17 6.07 31.13
C MET AA 60 -16.11 5.35 32.10
N GLN AA 61 -17.22 4.84 31.57
CA GLN AA 61 -18.22 4.12 32.35
C GLN AA 61 -17.65 2.86 32.99
N HIS AA 62 -16.62 2.30 32.36
CA HIS AA 62 -15.89 1.16 32.91
C HIS AA 62 -15.04 1.61 34.10
N ILE AA 63 -14.35 2.73 33.95
CA ILE AA 63 -13.52 3.29 35.02
C ILE AA 63 -14.39 3.74 36.21
N GLU AA 64 -15.59 4.22 35.89
CA GLU AA 64 -16.60 4.56 36.89
C GLU AA 64 -16.89 3.31 37.73
N ARG AA 65 -17.19 2.21 37.05
CA ARG AA 65 -17.47 0.91 37.67
C ARG AA 65 -16.29 0.39 38.49
N LEU AA 66 -15.07 0.59 38.01
CA LEU AA 66 -13.87 0.19 38.73
C LEU AA 66 -13.73 0.94 40.04
N LEU AA 67 -14.08 2.22 40.03
CA LEU AA 67 -13.92 3.06 41.20
C LEU AA 67 -14.91 2.77 42.32
N LYS AA 68 -16.12 2.32 41.94
CA LYS AA 68 -17.12 1.92 42.93
C LYS AA 68 -16.65 0.67 43.67
N ASP AA 69 -16.00 -0.23 42.94
CA ASP AA 69 -15.44 -1.43 43.54
C ASP AA 69 -14.27 -1.13 44.44
N LEU AA 70 -13.47 -0.14 44.08
CA LEU AA 70 -12.34 0.26 44.91
C LEU AA 70 -12.84 0.76 46.28
N VAL AA 71 -13.98 1.44 46.30
CA VAL AA 71 -14.63 1.87 47.55
C VAL AA 71 -15.14 0.65 48.32
N THR AA 72 -15.92 -0.19 47.64
CA THR AA 72 -16.48 -1.42 48.20
C THR AA 72 -15.40 -2.31 48.81
N GLU AA 73 -14.27 -2.44 48.11
CA GLU AA 73 -13.15 -3.27 48.53
C GLU AA 73 -12.38 -2.67 49.71
N ASN AA 74 -12.25 -1.34 49.72
CA ASN AA 74 -11.58 -0.63 50.80
C ASN AA 74 -12.39 -0.69 52.10
N ALA AA 75 -13.70 -0.88 51.97
CA ALA AA 75 -14.60 -1.00 53.10
C ALA AA 75 -14.52 -2.37 53.75
N TYR AA 76 -14.00 -3.36 53.01
CA TYR AA 76 -13.88 -4.73 53.52
C TYR AA 76 -12.82 -4.86 54.61
N ASP AA 77 -13.26 -5.37 55.77
CA ASP AA 77 -12.39 -5.64 56.92
C ASP AA 77 -11.57 -4.43 57.33
N ASN AA 78 -12.22 -3.27 57.27
CA ASN AA 78 -11.58 -1.99 57.53
C ASN AA 78 -12.50 -1.12 58.37
N PRO AA 79 -12.41 -1.23 59.71
CA PRO AA 79 -13.29 -0.44 60.58
C PRO AA 79 -12.97 1.05 60.53
N LEU AA 80 -11.87 1.40 59.85
CA LEU AA 80 -11.46 2.79 59.68
C LEU AA 80 -11.65 3.25 58.23
N ALA AA 81 -12.65 2.69 57.56
CA ALA AA 81 -12.95 3.01 56.16
C ALA AA 81 -13.40 4.45 55.96
N ASP AA 82 -14.06 5.00 56.97
CA ASP AA 82 -14.55 6.37 56.92
C ASP AA 82 -13.63 7.34 57.68
N ALA AA 83 -12.47 6.86 58.12
CA ALA AA 83 -11.50 7.68 58.86
C ALA AA 83 -10.06 7.51 58.34
N GLU AA 84 -9.12 7.19 59.23
CA GLU AA 84 -7.68 7.06 58.90
C GLU AA 84 -7.36 6.25 57.66
N GLU AA 85 -8.17 5.23 57.36
CA GLU AA 85 -7.90 4.34 56.22
C GLU AA 85 -8.90 4.52 55.08
N ALA AA 86 -9.36 5.75 54.91
CA ALA AA 86 -10.19 6.11 53.76
C ALA AA 86 -9.31 6.24 52.52
N LEU AA 87 -9.93 6.19 51.35
CA LEU AA 87 -9.19 6.33 50.10
C LEU AA 87 -8.63 7.74 49.96
N GLU AA 88 -7.33 7.80 49.64
CA GLU AA 88 -6.65 9.07 49.35
C GLU AA 88 -6.58 9.28 47.84
N PRO AA 89 -6.54 10.56 47.39
CA PRO AA 89 -6.38 10.82 45.95
C PRO AA 89 -5.12 10.18 45.38
N SER AA 90 -4.02 10.19 46.15
CA SER AA 90 -2.77 9.58 45.72
C SER AA 90 -2.89 8.07 45.54
N TYR AA 91 -3.74 7.43 46.36
CA TYR AA 91 -4.03 5.99 46.22
C TYR AA 91 -4.84 5.73 44.95
N ILE AA 92 -5.88 6.53 44.74
CA ILE AA 92 -6.76 6.40 43.59
C ILE AA 92 -6.01 6.59 42.27
N PHE AA 93 -5.13 7.58 42.23
CA PHE AA 93 -4.39 7.88 41.00
C PHE AA 93 -3.47 6.72 40.62
N GLU AA 94 -2.60 6.33 41.56
CA GLU AA 94 -1.61 5.28 41.31
C GLU AA 94 -2.23 3.99 40.81
N TYR AA 95 -3.47 3.72 41.24
CA TYR AA 95 -4.24 2.58 40.74
C TYR AA 95 -4.57 2.77 39.26
N LEU AA 96 -5.27 3.86 38.94
CA LEU AA 96 -5.63 4.19 37.56
C LEU AA 96 -4.41 4.30 36.65
N ALA AA 97 -3.34 4.91 37.15
CA ALA AA 97 -2.06 4.99 36.44
C ALA AA 97 -1.54 3.61 36.08
N THR AA 98 -1.54 2.70 37.07
CA THR AA 98 -1.14 1.32 36.84
C THR AA 98 -1.98 0.67 35.74
N VAL AA 99 -3.31 0.79 35.88
CA VAL AA 99 -4.26 0.19 34.95
C VAL AA 99 -4.07 0.74 33.55
N MET AA 100 -3.95 2.07 33.43
CA MET AA 100 -3.75 2.72 32.14
C MET AA 100 -2.54 2.16 31.40
N TYR AA 101 -1.40 2.10 32.10
CA TYR AA 101 -0.15 1.62 31.51
C TYR AA 101 -0.17 0.14 31.14
N GLN AA 102 -0.75 -0.71 31.99
CA GLN AA 102 -0.88 -2.14 31.68
C GLN AA 102 -1.66 -2.33 30.38
N ARG AA 103 -2.75 -1.58 30.24
CA ARG AA 103 -3.58 -1.64 29.05
C ARG AA 103 -2.88 -1.14 27.78
N ARG AA 104 -1.97 -0.16 27.91
CA ARG AA 104 -1.16 0.29 26.76
C ARG AA 104 -0.06 -0.73 26.45
N SER AA 105 0.39 -1.45 27.48
CA SER AA 105 1.45 -2.43 27.30
C SER AA 105 0.87 -3.74 26.82
N LYS AA 106 -0.46 -3.81 26.76
CA LYS AA 106 -1.15 -4.95 26.20
C LYS AA 106 -1.71 -4.64 24.84
N MET AA 107 -1.48 -3.42 24.35
CA MET AA 107 -1.97 -2.97 23.03
C MET AA 107 -3.50 -2.88 22.92
N ASN AA 108 -4.16 -2.83 24.06
CA ASN AA 108 -5.58 -2.60 24.16
C ASN AA 108 -5.84 -1.53 25.22
N PRO AA 109 -5.71 -0.24 24.84
CA PRO AA 109 -5.78 0.86 25.80
C PRO AA 109 -7.20 1.30 26.13
N LEU AA 110 -7.35 1.95 27.28
CA LEU AA 110 -8.56 2.69 27.62
C LEU AA 110 -8.39 4.09 27.03
N TRP AA 111 -9.26 4.44 26.09
CA TRP AA 111 -9.04 5.63 25.25
C TRP AA 111 -9.42 6.95 25.95
N ASN AA 112 -8.74 7.23 27.06
CA ASN AA 112 -9.07 8.36 27.92
C ASN AA 112 -7.86 9.19 28.33
N ALA AA 113 -8.13 10.45 28.69
CA ALA AA 113 -7.20 11.27 29.46
C ALA AA 113 -7.89 11.59 30.77
N ILE AA 114 -7.18 11.40 31.88
CA ILE AA 114 -7.76 11.47 33.21
C ILE AA 114 -7.00 12.46 34.10
N ILE AA 115 -7.75 13.35 34.76
CA ILE AA 115 -7.18 14.22 35.79
C ILE AA 115 -7.82 13.88 37.14
N VAL AA 116 -6.97 13.54 38.11
CA VAL AA 116 -7.42 13.22 39.45
C VAL AA 116 -7.12 14.41 40.36
N ALA AA 117 -8.18 14.98 40.92
CA ALA AA 117 -8.08 16.16 41.78
C ALA AA 117 -8.63 15.81 43.14
N GLY AA 118 -7.99 16.34 44.19
CA GLY AA 118 -8.43 16.12 45.56
C GLY AA 118 -7.48 16.68 46.61
N VAL AA 119 -7.82 16.43 47.87
CA VAL AA 119 -7.02 16.88 49.02
C VAL AA 119 -6.56 15.68 49.88
N GLN AA 120 -5.26 15.59 50.11
CA GLN AA 120 -4.67 14.56 50.98
C GLN AA 120 -5.07 14.79 52.44
N SER AA 121 -5.08 13.72 53.24
CA SER AA 121 -5.47 13.80 54.65
C SER AA 121 -4.65 14.78 55.48
N ASN AA 122 -3.48 15.15 54.98
CA ASN AA 122 -2.62 16.14 55.65
C ASN AA 122 -2.80 17.56 55.13
N GLY AA 123 -3.75 17.76 54.22
CA GLY AA 123 -4.09 19.10 53.72
C GLY AA 123 -3.49 19.45 52.37
N ASP AA 124 -2.44 18.75 51.97
CA ASP AA 124 -1.77 18.98 50.69
C ASP AA 124 -2.69 18.76 49.51
N GLN AA 125 -2.67 19.69 48.55
CA GLN AA 125 -3.43 19.54 47.30
C GLN AA 125 -2.83 18.43 46.47
N PHE AA 126 -3.68 17.65 45.83
CA PHE AA 126 -3.24 16.64 44.88
C PHE AA 126 -3.86 16.89 43.52
N LEU AA 127 -3.01 16.94 42.49
CA LEU AA 127 -3.48 17.12 41.12
C LEU AA 127 -2.50 16.47 40.14
N ARG AA 128 -2.93 15.37 39.53
CA ARG AA 128 -2.07 14.63 38.61
C ARG AA 128 -2.85 14.05 37.42
N TYR AA 129 -2.18 13.99 36.27
CA TYR AA 129 -2.79 13.59 34.99
C TYR AA 129 -2.25 12.24 34.52
N VAL AA 130 -3.12 11.44 33.91
CA VAL AA 130 -2.71 10.18 33.27
C VAL AA 130 -3.57 9.92 32.04
N ASN AA 131 -2.96 9.39 30.98
CA ASN AA 131 -3.68 9.14 29.74
C ASN AA 131 -3.57 7.71 29.20
N LEU AA 132 -4.08 7.49 27.98
CA LEU AA 132 -4.16 6.17 27.37
C LEU AA 132 -2.80 5.49 27.19
N LEU AA 133 -1.74 6.29 27.18
CA LEU AA 133 -0.38 5.77 27.01
C LEU AA 133 0.24 5.49 28.38
N GLY AA 134 -0.39 5.99 29.42
CA GLY AA 134 0.10 5.80 30.78
C GLY AA 134 1.15 6.83 31.17
N VAL AA 135 1.10 7.98 30.49
CA VAL AA 135 1.96 9.11 30.81
C VAL AA 135 1.36 9.89 31.97
N THR AA 136 2.16 10.10 33.01
CA THR AA 136 1.72 10.88 34.16
C THR AA 136 2.56 12.13 34.36
N TYR AA 137 1.91 13.20 34.84
CA TYR AA 137 2.61 14.42 35.25
C TYR AA 137 1.74 15.29 36.14
N SER AA 138 2.40 16.09 36.98
CA SER AA 138 1.71 17.08 37.80
C SER AA 138 2.14 18.49 37.45
N SER AA 139 1.22 19.42 37.66
CA SER AA 139 1.45 20.85 37.43
C SER AA 139 0.41 21.63 38.22
N PRO AA 140 0.72 22.87 38.64
CA PRO AA 140 -0.27 23.74 39.27
C PRO AA 140 -1.59 23.84 38.48
N THR AA 141 -1.50 23.74 37.15
CA THR AA 141 -2.67 23.63 36.30
C THR AA 141 -2.55 22.37 35.43
N LEU AA 142 -3.69 21.76 35.11
CA LEU AA 142 -3.73 20.64 34.20
C LEU AA 142 -4.99 20.70 33.36
N ALA AA 143 -4.86 20.35 32.09
CA ALA AA 143 -6.00 20.30 31.18
C ALA AA 143 -5.81 19.25 30.08
N THR AA 144 -6.92 18.69 29.61
CA THR AA 144 -6.91 17.66 28.57
C THR AA 144 -7.52 18.18 27.28
N GLY AA 145 -7.18 17.56 26.16
CA GLY AA 145 -7.76 17.91 24.86
C GLY AA 145 -7.48 19.35 24.48
N PHE AA 146 -8.53 20.06 24.05
CA PHE AA 146 -8.44 21.48 23.71
C PHE AA 146 -8.03 22.36 24.89
N GLY AA 147 -8.45 21.97 26.09
CA GLY AA 147 -8.05 22.66 27.31
C GLY AA 147 -6.55 22.83 27.44
N ALA AA 148 -5.79 21.81 27.07
CA ALA AA 148 -4.33 21.87 27.10
C ALA AA 148 -3.82 23.06 26.32
N HIS AA 149 -4.52 23.38 25.22
CA HIS AA 149 -4.11 24.44 24.31
C HIS AA 149 -4.68 25.81 24.67
N MET AA 150 -5.88 25.84 25.22
CA MET AA 150 -6.59 27.11 25.46
C MET AA 150 -6.73 27.46 26.92
N ALA AA 151 -7.14 26.49 27.74
CA ALA AA 151 -7.31 26.71 29.17
C ALA AA 151 -5.98 26.95 29.89
N ASN AA 152 -5.01 26.07 29.65
CA ASN AA 152 -3.69 26.18 30.29
C ASN AA 152 -3.05 27.56 30.22
N PRO AA 153 -3.02 28.18 29.02
CA PRO AA 153 -2.46 29.54 28.94
C PRO AA 153 -3.15 30.57 29.84
N LEU AA 154 -4.48 30.44 29.99
CA LEU AA 154 -5.27 31.39 30.79
C LEU AA 154 -5.12 31.14 32.29
N LEU AA 155 -5.13 29.88 32.69
CA LEU AA 155 -5.00 29.52 34.10
C LEU AA 155 -3.57 29.78 34.61
N ARG AA 156 -2.59 29.67 33.71
CA ARG AA 156 -1.18 29.90 34.06
C ARG AA 156 -0.86 31.38 34.32
N LYS AA 157 -1.71 32.27 33.82
CA LYS AA 157 -1.58 33.70 34.10
C LYS AA 157 -1.94 34.03 35.55
N VAL AA 158 -2.69 33.13 36.18
CA VAL AA 158 -3.05 33.23 37.60
C VAL AA 158 -2.01 32.50 38.46
N VAL AA 159 -1.80 31.21 38.19
CA VAL AA 159 -0.73 30.43 38.85
C VAL AA 159 0.37 30.03 37.85
N ASP AA 160 1.48 30.76 37.89
CA ASP AA 160 2.61 30.54 36.97
C ASP AA 160 3.57 29.48 37.52
N ARG AA 161 3.78 29.49 38.83
CA ARG AA 161 4.63 28.49 39.49
C ARG AA 161 4.12 28.09 40.88
N GLU AA 162 4.92 27.34 41.63
CA GLU AA 162 4.53 26.82 42.95
C GLU AA 162 4.27 27.92 43.99
N SER AA 163 5.08 28.97 43.98
CA SER AA 163 4.93 30.07 44.95
C SER AA 163 3.67 30.91 44.73
N ASP AA 164 3.01 30.70 43.59
CA ASP AA 164 1.76 31.39 43.25
C ASP AA 164 0.52 30.75 43.88
N ILE AA 165 0.66 29.50 44.34
CA ILE AA 165 -0.46 28.75 44.94
C ILE AA 165 -1.05 29.45 46.19
N PRO AA 166 -0.25 29.66 47.26
CA PRO AA 166 -0.82 30.26 48.47
C PRO AA 166 -1.37 31.69 48.29
N LYS AA 167 -1.20 32.26 47.09
CA LYS AA 167 -1.69 33.61 46.78
C LYS AA 167 -3.07 33.60 46.13
N THR AA 168 -3.46 32.44 45.59
CA THR AA 168 -4.71 32.30 44.84
C THR AA 168 -5.87 31.84 45.71
N THR AA 169 -6.95 32.62 45.72
CA THR AA 169 -8.14 32.28 46.50
C THR AA 169 -9.19 31.56 45.65
N VAL AA 170 -10.14 30.92 46.32
CA VAL AA 170 -11.23 30.18 45.67
C VAL AA 170 -12.00 31.06 44.67
N GLN AA 171 -12.32 32.28 45.09
CA GLN AA 171 -13.08 33.22 44.27
C GLN AA 171 -12.34 33.51 42.97
N VAL AA 172 -11.05 33.79 43.08
CA VAL AA 172 -10.18 34.09 41.94
C VAL AA 172 -9.99 32.87 41.04
N ALA AA 173 -9.71 31.72 41.65
CA ALA AA 173 -9.45 30.49 40.92
C ALA AA 173 -10.67 29.95 40.18
N GLU AA 174 -11.84 29.96 40.83
CA GLU AA 174 -13.08 29.50 40.21
C GLU AA 174 -13.44 30.39 39.03
N GLU AA 175 -13.28 31.70 39.21
CA GLU AA 175 -13.51 32.69 38.17
C GLU AA 175 -12.74 32.35 36.89
N ALA AA 176 -11.47 31.98 37.05
CA ALA AA 176 -10.61 31.60 35.93
C ALA AA 176 -11.08 30.33 35.23
N ILE AA 177 -11.65 29.40 35.99
CA ILE AA 177 -12.17 28.16 35.45
C ILE AA 177 -13.47 28.39 34.66
N VAL AA 178 -14.38 29.18 35.23
CA VAL AA 178 -15.64 29.52 34.56
C VAL AA 178 -15.40 30.32 33.28
N ASN AA 179 -14.36 31.15 33.29
CA ASN AA 179 -13.93 31.90 32.11
C ASN AA 179 -13.37 30.97 31.02
N ALA AA 180 -12.52 30.03 31.43
CA ALA AA 180 -11.91 29.09 30.49
C ALA AA 180 -12.96 28.24 29.80
N MET AA 181 -13.98 27.81 30.54
CA MET AA 181 -15.10 27.05 29.98
C MET AA 181 -15.83 27.82 28.86
N ARG AA 182 -15.90 29.15 29.00
CA ARG AA 182 -16.53 30.00 28.00
C ARG AA 182 -15.69 30.03 26.72
N VAL AA 183 -14.39 30.30 26.88
CA VAL AA 183 -13.43 30.27 25.78
C VAL AA 183 -13.51 28.95 25.01
N LEU AA 184 -13.58 27.84 25.74
CA LEU AA 184 -13.70 26.52 25.14
C LEU AA 184 -15.03 26.32 24.40
N TYR AA 185 -16.07 27.03 24.82
CA TYR AA 185 -17.34 26.99 24.10
C TYR AA 185 -17.30 27.83 22.84
N TYR AA 186 -16.46 28.87 22.84
CA TYR AA 186 -16.24 29.70 21.66
C TYR AA 186 -15.50 28.95 20.55
N ARG AA 187 -14.43 28.24 20.91
CA ARG AA 187 -13.48 27.72 19.90
C ARG AA 187 -13.37 26.19 19.76
N ASP AA 188 -13.93 25.44 20.71
CA ASP AA 188 -13.96 23.97 20.61
C ASP AA 188 -15.29 23.51 20.01
N ALA AA 189 -15.23 22.97 18.80
CA ALA AA 189 -16.42 22.54 18.07
C ALA AA 189 -17.18 21.40 18.72
N ARG AA 190 -16.51 20.63 19.58
CA ARG AA 190 -17.13 19.51 20.27
C ARG AA 190 -17.42 19.81 21.75
N SER AA 191 -17.81 21.04 22.05
CA SER AA 191 -18.09 21.45 23.43
C SER AA 191 -19.55 21.85 23.66
N SER AA 192 -19.91 21.89 24.94
CA SER AA 192 -21.28 22.16 25.37
C SER AA 192 -21.32 23.37 26.31
N ARG AA 193 -22.44 24.08 26.28
CA ARG AA 193 -22.66 25.22 27.17
C ARG AA 193 -22.83 24.78 28.63
N ASN AA 194 -23.50 23.65 28.82
CA ASN AA 194 -23.77 23.08 30.13
C ASN AA 194 -22.57 22.28 30.63
N PHE AA 195 -22.09 22.64 31.81
CA PHE AA 195 -20.96 21.95 32.41
C PHE AA 195 -21.12 21.72 33.89
N SER AA 196 -20.23 20.89 34.46
CA SER AA 196 -20.23 20.65 35.90
C SER AA 196 -18.89 21.08 36.50
N LEU AA 197 -18.91 21.46 37.76
CA LEU AA 197 -17.71 21.95 38.43
C LEU AA 197 -17.63 21.40 39.84
N ALA AA 198 -16.42 21.07 40.28
CA ALA AA 198 -16.19 20.56 41.62
C ALA AA 198 -15.03 21.26 42.32
N ILE AA 199 -15.24 21.58 43.58
CA ILE AA 199 -14.20 22.14 44.44
C ILE AA 199 -13.98 21.16 45.58
N ILE AA 200 -12.72 20.78 45.81
CA ILE AA 200 -12.36 20.03 47.01
C ILE AA 200 -11.48 20.93 47.86
N ASP AA 201 -12.00 21.32 49.02
CA ASP AA 201 -11.35 22.26 49.91
C ASP AA 201 -11.00 21.55 51.22
N LYS AA 202 -9.84 21.91 51.78
CA LYS AA 202 -9.37 21.27 53.01
C LYS AA 202 -10.10 21.75 54.27
N ASN AA 203 -11.14 22.57 54.09
CA ASN AA 203 -11.94 23.10 55.20
C ASN AA 203 -13.44 22.86 55.04
N THR AA 204 -13.91 22.91 53.79
CA THR AA 204 -15.35 22.78 53.51
C THR AA 204 -15.70 21.47 52.80
N GLY AA 205 -14.67 20.72 52.39
CA GLY AA 205 -14.86 19.40 51.77
C GLY AA 205 -15.22 19.48 50.30
N LEU AA 206 -16.11 18.60 49.86
CA LEU AA 206 -16.48 18.46 48.45
C LEU AA 206 -17.76 19.24 48.11
N THR AA 207 -17.62 20.27 47.29
CA THR AA 207 -18.75 21.00 46.75
C THR AA 207 -18.90 20.61 45.29
N PHE AA 208 -20.03 20.01 44.94
CA PHE AA 208 -20.27 19.54 43.59
C PHE AA 208 -21.40 20.33 42.94
N LYS AA 209 -21.04 21.15 41.96
CA LYS AA 209 -22.00 22.02 41.29
C LYS AA 209 -22.45 21.44 39.95
N LYS AA 210 -23.76 21.27 39.80
CA LYS AA 210 -24.36 20.69 38.60
C LYS AA 210 -25.14 21.73 37.79
N ASN AA 211 -25.32 21.42 36.49
CA ASN AA 211 -26.13 22.24 35.58
C ASN AA 211 -25.71 23.70 35.50
N LEU AA 212 -24.40 23.93 35.40
CA LEU AA 212 -23.88 25.27 35.21
C LEU AA 212 -23.96 25.66 33.74
N GLN AA 213 -24.00 26.96 33.48
CA GLN AA 213 -24.07 27.47 32.12
C GLN AA 213 -23.07 28.59 31.89
N VAL AA 214 -22.53 28.63 30.68
CA VAL AA 214 -21.68 29.72 30.23
C VAL AA 214 -22.57 30.95 30.02
N GLU AA 215 -22.25 32.04 30.73
CA GLU AA 215 -23.00 33.28 30.62
C GLU AA 215 -22.08 34.42 30.22
N ASN AA 216 -22.66 35.61 30.02
CA ASN AA 216 -21.91 36.83 29.73
C ASN AA 216 -20.98 36.70 28.51
N MET AA 217 -21.55 36.18 27.43
CA MET AA 217 -20.81 35.97 26.19
C MET AA 217 -20.84 37.21 25.30
N LYS AA 218 -19.78 37.39 24.52
CA LYS AA 218 -19.69 38.49 23.56
C LYS AA 218 -20.00 38.01 22.14
N TRP AA 219 -21.13 38.43 21.62
CA TRP AA 219 -21.55 38.10 20.26
C TRP AA 219 -22.08 39.30 19.50
N ASP AA 220 -22.19 40.45 20.18
CA ASP AA 220 -22.76 41.67 19.60
C ASP AA 220 -21.97 42.19 18.39
N PHE AA 221 -20.64 42.13 18.47
CA PHE AA 221 -19.75 42.62 17.41
C PHE AA 221 -19.93 41.91 16.07
N ALA AA 222 -20.59 40.74 16.11
CA ALA AA 222 -20.84 39.94 14.91
C ALA AA 222 -21.66 40.68 13.85
N LYS AA 223 -22.57 41.55 14.29
CA LYS AA 223 -23.46 42.28 13.39
C LYS AA 223 -22.69 43.18 12.41
N ASP AA 224 -21.56 43.70 12.86
CA ASP AA 224 -20.75 44.64 12.09
C ASP AA 224 -19.97 43.95 10.98
N ILE AA 225 -19.80 42.64 11.12
CA ILE AA 225 -19.01 41.83 10.18
C ILE AA 225 -19.88 41.32 9.03
N LYS AA 226 -19.58 41.81 7.83
CA LYS AA 226 -20.31 41.39 6.63
C LYS AA 226 -19.35 41.11 5.46
N GLY AA 227 -19.57 39.98 4.79
CA GLY AA 227 -18.70 39.54 3.70
C GLY AA 227 -17.43 38.88 4.21
N TYR AA 228 -16.48 38.67 3.30
CA TYR AA 228 -15.18 38.08 3.68
C TYR AA 228 -13.99 38.91 3.19
N GLY AA 229 -14.25 40.11 2.68
CA GLY AA 229 -13.19 40.98 2.19
C GLY AA 229 -13.64 42.31 1.65
N THR AA 230 -14.27 42.30 0.48
CA THR AA 230 -14.60 43.53 -0.24
C THR AA 230 -16.09 43.88 -0.23
N GLN AA 231 -16.92 42.98 0.29
CA GLN AA 231 -18.36 43.18 0.35
C GLN AA 231 -18.75 44.23 1.40
N LYS AA 232 -19.48 45.25 0.95
CA LYS AA 232 -19.87 46.36 1.82
C LYS AA 232 -21.19 46.13 2.55
N ILE AA 233 -22.20 45.60 1.85
CA ILE AA 233 -23.51 45.34 2.45
C ILE AA 233 -23.66 43.90 2.94
N THR BA 1 -31.49 0.61 8.59
CA THR BA 1 -32.46 0.69 9.69
C THR BA 1 -32.85 2.09 10.15
N SER BA 2 -34.13 2.27 10.50
CA SER BA 2 -34.58 3.26 11.49
C SER BA 2 -35.35 2.65 12.66
N ILE BA 3 -34.89 2.94 13.87
CA ILE BA 3 -35.49 2.41 15.10
C ILE BA 3 -35.60 3.48 16.19
N MET BA 4 -36.64 3.37 17.02
CA MET BA 4 -36.83 4.30 18.15
C MET BA 4 -37.68 3.69 19.27
N ALA BA 5 -37.50 4.22 20.49
CA ALA BA 5 -38.28 3.82 21.65
C ALA BA 5 -38.66 5.05 22.47
N VAL BA 6 -39.92 5.14 22.87
CA VAL BA 6 -40.44 6.33 23.57
C VAL BA 6 -41.25 5.97 24.82
N THR BA 7 -40.82 6.46 25.98
CA THR BA 7 -41.57 6.28 27.23
C THR BA 7 -42.74 7.26 27.24
N PHE BA 8 -43.81 6.87 27.93
CA PHE BA 8 -44.96 7.74 28.09
C PHE BA 8 -45.72 7.44 29.38
N LYS BA 9 -46.82 8.15 29.58
CA LYS BA 9 -47.69 8.02 30.76
C LYS BA 9 -47.86 6.58 31.25
N ASP BA 10 -48.33 5.70 30.37
CA ASP BA 10 -48.73 4.34 30.75
C ASP BA 10 -47.68 3.24 30.53
N GLY BA 11 -46.51 3.61 29.99
CA GLY BA 11 -45.47 2.63 29.71
C GLY BA 11 -44.44 3.10 28.70
N VAL BA 12 -44.23 2.29 27.66
CA VAL BA 12 -43.22 2.57 26.63
C VAL BA 12 -43.58 1.91 25.29
N ILE BA 13 -43.21 2.57 24.18
CA ILE BA 13 -43.42 2.02 22.84
C ILE BA 13 -42.13 1.98 22.03
N LEU BA 14 -41.92 0.86 21.35
CA LEU BA 14 -40.81 0.68 20.43
C LEU BA 14 -41.33 0.69 19.00
N GLY BA 15 -40.56 1.27 18.09
CA GLY BA 15 -40.93 1.35 16.68
C GLY BA 15 -39.73 1.13 15.77
N ALA BA 16 -39.98 0.47 14.64
CA ALA BA 16 -38.93 0.17 13.65
C ALA BA 16 -39.49 0.06 12.23
N ASP BA 17 -38.63 0.21 11.23
CA ASP BA 17 -39.01 -0.09 9.85
C ASP BA 17 -38.86 -1.60 9.61
N SER BA 18 -38.77 -2.02 8.36
CA SER BA 18 -38.70 -3.46 8.05
C SER BA 18 -37.77 -3.79 6.89
N ARG BA 19 -36.95 -2.82 6.49
CA ARG BA 19 -35.99 -3.01 5.41
C ARG BA 19 -34.68 -3.57 5.95
N THR BA 20 -34.15 -4.59 5.27
CA THR BA 20 -32.81 -5.08 5.52
C THR BA 20 -32.07 -5.07 4.19
N THR BA 21 -30.81 -4.62 4.19
CA THR BA 21 -30.09 -4.39 2.94
C THR BA 21 -28.73 -5.07 2.84
N THR BA 22 -28.41 -5.53 1.64
CA THR BA 22 -27.05 -5.89 1.25
C THR BA 22 -26.63 -4.91 0.15
N GLY BA 23 -25.86 -3.90 0.53
CA GLY BA 23 -25.54 -2.81 -0.37
C GLY BA 23 -26.79 -1.98 -0.65
N ALA BA 24 -27.37 -2.15 -1.84
CA ALA BA 24 -28.54 -1.38 -2.24
C ALA BA 24 -29.69 -2.28 -2.70
N TYR BA 25 -29.55 -3.58 -2.42
CA TYR BA 25 -30.63 -4.53 -2.64
C TYR BA 25 -31.30 -4.81 -1.31
N ILE BA 26 -32.63 -4.79 -1.31
CA ILE BA 26 -33.43 -5.09 -0.12
C ILE BA 26 -33.66 -6.60 -0.01
N ALA BA 27 -32.91 -7.23 0.88
CA ALA BA 27 -32.96 -8.68 1.09
C ALA BA 27 -34.27 -9.11 1.72
N ASN BA 28 -34.69 -8.39 2.77
CA ASN BA 28 -35.97 -8.61 3.42
C ASN BA 28 -36.71 -7.28 3.52
N ARG BA 29 -37.95 -7.23 3.00
CA ARG BA 29 -38.76 -6.01 3.12
C ARG BA 29 -39.77 -6.06 4.26
N VAL BA 30 -39.89 -7.22 4.90
CA VAL BA 30 -40.86 -7.39 5.99
C VAL BA 30 -40.19 -8.02 7.21
N THR BA 31 -39.41 -7.21 7.91
CA THR BA 31 -38.55 -7.68 8.98
C THR BA 31 -39.03 -7.23 10.35
N ASP BA 32 -38.83 -8.09 11.35
CA ASP BA 32 -39.11 -7.72 12.72
C ASP BA 32 -37.81 -7.42 13.47
N LYS BA 33 -37.47 -6.14 13.53
CA LYS BA 33 -36.29 -5.63 14.22
C LYS BA 33 -36.56 -5.41 15.71
N LEU BA 34 -37.81 -5.63 16.12
CA LEU BA 34 -38.21 -5.50 17.51
C LEU BA 34 -38.23 -6.87 18.18
N THR BA 35 -37.21 -7.14 19.00
CA THR BA 35 -37.02 -8.48 19.55
C THR BA 35 -37.26 -8.58 21.06
N ARG BA 36 -38.04 -9.59 21.45
CA ARG BA 36 -38.29 -9.89 22.85
C ARG BA 36 -37.07 -10.53 23.48
N VAL BA 37 -36.73 -10.11 24.69
CA VAL BA 37 -35.72 -10.79 25.49
C VAL BA 37 -36.33 -11.25 26.82
N HIS BA 38 -37.42 -10.61 27.21
CA HIS BA 38 -38.26 -11.06 28.31
C HIS BA 38 -39.69 -10.55 28.15
N ASP BA 39 -40.64 -11.21 28.81
CA ASP BA 39 -42.07 -10.90 28.67
C ASP BA 39 -42.33 -9.43 28.35
N LYS BA 40 -41.85 -8.54 29.21
CA LYS BA 40 -42.03 -7.11 29.02
C LYS BA 40 -40.70 -6.34 28.98
N ILE BA 41 -39.67 -6.97 28.41
CA ILE BA 41 -38.43 -6.28 28.04
C ILE BA 41 -38.13 -6.64 26.59
N TRP BA 42 -38.13 -5.64 25.73
CA TRP BA 42 -37.83 -5.83 24.31
C TRP BA 42 -36.66 -4.95 23.89
N CYS BA 43 -36.18 -5.16 22.67
CA CYS BA 43 -35.08 -4.36 22.13
C CYS BA 43 -35.32 -3.96 20.67
N CYS BA 44 -34.59 -2.93 20.24
CA CYS BA 44 -34.55 -2.53 18.84
C CYS BA 44 -33.16 -2.81 18.28
N ARG BA 45 -33.11 -3.44 17.10
CA ARG BA 45 -31.83 -3.85 16.52
C ARG BA 45 -31.47 -3.03 15.29
N SER BA 46 -30.30 -2.40 15.34
CA SER BA 46 -29.71 -1.71 14.19
C SER BA 46 -28.26 -2.14 14.00
N GLY BA 47 -27.82 -2.19 12.75
CA GLY BA 47 -26.47 -2.59 12.41
C GLY BA 47 -26.45 -3.94 11.72
N SER BA 48 -25.51 -4.80 12.14
CA SER BA 48 -25.38 -6.14 11.59
C SER BA 48 -26.56 -7.02 11.98
N ALA BA 49 -27.21 -7.61 11.00
CA ALA BA 49 -28.34 -8.50 11.25
C ALA BA 49 -27.87 -9.78 11.93
N ALA BA 50 -26.63 -10.18 11.67
CA ALA BA 50 -26.08 -11.35 12.31
C ALA BA 50 -25.66 -11.05 13.75
N ASP BA 51 -24.88 -9.99 13.93
CA ASP BA 51 -24.37 -9.62 15.26
C ASP BA 51 -25.47 -9.37 16.28
N THR BA 52 -26.50 -8.65 15.87
CA THR BA 52 -27.58 -8.28 16.79
C THR BA 52 -28.45 -9.48 17.14
N GLN BA 53 -28.66 -10.38 16.18
CA GLN BA 53 -29.40 -11.62 16.42
C GLN BA 53 -28.68 -12.49 17.44
N ALA BA 54 -27.37 -12.65 17.26
CA ALA BA 54 -26.57 -13.43 18.19
C ALA BA 54 -26.56 -12.80 19.59
N ILE BA 55 -26.50 -11.47 19.64
CA ILE BA 55 -26.53 -10.74 20.90
C ILE BA 55 -27.87 -10.87 21.61
N ALA BA 56 -28.97 -10.72 20.87
CA ALA BA 56 -30.30 -10.82 21.45
C ALA BA 56 -30.60 -12.24 21.94
N ASP BA 57 -30.09 -13.23 21.22
CA ASP BA 57 -30.27 -14.62 21.61
C ASP BA 57 -29.54 -14.95 22.91
N ILE BA 58 -28.31 -14.47 23.05
CA ILE BA 58 -27.54 -14.65 24.27
C ILE BA 58 -28.22 -13.98 25.47
N VAL BA 59 -28.76 -12.78 25.24
CA VAL BA 59 -29.46 -12.03 26.30
C VAL BA 59 -30.69 -12.80 26.78
N GLN BA 60 -31.56 -13.20 25.83
CA GLN BA 60 -32.75 -13.99 26.16
C GLN BA 60 -32.41 -15.15 27.08
N TYR BA 61 -31.38 -15.91 26.71
CA TYR BA 61 -30.89 -17.00 27.54
C TYR BA 61 -30.55 -16.51 28.95
N HIS BA 62 -29.77 -15.44 29.04
CA HIS BA 62 -29.33 -14.90 30.32
C HIS BA 62 -30.48 -14.43 31.21
N LEU BA 63 -31.55 -13.93 30.59
CA LEU BA 63 -32.71 -13.46 31.35
C LEU BA 63 -33.66 -14.59 31.71
N GLU BA 64 -33.69 -15.64 30.89
CA GLU BA 64 -34.44 -16.85 31.23
C GLU BA 64 -33.82 -17.53 32.44
N LEU BA 65 -32.49 -17.57 32.49
CA LEU BA 65 -31.76 -18.15 33.61
C LEU BA 65 -31.91 -17.32 34.87
N TYR BA 66 -31.88 -15.99 34.71
CA TYR BA 66 -32.10 -15.05 35.81
C TYR BA 66 -33.49 -15.26 36.42
N THR BA 67 -34.50 -15.35 35.55
CA THR BA 67 -35.89 -15.53 35.95
C THR BA 67 -36.10 -16.82 36.74
N SER BA 68 -35.44 -17.89 36.31
CA SER BA 68 -35.49 -19.18 37.00
C SER BA 68 -34.93 -19.09 38.42
N GLN BA 69 -33.91 -18.27 38.61
CA GLN BA 69 -33.23 -18.17 39.89
C GLN BA 69 -33.76 -17.05 40.78
N TYR BA 70 -33.92 -15.85 40.21
CA TYR BA 70 -34.19 -14.66 41.03
C TYR BA 70 -35.45 -13.87 40.66
N GLY BA 71 -36.31 -14.45 39.83
CA GLY BA 71 -37.55 -13.79 39.43
C GLY BA 71 -37.35 -12.76 38.33
N THR BA 72 -38.43 -12.05 37.99
CA THR BA 72 -38.44 -11.09 36.87
C THR BA 72 -37.35 -10.02 37.00
N PRO BA 73 -36.48 -9.88 35.97
CA PRO BA 73 -35.40 -8.88 35.98
C PRO BA 73 -35.91 -7.49 35.66
N SER BA 74 -35.19 -6.46 36.12
CA SER BA 74 -35.53 -5.08 35.80
C SER BA 74 -35.06 -4.75 34.37
N THR BA 75 -35.61 -3.68 33.81
CA THR BA 75 -35.17 -3.23 32.48
C THR BA 75 -33.70 -2.83 32.50
N GLU BA 76 -33.25 -2.27 33.63
CA GLU BA 76 -31.87 -1.89 33.81
C GLU BA 76 -30.93 -3.08 33.75
N THR BA 77 -31.32 -4.19 34.36
CA THR BA 77 -30.53 -5.42 34.35
C THR BA 77 -30.30 -5.91 32.92
N ALA BA 78 -31.38 -5.96 32.13
CA ALA BA 78 -31.31 -6.36 30.73
C ALA BA 78 -30.35 -5.49 29.92
N ALA BA 79 -30.40 -4.18 30.16
CA ALA BA 79 -29.49 -3.24 29.49
C ALA BA 79 -28.05 -3.57 29.83
N SER BA 80 -27.80 -3.92 31.09
CA SER BA 80 -26.46 -4.26 31.57
C SER BA 80 -25.92 -5.54 30.93
N VAL BA 81 -26.82 -6.43 30.51
CA VAL BA 81 -26.42 -7.67 29.86
C VAL BA 81 -25.95 -7.38 28.43
N PHE BA 82 -26.77 -6.65 27.66
CA PHE BA 82 -26.37 -6.12 26.36
C PHE BA 82 -25.05 -5.36 26.45
N LYS BA 83 -24.97 -4.42 27.40
CA LYS BA 83 -23.78 -3.57 27.58
C LYS BA 83 -22.51 -4.37 27.84
N GLU BA 84 -22.62 -5.40 28.68
CA GLU BA 84 -21.48 -6.25 28.99
C GLU BA 84 -21.01 -6.99 27.73
N LEU BA 85 -21.95 -7.45 26.92
CA LEU BA 85 -21.63 -8.11 25.66
C LEU BA 85 -21.03 -7.14 24.64
N CYS BA 86 -21.74 -6.03 24.40
CA CYS BA 86 -21.34 -5.04 23.38
C CYS BA 86 -20.01 -4.36 23.69
N TYR BA 87 -19.79 -4.03 24.97
CA TYR BA 87 -18.52 -3.43 25.38
C TYR BA 87 -17.38 -4.42 25.21
N GLU BA 88 -17.52 -5.58 25.85
CA GLU BA 88 -16.45 -6.57 25.93
C GLU BA 88 -16.02 -7.14 24.58
N ASN BA 89 -16.89 -7.06 23.59
CA ASN BA 89 -16.60 -7.55 22.24
C ASN BA 89 -16.76 -6.49 21.16
N LYS BA 90 -16.45 -5.24 21.51
CA LYS BA 90 -16.62 -4.09 20.61
C LYS BA 90 -15.85 -4.18 19.29
N ASP BA 91 -14.77 -4.94 19.26
CA ASP BA 91 -13.91 -5.07 18.08
C ASP BA 91 -14.51 -5.97 17.01
N ASN BA 92 -15.37 -6.88 17.44
CA ASN BA 92 -15.92 -7.90 16.55
C ASN BA 92 -17.42 -7.71 16.35
N LEU BA 93 -17.92 -6.58 16.86
CA LEU BA 93 -19.36 -6.29 16.84
C LEU BA 93 -19.68 -4.93 16.23
N THR BA 94 -20.69 -4.94 15.35
CA THR BA 94 -21.27 -3.71 14.81
C THR BA 94 -22.77 -3.74 15.11
N ALA BA 95 -23.08 -3.47 16.37
CA ALA BA 95 -24.45 -3.52 16.87
C ALA BA 95 -24.85 -2.22 17.51
N GLY BA 96 -26.03 -1.73 17.13
CA GLY BA 96 -26.63 -0.55 17.74
C GLY BA 96 -27.99 -0.94 18.29
N ILE BA 97 -28.10 -1.00 19.61
CA ILE BA 97 -29.28 -1.57 20.25
C ILE BA 97 -29.94 -0.58 21.21
N ILE BA 98 -31.27 -0.53 21.16
CA ILE BA 98 -32.06 0.19 22.16
C ILE BA 98 -32.86 -0.81 22.98
N VAL BA 99 -32.75 -0.72 24.30
CA VAL BA 99 -33.46 -1.63 25.20
C VAL BA 99 -34.62 -0.88 25.85
N ALA BA 100 -35.81 -1.47 25.79
CA ALA BA 100 -37.00 -0.87 26.38
C ALA BA 100 -37.86 -1.92 27.09
N GLY BA 101 -38.34 -1.58 28.28
CA GLY BA 101 -39.16 -2.50 29.06
C GLY BA 101 -40.08 -1.84 30.06
N TYR BA 102 -41.25 -2.44 30.25
CA TYR BA 102 -42.21 -1.98 31.25
C TYR BA 102 -42.05 -2.76 32.55
N ASP BA 103 -41.76 -2.01 33.62
CA ASP BA 103 -41.62 -2.56 34.96
C ASP BA 103 -42.68 -1.90 35.83
N ASP BA 104 -43.35 -2.69 36.66
CA ASP BA 104 -44.51 -2.20 37.42
C ASP BA 104 -44.15 -1.12 38.45
N LYS BA 105 -42.93 -1.17 38.96
CA LYS BA 105 -42.41 -0.16 39.88
C LYS BA 105 -41.90 1.07 39.13
N ASN BA 106 -41.01 0.85 38.16
CA ASN BA 106 -40.33 1.93 37.40
C ASN BA 106 -41.10 2.46 36.19
N LYS BA 107 -42.30 1.91 35.97
CA LYS BA 107 -43.14 2.22 34.81
C LYS BA 107 -42.40 1.94 33.48
N GLY BA 108 -42.22 2.93 32.62
CA GLY BA 108 -41.55 2.72 31.34
C GLY BA 108 -40.11 3.23 31.32
N GLU BA 109 -39.21 2.44 30.73
CA GLU BA 109 -37.80 2.84 30.62
C GLU BA 109 -37.20 2.58 29.25
N VAL BA 110 -36.21 3.39 28.87
CA VAL BA 110 -35.47 3.23 27.61
C VAL BA 110 -33.97 3.44 27.82
N TYR BA 111 -33.19 2.41 27.48
CA TYR BA 111 -31.73 2.47 27.51
C TYR BA 111 -31.20 2.35 26.09
N THR BA 112 -30.19 3.14 25.75
CA THR BA 112 -29.57 3.09 24.42
C THR BA 112 -28.11 2.66 24.50
N ILE BA 113 -27.72 1.78 23.57
CA ILE BA 113 -26.36 1.26 23.52
C ILE BA 113 -25.83 1.41 22.10
N PRO BA 114 -24.97 2.42 21.87
CA PRO BA 114 -24.36 2.67 20.57
C PRO BA 114 -23.22 1.70 20.31
N LEU BA 115 -22.37 2.02 19.32
CA LEU BA 115 -21.31 1.12 18.89
C LEU BA 115 -20.36 0.68 20.00
N GLY BA 116 -19.76 1.64 20.71
CA GLY BA 116 -18.73 1.33 21.70
C GLY BA 116 -19.13 0.39 22.84
N GLY BA 117 -20.38 0.46 23.28
CA GLY BA 117 -20.85 -0.35 24.41
C GLY BA 117 -21.22 0.48 25.64
N SER BA 118 -21.37 1.78 25.46
CA SER BA 118 -21.77 2.69 26.53
C SER BA 118 -23.27 2.61 26.74
N VAL BA 119 -23.72 2.93 27.95
CA VAL BA 119 -25.15 2.92 28.26
C VAL BA 119 -25.66 4.31 28.58
N HIS BA 120 -26.84 4.63 28.06
CA HIS BA 120 -27.47 5.91 28.32
C HIS BA 120 -28.96 5.72 28.52
N LYS BA 121 -29.44 6.04 29.72
CA LYS BA 121 -30.86 5.99 30.00
C LYS BA 121 -31.46 7.32 29.52
N LEU BA 122 -32.56 7.23 28.78
CA LEU BA 122 -33.15 8.42 28.17
C LEU BA 122 -34.68 8.41 28.26
N PRO BA 123 -35.31 9.59 28.18
CA PRO BA 123 -36.77 9.64 28.06
C PRO BA 123 -37.23 8.91 26.79
N TYR BA 124 -36.47 9.09 25.70
CA TYR BA 124 -36.67 8.37 24.46
C TYR BA 124 -35.34 8.31 23.73
N ALA BA 125 -35.21 7.37 22.80
CA ALA BA 125 -33.99 7.25 22.02
C ALA BA 125 -34.30 6.89 20.58
N ILE BA 126 -33.47 7.39 19.67
CA ILE BA 126 -33.54 7.07 18.24
C ILE BA 126 -32.21 6.50 17.79
N ALA BA 127 -32.23 5.62 16.79
CA ALA BA 127 -31.02 4.96 16.28
C ALA BA 127 -31.20 4.40 14.87
N GLY BA 128 -30.10 3.97 14.26
CA GLY BA 128 -30.10 3.48 12.88
C GLY BA 128 -29.74 4.58 11.90
N SER BA 129 -29.46 4.18 10.66
CA SER BA 129 -29.04 5.12 9.61
C SER BA 129 -30.04 6.26 9.42
N GLY BA 130 -31.33 5.94 9.48
CA GLY BA 130 -32.39 6.91 9.22
C GLY BA 130 -32.66 7.90 10.33
N SER BA 131 -32.08 7.65 11.50
CA SER BA 131 -32.29 8.51 12.67
C SER BA 131 -31.67 9.90 12.52
N THR BA 132 -30.60 10.01 11.74
CA THR BA 132 -29.93 11.30 11.53
C THR BA 132 -30.92 12.35 11.06
N PHE BA 133 -31.87 11.95 10.24
CA PHE BA 133 -32.77 12.88 9.57
C PHE BA 133 -33.91 13.40 10.44
N ILE BA 134 -34.07 12.82 11.61
CA ILE BA 134 -35.20 13.16 12.49
C ILE BA 134 -34.80 13.68 13.88
N TYR BA 135 -33.50 13.90 14.09
CA TYR BA 135 -33.02 14.55 15.32
C TYR BA 135 -33.69 15.91 15.50
N GLY BA 136 -33.94 16.60 14.39
CA GLY BA 136 -34.61 17.88 14.40
C GLY BA 136 -36.07 17.77 14.79
N TYR BA 137 -36.80 16.93 14.07
CA TYR BA 137 -38.23 16.72 14.31
C TYR BA 137 -38.51 16.25 15.73
N CYS BA 138 -37.83 15.17 16.14
CA CYS BA 138 -38.08 14.53 17.43
C CYS BA 138 -37.86 15.46 18.62
N ASP BA 139 -36.73 16.16 18.63
CA ASP BA 139 -36.41 17.08 19.72
C ASP BA 139 -37.51 18.12 19.91
N LYS BA 140 -38.04 18.63 18.81
CA LYS BA 140 -39.08 19.67 18.84
C LYS BA 140 -40.45 19.14 19.24
N ASN BA 141 -40.73 17.87 18.93
CA ASN BA 141 -42.07 17.31 19.12
C ASN BA 141 -42.30 16.47 20.38
N PHE BA 142 -41.24 15.90 20.93
CA PHE BA 142 -41.36 15.04 22.11
C PHE BA 142 -41.78 15.81 23.35
N ARG BA 143 -42.74 15.24 24.07
CA ARG BA 143 -43.16 15.71 25.39
C ARG BA 143 -43.20 14.51 26.32
N GLU BA 144 -43.02 14.75 27.62
CA GLU BA 144 -43.08 13.66 28.60
C GLU BA 144 -44.52 13.36 29.02
N ASN BA 145 -44.80 12.09 29.24
CA ASN BA 145 -46.11 11.62 29.71
C ASN BA 145 -47.23 11.75 28.69
N MET BA 146 -46.89 11.69 27.40
CA MET BA 146 -47.87 11.71 26.33
C MET BA 146 -48.83 10.54 26.47
N SER BA 147 -50.02 10.66 25.87
CA SER BA 147 -50.97 9.54 25.85
C SER BA 147 -50.50 8.46 24.87
N LYS BA 148 -51.20 7.33 24.86
CA LYS BA 148 -50.85 6.23 23.95
C LYS BA 148 -51.02 6.65 22.50
N GLU BA 149 -52.14 7.31 22.19
CA GLU BA 149 -52.43 7.78 20.82
C GLU BA 149 -51.41 8.82 20.36
N GLU BA 150 -51.01 9.71 21.28
CA GLU BA 150 -50.03 10.74 21.01
C GLU BA 150 -48.64 10.16 20.74
N THR BA 151 -48.29 9.11 21.48
CA THR BA 151 -46.99 8.44 21.31
C THR BA 151 -46.95 7.60 20.03
N VAL BA 152 -48.04 6.88 19.74
CA VAL BA 152 -48.19 6.17 18.47
C VAL BA 152 -48.06 7.16 17.30
N ASP BA 153 -48.77 8.30 17.41
CA ASP BA 153 -48.69 9.36 16.40
C ASP BA 153 -47.28 9.94 16.27
N PHE BA 154 -46.64 10.23 17.41
CA PHE BA 154 -45.28 10.74 17.43
C PHE BA 154 -44.32 9.80 16.69
N ILE BA 155 -44.39 8.51 16.99
CA ILE BA 155 -43.53 7.51 16.36
C ILE BA 155 -43.85 7.32 14.89
N LYS BA 156 -45.15 7.24 14.57
CA LYS BA 156 -45.61 7.08 13.18
C LYS BA 156 -45.00 8.16 12.27
N HIS BA 157 -45.16 9.42 12.67
CA HIS BA 157 -44.64 10.57 11.92
C HIS BA 157 -43.11 10.58 11.83
N SER BA 158 -42.46 10.30 12.96
CA SER BA 158 -40.99 10.31 13.01
C SER BA 158 -40.36 9.27 12.08
N LEU BA 159 -40.91 8.07 12.08
CA LEU BA 159 -40.38 7.00 11.24
C LEU BA 159 -40.73 7.18 9.78
N SER BA 160 -41.89 7.77 9.50
CA SER BA 160 -42.29 8.03 8.13
C SER BA 160 -41.33 9.04 7.47
N GLN BA 161 -40.81 9.95 8.28
CA GLN BA 161 -39.81 10.92 7.82
C GLN BA 161 -38.46 10.27 7.59
N ALA BA 162 -38.04 9.44 8.54
CA ALA BA 162 -36.81 8.67 8.42
C ALA BA 162 -36.81 7.82 7.15
N ILE BA 163 -37.91 7.13 6.91
CA ILE BA 163 -38.07 6.26 5.75
C ILE BA 163 -38.04 7.04 4.43
N LYS BA 164 -38.68 8.20 4.42
CA LYS BA 164 -38.79 9.07 3.26
C LYS BA 164 -37.43 9.54 2.77
N TRP BA 165 -36.58 9.93 3.71
CA TRP BA 165 -35.26 10.45 3.39
C TRP BA 165 -34.19 9.37 3.28
N ASP BA 166 -34.22 8.39 4.19
CA ASP BA 166 -33.23 7.31 4.20
C ASP BA 166 -33.61 6.16 3.27
N GLY BA 167 -32.70 5.86 2.33
CA GLY BA 167 -32.88 4.74 1.41
C GLY BA 167 -32.68 3.39 2.08
N SER BA 168 -31.96 3.39 3.20
CA SER BA 168 -31.72 2.19 4.00
C SER BA 168 -32.95 1.80 4.81
N SER BA 169 -33.89 2.73 4.96
CA SER BA 169 -35.12 2.48 5.70
C SER BA 169 -36.32 2.43 4.76
N GLY BA 170 -37.31 1.64 5.13
CA GLY BA 170 -38.52 1.48 4.32
C GLY BA 170 -39.36 0.28 4.71
N GLY BA 171 -40.50 0.13 4.06
CA GLY BA 171 -41.38 -1.02 4.25
C GLY BA 171 -42.58 -0.68 5.11
N VAL BA 172 -42.79 -1.48 6.16
CA VAL BA 172 -43.85 -1.21 7.12
C VAL BA 172 -43.26 -0.66 8.41
N ILE BA 173 -44.03 0.15 9.12
CA ILE BA 173 -43.67 0.57 10.47
C ILE BA 173 -44.28 -0.41 11.47
N ARG BA 174 -43.43 -1.06 12.24
CA ARG BA 174 -43.87 -1.95 13.30
C ARG BA 174 -43.71 -1.25 14.64
N MET BA 175 -44.65 -1.51 15.54
CA MET BA 175 -44.56 -0.98 16.89
C MET BA 175 -44.89 -2.07 17.90
N VAL BA 176 -44.25 -1.99 19.07
CA VAL BA 176 -44.60 -2.85 20.19
C VAL BA 176 -44.96 -1.98 21.39
N VAL BA 177 -46.16 -2.19 21.94
CA VAL BA 177 -46.65 -1.40 23.07
C VAL BA 177 -46.52 -2.18 24.38
N LEU BA 178 -45.80 -1.59 25.34
CA LEU BA 178 -45.50 -2.22 26.62
C LEU BA 178 -46.12 -1.45 27.79
N THR BA 179 -47.29 -1.89 28.24
CA THR BA 179 -47.99 -1.27 29.37
C THR BA 179 -48.27 -2.27 30.49
N ALA BA 180 -49.11 -1.86 31.44
CA ALA BA 180 -49.56 -2.74 32.51
C ALA BA 180 -50.48 -3.82 31.97
N ALA BA 181 -51.25 -3.46 30.94
CA ALA BA 181 -52.25 -4.33 30.33
C ALA BA 181 -51.67 -5.47 29.50
N GLY BA 182 -50.38 -5.39 29.19
CA GLY BA 182 -49.71 -6.45 28.44
C GLY BA 182 -48.85 -5.97 27.29
N VAL BA 183 -48.88 -6.72 26.20
CA VAL BA 183 -48.04 -6.46 25.03
C VAL BA 183 -48.92 -6.37 23.77
N GLU BA 184 -48.79 -5.26 23.03
CA GLU BA 184 -49.60 -5.04 21.85
C GLU BA 184 -48.74 -4.77 20.60
N ARG BA 185 -49.05 -5.52 19.53
CA ARG BA 185 -48.36 -5.38 18.26
C ARG BA 185 -49.13 -4.44 17.34
N LEU BA 186 -48.41 -3.51 16.72
CA LEU BA 186 -49.01 -2.60 15.76
C LEU BA 186 -48.21 -2.55 14.47
N ILE BA 187 -48.93 -2.53 13.36
CA ILE BA 187 -48.31 -2.44 12.04
C ILE BA 187 -48.93 -1.29 11.25
N PHE BA 188 -48.08 -0.53 10.55
CA PHE BA 188 -48.55 0.56 9.69
C PHE BA 188 -47.90 0.49 8.31
N TYR BA 189 -48.74 0.55 7.29
CA TYR BA 189 -48.32 0.35 5.89
C TYR BA 189 -47.97 1.65 5.16
N PRO BA 190 -47.12 1.56 4.11
CA PRO BA 190 -46.76 2.70 3.27
C PRO BA 190 -47.93 3.62 2.95
N ASP BA 191 -49.02 3.05 2.44
CA ASP BA 191 -50.21 3.81 2.02
C ASP BA 191 -50.69 4.81 3.08
N GLU BA 192 -50.64 4.42 4.34
CA GLU BA 192 -51.06 5.29 5.43
C GLU BA 192 -50.00 6.33 5.82
N TYR BA 193 -48.75 5.91 6.05
CA TYR BA 193 -47.75 6.81 6.61
C TYR BA 193 -47.00 7.72 5.63
N GLU BA 194 -47.00 7.37 4.35
CA GLU BA 194 -46.37 8.21 3.31
C GLU BA 194 -47.21 9.46 3.04
N GLN BA 195 -48.49 9.39 3.40
CA GLN BA 195 -49.44 10.49 3.26
C GLN BA 195 -49.17 11.61 4.28
N LEU BA 196 -48.72 11.24 5.47
CA LEU BA 196 -48.54 12.18 6.59
C LEU BA 196 -47.73 13.42 6.24
#